data_7B9K
#
_entry.id   7B9K
#
_cell.length_a   1.00
_cell.length_b   1.00
_cell.length_c   1.00
_cell.angle_alpha   90.00
_cell.angle_beta   90.00
_cell.angle_gamma   90.00
#
_symmetry.space_group_name_H-M   'P 1'
#
_entity_poly.entity_id   1
_entity_poly.type   'polypeptide(L)'
_entity_poly.pdbx_seq_one_letter_code
;MAIEIKVPDIGADEVEITEILVKVGDKVEAEQSLITVEGDKASMEVPSPQAGIVKEIKVSVGDKTQTGALIMIFDSADGA
ADAAPAQAEEKKEAAPAAAPAAAAAKDVNVPDIGSDEVEVTEILVKVGDKVEAEQSLITVEGDKASMEVPAPFAGTVKEI
KVNVGDKVSTGSLIMVFEVAGEAGAAAPAAKQEAAPAAAPAPAAGVKEVNVPDIGGDEVEVTEVMVKVGDKVAAEQSLIT
VEGD(LA2)ASMEVPAPFAGVVKELKVNVGDKVKTGSLIMIFEVEGAAPAAAPAKQEAAAPAPAAKAEAPAAAPAAKAEG
KSEFAENDAYVHATPLIRRLAREFGVNLAKVKGTGRKGRILREDVQAYVKEAIKRAEAAPAATGGGIPGMLPWPKVDFSK
FGEIEEVELGRIQKISGANLSRNWVMIPHVTHFDKTDITELEAFRKQQNEEAAKRKLDVKITPVVFIMKAVAAALEQMPR
FNSSLSEDGQRLTLKKYINIGVAVDTPNGLVVPVFKDVNKKGIIELSRELMTISKKARDGKLTAGEMQGGCFTISSIGGL
GTTHFAPIVNAPEVAILGVSKSAMEPVWNGKEFVPRLMLPISLSFDHRVIDGADGARFITIINNTLSDIRRLVM
;
_entity_poly.pdbx_strand_id   A,B,C,D,E,F,G,H,I,J,K,L,M,N,O,P,Q,R,S,T,U,V,W,X
#
# COMPACT_ATOMS: atom_id res chain seq x y z
N GLU A 208 -12.07 -28.41 86.23
CA GLU A 208 -13.27 -28.93 85.58
C GLU A 208 -13.08 -28.83 84.07
N VAL A 209 -13.09 -29.97 83.38
CA VAL A 209 -13.00 -30.02 81.92
C VAL A 209 -14.19 -30.83 81.44
N ASN A 210 -15.28 -30.15 81.12
CA ASN A 210 -16.42 -30.78 80.46
C ASN A 210 -16.10 -30.92 78.98
N VAL A 211 -17.10 -31.21 78.17
CA VAL A 211 -16.94 -31.01 76.73
C VAL A 211 -17.18 -29.52 76.48
N PRO A 212 -16.32 -28.86 75.69
CA PRO A 212 -16.42 -27.40 75.56
C PRO A 212 -17.59 -26.96 74.70
N ASP A 213 -17.81 -27.63 73.56
CA ASP A 213 -18.91 -27.13 72.70
C ASP A 213 -19.43 -28.16 71.68
N ILE A 214 -20.53 -28.83 72.02
CA ILE A 214 -21.28 -29.69 71.12
C ILE A 214 -22.73 -29.22 71.13
N GLY A 215 -23.31 -29.11 69.94
CA GLY A 215 -24.64 -28.53 69.80
C GLY A 215 -25.75 -29.28 70.51
N GLY A 216 -25.46 -30.44 71.09
CA GLY A 216 -26.45 -31.19 71.83
C GLY A 216 -26.70 -32.57 71.27
N ASP A 217 -25.70 -33.13 70.59
CA ASP A 217 -25.78 -34.47 70.04
C ASP A 217 -24.92 -35.41 70.88
N GLU A 218 -25.40 -36.65 71.03
CA GLU A 218 -24.66 -37.66 71.78
C GLU A 218 -23.53 -38.18 70.91
N VAL A 219 -22.29 -37.88 71.30
CA VAL A 219 -21.11 -38.20 70.51
C VAL A 219 -20.33 -39.33 71.19
N GLU A 220 -19.83 -40.26 70.38
CA GLU A 220 -19.12 -41.43 70.86
C GLU A 220 -17.61 -41.20 70.75
N VAL A 221 -16.90 -41.38 71.87
CA VAL A 221 -15.46 -41.16 71.89
C VAL A 221 -14.76 -42.19 70.99
N THR A 222 -13.63 -41.78 70.43
CA THR A 222 -12.75 -42.69 69.71
C THR A 222 -11.47 -43.00 70.47
N GLU A 223 -10.76 -41.98 70.95
CA GLU A 223 -9.55 -42.18 71.76
C GLU A 223 -9.21 -40.87 72.45
N VAL A 224 -8.18 -40.92 73.30
CA VAL A 224 -7.72 -39.77 74.06
C VAL A 224 -6.30 -39.44 73.62
N MET A 225 -5.85 -38.24 74.01
CA MET A 225 -4.59 -37.68 73.55
C MET A 225 -3.54 -37.54 74.66
N VAL A 226 -3.86 -37.93 75.88
CA VAL A 226 -3.04 -37.54 77.04
C VAL A 226 -2.46 -38.75 77.75
N LYS A 227 -1.68 -38.50 78.79
CA LYS A 227 -1.06 -39.52 79.63
C LYS A 227 -1.32 -39.19 81.09
N VAL A 228 -1.30 -40.22 81.94
CA VAL A 228 -1.41 -40.01 83.37
C VAL A 228 -0.12 -39.34 83.85
N GLY A 229 -0.22 -38.07 84.24
CA GLY A 229 0.93 -37.27 84.60
C GLY A 229 1.26 -36.18 83.60
N ASP A 230 0.88 -36.35 82.34
CA ASP A 230 1.10 -35.33 81.34
C ASP A 230 0.34 -34.05 81.69
N LYS A 231 0.87 -32.91 81.23
CA LYS A 231 0.20 -31.63 81.35
C LYS A 231 -0.01 -31.05 79.96
N VAL A 232 -1.19 -30.48 79.74
CA VAL A 232 -1.65 -30.11 78.41
C VAL A 232 -1.53 -28.60 78.23
N ALA A 233 -1.37 -28.17 76.99
CA ALA A 233 -1.14 -26.76 76.67
C ALA A 233 -2.45 -25.98 76.72
N ALA A 234 -2.41 -24.75 76.20
CA ALA A 234 -3.55 -23.84 76.30
C ALA A 234 -4.79 -24.42 75.61
N GLU A 235 -4.67 -24.65 74.30
CA GLU A 235 -5.81 -25.20 73.51
C GLU A 235 -5.28 -26.23 72.50
N GLN A 236 -5.15 -27.49 72.94
CA GLN A 236 -4.68 -28.55 72.05
C GLN A 236 -5.51 -29.80 72.28
N SER A 237 -5.21 -30.84 71.51
CA SER A 237 -6.04 -32.04 71.53
C SER A 237 -5.94 -32.77 72.85
N LEU A 238 -7.09 -33.22 73.35
CA LEU A 238 -7.21 -34.12 74.50
C LEU A 238 -7.96 -35.39 74.18
N ILE A 239 -9.01 -35.30 73.37
CA ILE A 239 -9.91 -36.42 73.11
C ILE A 239 -10.54 -36.24 71.74
N THR A 240 -10.57 -37.30 70.94
CA THR A 240 -11.27 -37.27 69.67
C THR A 240 -12.61 -37.98 69.82
N VAL A 241 -13.66 -37.35 69.32
CA VAL A 241 -15.01 -37.88 69.41
C VAL A 241 -15.63 -37.89 68.02
N GLU A 242 -16.25 -39.00 67.64
CA GLU A 242 -16.70 -39.22 66.28
C GLU A 242 -18.19 -38.88 66.21
N GLY A 243 -18.49 -37.64 65.87
CA GLY A 243 -19.86 -37.17 65.75
C GLY A 243 -20.33 -37.18 64.31
N ASP A 244 -21.13 -36.19 63.95
CA ASP A 244 -21.61 -36.05 62.59
C ASP A 244 -20.53 -35.36 61.76
CB LA2 A 245 -19.70 -33.12 59.84
C LA2 A 245 -18.43 -35.30 59.65
O LA2 A 245 -18.07 -36.06 58.73
N LA2 A 245 -20.76 -35.28 60.45
CA LA2 A 245 -19.81 -34.62 59.52
O1 LA2 A 245 -23.94 -31.85 55.22
C1 LA2 A 245 -22.88 -31.28 55.44
NZ LA2 A 245 -22.08 -31.64 56.45
CE LA2 A 245 -21.17 -30.73 57.14
CD LA2 A 245 -20.12 -31.47 57.96
CG LA2 A 245 -20.71 -32.24 59.12
C2 LA2 A 245 -22.40 -30.12 54.58
C3 LA2 A 245 -22.89 -30.22 53.17
C4 LA2 A 245 -23.41 -28.89 52.63
C5 LA2 A 245 -23.73 -28.82 51.15
C6 LA2 A 245 -24.71 -29.88 50.66
S6 LA2 A 245 -26.28 -29.86 51.58
C7 LA2 A 245 -24.94 -29.86 49.15
C8 LA2 A 245 -23.64 -29.95 48.35
S8 LA2 A 245 -23.80 -30.90 46.82
N ALA A 246 -17.71 -35.03 60.74
CA ALA A 246 -16.39 -35.62 60.96
C ALA A 246 -16.01 -35.65 62.44
N SER A 247 -15.01 -36.47 62.76
CA SER A 247 -14.53 -36.58 64.13
C SER A 247 -13.83 -35.29 64.56
N MET A 248 -14.11 -34.88 65.79
CA MET A 248 -13.66 -33.59 66.33
C MET A 248 -12.76 -33.81 67.54
N GLU A 249 -11.68 -33.03 67.61
CA GLU A 249 -10.73 -33.08 68.71
C GLU A 249 -11.05 -31.96 69.69
N VAL A 250 -11.47 -32.34 70.90
CA VAL A 250 -11.77 -31.35 71.94
C VAL A 250 -10.49 -30.59 72.30
N PRO A 251 -10.52 -29.26 72.31
CA PRO A 251 -9.31 -28.50 72.67
C PRO A 251 -9.12 -28.44 74.18
N ALA A 252 -8.03 -27.79 74.58
CA ALA A 252 -7.88 -27.66 76.03
C ALA A 252 -8.49 -26.34 76.50
N PRO A 253 -9.10 -26.33 77.69
CA PRO A 253 -9.56 -25.05 78.26
C PRO A 253 -8.46 -24.27 78.95
N PHE A 254 -7.41 -24.93 79.40
CA PHE A 254 -6.36 -24.32 80.20
C PHE A 254 -5.21 -25.32 80.29
N ALA A 255 -4.18 -24.96 81.05
CA ALA A 255 -2.99 -25.83 81.24
C ALA A 255 -2.97 -26.46 82.63
N GLY A 256 -2.50 -27.71 82.73
CA GLY A 256 -2.43 -28.41 83.99
C GLY A 256 -2.19 -29.88 83.79
N VAL A 257 -1.58 -30.50 84.80
CA VAL A 257 -1.26 -31.92 84.77
C VAL A 257 -2.52 -32.72 85.04
N VAL A 258 -2.49 -33.98 84.63
CA VAL A 258 -3.66 -34.86 84.62
C VAL A 258 -3.96 -35.35 86.03
N LYS A 259 -5.26 -35.39 86.39
CA LYS A 259 -5.75 -35.98 87.62
C LYS A 259 -6.79 -37.07 87.41
N GLU A 260 -7.63 -36.94 86.39
CA GLU A 260 -8.73 -37.87 86.11
C GLU A 260 -8.63 -38.36 84.67
N LEU A 261 -8.68 -39.68 84.51
CA LEU A 261 -9.19 -40.26 83.27
C LEU A 261 -10.67 -40.56 83.41
N LYS A 262 -11.43 -39.49 83.69
CA LYS A 262 -12.87 -39.64 83.84
C LYS A 262 -13.50 -40.16 82.55
N VAL A 263 -12.93 -39.82 81.40
CA VAL A 263 -13.27 -40.43 80.12
C VAL A 263 -12.18 -41.43 79.76
N ASN A 264 -12.54 -42.43 78.95
CA ASN A 264 -11.59 -43.42 78.46
C ASN A 264 -11.76 -43.58 76.95
N VAL A 265 -11.11 -44.61 76.40
CA VAL A 265 -11.21 -44.91 74.99
C VAL A 265 -12.44 -45.78 74.77
N GLY A 266 -13.42 -45.25 74.02
CA GLY A 266 -14.65 -45.94 73.73
C GLY A 266 -15.87 -45.38 74.44
N ASP A 267 -15.65 -44.37 75.29
CA ASP A 267 -16.75 -43.73 76.07
C ASP A 267 -17.70 -42.99 75.13
N LYS A 268 -18.71 -42.33 75.71
CA LYS A 268 -19.71 -41.58 74.95
C LYS A 268 -20.26 -40.46 75.81
N VAL A 269 -20.31 -39.25 75.27
CA VAL A 269 -20.77 -38.06 75.97
C VAL A 269 -21.81 -37.35 75.11
N LYS A 270 -22.94 -36.98 75.73
CA LYS A 270 -23.93 -36.19 75.04
C LYS A 270 -23.67 -34.69 75.16
N THR A 271 -23.30 -34.23 76.36
CA THR A 271 -23.01 -32.79 76.56
C THR A 271 -22.67 -32.48 78.02
N GLY A 272 -21.64 -31.64 78.23
CA GLY A 272 -21.22 -31.20 79.55
C GLY A 272 -20.93 -32.27 80.59
N SER A 273 -20.23 -33.32 80.21
CA SER A 273 -19.83 -34.37 81.13
C SER A 273 -18.37 -34.19 81.52
N LEU A 274 -18.09 -34.28 82.81
CA LEU A 274 -16.73 -34.07 83.31
C LEU A 274 -15.84 -35.22 82.84
N ILE A 275 -14.91 -34.92 81.94
CA ILE A 275 -14.00 -35.93 81.43
C ILE A 275 -12.57 -35.76 81.95
N MET A 276 -12.17 -34.56 82.37
CA MET A 276 -10.81 -34.34 82.83
C MET A 276 -10.81 -33.36 83.99
N ILE A 277 -9.94 -33.63 84.97
CA ILE A 277 -9.58 -32.70 86.03
C ILE A 277 -8.08 -32.51 85.98
N PHE A 278 -7.61 -31.29 86.20
CA PHE A 278 -6.21 -30.97 86.02
C PHE A 278 -5.64 -30.31 87.27
N GLU A 279 -4.36 -29.97 87.20
CA GLU A 279 -3.66 -29.27 88.28
C GLU A 279 -2.79 -28.18 87.69
N VAL A 280 -2.61 -27.10 88.45
CA VAL A 280 -1.77 -25.99 88.03
C VAL A 280 -1.31 -25.20 89.25
N PRO A 384 -48.22 -38.80 51.32
CA PRO A 384 -49.12 -39.80 51.89
C PRO A 384 -48.64 -41.23 51.62
N GLY A 385 -49.38 -41.96 50.80
CA GLY A 385 -49.01 -43.32 50.45
C GLY A 385 -48.28 -43.40 49.13
N MET A 386 -46.95 -43.51 49.19
CA MET A 386 -46.13 -43.60 48.00
C MET A 386 -45.68 -45.04 47.76
N LEU A 387 -45.27 -45.30 46.53
CA LEU A 387 -44.75 -46.62 46.19
C LEU A 387 -43.46 -46.89 46.95
N PRO A 388 -43.20 -48.14 47.30
CA PRO A 388 -41.94 -48.47 47.98
C PRO A 388 -40.77 -48.42 47.00
N TRP A 389 -39.58 -48.52 47.57
CA TRP A 389 -38.37 -48.53 46.76
C TRP A 389 -38.40 -49.72 45.80
N PRO A 390 -37.86 -49.59 44.59
CA PRO A 390 -37.93 -50.70 43.63
C PRO A 390 -37.19 -51.94 44.10
N LYS A 391 -37.93 -53.00 44.38
CA LYS A 391 -37.33 -54.26 44.80
C LYS A 391 -36.73 -54.94 43.58
N VAL A 392 -35.39 -54.98 43.52
CA VAL A 392 -34.68 -55.55 42.38
C VAL A 392 -33.66 -56.55 42.90
N ASP A 393 -33.55 -57.69 42.21
CA ASP A 393 -32.51 -58.67 42.48
C ASP A 393 -31.29 -58.26 41.67
N PHE A 394 -30.43 -57.45 42.27
CA PHE A 394 -29.31 -56.84 41.57
C PHE A 394 -28.26 -57.85 41.14
N SER A 395 -28.34 -59.09 41.63
CA SER A 395 -27.34 -60.10 41.31
C SER A 395 -27.69 -60.92 40.08
N LYS A 396 -28.93 -60.87 39.61
CA LYS A 396 -29.30 -61.63 38.42
C LYS A 396 -28.74 -61.03 37.14
N PHE A 397 -28.23 -59.80 37.19
CA PHE A 397 -27.60 -59.19 36.02
C PHE A 397 -26.09 -59.22 36.07
N GLY A 398 -25.50 -59.45 37.23
CA GLY A 398 -24.06 -59.50 37.35
C GLY A 398 -23.67 -59.74 38.79
N GLU A 399 -22.41 -59.40 39.09
CA GLU A 399 -21.82 -59.54 40.44
C GLU A 399 -21.97 -58.20 41.18
N ILE A 400 -22.37 -58.26 42.46
CA ILE A 400 -22.57 -57.08 43.27
C ILE A 400 -21.67 -57.17 44.50
N GLU A 401 -21.72 -56.13 45.33
CA GLU A 401 -20.98 -56.10 46.58
C GLU A 401 -21.71 -55.14 47.51
N GLU A 402 -22.48 -55.69 48.45
CA GLU A 402 -23.36 -54.87 49.29
C GLU A 402 -22.55 -54.30 50.44
N VAL A 403 -21.87 -53.20 50.16
CA VAL A 403 -21.19 -52.44 51.21
C VAL A 403 -22.23 -51.67 52.01
N GLU A 404 -21.89 -51.37 53.25
CA GLU A 404 -22.79 -50.66 54.15
C GLU A 404 -22.22 -49.29 54.47
N LEU A 405 -23.08 -48.27 54.42
CA LEU A 405 -22.64 -46.90 54.60
C LEU A 405 -22.16 -46.66 56.01
N GLY A 406 -21.09 -45.88 56.15
CA GLY A 406 -20.61 -45.49 57.46
C GLY A 406 -21.63 -44.65 58.20
N ARG A 407 -21.36 -44.44 59.49
CA ARG A 407 -22.33 -43.72 60.32
C ARG A 407 -22.43 -42.26 59.92
N ILE A 408 -21.32 -41.65 59.51
CA ILE A 408 -21.39 -40.27 59.05
C ILE A 408 -22.10 -40.19 57.71
N GLN A 409 -21.93 -41.21 56.87
CA GLN A 409 -22.65 -41.23 55.60
C GLN A 409 -24.14 -41.42 55.83
N LYS A 410 -24.52 -42.30 56.76
CA LYS A 410 -25.94 -42.46 57.10
C LYS A 410 -26.52 -41.16 57.65
N ILE A 411 -25.78 -40.48 58.53
CA ILE A 411 -26.29 -39.25 59.13
C ILE A 411 -26.42 -38.16 58.09
N SER A 412 -25.44 -38.03 57.20
CA SER A 412 -25.51 -37.02 56.15
C SER A 412 -26.64 -37.32 55.18
N GLY A 413 -26.87 -38.61 54.89
CA GLY A 413 -27.99 -38.97 54.04
C GLY A 413 -29.32 -38.63 54.67
N ALA A 414 -29.47 -38.89 55.97
CA ALA A 414 -30.69 -38.53 56.66
C ALA A 414 -30.89 -37.02 56.68
N ASN A 415 -29.83 -36.27 56.92
CA ASN A 415 -29.93 -34.81 56.94
C ASN A 415 -30.33 -34.28 55.57
N LEU A 416 -29.73 -34.80 54.50
CA LEU A 416 -30.09 -34.34 53.17
C LEU A 416 -31.49 -34.77 52.77
N SER A 417 -31.92 -35.96 53.19
CA SER A 417 -33.27 -36.39 52.88
C SER A 417 -34.32 -35.64 53.70
N ARG A 418 -33.91 -35.02 54.81
CA ARG A 418 -34.81 -34.10 55.50
C ARG A 418 -34.84 -32.74 54.83
N ASN A 419 -33.66 -32.22 54.47
CA ASN A 419 -33.60 -30.91 53.83
C ASN A 419 -34.30 -30.91 52.48
N TRP A 420 -34.26 -32.04 51.75
CA TRP A 420 -34.92 -32.09 50.45
C TRP A 420 -36.43 -31.99 50.60
N VAL A 421 -37.00 -32.72 51.56
CA VAL A 421 -38.45 -32.71 51.72
C VAL A 421 -38.93 -31.40 52.34
N MET A 422 -38.33 -31.01 53.45
CA MET A 422 -38.87 -29.91 54.25
C MET A 422 -38.58 -28.53 53.67
N ILE A 423 -37.67 -28.41 52.72
CA ILE A 423 -37.26 -27.13 52.17
C ILE A 423 -37.68 -27.07 50.70
N PRO A 424 -38.52 -26.11 50.30
CA PRO A 424 -38.73 -25.88 48.88
C PRO A 424 -37.56 -25.11 48.26
N HIS A 425 -36.72 -25.81 47.51
CA HIS A 425 -35.51 -25.19 46.97
C HIS A 425 -35.82 -24.41 45.71
N VAL A 426 -35.15 -23.28 45.54
CA VAL A 426 -35.11 -22.58 44.27
C VAL A 426 -33.68 -22.15 44.02
N THR A 427 -33.19 -22.39 42.82
CA THR A 427 -31.78 -22.19 42.48
C THR A 427 -31.67 -21.13 41.39
N HIS A 428 -31.02 -20.03 41.71
CA HIS A 428 -30.75 -18.96 40.76
C HIS A 428 -29.30 -19.05 40.34
N PHE A 429 -29.07 -19.21 39.04
CA PHE A 429 -27.70 -19.27 38.54
C PHE A 429 -27.25 -17.88 38.10
N ASP A 430 -25.95 -17.67 38.10
CA ASP A 430 -25.41 -16.37 37.70
C ASP A 430 -23.94 -16.53 37.35
N LYS A 431 -23.40 -15.51 36.68
CA LYS A 431 -22.01 -15.48 36.28
C LYS A 431 -21.43 -14.14 36.67
N THR A 432 -20.25 -14.17 37.29
CA THR A 432 -19.62 -12.97 37.85
C THR A 432 -18.32 -12.69 37.14
N ASP A 433 -18.14 -11.47 36.64
CA ASP A 433 -16.91 -11.08 35.95
C ASP A 433 -15.84 -10.83 37.01
N ILE A 434 -14.92 -11.78 37.15
CA ILE A 434 -13.92 -11.71 38.21
C ILE A 434 -12.51 -11.57 37.62
N THR A 435 -12.40 -10.93 36.46
CA THR A 435 -11.09 -10.71 35.87
C THR A 435 -10.24 -9.82 36.76
N GLU A 436 -10.80 -8.67 37.18
CA GLU A 436 -10.08 -7.77 38.07
C GLU A 436 -9.80 -8.44 39.41
N LEU A 437 -10.76 -9.22 39.92
CA LEU A 437 -10.56 -9.90 41.19
C LEU A 437 -9.44 -10.92 41.11
N GLU A 438 -9.35 -11.64 39.98
CA GLU A 438 -8.30 -12.64 39.85
C GLU A 438 -6.94 -11.99 39.67
N ALA A 439 -6.87 -10.91 38.88
CA ALA A 439 -5.63 -10.16 38.76
C ALA A 439 -5.16 -9.66 40.12
N PHE A 440 -6.09 -9.09 40.90
CA PHE A 440 -5.73 -8.56 42.21
C PHE A 440 -5.32 -9.68 43.16
N ARG A 441 -5.97 -10.85 43.07
CA ARG A 441 -5.61 -11.96 43.94
C ARG A 441 -4.23 -12.49 43.61
N LYS A 442 -3.90 -12.59 42.32
CA LYS A 442 -2.55 -12.99 41.94
C LYS A 442 -1.51 -11.97 42.38
N GLN A 443 -1.83 -10.68 42.22
CA GLN A 443 -0.90 -9.64 42.67
C GLN A 443 -0.66 -9.72 44.17
N GLN A 444 -1.72 -9.94 44.95
CA GLN A 444 -1.57 -10.04 46.40
C GLN A 444 -0.91 -11.34 46.83
N ASN A 445 -1.04 -12.40 46.04
CA ASN A 445 -0.32 -13.63 46.35
C ASN A 445 1.17 -13.46 46.08
N GLU A 446 1.52 -12.70 45.05
CA GLU A 446 2.92 -12.36 44.85
C GLU A 446 3.44 -11.47 45.98
N GLU A 447 2.74 -10.36 46.24
CA GLU A 447 3.19 -9.42 47.26
C GLU A 447 3.25 -10.05 48.65
N ALA A 448 2.36 -10.99 48.95
CA ALA A 448 2.41 -11.68 50.22
C ALA A 448 3.47 -12.78 50.23
N ALA A 449 4.17 -12.99 49.13
CA ALA A 449 5.29 -13.92 49.07
C ALA A 449 6.62 -13.21 49.24
N LYS A 450 6.89 -12.19 48.43
CA LYS A 450 8.13 -11.42 48.57
C LYS A 450 8.19 -10.63 49.87
N ARG A 451 7.12 -10.62 50.67
CA ARG A 451 7.16 -10.04 52.00
C ARG A 451 7.09 -11.08 53.10
N LYS A 452 7.16 -12.36 52.74
CA LYS A 452 7.28 -13.47 53.68
C LYS A 452 6.15 -13.46 54.71
N LEU A 453 4.92 -13.58 54.21
CA LEU A 453 3.75 -13.72 55.07
C LEU A 453 3.30 -15.17 55.24
N ASP A 454 3.73 -16.06 54.34
CA ASP A 454 3.33 -17.46 54.37
C ASP A 454 1.81 -17.60 54.40
N VAL A 455 1.16 -16.93 53.46
CA VAL A 455 -0.28 -16.99 53.31
C VAL A 455 -0.60 -17.16 51.83
N LYS A 456 -1.64 -17.94 51.54
CA LYS A 456 -2.10 -18.19 50.18
C LYS A 456 -3.54 -17.73 50.08
N ILE A 457 -3.80 -16.75 49.23
CA ILE A 457 -5.12 -16.14 49.12
C ILE A 457 -5.88 -16.86 48.02
N THR A 458 -6.82 -17.71 48.40
CA THR A 458 -7.66 -18.46 47.49
C THR A 458 -8.81 -17.60 47.00
N PRO A 459 -9.42 -17.95 45.86
CA PRO A 459 -10.59 -17.19 45.39
C PRO A 459 -11.81 -17.34 46.29
N VAL A 460 -11.75 -18.14 47.34
CA VAL A 460 -12.92 -18.38 48.18
C VAL A 460 -13.08 -17.31 49.25
N VAL A 461 -11.99 -16.69 49.70
CA VAL A 461 -12.14 -15.68 50.75
C VAL A 461 -12.81 -14.43 50.20
N PHE A 462 -12.58 -14.10 48.94
CA PHE A 462 -13.29 -12.99 48.32
C PHE A 462 -14.78 -13.30 48.25
N ILE A 463 -15.14 -14.56 48.00
CA ILE A 463 -16.54 -14.93 47.97
C ILE A 463 -17.14 -14.89 49.37
N MET A 464 -16.35 -15.27 50.38
CA MET A 464 -16.83 -15.15 51.75
C MET A 464 -17.11 -13.70 52.11
N LYS A 465 -16.21 -12.80 51.71
CA LYS A 465 -16.43 -11.38 51.97
C LYS A 465 -17.64 -10.84 51.22
N ALA A 466 -17.81 -11.26 49.96
CA ALA A 466 -18.95 -10.82 49.18
C ALA A 466 -20.26 -11.31 49.79
N VAL A 467 -20.27 -12.56 50.26
CA VAL A 467 -21.49 -13.10 50.86
C VAL A 467 -21.77 -12.43 52.21
N ALA A 468 -20.71 -12.10 52.96
CA ALA A 468 -20.92 -11.37 54.21
C ALA A 468 -21.50 -9.99 53.95
N ALA A 469 -21.01 -9.31 52.91
CA ALA A 469 -21.59 -8.03 52.51
C ALA A 469 -23.05 -8.19 52.12
N ALA A 470 -23.35 -9.22 51.33
CA ALA A 470 -24.72 -9.43 50.89
C ALA A 470 -25.65 -9.76 52.06
N LEU A 471 -25.14 -10.45 53.08
CA LEU A 471 -25.94 -10.72 54.27
C LEU A 471 -26.11 -9.46 55.11
N GLU A 472 -25.14 -8.55 55.06
CA GLU A 472 -25.32 -7.25 55.70
C GLU A 472 -26.42 -6.45 55.01
N GLN A 473 -26.43 -6.46 53.67
CA GLN A 473 -27.40 -5.66 52.95
C GLN A 473 -28.79 -6.28 52.98
N MET A 474 -28.87 -7.60 52.80
CA MET A 474 -30.15 -8.30 52.82
C MET A 474 -30.23 -9.22 54.03
N PRO A 475 -30.59 -8.71 55.21
CA PRO A 475 -30.55 -9.53 56.43
C PRO A 475 -31.58 -10.65 56.44
N ARG A 476 -32.53 -10.67 55.51
CA ARG A 476 -33.47 -11.76 55.44
C ARG A 476 -32.80 -13.08 55.09
N PHE A 477 -31.66 -13.03 54.40
CA PHE A 477 -30.92 -14.24 54.06
C PHE A 477 -30.13 -14.80 55.24
N ASN A 478 -29.90 -13.99 56.26
CA ASN A 478 -29.23 -14.45 57.47
C ASN A 478 -30.28 -14.80 58.52
N SER A 479 -31.07 -15.82 58.19
CA SER A 479 -32.23 -16.19 58.98
C SER A 479 -32.22 -17.69 59.22
N SER A 480 -33.30 -18.20 59.82
CA SER A 480 -33.50 -19.62 60.05
C SER A 480 -34.94 -19.82 60.50
N LEU A 481 -35.57 -20.87 59.97
CA LEU A 481 -36.94 -21.19 60.31
C LEU A 481 -36.99 -22.19 61.47
N SER A 482 -38.18 -22.34 62.03
CA SER A 482 -38.39 -23.28 63.11
C SER A 482 -38.88 -24.63 62.56
N GLU A 483 -39.11 -25.55 63.50
CA GLU A 483 -39.63 -26.88 63.15
C GLU A 483 -40.91 -26.76 62.33
N ASP A 484 -41.87 -25.97 62.81
CA ASP A 484 -43.14 -25.79 62.11
C ASP A 484 -43.06 -24.82 60.95
N GLY A 485 -41.99 -24.04 60.83
CA GLY A 485 -41.88 -23.07 59.75
C GLY A 485 -42.79 -21.88 59.90
N GLN A 486 -42.97 -21.38 61.13
CA GLN A 486 -43.84 -20.24 61.39
C GLN A 486 -43.14 -19.06 62.03
N ARG A 487 -41.97 -19.25 62.63
CA ARG A 487 -41.23 -18.18 63.30
C ARG A 487 -39.83 -18.13 62.72
N LEU A 488 -39.48 -16.97 62.16
CA LEU A 488 -38.12 -16.76 61.66
C LEU A 488 -37.19 -16.37 62.81
N THR A 489 -35.89 -16.51 62.57
CA THR A 489 -34.86 -16.14 63.54
C THR A 489 -33.84 -15.28 62.81
N LEU A 490 -34.09 -13.98 62.75
CA LEU A 490 -33.18 -13.05 62.09
C LEU A 490 -31.90 -12.94 62.90
N LYS A 491 -30.83 -13.56 62.40
CA LYS A 491 -29.54 -13.47 63.06
C LYS A 491 -28.87 -12.15 62.72
N LYS A 492 -28.11 -11.62 63.67
CA LYS A 492 -27.37 -10.39 63.48
C LYS A 492 -25.88 -10.62 63.25
N TYR A 493 -25.35 -11.76 63.67
CA TYR A 493 -23.98 -12.14 63.36
C TYR A 493 -23.93 -12.75 61.97
N ILE A 494 -22.72 -12.82 61.42
CA ILE A 494 -22.49 -13.34 60.08
C ILE A 494 -21.35 -14.34 60.16
N ASN A 495 -21.70 -15.61 60.31
CA ASN A 495 -20.75 -16.71 60.17
C ASN A 495 -21.05 -17.44 58.88
N ILE A 496 -20.01 -17.95 58.23
CA ILE A 496 -20.15 -18.58 56.92
C ILE A 496 -19.39 -19.90 56.95
N GLY A 497 -20.10 -20.99 56.67
CA GLY A 497 -19.44 -22.25 56.47
C GLY A 497 -18.91 -22.36 55.05
N VAL A 498 -17.77 -23.02 54.90
CA VAL A 498 -17.12 -23.17 53.61
C VAL A 498 -16.83 -24.65 53.42
N ALA A 499 -17.53 -25.28 52.47
CA ALA A 499 -17.43 -26.72 52.29
C ALA A 499 -16.02 -27.08 51.85
N VAL A 500 -15.27 -27.74 52.75
CA VAL A 500 -13.94 -28.26 52.47
C VAL A 500 -14.08 -29.74 52.13
N ASP A 501 -13.21 -30.20 51.23
CA ASP A 501 -13.27 -31.57 50.70
C ASP A 501 -12.19 -32.41 51.40
N THR A 502 -12.61 -33.15 52.41
CA THR A 502 -11.76 -34.13 53.07
C THR A 502 -11.92 -35.48 52.40
N PRO A 503 -10.97 -36.41 52.61
CA PRO A 503 -11.11 -37.75 52.04
C PRO A 503 -12.41 -38.45 52.43
N ASN A 504 -13.07 -37.95 53.47
CA ASN A 504 -14.35 -38.48 53.93
C ASN A 504 -15.52 -37.60 53.51
N GLY A 505 -15.44 -37.02 52.31
CA GLY A 505 -16.52 -36.19 51.80
C GLY A 505 -16.34 -34.73 52.13
N LEU A 506 -17.43 -33.98 51.98
CA LEU A 506 -17.43 -32.55 52.23
C LEU A 506 -17.85 -32.27 53.66
N VAL A 507 -16.98 -31.59 54.41
CA VAL A 507 -17.31 -31.12 55.74
C VAL A 507 -17.38 -29.59 55.68
N VAL A 508 -18.27 -29.01 56.48
CA VAL A 508 -18.46 -27.57 56.42
C VAL A 508 -17.94 -26.93 57.70
N PRO A 509 -16.73 -26.39 57.70
CA PRO A 509 -16.29 -25.58 58.84
C PRO A 509 -16.78 -24.15 58.72
N VAL A 510 -17.08 -23.57 59.88
CA VAL A 510 -17.73 -22.27 59.97
C VAL A 510 -16.70 -21.23 60.39
N PHE A 511 -16.66 -20.12 59.66
CA PHE A 511 -15.80 -18.99 60.00
C PHE A 511 -16.68 -17.88 60.56
N LYS A 512 -16.28 -17.34 61.71
CA LYS A 512 -17.12 -16.43 62.46
C LYS A 512 -16.80 -14.98 62.14
N ASP A 513 -17.84 -14.15 62.16
CA ASP A 513 -17.73 -12.70 61.99
C ASP A 513 -16.96 -12.35 60.72
N VAL A 514 -17.35 -12.99 59.62
CA VAL A 514 -16.70 -12.75 58.34
C VAL A 514 -16.87 -11.29 57.90
N ASN A 515 -17.94 -10.63 58.35
CA ASN A 515 -18.20 -9.27 57.94
C ASN A 515 -17.14 -8.29 58.43
N LYS A 516 -16.43 -8.63 59.50
CA LYS A 516 -15.43 -7.74 60.10
C LYS A 516 -14.01 -8.07 59.65
N LYS A 517 -13.65 -9.35 59.67
CA LYS A 517 -12.27 -9.75 59.39
C LYS A 517 -11.87 -9.38 57.96
N GLY A 518 -10.57 -9.16 57.79
CA GLY A 518 -10.02 -8.86 56.48
C GLY A 518 -9.72 -10.10 55.68
N ILE A 519 -9.35 -9.89 54.42
CA ILE A 519 -9.14 -11.03 53.53
C ILE A 519 -7.88 -11.80 53.90
N ILE A 520 -6.86 -11.15 54.46
CA ILE A 520 -5.67 -11.90 54.85
C ILE A 520 -5.88 -12.69 56.13
N GLU A 521 -6.57 -12.11 57.12
CA GLU A 521 -6.93 -12.88 58.31
C GLU A 521 -7.84 -14.05 57.96
N LEU A 522 -8.85 -13.81 57.12
CA LEU A 522 -9.72 -14.89 56.67
C LEU A 522 -8.95 -15.92 55.87
N SER A 523 -7.96 -15.51 55.08
CA SER A 523 -7.19 -16.45 54.29
C SER A 523 -6.32 -17.32 55.20
N ARG A 524 -5.77 -16.74 56.27
CA ARG A 524 -5.02 -17.55 57.23
C ARG A 524 -5.95 -18.54 57.94
N GLU A 525 -7.12 -18.07 58.37
CA GLU A 525 -8.09 -18.97 58.99
C GLU A 525 -8.45 -20.12 58.04
N LEU A 526 -8.69 -19.80 56.78
CA LEU A 526 -9.10 -20.82 55.82
C LEU A 526 -7.97 -21.80 55.54
N MET A 527 -6.74 -21.30 55.37
CA MET A 527 -5.61 -22.17 55.14
C MET A 527 -5.36 -23.09 56.33
N THR A 528 -5.62 -22.61 57.55
CA THR A 528 -5.48 -23.46 58.71
C THR A 528 -6.58 -24.51 58.77
N ILE A 529 -7.83 -24.09 58.65
CA ILE A 529 -8.95 -25.00 58.89
C ILE A 529 -9.14 -25.99 57.75
N SER A 530 -8.75 -25.62 56.52
CA SER A 530 -8.81 -26.59 55.43
C SER A 530 -7.92 -27.79 55.72
N LYS A 531 -6.68 -27.54 56.18
CA LYS A 531 -5.79 -28.63 56.55
C LYS A 531 -6.30 -29.34 57.80
N LYS A 532 -6.81 -28.58 58.77
CA LYS A 532 -7.38 -29.18 59.97
C LYS A 532 -8.49 -30.16 59.63
N ALA A 533 -9.25 -29.88 58.57
CA ALA A 533 -10.34 -30.77 58.16
C ALA A 533 -9.82 -31.93 57.34
N ARG A 534 -8.96 -31.66 56.34
CA ARG A 534 -8.43 -32.73 55.50
C ARG A 534 -7.60 -33.72 56.30
N ASP A 535 -7.11 -33.32 57.47
CA ASP A 535 -6.43 -34.27 58.35
C ASP A 535 -7.39 -34.96 59.32
N GLY A 536 -8.50 -34.32 59.65
CA GLY A 536 -9.48 -34.89 60.55
C GLY A 536 -9.49 -34.29 61.94
N LYS A 537 -8.56 -33.39 62.24
CA LYS A 537 -8.45 -32.77 63.55
C LYS A 537 -9.40 -31.58 63.73
N LEU A 538 -10.43 -31.46 62.88
CA LEU A 538 -11.34 -30.34 62.91
C LEU A 538 -12.11 -30.28 64.23
N THR A 539 -11.90 -29.23 65.01
CA THR A 539 -12.44 -29.13 66.36
C THR A 539 -13.88 -28.64 66.32
N ALA A 540 -14.68 -29.11 67.26
CA ALA A 540 -16.07 -28.66 67.35
C ALA A 540 -16.11 -27.16 67.66
N GLY A 541 -17.22 -26.53 67.26
CA GLY A 541 -17.27 -25.08 67.30
C GLY A 541 -16.69 -24.48 66.05
N GLU A 542 -15.79 -25.20 65.41
CA GLU A 542 -15.33 -24.87 64.07
C GLU A 542 -16.21 -25.52 63.00
N MET A 543 -17.33 -26.10 63.39
CA MET A 543 -18.34 -26.55 62.43
C MET A 543 -19.75 -26.24 62.90
N GLN A 544 -19.89 -25.31 63.85
CA GLN A 544 -21.23 -24.99 64.40
C GLN A 544 -21.51 -23.48 64.31
N GLY A 545 -22.78 -23.12 64.22
CA GLY A 545 -23.22 -21.74 64.16
C GLY A 545 -22.93 -21.06 62.84
N GLY A 546 -23.36 -21.69 61.73
CA GLY A 546 -23.19 -21.11 60.41
C GLY A 546 -24.47 -20.45 59.94
N CYS A 547 -24.33 -19.26 59.37
CA CYS A 547 -25.47 -18.51 58.85
C CYS A 547 -25.66 -18.68 57.36
N PHE A 548 -24.70 -19.28 56.68
CA PHE A 548 -24.68 -19.39 55.23
C PHE A 548 -23.64 -20.43 54.87
N THR A 549 -23.70 -20.95 53.66
CA THR A 549 -22.77 -21.96 53.21
C THR A 549 -22.26 -21.61 51.83
N ILE A 550 -20.98 -21.87 51.61
CA ILE A 550 -20.35 -21.68 50.31
C ILE A 550 -19.72 -23.02 49.93
N SER A 551 -20.28 -23.67 48.92
CA SER A 551 -19.78 -24.95 48.43
C SER A 551 -19.06 -24.67 47.13
N SER A 552 -17.73 -24.65 47.18
CA SER A 552 -16.91 -24.34 46.02
C SER A 552 -16.37 -25.64 45.44
N ILE A 553 -16.87 -26.01 44.26
CA ILE A 553 -16.39 -27.17 43.53
C ILE A 553 -15.78 -26.76 42.20
N GLY A 554 -15.37 -25.50 42.08
CA GLY A 554 -14.79 -25.02 40.84
C GLY A 554 -13.46 -25.65 40.50
N GLY A 555 -12.77 -26.22 41.49
CA GLY A 555 -11.54 -26.94 41.21
C GLY A 555 -11.73 -28.22 40.45
N LEU A 556 -12.97 -28.66 40.28
CA LEU A 556 -13.26 -29.94 39.64
C LEU A 556 -14.09 -29.84 38.37
N GLY A 557 -14.90 -28.80 38.21
CA GLY A 557 -15.68 -28.64 36.99
C GLY A 557 -17.07 -28.11 37.25
N THR A 558 -18.07 -28.74 36.60
CA THR A 558 -19.49 -28.38 36.80
C THR A 558 -19.71 -26.88 36.59
N THR A 559 -19.76 -26.45 35.34
CA THR A 559 -20.00 -25.05 34.96
C THR A 559 -21.18 -24.43 35.70
N HIS A 560 -22.14 -25.25 36.16
CA HIS A 560 -23.12 -24.83 37.14
C HIS A 560 -23.57 -26.05 37.93
N PHE A 561 -24.14 -25.80 39.10
CA PHE A 561 -24.78 -26.87 39.85
C PHE A 561 -25.73 -26.28 40.87
N ALA A 562 -26.74 -27.07 41.23
CA ALA A 562 -27.82 -26.65 42.12
C ALA A 562 -27.67 -27.33 43.46
N PRO A 563 -27.01 -26.70 44.43
CA PRO A 563 -26.78 -27.36 45.72
C PRO A 563 -28.05 -27.51 46.53
N ILE A 564 -27.95 -28.18 47.67
CA ILE A 564 -29.06 -28.37 48.59
C ILE A 564 -28.84 -27.44 49.78
N VAL A 565 -29.90 -26.73 50.17
CA VAL A 565 -29.83 -25.82 51.31
C VAL A 565 -29.37 -26.58 52.54
N ASN A 566 -28.43 -26.01 53.27
CA ASN A 566 -27.84 -26.64 54.45
C ASN A 566 -28.63 -26.20 55.67
N ALA A 567 -29.68 -26.95 55.99
CA ALA A 567 -30.54 -26.62 57.16
C ALA A 567 -29.65 -26.53 58.40
N PRO A 568 -29.96 -25.67 59.40
CA PRO A 568 -31.17 -24.84 59.41
C PRO A 568 -31.01 -23.48 58.73
N GLU A 569 -30.02 -23.35 57.85
CA GLU A 569 -29.87 -22.12 57.09
C GLU A 569 -30.96 -22.03 56.04
N VAL A 570 -30.98 -20.91 55.30
CA VAL A 570 -31.99 -20.67 54.29
C VAL A 570 -31.42 -20.53 52.90
N ALA A 571 -30.09 -20.56 52.74
CA ALA A 571 -29.49 -20.40 51.43
C ALA A 571 -28.13 -21.06 51.42
N ILE A 572 -27.62 -21.27 50.21
CA ILE A 572 -26.29 -21.83 49.99
C ILE A 572 -25.81 -21.38 48.63
N LEU A 573 -24.55 -20.96 48.56
CA LEU A 573 -23.95 -20.46 47.33
C LEU A 573 -22.98 -21.52 46.82
N GLY A 574 -23.28 -22.13 45.69
CA GLY A 574 -22.35 -23.02 45.04
C GLY A 574 -21.54 -22.25 44.01
N VAL A 575 -20.24 -22.58 43.96
CA VAL A 575 -19.31 -21.90 43.08
C VAL A 575 -18.73 -22.92 42.11
N SER A 576 -18.58 -22.52 40.86
CA SER A 576 -18.17 -23.41 39.78
C SER A 576 -16.82 -22.95 39.22
N LYS A 577 -16.39 -23.59 38.14
CA LYS A 577 -15.07 -23.32 37.59
C LYS A 577 -15.10 -22.03 36.78
N SER A 578 -14.13 -21.16 37.05
CA SER A 578 -14.00 -19.93 36.28
C SER A 578 -13.59 -20.25 34.85
N ALA A 579 -14.22 -19.58 33.90
CA ALA A 579 -13.90 -19.79 32.49
C ALA A 579 -13.82 -18.45 31.79
N MET A 580 -12.93 -18.38 30.79
CA MET A 580 -12.77 -17.16 30.01
C MET A 580 -13.83 -17.13 28.92
N GLU A 581 -14.78 -16.21 29.05
CA GLU A 581 -15.89 -16.08 28.13
C GLU A 581 -15.92 -14.68 27.52
N PRO A 582 -16.48 -14.54 26.33
CA PRO A 582 -16.65 -13.19 25.75
C PRO A 582 -17.78 -12.45 26.43
N VAL A 583 -17.56 -11.17 26.69
CA VAL A 583 -18.53 -10.32 27.35
C VAL A 583 -18.72 -9.06 26.51
N TRP A 584 -19.97 -8.66 26.34
CA TRP A 584 -20.32 -7.51 25.52
C TRP A 584 -19.99 -6.23 26.30
N ASN A 585 -18.98 -5.50 25.84
CA ASN A 585 -18.63 -4.24 26.47
C ASN A 585 -19.44 -3.06 25.95
N GLY A 586 -20.39 -3.30 25.05
CA GLY A 586 -21.17 -2.27 24.41
C GLY A 586 -20.89 -2.14 22.93
N LYS A 587 -19.67 -2.49 22.50
CA LYS A 587 -19.33 -2.44 21.08
C LYS A 587 -18.57 -3.66 20.58
N GLU A 588 -18.05 -4.51 21.45
CA GLU A 588 -17.32 -5.69 21.02
C GLU A 588 -17.32 -6.70 22.16
N PHE A 589 -16.71 -7.85 21.91
CA PHE A 589 -16.66 -8.95 22.88
C PHE A 589 -15.26 -8.99 23.49
N VAL A 590 -15.14 -8.47 24.71
CA VAL A 590 -13.88 -8.53 25.43
C VAL A 590 -13.80 -9.86 26.17
N PRO A 591 -12.66 -10.53 26.16
CA PRO A 591 -12.57 -11.80 26.90
C PRO A 591 -12.40 -11.59 28.39
N ARG A 592 -13.47 -11.82 29.16
CA ARG A 592 -13.41 -11.70 30.60
C ARG A 592 -13.38 -13.09 31.22
N LEU A 593 -13.20 -13.13 32.53
CA LEU A 593 -13.10 -14.39 33.27
C LEU A 593 -14.33 -14.49 34.16
N MET A 594 -15.34 -15.23 33.71
CA MET A 594 -16.60 -15.35 34.42
C MET A 594 -16.57 -16.55 35.35
N LEU A 595 -17.00 -16.34 36.58
CA LEU A 595 -17.12 -17.37 37.60
C LEU A 595 -18.59 -17.69 37.79
N PRO A 596 -19.04 -18.91 37.53
CA PRO A 596 -20.47 -19.23 37.66
C PRO A 596 -20.82 -19.57 39.10
N ILE A 597 -21.68 -18.75 39.70
CA ILE A 597 -22.20 -19.00 41.03
C ILE A 597 -23.65 -19.45 40.89
N SER A 598 -24.19 -19.99 41.98
CA SER A 598 -25.56 -20.47 41.98
C SER A 598 -26.09 -20.45 43.40
N LEU A 599 -27.09 -19.62 43.65
CA LEU A 599 -27.70 -19.48 44.97
C LEU A 599 -28.92 -20.38 45.04
N SER A 600 -28.83 -21.43 45.85
CA SER A 600 -29.97 -22.30 46.11
C SER A 600 -30.52 -21.94 47.48
N PHE A 601 -31.79 -21.53 47.54
CA PHE A 601 -32.33 -21.02 48.77
C PHE A 601 -33.71 -21.62 49.06
N ASP A 602 -34.06 -21.54 50.34
CA ASP A 602 -35.36 -21.98 50.82
C ASP A 602 -36.41 -20.98 50.37
N HIS A 603 -37.43 -21.48 49.66
CA HIS A 603 -38.52 -20.63 49.10
C HIS A 603 -39.50 -20.17 50.19
N ARG A 604 -39.51 -20.84 51.36
CA ARG A 604 -40.45 -20.46 52.40
C ARG A 604 -40.06 -19.12 53.02
N VAL A 605 -38.76 -18.88 53.20
CA VAL A 605 -38.27 -17.63 53.75
C VAL A 605 -38.09 -16.58 52.66
N ILE A 606 -37.40 -16.95 51.59
CA ILE A 606 -37.02 -16.03 50.52
C ILE A 606 -37.86 -16.33 49.30
N ASP A 607 -38.17 -15.30 48.53
CA ASP A 607 -38.86 -15.47 47.26
C ASP A 607 -37.88 -15.25 46.12
N GLY A 608 -38.36 -15.47 44.89
CA GLY A 608 -37.47 -15.38 43.74
C GLY A 608 -36.82 -14.01 43.59
N ALA A 609 -37.57 -12.95 43.88
CA ALA A 609 -37.03 -11.60 43.72
C ALA A 609 -35.92 -11.33 44.74
N ASP A 610 -36.12 -11.75 45.99
CA ASP A 610 -35.08 -11.53 46.99
C ASP A 610 -33.84 -12.35 46.68
N GLY A 611 -34.02 -13.58 46.22
CA GLY A 611 -32.87 -14.36 45.76
C GLY A 611 -32.15 -13.69 44.60
N ALA A 612 -32.91 -13.08 43.70
CA ALA A 612 -32.31 -12.37 42.57
C ALA A 612 -31.49 -11.19 43.05
N ARG A 613 -32.05 -10.38 43.97
CA ARG A 613 -31.32 -9.25 44.50
C ARG A 613 -30.08 -9.69 45.26
N PHE A 614 -30.17 -10.79 46.00
CA PHE A 614 -29.04 -11.28 46.77
C PHE A 614 -27.91 -11.74 45.85
N ILE A 615 -28.25 -12.56 44.85
CA ILE A 615 -27.19 -13.06 43.98
C ILE A 615 -26.65 -11.95 43.11
N THR A 616 -27.44 -10.91 42.82
CA THR A 616 -26.88 -9.81 42.05
C THR A 616 -26.03 -8.90 42.92
N ILE A 617 -26.31 -8.85 44.22
CA ILE A 617 -25.39 -8.16 45.15
C ILE A 617 -24.06 -8.88 45.19
N ILE A 618 -24.09 -10.21 45.29
CA ILE A 618 -22.87 -10.98 45.27
C ILE A 618 -22.14 -10.79 43.95
N ASN A 619 -22.87 -10.80 42.84
CA ASN A 619 -22.27 -10.62 41.53
C ASN A 619 -21.61 -9.26 41.40
N ASN A 620 -22.27 -8.21 41.88
CA ASN A 620 -21.69 -6.88 41.82
C ASN A 620 -20.47 -6.76 42.72
N THR A 621 -20.54 -7.33 43.93
CA THR A 621 -19.40 -7.24 44.85
C THR A 621 -18.18 -7.96 44.28
N LEU A 622 -18.36 -9.20 43.81
CA LEU A 622 -17.23 -9.92 43.25
C LEU A 622 -16.80 -9.37 41.89
N SER A 623 -17.69 -8.68 41.18
CA SER A 623 -17.32 -8.09 39.91
C SER A 623 -16.36 -6.92 40.09
N ASP A 624 -16.56 -6.14 41.15
CA ASP A 624 -15.68 -5.02 41.50
C ASP A 624 -15.53 -5.05 43.02
N ILE A 625 -14.46 -5.70 43.49
CA ILE A 625 -14.29 -5.96 44.92
C ILE A 625 -14.15 -4.69 45.73
N ARG A 626 -13.86 -3.56 45.09
CA ARG A 626 -13.78 -2.29 45.81
C ARG A 626 -15.08 -1.95 46.53
N ARG A 627 -16.20 -2.54 46.12
CA ARG A 627 -17.45 -2.30 46.81
C ARG A 627 -17.48 -2.89 48.21
N LEU A 628 -16.42 -3.55 48.65
CA LEU A 628 -16.37 -4.02 50.03
C LEU A 628 -15.96 -2.92 51.01
N VAL A 629 -15.39 -1.82 50.53
CA VAL A 629 -15.02 -0.72 51.41
C VAL A 629 -16.14 0.29 51.58
N MET A 630 -17.10 0.33 50.67
CA MET A 630 -18.22 1.27 50.75
C MET A 630 -19.18 0.89 51.87
N GLU B 208 -41.76 -76.40 28.36
CA GLU B 208 -42.13 -75.45 29.41
C GLU B 208 -41.78 -74.05 28.94
N VAL B 209 -42.80 -73.19 28.81
CA VAL B 209 -42.61 -71.79 28.44
C VAL B 209 -43.29 -70.95 29.51
N ASN B 210 -42.53 -70.55 30.53
CA ASN B 210 -43.02 -69.60 31.52
C ASN B 210 -42.92 -68.20 30.91
N VAL B 211 -43.04 -67.18 31.74
CA VAL B 211 -42.61 -65.85 31.31
C VAL B 211 -41.10 -65.81 31.49
N PRO B 212 -40.35 -65.32 30.51
CA PRO B 212 -38.88 -65.42 30.59
C PRO B 212 -38.27 -64.44 31.57
N ASP B 213 -38.73 -63.18 31.56
CA ASP B 213 -38.07 -62.22 32.49
C ASP B 213 -38.90 -60.97 32.79
N ILE B 214 -39.59 -60.98 33.94
CA ILE B 214 -40.27 -59.82 34.49
C ILE B 214 -39.75 -59.64 35.91
N GLY B 215 -39.43 -58.38 36.27
CA GLY B 215 -38.80 -58.10 37.54
C GLY B 215 -39.63 -58.45 38.76
N GLY B 216 -40.87 -58.88 38.58
CA GLY B 216 -41.71 -59.27 39.69
C GLY B 216 -42.97 -58.46 39.83
N ASP B 217 -43.44 -57.89 38.72
CA ASP B 217 -44.67 -57.12 38.70
C ASP B 217 -45.76 -57.94 38.01
N GLU B 218 -46.98 -57.79 38.50
CA GLU B 218 -48.13 -58.48 37.91
C GLU B 218 -48.54 -57.77 36.63
N VAL B 219 -48.34 -58.43 35.49
CA VAL B 219 -48.57 -57.85 34.18
C VAL B 219 -49.80 -58.45 33.56
N GLU B 220 -50.60 -57.61 32.91
CA GLU B 220 -51.86 -58.02 32.29
C GLU B 220 -51.66 -58.24 30.79
N VAL B 221 -52.03 -59.42 30.30
CA VAL B 221 -51.87 -59.75 28.89
C VAL B 221 -52.76 -58.85 28.04
N THR B 222 -52.31 -58.59 26.81
CA THR B 222 -53.10 -57.90 25.82
C THR B 222 -53.57 -58.82 24.71
N GLU B 223 -52.66 -59.60 24.10
CA GLU B 223 -53.03 -60.57 23.07
C GLU B 223 -51.87 -61.53 22.87
N VAL B 224 -52.09 -62.54 22.03
CA VAL B 224 -51.08 -63.56 21.72
C VAL B 224 -50.72 -63.45 20.24
N MET B 225 -49.62 -64.12 19.88
CA MET B 225 -49.03 -64.01 18.56
C MET B 225 -49.11 -65.30 17.75
N VAL B 226 -49.69 -66.37 18.29
CA VAL B 226 -49.51 -67.69 17.70
C VAL B 226 -50.85 -68.29 17.28
N LYS B 227 -50.79 -69.49 16.70
CA LYS B 227 -51.94 -70.25 16.26
C LYS B 227 -51.86 -71.67 16.80
N VAL B 228 -53.01 -72.32 16.93
CA VAL B 228 -53.04 -73.72 17.31
C VAL B 228 -52.49 -74.54 16.15
N GLY B 229 -51.31 -75.11 16.31
CA GLY B 229 -50.61 -75.81 15.27
C GLY B 229 -49.38 -75.10 14.76
N ASP B 230 -49.32 -73.77 14.89
CA ASP B 230 -48.16 -73.01 14.47
C ASP B 230 -46.93 -73.43 15.30
N LYS B 231 -45.75 -73.27 14.69
CA LYS B 231 -44.49 -73.47 15.38
C LYS B 231 -43.68 -72.19 15.31
N VAL B 232 -43.04 -71.84 16.43
CA VAL B 232 -42.45 -70.52 16.63
C VAL B 232 -40.94 -70.64 16.49
N ALA B 233 -40.32 -69.54 16.09
CA ALA B 233 -38.88 -69.51 15.80
C ALA B 233 -38.08 -69.43 17.10
N ALA B 234 -36.79 -69.13 16.97
CA ALA B 234 -35.87 -69.17 18.11
C ALA B 234 -36.28 -68.17 19.18
N GLU B 235 -36.31 -66.89 18.81
CA GLU B 235 -36.69 -65.82 19.77
C GLU B 235 -37.55 -64.78 19.07
N GLN B 236 -38.87 -65.01 19.01
CA GLN B 236 -39.78 -64.06 18.38
C GLN B 236 -41.02 -63.92 19.24
N SER B 237 -41.94 -63.05 18.80
CA SER B 237 -43.10 -62.71 19.61
C SER B 237 -44.03 -63.90 19.77
N LEU B 238 -44.53 -64.08 20.99
CA LEU B 238 -45.59 -65.02 21.32
C LEU B 238 -46.78 -64.36 22.00
N ILE B 239 -46.53 -63.39 22.86
CA ILE B 239 -47.56 -62.78 23.70
C ILE B 239 -47.13 -61.36 24.05
N THR B 240 -48.06 -60.42 23.93
CA THR B 240 -47.80 -59.06 24.37
C THR B 240 -48.47 -58.83 25.71
N VAL B 241 -47.74 -58.25 26.65
CA VAL B 241 -48.24 -57.99 27.99
C VAL B 241 -48.00 -56.52 28.32
N GLU B 242 -49.02 -55.86 28.86
CA GLU B 242 -49.01 -54.40 29.04
C GLU B 242 -48.62 -54.11 30.49
N GLY B 243 -47.32 -53.95 30.73
CA GLY B 243 -46.79 -53.64 32.05
C GLY B 243 -46.56 -52.16 32.24
N ASP B 244 -45.50 -51.83 32.95
CA ASP B 244 -45.13 -50.44 33.16
C ASP B 244 -44.34 -49.96 31.94
CB LA2 B 245 -41.85 -48.63 30.76
C LA2 B 245 -43.99 -48.32 29.48
O LA2 B 245 -44.60 -47.38 28.94
N LA2 B 245 -44.04 -48.66 31.91
CA LA2 B 245 -43.27 -48.06 30.80
O1 LA2 B 245 -39.70 -43.57 34.05
C1 LA2 B 245 -39.20 -44.09 33.05
NZ LA2 B 245 -39.74 -45.15 32.45
CE LA2 B 245 -39.00 -46.14 31.69
CD LA2 B 245 -39.89 -47.01 30.83
CG LA2 B 245 -40.82 -47.89 31.63
C2 LA2 B 245 -37.94 -43.53 32.42
C3 LA2 B 245 -37.78 -42.06 32.64
C4 LA2 B 245 -36.37 -41.66 33.04
C5 LA2 B 245 -36.06 -40.18 33.07
C6 LA2 B 245 -36.98 -39.34 33.93
S6 LA2 B 245 -37.07 -39.94 35.64
C7 LA2 B 245 -36.71 -37.84 33.86
C8 LA2 B 245 -36.71 -37.30 32.44
S8 LA2 B 245 -37.39 -35.63 32.30
N ALA B 246 -43.93 -49.56 28.98
CA ALA B 246 -44.59 -49.93 27.73
C ALA B 246 -44.87 -51.42 27.63
N SER B 247 -45.76 -51.79 26.71
CA SER B 247 -46.10 -53.19 26.50
C SER B 247 -44.93 -53.96 25.91
N MET B 248 -44.71 -55.17 26.42
CA MET B 248 -43.55 -55.98 26.08
C MET B 248 -43.99 -57.29 25.43
N GLU B 249 -43.27 -57.69 24.39
CA GLU B 249 -43.52 -58.93 23.67
C GLU B 249 -42.57 -60.01 24.17
N VAL B 250 -43.12 -61.03 24.81
CA VAL B 250 -42.30 -62.14 25.31
C VAL B 250 -41.66 -62.86 24.14
N PRO B 251 -40.35 -63.10 24.16
CA PRO B 251 -39.70 -63.79 23.05
C PRO B 251 -39.89 -65.29 23.15
N ALA B 252 -39.34 -66.00 22.16
CA ALA B 252 -39.46 -67.45 22.29
C ALA B 252 -38.22 -68.01 22.98
N PRO B 253 -38.38 -69.05 23.81
CA PRO B 253 -37.21 -69.71 24.38
C PRO B 253 -36.58 -70.73 23.44
N PHE B 254 -37.34 -71.27 22.49
CA PHE B 254 -36.90 -72.34 21.60
C PHE B 254 -37.93 -72.47 20.50
N ALA B 255 -37.74 -73.47 19.63
CA ALA B 255 -38.66 -73.73 18.50
C ALA B 255 -39.52 -74.98 18.74
N GLY B 256 -40.77 -74.96 18.30
CA GLY B 256 -41.67 -76.07 18.47
C GLY B 256 -43.11 -75.67 18.19
N VAL B 257 -43.89 -76.66 17.79
CA VAL B 257 -45.29 -76.45 17.46
C VAL B 257 -46.09 -76.34 18.75
N VAL B 258 -47.27 -75.74 18.64
CA VAL B 258 -48.10 -75.36 19.78
C VAL B 258 -48.80 -76.60 20.35
N LYS B 259 -48.86 -76.68 21.69
CA LYS B 259 -49.63 -77.68 22.41
C LYS B 259 -50.64 -77.10 23.38
N GLU B 260 -50.32 -75.97 24.01
CA GLU B 260 -51.17 -75.34 25.03
C GLU B 260 -51.41 -73.89 24.66
N LEU B 261 -52.68 -73.50 24.68
CA LEU B 261 -53.03 -72.10 24.93
C LEU B 261 -53.31 -71.91 26.41
N LYS B 262 -52.28 -72.21 27.22
CA LYS B 262 -52.41 -72.05 28.66
C LYS B 262 -52.70 -70.61 29.03
N VAL B 263 -52.19 -69.66 28.24
CA VAL B 263 -52.57 -68.25 28.34
C VAL B 263 -53.53 -67.95 27.20
N ASN B 264 -54.36 -66.93 27.39
CA ASN B 264 -55.30 -66.47 26.36
C ASN B 264 -55.20 -64.95 26.24
N VAL B 265 -56.14 -64.37 25.49
CA VAL B 265 -56.20 -62.93 25.32
C VAL B 265 -56.98 -62.34 26.48
N GLY B 266 -56.31 -61.51 27.29
CA GLY B 266 -56.91 -60.89 28.45
C GLY B 266 -56.43 -61.43 29.77
N ASP B 267 -55.59 -62.47 29.73
CA ASP B 267 -55.06 -63.13 30.95
C ASP B 267 -54.14 -62.15 31.72
N LYS B 268 -53.55 -62.63 32.82
CA LYS B 268 -52.66 -61.83 33.65
C LYS B 268 -51.68 -62.76 34.37
N VAL B 269 -50.40 -62.42 34.31
CA VAL B 269 -49.33 -63.22 34.90
C VAL B 269 -48.46 -62.31 35.76
N LYS B 270 -48.16 -62.75 36.98
CA LYS B 270 -47.23 -62.02 37.83
C LYS B 270 -45.78 -62.43 37.60
N THR B 271 -45.54 -63.74 37.46
CA THR B 271 -44.16 -64.23 37.23
C THR B 271 -44.10 -65.77 37.18
N GLY B 272 -43.35 -66.31 36.22
CA GLY B 272 -43.14 -67.73 36.05
C GLY B 272 -44.37 -68.61 35.96
N SER B 273 -45.37 -68.21 35.20
CA SER B 273 -46.57 -69.00 34.98
C SER B 273 -46.49 -69.68 33.62
N LEU B 274 -46.81 -70.97 33.59
CA LEU B 274 -46.73 -71.74 32.36
C LEU B 274 -47.80 -71.26 31.40
N ILE B 275 -47.38 -70.63 30.31
CA ILE B 275 -48.32 -70.13 29.31
C ILE B 275 -48.29 -70.93 28.01
N MET B 276 -47.18 -71.61 27.70
CA MET B 276 -47.07 -72.36 26.46
C MET B 276 -46.30 -73.65 26.68
N ILE B 277 -46.76 -74.71 26.01
CA ILE B 277 -46.03 -75.96 25.87
C ILE B 277 -45.88 -76.24 24.38
N PHE B 278 -44.72 -76.75 23.97
CA PHE B 278 -44.42 -76.88 22.56
C PHE B 278 -43.99 -78.31 22.25
N GLU B 279 -43.67 -78.55 20.97
CA GLU B 279 -43.19 -79.83 20.50
C GLU B 279 -42.04 -79.61 19.53
N VAL B 280 -41.11 -80.56 19.50
CA VAL B 280 -39.96 -80.50 18.61
C VAL B 280 -39.40 -81.90 18.39
N PRO B 384 -45.19 -34.02 57.09
CA PRO B 384 -46.26 -34.24 58.09
C PRO B 384 -47.63 -33.84 57.57
N GLY B 385 -48.20 -32.78 58.14
CA GLY B 385 -49.48 -32.28 57.70
C GLY B 385 -49.36 -31.13 56.72
N MET B 386 -49.53 -31.42 55.44
CA MET B 386 -49.44 -30.41 54.40
C MET B 386 -50.84 -30.01 53.92
N LEU B 387 -50.91 -28.87 53.26
CA LEU B 387 -52.16 -28.42 52.69
C LEU B 387 -52.60 -29.36 51.57
N PRO B 388 -53.90 -29.53 51.38
CA PRO B 388 -54.37 -30.37 50.27
C PRO B 388 -54.20 -29.66 48.94
N TRP B 389 -54.41 -30.42 47.86
CA TRP B 389 -54.33 -29.86 46.53
C TRP B 389 -55.35 -28.73 46.37
N PRO B 390 -55.03 -27.68 45.61
CA PRO B 390 -55.97 -26.55 45.50
C PRO B 390 -57.29 -26.93 44.85
N LYS B 391 -58.36 -26.90 45.63
CA LYS B 391 -59.69 -27.20 45.12
C LYS B 391 -60.18 -26.02 44.29
N VAL B 392 -60.24 -26.21 42.98
CA VAL B 392 -60.64 -25.15 42.06
C VAL B 392 -61.74 -25.67 41.15
N ASP B 393 -62.75 -24.84 40.91
CA ASP B 393 -63.80 -25.14 39.94
C ASP B 393 -63.29 -24.66 38.58
N PHE B 394 -62.62 -25.54 37.86
CA PHE B 394 -61.94 -25.17 36.63
C PHE B 394 -62.90 -24.79 35.51
N SER B 395 -64.20 -25.04 35.68
CA SER B 395 -65.17 -24.76 34.63
C SER B 395 -65.76 -23.36 34.73
N LYS B 396 -65.60 -22.67 35.86
CA LYS B 396 -66.14 -21.33 35.99
C LYS B 396 -65.36 -20.29 35.20
N PHE B 397 -64.17 -20.64 34.71
CA PHE B 397 -63.38 -19.73 33.88
C PHE B 397 -63.47 -20.06 32.39
N GLY B 398 -63.91 -21.27 32.05
CA GLY B 398 -64.02 -21.65 30.65
C GLY B 398 -64.51 -23.07 30.54
N GLU B 399 -64.26 -23.65 29.36
CA GLU B 399 -64.64 -25.06 29.05
C GLU B 399 -63.43 -25.96 29.34
N ILE B 400 -63.68 -27.11 29.97
CA ILE B 400 -62.65 -28.06 30.33
C ILE B 400 -62.98 -29.40 29.69
N GLU B 401 -62.08 -30.36 29.90
CA GLU B 401 -62.28 -31.73 29.41
C GLU B 401 -61.46 -32.65 30.31
N GLU B 402 -62.13 -33.31 31.25
CA GLU B 402 -61.45 -34.10 32.27
C GLU B 402 -61.09 -35.46 31.70
N VAL B 403 -59.97 -35.50 30.99
CA VAL B 403 -59.42 -36.77 30.52
C VAL B 403 -58.77 -37.48 31.70
N GLU B 404 -58.68 -38.81 31.61
CA GLU B 404 -58.11 -39.61 32.66
C GLU B 404 -56.82 -40.26 32.16
N LEU B 405 -55.79 -40.22 33.01
CA LEU B 405 -54.47 -40.70 32.61
C LEU B 405 -54.49 -42.21 32.41
N GLY B 406 -53.77 -42.68 31.39
CA GLY B 406 -53.61 -44.10 31.17
C GLY B 406 -52.88 -44.75 32.32
N ARG B 407 -52.90 -46.09 32.30
CA ARG B 407 -52.29 -46.83 33.41
C ARG B 407 -50.78 -46.67 33.44
N ILE B 408 -50.14 -46.59 32.27
CA ILE B 408 -48.70 -46.35 32.25
C ILE B 408 -48.39 -44.94 32.69
N GLN B 409 -49.26 -43.97 32.37
CA GLN B 409 -49.06 -42.62 32.83
C GLN B 409 -49.22 -42.52 34.34
N LYS B 410 -50.25 -43.20 34.89
CA LYS B 410 -50.41 -43.24 36.33
C LYS B 410 -49.20 -43.87 37.01
N ILE B 411 -48.70 -44.98 36.46
CA ILE B 411 -47.57 -45.68 37.07
C ILE B 411 -46.31 -44.82 37.01
N SER B 412 -46.07 -44.17 35.87
CA SER B 412 -44.90 -43.31 35.76
C SER B 412 -45.01 -42.11 36.67
N GLY B 413 -46.22 -41.57 36.84
CA GLY B 413 -46.41 -40.47 37.77
C GLY B 413 -46.14 -40.88 39.20
N ALA B 414 -46.61 -42.07 39.59
CA ALA B 414 -46.32 -42.56 40.93
C ALA B 414 -44.83 -42.79 41.14
N ASN B 415 -44.16 -43.36 40.14
CA ASN B 415 -42.73 -43.61 40.24
C ASN B 415 -41.96 -42.30 40.37
N LEU B 416 -42.32 -41.29 39.58
CA LEU B 416 -41.64 -40.00 39.67
C LEU B 416 -41.96 -39.28 40.97
N SER B 417 -43.18 -39.41 41.47
CA SER B 417 -43.51 -38.78 42.75
C SER B 417 -42.88 -39.50 43.92
N ARG B 418 -42.46 -40.75 43.74
CA ARG B 418 -41.65 -41.40 44.77
C ARG B 418 -40.19 -40.97 44.66
N ASN B 419 -39.65 -40.94 43.44
CA ASN B 419 -38.26 -40.54 43.26
C ASN B 419 -38.02 -39.10 43.69
N TRP B 420 -39.01 -38.23 43.50
CA TRP B 420 -38.83 -36.84 43.90
C TRP B 420 -38.71 -36.71 45.41
N VAL B 421 -39.56 -37.41 46.16
CA VAL B 421 -39.55 -37.29 47.61
C VAL B 421 -38.35 -38.01 48.20
N MET B 422 -38.15 -39.28 47.83
CA MET B 422 -37.19 -40.12 48.52
C MET B 422 -35.74 -39.85 48.12
N ILE B 423 -35.50 -39.11 47.04
CA ILE B 423 -34.15 -38.87 46.54
C ILE B 423 -33.84 -37.39 46.68
N PRO B 424 -32.80 -37.01 47.41
CA PRO B 424 -32.33 -35.61 47.35
C PRO B 424 -31.52 -35.38 46.10
N HIS B 425 -32.10 -34.69 45.11
CA HIS B 425 -31.44 -34.50 43.83
C HIS B 425 -30.46 -33.35 43.89
N VAL B 426 -29.33 -33.52 43.21
CA VAL B 426 -28.43 -32.40 42.93
C VAL B 426 -28.01 -32.50 41.48
N THR B 427 -28.07 -31.39 40.76
CA THR B 427 -27.85 -31.37 39.32
C THR B 427 -26.64 -30.52 39.00
N HIS B 428 -25.62 -31.13 38.43
CA HIS B 428 -24.42 -30.44 37.99
C HIS B 428 -24.47 -30.29 36.48
N PHE B 429 -24.43 -29.05 36.00
CA PHE B 429 -24.44 -28.82 34.56
C PHE B 429 -23.02 -28.71 34.05
N ASP B 430 -22.84 -28.99 32.75
CA ASP B 430 -21.51 -28.93 32.16
C ASP B 430 -21.66 -28.84 30.66
N LYS B 431 -20.56 -28.47 30.00
CA LYS B 431 -20.51 -28.35 28.55
C LYS B 431 -19.26 -29.06 28.06
N THR B 432 -19.43 -29.88 27.03
CA THR B 432 -18.36 -30.73 26.52
C THR B 432 -18.01 -30.33 25.10
N ASP B 433 -16.73 -30.10 24.84
CA ASP B 433 -16.26 -29.73 23.50
C ASP B 433 -16.22 -30.99 22.65
N ILE B 434 -17.21 -31.15 21.77
CA ILE B 434 -17.34 -32.37 20.99
C ILE B 434 -17.14 -32.09 19.51
N THR B 435 -16.33 -31.10 19.17
CA THR B 435 -16.05 -30.82 17.77
C THR B 435 -15.35 -32.00 17.11
N GLU B 436 -14.27 -32.48 17.74
CA GLU B 436 -13.55 -33.63 17.21
C GLU B 436 -14.44 -34.86 17.18
N LEU B 437 -15.26 -35.05 18.23
CA LEU B 437 -16.14 -36.21 18.27
C LEU B 437 -17.17 -36.16 17.15
N GLU B 438 -17.71 -34.97 16.86
CA GLU B 438 -18.70 -34.87 15.80
C GLU B 438 -18.06 -35.07 14.43
N ALA B 439 -16.87 -34.50 14.21
CA ALA B 439 -16.16 -34.74 12.96
C ALA B 439 -15.89 -36.22 12.77
N PHE B 440 -15.44 -36.90 13.83
CA PHE B 440 -15.15 -38.33 13.73
C PHE B 440 -16.41 -39.14 13.52
N ARG B 441 -17.53 -38.73 14.13
CA ARG B 441 -18.77 -39.46 13.94
C ARG B 441 -19.28 -39.30 12.51
N LYS B 442 -19.18 -38.10 11.95
CA LYS B 442 -19.56 -37.93 10.55
C LYS B 442 -18.65 -38.73 9.62
N GLN B 443 -17.35 -38.73 9.90
CA GLN B 443 -16.42 -39.51 9.08
C GLN B 443 -16.75 -41.00 9.14
N GLN B 444 -17.07 -41.51 10.33
CA GLN B 444 -17.40 -42.92 10.44
C GLN B 444 -18.77 -43.25 9.88
N ASN B 445 -19.69 -42.28 9.86
CA ASN B 445 -20.97 -42.51 9.21
C ASN B 445 -20.81 -42.56 7.69
N GLU B 446 -19.90 -41.77 7.15
CA GLU B 446 -19.56 -41.89 5.73
C GLU B 446 -18.89 -43.22 5.45
N GLU B 447 -17.83 -43.54 6.20
CA GLU B 447 -17.08 -44.76 5.95
C GLU B 447 -17.92 -46.01 6.15
N ALA B 448 -18.87 -45.98 7.09
CA ALA B 448 -19.77 -47.11 7.27
C ALA B 448 -20.88 -47.14 6.24
N ALA B 449 -20.93 -46.17 5.33
CA ALA B 449 -21.87 -46.16 4.22
C ALA B 449 -21.24 -46.71 2.95
N LYS B 450 -20.11 -46.13 2.53
CA LYS B 450 -19.41 -46.63 1.35
C LYS B 450 -18.85 -48.03 1.53
N ARG B 451 -18.94 -48.60 2.73
CA ARG B 451 -18.57 -50.00 2.97
C ARG B 451 -19.79 -50.88 3.24
N LYS B 452 -21.00 -50.32 3.10
CA LYS B 452 -22.25 -51.08 3.17
C LYS B 452 -22.37 -51.87 4.47
N LEU B 453 -22.37 -51.12 5.58
CA LEU B 453 -22.62 -51.71 6.88
C LEU B 453 -24.06 -51.55 7.35
N ASP B 454 -24.80 -50.61 6.76
CA ASP B 454 -26.19 -50.32 7.15
C ASP B 454 -26.28 -50.05 8.65
N VAL B 455 -25.44 -49.12 9.12
CA VAL B 455 -25.43 -48.70 10.50
C VAL B 455 -25.35 -47.17 10.53
N LYS B 456 -26.04 -46.56 11.49
CA LYS B 456 -26.04 -45.12 11.67
C LYS B 456 -25.54 -44.83 13.08
N ILE B 457 -24.42 -44.12 13.17
CA ILE B 457 -23.76 -43.86 14.45
C ILE B 457 -24.27 -42.53 14.97
N THR B 458 -25.15 -42.58 15.97
CA THR B 458 -25.71 -41.42 16.61
C THR B 458 -24.74 -40.86 17.64
N PRO B 459 -24.89 -39.59 18.03
CA PRO B 459 -24.03 -39.04 19.09
C PRO B 459 -24.29 -39.65 20.46
N VAL B 460 -25.26 -40.55 20.60
CA VAL B 460 -25.59 -41.10 21.90
C VAL B 460 -24.71 -42.29 22.28
N VAL B 461 -24.20 -43.03 21.31
CA VAL B 461 -23.37 -44.18 21.64
C VAL B 461 -22.03 -43.74 22.20
N PHE B 462 -21.49 -42.61 21.72
CA PHE B 462 -20.29 -42.07 22.32
C PHE B 462 -20.54 -41.67 23.77
N ILE B 463 -21.72 -41.14 24.06
CA ILE B 463 -22.04 -40.79 25.43
C ILE B 463 -22.22 -42.03 26.29
N MET B 464 -22.78 -43.10 25.71
CA MET B 464 -22.87 -44.35 26.45
C MET B 464 -21.49 -44.90 26.79
N LYS B 465 -20.57 -44.82 25.83
CA LYS B 465 -19.20 -45.28 26.10
C LYS B 465 -18.53 -44.40 27.15
N ALA B 466 -18.71 -43.08 27.06
CA ALA B 466 -18.12 -42.18 28.04
C ALA B 466 -18.67 -42.44 29.44
N VAL B 467 -19.98 -42.69 29.55
CA VAL B 467 -20.57 -42.95 30.85
C VAL B 467 -20.12 -44.30 31.38
N ALA B 468 -19.95 -45.30 30.50
CA ALA B 468 -19.43 -46.58 30.94
C ALA B 468 -18.00 -46.45 31.47
N ALA B 469 -17.18 -45.66 30.78
CA ALA B 469 -15.83 -45.38 31.27
C ALA B 469 -15.89 -44.70 32.64
N ALA B 470 -16.76 -43.69 32.79
CA ALA B 470 -16.86 -42.97 34.05
C ALA B 470 -17.36 -43.88 35.17
N LEU B 471 -18.22 -44.84 34.86
CA LEU B 471 -18.65 -45.80 35.88
C LEU B 471 -17.54 -46.78 36.21
N GLU B 472 -16.67 -47.08 35.25
CA GLU B 472 -15.49 -47.88 35.56
C GLU B 472 -14.56 -47.13 36.50
N GLN B 473 -14.33 -45.84 36.25
CA GLN B 473 -13.40 -45.08 37.07
C GLN B 473 -13.99 -44.75 38.44
N MET B 474 -15.25 -44.34 38.48
CA MET B 474 -15.91 -44.00 39.74
C MET B 474 -17.00 -45.00 40.04
N PRO B 475 -16.68 -46.16 40.62
CA PRO B 475 -17.70 -47.20 40.83
C PRO B 475 -18.78 -46.84 41.83
N ARG B 476 -18.61 -45.76 42.58
CA ARG B 476 -19.65 -45.33 43.50
C ARG B 476 -20.91 -44.90 42.76
N PHE B 477 -20.78 -44.45 41.51
CA PHE B 477 -21.94 -44.06 40.72
C PHE B 477 -22.71 -45.26 40.17
N ASN B 478 -22.09 -46.43 40.14
CA ASN B 478 -22.76 -47.65 39.72
C ASN B 478 -23.24 -48.40 40.95
N SER B 479 -24.18 -47.77 41.65
CA SER B 479 -24.64 -48.26 42.95
C SER B 479 -26.16 -48.22 42.97
N SER B 480 -26.71 -48.52 44.15
CA SER B 480 -28.15 -48.47 44.39
C SER B 480 -28.39 -48.60 45.88
N LEU B 481 -29.31 -47.79 46.39
CA LEU B 481 -29.65 -47.81 47.80
C LEU B 481 -30.82 -48.75 48.06
N SER B 482 -31.02 -49.04 49.35
CA SER B 482 -32.12 -49.89 49.77
C SER B 482 -33.34 -49.05 50.13
N GLU B 483 -34.41 -49.74 50.54
CA GLU B 483 -35.63 -49.10 50.97
C GLU B 483 -35.36 -48.07 52.07
N ASP B 484 -34.63 -48.49 53.11
CA ASP B 484 -34.30 -47.61 54.23
C ASP B 484 -33.14 -46.65 53.92
N GLY B 485 -32.39 -46.88 52.85
CA GLY B 485 -31.27 -46.02 52.54
C GLY B 485 -30.08 -46.18 53.47
N GLN B 486 -29.78 -47.42 53.87
CA GLN B 486 -28.69 -47.69 54.78
C GLN B 486 -27.65 -48.65 54.23
N ARG B 487 -27.97 -49.42 53.19
CA ARG B 487 -27.05 -50.38 52.61
C ARG B 487 -26.93 -50.10 51.12
N LEU B 488 -25.71 -49.82 50.66
CA LEU B 488 -25.47 -49.63 49.24
C LEU B 488 -25.29 -50.98 48.55
N THR B 489 -25.42 -50.96 47.22
CA THR B 489 -25.26 -52.16 46.40
C THR B 489 -24.32 -51.80 45.26
N LEU B 490 -23.02 -51.91 45.50
CA LEU B 490 -22.02 -51.60 44.48
C LEU B 490 -22.08 -52.64 43.37
N LYS B 491 -22.64 -52.26 42.23
CA LYS B 491 -22.70 -53.17 41.09
C LYS B 491 -21.37 -53.18 40.37
N LYS B 492 -21.02 -54.34 39.81
CA LYS B 492 -19.79 -54.49 39.05
C LYS B 492 -20.03 -54.51 37.55
N TYR B 493 -21.24 -54.83 37.10
CA TYR B 493 -21.60 -54.73 35.70
C TYR B 493 -21.98 -53.29 35.37
N ILE B 494 -22.00 -52.98 34.08
CA ILE B 494 -22.28 -51.63 33.60
C ILE B 494 -23.33 -51.77 32.50
N ASN B 495 -24.60 -51.63 32.86
CA ASN B 495 -25.68 -51.49 31.90
C ASN B 495 -26.19 -50.06 31.94
N ILE B 496 -26.61 -49.55 30.80
CA ILE B 496 -27.01 -48.15 30.68
C ILE B 496 -28.33 -48.10 29.95
N GLY B 497 -29.35 -47.52 30.59
CA GLY B 497 -30.59 -47.23 29.89
C GLY B 497 -30.46 -45.94 29.10
N VAL B 498 -31.12 -45.91 27.96
CA VAL B 498 -31.08 -44.76 27.07
C VAL B 498 -32.52 -44.38 26.75
N ALA B 499 -32.95 -43.23 27.24
CA ALA B 499 -34.35 -42.82 27.10
C ALA B 499 -34.68 -42.62 25.62
N VAL B 500 -35.50 -43.51 25.07
CA VAL B 500 -36.00 -43.40 23.71
C VAL B 500 -37.40 -42.80 23.78
N ASP B 501 -37.74 -42.02 22.75
CA ASP B 501 -38.99 -41.27 22.71
C ASP B 501 -39.97 -42.01 21.79
N THR B 502 -40.85 -42.78 22.39
CA THR B 502 -41.95 -43.42 21.68
C THR B 502 -43.17 -42.52 21.70
N PRO B 503 -44.15 -42.75 20.80
CA PRO B 503 -45.38 -41.94 20.83
C PRO B 503 -46.09 -41.97 22.17
N ASN B 504 -45.74 -42.93 23.02
CA ASN B 504 -46.31 -43.04 24.37
C ASN B 504 -45.34 -42.55 25.44
N GLY B 505 -44.57 -41.51 25.13
CA GLY B 505 -43.64 -40.95 26.09
C GLY B 505 -42.25 -41.54 25.98
N LEU B 506 -41.46 -41.32 27.02
CA LEU B 506 -40.10 -41.79 27.08
C LEU B 506 -40.05 -43.15 27.76
N VAL B 507 -39.52 -44.15 27.06
CA VAL B 507 -39.26 -45.47 27.63
C VAL B 507 -37.75 -45.64 27.70
N VAL B 508 -37.27 -46.34 28.72
CA VAL B 508 -35.83 -46.49 28.91
C VAL B 508 -35.44 -47.94 28.65
N PRO B 509 -34.94 -48.25 27.46
CA PRO B 509 -34.34 -49.57 27.25
C PRO B 509 -32.90 -49.60 27.71
N VAL B 510 -32.51 -50.76 28.22
CA VAL B 510 -31.22 -50.94 28.89
C VAL B 510 -30.29 -51.72 27.96
N PHE B 511 -29.07 -51.22 27.78
CA PHE B 511 -28.05 -51.88 27.02
C PHE B 511 -27.01 -52.45 27.98
N LYS B 512 -26.68 -53.73 27.81
CA LYS B 512 -25.89 -54.45 28.78
C LYS B 512 -24.41 -54.43 28.41
N ASP B 513 -23.57 -54.40 29.45
CA ASP B 513 -22.12 -54.50 29.29
C ASP B 513 -21.59 -53.47 28.30
N VAL B 514 -22.02 -52.22 28.47
CA VAL B 514 -21.59 -51.15 27.58
C VAL B 514 -20.09 -50.94 27.67
N ASN B 515 -19.48 -51.28 28.81
CA ASN B 515 -18.05 -51.06 28.99
C ASN B 515 -17.21 -51.89 28.04
N LYS B 516 -17.73 -53.02 27.55
CA LYS B 516 -16.99 -53.92 26.69
C LYS B 516 -17.28 -53.72 25.21
N LYS B 517 -18.55 -53.58 24.85
CA LYS B 517 -18.95 -53.51 23.45
C LYS B 517 -18.35 -52.27 22.78
N GLY B 518 -18.15 -52.37 21.47
CA GLY B 518 -17.65 -51.27 20.70
C GLY B 518 -18.75 -50.36 20.23
N ILE B 519 -18.34 -49.23 19.63
CA ILE B 519 -19.33 -48.22 19.25
C ILE B 519 -20.20 -48.69 18.09
N ILE B 520 -19.67 -49.53 17.19
CA ILE B 520 -20.50 -50.01 16.09
C ILE B 520 -21.49 -51.08 16.55
N GLU B 521 -21.07 -52.00 17.41
CA GLU B 521 -22.01 -52.95 18.00
C GLU B 521 -23.08 -52.24 18.81
N LEU B 522 -22.68 -51.29 19.65
CA LEU B 522 -23.63 -50.50 20.41
C LEU B 522 -24.55 -49.70 19.49
N SER B 523 -24.03 -49.21 18.37
CA SER B 523 -24.86 -48.43 17.46
C SER B 523 -25.90 -49.32 16.78
N ARG B 524 -25.51 -50.55 16.45
CA ARG B 524 -26.49 -51.49 15.90
C ARG B 524 -27.55 -51.83 16.94
N GLU B 525 -27.13 -52.11 18.17
CA GLU B 525 -28.08 -52.37 19.24
C GLU B 525 -29.05 -51.20 19.42
N LEU B 526 -28.52 -49.99 19.41
CA LEU B 526 -29.37 -48.81 19.62
C LEU B 526 -30.31 -48.59 18.45
N MET B 527 -29.83 -48.74 17.22
CA MET B 527 -30.69 -48.59 16.06
C MET B 527 -31.79 -49.64 16.04
N THR B 528 -31.51 -50.84 16.54
CA THR B 528 -32.55 -51.86 16.61
C THR B 528 -33.57 -51.53 17.70
N ILE B 529 -33.09 -51.25 18.91
CA ILE B 529 -33.99 -51.12 20.05
C ILE B 529 -34.77 -49.80 20.02
N SER B 530 -34.23 -48.76 19.41
CA SER B 530 -34.99 -47.53 19.24
C SER B 530 -36.25 -47.77 18.42
N LYS B 531 -36.11 -48.49 17.31
CA LYS B 531 -37.27 -48.84 16.49
C LYS B 531 -38.17 -49.83 17.23
N LYS B 532 -37.56 -50.80 17.92
CA LYS B 532 -38.33 -51.76 18.72
C LYS B 532 -39.22 -51.06 19.74
N ALA B 533 -38.75 -49.92 20.27
CA ALA B 533 -39.52 -49.18 21.26
C ALA B 533 -40.55 -48.29 20.59
N ARG B 534 -40.14 -47.53 19.56
CA ARG B 534 -41.07 -46.65 18.88
C ARG B 534 -42.20 -47.41 18.20
N ASP B 535 -42.02 -48.70 17.95
CA ASP B 535 -43.12 -49.52 17.46
C ASP B 535 -43.94 -50.15 18.57
N GLY B 536 -43.32 -50.38 19.75
CA GLY B 536 -44.01 -50.97 20.87
C GLY B 536 -43.63 -52.41 21.14
N LYS B 537 -42.82 -53.03 20.29
CA LYS B 537 -42.43 -54.41 20.44
C LYS B 537 -41.26 -54.61 21.41
N LEU B 538 -40.98 -53.61 22.25
CA LEU B 538 -39.84 -53.67 23.16
C LEU B 538 -39.98 -54.79 24.17
N THR B 539 -39.08 -55.76 24.11
CA THR B 539 -39.19 -56.98 24.90
C THR B 539 -38.65 -56.74 26.31
N ALA B 540 -39.26 -57.43 27.29
CA ALA B 540 -38.78 -57.34 28.65
C ALA B 540 -37.36 -57.87 28.76
N GLY B 541 -36.63 -57.39 29.77
CA GLY B 541 -35.21 -57.66 29.83
C GLY B 541 -34.42 -56.66 29.04
N GLU B 542 -35.06 -56.09 28.01
CA GLU B 542 -34.52 -54.93 27.32
C GLU B 542 -34.96 -53.62 27.96
N MET B 543 -35.57 -53.69 29.15
CA MET B 543 -35.82 -52.49 29.94
C MET B 543 -35.55 -52.73 31.42
N GLN B 544 -34.79 -53.78 31.74
CA GLN B 544 -34.52 -54.11 33.16
C GLN B 544 -33.02 -54.22 33.42
N GLY B 545 -32.60 -53.95 34.67
CA GLY B 545 -31.22 -54.04 35.08
C GLY B 545 -30.35 -52.93 34.55
N GLY B 546 -30.77 -51.68 34.75
CA GLY B 546 -29.99 -50.52 34.33
C GLY B 546 -29.23 -49.94 35.51
N CYS B 547 -27.96 -49.61 35.27
CA CYS B 547 -27.10 -49.02 36.28
C CYS B 547 -27.02 -47.51 36.18
N PHE B 548 -27.52 -46.93 35.10
CA PHE B 548 -27.39 -45.52 34.80
C PHE B 548 -28.40 -45.20 33.72
N THR B 549 -28.69 -43.92 33.54
CA THR B 549 -29.66 -43.50 32.54
C THR B 549 -29.10 -42.32 31.76
N ILE B 550 -29.35 -42.31 30.47
CA ILE B 550 -28.98 -41.19 29.60
C ILE B 550 -30.25 -40.73 28.91
N SER B 551 -30.71 -39.53 29.26
CA SER B 551 -31.90 -38.94 28.68
C SER B 551 -31.44 -37.86 27.72
N SER B 552 -31.47 -38.17 26.42
CA SER B 552 -31.00 -37.25 25.39
C SER B 552 -32.19 -36.58 24.75
N ILE B 553 -32.35 -35.29 25.02
CA ILE B 553 -33.39 -34.48 24.40
C ILE B 553 -32.78 -33.37 23.54
N GLY B 554 -31.53 -33.54 23.13
CA GLY B 554 -30.87 -32.54 22.31
C GLY B 554 -31.48 -32.36 20.94
N GLY B 555 -32.22 -33.35 20.46
CA GLY B 555 -32.92 -33.19 19.20
C GLY B 555 -34.05 -32.20 19.24
N LEU B 556 -34.43 -31.72 20.42
CA LEU B 556 -35.58 -30.85 20.58
C LEU B 556 -35.24 -29.47 21.15
N GLY B 557 -34.16 -29.34 21.92
CA GLY B 557 -33.79 -28.04 22.45
C GLY B 557 -33.26 -28.11 23.86
N THR B 558 -33.75 -27.19 24.72
CA THR B 558 -33.38 -27.17 26.16
C THR B 558 -31.86 -27.18 26.33
N THR B 559 -31.22 -26.03 26.13
CA THR B 559 -29.78 -25.85 26.30
C THR B 559 -29.26 -26.44 27.61
N HIS B 560 -30.12 -26.58 28.62
CA HIS B 560 -29.83 -27.40 29.79
C HIS B 560 -31.14 -27.88 30.37
N PHE B 561 -31.08 -28.94 31.16
CA PHE B 561 -32.24 -29.37 31.92
C PHE B 561 -31.80 -30.28 33.06
N ALA B 562 -32.60 -30.30 34.12
CA ALA B 562 -32.30 -31.02 35.35
C ALA B 562 -33.20 -32.24 35.45
N PRO B 563 -32.76 -33.40 35.00
CA PRO B 563 -33.63 -34.58 35.01
C PRO B 563 -33.88 -35.11 36.42
N ILE B 564 -34.72 -36.12 36.53
CA ILE B 564 -35.03 -36.77 37.80
C ILE B 564 -34.32 -38.11 37.82
N VAL B 565 -33.64 -38.41 38.94
CA VAL B 565 -32.94 -39.68 39.08
C VAL B 565 -33.91 -40.82 38.88
N ASN B 566 -33.48 -41.81 38.09
CA ASN B 566 -34.33 -42.95 37.73
C ASN B 566 -34.06 -44.06 38.74
N ALA B 567 -34.82 -44.05 39.84
CA ALA B 567 -34.67 -45.06 40.90
C ALA B 567 -34.81 -46.45 40.27
N PRO B 568 -34.11 -47.50 40.77
CA PRO B 568 -33.26 -47.42 41.96
C PRO B 568 -31.83 -47.02 41.68
N GLU B 569 -31.57 -46.38 40.53
CA GLU B 569 -30.24 -45.89 40.25
C GLU B 569 -29.94 -44.66 41.12
N VAL B 570 -28.73 -44.14 40.99
CA VAL B 570 -28.29 -43.01 41.80
C VAL B 570 -27.93 -41.79 40.96
N ALA B 571 -27.98 -41.89 39.64
CA ALA B 571 -27.62 -40.77 38.79
C ALA B 571 -28.32 -40.90 37.44
N ILE B 572 -28.34 -39.79 36.72
CA ILE B 572 -28.89 -39.74 35.37
C ILE B 572 -28.24 -38.58 34.64
N LEU B 573 -27.85 -38.83 33.39
CA LEU B 573 -27.18 -37.83 32.57
C LEU B 573 -28.16 -37.36 31.50
N GLY B 574 -28.57 -36.10 31.60
CA GLY B 574 -29.37 -35.49 30.55
C GLY B 574 -28.47 -34.79 29.55
N VAL B 575 -28.82 -34.92 28.28
CA VAL B 575 -28.03 -34.37 27.19
C VAL B 575 -28.90 -33.37 26.43
N SER B 576 -28.30 -32.25 26.05
CA SER B 576 -29.02 -31.14 25.43
C SER B 576 -28.51 -30.94 24.01
N LYS B 577 -28.98 -29.87 23.37
CA LYS B 577 -28.66 -29.62 21.98
C LYS B 577 -27.24 -29.05 21.85
N SER B 578 -26.46 -29.63 20.95
CA SER B 578 -25.12 -29.12 20.68
C SER B 578 -25.21 -27.77 20.00
N ALA B 579 -24.39 -26.83 20.45
CA ALA B 579 -24.37 -25.50 19.86
C ALA B 579 -22.94 -25.05 19.64
N MET B 580 -22.73 -24.28 18.58
CA MET B 580 -21.40 -23.75 18.28
C MET B 580 -21.16 -22.51 19.11
N GLU B 581 -20.25 -22.60 20.06
CA GLU B 581 -19.93 -21.53 20.98
C GLU B 581 -18.45 -21.16 20.89
N PRO B 582 -18.10 -19.92 21.22
CA PRO B 582 -16.68 -19.56 21.27
C PRO B 582 -16.02 -20.12 22.52
N VAL B 583 -14.80 -20.64 22.35
CA VAL B 583 -14.05 -21.23 23.44
C VAL B 583 -12.67 -20.58 23.47
N TRP B 584 -12.20 -20.24 24.67
CA TRP B 584 -10.92 -19.59 24.85
C TRP B 584 -9.81 -20.61 24.69
N ASN B 585 -9.04 -20.49 23.60
CA ASN B 585 -7.91 -21.38 23.38
C ASN B 585 -6.64 -20.91 24.07
N GLY B 586 -6.70 -19.83 24.84
CA GLY B 586 -5.55 -19.22 25.48
C GLY B 586 -5.19 -17.87 24.91
N LYS B 587 -5.50 -17.62 23.65
CA LYS B 587 -5.22 -16.33 23.03
C LYS B 587 -6.36 -15.78 22.20
N GLU B 588 -7.38 -16.58 21.84
CA GLU B 588 -8.49 -16.10 21.05
C GLU B 588 -9.67 -17.04 21.26
N PHE B 589 -10.78 -16.72 20.61
CA PHE B 589 -12.02 -17.48 20.75
C PHE B 589 -12.20 -18.33 19.49
N VAL B 590 -11.91 -19.62 19.61
CA VAL B 590 -12.11 -20.55 18.51
C VAL B 590 -13.55 -21.06 18.57
N PRO B 591 -14.25 -21.16 17.45
CA PRO B 591 -15.61 -21.68 17.50
C PRO B 591 -15.66 -23.19 17.62
N ARG B 592 -15.98 -23.68 18.81
CA ARG B 592 -16.10 -25.11 19.04
C ARG B 592 -17.57 -25.49 19.12
N LEU B 593 -17.83 -26.79 19.19
CA LEU B 593 -19.20 -27.31 19.24
C LEU B 593 -19.41 -27.92 20.62
N MET B 594 -20.03 -27.16 21.51
CA MET B 594 -20.23 -27.61 22.88
C MET B 594 -21.57 -28.29 23.02
N LEU B 595 -21.55 -29.45 23.70
CA LEU B 595 -22.72 -30.24 24.00
C LEU B 595 -23.03 -30.09 25.48
N PRO B 596 -24.18 -29.54 25.87
CA PRO B 596 -24.48 -29.34 27.29
C PRO B 596 -25.03 -30.62 27.91
N ILE B 597 -24.30 -31.17 28.87
CA ILE B 597 -24.75 -32.31 29.64
C ILE B 597 -25.13 -31.84 31.04
N SER B 598 -25.83 -32.69 31.77
CA SER B 598 -26.26 -32.36 33.12
C SER B 598 -26.45 -33.63 33.91
N LEU B 599 -25.64 -33.81 34.95
CA LEU B 599 -25.70 -35.00 35.79
C LEU B 599 -26.57 -34.70 37.01
N SER B 600 -27.74 -35.32 37.08
CA SER B 600 -28.61 -35.21 38.24
C SER B 600 -28.47 -36.49 39.04
N PHE B 601 -28.04 -36.37 40.30
CA PHE B 601 -27.71 -37.55 41.07
C PHE B 601 -28.32 -37.47 42.46
N ASP B 602 -28.44 -38.65 43.07
CA ASP B 602 -28.91 -38.80 44.44
C ASP B 602 -27.82 -38.33 45.38
N HIS B 603 -28.16 -37.36 46.25
CA HIS B 603 -27.19 -36.76 47.21
C HIS B 603 -26.90 -37.70 48.38
N ARG B 604 -27.75 -38.72 48.61
CA ARG B 604 -27.51 -39.62 49.73
C ARG B 604 -26.30 -40.50 49.47
N VAL B 605 -26.14 -40.96 48.24
CA VAL B 605 -25.01 -41.80 47.86
C VAL B 605 -23.81 -40.95 47.48
N ILE B 606 -24.01 -39.99 46.59
CA ILE B 606 -22.95 -39.19 46.01
C ILE B 606 -23.02 -37.79 46.60
N ASP B 607 -21.86 -37.15 46.77
CA ASP B 607 -21.81 -35.77 47.20
C ASP B 607 -21.43 -34.89 46.02
N GLY B 608 -21.42 -33.57 46.25
CA GLY B 608 -21.17 -32.64 45.17
C GLY B 608 -19.82 -32.84 44.51
N ALA B 609 -18.80 -33.17 45.29
CA ALA B 609 -17.46 -33.34 44.73
C ALA B 609 -17.39 -34.58 43.85
N ASP B 610 -18.01 -35.68 44.28
CA ASP B 610 -17.99 -36.89 43.46
C ASP B 610 -18.78 -36.68 42.17
N GLY B 611 -19.92 -36.00 42.25
CA GLY B 611 -20.63 -35.64 41.03
C GLY B 611 -19.80 -34.77 40.11
N ALA B 612 -19.03 -33.85 40.69
CA ALA B 612 -18.17 -33.00 39.88
C ALA B 612 -17.11 -33.82 39.16
N ARG B 613 -16.46 -34.72 39.89
CA ARG B 613 -15.43 -35.57 39.28
C ARG B 613 -16.03 -36.46 38.21
N PHE B 614 -17.24 -36.97 38.45
CA PHE B 614 -17.88 -37.86 37.48
C PHE B 614 -18.22 -37.10 36.20
N ILE B 615 -18.86 -35.94 36.33
CA ILE B 615 -19.24 -35.21 35.13
C ILE B 615 -18.01 -34.66 34.43
N THR B 616 -16.92 -34.40 35.14
CA THR B 616 -15.72 -33.95 34.45
C THR B 616 -14.99 -35.10 33.79
N ILE B 617 -15.14 -36.33 34.31
CA ILE B 617 -14.64 -37.50 33.60
C ILE B 617 -15.40 -37.68 32.29
N ILE B 618 -16.73 -37.55 32.35
CA ILE B 618 -17.53 -37.63 31.13
C ILE B 618 -17.13 -36.52 30.16
N ASN B 619 -16.94 -35.31 30.68
CA ASN B 619 -16.57 -34.18 29.83
C ASN B 619 -15.22 -34.41 29.16
N ASN B 620 -14.25 -34.94 29.90
CA ASN B 620 -12.94 -35.21 29.33
C ASN B 620 -13.01 -36.32 28.29
N THR B 621 -13.76 -37.38 28.59
CA THR B 621 -13.86 -38.50 27.66
C THR B 621 -14.51 -38.06 26.36
N LEU B 622 -15.65 -37.38 26.43
CA LEU B 622 -16.31 -36.91 25.22
C LEU B 622 -15.55 -35.79 24.54
N SER B 623 -14.73 -35.05 25.28
CA SER B 623 -13.95 -33.98 24.67
C SER B 623 -12.86 -34.54 23.76
N ASP B 624 -12.25 -35.65 24.16
CA ASP B 624 -11.24 -36.34 23.37
C ASP B 624 -11.52 -37.84 23.51
N ILE B 625 -12.27 -38.38 22.55
CA ILE B 625 -12.77 -39.76 22.66
C ILE B 625 -11.65 -40.78 22.68
N ARG B 626 -10.44 -40.40 22.28
CA ARG B 626 -9.31 -41.33 22.34
C ARG B 626 -9.05 -41.84 23.75
N ARG B 627 -9.53 -41.13 24.77
CA ARG B 627 -9.38 -41.61 26.14
C ARG B 627 -10.18 -42.86 26.43
N LEU B 628 -10.95 -43.38 25.48
CA LEU B 628 -11.64 -44.64 25.68
C LEU B 628 -10.72 -45.85 25.48
N VAL B 629 -9.57 -45.67 24.83
CA VAL B 629 -8.65 -46.77 24.65
C VAL B 629 -7.64 -46.90 25.78
N MET B 630 -7.42 -45.84 26.55
CA MET B 630 -6.48 -45.86 27.66
C MET B 630 -7.01 -46.70 28.81
N GLU C 208 -78.79 -7.17 46.17
CA GLU C 208 -78.00 -8.25 46.75
C GLU C 208 -76.56 -8.09 46.32
N VAL C 209 -75.66 -7.91 47.29
CA VAL C 209 -74.22 -7.80 47.03
C VAL C 209 -73.54 -8.84 47.93
N ASN C 210 -73.33 -10.03 47.38
CA ASN C 210 -72.53 -11.05 48.05
C ASN C 210 -71.06 -10.70 47.84
N VAL C 211 -70.17 -11.65 48.13
CA VAL C 211 -68.80 -11.51 47.63
C VAL C 211 -68.83 -11.99 46.17
N PRO C 212 -68.22 -11.27 45.25
CA PRO C 212 -68.37 -11.61 43.82
C PRO C 212 -67.56 -12.84 43.42
N ASP C 213 -66.32 -12.94 43.88
CA ASP C 213 -65.53 -14.12 43.41
C ASP C 213 -64.32 -14.45 44.29
N ILE C 214 -64.49 -15.42 45.18
CA ILE C 214 -63.41 -16.01 45.97
C ILE C 214 -63.46 -17.51 45.75
N GLY C 215 -62.29 -18.12 45.51
CA GLY C 215 -62.22 -19.52 45.14
C GLY C 215 -62.74 -20.49 46.19
N GLY C 216 -63.11 -19.99 47.38
CA GLY C 216 -63.65 -20.85 48.42
C GLY C 216 -62.82 -20.86 49.68
N ASP C 217 -62.08 -19.79 49.92
CA ASP C 217 -61.29 -19.64 51.12
C ASP C 217 -61.95 -18.65 52.05
N GLU C 218 -61.85 -18.90 53.35
CA GLU C 218 -62.40 -18.00 54.36
C GLU C 218 -61.49 -16.79 54.51
N VAL C 219 -61.98 -15.63 54.09
CA VAL C 219 -61.18 -14.41 54.05
C VAL C 219 -61.65 -13.46 55.14
N GLU C 220 -60.70 -12.81 55.81
CA GLU C 220 -60.97 -11.90 56.91
C GLU C 220 -60.96 -10.46 56.41
N VAL C 221 -62.04 -9.73 56.69
CA VAL C 221 -62.15 -8.35 56.25
C VAL C 221 -61.11 -7.49 56.95
N THR C 222 -60.66 -6.43 56.27
CA THR C 222 -59.80 -5.41 56.86
C THR C 222 -60.54 -4.11 57.10
N GLU C 223 -61.23 -3.58 56.08
CA GLU C 223 -62.02 -2.35 56.24
C GLU C 223 -62.97 -2.24 55.06
N VAL C 224 -63.83 -1.22 55.10
CA VAL C 224 -64.81 -0.95 54.05
C VAL C 224 -64.49 0.39 53.41
N MET C 225 -65.12 0.63 52.26
CA MET C 225 -64.82 1.78 51.42
C MET C 225 -65.96 2.78 51.33
N VAL C 226 -67.09 2.54 52.00
CA VAL C 226 -68.31 3.28 51.72
C VAL C 226 -68.80 4.05 52.93
N LYS C 227 -69.90 4.78 52.76
CA LYS C 227 -70.54 5.57 53.81
C LYS C 227 -72.03 5.24 53.82
N VAL C 228 -72.66 5.45 54.98
CA VAL C 228 -74.11 5.31 55.07
C VAL C 228 -74.75 6.46 54.31
N GLY C 229 -75.37 6.14 53.18
CA GLY C 229 -75.92 7.14 52.28
C GLY C 229 -75.17 7.28 50.97
N ASP C 230 -73.88 6.94 50.95
CA ASP C 230 -73.10 6.99 49.73
C ASP C 230 -73.67 6.02 48.69
N LYS C 231 -73.45 6.36 47.41
CA LYS C 231 -73.80 5.47 46.31
C LYS C 231 -72.54 5.18 45.50
N VAL C 232 -72.39 3.92 45.10
CA VAL C 232 -71.14 3.40 44.57
C VAL C 232 -71.26 3.26 43.06
N ALA C 233 -70.14 3.35 42.37
CA ALA C 233 -70.10 3.35 40.91
C ALA C 233 -70.26 1.92 40.38
N ALA C 234 -69.97 1.75 39.08
CA ALA C 234 -70.22 0.47 38.41
C ALA C 234 -69.38 -0.64 39.03
N GLU C 235 -68.06 -0.49 38.98
CA GLU C 235 -67.14 -1.52 39.54
C GLU C 235 -65.97 -0.83 40.27
N GLN C 236 -66.16 -0.48 41.54
CA GLN C 236 -65.10 0.17 42.31
C GLN C 236 -65.06 -0.45 43.71
N SER C 237 -64.11 0.02 44.51
CA SER C 237 -63.87 -0.60 45.81
C SER C 237 -65.04 -0.38 46.77
N LEU C 238 -65.40 -1.44 47.48
CA LEU C 238 -66.34 -1.41 48.59
C LEU C 238 -65.76 -1.92 49.89
N ILE C 239 -64.95 -2.97 49.81
CA ILE C 239 -64.46 -3.67 50.99
C ILE C 239 -63.13 -4.32 50.65
N THR C 240 -62.14 -4.17 51.53
CA THR C 240 -60.87 -4.87 51.37
C THR C 240 -60.84 -6.08 52.30
N VAL C 241 -60.42 -7.22 51.76
CA VAL C 241 -60.37 -8.46 52.52
C VAL C 241 -58.98 -9.06 52.36
N GLU C 242 -58.38 -9.48 53.47
CA GLU C 242 -56.98 -9.90 53.49
C GLU C 242 -56.93 -11.42 53.40
N GLY C 243 -56.83 -11.93 52.18
CA GLY C 243 -56.75 -13.34 51.91
C GLY C 243 -55.33 -13.81 51.72
N ASP C 244 -55.14 -14.77 50.83
CA ASP C 244 -53.80 -15.25 50.51
C ASP C 244 -53.17 -14.31 49.49
CB LA2 C 245 -51.74 -13.86 46.83
C LA2 C 245 -51.18 -12.25 48.68
O LA2 C 245 -50.14 -11.76 49.18
N LA2 C 245 -51.89 -14.55 49.20
CA LA2 C 245 -51.14 -13.72 48.23
O1 LA2 C 245 -47.31 -18.26 45.38
C1 LA2 C 245 -47.68 -17.31 44.70
NZ LA2 C 245 -48.63 -16.46 45.11
CE LA2 C 245 -49.50 -15.71 44.23
CD LA2 C 245 -50.20 -14.56 44.93
CG LA2 C 245 -51.17 -15.01 46.00
C2 LA2 C 245 -47.07 -17.03 43.34
C3 LA2 C 245 -45.65 -17.50 43.23
C4 LA2 C 245 -45.36 -18.23 41.93
C5 LA2 C 245 -43.91 -18.56 41.63
C6 LA2 C 245 -43.19 -19.34 42.72
S6 LA2 C 245 -44.05 -20.89 43.14
C7 LA2 C 245 -41.71 -19.56 42.43
C8 LA2 C 245 -40.96 -18.28 42.16
S8 LA2 C 245 -39.26 -18.27 42.81
N ALA C 246 -52.33 -11.59 48.52
CA ALA C 246 -52.47 -10.18 48.92
C ALA C 246 -53.93 -9.81 49.17
N SER C 247 -54.12 -8.68 49.85
CA SER C 247 -55.46 -8.19 50.15
C SER C 247 -56.15 -7.72 48.87
N MET C 248 -57.44 -8.06 48.76
CA MET C 248 -58.22 -7.84 47.55
C MET C 248 -59.39 -6.91 47.85
N GLU C 249 -59.65 -5.99 46.93
CA GLU C 249 -60.75 -5.04 47.05
C GLU C 249 -61.92 -5.54 46.20
N VAL C 250 -63.02 -5.89 46.86
CA VAL C 250 -64.21 -6.36 46.16
C VAL C 250 -64.75 -5.23 45.28
N PRO C 251 -65.04 -5.47 44.01
CA PRO C 251 -65.56 -4.42 43.14
C PRO C 251 -67.06 -4.24 43.36
N ALA C 252 -67.62 -3.28 42.63
CA ALA C 252 -69.06 -3.15 42.76
C ALA C 252 -69.76 -3.98 41.68
N PRO C 253 -70.91 -4.58 41.99
CA PRO C 253 -71.70 -5.25 40.95
C PRO C 253 -72.57 -4.29 40.15
N PHE C 254 -72.93 -3.15 40.71
CA PHE C 254 -73.86 -2.21 40.09
C PHE C 254 -73.79 -0.92 40.89
N ALA C 255 -74.64 0.05 40.52
CA ALA C 255 -74.69 1.36 41.21
C ALA C 255 -75.95 1.49 42.08
N GLY C 256 -75.81 2.16 43.23
CA GLY C 256 -76.92 2.34 44.15
C GLY C 256 -76.44 2.83 45.50
N VAL C 257 -77.34 3.53 46.19
CA VAL C 257 -77.04 4.08 47.49
C VAL C 257 -77.11 2.98 48.54
N VAL C 258 -76.47 3.22 49.66
CA VAL C 258 -76.25 2.22 50.70
C VAL C 258 -77.53 1.99 51.50
N LYS C 259 -77.83 0.72 51.82
CA LYS C 259 -78.91 0.33 52.71
C LYS C 259 -78.45 -0.50 53.90
N GLU C 260 -77.45 -1.36 53.71
CA GLU C 260 -76.95 -2.27 54.74
C GLU C 260 -75.46 -2.10 54.93
N LEU C 261 -75.04 -1.93 56.17
CA LEU C 261 -73.69 -2.33 56.56
C LEU C 261 -73.73 -3.75 57.13
N LYS C 262 -74.18 -4.67 56.28
CA LYS C 262 -74.25 -6.06 56.70
C LYS C 262 -72.87 -6.59 57.04
N VAL C 263 -71.82 -6.09 56.39
CA VAL C 263 -70.44 -6.33 56.80
C VAL C 263 -69.93 -5.08 57.52
N ASN C 264 -68.93 -5.26 58.38
CA ASN C 264 -68.29 -4.16 59.09
C ASN C 264 -66.78 -4.30 58.97
N VAL C 265 -66.07 -3.48 59.75
CA VAL C 265 -64.61 -3.53 59.79
C VAL C 265 -64.19 -4.61 60.78
N GLY C 266 -63.52 -5.65 60.28
CA GLY C 266 -63.07 -6.75 61.09
C GLY C 266 -63.83 -8.05 60.89
N ASP C 267 -64.86 -8.00 60.05
CA ASP C 267 -65.71 -9.19 59.77
C ASP C 267 -64.91 -10.26 59.02
N LYS C 268 -65.56 -11.36 58.67
CA LYS C 268 -64.93 -12.47 57.95
C LYS C 268 -65.98 -13.20 57.13
N VAL C 269 -65.67 -13.44 55.86
CA VAL C 269 -66.58 -14.11 54.93
C VAL C 269 -65.84 -15.25 54.24
N LYS C 270 -66.47 -16.42 54.19
CA LYS C 270 -65.91 -17.55 53.45
C LYS C 270 -66.33 -17.53 51.98
N THR C 271 -67.61 -17.24 51.72
CA THR C 271 -68.09 -17.20 50.31
C THR C 271 -69.59 -16.93 50.24
N GLY C 272 -70.00 -16.05 49.31
CA GLY C 272 -71.39 -15.70 49.06
C GLY C 272 -72.21 -15.24 50.25
N SER C 273 -71.66 -14.37 51.08
CA SER C 273 -72.38 -13.81 52.21
C SER C 273 -72.84 -12.40 51.87
N LEU C 274 -74.10 -12.10 52.16
CA LEU C 274 -74.68 -10.80 51.84
C LEU C 274 -74.02 -9.74 52.71
N ILE C 275 -73.23 -8.86 52.08
CA ILE C 275 -72.56 -7.79 52.81
C ILE C 275 -73.15 -6.42 52.52
N MET C 276 -73.81 -6.23 51.37
CA MET C 276 -74.35 -4.92 51.02
C MET C 276 -75.68 -5.09 50.30
N ILE C 277 -76.61 -4.18 50.61
CA ILE C 277 -77.85 -3.99 49.87
C ILE C 277 -77.89 -2.53 49.43
N PHE C 278 -78.36 -2.28 48.21
CA PHE C 278 -78.28 -0.95 47.64
C PHE C 278 -79.67 -0.51 47.16
N GLU C 279 -79.70 0.70 46.59
CA GLU C 279 -80.91 1.27 46.01
C GLU C 279 -80.57 1.95 44.70
N VAL C 280 -81.54 1.94 43.78
CA VAL C 280 -81.37 2.58 42.48
C VAL C 280 -82.73 2.91 41.88
N PRO C 384 -41.32 -41.02 55.34
CA PRO C 384 -41.67 -41.73 56.57
C PRO C 384 -41.15 -41.03 57.82
N GLY C 385 -40.17 -41.64 58.49
CA GLY C 385 -39.58 -41.04 59.67
C GLY C 385 -38.30 -40.30 59.36
N MET C 386 -38.37 -38.98 59.27
CA MET C 386 -37.22 -38.15 58.98
C MET C 386 -36.73 -37.47 60.25
N LEU C 387 -35.48 -37.02 60.20
CA LEU C 387 -34.92 -36.28 61.32
C LEU C 387 -35.65 -34.96 61.53
N PRO C 388 -35.75 -34.50 62.76
CA PRO C 388 -36.40 -33.20 63.01
C PRO C 388 -35.49 -32.06 62.58
N TRP C 389 -36.07 -30.86 62.58
CA TRP C 389 -35.32 -29.66 62.23
C TRP C 389 -34.15 -29.50 63.20
N PRO C 390 -33.00 -28.99 62.75
CA PRO C 390 -31.84 -28.87 63.64
C PRO C 390 -32.09 -27.93 64.81
N LYS C 391 -32.14 -28.49 66.02
CA LYS C 391 -32.32 -27.69 67.23
C LYS C 391 -31.02 -26.97 67.55
N VAL C 392 -30.99 -25.65 67.34
CA VAL C 392 -29.80 -24.85 67.55
C VAL C 392 -30.14 -23.68 68.46
N ASP C 393 -29.24 -23.38 69.41
CA ASP C 393 -29.37 -22.19 70.23
C ASP C 393 -28.69 -21.06 69.48
N PHE C 394 -29.48 -20.35 68.67
CA PHE C 394 -28.93 -19.34 67.76
C PHE C 394 -28.35 -18.14 68.49
N SER C 395 -28.59 -18.00 69.80
CA SER C 395 -28.12 -16.84 70.54
C SER C 395 -26.74 -17.04 71.15
N LYS C 396 -26.25 -18.28 71.21
CA LYS C 396 -24.93 -18.51 71.78
C LYS C 396 -23.80 -18.07 70.86
N PHE C 397 -24.10 -17.77 69.59
CA PHE C 397 -23.09 -17.26 68.66
C PHE C 397 -23.19 -15.76 68.45
N GLY C 398 -24.31 -15.14 68.80
CA GLY C 398 -24.46 -13.71 68.65
C GLY C 398 -25.84 -13.28 69.10
N GLU C 399 -26.24 -12.10 68.62
CA GLU C 399 -27.56 -11.50 68.93
C GLU C 399 -28.53 -11.87 67.80
N ILE C 400 -29.76 -12.26 68.16
CA ILE C 400 -30.78 -12.65 67.21
C ILE C 400 -32.00 -11.76 67.40
N GLU C 401 -33.01 -11.97 66.56
CA GLU C 401 -34.27 -11.26 66.66
C GLU C 401 -35.35 -12.13 66.03
N GLU C 402 -36.13 -12.81 66.87
CA GLU C 402 -37.09 -13.82 66.40
C GLU C 402 -38.36 -13.11 65.93
N VAL C 403 -38.31 -12.62 64.69
CA VAL C 403 -39.51 -12.09 64.05
C VAL C 403 -40.40 -13.24 63.65
N GLU C 404 -41.70 -12.96 63.54
CA GLU C 404 -42.68 -13.97 63.18
C GLU C 404 -43.28 -13.63 61.82
N LEU C 405 -43.41 -14.66 60.98
CA LEU C 405 -43.85 -14.46 59.60
C LEU C 405 -45.31 -14.01 59.56
N GLY C 406 -45.62 -13.09 58.67
CA GLY C 406 -47.00 -12.68 58.46
C GLY C 406 -47.86 -13.84 57.97
N ARG C 407 -49.17 -13.60 57.97
CA ARG C 407 -50.09 -14.68 57.60
C ARG C 407 -49.97 -15.02 56.12
N ILE C 408 -49.72 -14.03 55.26
CA ILE C 408 -49.54 -14.33 53.86
C ILE C 408 -48.21 -15.05 53.64
N GLN C 409 -47.19 -14.70 54.43
CA GLN C 409 -45.92 -15.41 54.32
C GLN C 409 -46.06 -16.86 54.79
N LYS C 410 -46.79 -17.07 55.89
CA LYS C 410 -47.05 -18.45 56.34
C LYS C 410 -47.81 -19.24 55.28
N ILE C 411 -48.83 -18.63 54.68
CA ILE C 411 -49.65 -19.33 53.70
C ILE C 411 -48.83 -19.65 52.45
N SER C 412 -48.01 -18.70 51.98
CA SER C 412 -47.18 -18.94 50.82
C SER C 412 -46.13 -20.00 51.12
N GLY C 413 -45.59 -20.01 52.34
CA GLY C 413 -44.64 -21.06 52.70
C GLY C 413 -45.29 -22.43 52.72
N ALA C 414 -46.50 -22.52 53.25
CA ALA C 414 -47.21 -23.80 53.24
C ALA C 414 -47.51 -24.25 51.82
N ASN C 415 -47.93 -23.32 50.95
CA ASN C 415 -48.22 -23.66 49.58
C ASN C 415 -46.97 -24.15 48.85
N LEU C 416 -45.85 -23.47 49.05
CA LEU C 416 -44.61 -23.89 48.41
C LEU C 416 -44.09 -25.20 48.97
N SER C 417 -44.26 -25.43 50.27
CA SER C 417 -43.83 -26.70 50.85
C SER C 417 -44.74 -27.84 50.46
N ARG C 418 -45.96 -27.55 50.00
CA ARG C 418 -46.79 -28.60 49.42
C ARG C 418 -46.39 -28.85 47.96
N ASN C 419 -46.17 -27.78 47.19
CA ASN C 419 -45.80 -27.94 45.80
C ASN C 419 -44.45 -28.62 45.65
N TRP C 420 -43.53 -28.40 46.59
CA TRP C 420 -42.22 -29.04 46.49
C TRP C 420 -42.34 -30.55 46.67
N VAL C 421 -43.12 -30.99 47.65
CA VAL C 421 -43.23 -32.42 47.93
C VAL C 421 -44.07 -33.11 46.86
N MET C 422 -45.26 -32.58 46.60
CA MET C 422 -46.23 -33.30 45.78
C MET C 422 -45.94 -33.24 44.29
N ILE C 423 -45.05 -32.36 43.83
CA ILE C 423 -44.77 -32.18 42.42
C ILE C 423 -43.34 -32.61 42.14
N PRO C 424 -43.11 -33.59 41.27
CA PRO C 424 -41.74 -33.83 40.80
C PRO C 424 -41.33 -32.81 39.76
N HIS C 425 -40.48 -31.86 40.14
CA HIS C 425 -40.11 -30.77 39.24
C HIS C 425 -39.01 -31.21 38.28
N VAL C 426 -39.10 -30.74 37.05
CA VAL C 426 -37.98 -30.82 36.12
C VAL C 426 -37.87 -29.48 35.42
N THR C 427 -36.65 -28.94 35.34
CA THR C 427 -36.41 -27.60 34.85
C THR C 427 -35.56 -27.67 33.60
N HIS C 428 -36.11 -27.21 32.48
CA HIS C 428 -35.38 -27.13 31.22
C HIS C 428 -35.00 -25.67 30.99
N PHE C 429 -33.70 -25.42 30.85
CA PHE C 429 -33.25 -24.06 30.58
C PHE C 429 -33.10 -23.85 29.08
N ASP C 430 -33.18 -22.60 28.66
CA ASP C 430 -33.06 -22.29 27.24
C ASP C 430 -32.74 -20.83 27.08
N LYS C 431 -32.29 -20.46 25.88
CA LYS C 431 -31.95 -19.09 25.55
C LYS C 431 -32.61 -18.74 24.23
N THR C 432 -33.26 -17.58 24.17
CA THR C 432 -34.06 -17.17 23.03
C THR C 432 -33.45 -15.91 22.41
N ASP C 433 -33.21 -15.95 21.11
CA ASP C 433 -32.65 -14.81 20.38
C ASP C 433 -33.77 -13.78 20.18
N ILE C 434 -33.75 -12.72 20.97
CA ILE C 434 -34.85 -11.75 20.94
C ILE C 434 -34.34 -10.39 20.45
N THR C 435 -33.33 -10.39 19.59
CA THR C 435 -32.84 -9.12 19.05
C THR C 435 -33.92 -8.44 18.21
N GLU C 436 -34.52 -9.18 17.28
CA GLU C 436 -35.60 -8.62 16.47
C GLU C 436 -36.79 -8.23 17.33
N LEU C 437 -37.11 -9.05 18.34
CA LEU C 437 -38.23 -8.74 19.22
C LEU C 437 -37.99 -7.47 20.01
N GLU C 438 -36.75 -7.26 20.48
CA GLU C 438 -36.47 -6.05 21.24
C GLU C 438 -36.45 -4.83 20.35
N ALA C 439 -35.89 -4.94 19.14
CA ALA C 439 -35.96 -3.83 18.20
C ALA C 439 -37.41 -3.47 17.89
N PHE C 440 -38.25 -4.47 17.66
CA PHE C 440 -39.65 -4.20 17.34
C PHE C 440 -40.38 -3.62 18.53
N ARG C 441 -40.04 -4.06 19.74
CA ARG C 441 -40.70 -3.52 20.93
C ARG C 441 -40.31 -2.07 21.16
N LYS C 442 -39.04 -1.73 20.94
CA LYS C 442 -38.64 -0.33 21.04
C LYS C 442 -39.31 0.52 19.97
N GLN C 443 -39.39 0.00 18.74
CA GLN C 443 -40.06 0.73 17.67
C GLN C 443 -41.53 0.98 18.00
N GLN C 444 -42.21 -0.03 18.54
CA GLN C 444 -43.61 0.14 18.89
C GLN C 444 -43.81 1.01 20.12
N ASN C 445 -42.82 1.06 21.02
CA ASN C 445 -42.91 1.98 22.14
C ASN C 445 -42.74 3.41 21.69
N GLU C 446 -41.88 3.64 20.69
CA GLU C 446 -41.80 4.96 20.08
C GLU C 446 -43.09 5.31 19.37
N GLU C 447 -43.54 4.44 18.47
CA GLU C 447 -44.74 4.72 17.67
C GLU C 447 -45.97 4.89 18.54
N ALA C 448 -46.06 4.17 19.66
CA ALA C 448 -47.18 4.33 20.58
C ALA C 448 -47.02 5.56 21.47
N ALA C 449 -45.92 6.29 21.33
CA ALA C 449 -45.73 7.55 22.04
C ALA C 449 -46.07 8.75 21.16
N LYS C 450 -45.48 8.84 19.98
CA LYS C 450 -45.80 9.94 19.06
C LYS C 450 -47.23 9.86 18.54
N ARG C 451 -47.98 8.81 18.86
CA ARG C 451 -49.40 8.74 18.54
C ARG C 451 -50.27 8.84 19.79
N LYS C 452 -49.68 9.13 20.94
CA LYS C 452 -50.39 9.43 22.18
C LYS C 452 -51.37 8.31 22.56
N LEU C 453 -50.81 7.12 22.77
CA LEU C 453 -51.59 5.99 23.27
C LEU C 453 -51.46 5.80 24.78
N ASP C 454 -50.42 6.37 25.39
CA ASP C 454 -50.16 6.20 26.82
C ASP C 454 -50.12 4.74 27.21
N VAL C 455 -49.31 3.98 26.48
CA VAL C 455 -49.10 2.56 26.75
C VAL C 455 -47.60 2.28 26.68
N LYS C 456 -47.14 1.39 27.55
CA LYS C 456 -45.74 0.99 27.59
C LYS C 456 -45.68 -0.52 27.38
N ILE C 457 -45.03 -0.93 26.30
CA ILE C 457 -44.99 -2.34 25.92
C ILE C 457 -43.74 -2.97 26.51
N THR C 458 -43.93 -3.75 27.57
CA THR C 458 -42.85 -4.45 28.25
C THR C 458 -42.50 -5.73 27.51
N PRO C 459 -41.30 -6.27 27.73
CA PRO C 459 -40.95 -7.55 27.10
C PRO C 459 -41.75 -8.74 27.62
N VAL C 460 -42.63 -8.54 28.59
CA VAL C 460 -43.36 -9.65 29.17
C VAL C 460 -44.62 -9.99 28.38
N VAL C 461 -45.22 -9.03 27.68
CA VAL C 461 -46.44 -9.34 26.94
C VAL C 461 -46.12 -10.21 25.74
N PHE C 462 -44.95 -10.03 25.12
CA PHE C 462 -44.53 -10.92 24.06
C PHE C 462 -44.36 -12.34 24.58
N ILE C 463 -43.86 -12.48 25.80
CA ILE C 463 -43.71 -13.81 26.39
C ILE C 463 -45.07 -14.39 26.73
N MET C 464 -46.02 -13.56 27.17
CA MET C 464 -47.37 -14.05 27.40
C MET C 464 -47.99 -14.56 26.11
N LYS C 465 -47.79 -13.84 25.00
CA LYS C 465 -48.33 -14.30 23.73
C LYS C 465 -47.64 -15.57 23.26
N ALA C 466 -46.32 -15.66 23.45
CA ALA C 466 -45.60 -16.87 23.06
C ALA C 466 -46.07 -18.07 23.86
N VAL C 467 -46.29 -17.89 25.16
CA VAL C 467 -46.73 -18.99 26.00
C VAL C 467 -48.17 -19.37 25.66
N ALA C 468 -49.00 -18.40 25.31
CA ALA C 468 -50.36 -18.72 24.89
C ALA C 468 -50.35 -19.52 23.60
N ALA C 469 -49.49 -19.14 22.66
CA ALA C 469 -49.32 -19.93 21.44
C ALA C 469 -48.86 -21.35 21.76
N ALA C 470 -47.88 -21.48 22.64
CA ALA C 470 -47.36 -22.80 23.00
C ALA C 470 -48.41 -23.65 23.70
N LEU C 471 -49.30 -23.03 24.48
CA LEU C 471 -50.38 -23.77 25.10
C LEU C 471 -51.44 -24.16 24.08
N GLU C 472 -51.60 -23.35 23.03
CA GLU C 472 -52.47 -23.75 21.93
C GLU C 472 -51.91 -24.97 21.20
N GLN C 473 -50.60 -24.97 20.94
CA GLN C 473 -50.01 -26.07 20.20
C GLN C 473 -49.86 -27.33 21.04
N MET C 474 -49.44 -27.19 22.29
CA MET C 474 -49.29 -28.34 23.17
C MET C 474 -50.29 -28.25 24.31
N PRO C 475 -51.54 -28.70 24.10
CA PRO C 475 -52.56 -28.52 25.14
C PRO C 475 -52.33 -29.35 26.39
N ARG C 476 -51.38 -30.28 26.38
CA ARG C 476 -51.07 -31.04 27.58
C ARG C 476 -50.49 -30.14 28.68
N PHE C 477 -49.87 -29.02 28.30
CA PHE C 477 -49.33 -28.10 29.29
C PHE C 477 -50.40 -27.23 29.93
N ASN C 478 -51.57 -27.13 29.31
CA ASN C 478 -52.70 -26.40 29.87
C ASN C 478 -53.62 -27.38 30.60
N SER C 479 -53.07 -27.98 31.64
CA SER C 479 -53.74 -29.06 32.35
C SER C 479 -53.67 -28.80 33.85
N SER C 480 -54.14 -29.77 34.63
CA SER C 480 -54.09 -29.74 36.07
C SER C 480 -54.44 -31.12 36.60
N LEU C 481 -53.69 -31.56 37.61
CA LEU C 481 -53.92 -32.87 38.22
C LEU C 481 -54.85 -32.75 39.41
N SER C 482 -55.34 -33.90 39.87
CA SER C 482 -56.21 -33.95 41.02
C SER C 482 -55.40 -34.20 42.30
N GLU C 483 -56.13 -34.28 43.41
CA GLU C 483 -55.52 -34.56 44.71
C GLU C 483 -54.69 -35.85 44.65
N ASP C 484 -55.28 -36.93 44.15
CA ASP C 484 -54.59 -38.20 44.04
C ASP C 484 -53.63 -38.29 42.85
N GLY C 485 -53.71 -37.36 41.90
CA GLY C 485 -52.84 -37.41 40.74
C GLY C 485 -53.19 -38.52 39.77
N GLN C 486 -54.48 -38.77 39.55
CA GLN C 486 -54.92 -39.82 38.65
C GLN C 486 -55.81 -39.34 37.51
N ARG C 487 -56.39 -38.15 37.63
CA ARG C 487 -57.28 -37.61 36.60
C ARG C 487 -56.77 -36.23 36.20
N LEU C 488 -56.47 -36.08 34.91
CA LEU C 488 -56.05 -34.78 34.39
C LEU C 488 -57.28 -33.93 34.08
N THR C 489 -57.06 -32.63 33.96
CA THR C 489 -58.12 -31.67 33.62
C THR C 489 -57.61 -30.80 32.47
N LEU C 490 -57.80 -31.27 31.25
CA LEU C 490 -57.35 -30.53 30.08
C LEU C 490 -58.20 -29.28 29.92
N LYS C 491 -57.64 -28.13 30.24
CA LYS C 491 -58.36 -26.87 30.07
C LYS C 491 -58.29 -26.43 28.61
N LYS C 492 -59.35 -25.77 28.16
CA LYS C 492 -59.43 -25.25 26.81
C LYS C 492 -59.21 -23.74 26.75
N TYR C 493 -59.42 -23.03 27.85
CA TYR C 493 -59.09 -21.62 27.93
C TYR C 493 -57.61 -21.46 28.23
N ILE C 494 -57.10 -20.25 28.00
CA ILE C 494 -55.69 -19.94 28.19
C ILE C 494 -55.62 -18.64 29.00
N ASN C 495 -55.50 -18.77 30.31
CA ASN C 495 -55.19 -17.66 31.19
C ASN C 495 -53.77 -17.83 31.70
N ILE C 496 -53.07 -16.72 31.89
CA ILE C 496 -51.67 -16.74 32.26
C ILE C 496 -51.46 -15.79 33.42
N GLY C 497 -50.95 -16.30 34.54
CA GLY C 497 -50.54 -15.43 35.62
C GLY C 497 -49.14 -14.89 35.35
N VAL C 498 -48.92 -13.66 35.76
CA VAL C 498 -47.63 -12.99 35.56
C VAL C 498 -47.17 -12.47 36.91
N ALA C 499 -46.09 -13.04 37.44
CA ALA C 499 -45.64 -12.69 38.79
C ALA C 499 -45.20 -11.24 38.82
N VAL C 500 -45.97 -10.40 39.50
CA VAL C 500 -45.64 -9.00 39.74
C VAL C 500 -45.02 -8.88 41.11
N ASP C 501 -44.07 -7.96 41.26
CA ASP C 501 -43.30 -7.78 42.48
C ASP C 501 -43.85 -6.59 43.24
N THR C 502 -44.69 -6.87 44.23
CA THR C 502 -45.18 -5.86 45.16
C THR C 502 -44.25 -5.80 46.37
N PRO C 503 -44.31 -4.71 47.15
CA PRO C 503 -43.49 -4.61 48.36
C PRO C 503 -43.70 -5.78 49.32
N ASN C 504 -44.80 -6.52 49.15
CA ASN C 504 -45.10 -7.69 49.96
C ASN C 504 -44.80 -8.99 49.22
N GLY C 505 -43.75 -9.01 48.42
CA GLY C 505 -43.38 -10.21 47.69
C GLY C 505 -43.98 -10.28 46.31
N LEU C 506 -43.95 -11.48 45.75
CA LEU C 506 -44.46 -11.72 44.41
C LEU C 506 -45.91 -12.17 44.49
N VAL C 507 -46.80 -11.44 43.83
CA VAL C 507 -48.20 -11.84 43.68
C VAL C 507 -48.43 -12.16 42.22
N VAL C 508 -49.28 -13.15 41.95
CA VAL C 508 -49.50 -13.58 40.58
C VAL C 508 -50.90 -13.18 40.13
N PRO C 509 -51.04 -12.06 39.41
CA PRO C 509 -52.32 -11.77 38.78
C PRO C 509 -52.47 -12.49 37.45
N VAL C 510 -53.71 -12.89 37.16
CA VAL C 510 -54.03 -13.75 36.03
C VAL C 510 -54.67 -12.90 34.94
N PHE C 511 -54.18 -13.05 33.71
CA PHE C 511 -54.74 -12.40 32.54
C PHE C 511 -55.48 -13.45 31.72
N LYS C 512 -56.73 -13.15 31.36
CA LYS C 512 -57.62 -14.12 30.77
C LYS C 512 -57.59 -14.06 29.25
N ASP C 513 -57.74 -15.23 28.62
CA ASP C 513 -57.85 -15.36 27.17
C ASP C 513 -56.70 -14.66 26.46
N VAL C 514 -55.48 -14.93 26.93
CA VAL C 514 -54.29 -14.33 26.34
C VAL C 514 -54.14 -14.74 24.87
N ASN C 515 -54.67 -15.90 24.51
CA ASN C 515 -54.52 -16.39 23.14
C ASN C 515 -55.22 -15.51 22.12
N LYS C 516 -56.23 -14.76 22.54
CA LYS C 516 -57.02 -13.93 21.63
C LYS C 516 -56.57 -12.47 21.63
N LYS C 517 -56.35 -11.89 22.81
CA LYS C 517 -56.05 -10.48 22.92
C LYS C 517 -54.74 -10.14 22.21
N GLY C 518 -54.65 -8.89 21.76
CA GLY C 518 -53.44 -8.41 21.11
C GLY C 518 -52.43 -7.89 22.12
N ILE C 519 -51.25 -7.56 21.61
CA ILE C 519 -50.16 -7.16 22.49
C ILE C 519 -50.42 -5.79 23.11
N ILE C 520 -51.13 -4.90 22.42
CA ILE C 520 -51.40 -3.60 23.02
C ILE C 520 -52.51 -3.68 24.07
N GLU C 521 -53.56 -4.46 23.82
CA GLU C 521 -54.57 -4.67 24.85
C GLU C 521 -53.96 -5.37 26.06
N LEU C 522 -53.16 -6.41 25.84
CA LEU C 522 -52.48 -7.08 26.93
C LEU C 522 -51.52 -6.15 27.65
N SER C 523 -50.87 -5.25 26.92
CA SER C 523 -49.94 -4.33 27.57
C SER C 523 -50.68 -3.32 28.43
N ARG C 524 -51.86 -2.88 28.00
CA ARG C 524 -52.67 -2.01 28.85
C ARG C 524 -53.14 -2.75 30.09
N GLU C 525 -53.62 -3.99 29.92
CA GLU C 525 -54.02 -4.80 31.06
C GLU C 525 -52.87 -4.97 32.04
N LEU C 526 -51.67 -5.25 31.53
CA LEU C 526 -50.52 -5.48 32.40
C LEU C 526 -50.11 -4.20 33.10
N MET C 527 -50.07 -3.08 32.38
CA MET C 527 -49.72 -1.81 33.00
C MET C 527 -50.71 -1.41 34.07
N THR C 528 -51.99 -1.75 33.89
CA THR C 528 -52.98 -1.47 34.93
C THR C 528 -52.80 -2.37 36.13
N ILE C 529 -52.72 -3.68 35.91
CA ILE C 529 -52.75 -4.63 37.02
C ILE C 529 -51.42 -4.65 37.77
N SER C 530 -50.31 -4.33 37.12
CA SER C 530 -49.04 -4.22 37.85
C SER C 530 -49.13 -3.14 38.92
N LYS C 531 -49.66 -1.97 38.57
CA LYS C 531 -49.85 -0.91 39.54
C LYS C 531 -50.92 -1.28 40.56
N LYS C 532 -52.00 -1.91 40.10
CA LYS C 532 -53.04 -2.39 41.01
C LYS C 532 -52.49 -3.32 42.07
N ALA C 533 -51.47 -4.11 41.73
CA ALA C 533 -50.86 -5.03 42.68
C ALA C 533 -49.85 -4.32 43.56
N ARG C 534 -48.96 -3.53 42.96
CA ARG C 534 -47.95 -2.82 43.74
C ARG C 534 -48.56 -1.83 44.71
N ASP C 535 -49.81 -1.42 44.48
CA ASP C 535 -50.51 -0.59 45.46
C ASP C 535 -51.29 -1.42 46.47
N GLY C 536 -51.70 -2.63 46.10
CA GLY C 536 -52.45 -3.50 47.00
C GLY C 536 -53.92 -3.62 46.68
N LYS C 537 -54.42 -2.84 45.71
CA LYS C 537 -55.83 -2.85 45.35
C LYS C 537 -56.20 -3.98 44.39
N LEU C 538 -55.36 -5.00 44.29
CA LEU C 538 -55.58 -6.10 43.34
C LEU C 538 -56.85 -6.87 43.68
N THR C 539 -57.82 -6.84 42.78
CA THR C 539 -59.14 -7.39 43.04
C THR C 539 -59.16 -8.89 42.79
N ALA C 540 -59.97 -9.61 43.57
CA ALA C 540 -60.09 -11.05 43.37
C ALA C 540 -60.67 -11.34 42.00
N GLY C 541 -60.38 -12.53 41.49
CA GLY C 541 -60.70 -12.83 40.11
C GLY C 541 -59.59 -12.36 39.18
N GLU C 542 -58.86 -11.34 39.61
CA GLU C 542 -57.62 -10.96 38.94
C GLU C 542 -56.43 -11.70 39.51
N MET C 543 -56.66 -12.72 40.34
CA MET C 543 -55.59 -13.63 40.75
C MET C 543 -56.06 -15.08 40.77
N GLN C 544 -57.17 -15.37 40.08
CA GLN C 544 -57.72 -16.75 40.10
C GLN C 544 -57.92 -17.27 38.67
N GLY C 545 -57.86 -18.60 38.52
CA GLY C 545 -58.04 -19.26 37.24
C GLY C 545 -56.88 -19.09 36.29
N GLY C 546 -55.68 -19.39 36.74
CA GLY C 546 -54.49 -19.33 35.90
C GLY C 546 -54.12 -20.70 35.38
N CYS C 547 -53.79 -20.77 34.10
CA CYS C 547 -53.39 -22.00 33.45
C CYS C 547 -51.88 -22.17 33.37
N PHE C 548 -51.13 -21.12 33.64
CA PHE C 548 -49.69 -21.08 33.45
C PHE C 548 -49.18 -19.87 34.23
N THR C 549 -47.88 -19.86 34.50
CA THR C 549 -47.29 -18.77 35.25
C THR C 549 -46.01 -18.31 34.55
N ILE C 550 -45.79 -17.01 34.55
CA ILE C 550 -44.57 -16.42 34.01
C ILE C 550 -43.96 -15.57 35.12
N SER C 551 -42.83 -16.02 35.64
CA SER C 551 -42.12 -15.31 36.70
C SER C 551 -40.92 -14.64 36.06
N SER C 552 -41.02 -13.34 35.84
CA SER C 552 -39.97 -12.58 35.17
C SER C 552 -39.17 -11.83 36.22
N ILE C 553 -37.92 -12.26 36.44
CA ILE C 553 -37.01 -11.59 37.34
C ILE C 553 -35.79 -11.05 36.58
N GLY C 554 -35.93 -10.87 35.26
CA GLY C 554 -34.83 -10.37 34.46
C GLY C 554 -34.42 -8.95 34.79
N GLY C 555 -35.31 -8.18 35.42
CA GLY C 555 -34.93 -6.85 35.85
C GLY C 555 -33.93 -6.82 36.99
N LEU C 556 -33.64 -7.96 37.58
CA LEU C 556 -32.76 -8.04 38.74
C LEU C 556 -31.51 -8.87 38.53
N GLY C 557 -31.52 -9.85 37.62
CA GLY C 557 -30.34 -10.64 37.37
C GLY C 557 -30.64 -12.10 37.13
N THR C 558 -29.85 -12.97 37.77
CA THR C 558 -30.06 -14.44 37.70
C THR C 558 -30.14 -14.91 36.24
N THR C 559 -29.00 -15.02 35.58
CA THR C 559 -28.88 -15.49 34.21
C THR C 559 -29.69 -16.77 33.95
N HIS C 560 -29.95 -17.56 34.99
CA HIS C 560 -30.95 -18.62 34.93
C HIS C 560 -31.48 -18.86 36.33
N PHE C 561 -32.67 -19.46 36.41
CA PHE C 561 -33.17 -19.91 37.71
C PHE C 561 -34.25 -20.94 37.49
N ALA C 562 -34.42 -21.81 38.49
CA ALA C 562 -35.33 -22.94 38.44
C ALA C 562 -36.53 -22.67 39.33
N PRO C 563 -37.62 -22.14 38.80
CA PRO C 563 -38.75 -21.80 39.66
C PRO C 563 -39.48 -23.02 40.17
N ILE C 564 -40.48 -22.81 41.02
CA ILE C 564 -41.31 -23.88 41.57
C ILE C 564 -42.66 -23.83 40.87
N VAL C 565 -43.14 -24.99 40.43
CA VAL C 565 -44.44 -25.06 39.76
C VAL C 565 -45.51 -24.49 40.67
N ASN C 566 -46.38 -23.66 40.10
CA ASN C 566 -47.43 -22.97 40.84
C ASN C 566 -48.69 -23.82 40.78
N ALA C 567 -48.81 -24.74 41.75
CA ALA C 567 -49.99 -25.64 41.79
C ALA C 567 -51.26 -24.79 41.80
N PRO C 568 -52.39 -25.24 41.22
CA PRO C 568 -52.53 -26.56 40.62
C PRO C 568 -52.12 -26.63 39.15
N GLU C 569 -51.32 -25.68 38.68
CA GLU C 569 -50.82 -25.75 37.32
C GLU C 569 -49.77 -26.83 37.21
N VAL C 570 -49.26 -27.03 35.99
CA VAL C 570 -48.29 -28.07 35.72
C VAL C 570 -46.96 -27.53 35.21
N ALA C 571 -46.86 -26.22 35.00
CA ALA C 571 -45.62 -25.65 34.49
C ALA C 571 -45.51 -24.19 34.90
N ILE C 572 -44.30 -23.66 34.79
CA ILE C 572 -44.03 -22.26 35.07
C ILE C 572 -42.80 -21.85 34.28
N LEU C 573 -42.86 -20.68 33.66
CA LEU C 573 -41.76 -20.18 32.84
C LEU C 573 -41.10 -19.04 33.59
N GLY C 574 -39.86 -19.23 34.01
CA GLY C 574 -39.08 -18.17 34.60
C GLY C 574 -38.25 -17.49 33.53
N VAL C 575 -38.18 -16.17 33.62
CA VAL C 575 -37.48 -15.35 32.63
C VAL C 575 -36.35 -14.61 33.33
N SER C 576 -35.20 -14.53 32.68
CA SER C 576 -33.99 -13.96 33.26
C SER C 576 -33.58 -12.72 32.48
N LYS C 577 -32.41 -12.18 32.82
CA LYS C 577 -31.95 -10.93 32.23
C LYS C 577 -31.43 -11.18 30.83
N SER C 578 -31.88 -10.36 29.88
CA SER C 578 -31.37 -10.44 28.52
C SER C 578 -29.92 -9.98 28.48
N ALA C 579 -29.09 -10.72 27.75
CA ALA C 579 -27.68 -10.38 27.63
C ALA C 579 -27.25 -10.50 26.19
N MET C 580 -26.32 -9.65 25.77
CA MET C 580 -25.79 -9.69 24.42
C MET C 580 -24.70 -10.75 24.35
N GLU C 581 -24.97 -11.83 23.64
CA GLU C 581 -24.06 -12.95 23.51
C GLU C 581 -23.72 -13.20 22.05
N PRO C 582 -22.56 -13.79 21.77
CA PRO C 582 -22.25 -14.17 20.39
C PRO C 582 -23.03 -15.42 19.99
N VAL C 583 -23.53 -15.42 18.76
CA VAL C 583 -24.31 -16.52 18.23
C VAL C 583 -23.71 -16.92 16.88
N TRP C 584 -23.58 -18.22 16.67
CA TRP C 584 -22.99 -18.75 15.44
C TRP C 584 -24.01 -18.65 14.31
N ASN C 585 -23.74 -17.77 13.35
CA ASN C 585 -24.62 -17.63 12.20
C ASN C 585 -24.30 -18.63 11.09
N GLY C 586 -23.34 -19.53 11.31
CA GLY C 586 -22.89 -20.47 10.31
C GLY C 586 -21.46 -20.21 9.84
N LYS C 587 -21.01 -18.95 9.90
CA LYS C 587 -19.64 -18.62 9.52
C LYS C 587 -18.94 -17.67 10.47
N GLU C 588 -19.65 -17.01 11.39
CA GLU C 588 -19.03 -16.09 12.33
C GLU C 588 -19.96 -15.93 13.53
N PHE C 589 -19.51 -15.13 14.49
CA PHE C 589 -20.24 -14.90 15.73
C PHE C 589 -20.89 -13.52 15.66
N VAL C 590 -22.19 -13.48 15.38
CA VAL C 590 -22.93 -12.23 15.36
C VAL C 590 -23.40 -11.93 16.78
N PRO C 591 -23.30 -10.70 17.24
CA PRO C 591 -23.78 -10.38 18.60
C PRO C 591 -25.29 -10.27 18.66
N ARG C 592 -25.96 -11.27 19.20
CA ARG C 592 -27.40 -11.24 19.37
C ARG C 592 -27.75 -10.99 20.82
N LEU C 593 -29.03 -10.79 21.09
CA LEU C 593 -29.51 -10.49 22.43
C LEU C 593 -30.33 -11.68 22.91
N MET C 594 -29.70 -12.54 23.70
CA MET C 594 -30.34 -13.77 24.16
C MET C 594 -31.02 -13.54 25.50
N LEU C 595 -32.25 -14.00 25.62
CA LEU C 595 -33.05 -13.96 26.82
C LEU C 595 -33.12 -15.35 27.40
N PRO C 596 -32.62 -15.59 28.61
CA PRO C 596 -32.64 -16.93 29.19
C PRO C 596 -33.97 -17.22 29.84
N ILE C 597 -34.69 -18.21 29.31
CA ILE C 597 -35.92 -18.68 29.90
C ILE C 597 -35.66 -20.04 30.55
N SER C 598 -36.60 -20.48 31.38
CA SER C 598 -36.46 -21.76 32.07
C SER C 598 -37.84 -22.28 32.41
N LEU C 599 -38.21 -23.41 31.83
CA LEU C 599 -39.51 -24.03 32.04
C LEU C 599 -39.37 -25.08 33.13
N SER C 600 -39.97 -24.83 34.28
CA SER C 600 -40.01 -25.80 35.37
C SER C 600 -41.41 -26.41 35.38
N PHE C 601 -41.50 -27.72 35.20
CA PHE C 601 -42.79 -28.35 35.03
C PHE C 601 -42.92 -29.60 35.90
N ASP C 602 -44.17 -29.96 36.14
CA ASP C 602 -44.52 -31.18 36.86
C ASP C 602 -44.23 -32.38 35.98
N HIS C 603 -43.40 -33.30 36.49
CA HIS C 603 -42.98 -34.51 35.74
C HIS C 603 -44.10 -35.55 35.67
N ARG C 604 -45.11 -35.46 36.56
CA ARG C 604 -46.18 -36.44 36.54
C ARG C 604 -47.05 -36.28 35.29
N VAL C 605 -47.32 -35.05 34.90
CA VAL C 605 -48.12 -34.77 33.71
C VAL C 605 -47.25 -34.77 32.45
N ILE C 606 -46.16 -34.02 32.49
CA ILE C 606 -45.31 -33.80 31.33
C ILE C 606 -44.02 -34.58 31.52
N ASP C 607 -43.46 -35.07 30.42
CA ASP C 607 -42.15 -35.71 30.45
C ASP C 607 -41.11 -34.78 29.85
N GLY C 608 -39.85 -35.21 29.90
CA GLY C 608 -38.76 -34.36 29.45
C GLY C 608 -38.90 -33.94 27.99
N ALA C 609 -39.37 -34.86 27.14
CA ALA C 609 -39.50 -34.54 25.73
C ALA C 609 -40.58 -33.51 25.47
N ASP C 610 -41.72 -33.63 26.15
CA ASP C 610 -42.78 -32.65 25.97
C ASP C 610 -42.36 -31.28 26.49
N GLY C 611 -41.65 -31.25 27.63
CA GLY C 611 -41.10 -29.99 28.09
C GLY C 611 -40.12 -29.39 27.11
N ALA C 612 -39.32 -30.25 26.46
CA ALA C 612 -38.38 -29.76 25.46
C ALA C 612 -39.11 -29.15 24.27
N ARG C 613 -40.13 -29.85 23.77
CA ARG C 613 -40.89 -29.32 22.65
C ARG C 613 -41.60 -28.03 23.02
N PHE C 614 -42.11 -27.93 24.25
CA PHE C 614 -42.81 -26.73 24.68
C PHE C 614 -41.86 -25.54 24.77
N ILE C 615 -40.71 -25.73 25.43
CA ILE C 615 -39.80 -24.61 25.56
C ILE C 615 -39.18 -24.26 24.22
N THR C 616 -39.06 -25.22 23.29
CA THR C 616 -38.54 -24.84 21.99
C THR C 616 -39.60 -24.15 21.14
N ILE C 617 -40.88 -24.44 21.39
CA ILE C 617 -41.94 -23.66 20.75
C ILE C 617 -41.89 -22.22 21.24
N ILE C 618 -41.74 -22.04 22.56
CA ILE C 618 -41.60 -20.69 23.10
C ILE C 618 -40.37 -20.01 22.53
N ASN C 619 -39.25 -20.74 22.44
CA ASN C 619 -38.02 -20.17 21.92
C ASN C 619 -38.18 -19.75 20.46
N ASN C 620 -38.85 -20.57 19.65
CA ASN C 620 -39.06 -20.22 18.25
C ASN C 620 -40.00 -19.04 18.12
N THR C 621 -41.07 -19.00 18.91
CA THR C 621 -42.03 -17.90 18.82
C THR C 621 -41.38 -16.58 19.20
N LEU C 622 -40.67 -16.55 20.33
CA LEU C 622 -40.01 -15.31 20.74
C LEU C 622 -38.81 -14.99 19.87
N SER C 623 -38.22 -15.98 19.21
CA SER C 623 -37.09 -15.71 18.32
C SER C 623 -37.53 -14.96 17.08
N ASP C 624 -38.72 -15.29 16.56
CA ASP C 624 -39.30 -14.61 15.40
C ASP C 624 -40.79 -14.45 15.72
N ILE C 625 -41.16 -13.28 16.26
CA ILE C 625 -42.51 -13.09 16.76
C ILE C 625 -43.57 -13.16 15.66
N ARG C 626 -43.17 -13.07 14.40
CA ARG C 626 -44.12 -13.20 13.30
C ARG C 626 -44.85 -14.53 13.33
N ARG C 627 -44.29 -15.54 13.99
CA ARG C 627 -44.97 -16.83 14.11
C ARG C 627 -46.23 -16.75 14.95
N LEU C 628 -46.58 -15.59 15.51
CA LEU C 628 -47.84 -15.46 16.22
C LEU C 628 -49.02 -15.24 15.29
N VAL C 629 -48.78 -14.87 14.03
CA VAL C 629 -49.87 -14.69 13.08
C VAL C 629 -50.19 -15.97 12.32
N MET C 630 -49.27 -16.92 12.26
CA MET C 630 -49.49 -18.18 11.56
C MET C 630 -50.49 -19.06 12.29
N GLU D 208 -77.61 48.12 6.81
CA GLU D 208 -78.04 46.98 6.00
C GLU D 208 -76.94 45.92 6.05
N VAL D 209 -77.28 44.75 6.58
CA VAL D 209 -76.36 43.60 6.63
C VAL D 209 -77.08 42.43 5.98
N ASN D 210 -76.88 42.26 4.68
CA ASN D 210 -77.35 41.08 3.98
C ASN D 210 -76.38 39.93 4.28
N VAL D 211 -76.47 38.85 3.51
CA VAL D 211 -75.37 37.89 3.49
C VAL D 211 -74.32 38.46 2.55
N PRO D 212 -73.04 38.45 2.94
CA PRO D 212 -72.03 39.13 2.12
C PRO D 212 -71.67 38.38 0.85
N ASP D 213 -71.49 37.06 0.95
CA ASP D 213 -71.07 36.35 -0.29
C ASP D 213 -71.33 34.84 -0.27
N ILE D 214 -72.44 34.42 -0.88
CA ILE D 214 -72.75 33.02 -1.13
C ILE D 214 -73.02 32.88 -2.63
N GLY D 215 -72.45 31.85 -3.24
CA GLY D 215 -72.52 31.68 -4.68
C GLY D 215 -73.91 31.50 -5.24
N GLY D 216 -74.93 31.40 -4.39
CA GLY D 216 -76.29 31.28 -4.85
C GLY D 216 -76.96 29.99 -4.41
N ASP D 217 -76.51 29.43 -3.30
CA ASP D 217 -77.10 28.23 -2.73
C ASP D 217 -77.89 28.60 -1.49
N GLU D 218 -79.00 27.90 -1.28
CA GLU D 218 -79.83 28.12 -0.11
C GLU D 218 -79.19 27.48 1.10
N VAL D 219 -78.73 28.30 2.04
CA VAL D 219 -77.97 27.84 3.19
C VAL D 219 -78.83 27.95 4.44
N GLU D 220 -78.74 26.95 5.31
CA GLU D 220 -79.53 26.88 6.54
C GLU D 220 -78.69 27.35 7.72
N VAL D 221 -79.22 28.32 8.46
CA VAL D 221 -78.51 28.86 9.62
C VAL D 221 -78.35 27.79 10.69
N THR D 222 -77.27 27.89 11.46
CA THR D 222 -77.06 27.07 12.64
C THR D 222 -77.23 27.86 13.93
N GLU D 223 -76.55 29.00 14.06
CA GLU D 223 -76.70 29.86 15.24
C GLU D 223 -76.12 31.23 14.92
N VAL D 224 -76.27 32.16 15.87
CA VAL D 224 -75.80 33.53 15.74
C VAL D 224 -74.71 33.78 16.78
N MET D 225 -73.98 34.88 16.59
CA MET D 225 -72.82 35.19 17.40
C MET D 225 -72.98 36.41 18.28
N VAL D 226 -74.14 37.08 18.25
CA VAL D 226 -74.27 38.42 18.81
C VAL D 226 -75.29 38.46 19.94
N LYS D 227 -75.45 39.64 20.54
CA LYS D 227 -76.40 39.90 21.61
C LYS D 227 -77.20 41.14 21.27
N VAL D 228 -78.42 41.23 21.84
CA VAL D 228 -79.22 42.45 21.69
C VAL D 228 -78.54 43.55 22.50
N GLY D 229 -77.99 44.54 21.80
CA GLY D 229 -77.21 45.60 22.42
C GLY D 229 -75.73 45.52 22.12
N ASP D 230 -75.21 44.34 21.83
CA ASP D 230 -73.80 44.18 21.47
C ASP D 230 -73.48 44.96 20.20
N LYS D 231 -72.22 45.39 20.08
CA LYS D 231 -71.71 46.00 18.86
C LYS D 231 -70.54 45.18 18.35
N VAL D 232 -70.50 44.99 17.04
CA VAL D 232 -69.60 44.04 16.40
C VAL D 232 -68.46 44.78 15.74
N ALA D 233 -67.32 44.09 15.63
CA ALA D 233 -66.09 44.70 15.12
C ALA D 233 -66.13 44.80 13.60
N ALA D 234 -64.97 45.09 13.00
CA ALA D 234 -64.89 45.35 11.57
C ALA D 234 -65.34 44.14 10.76
N GLU D 235 -64.63 43.03 10.93
CA GLU D 235 -64.96 41.78 10.18
C GLU D 235 -64.82 40.57 11.11
N GLN D 236 -65.86 40.24 11.87
CA GLN D 236 -65.82 39.09 12.76
C GLN D 236 -67.15 38.34 12.66
N SER D 237 -67.24 37.24 13.40
CA SER D 237 -68.37 36.34 13.28
C SER D 237 -69.66 37.00 13.78
N LEU D 238 -70.73 36.81 13.01
CA LEU D 238 -72.09 37.18 13.40
C LEU D 238 -73.05 36.00 13.37
N ILE D 239 -72.90 35.12 12.38
CA ILE D 239 -73.85 34.04 12.14
C ILE D 239 -73.13 32.89 11.45
N THR D 240 -73.36 31.67 11.92
CA THR D 240 -72.83 30.50 11.26
C THR D 240 -73.94 29.84 10.44
N VAL D 241 -73.63 29.50 9.20
CA VAL D 241 -74.59 28.89 8.28
C VAL D 241 -73.97 27.63 7.71
N GLU D 242 -74.73 26.54 7.70
CA GLU D 242 -74.21 25.21 7.37
C GLU D 242 -74.55 24.93 5.90
N GLY D 243 -73.64 25.28 5.02
CA GLY D 243 -73.79 25.06 3.58
C GLY D 243 -73.09 23.79 3.13
N ASP D 244 -72.53 23.85 1.92
CA ASP D 244 -71.78 22.72 1.39
C ASP D 244 -70.37 22.78 1.96
CB LA2 D 245 -67.33 22.75 1.50
C LA2 D 245 -68.16 21.75 3.67
O LA2 D 245 -67.94 20.72 4.33
N LA2 D 245 -69.59 21.74 1.67
CA LA2 D 245 -68.18 21.65 2.14
O1 LA2 D 245 -65.32 18.67 -2.99
C1 LA2 D 245 -64.65 19.46 -2.34
NZ LA2 D 245 -65.19 20.28 -1.43
CE LA2 D 245 -64.64 21.58 -1.06
CD LA2 D 245 -65.23 22.09 0.25
CG LA2 D 245 -66.70 22.41 0.16
C2 LA2 D 245 -63.15 19.58 -2.54
C3 LA2 D 245 -62.52 18.29 -2.97
C4 LA2 D 245 -61.51 18.45 -4.09
C5 LA2 D 245 -60.68 17.25 -4.45
C6 LA2 D 245 -61.48 16.00 -4.80
S6 LA2 D 245 -62.67 16.29 -6.14
C7 LA2 D 245 -60.61 14.78 -5.06
C8 LA2 D 245 -59.64 14.46 -3.93
S8 LA2 D 245 -59.39 12.70 -3.66
N ALA D 246 -68.36 22.97 4.21
CA ALA D 246 -68.36 23.18 5.66
C ALA D 246 -69.15 24.42 6.06
N SER D 247 -69.48 24.50 7.34
CA SER D 247 -70.23 25.64 7.87
C SER D 247 -69.35 26.89 7.85
N MET D 248 -69.96 28.02 7.46
CA MET D 248 -69.25 29.27 7.23
C MET D 248 -69.79 30.35 8.16
N GLU D 249 -68.88 31.14 8.72
CA GLU D 249 -69.21 32.24 9.61
C GLU D 249 -69.21 33.54 8.82
N VAL D 250 -70.39 34.16 8.70
CA VAL D 250 -70.49 35.43 7.97
C VAL D 250 -69.70 36.51 8.72
N PRO D 251 -68.83 37.25 8.05
CA PRO D 251 -68.06 38.29 8.73
C PRO D 251 -68.89 39.56 8.92
N ALA D 252 -68.26 40.54 9.56
CA ALA D 252 -69.02 41.78 9.69
C ALA D 252 -68.69 42.72 8.53
N PRO D 253 -69.67 43.47 8.03
CA PRO D 253 -69.36 44.49 7.03
C PRO D 253 -68.83 45.78 7.62
N PHE D 254 -69.13 46.08 8.87
CA PHE D 254 -68.79 47.34 9.52
C PHE D 254 -69.05 47.17 11.01
N ALA D 255 -68.86 48.26 11.77
CA ALA D 255 -69.07 48.24 13.23
C ALA D 255 -70.36 48.99 13.61
N GLY D 256 -71.06 48.50 14.64
CA GLY D 256 -72.30 49.12 15.10
C GLY D 256 -73.05 48.19 16.02
N VAL D 257 -73.84 48.82 16.89
CA VAL D 257 -74.63 48.09 17.87
C VAL D 257 -75.85 47.50 17.18
N VAL D 258 -76.42 46.47 17.82
CA VAL D 258 -77.47 45.65 17.24
C VAL D 258 -78.80 46.40 17.26
N LYS D 259 -79.57 46.28 16.17
CA LYS D 259 -80.95 46.77 16.08
C LYS D 259 -81.97 45.70 15.72
N GLU D 260 -81.58 44.74 14.88
CA GLU D 260 -82.47 43.69 14.38
C GLU D 260 -81.87 42.32 14.65
N LEU D 261 -82.66 41.44 15.24
CA LEU D 261 -82.47 40.01 15.05
C LEU D 261 -83.36 39.53 13.91
N LYS D 262 -83.14 40.13 12.74
CA LYS D 262 -83.92 39.76 11.57
C LYS D 262 -83.72 38.28 11.23
N VAL D 263 -82.53 37.75 11.51
CA VAL D 263 -82.28 36.31 11.46
C VAL D 263 -82.28 35.77 12.90
N ASN D 264 -82.58 34.49 13.04
CA ASN D 264 -82.55 33.82 14.34
C ASN D 264 -81.78 32.50 14.21
N VAL D 265 -81.86 31.69 15.26
CA VAL D 265 -81.22 30.38 15.27
C VAL D 265 -82.16 29.38 14.62
N GLY D 266 -81.73 28.82 13.49
CA GLY D 266 -82.52 27.86 12.75
C GLY D 266 -83.07 28.38 11.43
N ASP D 267 -82.85 29.67 11.16
CA ASP D 267 -83.35 30.32 9.92
C ASP D 267 -82.66 29.72 8.70
N LYS D 268 -82.99 30.26 7.51
CA LYS D 268 -82.42 29.81 6.25
C LYS D 268 -82.44 30.95 5.24
N VAL D 269 -81.31 31.19 4.58
CA VAL D 269 -81.16 32.27 3.62
C VAL D 269 -80.56 31.71 2.34
N LYS D 270 -81.16 32.08 1.20
CA LYS D 270 -80.60 31.69 -0.09
C LYS D 270 -79.57 32.70 -0.59
N THR D 271 -79.87 33.99 -0.44
CA THR D 271 -78.91 35.04 -0.90
C THR D 271 -79.49 36.44 -0.71
N GLY D 272 -78.65 37.37 -0.21
CA GLY D 272 -79.00 38.76 -0.01
C GLY D 272 -80.23 39.06 0.80
N SER D 273 -80.42 38.37 1.93
CA SER D 273 -81.54 38.62 2.82
C SER D 273 -81.06 39.44 4.01
N LEU D 274 -81.82 40.47 4.35
CA LEU D 274 -81.45 41.36 5.44
C LEU D 274 -81.56 40.61 6.76
N ILE D 275 -80.41 40.34 7.40
CA ILE D 275 -80.39 39.63 8.66
C ILE D 275 -80.03 40.54 9.83
N MET D 276 -79.33 41.65 9.61
CA MET D 276 -78.91 42.52 10.70
C MET D 276 -78.99 43.98 10.26
N ILE D 277 -79.42 44.83 11.19
CA ILE D 277 -79.32 46.28 11.08
C ILE D 277 -78.56 46.78 12.30
N PHE D 278 -77.69 47.76 12.11
CA PHE D 278 -76.79 48.20 13.16
C PHE D 278 -76.91 49.70 13.38
N GLU D 279 -76.12 50.20 14.31
CA GLU D 279 -76.04 51.63 14.62
C GLU D 279 -74.59 52.02 14.81
N VAL D 280 -74.28 53.27 14.46
CA VAL D 280 -72.93 53.81 14.63
C VAL D 280 -72.99 55.33 14.69
N PRO D 384 -77.37 4.86 -20.79
CA PRO D 384 -78.76 4.49 -21.05
C PRO D 384 -79.35 3.63 -19.95
N GLY D 385 -79.63 2.37 -20.27
CA GLY D 385 -80.16 1.44 -19.28
C GLY D 385 -79.08 0.58 -18.66
N MET D 386 -78.67 0.93 -17.46
CA MET D 386 -77.64 0.18 -16.73
C MET D 386 -78.27 -0.67 -15.65
N LEU D 387 -77.51 -1.66 -15.20
CA LEU D 387 -77.97 -2.52 -14.12
C LEU D 387 -78.09 -1.71 -12.83
N PRO D 388 -79.05 -2.07 -11.97
CA PRO D 388 -79.17 -1.37 -10.69
C PRO D 388 -78.06 -1.77 -9.73
N TRP D 389 -77.99 -1.04 -8.63
CA TRP D 389 -77.00 -1.34 -7.60
C TRP D 389 -77.21 -2.76 -7.08
N PRO D 390 -76.14 -3.47 -6.72
CA PRO D 390 -76.30 -4.86 -6.28
C PRO D 390 -77.12 -4.98 -5.00
N LYS D 391 -78.31 -5.56 -5.10
CA LYS D 391 -79.18 -5.77 -3.95
C LYS D 391 -78.62 -6.93 -3.13
N VAL D 392 -78.06 -6.63 -1.96
CA VAL D 392 -77.44 -7.63 -1.11
C VAL D 392 -78.02 -7.49 0.30
N ASP D 393 -78.30 -8.64 0.93
CA ASP D 393 -78.70 -8.68 2.33
C ASP D 393 -77.43 -8.74 3.16
N PHE D 394 -76.92 -7.56 3.52
CA PHE D 394 -75.62 -7.45 4.17
C PHE D 394 -75.59 -8.06 5.57
N SER D 395 -76.76 -8.39 6.13
CA SER D 395 -76.82 -8.92 7.48
C SER D 395 -76.74 -10.44 7.54
N LYS D 396 -76.91 -11.13 6.42
CA LYS D 396 -76.83 -12.58 6.43
C LYS D 396 -75.40 -13.08 6.57
N PHE D 397 -74.40 -12.22 6.40
CA PHE D 397 -73.01 -12.60 6.60
C PHE D 397 -72.44 -12.15 7.94
N GLY D 398 -73.09 -11.20 8.60
CA GLY D 398 -72.62 -10.74 9.88
C GLY D 398 -73.51 -9.64 10.40
N GLU D 399 -72.96 -8.85 11.34
CA GLU D 399 -73.67 -7.72 11.97
C GLU D 399 -73.29 -6.44 11.21
N ILE D 400 -74.29 -5.59 10.94
CA ILE D 400 -74.09 -4.35 10.21
C ILE D 400 -74.56 -3.19 11.08
N GLU D 401 -74.40 -1.97 10.56
CA GLU D 401 -74.87 -0.77 11.24
C GLU D 401 -75.10 0.29 10.17
N GLU D 402 -76.37 0.48 9.79
CA GLU D 402 -76.72 1.35 8.66
C GLU D 402 -76.73 2.80 9.12
N VAL D 403 -75.52 3.39 9.16
CA VAL D 403 -75.41 4.82 9.42
C VAL D 403 -75.82 5.58 8.17
N GLU D 404 -76.26 6.82 8.36
CA GLU D 404 -76.72 7.65 7.26
C GLU D 404 -75.77 8.83 7.09
N LEU D 405 -75.42 9.12 5.84
CA LEU D 405 -74.43 10.14 5.54
C LEU D 405 -74.97 11.53 5.90
N GLY D 406 -74.09 12.36 6.46
CA GLY D 406 -74.45 13.75 6.72
C GLY D 406 -74.79 14.50 5.45
N ARG D 407 -75.34 15.70 5.63
CA ARG D 407 -75.77 16.48 4.47
C ARG D 407 -74.59 16.94 3.64
N ILE D 408 -73.46 17.29 4.29
CA ILE D 408 -72.29 17.69 3.54
C ILE D 408 -71.69 16.47 2.83
N GLN D 409 -71.77 15.30 3.44
CA GLN D 409 -71.29 14.09 2.78
C GLN D 409 -72.16 13.74 1.58
N LYS D 410 -73.48 13.86 1.72
CA LYS D 410 -74.38 13.65 0.59
C LYS D 410 -74.08 14.63 -0.54
N ILE D 411 -73.89 15.90 -0.20
CA ILE D 411 -73.65 16.92 -1.22
C ILE D 411 -72.32 16.67 -1.92
N SER D 412 -71.28 16.35 -1.16
CA SER D 412 -69.98 16.07 -1.77
C SER D 412 -70.04 14.82 -2.63
N GLY D 413 -70.81 13.80 -2.21
CA GLY D 413 -70.97 12.63 -3.03
C GLY D 413 -71.69 12.93 -4.34
N ALA D 414 -72.72 13.76 -4.28
CA ALA D 414 -73.42 14.14 -5.50
C ALA D 414 -72.50 14.95 -6.42
N ASN D 415 -71.72 15.86 -5.85
CA ASN D 415 -70.80 16.65 -6.66
C ASN D 415 -69.75 15.78 -7.33
N LEU D 416 -69.20 14.82 -6.59
CA LEU D 416 -68.19 13.94 -7.17
C LEU D 416 -68.80 12.99 -8.19
N SER D 417 -70.02 12.53 -7.97
CA SER D 417 -70.67 11.67 -8.95
C SER D 417 -71.11 12.43 -10.18
N ARG D 418 -71.22 13.76 -10.10
CA ARG D 418 -71.42 14.55 -11.31
C ARG D 418 -70.09 14.78 -12.03
N ASN D 419 -69.04 15.12 -11.28
CA ASN D 419 -67.75 15.37 -11.89
C ASN D 419 -67.19 14.12 -12.55
N TRP D 420 -67.47 12.94 -11.99
CA TRP D 420 -66.96 11.71 -12.59
C TRP D 420 -67.60 11.46 -13.95
N VAL D 421 -68.91 11.63 -14.06
CA VAL D 421 -69.60 11.35 -15.30
C VAL D 421 -69.31 12.43 -16.34
N MET D 422 -69.51 13.70 -15.97
CA MET D 422 -69.48 14.77 -16.96
C MET D 422 -68.09 15.17 -17.40
N ILE D 423 -67.04 14.74 -16.71
CA ILE D 423 -65.68 15.15 -17.01
C ILE D 423 -64.90 13.93 -17.46
N PRO D 424 -64.34 13.91 -18.67
CA PRO D 424 -63.38 12.86 -19.03
C PRO D 424 -62.01 13.15 -18.41
N HIS D 425 -61.66 12.41 -17.37
CA HIS D 425 -60.43 12.68 -16.64
C HIS D 425 -59.24 12.04 -17.34
N VAL D 426 -58.11 12.75 -17.33
CA VAL D 426 -56.83 12.15 -17.69
C VAL D 426 -55.81 12.61 -16.66
N THR D 427 -55.02 11.66 -16.16
CA THR D 427 -54.11 11.91 -15.06
C THR D 427 -52.68 11.70 -15.52
N HIS D 428 -51.88 12.75 -15.50
CA HIS D 428 -50.46 12.68 -15.82
C HIS D 428 -49.66 12.71 -14.53
N PHE D 429 -48.86 11.67 -14.30
CA PHE D 429 -48.03 11.64 -13.10
C PHE D 429 -46.65 12.19 -13.42
N ASP D 430 -45.97 12.69 -12.39
CA ASP D 430 -44.66 13.26 -12.58
C ASP D 430 -43.94 13.30 -11.25
N LYS D 431 -42.63 13.50 -11.30
CA LYS D 431 -41.79 13.61 -10.12
C LYS D 431 -40.90 14.82 -10.26
N THR D 432 -40.83 15.63 -9.21
CA THR D 432 -40.12 16.91 -9.24
C THR D 432 -38.96 16.88 -8.25
N ASP D 433 -37.78 17.22 -8.73
CA ASP D 433 -36.59 17.26 -7.88
C ASP D 433 -36.64 18.52 -7.03
N ILE D 434 -36.99 18.36 -5.74
CA ILE D 434 -37.19 19.51 -4.88
C ILE D 434 -36.17 19.53 -3.75
N THR D 435 -34.97 19.01 -4.02
CA THR D 435 -33.91 19.05 -3.00
C THR D 435 -33.53 20.49 -2.68
N GLU D 436 -33.25 21.29 -3.71
CA GLU D 436 -32.92 22.69 -3.49
C GLU D 436 -34.10 23.44 -2.87
N LEU D 437 -35.32 23.13 -3.30
CA LEU D 437 -36.49 23.80 -2.74
C LEU D 437 -36.66 23.48 -1.27
N GLU D 438 -36.41 22.23 -0.88
CA GLU D 438 -36.56 21.85 0.52
C GLU D 438 -35.45 22.47 1.38
N ALA D 439 -34.22 22.48 0.87
CA ALA D 439 -33.14 23.15 1.58
C ALA D 439 -33.46 24.63 1.79
N PHE D 440 -33.96 25.29 0.74
CA PHE D 440 -34.28 26.71 0.84
C PHE D 440 -35.45 26.94 1.77
N ARG D 441 -36.43 26.04 1.79
CA ARG D 441 -37.56 26.20 2.68
C ARG D 441 -37.15 26.03 4.13
N LYS D 442 -36.28 25.06 4.42
CA LYS D 442 -35.77 24.92 5.78
C LYS D 442 -34.94 26.13 6.18
N GLN D 443 -34.11 26.65 5.27
CA GLN D 443 -33.32 27.84 5.58
C GLN D 443 -34.22 29.04 5.88
N GLN D 444 -35.28 29.21 5.10
CA GLN D 444 -36.18 30.33 5.34
C GLN D 444 -37.05 30.13 6.57
N ASN D 445 -37.32 28.88 6.94
CA ASN D 445 -38.04 28.64 8.19
C ASN D 445 -37.16 28.94 9.39
N GLU D 446 -35.86 28.66 9.29
CA GLU D 446 -34.93 29.10 10.32
C GLU D 446 -34.84 30.62 10.38
N GLU D 447 -34.56 31.24 9.22
CA GLU D 447 -34.38 32.69 9.19
C GLU D 447 -35.64 33.45 9.61
N ALA D 448 -36.81 32.91 9.31
CA ALA D 448 -38.06 33.52 9.75
C ALA D 448 -38.37 33.22 11.21
N ALA D 449 -37.53 32.44 11.89
CA ALA D 449 -37.66 32.18 13.32
C ALA D 449 -36.75 33.10 14.13
N LYS D 450 -35.45 33.11 13.82
CA LYS D 450 -34.53 33.99 14.53
C LYS D 450 -34.79 35.47 14.24
N ARG D 451 -35.71 35.79 13.34
CA ARG D 451 -36.14 37.17 13.13
C ARG D 451 -37.56 37.42 13.63
N LYS D 452 -38.15 36.44 14.31
CA LYS D 452 -39.44 36.60 14.99
C LYS D 452 -40.53 37.08 14.05
N LEU D 453 -40.79 36.28 13.01
CA LEU D 453 -41.91 36.55 12.11
C LEU D 453 -43.15 35.74 12.44
N ASP D 454 -43.02 34.65 13.22
CA ASP D 454 -44.12 33.78 13.57
C ASP D 454 -44.85 33.29 12.31
N VAL D 455 -44.08 32.76 11.38
CA VAL D 455 -44.62 32.20 10.14
C VAL D 455 -43.94 30.85 9.90
N LYS D 456 -44.70 29.90 9.37
CA LYS D 456 -44.20 28.57 9.04
C LYS D 456 -44.42 28.34 7.57
N ILE D 457 -43.34 28.15 6.82
CA ILE D 457 -43.40 28.03 5.37
C ILE D 457 -43.49 26.55 5.02
N THR D 458 -44.68 26.11 4.64
CA THR D 458 -44.96 24.75 4.25
C THR D 458 -44.53 24.52 2.80
N PRO D 459 -44.31 23.27 2.40
CA PRO D 459 -43.99 22.99 0.99
C PRO D 459 -45.15 23.25 0.03
N VAL D 460 -46.31 23.64 0.53
CA VAL D 460 -47.46 23.83 -0.33
C VAL D 460 -47.50 25.22 -0.96
N VAL D 461 -46.92 26.23 -0.31
CA VAL D 461 -46.96 27.57 -0.89
C VAL D 461 -46.06 27.65 -2.11
N PHE D 462 -44.94 26.92 -2.11
CA PHE D 462 -44.12 26.85 -3.32
C PHE D 462 -44.89 26.21 -4.46
N ILE D 463 -45.71 25.21 -4.16
CA ILE D 463 -46.51 24.57 -5.20
C ILE D 463 -47.60 25.52 -5.68
N MET D 464 -48.16 26.32 -4.77
CA MET D 464 -49.15 27.32 -5.19
C MET D 464 -48.51 28.34 -6.14
N LYS D 465 -47.30 28.77 -5.83
CA LYS D 465 -46.61 29.71 -6.70
C LYS D 465 -46.27 29.08 -8.04
N ALA D 466 -45.83 27.82 -8.03
CA ALA D 466 -45.51 27.13 -9.28
C ALA D 466 -46.75 26.96 -10.14
N VAL D 467 -47.88 26.63 -9.52
CA VAL D 467 -49.11 26.45 -10.29
C VAL D 467 -49.62 27.79 -10.81
N ALA D 468 -49.44 28.86 -10.03
CA ALA D 468 -49.82 30.19 -10.52
C ALA D 468 -48.97 30.59 -11.71
N ALA D 469 -47.67 30.30 -11.65
CA ALA D 469 -46.80 30.55 -12.81
C ALA D 469 -47.26 29.73 -14.02
N ALA D 470 -47.58 28.45 -13.80
CA ALA D 470 -48.01 27.61 -14.91
C ALA D 470 -49.33 28.07 -15.50
N LEU D 471 -50.21 28.63 -14.67
CA LEU D 471 -51.46 29.17 -15.19
C LEU D 471 -51.22 30.48 -15.94
N GLU D 472 -50.19 31.24 -15.54
CA GLU D 472 -49.79 32.40 -16.32
C GLU D 472 -49.28 31.99 -17.69
N GLN D 473 -48.45 30.96 -17.75
CA GLN D 473 -47.86 30.55 -19.02
C GLN D 473 -48.86 29.84 -19.91
N MET D 474 -49.66 28.94 -19.34
CA MET D 474 -50.66 28.20 -20.11
C MET D 474 -52.06 28.61 -19.66
N PRO D 475 -52.59 29.71 -20.19
CA PRO D 475 -53.90 30.21 -19.70
C PRO D 475 -55.07 29.31 -20.05
N ARG D 476 -54.88 28.30 -20.90
CA ARG D 476 -55.95 27.36 -21.19
C ARG D 476 -56.33 26.55 -19.95
N PHE D 477 -55.41 26.36 -19.03
CA PHE D 477 -55.70 25.63 -17.80
C PHE D 477 -56.49 26.46 -16.79
N ASN D 478 -56.49 27.78 -16.95
CA ASN D 478 -57.29 28.66 -16.09
C ASN D 478 -58.61 28.98 -16.79
N SER D 479 -59.40 27.92 -16.98
CA SER D 479 -60.62 28.00 -17.78
C SER D 479 -61.76 27.34 -17.02
N SER D 480 -62.90 27.23 -17.69
CA SER D 480 -64.08 26.56 -17.14
C SER D 480 -65.09 26.39 -18.28
N LEU D 481 -65.69 25.22 -18.33
CA LEU D 481 -66.69 24.91 -19.35
C LEU D 481 -68.09 25.24 -18.86
N SER D 482 -69.02 25.25 -19.79
CA SER D 482 -70.42 25.51 -19.48
C SER D 482 -71.17 24.20 -19.25
N GLU D 483 -72.47 24.35 -18.97
CA GLU D 483 -73.34 23.19 -18.76
C GLU D 483 -73.28 22.24 -19.96
N ASP D 484 -73.44 22.79 -21.17
CA ASP D 484 -73.40 21.98 -22.39
C ASP D 484 -71.98 21.65 -22.86
N GLY D 485 -70.96 22.29 -22.30
CA GLY D 485 -69.59 22.03 -22.73
C GLY D 485 -69.27 22.54 -24.11
N GLN D 486 -69.77 23.73 -24.46
CA GLN D 486 -69.53 24.32 -25.77
C GLN D 486 -68.87 25.69 -25.72
N ARG D 487 -68.89 26.38 -24.59
CA ARG D 487 -68.30 27.70 -24.45
C ARG D 487 -67.32 27.68 -23.28
N LEU D 488 -66.06 28.00 -23.56
CA LEU D 488 -65.06 28.10 -22.51
C LEU D 488 -65.13 29.48 -21.86
N THR D 489 -64.54 29.58 -20.66
CA THR D 489 -64.49 30.83 -19.92
C THR D 489 -63.04 31.04 -19.48
N LEU D 490 -62.25 31.65 -20.34
CA LEU D 490 -60.85 31.90 -20.04
C LEU D 490 -60.76 32.96 -18.94
N LYS D 491 -60.43 32.54 -17.73
CA LYS D 491 -60.26 33.47 -16.63
C LYS D 491 -58.88 34.13 -16.71
N LYS D 492 -58.82 35.39 -16.28
CA LYS D 492 -57.57 36.12 -16.25
C LYS D 492 -56.99 36.24 -14.85
N TYR D 493 -57.80 36.08 -13.81
CA TYR D 493 -57.30 36.03 -12.46
C TYR D 493 -56.81 34.61 -12.15
N ILE D 494 -56.03 34.49 -11.08
CA ILE D 494 -55.43 33.21 -10.68
C ILE D 494 -55.70 33.04 -9.20
N ASN D 495 -56.78 32.34 -8.86
CA ASN D 495 -57.04 31.89 -7.51
C ASN D 495 -56.84 30.39 -7.45
N ILE D 496 -56.35 29.90 -6.32
CA ILE D 496 -56.01 28.49 -6.17
C ILE D 496 -56.59 27.98 -4.88
N GLY D 497 -57.44 26.96 -4.96
CA GLY D 497 -57.89 26.28 -3.77
C GLY D 497 -56.85 25.27 -3.32
N VAL D 498 -56.73 25.11 -2.01
CA VAL D 498 -55.77 24.20 -1.42
C VAL D 498 -56.52 23.31 -0.44
N ALA D 499 -56.62 22.02 -0.77
CA ALA D 499 -57.43 21.10 0.03
C ALA D 499 -56.82 20.96 1.42
N VAL D 500 -57.51 21.50 2.42
CA VAL D 500 -57.15 21.37 3.82
C VAL D 500 -57.97 20.24 4.43
N ASP D 501 -57.37 19.52 5.37
CA ASP D 501 -57.97 18.33 5.97
C ASP D 501 -58.53 18.71 7.34
N THR D 502 -59.82 18.97 7.40
CA THR D 502 -60.54 19.18 8.64
C THR D 502 -61.09 17.86 9.14
N PRO D 503 -61.46 17.77 10.43
CA PRO D 503 -62.06 16.53 10.96
C PRO D 503 -63.29 16.08 10.18
N ASN D 504 -63.88 16.99 9.40
CA ASN D 504 -65.04 16.68 8.57
C ASN D 504 -64.65 16.51 7.10
N GLY D 505 -63.49 15.93 6.84
CA GLY D 505 -63.06 15.69 5.47
C GLY D 505 -62.21 16.82 4.92
N LEU D 506 -62.08 16.80 3.60
CA LEU D 506 -61.28 17.79 2.90
C LEU D 506 -62.16 18.95 2.47
N VAL D 507 -61.81 20.16 2.90
CA VAL D 507 -62.47 21.37 2.43
C VAL D 507 -61.45 22.16 1.62
N VAL D 508 -61.91 22.84 0.58
CA VAL D 508 -60.99 23.56 -0.30
C VAL D 508 -61.16 25.05 -0.11
N PRO D 509 -60.31 25.70 0.68
CA PRO D 509 -60.30 27.17 0.71
C PRO D 509 -59.48 27.73 -0.44
N VAL D 510 -59.94 28.87 -0.93
CA VAL D 510 -59.40 29.49 -2.14
C VAL D 510 -58.54 30.69 -1.75
N PHE D 511 -57.33 30.76 -2.28
CA PHE D 511 -56.43 31.89 -2.09
C PHE D 511 -56.40 32.70 -3.38
N LYS D 512 -56.60 34.01 -3.25
CA LYS D 512 -56.81 34.87 -4.41
C LYS D 512 -55.51 35.51 -4.86
N ASP D 513 -55.39 35.70 -6.17
CA ASP D 513 -54.27 36.41 -6.79
C ASP D 513 -52.93 35.84 -6.35
N VAL D 514 -52.84 34.51 -6.41
CA VAL D 514 -51.60 33.83 -6.01
C VAL D 514 -50.44 34.26 -6.89
N ASN D 515 -50.71 34.67 -8.13
CA ASN D 515 -49.64 35.04 -9.04
C ASN D 515 -48.87 36.26 -8.59
N LYS D 516 -49.48 37.11 -7.76
CA LYS D 516 -48.86 38.36 -7.32
C LYS D 516 -48.22 38.23 -5.94
N LYS D 517 -48.94 37.64 -4.99
CA LYS D 517 -48.47 37.58 -3.61
C LYS D 517 -47.17 36.79 -3.49
N GLY D 518 -46.38 37.13 -2.48
CA GLY D 518 -45.14 36.45 -2.22
C GLY D 518 -45.34 35.22 -1.35
N ILE D 519 -44.27 34.45 -1.19
CA ILE D 519 -44.38 33.19 -0.47
C ILE D 519 -44.62 33.40 1.02
N ILE D 520 -44.12 34.49 1.59
CA ILE D 520 -44.38 34.72 3.01
C ILE D 520 -45.79 35.21 3.26
N GLU D 521 -46.31 36.11 2.42
CA GLU D 521 -47.71 36.50 2.54
C GLU D 521 -48.64 35.32 2.32
N LEU D 522 -48.37 34.51 1.28
CA LEU D 522 -49.15 33.31 1.04
C LEU D 522 -49.03 32.33 2.20
N SER D 523 -47.86 32.24 2.82
CA SER D 523 -47.69 31.31 3.93
C SER D 523 -48.47 31.77 5.15
N ARG D 524 -48.53 33.07 5.38
CA ARG D 524 -49.37 33.59 6.46
C ARG D 524 -50.84 33.32 6.18
N GLU D 525 -51.29 33.60 4.94
CA GLU D 525 -52.66 33.30 4.57
C GLU D 525 -52.98 31.83 4.78
N LEU D 526 -52.07 30.95 4.36
CA LEU D 526 -52.32 29.51 4.48
C LEU D 526 -52.33 29.07 5.94
N MET D 527 -51.40 29.56 6.74
CA MET D 527 -51.38 29.21 8.16
C MET D 527 -52.63 29.70 8.87
N THR D 528 -53.18 30.84 8.45
CA THR D 528 -54.42 31.32 9.04
C THR D 528 -55.60 30.47 8.61
N ILE D 529 -55.76 30.26 7.30
CA ILE D 529 -56.97 29.62 6.80
C ILE D 529 -56.98 28.12 7.07
N SER D 530 -55.82 27.47 7.19
CA SER D 530 -55.80 26.07 7.57
C SER D 530 -56.43 25.88 8.95
N LYS D 531 -56.04 26.72 9.91
CA LYS D 531 -56.64 26.66 11.23
C LYS D 531 -58.09 27.09 11.20
N LYS D 532 -58.41 28.13 10.42
CA LYS D 532 -59.79 28.56 10.26
C LYS D 532 -60.68 27.44 9.77
N ALA D 533 -60.13 26.55 8.93
CA ALA D 533 -60.92 25.43 8.41
C ALA D 533 -60.97 24.28 9.41
N ARG D 534 -59.81 23.90 9.97
CA ARG D 534 -59.79 22.80 10.93
C ARG D 534 -60.61 23.10 12.17
N ASP D 535 -60.87 24.38 12.45
CA ASP D 535 -61.78 24.73 13.53
C ASP D 535 -63.23 24.82 13.09
N GLY D 536 -63.47 25.12 11.81
CA GLY D 536 -64.81 25.22 11.28
C GLY D 536 -65.28 26.64 11.02
N LYS D 537 -64.48 27.65 11.40
CA LYS D 537 -64.85 29.05 11.23
C LYS D 537 -64.55 29.58 9.84
N LEU D 538 -64.36 28.69 8.85
CA LEU D 538 -64.01 29.09 7.50
C LEU D 538 -65.10 29.93 6.85
N THR D 539 -64.80 31.18 6.55
CA THR D 539 -65.80 32.13 6.08
C THR D 539 -66.04 31.96 4.58
N ALA D 540 -67.27 32.22 4.15
CA ALA D 540 -67.59 32.15 2.74
C ALA D 540 -66.80 33.20 1.97
N GLY D 541 -66.58 32.94 0.69
CA GLY D 541 -65.66 33.77 -0.08
C GLY D 541 -64.24 33.29 0.08
N GLU D 542 -63.95 32.64 1.21
CA GLU D 542 -62.70 31.91 1.37
C GLU D 542 -62.83 30.47 0.91
N MET D 543 -63.92 30.12 0.22
CA MET D 543 -64.02 28.83 -0.46
C MET D 543 -64.69 28.98 -1.82
N GLN D 544 -64.71 30.20 -2.36
CA GLN D 544 -65.39 30.43 -3.68
C GLN D 544 -64.44 31.12 -4.66
N GLY D 545 -64.67 30.89 -5.96
CA GLY D 545 -63.88 31.49 -7.02
C GLY D 545 -62.49 30.92 -7.15
N GLY D 546 -62.38 29.59 -7.24
CA GLY D 546 -61.11 28.93 -7.44
C GLY D 546 -60.90 28.57 -8.90
N CYS D 547 -59.69 28.83 -9.39
CA CYS D 547 -59.32 28.53 -10.76
C CYS D 547 -58.59 27.20 -10.91
N PHE D 548 -58.17 26.61 -9.79
CA PHE D 548 -57.32 25.43 -9.78
C PHE D 548 -57.39 24.87 -8.37
N THR D 549 -56.99 23.61 -8.23
CA THR D 549 -57.01 22.96 -6.93
C THR D 549 -55.70 22.23 -6.71
N ILE D 550 -55.21 22.27 -5.48
CA ILE D 550 -54.02 21.54 -5.07
C ILE D 550 -54.41 20.68 -3.89
N SER D 551 -54.45 19.37 -4.09
CA SER D 551 -54.79 18.42 -3.05
C SER D 551 -53.49 17.75 -2.60
N SER D 552 -52.97 18.19 -1.46
CA SER D 552 -51.70 17.69 -0.94
C SER D 552 -51.99 16.66 0.15
N ILE D 553 -51.71 15.40 -0.15
CA ILE D 553 -51.82 14.32 0.81
C ILE D 553 -50.47 13.68 1.10
N GLY D 554 -49.39 14.41 0.82
CA GLY D 554 -48.05 13.88 1.04
C GLY D 554 -47.73 13.64 2.49
N GLY D 555 -48.45 14.28 3.41
CA GLY D 555 -48.25 14.01 4.82
C GLY D 555 -48.71 12.64 5.26
N LEU D 556 -49.40 11.92 4.40
CA LEU D 556 -49.98 10.63 4.75
C LEU D 556 -49.44 9.46 3.93
N GLY D 557 -48.97 9.69 2.70
CA GLY D 557 -48.43 8.60 1.90
C GLY D 557 -48.81 8.70 0.44
N THR D 558 -49.22 7.57 -0.13
CA THR D 558 -49.69 7.52 -1.54
C THR D 558 -48.64 8.14 -2.49
N THR D 559 -47.58 7.38 -2.78
CA THR D 559 -46.53 7.80 -3.69
C THR D 559 -47.05 8.38 -5.00
N HIS D 560 -48.28 8.02 -5.40
CA HIS D 560 -49.00 8.73 -6.44
C HIS D 560 -50.49 8.54 -6.19
N PHE D 561 -51.29 9.44 -6.77
CA PHE D 561 -52.73 9.24 -6.76
C PHE D 561 -53.36 10.09 -7.84
N ALA D 562 -54.53 9.64 -8.31
CA ALA D 562 -55.23 10.26 -9.43
C ALA D 562 -56.47 10.98 -8.91
N PRO D 563 -56.39 12.27 -8.61
CA PRO D 563 -57.54 12.97 -8.03
C PRO D 563 -58.67 13.16 -9.03
N ILE D 564 -59.78 13.70 -8.57
CA ILE D 564 -60.93 14.00 -9.41
C ILE D 564 -60.97 15.50 -9.63
N VAL D 565 -61.18 15.91 -10.89
CA VAL D 565 -61.25 17.33 -11.23
C VAL D 565 -62.35 17.98 -10.40
N ASN D 566 -62.03 19.15 -9.84
CA ASN D 566 -62.95 19.87 -8.98
C ASN D 566 -63.75 20.85 -9.83
N ALA D 567 -64.87 20.38 -10.37
CA ALA D 567 -65.73 21.23 -11.23
C ALA D 567 -66.09 22.50 -10.45
N PRO D 568 -66.26 23.68 -11.11
CA PRO D 568 -66.21 23.80 -12.56
C PRO D 568 -64.81 24.07 -13.13
N GLU D 569 -63.78 23.74 -12.37
CA GLU D 569 -62.42 23.89 -12.87
C GLU D 569 -62.14 22.80 -13.91
N VAL D 570 -60.94 22.85 -14.49
CA VAL D 570 -60.56 21.91 -15.54
C VAL D 570 -59.36 21.07 -15.16
N ALA D 571 -58.76 21.31 -14.00
CA ALA D 571 -57.58 20.55 -13.61
C ALA D 571 -57.46 20.55 -12.10
N ILE D 572 -56.64 19.62 -11.60
CA ILE D 572 -56.33 19.53 -10.18
C ILE D 572 -54.98 18.86 -10.04
N LEU D 573 -54.15 19.39 -9.15
CA LEU D 573 -52.80 18.88 -8.92
C LEU D 573 -52.79 18.18 -7.57
N GLY D 574 -52.61 16.86 -7.58
CA GLY D 574 -52.43 16.12 -6.36
C GLY D 574 -50.95 15.98 -6.06
N VAL D 575 -50.60 16.12 -4.79
CA VAL D 575 -49.22 16.08 -4.34
C VAL D 575 -49.05 14.92 -3.37
N SER D 576 -47.95 14.21 -3.49
CA SER D 576 -47.70 13.00 -2.73
C SER D 576 -46.50 13.20 -1.81
N LYS D 577 -46.08 12.13 -1.16
CA LYS D 577 -45.01 12.21 -0.17
C LYS D 577 -43.66 12.30 -0.86
N SER D 578 -42.85 13.26 -0.44
CA SER D 578 -41.50 13.39 -0.96
C SER D 578 -40.64 12.22 -0.50
N ALA D 579 -39.86 11.66 -1.42
CA ALA D 579 -39.00 10.55 -1.09
C ALA D 579 -37.63 10.77 -1.70
N MET D 580 -36.60 10.29 -1.01
CA MET D 580 -35.23 10.40 -1.50
C MET D 580 -34.96 9.27 -2.48
N GLU D 581 -34.81 9.62 -3.75
CA GLU D 581 -34.60 8.66 -4.82
C GLU D 581 -33.29 8.95 -5.55
N PRO D 582 -32.68 7.95 -6.17
CA PRO D 582 -31.50 8.21 -6.99
C PRO D 582 -31.89 8.82 -8.32
N VAL D 583 -31.10 9.81 -8.74
CA VAL D 583 -31.35 10.52 -9.99
C VAL D 583 -30.06 10.50 -10.81
N TRP D 584 -30.20 10.24 -12.10
CA TRP D 584 -29.05 10.16 -13.01
C TRP D 584 -28.56 11.57 -13.31
N ASN D 585 -27.38 11.91 -12.82
CA ASN D 585 -26.80 13.21 -13.11
C ASN D 585 -26.01 13.22 -14.41
N GLY D 586 -26.00 12.12 -15.15
CA GLY D 586 -25.21 11.98 -16.36
C GLY D 586 -24.08 10.98 -16.23
N LYS D 587 -23.55 10.79 -15.03
CA LYS D 587 -22.50 9.81 -14.81
C LYS D 587 -22.70 8.95 -13.57
N GLU D 588 -23.59 9.31 -12.66
CA GLU D 588 -23.82 8.52 -11.46
C GLU D 588 -25.20 8.84 -10.92
N PHE D 589 -25.56 8.17 -9.83
CA PHE D 589 -26.88 8.33 -9.21
C PHE D 589 -26.73 9.18 -7.96
N VAL D 590 -27.09 10.45 -8.06
CA VAL D 590 -27.07 11.35 -6.90
C VAL D 590 -28.39 11.20 -6.15
N PRO D 591 -28.37 11.14 -4.82
CA PRO D 591 -29.64 11.03 -4.09
C PRO D 591 -30.36 12.36 -4.00
N ARG D 592 -31.43 12.52 -4.78
CA ARG D 592 -32.23 13.73 -4.73
C ARG D 592 -33.53 13.45 -4.00
N LEU D 593 -34.30 14.50 -3.76
CA LEU D 593 -35.56 14.39 -3.04
C LEU D 593 -36.69 14.69 -4.01
N MET D 594 -37.30 13.63 -4.54
CA MET D 594 -38.33 13.77 -5.55
C MET D 594 -39.71 13.82 -4.89
N LEU D 595 -40.52 14.78 -5.33
CA LEU D 595 -41.89 14.97 -4.89
C LEU D 595 -42.81 14.52 -6.00
N PRO D 596 -43.64 13.51 -5.80
CA PRO D 596 -44.52 13.02 -6.87
C PRO D 596 -45.79 13.86 -6.96
N ILE D 597 -45.97 14.54 -8.08
CA ILE D 597 -47.18 15.28 -8.36
C ILE D 597 -47.98 14.52 -9.41
N SER D 598 -49.24 14.91 -9.57
CA SER D 598 -50.12 14.25 -10.52
C SER D 598 -51.20 15.23 -10.93
N LEU D 599 -51.21 15.59 -12.21
CA LEU D 599 -52.19 16.53 -12.75
C LEU D 599 -53.33 15.74 -13.36
N SER D 600 -54.51 15.81 -12.74
CA SER D 600 -55.71 15.20 -13.29
C SER D 600 -56.56 16.31 -13.90
N PHE D 601 -56.83 16.22 -15.20
CA PHE D 601 -57.48 17.32 -15.88
C PHE D 601 -58.62 16.83 -16.75
N ASP D 602 -59.52 17.76 -17.05
CA ASP D 602 -60.63 17.52 -17.96
C ASP D 602 -60.11 17.44 -19.39
N HIS D 603 -60.41 16.31 -20.04
CA HIS D 603 -59.93 16.05 -21.43
C HIS D 603 -60.72 16.87 -22.46
N ARG D 604 -61.89 17.39 -22.10
CA ARG D 604 -62.67 18.16 -23.06
C ARG D 604 -62.00 19.50 -23.36
N VAL D 605 -61.44 20.13 -22.34
CA VAL D 605 -60.75 21.41 -22.52
C VAL D 605 -59.29 21.19 -22.92
N ILE D 606 -58.59 20.35 -22.17
CA ILE D 606 -57.16 20.15 -22.33
C ILE D 606 -56.93 18.78 -22.97
N ASP D 607 -55.90 18.67 -23.78
CA ASP D 607 -55.50 17.39 -24.35
C ASP D 607 -54.23 16.90 -23.65
N GLY D 608 -53.80 15.69 -24.00
CA GLY D 608 -52.67 15.09 -23.32
C GLY D 608 -51.40 15.92 -23.43
N ALA D 609 -51.17 16.53 -24.60
CA ALA D 609 -49.97 17.31 -24.79
C ALA D 609 -49.96 18.58 -23.94
N ASP D 610 -51.10 19.25 -23.84
CA ASP D 610 -51.17 20.45 -23.02
C ASP D 610 -51.01 20.10 -21.55
N GLY D 611 -51.62 19.01 -21.10
CA GLY D 611 -51.38 18.54 -19.74
C GLY D 611 -49.92 18.22 -19.50
N ALA D 612 -49.26 17.63 -20.49
CA ALA D 612 -47.84 17.33 -20.37
C ALA D 612 -47.02 18.60 -20.21
N ARG D 613 -47.28 19.59 -21.06
CA ARG D 613 -46.55 20.86 -20.97
C ARG D 613 -46.82 21.55 -19.64
N PHE D 614 -48.06 21.48 -19.16
CA PHE D 614 -48.40 22.14 -17.90
C PHE D 614 -47.68 21.48 -16.73
N ILE D 615 -47.74 20.15 -16.65
CA ILE D 615 -47.10 19.48 -15.53
C ILE D 615 -45.58 19.58 -15.63
N THR D 616 -45.04 19.72 -16.84
CA THR D 616 -43.60 19.89 -16.92
C THR D 616 -43.19 21.32 -16.60
N ILE D 617 -44.08 22.30 -16.82
CA ILE D 617 -43.83 23.65 -16.34
C ILE D 617 -43.79 23.66 -14.81
N ILE D 618 -44.76 22.99 -14.19
CA ILE D 618 -44.75 22.88 -12.73
C ILE D 618 -43.51 22.17 -12.25
N ASN D 619 -43.12 21.09 -12.93
CA ASN D 619 -41.94 20.33 -12.55
C ASN D 619 -40.68 21.18 -12.65
N ASN D 620 -40.56 21.97 -13.73
CA ASN D 620 -39.39 22.83 -13.88
C ASN D 620 -39.38 23.93 -12.84
N THR D 621 -40.53 24.54 -12.57
CA THR D 621 -40.60 25.63 -11.59
C THR D 621 -40.22 25.13 -10.20
N LEU D 622 -40.82 24.03 -9.77
CA LEU D 622 -40.50 23.50 -8.45
C LEU D 622 -39.11 22.87 -8.39
N SER D 623 -38.57 22.46 -9.54
CA SER D 623 -37.22 21.89 -9.56
C SER D 623 -36.17 22.96 -9.30
N ASP D 624 -36.39 24.17 -9.82
CA ASP D 624 -35.52 25.32 -9.59
C ASP D 624 -36.42 26.52 -9.37
N ILE D 625 -36.72 26.83 -8.11
CA ILE D 625 -37.71 27.84 -7.79
C ILE D 625 -37.32 29.23 -8.25
N ARG D 626 -36.05 29.44 -8.59
CA ARG D 626 -35.62 30.74 -9.12
C ARG D 626 -36.37 31.12 -10.38
N ARG D 627 -36.95 30.16 -11.09
CA ARG D 627 -37.74 30.47 -12.27
C ARG D 627 -39.03 31.23 -11.94
N LEU D 628 -39.31 31.50 -10.67
CA LEU D 628 -40.46 32.33 -10.35
C LEU D 628 -40.18 33.82 -10.50
N VAL D 629 -38.91 34.22 -10.58
CA VAL D 629 -38.58 35.62 -10.76
C VAL D 629 -38.47 36.01 -12.23
N MET D 630 -38.26 35.04 -13.11
CA MET D 630 -38.14 35.31 -14.54
C MET D 630 -39.48 35.70 -15.15
N GLU E 208 -86.05 -31.65 2.53
CA GLU E 208 -86.20 -30.40 1.78
C GLU E 208 -84.83 -29.91 1.36
N VAL E 209 -84.59 -29.82 0.06
CA VAL E 209 -83.33 -29.29 -0.49
C VAL E 209 -83.72 -28.17 -1.46
N ASN E 210 -83.77 -26.95 -0.95
CA ASN E 210 -83.93 -25.78 -1.81
C ASN E 210 -82.57 -25.46 -2.45
N VAL E 211 -82.44 -24.27 -3.01
CA VAL E 211 -81.11 -23.76 -3.31
C VAL E 211 -80.58 -23.17 -2.01
N PRO E 212 -79.33 -23.46 -1.63
CA PRO E 212 -78.85 -23.04 -0.31
C PRO E 212 -78.54 -21.57 -0.23
N ASP E 213 -77.88 -21.01 -1.25
CA ASP E 213 -77.54 -19.57 -1.11
C ASP E 213 -77.22 -18.87 -2.45
N ILE E 214 -78.22 -18.16 -2.99
CA ILE E 214 -78.05 -17.28 -4.14
C ILE E 214 -78.60 -15.91 -3.74
N GLY E 215 -77.85 -14.86 -4.06
CA GLY E 215 -78.18 -13.53 -3.61
C GLY E 215 -79.51 -12.99 -4.11
N GLY E 216 -80.20 -13.72 -4.99
CA GLY E 216 -81.49 -13.29 -5.47
C GLY E 216 -81.54 -13.09 -6.97
N ASP E 217 -80.67 -13.78 -7.69
CA ASP E 217 -80.63 -13.73 -9.15
C ASP E 217 -81.20 -15.02 -9.71
N GLU E 218 -81.91 -14.89 -10.84
CA GLU E 218 -82.48 -16.05 -11.51
C GLU E 218 -81.37 -16.79 -12.26
N VAL E 219 -81.05 -17.99 -11.81
CA VAL E 219 -79.92 -18.76 -12.34
C VAL E 219 -80.46 -19.94 -13.14
N GLU E 220 -79.81 -20.21 -14.27
CA GLU E 220 -80.22 -21.27 -15.18
C GLU E 220 -79.37 -22.51 -14.95
N VAL E 221 -80.02 -23.65 -14.71
CA VAL E 221 -79.30 -24.89 -14.46
C VAL E 221 -78.53 -25.31 -15.71
N THR E 222 -77.41 -26.01 -15.49
CA THR E 222 -76.65 -26.64 -16.56
C THR E 222 -76.79 -28.15 -16.54
N GLU E 223 -76.57 -28.80 -15.40
CA GLU E 223 -76.73 -30.25 -15.27
C GLU E 223 -76.78 -30.61 -13.79
N VAL E 224 -77.03 -31.89 -13.52
CA VAL E 224 -77.12 -32.41 -12.16
C VAL E 224 -75.99 -33.41 -11.95
N MET E 225 -75.76 -33.75 -10.68
CA MET E 225 -74.63 -34.57 -10.28
C MET E 225 -75.03 -35.93 -9.73
N VAL E 226 -76.32 -36.26 -9.68
CA VAL E 226 -76.78 -37.40 -8.90
C VAL E 226 -77.46 -38.45 -9.78
N LYS E 227 -77.89 -39.54 -9.16
CA LYS E 227 -78.59 -40.63 -9.80
C LYS E 227 -79.85 -40.97 -9.01
N VAL E 228 -80.84 -41.54 -9.69
CA VAL E 228 -82.04 -42.02 -9.00
C VAL E 228 -81.65 -43.24 -8.17
N GLY E 229 -81.65 -43.08 -6.85
CA GLY E 229 -81.19 -44.11 -5.93
C GLY E 229 -79.88 -43.76 -5.24
N ASP E 230 -79.06 -42.92 -5.84
CA ASP E 230 -77.80 -42.49 -5.21
C ASP E 230 -78.09 -41.74 -3.91
N LYS E 231 -77.14 -41.79 -2.99
CA LYS E 231 -77.19 -41.01 -1.76
C LYS E 231 -75.95 -40.13 -1.70
N VAL E 232 -76.14 -38.88 -1.28
CA VAL E 232 -75.14 -37.84 -1.40
C VAL E 232 -74.51 -37.58 -0.04
N ALA E 233 -73.26 -37.11 -0.06
CA ALA E 233 -72.48 -36.93 1.16
C ALA E 233 -72.91 -35.64 1.87
N ALA E 234 -72.10 -35.21 2.84
CA ALA E 234 -72.45 -34.08 3.69
C ALA E 234 -72.61 -32.80 2.88
N GLU E 235 -71.53 -32.39 2.22
CA GLU E 235 -71.56 -31.15 1.39
C GLU E 235 -70.77 -31.38 0.10
N GLN E 236 -71.43 -31.92 -0.93
CA GLN E 236 -70.78 -32.15 -2.21
C GLN E 236 -71.71 -31.74 -3.33
N SER E 237 -71.24 -31.87 -4.57
CA SER E 237 -71.98 -31.36 -5.72
C SER E 237 -73.26 -32.16 -5.94
N LEU E 238 -74.34 -31.44 -6.23
CA LEU E 238 -75.61 -31.99 -6.68
C LEU E 238 -76.06 -31.43 -8.02
N ILE E 239 -75.84 -30.14 -8.24
CA ILE E 239 -76.37 -29.44 -9.41
C ILE E 239 -75.47 -28.26 -9.73
N THR E 240 -75.12 -28.10 -11.00
CA THR E 240 -74.37 -26.93 -11.43
C THR E 240 -75.33 -25.94 -12.08
N VAL E 241 -75.22 -24.67 -11.70
CA VAL E 241 -76.07 -23.61 -12.21
C VAL E 241 -75.19 -22.47 -12.71
N GLU E 242 -75.50 -21.98 -13.91
CA GLU E 242 -74.63 -21.03 -14.60
C GLU E 242 -75.17 -19.63 -14.36
N GLY E 243 -74.67 -18.98 -13.31
CA GLY E 243 -75.06 -17.63 -12.95
C GLY E 243 -74.08 -16.60 -13.48
N ASP E 244 -73.87 -15.55 -12.69
CA ASP E 244 -72.91 -14.52 -13.04
C ASP E 244 -71.52 -15.00 -12.64
CB LA2 E 245 -68.87 -14.49 -11.18
C LA2 E 245 -68.75 -15.93 -13.24
O LA2 E 245 -68.04 -16.01 -14.25
N LA2 E 245 -70.50 -14.21 -13.01
CA LA2 E 245 -69.09 -14.55 -12.69
O1 LA2 E 245 -66.62 -8.53 -11.69
C1 LA2 E 245 -66.14 -9.46 -11.04
NZ LA2 E 245 -66.72 -10.66 -11.00
CE LA2 E 245 -66.61 -11.60 -9.89
CD LA2 E 245 -67.02 -13.00 -10.28
CG LA2 E 245 -68.49 -13.12 -10.62
C2 LA2 E 245 -64.87 -9.29 -10.24
C3 LA2 E 245 -63.94 -8.27 -10.81
C4 LA2 E 245 -63.35 -7.33 -9.78
C5 LA2 E 245 -62.25 -6.41 -10.23
C6 LA2 E 245 -62.59 -5.52 -11.43
S6 LA2 E 245 -64.09 -4.53 -11.14
C7 LA2 E 245 -61.43 -4.68 -11.93
C8 LA2 E 245 -60.19 -5.50 -12.25
S8 LA2 E 245 -59.26 -4.87 -13.68
N ALA E 246 -69.25 -16.99 -12.59
CA ALA E 246 -69.00 -18.36 -13.03
C ALA E 246 -70.06 -19.34 -12.53
N SER E 247 -70.10 -20.52 -13.16
CA SER E 247 -71.06 -21.54 -12.78
C SER E 247 -70.73 -22.10 -11.40
N MET E 248 -71.76 -22.31 -10.59
CA MET E 248 -71.62 -22.70 -9.20
C MET E 248 -72.29 -24.05 -8.95
N GLU E 249 -71.61 -24.89 -8.17
CA GLU E 249 -72.11 -26.22 -7.81
C GLU E 249 -72.75 -26.14 -6.43
N VAL E 250 -74.07 -26.36 -6.39
CA VAL E 250 -74.79 -26.35 -5.10
C VAL E 250 -74.29 -27.49 -4.23
N PRO E 251 -73.92 -27.23 -2.97
CA PRO E 251 -73.43 -28.30 -2.10
C PRO E 251 -74.59 -29.11 -1.53
N ALA E 252 -74.23 -30.12 -0.74
CA ALA E 252 -75.33 -30.85 -0.12
C ALA E 252 -75.64 -30.27 1.26
N PRO E 253 -76.91 -30.23 1.66
CA PRO E 253 -77.23 -29.83 3.03
C PRO E 253 -77.08 -30.95 4.04
N PHE E 254 -77.16 -32.20 3.62
CA PHE E 254 -77.16 -33.37 4.50
C PHE E 254 -76.99 -34.60 3.62
N ALA E 255 -77.04 -35.77 4.25
CA ALA E 255 -76.89 -37.06 3.53
C ALA E 255 -78.24 -37.80 3.42
N GLY E 256 -78.46 -38.49 2.30
CA GLY E 256 -79.68 -39.22 2.07
C GLY E 256 -79.83 -39.62 0.62
N VAL E 257 -80.56 -40.71 0.41
CA VAL E 257 -80.80 -41.24 -0.92
C VAL E 257 -81.85 -40.38 -1.62
N VAL E 258 -81.84 -40.48 -2.94
CA VAL E 258 -82.64 -39.60 -3.80
C VAL E 258 -84.10 -40.03 -3.79
N LYS E 259 -85.01 -39.04 -3.75
CA LYS E 259 -86.45 -39.24 -3.90
C LYS E 259 -87.07 -38.44 -5.03
N GLU E 260 -86.57 -37.23 -5.29
CA GLU E 260 -87.11 -36.32 -6.29
C GLU E 260 -86.02 -35.88 -7.24
N LEU E 261 -86.28 -36.00 -8.53
CA LEU E 261 -85.64 -35.14 -9.52
C LEU E 261 -86.54 -33.94 -9.80
N LYS E 262 -86.81 -33.19 -8.73
CA LYS E 262 -87.66 -32.02 -8.87
C LYS E 262 -87.02 -31.00 -9.81
N VAL E 263 -85.70 -30.95 -9.86
CA VAL E 263 -84.97 -30.20 -10.89
C VAL E 263 -84.45 -31.21 -11.92
N ASN E 264 -84.22 -30.73 -13.14
CA ASN E 264 -83.66 -31.54 -14.21
C ASN E 264 -82.51 -30.78 -14.88
N VAL E 265 -82.05 -31.31 -16.01
CA VAL E 265 -81.00 -30.67 -16.80
C VAL E 265 -81.64 -29.64 -17.72
N GLY E 266 -81.31 -28.37 -17.50
CA GLY E 266 -81.85 -27.28 -18.29
C GLY E 266 -82.84 -26.40 -17.56
N ASP E 267 -83.17 -26.77 -16.32
CA ASP E 267 -84.14 -26.02 -15.48
C ASP E 267 -83.58 -24.63 -15.14
N LYS E 268 -84.34 -23.87 -14.36
CA LYS E 268 -83.96 -22.52 -13.95
C LYS E 268 -84.62 -22.19 -12.61
N VAL E 269 -83.83 -21.69 -11.66
CA VAL E 269 -84.30 -21.36 -10.32
C VAL E 269 -83.86 -19.95 -9.98
N LYS E 270 -84.79 -19.14 -9.46
CA LYS E 270 -84.44 -17.81 -8.99
C LYS E 270 -83.99 -17.82 -7.53
N THR E 271 -84.70 -18.58 -6.68
CA THR E 271 -84.30 -18.65 -5.24
C THR E 271 -85.29 -19.52 -4.44
N GLY E 272 -84.74 -20.36 -3.56
CA GLY E 272 -85.51 -21.22 -2.67
C GLY E 272 -86.55 -22.11 -3.30
N SER E 273 -86.22 -22.77 -4.41
CA SER E 273 -87.11 -23.71 -5.06
C SER E 273 -86.70 -25.13 -4.71
N LEU E 274 -87.68 -25.96 -4.35
CA LEU E 274 -87.40 -27.33 -3.94
C LEU E 274 -86.93 -28.13 -5.16
N ILE E 275 -85.65 -28.52 -5.14
CA ILE E 275 -85.08 -29.30 -6.24
C ILE E 275 -84.81 -30.74 -5.85
N MET E 276 -84.64 -31.05 -4.57
CA MET E 276 -84.32 -32.41 -4.16
C MET E 276 -85.01 -32.73 -2.84
N ILE E 277 -85.49 -33.96 -2.74
CA ILE E 277 -85.96 -34.57 -1.49
C ILE E 277 -85.16 -35.85 -1.28
N PHE E 278 -84.78 -36.12 -0.04
CA PHE E 278 -83.88 -37.22 0.24
C PHE E 278 -84.48 -38.14 1.31
N GLU E 279 -83.71 -39.18 1.66
CA GLU E 279 -84.09 -40.13 2.69
C GLU E 279 -82.87 -40.44 3.54
N VAL E 280 -83.11 -40.72 4.82
CA VAL E 280 -82.05 -41.08 5.75
C VAL E 280 -82.63 -41.87 6.92
N PRO E 384 -76.65 13.33 -20.34
CA PRO E 384 -77.84 13.69 -21.11
C PRO E 384 -77.82 13.11 -22.52
N GLY E 385 -77.69 13.98 -23.52
CA GLY E 385 -77.61 13.55 -24.90
C GLY E 385 -76.18 13.46 -25.40
N MET E 386 -75.66 12.24 -25.45
CA MET E 386 -74.29 12.00 -25.91
C MET E 386 -74.31 11.45 -27.33
N LEU E 387 -73.16 11.55 -27.99
CA LEU E 387 -73.02 11.00 -29.32
C LEU E 387 -73.13 9.47 -29.27
N PRO E 388 -73.67 8.86 -30.32
CA PRO E 388 -73.73 7.40 -30.36
C PRO E 388 -72.36 6.79 -30.62
N TRP E 389 -72.30 5.47 -30.47
CA TRP E 389 -71.07 4.75 -30.72
C TRP E 389 -70.63 4.96 -32.17
N PRO E 390 -69.33 5.03 -32.44
CA PRO E 390 -68.87 5.30 -33.81
C PRO E 390 -69.27 4.21 -34.79
N LYS E 391 -70.17 4.54 -35.72
CA LYS E 391 -70.61 3.60 -36.74
C LYS E 391 -69.50 3.46 -37.77
N VAL E 392 -68.84 2.31 -37.79
CA VAL E 392 -67.72 2.06 -38.69
C VAL E 392 -67.96 0.75 -39.42
N ASP E 393 -67.67 0.73 -40.72
CA ASP E 393 -67.69 -0.48 -41.52
C ASP E 393 -66.33 -1.14 -41.37
N PHE E 394 -66.20 -2.01 -40.36
CA PHE E 394 -64.91 -2.58 -40.00
C PHE E 394 -64.36 -3.52 -41.06
N SER E 395 -65.16 -3.90 -42.07
CA SER E 395 -64.72 -4.83 -43.08
C SER E 395 -64.09 -4.15 -44.29
N LYS E 396 -64.25 -2.83 -44.43
CA LYS E 396 -63.66 -2.15 -45.58
C LYS E 396 -62.15 -1.97 -45.43
N PHE E 397 -61.59 -2.22 -44.24
CA PHE E 397 -60.15 -2.16 -44.05
C PHE E 397 -59.50 -3.52 -44.01
N GLY E 398 -60.27 -4.59 -43.81
CA GLY E 398 -59.71 -5.92 -43.77
C GLY E 398 -60.80 -6.93 -43.50
N GLU E 399 -60.36 -8.11 -43.03
CA GLU E 399 -61.26 -9.24 -42.68
C GLU E 399 -61.56 -9.17 -41.18
N ILE E 400 -62.83 -9.37 -40.81
CA ILE E 400 -63.26 -9.32 -39.42
C ILE E 400 -63.91 -10.66 -39.06
N GLU E 401 -64.31 -10.78 -37.80
CA GLU E 401 -65.02 -11.96 -37.32
C GLU E 401 -65.85 -11.54 -36.13
N GLU E 402 -67.15 -11.36 -36.34
CA GLU E 402 -68.04 -10.79 -35.33
C GLU E 402 -68.46 -11.89 -34.36
N VAL E 403 -67.58 -12.17 -33.40
CA VAL E 403 -67.92 -13.07 -32.31
C VAL E 403 -68.86 -12.35 -31.35
N GLU E 404 -69.66 -13.13 -30.63
CA GLU E 404 -70.62 -12.59 -29.68
C GLU E 404 -70.23 -12.97 -28.27
N LEU E 405 -70.30 -12.00 -27.36
CA LEU E 405 -69.84 -12.20 -26.00
C LEU E 405 -70.73 -13.20 -25.26
N GLY E 406 -70.12 -14.06 -24.46
CA GLY E 406 -70.88 -14.97 -23.62
C GLY E 406 -71.74 -14.22 -22.62
N ARG E 407 -72.63 -14.98 -21.97
CA ARG E 407 -73.57 -14.35 -21.04
C ARG E 407 -72.85 -13.81 -19.81
N ILE E 408 -71.82 -14.51 -19.34
CA ILE E 408 -71.06 -13.99 -18.20
C ILE E 408 -70.25 -12.77 -18.62
N GLN E 409 -69.76 -12.75 -19.85
CA GLN E 409 -69.05 -11.57 -20.33
C GLN E 409 -69.99 -10.38 -20.47
N LYS E 410 -71.19 -10.61 -21.01
CA LYS E 410 -72.18 -9.55 -21.07
C LYS E 410 -72.53 -9.02 -19.69
N ILE E 411 -72.73 -9.92 -18.73
CA ILE E 411 -73.12 -9.51 -17.39
C ILE E 411 -71.99 -8.73 -16.71
N SER E 412 -70.75 -9.20 -16.85
CA SER E 412 -69.62 -8.50 -16.27
C SER E 412 -69.43 -7.14 -16.93
N GLY E 413 -69.65 -7.05 -18.25
CA GLY E 413 -69.56 -5.76 -18.91
C GLY E 413 -70.62 -4.78 -18.43
N ALA E 414 -71.85 -5.27 -18.23
CA ALA E 414 -72.90 -4.41 -17.70
C ALA E 414 -72.56 -3.96 -16.27
N ASN E 415 -72.06 -4.87 -15.45
CA ASN E 415 -71.70 -4.52 -14.08
C ASN E 415 -70.58 -3.48 -14.06
N LEU E 416 -69.57 -3.64 -14.90
CA LEU E 416 -68.47 -2.68 -14.93
C LEU E 416 -68.92 -1.35 -15.51
N SER E 417 -69.82 -1.36 -16.49
CA SER E 417 -70.32 -0.12 -17.05
C SER E 417 -71.27 0.59 -16.10
N ARG E 418 -71.83 -0.12 -15.12
CA ARG E 418 -72.57 0.55 -14.06
C ARG E 418 -71.62 1.12 -13.01
N ASN E 419 -70.62 0.33 -12.60
CA ASN E 419 -69.68 0.79 -11.59
C ASN E 419 -68.87 1.99 -12.09
N TRP E 420 -68.58 2.05 -13.39
CA TRP E 420 -67.82 3.18 -13.90
C TRP E 420 -68.60 4.48 -13.81
N VAL E 421 -69.89 4.44 -14.17
CA VAL E 421 -70.69 5.65 -14.16
C VAL E 421 -71.05 6.05 -12.74
N MET E 422 -71.60 5.11 -11.97
CA MET E 422 -72.20 5.46 -10.68
C MET E 422 -71.18 5.71 -9.57
N ILE E 423 -69.92 5.34 -9.77
CA ILE E 423 -68.90 5.44 -8.73
C ILE E 423 -67.85 6.45 -9.19
N PRO E 424 -67.63 7.54 -8.45
CA PRO E 424 -66.47 8.38 -8.73
C PRO E 424 -65.19 7.75 -8.19
N HIS E 425 -64.36 7.20 -9.07
CA HIS E 425 -63.18 6.48 -8.63
C HIS E 425 -62.03 7.44 -8.35
N VAL E 426 -61.27 7.13 -7.31
CA VAL E 426 -59.98 7.77 -7.09
C VAL E 426 -58.98 6.68 -6.72
N THR E 427 -57.81 6.72 -7.35
CA THR E 427 -56.83 5.66 -7.23
C THR E 427 -55.56 6.23 -6.61
N HIS E 428 -55.20 5.72 -5.43
CA HIS E 428 -53.97 6.09 -4.75
C HIS E 428 -52.96 4.96 -4.94
N PHE E 429 -51.82 5.28 -5.52
CA PHE E 429 -50.79 4.28 -5.70
C PHE E 429 -49.80 4.33 -4.53
N ASP E 430 -49.13 3.22 -4.29
CA ASP E 430 -48.18 3.16 -3.19
C ASP E 430 -47.25 1.98 -3.42
N LYS E 431 -46.15 1.98 -2.67
CA LYS E 431 -45.15 0.92 -2.74
C LYS E 431 -44.81 0.49 -1.33
N THR E 432 -44.79 -0.82 -1.09
CA THR E 432 -44.62 -1.38 0.24
C THR E 432 -43.33 -2.19 0.30
N ASP E 433 -42.49 -1.90 1.28
CA ASP E 433 -41.23 -2.62 1.46
C ASP E 433 -41.54 -3.98 2.08
N ILE E 434 -41.50 -5.04 1.27
CA ILE E 434 -41.90 -6.37 1.73
C ILE E 434 -40.72 -7.33 1.71
N THR E 435 -39.51 -6.80 1.91
CA THR E 435 -38.34 -7.68 1.96
C THR E 435 -38.44 -8.64 3.14
N GLU E 436 -38.71 -8.11 4.33
CA GLU E 436 -38.87 -8.96 5.50
C GLU E 436 -40.05 -9.91 5.34
N LEU E 437 -41.14 -9.42 4.75
CA LEU E 437 -42.31 -10.28 4.56
C LEU E 437 -42.01 -11.41 3.61
N GLU E 438 -41.25 -11.14 2.55
CA GLU E 438 -40.93 -12.20 1.60
C GLU E 438 -39.96 -13.20 2.19
N ALA E 439 -38.96 -12.73 2.94
CA ALA E 439 -38.06 -13.65 3.63
C ALA E 439 -38.83 -14.53 4.59
N PHE E 440 -39.76 -13.96 5.35
CA PHE E 440 -40.53 -14.72 6.31
C PHE E 440 -41.46 -15.70 5.61
N ARG E 441 -42.02 -15.30 4.46
CA ARG E 441 -42.90 -16.21 3.73
C ARG E 441 -42.13 -17.39 3.15
N LYS E 442 -40.93 -17.14 2.63
CA LYS E 442 -40.10 -18.24 2.16
C LYS E 442 -39.70 -19.16 3.31
N GLN E 443 -39.34 -18.58 4.46
CA GLN E 443 -38.98 -19.40 5.62
C GLN E 443 -40.15 -20.26 6.07
N GLN E 444 -41.36 -19.70 6.08
CA GLN E 444 -42.52 -20.48 6.50
C GLN E 444 -42.95 -21.48 5.45
N ASN E 445 -42.66 -21.22 4.17
CA ASN E 445 -42.93 -22.23 3.15
C ASN E 445 -41.97 -23.40 3.27
N GLU E 446 -40.72 -23.13 3.64
CA GLU E 446 -39.80 -24.22 3.94
C GLU E 446 -40.26 -24.99 5.17
N GLU E 447 -40.48 -24.28 6.28
CA GLU E 447 -40.85 -24.94 7.53
C GLU E 447 -42.16 -25.71 7.42
N ALA E 448 -43.10 -25.21 6.62
CA ALA E 448 -44.34 -25.93 6.39
C ALA E 448 -44.18 -27.08 5.40
N ALA E 449 -42.99 -27.26 4.85
CA ALA E 449 -42.69 -28.41 3.99
C ALA E 449 -42.01 -29.53 4.76
N LYS E 450 -40.90 -29.23 5.45
CA LYS E 450 -40.22 -30.23 6.25
C LYS E 450 -41.06 -30.70 7.44
N ARG E 451 -42.22 -30.10 7.69
CA ARG E 451 -43.15 -30.59 8.71
C ARG E 451 -44.40 -31.20 8.09
N LYS E 452 -44.44 -31.34 6.76
CA LYS E 452 -45.49 -32.05 6.06
C LYS E 452 -46.88 -31.50 6.38
N LEU E 453 -47.06 -30.22 6.06
CA LEU E 453 -48.37 -29.58 6.18
C LEU E 453 -49.13 -29.53 4.87
N ASP E 454 -48.45 -29.68 3.73
CA ASP E 454 -49.05 -29.60 2.40
C ASP E 454 -49.83 -28.30 2.24
N VAL E 455 -49.15 -27.18 2.53
CA VAL E 455 -49.71 -25.86 2.38
C VAL E 455 -48.68 -24.98 1.69
N LYS E 456 -49.15 -24.09 0.83
CA LYS E 456 -48.28 -23.14 0.12
C LYS E 456 -48.75 -21.74 0.47
N ILE E 457 -47.88 -20.96 1.09
CA ILE E 457 -48.22 -19.64 1.59
C ILE E 457 -47.86 -18.62 0.50
N THR E 458 -48.86 -18.12 -0.19
CA THR E 458 -48.71 -17.13 -1.23
C THR E 458 -48.57 -15.73 -0.64
N PRO E 459 -48.01 -14.77 -1.37
CA PRO E 459 -47.96 -13.40 -0.86
C PRO E 459 -49.31 -12.72 -0.73
N VAL E 460 -50.39 -13.38 -1.12
CA VAL E 460 -51.70 -12.75 -1.10
C VAL E 460 -52.38 -12.87 0.27
N VAL E 461 -52.06 -13.90 1.04
CA VAL E 461 -52.71 -14.04 2.35
C VAL E 461 -52.21 -12.97 3.31
N PHE E 462 -50.93 -12.59 3.20
CA PHE E 462 -50.45 -11.48 4.00
C PHE E 462 -51.17 -10.18 3.65
N ILE E 463 -51.48 -10.01 2.36
CA ILE E 463 -52.22 -8.81 1.95
C ILE E 463 -53.66 -8.88 2.45
N MET E 464 -54.25 -10.07 2.47
CA MET E 464 -55.60 -10.22 3.04
C MET E 464 -55.60 -9.87 4.51
N LYS E 465 -54.58 -10.31 5.25
CA LYS E 465 -54.50 -9.96 6.67
C LYS E 465 -54.27 -8.48 6.86
N ALA E 466 -53.42 -7.87 6.05
CA ALA E 466 -53.17 -6.43 6.15
C ALA E 466 -54.43 -5.63 5.86
N VAL E 467 -55.19 -6.05 4.85
CA VAL E 467 -56.42 -5.33 4.51
C VAL E 467 -57.48 -5.54 5.59
N ALA E 468 -57.52 -6.73 6.19
CA ALA E 468 -58.45 -6.95 7.30
C ALA E 468 -58.10 -6.06 8.49
N ALA E 469 -56.81 -5.94 8.78
CA ALA E 469 -56.38 -5.01 9.83
C ALA E 469 -56.78 -3.59 9.50
N ALA E 470 -56.55 -3.16 8.26
CA ALA E 470 -56.89 -1.81 7.86
C ALA E 470 -58.40 -1.55 7.91
N LEU E 471 -59.21 -2.57 7.63
CA LEU E 471 -60.65 -2.42 7.77
C LEU E 471 -61.07 -2.38 9.22
N GLU E 472 -60.32 -3.07 10.10
CA GLU E 472 -60.56 -2.93 11.53
C GLU E 472 -60.27 -1.52 12.00
N GLN E 473 -59.16 -0.94 11.54
CA GLN E 473 -58.76 0.39 12.01
C GLN E 473 -59.62 1.48 11.40
N MET E 474 -59.89 1.39 10.09
CA MET E 474 -60.71 2.38 9.41
C MET E 474 -62.01 1.75 8.95
N PRO E 475 -63.02 1.67 9.82
CA PRO E 475 -64.26 0.96 9.46
C PRO E 475 -65.07 1.66 8.39
N ARG E 476 -64.74 2.89 8.02
CA ARG E 476 -65.45 3.56 6.94
C ARG E 476 -65.21 2.86 5.61
N PHE E 477 -64.09 2.16 5.45
CA PHE E 477 -63.82 1.43 4.23
C PHE E 477 -64.59 0.13 4.13
N ASN E 478 -65.11 -0.38 5.24
CA ASN E 478 -65.94 -1.57 5.26
C ASN E 478 -67.40 -1.15 5.24
N SER E 479 -67.80 -0.51 4.14
CA SER E 479 -69.10 0.11 4.03
C SER E 479 -69.73 -0.28 2.70
N SER E 480 -70.88 0.33 2.40
CA SER E 480 -71.58 0.14 1.14
C SER E 480 -72.68 1.18 1.05
N LEU E 481 -72.83 1.77 -0.13
CA LEU E 481 -73.85 2.78 -0.36
C LEU E 481 -75.12 2.14 -0.90
N SER E 482 -76.20 2.92 -0.89
CA SER E 482 -77.47 2.48 -1.41
C SER E 482 -77.63 2.88 -2.87
N GLU E 483 -78.78 2.53 -3.43
CA GLU E 483 -79.12 2.88 -4.81
C GLU E 483 -78.99 4.38 -5.03
N ASP E 484 -79.62 5.18 -4.16
CA ASP E 484 -79.57 6.63 -4.26
C ASP E 484 -78.28 7.25 -3.75
N GLY E 485 -77.46 6.49 -3.02
CA GLY E 485 -76.22 7.04 -2.47
C GLY E 485 -76.43 8.01 -1.34
N GLN E 486 -77.39 7.72 -0.45
CA GLN E 486 -77.69 8.59 0.67
C GLN E 486 -77.57 7.92 2.03
N ARG E 487 -77.57 6.60 2.09
CA ARG E 487 -77.48 5.86 3.34
C ARG E 487 -76.32 4.87 3.26
N LEU E 488 -75.36 5.01 4.16
CA LEU E 488 -74.26 4.07 4.23
C LEU E 488 -74.66 2.84 5.01
N THR E 489 -73.90 1.76 4.84
CA THR E 489 -74.12 0.50 5.55
C THR E 489 -72.79 0.06 6.15
N LEU E 490 -72.48 0.56 7.35
CA LEU E 490 -71.23 0.21 8.01
C LEU E 490 -71.28 -1.26 8.44
N LYS E 491 -70.55 -2.11 7.72
CA LYS E 491 -70.48 -3.51 8.07
C LYS E 491 -69.49 -3.71 9.22
N LYS E 492 -69.79 -4.69 10.07
CA LYS E 492 -68.92 -5.02 11.18
C LYS E 492 -68.11 -6.28 10.93
N TYR E 493 -68.55 -7.15 10.03
CA TYR E 493 -67.76 -8.30 9.61
C TYR E 493 -66.74 -7.87 8.56
N ILE E 494 -65.75 -8.72 8.34
CA ILE E 494 -64.66 -8.44 7.40
C ILE E 494 -64.49 -9.67 6.53
N ASN E 495 -65.14 -9.66 5.37
CA ASN E 495 -64.91 -10.65 4.32
C ASN E 495 -64.18 -9.96 3.17
N ILE E 496 -63.29 -10.70 2.52
CA ILE E 496 -62.44 -10.14 1.48
C ILE E 496 -62.49 -11.06 0.27
N GLY E 497 -62.91 -10.51 -0.88
CA GLY E 497 -62.80 -11.25 -2.11
C GLY E 497 -61.40 -11.12 -2.67
N VAL E 498 -60.94 -12.20 -3.30
CA VAL E 498 -59.59 -12.25 -3.87
C VAL E 498 -59.73 -12.69 -5.32
N ALA E 499 -59.44 -11.80 -6.25
CA ALA E 499 -59.65 -12.08 -7.67
C ALA E 499 -58.74 -13.21 -8.11
N VAL E 500 -59.32 -14.37 -8.40
CA VAL E 500 -58.62 -15.52 -8.94
C VAL E 500 -58.82 -15.53 -10.44
N ASP E 501 -57.81 -16.00 -11.17
CA ASP E 501 -57.79 -15.98 -12.63
C ASP E 501 -58.11 -17.38 -13.14
N THR E 502 -59.37 -17.59 -13.51
CA THR E 502 -59.80 -18.80 -14.17
C THR E 502 -59.71 -18.62 -15.68
N PRO E 503 -59.71 -19.73 -16.44
CA PRO E 503 -59.69 -19.61 -17.91
C PRO E 503 -60.83 -18.76 -18.46
N ASN E 504 -61.86 -18.53 -17.66
CA ASN E 504 -62.99 -17.69 -18.05
C ASN E 504 -62.92 -16.31 -17.41
N GLY E 505 -61.72 -15.76 -17.27
CA GLY E 505 -61.55 -14.44 -16.70
C GLY E 505 -61.32 -14.46 -15.20
N LEU E 506 -61.49 -13.29 -14.59
CA LEU E 506 -61.28 -13.13 -13.17
C LEU E 506 -62.60 -13.33 -12.43
N VAL E 507 -62.63 -14.28 -11.50
CA VAL E 507 -63.75 -14.48 -10.61
C VAL E 507 -63.30 -14.11 -9.21
N VAL E 508 -64.21 -13.55 -8.41
CA VAL E 508 -63.83 -13.08 -7.07
C VAL E 508 -64.48 -13.98 -6.03
N PRO E 509 -63.77 -14.95 -5.48
CA PRO E 509 -64.27 -15.68 -4.32
C PRO E 509 -63.99 -14.93 -3.03
N VAL E 510 -64.93 -15.05 -2.10
CA VAL E 510 -64.94 -14.27 -0.87
C VAL E 510 -64.51 -15.16 0.28
N PHE E 511 -63.56 -14.68 1.08
CA PHE E 511 -63.11 -15.36 2.28
C PHE E 511 -63.66 -14.63 3.50
N LYS E 512 -64.29 -15.38 4.41
CA LYS E 512 -65.05 -14.79 5.49
C LYS E 512 -64.21 -14.65 6.75
N ASP E 513 -64.48 -13.59 7.51
CA ASP E 513 -63.86 -13.35 8.81
C ASP E 513 -62.33 -13.42 8.73
N VAL E 514 -61.78 -12.72 7.74
CA VAL E 514 -60.34 -12.71 7.55
C VAL E 514 -59.63 -12.10 8.75
N ASN E 515 -60.31 -11.23 9.49
CA ASN E 515 -59.70 -10.56 10.63
C ASN E 515 -59.33 -11.53 11.75
N LYS E 516 -60.00 -12.69 11.83
CA LYS E 516 -59.77 -13.65 12.89
C LYS E 516 -58.84 -14.78 12.48
N LYS E 517 -59.06 -15.35 11.29
CA LYS E 517 -58.30 -16.51 10.87
C LYS E 517 -56.81 -16.19 10.73
N GLY E 518 -55.99 -17.23 10.92
CA GLY E 518 -54.56 -17.09 10.79
C GLY E 518 -54.11 -17.25 9.35
N ILE E 519 -52.82 -17.00 9.12
CA ILE E 519 -52.30 -17.02 7.76
C ILE E 519 -52.25 -18.43 7.19
N ILE E 520 -52.06 -19.45 8.05
CA ILE E 520 -52.04 -20.81 7.51
C ILE E 520 -53.44 -21.31 7.19
N GLU E 521 -54.42 -21.02 8.05
CA GLU E 521 -55.81 -21.36 7.73
C GLU E 521 -56.27 -20.63 6.48
N LEU E 522 -55.97 -19.33 6.38
CA LEU E 522 -56.30 -18.56 5.19
C LEU E 522 -55.58 -19.10 3.98
N SER E 523 -54.35 -19.55 4.13
CA SER E 523 -53.60 -20.09 3.00
C SER E 523 -54.20 -21.39 2.51
N ARG E 524 -54.67 -22.23 3.44
CA ARG E 524 -55.37 -23.45 3.03
C ARG E 524 -56.67 -23.12 2.32
N GLU E 525 -57.44 -22.19 2.87
CA GLU E 525 -58.67 -21.75 2.20
C GLU E 525 -58.38 -21.24 0.80
N LEU E 526 -57.34 -20.43 0.65
CA LEU E 526 -57.02 -19.86 -0.65
C LEU E 526 -56.54 -20.92 -1.62
N MET E 527 -55.69 -21.83 -1.17
CA MET E 527 -55.22 -22.91 -2.04
C MET E 527 -56.36 -23.81 -2.48
N THR E 528 -57.37 -24.00 -1.63
CA THR E 528 -58.52 -24.79 -2.02
C THR E 528 -59.39 -24.04 -3.03
N ILE E 529 -59.75 -22.80 -2.70
CA ILE E 529 -60.74 -22.09 -3.52
C ILE E 529 -60.16 -21.61 -4.84
N SER E 530 -58.84 -21.36 -4.91
CA SER E 530 -58.23 -21.03 -6.19
C SER E 530 -58.41 -22.15 -7.19
N LYS E 531 -58.14 -23.39 -6.76
CA LYS E 531 -58.35 -24.55 -7.63
C LYS E 531 -59.83 -24.77 -7.88
N LYS E 532 -60.66 -24.59 -6.86
CA LYS E 532 -62.11 -24.71 -7.02
C LYS E 532 -62.63 -23.76 -8.10
N ALA E 533 -62.01 -22.58 -8.23
CA ALA E 533 -62.43 -21.61 -9.23
C ALA E 533 -61.84 -21.94 -10.60
N ARG E 534 -60.53 -22.21 -10.64
CA ARG E 534 -59.89 -22.52 -11.91
C ARG E 534 -60.46 -23.79 -12.55
N ASP E 535 -61.10 -24.66 -11.77
CA ASP E 535 -61.79 -25.81 -12.32
C ASP E 535 -63.24 -25.50 -12.68
N GLY E 536 -63.85 -24.53 -12.00
CA GLY E 536 -65.23 -24.16 -12.25
C GLY E 536 -66.21 -24.64 -11.21
N LYS E 537 -65.77 -25.42 -10.24
CA LYS E 537 -66.64 -25.95 -9.20
C LYS E 537 -66.89 -24.98 -8.06
N LEU E 538 -66.62 -23.69 -8.27
CA LEU E 538 -66.76 -22.68 -7.23
C LEU E 538 -68.20 -22.55 -6.76
N THR E 539 -68.44 -22.87 -5.49
CA THR E 539 -69.79 -22.95 -4.96
C THR E 539 -70.29 -21.56 -4.56
N ALA E 540 -71.59 -21.35 -4.70
CA ALA E 540 -72.18 -20.09 -4.29
C ALA E 540 -72.03 -19.90 -2.78
N GLY E 541 -72.02 -18.65 -2.36
CA GLY E 541 -71.67 -18.34 -0.98
C GLY E 541 -70.18 -18.20 -0.82
N GLU E 542 -69.42 -18.86 -1.69
CA GLU E 542 -67.99 -18.62 -1.82
C GLU E 542 -67.69 -17.53 -2.83
N MET E 543 -68.71 -16.79 -3.28
CA MET E 543 -68.51 -15.58 -4.07
C MET E 543 -69.48 -14.47 -3.66
N GLN E 544 -70.06 -14.58 -2.46
CA GLN E 544 -71.05 -13.57 -2.02
C GLN E 544 -70.66 -13.01 -0.65
N GLY E 545 -71.10 -11.77 -0.38
CA GLY E 545 -70.84 -11.10 0.88
C GLY E 545 -69.41 -10.66 1.07
N GLY E 546 -68.86 -9.94 0.10
CA GLY E 546 -67.51 -9.41 0.18
C GLY E 546 -67.53 -7.95 0.61
N CYS E 547 -66.64 -7.61 1.54
CA CYS E 547 -66.51 -6.25 2.03
C CYS E 547 -65.40 -5.46 1.35
N PHE E 548 -64.55 -6.14 0.59
CA PHE E 548 -63.36 -5.55 0.00
C PHE E 548 -62.89 -6.52 -1.08
N THR E 549 -62.05 -6.04 -1.97
CA THR E 549 -61.55 -6.86 -3.06
C THR E 549 -60.04 -6.66 -3.19
N ILE E 550 -59.33 -7.75 -3.46
CA ILE E 550 -57.90 -7.71 -3.72
C ILE E 550 -57.67 -8.35 -5.07
N SER E 551 -57.28 -7.54 -6.05
CA SER E 551 -57.01 -8.01 -7.40
C SER E 551 -55.49 -8.04 -7.56
N SER E 552 -54.92 -9.23 -7.48
CA SER E 552 -53.47 -9.40 -7.56
C SER E 552 -53.12 -9.88 -8.96
N ILE E 553 -52.47 -9.00 -9.73
CA ILE E 553 -51.98 -9.33 -11.05
C ILE E 553 -50.45 -9.22 -11.11
N GLY E 554 -49.80 -9.29 -9.95
CA GLY E 554 -48.35 -9.20 -9.90
C GLY E 554 -47.63 -10.34 -10.56
N GLY E 555 -48.30 -11.48 -10.74
CA GLY E 555 -47.70 -12.58 -11.47
C GLY E 555 -47.53 -12.33 -12.94
N LEU E 556 -48.09 -11.24 -13.46
CA LEU E 556 -48.07 -10.94 -14.88
C LEU E 556 -47.36 -9.65 -15.25
N GLY E 557 -47.30 -8.67 -14.35
CA GLY E 557 -46.60 -7.43 -14.64
C GLY E 557 -47.31 -6.21 -14.11
N THR E 558 -47.41 -5.17 -14.95
CA THR E 558 -48.13 -3.93 -14.59
C THR E 558 -47.63 -3.37 -13.25
N THR E 559 -46.46 -2.71 -13.28
CA THR E 559 -45.87 -2.08 -12.10
C THR E 559 -46.86 -1.22 -11.31
N HIS E 560 -47.92 -0.74 -11.95
CA HIS E 560 -49.09 -0.20 -11.26
C HIS E 560 -50.31 -0.37 -12.14
N PHE E 561 -51.48 -0.32 -11.52
CA PHE E 561 -52.70 -0.28 -12.30
C PHE E 561 -53.84 0.23 -11.43
N ALA E 562 -54.84 0.83 -12.08
CA ALA E 562 -55.95 1.49 -11.42
C ALA E 562 -57.20 0.64 -11.59
N PRO E 563 -57.53 -0.24 -10.64
CA PRO E 563 -58.69 -1.11 -10.82
C PRO E 563 -60.00 -0.37 -10.72
N ILE E 564 -61.10 -1.07 -10.96
CA ILE E 564 -62.45 -0.51 -10.85
C ILE E 564 -63.07 -1.04 -9.57
N VAL E 565 -63.69 -0.13 -8.80
CA VAL E 565 -64.34 -0.53 -7.55
C VAL E 565 -65.38 -1.59 -7.83
N ASN E 566 -65.39 -2.63 -7.02
CA ASN E 566 -66.29 -3.77 -7.20
C ASN E 566 -67.55 -3.52 -6.38
N ALA E 567 -68.51 -2.86 -7.01
CA ALA E 567 -69.80 -2.55 -6.33
C ALA E 567 -70.40 -3.84 -5.79
N PRO E 568 -71.12 -3.84 -4.65
CA PRO E 568 -71.46 -2.62 -3.90
C PRO E 568 -70.43 -2.21 -2.86
N GLU E 569 -69.19 -2.69 -3.01
CA GLU E 569 -68.13 -2.27 -2.10
C GLU E 569 -67.73 -0.83 -2.42
N VAL E 570 -66.80 -0.30 -1.62
CA VAL E 570 -66.36 1.08 -1.77
C VAL E 570 -64.89 1.19 -2.08
N ALA E 571 -64.15 0.08 -2.13
CA ALA E 571 -62.73 0.14 -2.41
C ALA E 571 -62.26 -1.19 -3.00
N ILE E 572 -61.09 -1.15 -3.59
CA ILE E 572 -60.45 -2.35 -4.15
C ILE E 572 -58.95 -2.10 -4.17
N LEU E 573 -58.19 -3.11 -3.76
CA LEU E 573 -56.73 -3.01 -3.70
C LEU E 573 -56.16 -3.86 -4.83
N GLY E 574 -55.54 -3.22 -5.80
CA GLY E 574 -54.81 -3.93 -6.83
C GLY E 574 -53.35 -4.07 -6.44
N VAL E 575 -52.79 -5.24 -6.72
CA VAL E 575 -51.43 -5.57 -6.35
C VAL E 575 -50.65 -5.86 -7.62
N SER E 576 -49.42 -5.38 -7.67
CA SER E 576 -48.58 -5.46 -8.86
C SER E 576 -47.35 -6.32 -8.57
N LYS E 577 -46.44 -6.36 -9.54
CA LYS E 577 -45.28 -7.23 -9.42
C LYS E 577 -44.24 -6.63 -8.49
N SER E 578 -43.76 -7.43 -7.55
CA SER E 578 -42.70 -6.99 -6.65
C SER E 578 -41.40 -6.81 -7.42
N ALA E 579 -40.71 -5.71 -7.15
CA ALA E 579 -39.45 -5.43 -7.81
C ALA E 579 -38.43 -4.95 -6.81
N MET E 580 -37.17 -5.30 -7.04
CA MET E 580 -36.09 -4.88 -6.16
C MET E 580 -35.66 -3.48 -6.54
N GLU E 581 -35.94 -2.52 -5.65
CA GLU E 581 -35.66 -1.12 -5.88
C GLU E 581 -34.75 -0.57 -4.78
N PRO E 582 -33.98 0.47 -5.07
CA PRO E 582 -33.18 1.11 -4.01
C PRO E 582 -34.06 1.96 -3.11
N VAL E 583 -33.80 1.89 -1.82
CA VAL E 583 -34.57 2.63 -0.83
C VAL E 583 -33.59 3.38 0.06
N TRP E 584 -33.91 4.65 0.33
CA TRP E 584 -33.06 5.52 1.13
C TRP E 584 -33.18 5.13 2.60
N ASN E 585 -32.12 4.57 3.16
CA ASN E 585 -32.13 4.22 4.58
C ASN E 585 -31.72 5.38 5.48
N GLY E 586 -31.49 6.56 4.91
CA GLY E 586 -31.01 7.72 5.64
C GLY E 586 -29.60 8.12 5.27
N LYS E 587 -28.77 7.17 4.83
CA LYS E 587 -27.42 7.48 4.40
C LYS E 587 -27.00 6.80 3.10
N GLU E 588 -27.72 5.80 2.62
CA GLU E 588 -27.37 5.12 1.39
C GLU E 588 -28.62 4.44 0.84
N PHE E 589 -28.45 3.80 -0.32
CA PHE E 589 -29.56 3.14 -1.01
C PHE E 589 -29.43 1.64 -0.79
N VAL E 590 -30.24 1.11 0.10
CA VAL E 590 -30.28 -0.34 0.34
C VAL E 590 -31.25 -0.97 -0.65
N PRO E 591 -30.91 -2.09 -1.24
CA PRO E 591 -31.84 -2.73 -2.17
C PRO E 591 -32.96 -3.47 -1.47
N ARG E 592 -34.16 -2.91 -1.46
CA ARG E 592 -35.30 -3.55 -0.85
C ARG E 592 -36.21 -4.10 -1.94
N LEU E 593 -37.23 -4.84 -1.52
CA LEU E 593 -38.17 -5.47 -2.45
C LEU E 593 -39.52 -4.78 -2.28
N MET E 594 -39.81 -3.84 -3.17
CA MET E 594 -41.03 -3.05 -3.06
C MET E 594 -42.14 -3.70 -3.89
N LEU E 595 -43.33 -3.80 -3.28
CA LEU E 595 -44.52 -4.32 -3.90
C LEU E 595 -45.46 -3.16 -4.18
N PRO E 596 -45.80 -2.88 -5.43
CA PRO E 596 -46.66 -1.74 -5.73
C PRO E 596 -48.12 -2.10 -5.57
N ILE E 597 -48.79 -1.44 -4.63
CA ILE E 597 -50.23 -1.60 -4.43
C ILE E 597 -50.92 -0.34 -4.93
N SER E 598 -52.23 -0.43 -5.09
CA SER E 598 -53.01 0.70 -5.59
C SER E 598 -54.44 0.56 -5.09
N LEU E 599 -54.87 1.50 -4.26
CA LEU E 599 -56.22 1.48 -3.70
C LEU E 599 -57.11 2.36 -4.56
N SER E 600 -58.05 1.76 -5.27
CA SER E 600 -59.05 2.49 -6.03
C SER E 600 -60.35 2.46 -5.25
N PHE E 601 -60.86 3.63 -4.88
CA PHE E 601 -62.00 3.67 -3.99
C PHE E 601 -63.06 4.64 -4.51
N ASP E 602 -64.27 4.43 -4.01
CA ASP E 602 -65.40 5.30 -4.29
C ASP E 602 -65.23 6.61 -3.54
N HIS E 603 -65.25 7.72 -4.28
CA HIS E 603 -65.05 9.07 -3.71
C HIS E 603 -66.29 9.56 -2.94
N ARG E 604 -67.46 8.95 -3.18
CA ARG E 604 -68.65 9.41 -2.49
C ARG E 604 -68.59 9.05 -1.01
N VAL E 605 -68.08 7.87 -0.68
CA VAL E 605 -67.94 7.43 0.70
C VAL E 605 -66.66 7.93 1.31
N ILE E 606 -65.54 7.70 0.62
CA ILE E 606 -64.20 7.98 1.14
C ILE E 606 -63.66 9.21 0.41
N ASP E 607 -62.86 10.01 1.10
CA ASP E 607 -62.18 11.13 0.49
C ASP E 607 -60.70 10.79 0.34
N GLY E 608 -59.95 11.70 -0.30
CA GLY E 608 -58.56 11.43 -0.59
C GLY E 608 -57.74 11.16 0.67
N ALA E 609 -58.02 11.90 1.74
CA ALA E 609 -57.25 11.74 2.97
C ALA E 609 -57.51 10.39 3.61
N ASP E 610 -58.76 9.94 3.63
CA ASP E 610 -59.05 8.64 4.22
C ASP E 610 -58.45 7.51 3.38
N GLY E 611 -58.50 7.63 2.05
CA GLY E 611 -57.81 6.68 1.22
C GLY E 611 -56.32 6.67 1.47
N ALA E 612 -55.73 7.84 1.71
CA ALA E 612 -54.31 7.91 2.01
C ALA E 612 -53.99 7.20 3.31
N ARG E 613 -54.78 7.46 4.35
CA ARG E 613 -54.55 6.80 5.63
C ARG E 613 -54.74 5.29 5.52
N PHE E 614 -55.72 4.86 4.73
CA PHE E 614 -55.98 3.44 4.57
C PHE E 614 -54.82 2.74 3.86
N ILE E 615 -54.38 3.31 2.73
CA ILE E 615 -53.30 2.67 2.00
C ILE E 615 -51.99 2.76 2.77
N THR E 616 -51.82 3.78 3.62
CA THR E 616 -50.60 3.81 4.40
C THR E 616 -50.68 2.85 5.59
N ILE E 617 -51.87 2.55 6.08
CA ILE E 617 -52.03 1.49 7.06
C ILE E 617 -51.65 0.15 6.45
N ILE E 618 -52.14 -0.11 5.23
CA ILE E 618 -51.77 -1.33 4.53
C ILE E 618 -50.26 -1.37 4.29
N ASN E 619 -49.68 -0.24 3.88
CA ASN E 619 -48.26 -0.19 3.61
C ASN E 619 -47.44 -0.46 4.87
N ASN E 620 -47.86 0.11 6.01
CA ASN E 620 -47.16 -0.14 7.25
C ASN E 620 -47.30 -1.58 7.70
N THR E 621 -48.50 -2.14 7.58
CA THR E 621 -48.72 -3.51 8.02
C THR E 621 -47.88 -4.49 7.19
N LEU E 622 -47.93 -4.37 5.87
CA LEU E 622 -47.14 -5.25 5.02
C LEU E 622 -45.65 -4.95 5.09
N SER E 623 -45.27 -3.74 5.47
CA SER E 623 -43.86 -3.41 5.60
C SER E 623 -43.23 -4.12 6.79
N ASP E 624 -43.98 -4.25 7.89
CA ASP E 624 -43.55 -4.97 9.08
C ASP E 624 -44.75 -5.76 9.57
N ILE E 625 -44.84 -7.03 9.16
CA ILE E 625 -46.03 -7.83 9.41
C ILE E 625 -46.28 -8.06 10.88
N ARG E 626 -45.28 -7.83 11.74
CA ARG E 626 -45.48 -7.98 13.17
C ARG E 626 -46.58 -7.08 13.70
N ARG E 627 -46.94 -6.02 12.98
CA ARG E 627 -48.03 -5.16 13.39
C ARG E 627 -49.38 -5.85 13.32
N LEU E 628 -49.46 -7.11 12.88
CA LEU E 628 -50.72 -7.82 12.92
C LEU E 628 -51.03 -8.40 14.29
N VAL E 629 -50.04 -8.48 15.18
CA VAL E 629 -50.29 -8.98 16.54
C VAL E 629 -50.66 -7.87 17.50
N MET E 630 -50.33 -6.63 17.19
CA MET E 630 -50.66 -5.50 18.06
C MET E 630 -52.15 -5.21 18.06
N GLU F 208 -65.39 10.14 -63.24
CA GLU F 208 -66.16 10.20 -62.00
C GLU F 208 -65.19 10.36 -60.84
N VAL F 209 -65.32 11.48 -60.11
CA VAL F 209 -64.52 11.74 -58.92
C VAL F 209 -65.49 12.03 -57.78
N ASN F 210 -65.86 11.00 -57.03
CA ASN F 210 -66.64 11.17 -55.81
C ASN F 210 -65.69 11.63 -54.71
N VAL F 211 -66.13 11.56 -53.46
CA VAL F 211 -65.18 11.63 -52.36
C VAL F 211 -64.61 10.22 -52.20
N PRO F 212 -63.29 10.07 -52.06
CA PRO F 212 -62.70 8.72 -52.07
C PRO F 212 -62.94 7.95 -50.80
N ASP F 213 -62.80 8.60 -49.63
CA ASP F 213 -62.97 7.79 -48.39
C ASP F 213 -63.26 8.63 -47.14
N ILE F 214 -64.54 8.74 -46.78
CA ILE F 214 -64.99 9.32 -45.52
C ILE F 214 -65.88 8.29 -44.84
N GLY F 215 -65.67 8.09 -43.54
CA GLY F 215 -66.35 7.03 -42.80
C GLY F 215 -67.86 7.17 -42.74
N GLY F 216 -68.41 8.26 -43.25
CA GLY F 216 -69.85 8.44 -43.26
C GLY F 216 -70.32 9.66 -42.49
N ASP F 217 -69.45 10.65 -42.36
CA ASP F 217 -69.78 11.89 -41.68
C ASP F 217 -69.96 12.99 -42.72
N GLU F 218 -70.91 13.90 -42.45
CA GLU F 218 -71.15 15.02 -43.35
C GLU F 218 -70.07 16.07 -43.13
N VAL F 219 -69.23 16.27 -44.13
CA VAL F 219 -68.07 17.14 -44.04
C VAL F 219 -68.31 18.39 -44.87
N GLU F 220 -67.90 19.54 -44.33
CA GLU F 220 -68.09 20.83 -44.97
C GLU F 220 -66.81 21.25 -45.68
N VAL F 221 -66.93 21.57 -46.97
CA VAL F 221 -65.77 21.98 -47.76
C VAL F 221 -65.22 23.30 -47.23
N THR F 222 -63.90 23.49 -47.40
CA THR F 222 -63.24 24.75 -47.12
C THR F 222 -62.81 25.47 -48.39
N GLU F 223 -62.11 24.78 -49.29
CA GLU F 223 -61.70 25.37 -50.57
C GLU F 223 -61.27 24.25 -51.50
N VAL F 224 -60.96 24.62 -52.75
CA VAL F 224 -60.53 23.67 -53.78
C VAL F 224 -59.09 24.01 -54.18
N MET F 225 -58.46 23.07 -54.88
CA MET F 225 -57.06 23.15 -55.22
C MET F 225 -56.79 23.32 -56.71
N VAL F 226 -57.82 23.39 -57.55
CA VAL F 226 -57.63 23.24 -58.99
C VAL F 226 -58.08 24.49 -59.74
N LYS F 227 -57.92 24.46 -61.07
CA LYS F 227 -58.32 25.53 -61.96
C LYS F 227 -59.13 24.94 -63.11
N VAL F 228 -59.97 25.79 -63.71
CA VAL F 228 -60.71 25.38 -64.90
C VAL F 228 -59.72 25.25 -66.05
N GLY F 229 -59.48 24.03 -66.48
CA GLY F 229 -58.47 23.72 -67.48
C GLY F 229 -57.25 23.00 -66.94
N ASP F 230 -56.96 23.15 -65.66
CA ASP F 230 -55.85 22.44 -65.04
C ASP F 230 -56.07 20.93 -65.11
N LYS F 231 -54.96 20.18 -65.14
CA LYS F 231 -55.00 18.73 -65.05
C LYS F 231 -54.19 18.28 -63.84
N VAL F 232 -54.72 17.31 -63.11
CA VAL F 232 -54.23 16.95 -61.79
C VAL F 232 -53.44 15.66 -61.89
N ALA F 233 -52.50 15.48 -60.97
CA ALA F 233 -51.57 14.36 -61.00
C ALA F 233 -52.25 13.10 -60.45
N ALA F 234 -51.44 12.07 -60.18
CA ALA F 234 -51.98 10.76 -59.79
C ALA F 234 -52.77 10.85 -58.50
N GLU F 235 -52.11 11.27 -57.42
CA GLU F 235 -52.78 11.39 -56.10
C GLU F 235 -52.29 12.66 -55.39
N GLN F 236 -52.94 13.80 -55.67
CA GLN F 236 -52.56 15.06 -55.03
C GLN F 236 -53.82 15.81 -54.64
N SER F 237 -53.64 16.97 -54.02
CA SER F 237 -54.76 17.70 -53.45
C SER F 237 -55.68 18.24 -54.54
N LEU F 238 -56.98 18.11 -54.30
CA LEU F 238 -58.03 18.73 -55.11
C LEU F 238 -58.95 19.61 -54.29
N ILE F 239 -59.28 19.19 -53.08
CA ILE F 239 -60.28 19.86 -52.25
C ILE F 239 -59.97 19.60 -50.79
N THR F 240 -60.03 20.64 -49.97
CA THR F 240 -59.88 20.48 -48.53
C THR F 240 -61.25 20.54 -47.88
N VAL F 241 -61.52 19.60 -46.98
CA VAL F 241 -62.80 19.50 -46.29
C VAL F 241 -62.54 19.42 -44.80
N GLU F 242 -63.27 20.22 -44.03
CA GLU F 242 -63.00 20.40 -42.60
C GLU F 242 -63.95 19.49 -41.82
N GLY F 243 -63.48 18.28 -41.54
CA GLY F 243 -64.24 17.29 -40.78
C GLY F 243 -63.86 17.29 -39.31
N ASP F 244 -63.86 16.10 -38.73
CA ASP F 244 -63.45 15.95 -37.34
C ASP F 244 -61.93 15.87 -37.29
CB LA2 F 245 -59.39 14.43 -36.36
C LA2 F 245 -59.25 16.95 -36.58
O LA2 F 245 -58.81 17.90 -35.90
N LA2 F 245 -61.38 15.86 -36.06
CA LA2 F 245 -59.92 15.78 -35.86
O1 LA2 F 245 -59.65 12.09 -30.41
C1 LA2 F 245 -58.73 11.98 -31.21
NZ LA2 F 245 -58.80 12.51 -32.44
CE LA2 F 245 -58.09 12.00 -33.61
CD LA2 F 245 -58.04 13.00 -34.75
CG LA2 F 245 -59.41 13.30 -35.33
C2 LA2 F 245 -57.45 11.24 -30.88
C3 LA2 F 245 -57.13 11.29 -29.41
C4 LA2 F 245 -56.68 9.95 -28.85
C5 LA2 F 245 -56.14 9.94 -27.45
C6 LA2 F 245 -57.05 10.54 -26.40
S6 LA2 F 245 -58.69 9.77 -26.38
C7 LA2 F 245 -56.42 10.61 -25.00
C8 LA2 F 245 -55.08 11.34 -24.97
S8 LA2 F 245 -54.81 12.31 -23.48
N ALA F 246 -59.15 16.87 -37.92
CA ALA F 246 -58.53 17.92 -38.71
C ALA F 246 -59.02 17.93 -40.16
N SER F 247 -58.77 19.05 -40.84
CA SER F 247 -59.16 19.17 -42.24
C SER F 247 -58.34 18.25 -43.12
N MET F 248 -59.00 17.61 -44.08
CA MET F 248 -58.42 16.58 -44.92
C MET F 248 -58.46 17.00 -46.38
N GLU F 249 -57.37 16.73 -47.09
CA GLU F 249 -57.25 17.04 -48.51
C GLU F 249 -57.53 15.78 -49.33
N VAL F 250 -58.61 15.80 -50.08
CA VAL F 250 -58.97 14.65 -50.92
C VAL F 250 -57.89 14.45 -51.98
N PRO F 251 -57.37 13.24 -52.16
CA PRO F 251 -56.33 13.01 -53.17
C PRO F 251 -56.94 12.86 -54.56
N ALA F 252 -56.07 12.67 -55.53
CA ALA F 252 -56.65 12.44 -56.85
C ALA F 252 -56.81 10.95 -57.11
N PRO F 253 -57.88 10.53 -57.79
CA PRO F 253 -57.99 9.12 -58.19
C PRO F 253 -57.20 8.79 -59.44
N PHE F 254 -56.92 9.77 -60.30
CA PHE F 254 -56.29 9.55 -61.60
C PHE F 254 -55.89 10.92 -62.14
N ALA F 255 -55.36 10.94 -63.36
CA ALA F 255 -54.93 12.19 -64.02
C ALA F 255 -55.90 12.60 -65.14
N GLY F 256 -56.11 13.91 -65.30
CA GLY F 256 -57.01 14.42 -66.33
C GLY F 256 -57.33 15.88 -66.09
N VAL F 257 -57.65 16.56 -67.19
CA VAL F 257 -57.98 17.97 -67.15
C VAL F 257 -59.40 18.13 -66.63
N VAL F 258 -59.68 19.34 -66.14
CA VAL F 258 -60.92 19.65 -65.43
C VAL F 258 -62.07 19.79 -66.41
N LYS F 259 -63.25 19.24 -66.03
CA LYS F 259 -64.50 19.42 -66.75
C LYS F 259 -65.62 20.00 -65.90
N GLU F 260 -65.67 19.66 -64.61
CA GLU F 260 -66.73 20.08 -63.69
C GLU F 260 -66.12 20.73 -62.47
N LEU F 261 -66.61 21.92 -62.13
CA LEU F 261 -66.59 22.38 -60.75
C LEU F 261 -67.90 22.02 -60.07
N LYS F 262 -68.17 20.71 -60.04
CA LYS F 262 -69.39 20.24 -59.40
C LYS F 262 -69.42 20.59 -57.93
N VAL F 263 -68.25 20.66 -57.29
CA VAL F 263 -68.10 21.23 -55.96
C VAL F 263 -67.51 22.63 -56.09
N ASN F 264 -67.77 23.47 -55.10
CA ASN F 264 -67.22 24.83 -55.04
C ASN F 264 -66.63 25.08 -53.66
N VAL F 265 -66.28 26.34 -53.41
CA VAL F 265 -65.75 26.75 -52.11
C VAL F 265 -66.92 27.05 -51.18
N GLY F 266 -67.03 26.25 -50.11
CA GLY F 266 -68.10 26.40 -49.15
C GLY F 266 -69.14 25.30 -49.18
N ASP F 267 -69.01 24.38 -50.14
CA ASP F 267 -69.96 23.26 -50.32
C ASP F 267 -69.89 22.30 -49.12
N LYS F 268 -70.66 21.22 -49.16
CA LYS F 268 -70.71 20.23 -48.10
C LYS F 268 -71.11 18.88 -48.69
N VAL F 269 -70.36 17.84 -48.35
CA VAL F 269 -70.59 16.49 -48.86
C VAL F 269 -70.63 15.52 -47.69
N LYS F 270 -71.63 14.64 -47.67
CA LYS F 270 -71.69 13.60 -46.66
C LYS F 270 -70.93 12.34 -47.08
N THR F 271 -71.09 11.94 -48.35
CA THR F 271 -70.38 10.73 -48.85
C THR F 271 -70.76 10.41 -50.30
N GLY F 272 -69.76 10.06 -51.11
CA GLY F 272 -69.92 9.68 -52.50
C GLY F 272 -70.69 10.63 -53.40
N SER F 273 -70.40 11.93 -53.31
CA SER F 273 -71.02 12.92 -54.17
C SER F 273 -70.05 13.32 -55.27
N LEU F 274 -70.55 13.36 -56.50
CA LEU F 274 -69.70 13.68 -57.65
C LEU F 274 -69.27 15.13 -57.57
N ILE F 275 -67.98 15.36 -57.33
CA ILE F 275 -67.45 16.71 -57.25
C ILE F 275 -66.59 17.09 -58.44
N MET F 276 -66.01 16.12 -59.15
CA MET F 276 -65.13 16.43 -60.27
C MET F 276 -65.33 15.40 -61.38
N ILE F 277 -65.29 15.89 -62.62
CA ILE F 277 -65.19 15.07 -63.82
C ILE F 277 -63.96 15.54 -64.59
N PHE F 278 -63.22 14.60 -65.17
CA PHE F 278 -61.94 14.91 -65.78
C PHE F 278 -61.89 14.40 -67.21
N GLU F 279 -60.75 14.63 -67.86
CA GLU F 279 -60.50 14.16 -69.21
C GLU F 279 -59.08 13.61 -69.30
N VAL F 280 -58.90 12.63 -70.17
CA VAL F 280 -57.59 12.01 -70.39
C VAL F 280 -57.55 11.34 -71.76
N PRO F 384 -78.68 8.76 -13.69
CA PRO F 384 -80.07 9.23 -13.59
C PRO F 384 -80.16 10.74 -13.44
N GLY F 385 -80.60 11.19 -12.27
CA GLY F 385 -80.70 12.61 -11.99
C GLY F 385 -79.50 13.15 -11.24
N MET F 386 -78.58 13.80 -11.96
CA MET F 386 -77.38 14.36 -11.37
C MET F 386 -77.53 15.86 -11.22
N LEU F 387 -76.68 16.44 -10.36
CA LEU F 387 -76.67 17.86 -10.17
C LEU F 387 -76.21 18.57 -11.45
N PRO F 388 -76.72 19.76 -11.73
CA PRO F 388 -76.26 20.49 -12.91
C PRO F 388 -74.86 21.06 -12.70
N TRP F 389 -74.29 21.56 -13.79
CA TRP F 389 -72.97 22.17 -13.72
C TRP F 389 -73.00 23.35 -12.75
N PRO F 390 -71.91 23.61 -12.02
CA PRO F 390 -71.92 24.69 -11.03
C PRO F 390 -72.12 26.06 -11.65
N LYS F 391 -73.26 26.68 -11.38
CA LYS F 391 -73.56 28.02 -11.89
C LYS F 391 -72.75 29.02 -11.08
N VAL F 392 -71.74 29.62 -11.71
CA VAL F 392 -70.85 30.56 -11.05
C VAL F 392 -70.77 31.83 -11.88
N ASP F 393 -70.80 32.98 -11.21
CA ASP F 393 -70.57 34.27 -11.87
C ASP F 393 -69.07 34.50 -11.86
N PHE F 394 -68.41 34.05 -12.92
CA PHE F 394 -66.95 34.05 -12.98
C PHE F 394 -66.36 35.46 -13.03
N SER F 395 -67.18 36.48 -13.25
CA SER F 395 -66.68 37.85 -13.38
C SER F 395 -66.65 38.60 -12.05
N LYS F 396 -67.31 38.09 -11.02
CA LYS F 396 -67.28 38.76 -9.73
C LYS F 396 -65.96 38.60 -9.00
N PHE F 397 -65.09 37.71 -9.46
CA PHE F 397 -63.77 37.55 -8.87
C PHE F 397 -62.67 38.20 -9.69
N GLY F 398 -62.93 38.51 -10.95
CA GLY F 398 -61.94 39.14 -11.79
C GLY F 398 -62.48 39.35 -13.18
N GLU F 399 -61.55 39.53 -14.13
CA GLU F 399 -61.87 39.74 -15.57
C GLU F 399 -61.81 38.38 -16.28
N ILE F 400 -62.79 38.10 -17.14
CA ILE F 400 -62.87 36.86 -17.88
C ILE F 400 -62.88 37.17 -19.36
N GLU F 401 -62.91 36.10 -20.17
CA GLU F 401 -63.00 36.24 -21.63
C GLU F 401 -63.62 34.95 -22.15
N GLU F 402 -64.91 35.01 -22.48
CA GLU F 402 -65.68 33.82 -22.84
C GLU F 402 -65.43 33.48 -24.31
N VAL F 403 -64.31 32.81 -24.55
CA VAL F 403 -64.03 32.28 -25.88
C VAL F 403 -64.90 31.06 -26.12
N GLU F 404 -65.18 30.77 -27.39
CA GLU F 404 -66.02 29.65 -27.77
C GLU F 404 -65.18 28.62 -28.51
N LEU F 405 -65.39 27.35 -28.15
CA LEU F 405 -64.58 26.27 -28.69
C LEU F 405 -64.85 26.09 -30.17
N GLY F 406 -63.80 25.81 -30.94
CA GLY F 406 -63.95 25.50 -32.34
C GLY F 406 -64.77 24.23 -32.55
N ARG F 407 -65.14 23.99 -33.81
CA ARG F 407 -66.00 22.85 -34.10
C ARG F 407 -65.26 21.53 -33.88
N ILE F 408 -63.96 21.49 -34.20
CA ILE F 408 -63.20 20.28 -33.93
C ILE F 408 -63.01 20.07 -32.43
N GLN F 409 -62.86 21.16 -31.68
CA GLN F 409 -62.77 21.03 -30.23
C GLN F 409 -64.08 20.55 -29.64
N LYS F 410 -65.20 21.08 -30.11
CA LYS F 410 -66.50 20.60 -29.66
C LYS F 410 -66.68 19.12 -29.98
N ILE F 411 -66.31 18.71 -31.19
CA ILE F 411 -66.49 17.32 -31.59
C ILE F 411 -65.60 16.40 -30.78
N SER F 412 -64.34 16.79 -30.55
CA SER F 412 -63.45 15.98 -29.75
C SER F 412 -63.92 15.91 -28.30
N GLY F 413 -64.47 17.01 -27.78
CA GLY F 413 -65.01 16.97 -26.44
C GLY F 413 -66.20 16.04 -26.31
N ALA F 414 -67.09 16.06 -27.31
CA ALA F 414 -68.22 15.14 -27.31
C ALA F 414 -67.76 13.70 -27.41
N ASN F 415 -66.76 13.43 -28.27
CA ASN F 415 -66.25 12.07 -28.41
C ASN F 415 -65.62 11.58 -27.11
N LEU F 416 -64.83 12.44 -26.44
CA LEU F 416 -64.21 12.03 -25.19
C LEU F 416 -65.23 11.89 -24.07
N SER F 417 -66.28 12.73 -24.06
CA SER F 417 -67.31 12.59 -23.04
C SER F 417 -68.19 11.39 -23.30
N ARG F 418 -68.20 10.86 -24.52
CA ARG F 418 -68.87 9.58 -24.74
C ARG F 418 -67.97 8.42 -24.34
N ASN F 419 -66.69 8.48 -24.70
CA ASN F 419 -65.77 7.41 -24.35
C ASN F 419 -65.60 7.28 -22.84
N TRP F 420 -65.66 8.39 -22.11
CA TRP F 420 -65.51 8.33 -20.67
C TRP F 420 -66.67 7.60 -20.03
N VAL F 421 -67.89 7.89 -20.45
CA VAL F 421 -69.06 7.27 -19.84
C VAL F 421 -69.19 5.82 -20.28
N MET F 422 -69.16 5.57 -21.59
CA MET F 422 -69.52 4.26 -22.12
C MET F 422 -68.44 3.21 -21.95
N ILE F 423 -67.20 3.60 -21.61
CA ILE F 423 -66.09 2.68 -21.52
C ILE F 423 -65.62 2.62 -20.07
N PRO F 424 -65.63 1.46 -19.42
CA PRO F 424 -64.96 1.34 -18.12
C PRO F 424 -63.46 1.21 -18.31
N HIS F 425 -62.72 2.28 -18.02
CA HIS F 425 -61.29 2.28 -18.26
C HIS F 425 -60.54 1.61 -17.12
N VAL F 426 -59.48 0.88 -17.48
CA VAL F 426 -58.51 0.42 -16.50
C VAL F 426 -57.13 0.66 -17.09
N THR F 427 -56.24 1.23 -16.28
CA THR F 427 -54.93 1.68 -16.76
C THR F 427 -53.85 0.90 -16.03
N HIS F 428 -53.06 0.12 -16.78
CA HIS F 428 -51.93 -0.61 -16.24
C HIS F 428 -50.66 0.13 -16.61
N PHE F 429 -49.88 0.52 -15.62
CA PHE F 429 -48.62 1.20 -15.89
C PHE F 429 -47.49 0.19 -15.92
N ASP F 430 -46.41 0.54 -16.62
CA ASP F 430 -45.28 -0.36 -16.73
C ASP F 430 -44.06 0.43 -17.16
N LYS F 431 -42.90 -0.18 -17.01
CA LYS F 431 -41.63 0.42 -17.39
C LYS F 431 -40.83 -0.59 -18.19
N THR F 432 -40.29 -0.16 -19.32
CA THR F 432 -39.62 -1.05 -20.26
C THR F 432 -38.14 -0.67 -20.37
N ASP F 433 -37.26 -1.64 -20.19
CA ASP F 433 -35.82 -1.40 -20.29
C ASP F 433 -35.46 -1.29 -21.77
N ILE F 434 -35.23 -0.08 -22.25
CA ILE F 434 -35.00 0.14 -23.68
C ILE F 434 -33.59 0.67 -23.91
N THR F 435 -32.63 0.28 -23.07
CA THR F 435 -31.25 0.69 -23.28
C THR F 435 -30.71 0.13 -24.59
N GLU F 436 -30.87 -1.18 -24.79
CA GLU F 436 -30.43 -1.80 -26.03
C GLU F 436 -31.18 -1.23 -27.22
N LEU F 437 -32.48 -1.01 -27.07
CA LEU F 437 -33.28 -0.46 -28.16
C LEU F 437 -32.82 0.94 -28.54
N GLU F 438 -32.48 1.76 -27.55
CA GLU F 438 -32.03 3.11 -27.85
C GLU F 438 -30.64 3.11 -28.48
N ALA F 439 -29.75 2.26 -27.98
CA ALA F 439 -28.44 2.12 -28.62
C ALA F 439 -28.58 1.69 -30.07
N PHE F 440 -29.44 0.71 -30.33
CA PHE F 440 -29.63 0.22 -31.69
C PHE F 440 -30.29 1.28 -32.57
N ARG F 441 -31.21 2.06 -32.00
CA ARG F 441 -31.85 3.11 -32.80
C ARG F 441 -30.85 4.21 -33.16
N LYS F 442 -29.99 4.59 -32.22
CA LYS F 442 -28.95 5.56 -32.54
C LYS F 442 -27.98 5.01 -33.58
N GLN F 443 -27.60 3.74 -33.46
CA GLN F 443 -26.71 3.13 -34.44
C GLN F 443 -27.34 3.12 -35.82
N GLN F 444 -28.63 2.79 -35.91
CA GLN F 444 -29.29 2.76 -37.21
C GLN F 444 -29.57 4.16 -37.75
N ASN F 445 -29.70 5.16 -36.88
CA ASN F 445 -29.82 6.52 -37.36
C ASN F 445 -28.50 7.02 -37.93
N GLU F 446 -27.38 6.61 -37.32
CA GLU F 446 -26.08 6.90 -37.93
C GLU F 446 -25.92 6.18 -39.25
N GLU F 447 -26.13 4.86 -39.26
CA GLU F 447 -25.93 4.07 -40.47
C GLU F 447 -26.85 4.49 -41.59
N ALA F 448 -28.06 4.93 -41.28
CA ALA F 448 -28.98 5.43 -42.29
C ALA F 448 -28.64 6.85 -42.72
N ALA F 449 -27.63 7.47 -42.12
CA ALA F 449 -27.15 8.78 -42.53
C ALA F 449 -25.94 8.67 -43.46
N LYS F 450 -24.90 7.96 -43.02
CA LYS F 450 -23.74 7.77 -43.88
C LYS F 450 -24.02 6.92 -45.11
N ARG F 451 -25.23 6.38 -45.24
CA ARG F 451 -25.66 5.69 -46.46
C ARG F 451 -26.71 6.48 -47.22
N LYS F 452 -27.01 7.71 -46.79
CA LYS F 452 -27.86 8.64 -47.52
C LYS F 452 -29.25 8.04 -47.81
N LEU F 453 -29.95 7.69 -46.74
CA LEU F 453 -31.33 7.23 -46.85
C LEU F 453 -32.35 8.34 -46.57
N ASP F 454 -31.93 9.43 -45.93
CA ASP F 454 -32.82 10.53 -45.57
C ASP F 454 -34.04 10.02 -44.78
N VAL F 455 -33.76 9.25 -43.74
CA VAL F 455 -34.79 8.72 -42.85
C VAL F 455 -34.34 8.93 -41.42
N LYS F 456 -35.29 9.24 -40.54
CA LYS F 456 -35.02 9.43 -39.12
C LYS F 456 -35.87 8.44 -38.35
N ILE F 457 -35.21 7.55 -37.62
CA ILE F 457 -35.90 6.47 -36.92
C ILE F 457 -36.19 6.93 -35.50
N THR F 458 -37.45 7.26 -35.24
CA THR F 458 -37.91 7.70 -33.94
C THR F 458 -38.15 6.51 -33.03
N PRO F 459 -38.18 6.71 -31.71
CA PRO F 459 -38.50 5.60 -30.81
C PRO F 459 -39.94 5.12 -30.90
N VAL F 460 -40.77 5.74 -31.73
CA VAL F 460 -42.17 5.37 -31.81
C VAL F 460 -42.41 4.21 -32.77
N VAL F 461 -41.57 4.04 -33.79
CA VAL F 461 -41.79 2.94 -34.73
C VAL F 461 -41.51 1.60 -34.07
N PHE F 462 -40.53 1.56 -33.16
CA PHE F 462 -40.30 0.33 -32.40
C PHE F 462 -41.50 0.00 -31.54
N ILE F 463 -42.16 1.02 -30.98
CA ILE F 463 -43.35 0.77 -30.19
C ILE F 463 -44.51 0.32 -31.07
N MET F 464 -44.60 0.87 -32.28
CA MET F 464 -45.62 0.40 -33.21
C MET F 464 -45.41 -1.07 -33.56
N LYS F 465 -44.16 -1.47 -33.79
CA LYS F 465 -43.87 -2.87 -34.08
C LYS F 465 -44.17 -3.76 -32.88
N ALA F 466 -43.81 -3.29 -31.67
CA ALA F 466 -44.08 -4.08 -30.47
C ALA F 466 -45.57 -4.25 -30.25
N VAL F 467 -46.36 -3.19 -30.49
CA VAL F 467 -47.80 -3.28 -30.31
C VAL F 467 -48.42 -4.16 -31.39
N ALA F 468 -47.88 -4.11 -32.61
CA ALA F 468 -48.39 -5.01 -33.65
C ALA F 468 -48.11 -6.46 -33.29
N ALA F 469 -46.92 -6.75 -32.76
CA ALA F 469 -46.62 -8.09 -32.29
C ALA F 469 -47.58 -8.51 -31.18
N ALA F 470 -47.83 -7.61 -30.22
CA ALA F 470 -48.72 -7.93 -29.12
C ALA F 470 -50.15 -8.15 -29.58
N LEU F 471 -50.57 -7.44 -30.63
CA LEU F 471 -51.90 -7.68 -31.19
C LEU F 471 -51.95 -8.99 -31.96
N GLU F 472 -50.82 -9.40 -32.54
CA GLU F 472 -50.75 -10.72 -33.15
C GLU F 472 -50.88 -11.81 -32.10
N GLN F 473 -50.20 -11.66 -30.96
CA GLN F 473 -50.23 -12.69 -29.93
C GLN F 473 -51.54 -12.70 -29.16
N MET F 474 -52.05 -11.53 -28.81
CA MET F 474 -53.31 -11.44 -28.09
C MET F 474 -54.37 -10.78 -28.95
N PRO F 475 -55.04 -11.54 -29.83
CA PRO F 475 -55.98 -10.92 -30.77
C PRO F 475 -57.22 -10.35 -30.12
N ARG F 476 -57.46 -10.62 -28.84
CA ARG F 476 -58.59 -10.01 -28.15
C ARG F 476 -58.45 -8.49 -28.04
N PHE F 477 -57.22 -7.99 -28.05
CA PHE F 477 -56.99 -6.55 -28.00
C PHE F 477 -57.24 -5.87 -29.33
N ASN F 478 -57.25 -6.62 -30.42
CA ASN F 478 -57.58 -6.07 -31.74
C ASN F 478 -59.05 -6.32 -32.03
N SER F 479 -59.89 -5.68 -31.23
CA SER F 479 -61.33 -5.93 -31.25
C SER F 479 -62.06 -4.59 -31.27
N SER F 480 -63.38 -4.66 -31.16
CA SER F 480 -64.24 -3.49 -31.08
C SER F 480 -65.64 -3.95 -30.69
N LEU F 481 -66.26 -3.21 -29.78
CA LEU F 481 -67.60 -3.52 -29.33
C LEU F 481 -68.65 -2.79 -30.15
N SER F 482 -69.89 -3.22 -30.00
CA SER F 482 -71.01 -2.59 -30.69
C SER F 482 -71.64 -1.51 -29.80
N GLU F 483 -72.69 -0.88 -30.36
CA GLU F 483 -73.44 0.14 -29.64
C GLU F 483 -73.92 -0.39 -28.29
N ASP F 484 -74.57 -1.57 -28.30
CA ASP F 484 -75.08 -2.17 -27.07
C ASP F 484 -74.01 -2.88 -26.24
N GLY F 485 -72.83 -3.12 -26.80
CA GLY F 485 -71.79 -3.81 -26.06
C GLY F 485 -72.06 -5.29 -25.86
N GLN F 486 -72.61 -5.96 -26.87
CA GLN F 486 -72.94 -7.37 -26.78
C GLN F 486 -72.27 -8.23 -27.84
N ARG F 487 -71.77 -7.64 -28.93
CA ARG F 487 -71.12 -8.39 -30.00
C ARG F 487 -69.74 -7.79 -30.24
N LEU F 488 -68.71 -8.61 -30.10
CA LEU F 488 -67.35 -8.19 -30.40
C LEU F 488 -67.09 -8.30 -31.89
N THR F 489 -66.05 -7.59 -32.35
CA THR F 489 -65.62 -7.62 -33.75
C THR F 489 -64.12 -7.88 -33.77
N LEU F 490 -63.75 -9.15 -33.75
CA LEU F 490 -62.34 -9.53 -33.78
C LEU F 490 -61.74 -9.19 -35.14
N LYS F 491 -60.95 -8.13 -35.20
CA LYS F 491 -60.29 -7.76 -36.43
C LYS F 491 -59.06 -8.63 -36.66
N LYS F 492 -58.77 -8.91 -37.92
CA LYS F 492 -57.60 -9.69 -38.28
C LYS F 492 -56.47 -8.83 -38.84
N TYR F 493 -56.76 -7.65 -39.32
CA TYR F 493 -55.73 -6.70 -39.72
C TYR F 493 -55.22 -5.95 -38.50
N ILE F 494 -54.06 -5.32 -38.65
CA ILE F 494 -53.41 -4.60 -37.57
C ILE F 494 -53.02 -3.23 -38.11
N ASN F 495 -53.87 -2.24 -37.89
CA ASN F 495 -53.56 -0.84 -38.13
C ASN F 495 -53.41 -0.15 -36.78
N ILE F 496 -52.51 0.82 -36.72
CA ILE F 496 -52.18 1.48 -35.46
C ILE F 496 -52.19 2.98 -35.70
N GLY F 497 -53.03 3.71 -34.97
CA GLY F 497 -52.95 5.16 -34.98
C GLY F 497 -51.87 5.63 -34.03
N VAL F 498 -51.21 6.71 -34.42
CA VAL F 498 -50.11 7.28 -33.64
C VAL F 498 -50.41 8.76 -33.45
N ALA F 499 -50.70 9.15 -32.21
CA ALA F 499 -51.13 10.51 -31.93
C ALA F 499 -49.99 11.49 -32.24
N VAL F 500 -50.17 12.28 -33.31
CA VAL F 500 -49.25 13.33 -33.69
C VAL F 500 -49.78 14.65 -33.15
N ASP F 501 -48.86 15.54 -32.77
CA ASP F 501 -49.19 16.81 -32.13
C ASP F 501 -49.10 17.92 -33.17
N THR F 502 -50.25 18.30 -33.73
CA THR F 502 -50.35 19.45 -34.60
C THR F 502 -50.68 20.69 -33.79
N PRO F 503 -50.47 21.88 -34.35
CA PRO F 503 -50.84 23.12 -33.63
C PRO F 503 -52.30 23.16 -33.20
N ASN F 504 -53.13 22.30 -33.80
CA ASN F 504 -54.54 22.20 -33.46
C ASN F 504 -54.83 20.97 -32.60
N GLY F 505 -53.92 20.63 -31.70
CA GLY F 505 -54.11 19.49 -30.82
C GLY F 505 -53.54 18.21 -31.37
N LEU F 506 -53.98 17.11 -30.76
CA LEU F 506 -53.52 15.78 -31.15
C LEU F 506 -54.45 15.19 -32.19
N VAL F 507 -53.90 14.84 -33.35
CA VAL F 507 -54.64 14.11 -34.38
C VAL F 507 -54.03 12.72 -34.48
N VAL F 508 -54.87 11.73 -34.76
CA VAL F 508 -54.39 10.34 -34.78
C VAL F 508 -54.40 9.83 -36.23
N PRO F 509 -53.27 9.85 -36.92
CA PRO F 509 -53.19 9.16 -38.21
C PRO F 509 -52.91 7.68 -38.03
N VAL F 510 -53.50 6.91 -38.93
CA VAL F 510 -53.49 5.45 -38.84
C VAL F 510 -52.50 4.89 -39.84
N PHE F 511 -51.64 3.98 -39.39
CA PHE F 511 -50.70 3.28 -40.25
C PHE F 511 -51.19 1.85 -40.41
N LYS F 512 -51.26 1.39 -41.66
CA LYS F 512 -51.90 0.13 -41.98
C LYS F 512 -50.90 -1.00 -42.05
N ASP F 513 -51.35 -2.19 -41.63
CA ASP F 513 -50.57 -3.43 -41.72
C ASP F 513 -49.19 -3.27 -41.09
N VAL F 514 -49.18 -2.72 -39.88
CA VAL F 514 -47.92 -2.52 -39.16
C VAL F 514 -47.23 -3.84 -38.88
N ASN F 515 -47.99 -4.93 -38.79
CA ASN F 515 -47.40 -6.23 -38.47
C ASN F 515 -46.46 -6.72 -39.56
N LYS F 516 -46.62 -6.26 -40.80
CA LYS F 516 -45.82 -6.72 -41.92
C LYS F 516 -44.66 -5.78 -42.24
N LYS F 517 -44.92 -4.48 -42.30
CA LYS F 517 -43.92 -3.51 -42.71
C LYS F 517 -42.73 -3.50 -41.76
N GLY F 518 -41.57 -3.14 -42.31
CA GLY F 518 -40.37 -3.03 -41.52
C GLY F 518 -40.23 -1.69 -40.85
N ILE F 519 -39.22 -1.56 -39.99
CA ILE F 519 -39.07 -0.35 -39.21
C ILE F 519 -38.64 0.83 -40.08
N ILE F 520 -37.89 0.59 -41.16
CA ILE F 520 -37.52 1.71 -42.01
C ILE F 520 -38.66 2.18 -42.89
N GLU F 521 -39.45 1.26 -43.44
CA GLU F 521 -40.66 1.66 -44.17
C GLU F 521 -41.64 2.38 -43.26
N LEU F 522 -41.86 1.84 -42.05
CA LEU F 522 -42.72 2.51 -41.09
C LEU F 522 -42.17 3.87 -40.69
N SER F 523 -40.84 3.99 -40.58
CA SER F 523 -40.25 5.26 -40.19
C SER F 523 -40.42 6.29 -41.29
N ARG F 524 -40.32 5.88 -42.56
CA ARG F 524 -40.60 6.79 -43.66
C ARG F 524 -42.06 7.22 -43.66
N GLU F 525 -42.97 6.25 -43.48
CA GLU F 525 -44.39 6.58 -43.38
C GLU F 525 -44.65 7.58 -42.26
N LEU F 526 -44.04 7.35 -41.10
CA LEU F 526 -44.27 8.22 -39.95
C LEU F 526 -43.69 9.61 -40.19
N MET F 527 -42.47 9.68 -40.73
CA MET F 527 -41.87 10.98 -41.02
C MET F 527 -42.67 11.76 -42.04
N THR F 528 -43.31 11.06 -42.99
CA THR F 528 -44.15 11.76 -43.96
C THR F 528 -45.45 12.25 -43.30
N ILE F 529 -46.15 11.35 -42.61
CA ILE F 529 -47.48 11.68 -42.13
C ILE F 529 -47.44 12.63 -40.93
N SER F 530 -46.37 12.61 -40.14
CA SER F 530 -46.24 13.60 -39.07
C SER F 530 -46.23 15.01 -39.62
N LYS F 531 -45.43 15.24 -40.67
CA LYS F 531 -45.41 16.54 -41.32
C LYS F 531 -46.73 16.83 -42.03
N LYS F 532 -47.30 15.81 -42.68
CA LYS F 532 -48.60 15.97 -43.33
C LYS F 532 -49.67 16.43 -42.34
N ALA F 533 -49.57 16.00 -41.08
CA ALA F 533 -50.54 16.39 -40.06
C ALA F 533 -50.20 17.77 -39.49
N ARG F 534 -48.94 17.99 -39.12
CA ARG F 534 -48.54 19.27 -38.56
C ARG F 534 -48.75 20.42 -39.55
N ASP F 535 -48.81 20.13 -40.85
CA ASP F 535 -49.16 21.15 -41.83
C ASP F 535 -50.65 21.26 -42.05
N GLY F 536 -51.40 20.19 -41.83
CA GLY F 536 -52.84 20.18 -42.02
C GLY F 536 -53.30 19.46 -43.27
N LYS F 537 -52.39 19.00 -44.11
CA LYS F 537 -52.73 18.33 -45.36
C LYS F 537 -53.04 16.84 -45.17
N LEU F 538 -53.33 16.41 -43.94
CA LEU F 538 -53.57 15.01 -43.63
C LEU F 538 -54.80 14.48 -44.36
N THR F 539 -54.60 13.53 -45.25
CA THR F 539 -55.66 13.05 -46.12
C THR F 539 -56.52 12.01 -45.40
N ALA F 540 -57.83 11.99 -45.73
CA ALA F 540 -58.70 11.00 -45.15
C ALA F 540 -58.28 9.60 -45.57
N GLY F 541 -58.63 8.62 -44.75
CA GLY F 541 -58.11 7.28 -44.93
C GLY F 541 -56.78 7.13 -44.24
N GLU F 542 -56.05 8.24 -44.08
CA GLU F 542 -54.89 8.28 -43.21
C GLU F 542 -55.25 8.64 -41.79
N MET F 543 -56.55 8.65 -41.45
CA MET F 543 -56.99 8.75 -40.07
C MET F 543 -58.16 7.83 -39.77
N GLN F 544 -58.37 6.82 -40.62
CA GLN F 544 -59.53 5.91 -40.43
C GLN F 544 -59.07 4.45 -40.40
N GLY F 545 -59.83 3.60 -39.71
CA GLY F 545 -59.55 2.18 -39.60
C GLY F 545 -58.37 1.85 -38.71
N GLY F 546 -58.36 2.38 -37.49
CA GLY F 546 -57.32 2.09 -36.52
C GLY F 546 -57.78 1.02 -35.54
N CYS F 547 -56.88 0.07 -35.28
CA CYS F 547 -57.15 -1.02 -34.35
C CYS F 547 -56.59 -0.76 -32.96
N PHE F 548 -55.76 0.27 -32.80
CA PHE F 548 -55.04 0.54 -31.57
C PHE F 548 -54.52 1.96 -31.69
N THR F 549 -54.14 2.54 -30.56
CA THR F 549 -53.64 3.90 -30.54
C THR F 549 -52.39 3.97 -29.68
N ILE F 550 -51.42 4.75 -30.12
CA ILE F 550 -50.21 5.01 -29.37
C ILE F 550 -50.09 6.51 -29.21
N SER F 551 -50.25 6.99 -27.98
CA SER F 551 -50.16 8.41 -27.66
C SER F 551 -48.83 8.62 -26.96
N SER F 552 -47.85 9.14 -27.70
CA SER F 552 -46.51 9.34 -27.18
C SER F 552 -46.34 10.81 -26.81
N ILE F 553 -46.27 11.08 -25.51
CA ILE F 553 -46.01 12.41 -24.99
C ILE F 553 -44.69 12.46 -24.23
N GLY F 554 -43.80 11.50 -24.48
CA GLY F 554 -42.52 11.47 -23.81
C GLY F 554 -41.61 12.63 -24.13
N GLY F 555 -41.85 13.31 -25.25
CA GLY F 555 -41.07 14.49 -25.56
C GLY F 555 -41.36 15.67 -24.66
N LEU F 556 -42.38 15.58 -23.82
CA LEU F 556 -42.80 16.68 -22.97
C LEU F 556 -42.72 16.40 -21.48
N GLY F 557 -42.81 15.15 -21.05
CA GLY F 557 -42.70 14.83 -19.64
C GLY F 557 -43.66 13.74 -19.19
N THR F 558 -44.32 13.98 -18.07
CA THR F 558 -45.35 13.02 -17.53
C THR F 558 -44.79 11.61 -17.44
N THR F 559 -43.98 11.36 -16.40
CA THR F 559 -43.40 10.05 -16.13
C THR F 559 -44.41 8.91 -16.22
N HIS F 560 -45.69 9.20 -16.02
CA HIS F 560 -46.77 8.28 -16.38
C HIS F 560 -48.02 9.10 -16.67
N PHE F 561 -48.95 8.49 -17.40
CA PHE F 561 -50.26 9.12 -17.57
C PHE F 561 -51.26 8.06 -18.02
N ALA F 562 -52.53 8.31 -17.71
CA ALA F 562 -53.62 7.38 -17.95
C ALA F 562 -54.48 7.89 -19.08
N PRO F 563 -54.23 7.47 -20.32
CA PRO F 563 -54.99 8.02 -21.44
C PRO F 563 -56.43 7.52 -21.46
N ILE F 564 -57.23 8.03 -22.40
CA ILE F 564 -58.61 7.62 -22.58
C ILE F 564 -58.68 6.73 -23.81
N VAL F 565 -59.38 5.61 -23.69
CA VAL F 565 -59.53 4.68 -24.80
C VAL F 565 -60.15 5.42 -25.98
N ASN F 566 -59.58 5.19 -27.17
CA ASN F 566 -60.01 5.87 -28.38
C ASN F 566 -61.04 4.99 -29.07
N ALA F 567 -62.32 5.19 -28.70
CA ALA F 567 -63.43 4.40 -29.29
C ALA F 567 -63.36 4.53 -30.81
N PRO F 568 -63.75 3.51 -31.60
CA PRO F 568 -64.32 2.26 -31.09
C PRO F 568 -63.30 1.19 -30.76
N GLU F 569 -62.04 1.59 -30.54
CA GLU F 569 -61.03 0.63 -30.13
C GLU F 569 -61.26 0.22 -28.68
N VAL F 570 -60.43 -0.70 -28.20
CA VAL F 570 -60.57 -1.23 -26.84
C VAL F 570 -59.36 -0.94 -25.98
N ALA F 571 -58.30 -0.35 -26.53
CA ALA F 571 -57.11 -0.08 -25.75
C ALA F 571 -56.35 1.09 -26.36
N ILE F 572 -55.43 1.63 -25.57
CA ILE F 572 -54.56 2.71 -26.01
C ILE F 572 -53.30 2.66 -25.16
N LEU F 573 -52.15 2.82 -25.80
CA LEU F 573 -50.86 2.77 -25.13
C LEU F 573 -50.30 4.18 -25.08
N GLY F 574 -50.20 4.75 -23.88
CA GLY F 574 -49.53 6.01 -23.70
C GLY F 574 -48.07 5.79 -23.35
N VAL F 575 -47.22 6.62 -23.92
CA VAL F 575 -45.77 6.51 -23.75
C VAL F 575 -45.26 7.78 -23.11
N SER F 576 -44.34 7.63 -22.17
CA SER F 576 -43.84 8.74 -21.36
C SER F 576 -42.36 8.96 -21.65
N LYS F 577 -41.74 9.85 -20.87
CA LYS F 577 -40.35 10.21 -21.11
C LYS F 577 -39.42 9.13 -20.58
N SER F 578 -38.47 8.72 -21.41
CA SER F 578 -37.47 7.75 -20.98
C SER F 578 -36.55 8.39 -19.94
N ALA F 579 -36.25 7.63 -18.89
CA ALA F 579 -35.38 8.12 -17.84
C ALA F 579 -34.39 7.05 -17.45
N MET F 580 -33.19 7.46 -17.08
CA MET F 580 -32.16 6.53 -16.65
C MET F 580 -32.37 6.19 -15.18
N GLU F 581 -32.76 4.95 -14.92
CA GLU F 581 -33.07 4.48 -13.58
C GLU F 581 -32.19 3.28 -13.22
N PRO F 582 -31.94 3.07 -11.93
CA PRO F 582 -31.21 1.86 -11.53
C PRO F 582 -32.10 0.64 -11.61
N VAL F 583 -31.54 -0.46 -12.11
CA VAL F 583 -32.26 -1.71 -12.26
C VAL F 583 -31.45 -2.82 -11.60
N TRP F 584 -32.13 -3.68 -10.86
CA TRP F 584 -31.49 -4.77 -10.14
C TRP F 584 -31.13 -5.87 -11.12
N ASN F 585 -29.83 -6.06 -11.35
CA ASN F 585 -29.37 -7.13 -12.23
C ASN F 585 -29.21 -8.46 -11.51
N GLY F 586 -29.56 -8.53 -10.23
CA GLY F 586 -29.38 -9.70 -9.41
C GLY F 586 -28.34 -9.52 -8.31
N LYS F 587 -27.36 -8.65 -8.53
CA LYS F 587 -26.35 -8.39 -7.52
C LYS F 587 -26.03 -6.91 -7.33
N GLU F 588 -26.44 -6.03 -8.24
CA GLU F 588 -26.16 -4.60 -8.10
C GLU F 588 -27.17 -3.84 -8.95
N PHE F 589 -27.06 -2.51 -8.90
CA PHE F 589 -27.97 -1.62 -9.62
C PHE F 589 -27.27 -1.09 -10.84
N VAL F 590 -27.59 -1.65 -12.00
CA VAL F 590 -27.04 -1.16 -13.27
C VAL F 590 -27.92 -0.02 -13.77
N PRO F 591 -27.34 1.06 -14.27
CA PRO F 591 -28.17 2.15 -14.79
C PRO F 591 -28.73 1.85 -16.15
N ARG F 592 -30.03 1.52 -16.23
CA ARG F 592 -30.68 1.27 -17.49
C ARG F 592 -31.56 2.46 -17.86
N LEU F 593 -32.11 2.41 -19.07
CA LEU F 593 -32.94 3.49 -19.58
C LEU F 593 -34.37 2.97 -19.69
N MET F 594 -35.19 3.28 -18.70
CA MET F 594 -36.55 2.78 -18.64
C MET F 594 -37.51 3.76 -19.28
N LEU F 595 -38.39 3.24 -20.13
CA LEU F 595 -39.43 3.99 -20.81
C LEU F 595 -40.77 3.64 -20.17
N PRO F 596 -41.46 4.60 -19.56
CA PRO F 596 -42.73 4.28 -18.89
C PRO F 596 -43.88 4.26 -19.89
N ILE F 597 -44.49 3.10 -20.06
CA ILE F 597 -45.68 2.95 -20.88
C ILE F 597 -46.88 2.75 -19.96
N SER F 598 -48.07 2.90 -20.53
CA SER F 598 -49.30 2.75 -19.76
C SER F 598 -50.41 2.34 -20.70
N LEU F 599 -50.96 1.16 -20.49
CA LEU F 599 -52.03 0.62 -21.31
C LEU F 599 -53.36 0.91 -20.64
N SER F 600 -54.15 1.80 -21.23
CA SER F 600 -55.50 2.08 -20.76
C SER F 600 -56.47 1.36 -21.67
N PHE F 601 -57.28 0.46 -21.12
CA PHE F 601 -58.11 -0.38 -21.95
C PHE F 601 -59.53 -0.44 -21.41
N ASP F 602 -60.43 -0.81 -22.32
CA ASP F 602 -61.84 -1.02 -22.00
C ASP F 602 -61.99 -2.31 -21.20
N HIS F 603 -62.58 -2.20 -20.01
CA HIS F 603 -62.75 -3.34 -19.08
C HIS F 603 -63.86 -4.29 -19.56
N ARG F 604 -64.75 -3.83 -20.44
CA ARG F 604 -65.83 -4.69 -20.90
C ARG F 604 -65.30 -5.82 -21.78
N VAL F 605 -64.33 -5.51 -22.64
CA VAL F 605 -63.73 -6.51 -23.52
C VAL F 605 -62.60 -7.24 -22.82
N ILE F 606 -61.68 -6.49 -22.22
CA ILE F 606 -60.46 -7.03 -21.63
C ILE F 606 -60.58 -6.96 -20.12
N ASP F 607 -60.00 -7.93 -19.43
CA ASP F 607 -59.92 -7.90 -17.98
C ASP F 607 -58.50 -7.57 -17.54
N GLY F 608 -58.31 -7.42 -16.23
CA GLY F 608 -57.02 -6.99 -15.72
C GLY F 608 -55.90 -7.93 -16.11
N ALA F 609 -56.16 -9.23 -16.10
CA ALA F 609 -55.12 -10.20 -16.41
C ALA F 609 -54.71 -10.12 -17.88
N ASP F 610 -55.68 -9.97 -18.78
CA ASP F 610 -55.33 -9.86 -20.19
C ASP F 610 -54.57 -8.57 -20.47
N GLY F 611 -54.97 -7.47 -19.84
CA GLY F 611 -54.20 -6.25 -19.94
C GLY F 611 -52.78 -6.41 -19.42
N ALA F 612 -52.64 -7.17 -18.34
CA ALA F 612 -51.31 -7.42 -17.79
C ALA F 612 -50.45 -8.20 -18.77
N ARG F 613 -51.01 -9.26 -19.34
CA ARG F 613 -50.27 -10.06 -20.31
C ARG F 613 -49.91 -9.24 -21.54
N PHE F 614 -50.83 -8.37 -21.98
CA PHE F 614 -50.57 -7.55 -23.16
C PHE F 614 -49.45 -6.56 -22.91
N ILE F 615 -49.52 -5.83 -21.79
CA ILE F 615 -48.49 -4.85 -21.54
C ILE F 615 -47.17 -5.51 -21.21
N THR F 616 -47.18 -6.74 -20.69
CA THR F 616 -45.91 -7.40 -20.46
C THR F 616 -45.35 -7.99 -21.75
N ILE F 617 -46.20 -8.31 -22.72
CA ILE F 617 -45.72 -8.66 -24.06
C ILE F 617 -45.04 -7.46 -24.69
N ILE F 618 -45.68 -6.29 -24.60
CA ILE F 618 -45.05 -5.07 -25.11
C ILE F 618 -43.75 -4.79 -24.40
N ASN F 619 -43.73 -4.96 -23.08
CA ASN F 619 -42.53 -4.71 -22.29
C ASN F 619 -41.40 -5.64 -22.70
N ASN F 620 -41.71 -6.93 -22.91
CA ASN F 620 -40.69 -7.88 -23.31
C ASN F 620 -40.19 -7.58 -24.72
N THR F 621 -41.10 -7.25 -25.64
CA THR F 621 -40.69 -6.96 -27.01
C THR F 621 -39.78 -5.75 -27.08
N LEU F 622 -40.18 -4.65 -26.43
CA LEU F 622 -39.35 -3.46 -26.44
C LEU F 622 -38.09 -3.61 -25.59
N SER F 623 -38.11 -4.52 -24.62
CA SER F 623 -36.92 -4.74 -23.80
C SER F 623 -35.82 -5.42 -24.60
N ASP F 624 -36.19 -6.33 -25.49
CA ASP F 624 -35.26 -7.02 -26.38
C ASP F 624 -35.94 -7.11 -27.74
N ILE F 625 -35.64 -6.14 -28.61
CA ILE F 625 -36.37 -6.01 -29.87
C ILE F 625 -36.17 -7.20 -30.80
N ARG F 626 -35.16 -8.02 -30.54
CA ARG F 626 -34.94 -9.22 -31.35
C ARG F 626 -36.13 -10.14 -31.33
N ARG F 627 -37.01 -10.03 -30.33
CA ARG F 627 -38.21 -10.85 -30.30
C ARG F 627 -39.19 -10.50 -31.40
N LEU F 628 -38.90 -9.52 -32.24
CA LEU F 628 -39.77 -9.25 -33.38
C LEU F 628 -39.52 -10.18 -34.55
N VAL F 629 -38.39 -10.89 -34.57
CA VAL F 629 -38.12 -11.83 -35.65
C VAL F 629 -38.63 -13.23 -35.34
N MET F 630 -38.84 -13.55 -34.06
CA MET F 630 -39.34 -14.86 -33.68
C MET F 630 -40.80 -15.07 -34.09
N GLU G 208 6.01 -79.62 45.04
CA GLU G 208 6.53 -79.97 43.73
C GLU G 208 6.79 -78.69 42.95
N VAL G 209 8.05 -78.48 42.58
CA VAL G 209 8.46 -77.33 41.76
C VAL G 209 9.21 -77.88 40.56
N ASN G 210 8.49 -78.14 39.47
CA ASN G 210 9.12 -78.49 38.20
C ASN G 210 9.64 -77.20 37.56
N VAL G 211 9.98 -77.26 36.28
CA VAL G 211 10.14 -76.03 35.51
C VAL G 211 8.74 -75.60 35.11
N PRO G 212 8.38 -74.33 35.26
CA PRO G 212 6.99 -73.91 35.03
C PRO G 212 6.63 -73.85 33.56
N ASP G 213 7.51 -73.30 32.72
CA ASP G 213 7.09 -73.18 31.29
C ASP G 213 8.26 -72.99 30.32
N ILE G 214 8.69 -74.09 29.69
CA ILE G 214 9.65 -74.08 28.59
C ILE G 214 9.02 -74.83 27.43
N GLY G 215 9.11 -74.26 26.23
CA GLY G 215 8.43 -74.81 25.07
C GLY G 215 8.86 -76.20 24.67
N GLY G 216 9.88 -76.76 25.32
CA GLY G 216 10.32 -78.11 25.03
C GLY G 216 11.74 -78.19 24.55
N ASP G 217 12.56 -77.22 24.94
CA ASP G 217 13.97 -77.20 24.61
C ASP G 217 14.79 -77.55 25.85
N GLU G 218 15.89 -78.27 25.63
CA GLU G 218 16.78 -78.65 26.72
C GLU G 218 17.63 -77.45 27.11
N VAL G 219 17.39 -76.92 28.30
CA VAL G 219 18.03 -75.69 28.77
C VAL G 219 19.05 -76.03 29.85
N GLU G 220 20.19 -75.36 29.80
CA GLU G 220 21.29 -75.58 30.72
C GLU G 220 21.28 -74.53 31.82
N VAL G 221 21.28 -74.99 33.08
CA VAL G 221 21.25 -74.08 34.21
C VAL G 221 22.52 -73.26 34.26
N THR G 222 22.41 -72.04 34.80
CA THR G 222 23.54 -71.19 35.09
C THR G 222 23.82 -71.08 36.58
N GLU G 223 22.81 -70.75 37.39
CA GLU G 223 22.97 -70.68 38.84
C GLU G 223 21.58 -70.67 39.47
N VAL G 224 21.56 -70.71 40.81
CA VAL G 224 20.33 -70.70 41.58
C VAL G 224 20.27 -69.43 42.42
N MET G 225 19.08 -69.14 42.95
CA MET G 225 18.80 -67.89 43.64
C MET G 225 18.53 -68.07 45.13
N VAL G 226 18.58 -69.29 45.65
CA VAL G 226 18.04 -69.55 46.99
C VAL G 226 19.12 -70.07 47.94
N LYS G 227 18.72 -70.30 49.19
CA LYS G 227 19.59 -70.83 50.24
C LYS G 227 18.90 -72.01 50.90
N VAL G 228 19.71 -72.90 51.49
CA VAL G 228 19.15 -73.99 52.28
C VAL G 228 18.55 -73.41 53.55
N GLY G 229 17.23 -73.44 53.65
CA GLY G 229 16.51 -72.82 54.74
C GLY G 229 15.72 -71.58 54.34
N ASP G 230 16.13 -70.90 53.27
CA ASP G 230 15.40 -69.75 52.78
C ASP G 230 13.99 -70.15 52.33
N LYS G 231 13.06 -69.19 52.42
CA LYS G 231 11.72 -69.36 51.89
C LYS G 231 11.46 -68.27 50.85
N VAL G 232 10.81 -68.67 49.76
CA VAL G 232 10.71 -67.85 48.56
C VAL G 232 9.31 -67.27 48.47
N ALA G 233 9.21 -66.12 47.81
CA ALA G 233 7.95 -65.38 47.74
C ALA G 233 7.02 -66.00 46.69
N ALA G 234 5.96 -65.27 46.34
CA ALA G 234 4.93 -65.80 45.45
C ALA G 234 5.49 -66.17 44.09
N GLU G 235 6.03 -65.17 43.40
CA GLU G 235 6.61 -65.40 42.04
C GLU G 235 7.91 -64.59 41.89
N GLN G 236 9.03 -65.16 42.32
CA GLN G 236 10.32 -64.47 42.20
C GLN G 236 11.37 -65.48 41.74
N SER G 237 12.59 -64.98 41.56
CA SER G 237 13.64 -65.79 40.97
C SER G 237 14.06 -66.93 41.90
N LEU G 238 14.23 -68.12 41.32
CA LEU G 238 14.82 -69.27 41.97
C LEU G 238 16.04 -69.82 41.26
N ILE G 239 16.01 -69.81 39.92
CA ILE G 239 17.05 -70.45 39.11
C ILE G 239 17.11 -69.74 37.76
N THR G 240 18.32 -69.44 37.31
CA THR G 240 18.50 -68.88 35.97
C THR G 240 18.99 -69.99 35.04
N VAL G 241 18.37 -70.09 33.87
CA VAL G 241 18.70 -71.11 32.89
C VAL G 241 18.96 -70.42 31.55
N GLU G 242 20.05 -70.80 30.90
CA GLU G 242 20.52 -70.10 29.69
C GLU G 242 20.03 -70.86 28.47
N GLY G 243 18.88 -70.47 27.97
CA GLY G 243 18.28 -71.07 26.79
C GLY G 243 18.57 -70.28 25.53
N ASP G 244 17.59 -70.24 24.63
CA ASP G 244 17.73 -69.45 23.42
C ASP G 244 17.37 -68.01 23.73
CB LA2 G 245 15.77 -65.48 23.09
C LA2 G 245 18.06 -65.12 24.09
O LA2 G 245 19.06 -64.41 23.85
N LA2 G 245 17.58 -67.13 22.74
CA LA2 G 245 17.27 -65.68 22.90
O1 LA2 G 245 15.10 -64.22 16.86
C1 LA2 G 245 14.62 -63.60 17.80
NZ LA2 G 245 14.83 -63.97 19.07
CE LA2 G 245 13.90 -63.71 20.17
CD LA2 G 245 14.56 -63.88 21.52
CG LA2 G 245 14.96 -65.32 21.81
C2 LA2 G 245 13.76 -62.37 17.60
C3 LA2 G 245 14.11 -61.62 16.34
C4 LA2 G 245 12.91 -61.18 15.54
C5 LA2 G 245 13.14 -60.25 14.38
C6 LA2 G 245 14.16 -60.73 13.36
S6 LA2 G 245 13.74 -62.37 12.70
C7 LA2 G 245 14.46 -59.72 12.26
C8 LA2 G 245 14.89 -58.36 12.79
S8 LA2 G 245 16.14 -57.55 11.78
N ALA G 246 17.63 -65.45 25.30
CA ALA G 246 18.31 -64.97 26.51
C ALA G 246 18.05 -65.87 27.72
N SER G 247 18.88 -65.71 28.75
CA SER G 247 18.72 -66.49 29.98
C SER G 247 17.47 -66.07 30.72
N MET G 248 16.74 -67.06 31.24
CA MET G 248 15.44 -66.86 31.86
C MET G 248 15.47 -67.29 33.32
N GLU G 249 14.84 -66.49 34.17
CA GLU G 249 14.74 -66.76 35.61
C GLU G 249 13.40 -67.41 35.90
N VAL G 250 13.43 -68.66 36.33
CA VAL G 250 12.20 -69.38 36.68
C VAL G 250 11.53 -68.69 37.86
N PRO G 251 10.24 -68.37 37.79
CA PRO G 251 9.57 -67.72 38.92
C PRO G 251 9.19 -68.73 39.99
N ALA G 252 8.60 -68.21 41.06
CA ALA G 252 8.15 -69.18 42.06
C ALA G 252 6.70 -69.57 41.81
N PRO G 253 6.34 -70.83 42.05
CA PRO G 253 4.93 -71.21 41.97
C PRO G 253 4.14 -70.88 43.23
N PHE G 254 4.79 -70.76 44.37
CA PHE G 254 4.14 -70.57 45.66
C PHE G 254 5.23 -70.20 46.67
N ALA G 255 4.83 -70.06 47.93
CA ALA G 255 5.76 -69.71 49.02
C ALA G 255 6.06 -70.91 49.93
N GLY G 256 7.29 -71.02 50.42
CA GLY G 256 7.69 -72.12 51.28
C GLY G 256 9.19 -72.19 51.42
N VAL G 257 9.62 -72.74 52.55
CA VAL G 257 11.03 -72.88 52.85
C VAL G 257 11.59 -74.06 52.06
N VAL G 258 12.92 -74.05 51.90
CA VAL G 258 13.63 -74.97 51.02
C VAL G 258 13.72 -76.35 51.66
N LYS G 259 13.52 -77.41 50.87
CA LYS G 259 13.75 -78.79 51.26
C LYS G 259 14.73 -79.53 50.37
N GLU G 260 14.75 -79.24 49.06
CA GLU G 260 15.58 -79.93 48.08
C GLU G 260 16.39 -78.92 47.30
N LEU G 261 17.70 -79.16 47.21
CA LEU G 261 18.48 -78.67 46.09
C LEU G 261 18.55 -79.75 45.02
N LYS G 262 17.38 -80.14 44.54
CA LYS G 262 17.32 -81.16 43.50
C LYS G 262 18.04 -80.70 42.24
N VAL G 263 18.04 -79.40 41.97
CA VAL G 263 18.90 -78.81 40.95
C VAL G 263 20.07 -78.14 41.64
N ASN G 264 21.17 -77.99 40.91
CA ASN G 264 22.37 -77.30 41.40
C ASN G 264 22.85 -76.30 40.35
N VAL G 265 24.04 -75.76 40.58
CA VAL G 265 24.66 -74.82 39.64
C VAL G 265 25.39 -75.63 38.58
N GLY G 266 24.93 -75.51 37.33
CA GLY G 266 25.52 -76.22 36.21
C GLY G 266 24.67 -77.33 35.66
N ASP G 267 23.53 -77.60 36.30
CA ASP G 267 22.59 -78.68 35.89
C ASP G 267 21.99 -78.35 34.53
N LYS G 268 21.09 -79.23 34.04
CA LYS G 268 20.42 -79.06 32.76
C LYS G 268 19.07 -79.77 32.80
N VAL G 269 18.02 -79.07 32.37
CA VAL G 269 16.66 -79.58 32.37
C VAL G 269 16.06 -79.37 31.00
N LYS G 270 15.42 -80.42 30.46
CA LYS G 270 14.69 -80.30 29.21
C LYS G 270 13.25 -79.85 29.42
N THR G 271 12.58 -80.41 30.43
CA THR G 271 11.17 -80.02 30.70
C THR G 271 10.57 -80.84 31.85
N GLY G 272 9.84 -80.17 32.75
CA GLY G 272 9.16 -80.79 33.88
C GLY G 272 9.98 -81.68 34.79
N SER G 273 11.17 -81.23 35.17
CA SER G 273 12.02 -81.97 36.09
C SER G 273 11.93 -81.33 37.47
N LEU G 274 11.75 -82.16 38.49
CA LEU G 274 11.60 -81.66 39.86
C LEU G 274 12.92 -81.07 40.32
N ILE G 275 12.95 -79.75 40.50
CA ILE G 275 14.15 -79.07 40.96
C ILE G 275 14.04 -78.56 42.39
N MET G 276 12.83 -78.33 42.90
CA MET G 276 12.67 -77.79 44.25
C MET G 276 11.45 -78.43 44.92
N ILE G 277 11.60 -78.71 46.21
CA ILE G 277 10.50 -79.06 47.10
C ILE G 277 10.51 -78.07 48.26
N PHE G 278 9.33 -77.64 48.69
CA PHE G 278 9.24 -76.57 49.68
C PHE G 278 8.38 -77.02 50.86
N GLU G 279 8.21 -76.10 51.81
CA GLU G 279 7.39 -76.31 52.98
C GLU G 279 6.57 -75.05 53.25
N VAL G 280 5.37 -75.25 53.80
CA VAL G 280 4.49 -74.14 54.16
C VAL G 280 3.50 -74.58 55.24
N PRO G 384 19.80 -77.68 -4.35
CA PRO G 384 20.52 -78.91 -4.65
C PRO G 384 22.02 -78.79 -4.37
N GLY G 385 22.83 -78.81 -5.43
CA GLY G 385 24.26 -78.66 -5.28
C GLY G 385 24.73 -77.25 -5.50
N MET G 386 24.99 -76.52 -4.43
CA MET G 386 25.45 -75.15 -4.49
C MET G 386 26.95 -75.06 -4.21
N LEU G 387 27.54 -73.95 -4.63
CA LEU G 387 28.95 -73.73 -4.37
C LEU G 387 29.20 -73.58 -2.87
N PRO G 388 30.36 -74.02 -2.39
CA PRO G 388 30.67 -73.85 -0.96
C PRO G 388 30.98 -72.41 -0.64
N TRP G 389 31.09 -72.12 0.66
CA TRP G 389 31.43 -70.79 1.11
C TRP G 389 32.80 -70.40 0.57
N PRO G 390 33.02 -69.12 0.24
CA PRO G 390 34.30 -68.72 -0.36
C PRO G 390 35.48 -68.95 0.58
N LYS G 391 36.35 -69.88 0.22
CA LYS G 391 37.55 -70.16 1.01
C LYS G 391 38.56 -69.05 0.77
N VAL G 392 38.76 -68.21 1.79
CA VAL G 392 39.66 -67.06 1.69
C VAL G 392 40.63 -67.09 2.85
N ASP G 393 41.90 -66.80 2.56
CA ASP G 393 42.92 -66.63 3.61
C ASP G 393 42.86 -65.18 4.05
N PHE G 394 42.02 -64.91 5.06
CA PHE G 394 41.74 -63.55 5.48
C PHE G 394 42.94 -62.85 6.10
N SER G 395 44.02 -63.58 6.40
CA SER G 395 45.18 -63.00 7.04
C SER G 395 46.22 -62.48 6.06
N LYS G 396 46.13 -62.87 4.78
CA LYS G 396 47.10 -62.38 3.81
C LYS G 396 46.87 -60.92 3.42
N PHE G 397 45.74 -60.34 3.80
CA PHE G 397 45.50 -58.92 3.55
C PHE G 397 45.69 -58.05 4.77
N GLY G 398 45.72 -58.64 5.96
CA GLY G 398 45.92 -57.88 7.17
C GLY G 398 45.87 -58.78 8.38
N GLU G 399 45.62 -58.16 9.53
CA GLU G 399 45.50 -58.87 10.84
C GLU G 399 44.03 -59.17 11.11
N ILE G 400 43.74 -60.39 11.57
CA ILE G 400 42.38 -60.83 11.86
C ILE G 400 42.29 -61.24 13.32
N GLU G 401 41.09 -61.63 13.74
CA GLU G 401 40.86 -62.12 15.10
C GLU G 401 39.64 -63.01 15.04
N GLU G 402 39.85 -64.33 15.03
CA GLU G 402 38.77 -65.28 14.81
C GLU G 402 38.04 -65.53 16.13
N VAL G 403 37.13 -64.61 16.44
CA VAL G 403 36.23 -64.80 17.57
C VAL G 403 35.18 -65.83 17.21
N GLU G 404 34.64 -66.51 18.23
CA GLU G 404 33.65 -67.54 18.03
C GLU G 404 32.31 -67.09 18.61
N LEU G 405 31.24 -67.31 17.85
CA LEU G 405 29.92 -66.82 18.23
C LEU G 405 29.42 -67.54 19.48
N GLY G 406 28.77 -66.80 20.37
CA GLY G 406 28.14 -67.40 21.52
C GLY G 406 27.04 -68.37 21.14
N ARG G 407 26.57 -69.12 22.13
CA ARG G 407 25.57 -70.15 21.84
C ARG G 407 24.23 -69.53 21.43
N ILE G 408 23.87 -68.39 22.04
CA ILE G 408 22.63 -67.73 21.63
C ILE G 408 22.79 -67.13 20.24
N GLN G 409 23.99 -66.65 19.91
CA GLN G 409 24.22 -66.13 18.56
C GLN G 409 24.16 -67.26 17.53
N LYS G 410 24.76 -68.40 17.85
CA LYS G 410 24.66 -69.56 16.96
C LYS G 410 23.21 -69.99 16.76
N ILE G 411 22.45 -70.03 17.85
CA ILE G 411 21.05 -70.48 17.77
C ILE G 411 20.22 -69.50 16.97
N SER G 412 20.42 -68.20 17.20
CA SER G 412 19.67 -67.20 16.44
C SER G 412 20.07 -67.22 14.97
N GLY G 413 21.34 -67.47 14.68
CA GLY G 413 21.75 -67.59 13.29
C GLY G 413 21.13 -68.79 12.61
N ALA G 414 21.06 -69.92 13.31
CA ALA G 414 20.40 -71.09 12.74
C ALA G 414 18.92 -70.84 12.52
N ASN G 415 18.26 -70.18 13.48
CA ASN G 415 16.84 -69.88 13.33
C ASN G 415 16.59 -68.95 12.15
N LEU G 416 17.42 -67.92 11.99
CA LEU G 416 17.24 -67.01 10.87
C LEU G 416 17.58 -67.66 9.55
N SER G 417 18.57 -68.54 9.53
CA SER G 417 18.90 -69.24 8.28
C SER G 417 17.86 -70.29 7.93
N ARG G 418 17.05 -70.72 8.89
CA ARG G 418 15.90 -71.56 8.56
C ARG G 418 14.74 -70.72 8.06
N ASN G 419 14.46 -69.61 8.74
CA ASN G 419 13.36 -68.75 8.34
C ASN G 419 13.59 -68.15 6.96
N TRP G 420 14.84 -67.86 6.60
CA TRP G 420 15.12 -67.30 5.29
C TRP G 420 14.80 -68.30 4.18
N VAL G 421 15.21 -69.55 4.35
CA VAL G 421 15.00 -70.54 3.31
C VAL G 421 13.54 -70.96 3.25
N MET G 422 12.97 -71.34 4.39
CA MET G 422 11.65 -71.99 4.38
C MET G 422 10.50 -71.02 4.20
N ILE G 423 10.71 -69.72 4.32
CA ILE G 423 9.65 -68.73 4.24
C ILE G 423 9.88 -67.86 3.02
N PRO G 424 8.94 -67.81 2.07
CA PRO G 424 9.03 -66.80 1.01
C PRO G 424 8.57 -65.44 1.51
N HIS G 425 9.52 -64.55 1.76
CA HIS G 425 9.19 -63.25 2.34
C HIS G 425 8.69 -62.28 1.29
N VAL G 426 7.71 -61.46 1.67
CA VAL G 426 7.34 -60.30 0.88
C VAL G 426 7.15 -59.14 1.84
N THR G 427 7.73 -57.99 1.50
CA THR G 427 7.79 -56.84 2.39
C THR G 427 7.03 -55.69 1.76
N HIS G 428 5.96 -55.25 2.42
CA HIS G 428 5.19 -54.09 1.99
C HIS G 428 5.55 -52.92 2.88
N PHE G 429 6.03 -51.84 2.28
CA PHE G 429 6.36 -50.66 3.05
C PHE G 429 5.18 -49.69 3.07
N ASP G 430 5.13 -48.85 4.08
CA ASP G 430 4.04 -47.91 4.21
C ASP G 430 4.44 -46.79 5.15
N LYS G 431 3.68 -45.70 5.11
CA LYS G 431 3.92 -44.55 5.98
C LYS G 431 2.60 -44.14 6.60
N THR G 432 2.62 -43.92 7.91
CA THR G 432 1.41 -43.65 8.69
C THR G 432 1.47 -42.25 9.27
N ASP G 433 0.42 -41.47 9.05
CA ASP G 433 0.35 -40.10 9.58
C ASP G 433 0.00 -40.18 11.05
N ILE G 434 0.99 -39.98 11.92
CA ILE G 434 0.79 -40.16 13.35
C ILE G 434 0.97 -38.83 14.09
N THR G 435 0.63 -37.72 13.44
CA THR G 435 0.71 -36.43 14.10
C THR G 435 -0.26 -36.37 15.27
N GLU G 436 -1.52 -36.72 15.02
CA GLU G 436 -2.51 -36.74 16.10
C GLU G 436 -2.14 -37.74 17.17
N LEU G 437 -1.63 -38.91 16.77
CA LEU G 437 -1.24 -39.93 17.74
C LEU G 437 -0.10 -39.45 18.62
N GLU G 438 0.87 -38.74 18.03
CA GLU G 438 1.99 -38.25 18.83
C GLU G 438 1.57 -37.13 19.76
N ALA G 439 0.71 -36.22 19.28
CA ALA G 439 0.17 -35.18 20.15
C ALA G 439 -0.58 -35.80 21.32
N PHE G 440 -1.41 -36.80 21.05
CA PHE G 440 -2.19 -37.44 22.10
C PHE G 440 -1.28 -38.20 23.06
N ARG G 441 -0.21 -38.82 22.56
CA ARG G 441 0.70 -39.55 23.43
C ARG G 441 1.46 -38.60 24.34
N LYS G 442 1.90 -37.45 23.81
CA LYS G 442 2.54 -36.45 24.66
C LYS G 442 1.57 -35.91 25.71
N GLN G 443 0.32 -35.65 25.30
CA GLN G 443 -0.67 -35.16 26.25
C GLN G 443 -0.92 -36.17 27.36
N GLN G 444 -1.01 -37.45 27.01
CA GLN G 444 -1.24 -38.47 28.03
C GLN G 444 0.00 -38.73 28.87
N ASN G 445 1.20 -38.49 28.34
CA ASN G 445 2.39 -38.60 29.16
C ASN G 445 2.47 -37.46 30.16
N GLU G 446 2.01 -36.27 29.77
CA GLU G 446 1.90 -35.18 30.74
C GLU G 446 0.84 -35.50 31.79
N GLU G 447 -0.37 -35.84 31.34
CA GLU G 447 -1.47 -36.10 32.27
C GLU G 447 -1.17 -37.26 33.21
N ALA G 448 -0.45 -38.27 32.74
CA ALA G 448 -0.06 -39.39 33.59
C ALA G 448 1.12 -39.05 34.48
N ALA G 449 1.67 -37.84 34.37
CA ALA G 449 2.72 -37.36 35.27
C ALA G 449 2.14 -36.51 36.39
N LYS G 450 1.39 -35.46 36.04
CA LYS G 450 0.76 -34.63 37.07
C LYS G 450 -0.30 -35.36 37.88
N ARG G 451 -0.61 -36.61 37.53
CA ARG G 451 -1.50 -37.44 38.34
C ARG G 451 -0.74 -38.59 39.01
N LYS G 452 0.59 -38.60 38.90
CA LYS G 452 1.45 -39.52 39.64
C LYS G 452 1.06 -40.99 39.38
N LEU G 453 1.15 -41.38 38.11
CA LEU G 453 0.95 -42.77 37.72
C LEU G 453 2.25 -43.53 37.54
N ASP G 454 3.37 -42.83 37.37
CA ASP G 454 4.67 -43.45 37.14
C ASP G 454 4.62 -44.42 35.96
N VAL G 455 4.10 -43.93 34.85
CA VAL G 455 4.03 -44.71 33.61
C VAL G 455 4.50 -43.82 32.46
N LYS G 456 5.20 -44.44 31.51
CA LYS G 456 5.69 -43.74 30.33
C LYS G 456 5.10 -44.43 29.11
N ILE G 457 4.33 -43.68 28.33
CA ILE G 457 3.60 -44.24 27.20
C ILE G 457 4.46 -44.04 25.94
N THR G 458 5.08 -45.12 25.50
CA THR G 458 5.92 -45.13 24.30
C THR G 458 5.06 -45.22 23.06
N PRO G 459 5.59 -44.83 21.89
CA PRO G 459 4.82 -44.99 20.65
C PRO G 459 4.62 -46.44 20.24
N VAL G 460 5.15 -47.40 20.98
CA VAL G 460 5.05 -48.79 20.57
C VAL G 460 3.75 -49.45 21.05
N VAL G 461 3.17 -48.96 22.14
CA VAL G 461 1.94 -49.58 22.63
C VAL G 461 0.78 -49.24 21.70
N PHE G 462 0.78 -48.06 21.10
CA PHE G 462 -0.23 -47.75 20.10
C PHE G 462 -0.10 -48.68 18.90
N ILE G 463 1.13 -49.03 18.53
CA ILE G 463 1.33 -49.94 17.42
C ILE G 463 0.90 -51.35 17.80
N MET G 464 1.12 -51.75 19.06
CA MET G 464 0.63 -53.03 19.52
C MET G 464 -0.88 -53.10 19.45
N LYS G 465 -1.56 -52.03 19.86
CA LYS G 465 -3.02 -51.99 19.79
C LYS G 465 -3.50 -52.01 18.34
N ALA G 466 -2.83 -51.27 17.46
CA ALA G 466 -3.21 -51.26 16.05
C ALA G 466 -3.02 -52.63 15.43
N VAL G 467 -1.95 -53.32 15.76
CA VAL G 467 -1.70 -54.64 15.19
C VAL G 467 -2.69 -55.65 15.77
N ALA G 468 -3.06 -55.50 17.04
CA ALA G 468 -4.08 -56.38 17.61
C ALA G 468 -5.42 -56.18 16.92
N ALA G 469 -5.78 -54.93 16.65
CA ALA G 469 -6.99 -54.65 15.89
C ALA G 469 -6.92 -55.28 14.50
N ALA G 470 -5.78 -55.13 13.82
CA ALA G 470 -5.64 -55.68 12.49
C ALA G 470 -5.70 -57.20 12.49
N LEU G 471 -5.21 -57.84 13.55
CA LEU G 471 -5.32 -59.29 13.66
C LEU G 471 -6.75 -59.70 13.97
N GLU G 472 -7.50 -58.86 14.67
CA GLU G 472 -8.93 -59.11 14.86
C GLU G 472 -9.67 -59.04 13.53
N GLN G 473 -9.35 -58.05 12.70
CA GLN G 473 -10.08 -57.88 11.45
C GLN G 473 -9.64 -58.89 10.40
N MET G 474 -8.35 -59.15 10.30
CA MET G 474 -7.83 -60.12 9.33
C MET G 474 -7.22 -61.31 10.06
N PRO G 475 -8.04 -62.28 10.47
CA PRO G 475 -7.52 -63.39 11.29
C PRO G 475 -6.57 -64.31 10.53
N ARG G 476 -6.45 -64.19 9.21
CA ARG G 476 -5.48 -64.99 8.48
C ARG G 476 -4.05 -64.64 8.86
N PHE G 477 -3.80 -63.43 9.34
CA PHE G 477 -2.47 -63.04 9.77
C PHE G 477 -2.11 -63.60 11.14
N ASN G 478 -3.10 -64.02 11.91
CA ASN G 478 -2.86 -64.65 13.21
C ASN G 478 -2.89 -66.16 13.03
N SER G 479 -1.91 -66.65 12.26
CA SER G 479 -1.89 -68.05 11.85
C SER G 479 -0.49 -68.60 12.07
N SER G 480 -0.27 -69.83 11.62
CA SER G 480 1.02 -70.50 11.67
C SER G 480 0.95 -71.75 10.82
N LEU G 481 2.00 -72.00 10.05
CA LEU G 481 2.07 -73.17 9.20
C LEU G 481 2.76 -74.32 9.92
N SER G 482 2.63 -75.51 9.33
CA SER G 482 3.26 -76.70 9.86
C SER G 482 4.63 -76.92 9.22
N GLU G 483 5.28 -78.00 9.65
CA GLU G 483 6.57 -78.38 9.10
C GLU G 483 6.51 -78.52 7.58
N ASP G 484 5.52 -79.25 7.08
CA ASP G 484 5.35 -79.44 5.64
C ASP G 484 4.69 -78.27 4.94
N GLY G 485 4.10 -77.34 5.67
CA GLY G 485 3.42 -76.20 5.05
C GLY G 485 2.13 -76.57 4.36
N GLN G 486 1.34 -77.46 4.96
CA GLN G 486 0.08 -77.90 4.37
C GLN G 486 -1.13 -77.67 5.26
N ARG G 487 -0.94 -77.46 6.56
CA ARG G 487 -2.04 -77.24 7.49
C ARG G 487 -1.80 -75.94 8.24
N LEU G 488 -2.74 -75.01 8.13
CA LEU G 488 -2.67 -73.77 8.87
C LEU G 488 -3.20 -73.97 10.29
N THR G 489 -2.85 -73.04 11.18
CA THR G 489 -3.30 -73.05 12.57
C THR G 489 -3.84 -71.67 12.89
N LEU G 490 -5.12 -71.45 12.58
CA LEU G 490 -5.75 -70.15 12.85
C LEU G 490 -5.89 -69.96 14.36
N LYS G 491 -5.04 -69.11 14.92
CA LYS G 491 -5.14 -68.81 16.34
C LYS G 491 -6.25 -67.80 16.59
N LYS G 492 -6.89 -67.93 17.75
CA LYS G 492 -7.95 -67.02 18.16
C LYS G 492 -7.49 -66.01 19.19
N TYR G 493 -6.43 -66.30 19.93
CA TYR G 493 -5.83 -65.34 20.84
C TYR G 493 -4.90 -64.42 20.07
N ILE G 494 -4.56 -63.29 20.69
CA ILE G 494 -3.73 -62.27 20.06
C ILE G 494 -2.64 -61.90 21.07
N ASN G 495 -1.49 -62.55 20.95
CA ASN G 495 -0.28 -62.16 21.66
C ASN G 495 0.69 -61.55 20.67
N ILE G 496 1.45 -60.56 21.12
CA ILE G 496 2.35 -59.81 20.24
C ILE G 496 3.70 -59.72 20.91
N GLY G 497 4.74 -60.22 20.24
CA GLY G 497 6.09 -59.99 20.70
C GLY G 497 6.57 -58.63 20.25
N VAL G 498 7.38 -58.00 21.10
CA VAL G 498 7.91 -56.67 20.82
C VAL G 498 9.41 -56.74 21.00
N ALA G 499 10.16 -56.59 19.91
CA ALA G 499 11.61 -56.76 19.95
C ALA G 499 12.23 -55.68 20.81
N VAL G 500 12.74 -56.07 21.97
CA VAL G 500 13.47 -55.20 22.88
C VAL G 500 14.96 -55.39 22.64
N ASP G 501 15.72 -54.31 22.78
CA ASP G 501 17.16 -54.30 22.49
C ASP G 501 17.93 -54.39 23.80
N THR G 502 18.36 -55.60 24.14
CA THR G 502 19.25 -55.84 25.25
C THR G 502 20.70 -55.77 24.78
N PRO G 503 21.65 -55.60 25.72
CA PRO G 503 23.07 -55.59 25.32
C PRO G 503 23.49 -56.85 24.56
N ASN G 504 22.69 -57.91 24.66
CA ASN G 504 22.94 -59.16 23.96
C ASN G 504 22.05 -59.31 22.73
N GLY G 505 21.78 -58.22 22.04
CA GLY G 505 20.97 -58.27 20.83
C GLY G 505 19.49 -58.03 21.10
N LEU G 506 18.68 -58.39 20.11
CA LEU G 506 17.25 -58.21 20.19
C LEU G 506 16.60 -59.47 20.73
N VAL G 507 15.87 -59.34 21.84
CA VAL G 507 15.06 -60.43 22.38
C VAL G 507 13.60 -60.03 22.21
N VAL G 508 12.74 -61.01 21.96
CA VAL G 508 11.33 -60.72 21.70
C VAL G 508 10.49 -61.22 22.87
N PRO G 509 10.12 -60.35 23.80
CA PRO G 509 9.12 -60.73 24.80
C PRO G 509 7.71 -60.58 24.27
N VAL G 510 6.85 -61.48 24.71
CA VAL G 510 5.49 -61.61 24.19
C VAL G 510 4.52 -61.04 25.21
N PHE G 511 3.61 -60.19 24.75
CA PHE G 511 2.54 -59.62 25.56
C PHE G 511 1.23 -60.29 25.17
N LYS G 512 0.50 -60.78 26.16
CA LYS G 512 -0.65 -61.63 25.92
C LYS G 512 -1.94 -60.81 25.89
N ASP G 513 -2.87 -61.26 25.04
CA ASP G 513 -4.21 -60.68 24.96
C ASP G 513 -4.16 -59.17 24.77
N VAL G 514 -3.34 -58.74 23.83
CA VAL G 514 -3.20 -57.31 23.54
C VAL G 514 -4.52 -56.72 23.06
N ASN G 515 -5.38 -57.52 22.47
CA ASN G 515 -6.64 -57.02 21.94
C ASN G 515 -7.57 -56.50 23.03
N LYS G 516 -7.41 -56.97 24.27
CA LYS G 516 -8.29 -56.59 25.37
C LYS G 516 -7.70 -55.49 26.23
N LYS G 517 -6.42 -55.61 26.60
CA LYS G 517 -5.80 -54.68 27.53
C LYS G 517 -5.78 -53.26 26.96
N GLY G 518 -5.79 -52.28 27.87
CA GLY G 518 -5.72 -50.89 27.47
C GLY G 518 -4.30 -50.42 27.29
N ILE G 519 -4.16 -49.20 26.80
CA ILE G 519 -2.84 -48.68 26.48
C ILE G 519 -2.02 -48.40 27.74
N ILE G 520 -2.66 -48.05 28.85
CA ILE G 520 -1.88 -47.81 30.06
C ILE G 520 -1.44 -49.11 30.72
N GLU G 521 -2.32 -50.13 30.76
CA GLU G 521 -1.89 -51.44 31.23
C GLU G 521 -0.78 -52.02 30.36
N LEU G 522 -0.96 -51.93 29.04
CA LEU G 522 0.09 -52.39 28.12
C LEU G 522 1.38 -51.59 28.30
N SER G 523 1.27 -50.29 28.58
CA SER G 523 2.45 -49.47 28.75
C SER G 523 3.19 -49.85 30.03
N ARG G 524 2.45 -50.19 31.08
CA ARG G 524 3.09 -50.67 32.31
C ARG G 524 3.77 -52.00 32.06
N GLU G 525 3.08 -52.92 31.38
CA GLU G 525 3.69 -54.21 31.03
C GLU G 525 4.97 -54.01 30.23
N LEU G 526 4.93 -53.11 29.25
CA LEU G 526 6.09 -52.89 28.39
C LEU G 526 7.23 -52.26 29.16
N MET G 527 6.93 -51.26 30.00
CA MET G 527 7.97 -50.62 30.80
C MET G 527 8.62 -51.61 31.76
N THR G 528 7.84 -52.57 32.27
CA THR G 528 8.40 -53.58 33.15
C THR G 528 9.27 -54.56 32.37
N ILE G 529 8.74 -55.12 31.28
CA ILE G 529 9.43 -56.20 30.61
C ILE G 529 10.63 -55.70 29.79
N SER G 530 10.61 -54.45 29.33
CA SER G 530 11.79 -53.90 28.66
C SER G 530 12.98 -53.89 29.61
N LYS G 531 12.78 -53.43 30.85
CA LYS G 531 13.85 -53.46 31.83
C LYS G 531 14.19 -54.88 32.23
N LYS G 532 13.17 -55.73 32.38
CA LYS G 532 13.40 -57.14 32.70
C LYS G 532 14.29 -57.80 31.66
N ALA G 533 14.19 -57.40 30.40
CA ALA G 533 15.00 -57.96 29.33
C ALA G 533 16.39 -57.33 29.30
N ARG G 534 16.45 -56.00 29.34
CA ARG G 534 17.73 -55.32 29.31
C ARG G 534 18.61 -55.66 30.50
N ASP G 535 18.02 -56.15 31.59
CA ASP G 535 18.81 -56.65 32.71
C ASP G 535 19.13 -58.13 32.58
N GLY G 536 18.31 -58.89 31.87
CA GLY G 536 18.53 -60.32 31.68
C GLY G 536 17.62 -61.21 32.49
N LYS G 537 16.79 -60.64 33.37
CA LYS G 537 15.90 -61.41 34.22
C LYS G 537 14.61 -61.81 33.53
N LEU G 538 14.57 -61.76 32.19
CA LEU G 538 13.36 -62.04 31.43
C LEU G 538 12.91 -63.49 31.63
N THR G 539 11.74 -63.68 32.23
CA THR G 539 11.27 -65.00 32.62
C THR G 539 10.63 -65.71 31.42
N ALA G 540 10.77 -67.04 31.40
CA ALA G 540 10.14 -67.82 30.35
C ALA G 540 8.63 -67.69 30.43
N GLY G 541 7.98 -67.90 29.29
CA GLY G 541 6.56 -67.60 29.19
C GLY G 541 6.34 -66.15 28.84
N GLU G 542 7.29 -65.29 29.20
CA GLU G 542 7.33 -63.92 28.72
C GLU G 542 8.11 -63.80 27.42
N MET G 543 8.45 -64.93 26.79
CA MET G 543 8.98 -64.93 25.44
C MET G 543 8.41 -66.05 24.59
N GLN G 544 7.27 -66.61 25.02
CA GLN G 544 6.67 -67.76 24.28
C GLN G 544 5.21 -67.47 23.93
N GLY G 545 4.72 -68.08 22.85
CA GLY G 545 3.36 -67.94 22.40
C GLY G 545 3.05 -66.60 21.78
N GLY G 546 3.85 -66.17 20.81
CA GLY G 546 3.62 -64.94 20.10
C GLY G 546 2.94 -65.18 18.76
N CYS G 547 1.93 -64.37 18.47
CA CYS G 547 1.19 -64.47 17.21
C CYS G 547 1.69 -63.49 16.16
N PHE G 548 2.53 -62.55 16.54
CA PHE G 548 2.97 -61.47 15.67
C PHE G 548 4.19 -60.86 16.32
N THR G 549 4.96 -60.10 15.54
CA THR G 549 6.16 -59.47 16.06
C THR G 549 6.20 -58.02 15.60
N ILE G 550 6.65 -57.15 16.49
CA ILE G 550 6.86 -55.73 16.18
C ILE G 550 8.31 -55.41 16.51
N SER G 551 9.09 -55.16 15.49
CA SER G 551 10.51 -54.81 15.64
C SER G 551 10.62 -53.32 15.39
N SER G 552 10.76 -52.55 16.47
CA SER G 552 10.83 -51.10 16.39
C SER G 552 12.28 -50.67 16.53
N ILE G 553 12.84 -50.18 15.43
CA ILE G 553 14.19 -49.63 15.42
C ILE G 553 14.18 -48.15 15.06
N GLY G 554 13.04 -47.50 15.25
CA GLY G 554 12.93 -46.09 14.93
C GLY G 554 13.78 -45.19 15.80
N GLY G 555 14.18 -45.67 16.98
CA GLY G 555 15.08 -44.90 17.81
C GLY G 555 16.48 -44.77 17.26
N LEU G 556 16.80 -45.50 16.19
CA LEU G 556 18.14 -45.52 15.64
C LEU G 556 18.24 -45.03 14.21
N GLY G 557 17.17 -45.13 13.42
CA GLY G 557 17.21 -44.65 12.05
C GLY G 557 16.47 -45.54 11.08
N THR G 558 17.11 -45.81 9.93
CA THR G 558 16.55 -46.73 8.90
C THR G 558 15.12 -46.33 8.53
N THR G 559 14.99 -45.28 7.71
CA THR G 559 13.70 -44.79 7.22
C THR G 559 12.80 -45.91 6.70
N HIS G 560 13.36 -47.03 6.29
CA HIS G 560 12.61 -48.26 6.07
C HIS G 560 13.55 -49.44 6.27
N PHE G 561 12.96 -50.61 6.53
CA PHE G 561 13.75 -51.83 6.53
C PHE G 561 12.83 -53.03 6.39
N ALA G 562 13.39 -54.11 5.84
CA ALA G 562 12.64 -55.32 5.51
C ALA G 562 13.01 -56.42 6.50
N PRO G 563 12.26 -56.59 7.58
CA PRO G 563 12.62 -57.59 8.57
C PRO G 563 12.43 -59.01 8.09
N ILE G 564 12.82 -59.99 8.89
CA ILE G 564 12.65 -61.40 8.59
C ILE G 564 11.51 -61.93 9.44
N VAL G 565 10.60 -62.69 8.81
CA VAL G 565 9.47 -63.26 9.52
C VAL G 565 9.99 -64.12 10.67
N ASN G 566 9.37 -63.95 11.84
CA ASN G 566 9.79 -64.65 13.05
C ASN G 566 8.97 -65.93 13.16
N ALA G 567 9.49 -67.01 12.55
CA ALA G 567 8.81 -68.32 12.58
C ALA G 567 8.54 -68.70 14.04
N PRO G 568 7.44 -69.41 14.37
CA PRO G 568 6.49 -69.94 13.38
C PRO G 568 5.36 -68.99 13.02
N GLU G 569 5.56 -67.69 13.25
CA GLU G 569 4.56 -66.71 12.84
C GLU G 569 4.59 -66.55 11.34
N VAL G 570 3.68 -65.71 10.82
CA VAL G 570 3.55 -65.50 9.39
C VAL G 570 3.80 -64.06 8.98
N ALA G 571 4.03 -63.17 9.94
CA ALA G 571 4.26 -61.77 9.59
C ALA G 571 5.07 -61.10 10.69
N ILE G 572 5.61 -59.93 10.36
CA ILE G 572 6.36 -59.12 11.31
C ILE G 572 6.29 -57.68 10.83
N LEU G 573 6.06 -56.77 11.76
CA LEU G 573 5.93 -55.35 11.45
C LEU G 573 7.18 -54.65 11.97
N GLY G 574 8.00 -54.13 11.06
CA GLY G 574 9.12 -53.30 11.43
C GLY G 574 8.72 -51.84 11.42
N VAL G 575 9.20 -51.11 12.42
CA VAL G 575 8.86 -49.71 12.58
C VAL G 575 10.13 -48.89 12.50
N SER G 576 10.06 -47.75 11.83
CA SER G 576 11.21 -46.92 11.54
C SER G 576 11.06 -45.56 12.24
N LYS G 577 11.99 -44.65 11.95
CA LYS G 577 12.01 -43.36 12.63
C LYS G 577 10.95 -42.44 12.05
N SER G 578 10.17 -41.83 12.94
CA SER G 578 9.17 -40.86 12.51
C SER G 578 9.86 -39.61 11.98
N ALA G 579 9.36 -39.10 10.85
CA ALA G 579 9.93 -37.90 10.26
C ALA G 579 8.81 -36.97 9.82
N MET G 580 9.07 -35.67 9.91
CA MET G 580 8.09 -34.68 9.50
C MET G 580 8.19 -34.49 7.99
N GLU G 581 7.16 -34.91 7.28
CA GLU G 581 7.11 -34.85 5.84
C GLU G 581 5.90 -34.05 5.37
N PRO G 582 5.97 -33.46 4.19
CA PRO G 582 4.78 -32.77 3.64
C PRO G 582 3.78 -33.78 3.13
N VAL G 583 2.50 -33.51 3.40
CA VAL G 583 1.41 -34.38 2.99
C VAL G 583 0.38 -33.54 2.26
N TRP G 584 -0.12 -34.06 1.15
CA TRP G 584 -1.09 -33.36 0.32
C TRP G 584 -2.45 -33.42 0.99
N ASN G 585 -2.94 -32.28 1.47
CA ASN G 585 -4.27 -32.22 2.08
C ASN G 585 -5.37 -32.00 1.07
N GLY G 586 -5.05 -31.97 -0.23
CA GLY G 586 -5.99 -31.68 -1.29
C GLY G 586 -5.74 -30.36 -1.97
N LYS G 587 -5.15 -29.39 -1.27
CA LYS G 587 -4.83 -28.10 -1.86
C LYS G 587 -3.45 -27.58 -1.51
N GLU G 588 -2.77 -28.14 -0.53
CA GLU G 588 -1.43 -27.68 -0.16
C GLU G 588 -0.72 -28.80 0.59
N PHE G 589 0.52 -28.54 0.98
CA PHE G 589 1.35 -29.52 1.66
C PHE G 589 1.42 -29.15 3.14
N VAL G 590 0.66 -29.87 3.95
CA VAL G 590 0.69 -29.67 5.39
C VAL G 590 1.81 -30.52 5.97
N PRO G 591 2.60 -30.00 6.90
CA PRO G 591 3.67 -30.83 7.49
C PRO G 591 3.14 -31.80 8.51
N ARG G 592 3.05 -33.08 8.16
CA ARG G 592 2.61 -34.11 9.09
C ARG G 592 3.80 -34.92 9.56
N LEU G 593 3.57 -35.81 10.51
CA LEU G 593 4.62 -36.62 11.10
C LEU G 593 4.38 -38.07 10.68
N MET G 594 5.07 -38.52 9.64
CA MET G 594 4.87 -39.85 9.10
C MET G 594 5.82 -40.83 9.74
N LEU G 595 5.28 -41.98 10.15
CA LEU G 595 6.01 -43.08 10.73
C LEU G 595 6.10 -44.20 9.70
N PRO G 596 7.30 -44.58 9.25
CA PRO G 596 7.40 -45.62 8.23
C PRO G 596 7.35 -47.01 8.84
N ILE G 597 6.32 -47.77 8.49
CA ILE G 597 6.19 -49.15 8.90
C ILE G 597 6.48 -50.04 7.70
N SER G 598 6.68 -51.32 7.96
CA SER G 598 6.99 -52.28 6.91
C SER G 598 6.57 -53.66 7.36
N LEU G 599 5.59 -54.24 6.67
CA LEU G 599 5.08 -55.56 7.01
C LEU G 599 5.78 -56.59 6.13
N SER G 600 6.63 -57.42 6.74
CA SER G 600 7.26 -58.52 6.05
C SER G 600 6.54 -59.80 6.43
N PHE G 601 5.98 -60.50 5.44
CA PHE G 601 5.12 -61.63 5.76
C PHE G 601 5.47 -62.83 4.88
N ASP G 602 5.07 -64.00 5.38
CA ASP G 602 5.21 -65.25 4.66
C ASP G 602 4.22 -65.29 3.51
N HIS G 603 4.75 -65.49 2.30
CA HIS G 603 3.92 -65.51 1.06
C HIS G 603 3.13 -66.81 0.93
N ARG G 604 3.49 -67.86 1.66
CA ARG G 604 2.77 -69.11 1.55
C ARG G 604 1.38 -69.00 2.17
N VAL G 605 1.27 -68.30 3.28
CA VAL G 605 -0.01 -68.09 3.95
C VAL G 605 -0.74 -66.90 3.37
N ILE G 606 -0.06 -65.77 3.28
CA ILE G 606 -0.65 -64.49 2.89
C ILE G 606 -0.18 -64.15 1.49
N ASP G 607 -1.04 -63.50 0.72
CA ASP G 607 -0.65 -63.00 -0.60
C ASP G 607 -0.50 -61.49 -0.53
N GLY G 608 -0.05 -60.91 -1.65
CA GLY G 608 0.23 -59.48 -1.67
C GLY G 608 -0.97 -58.63 -1.31
N ALA G 609 -2.15 -59.03 -1.77
CA ALA G 609 -3.35 -58.22 -1.51
C ALA G 609 -3.73 -58.27 -0.03
N ASP G 610 -3.63 -59.43 0.61
CA ASP G 610 -3.94 -59.51 2.02
C ASP G 610 -2.93 -58.74 2.86
N GLY G 611 -1.65 -58.81 2.49
CA GLY G 611 -0.67 -57.97 3.16
C GLY G 611 -0.96 -56.50 2.98
N ALA G 612 -1.43 -56.11 1.80
CA ALA G 612 -1.78 -54.71 1.55
C ALA G 612 -2.94 -54.28 2.44
N ARG G 613 -3.99 -55.10 2.51
CA ARG G 613 -5.12 -54.77 3.36
C ARG G 613 -4.73 -54.71 4.82
N PHE G 614 -3.84 -55.61 5.25
CA PHE G 614 -3.42 -55.62 6.65
C PHE G 614 -2.62 -54.38 6.99
N ILE G 615 -1.63 -54.03 6.16
CA ILE G 615 -0.83 -52.87 6.48
C ILE G 615 -1.63 -51.59 6.32
N THR G 616 -2.66 -51.59 5.47
CA THR G 616 -3.48 -50.39 5.38
C THR G 616 -4.46 -50.30 6.55
N ILE G 617 -4.86 -51.44 7.13
CA ILE G 617 -5.61 -51.41 8.37
C ILE G 617 -4.77 -50.83 9.49
N ILE G 618 -3.52 -51.26 9.59
CA ILE G 618 -2.61 -50.71 10.58
C ILE G 618 -2.41 -49.22 10.33
N ASN G 619 -2.23 -48.83 9.08
CA ASN G 619 -2.02 -47.43 8.73
C ASN G 619 -3.23 -46.58 9.11
N ASN G 620 -4.43 -47.08 8.84
CA ASN G 620 -5.64 -46.34 9.20
C ASN G 620 -5.80 -46.25 10.70
N THR G 621 -5.55 -47.35 11.42
CA THR G 621 -5.71 -47.33 12.88
C THR G 621 -4.75 -46.36 13.53
N LEU G 622 -3.47 -46.42 13.16
CA LEU G 622 -2.49 -45.50 13.73
C LEU G 622 -2.66 -44.08 13.22
N SER G 623 -3.28 -43.90 12.05
CA SER G 623 -3.50 -42.56 11.53
C SER G 623 -4.56 -41.83 12.35
N ASP G 624 -5.58 -42.55 12.80
CA ASP G 624 -6.63 -41.99 13.66
C ASP G 624 -6.93 -43.05 14.71
N ILE G 625 -6.29 -42.93 15.87
CA ILE G 625 -6.35 -43.98 16.87
C ILE G 625 -7.75 -44.18 17.43
N ARG G 626 -8.66 -43.24 17.21
CA ARG G 626 -10.04 -43.41 17.65
C ARG G 626 -10.69 -44.64 17.05
N ARG G 627 -10.16 -45.17 15.95
CA ARG G 627 -10.70 -46.38 15.37
C ARG G 627 -10.47 -47.61 16.24
N LEU G 628 -9.80 -47.47 17.38
CA LEU G 628 -9.66 -48.60 18.29
C LEU G 628 -10.89 -48.81 19.15
N VAL G 629 -11.78 -47.82 19.25
CA VAL G 629 -13.00 -47.99 20.03
C VAL G 629 -14.15 -48.53 19.20
N MET G 630 -14.10 -48.41 17.88
CA MET G 630 -15.15 -48.90 17.00
C MET G 630 -15.17 -50.43 16.95
N GLU H 208 62.04 -66.49 -11.56
CA GLU H 208 60.84 -67.25 -11.26
C GLU H 208 59.64 -66.32 -11.36
N VAL H 209 58.71 -66.62 -12.27
CA VAL H 209 57.47 -65.87 -12.42
C VAL H 209 56.33 -66.87 -12.33
N ASN H 210 55.80 -67.07 -11.12
CA ASN H 210 54.59 -67.85 -10.93
C ASN H 210 53.39 -66.98 -11.31
N VAL H 211 52.19 -67.41 -10.93
CA VAL H 211 51.07 -66.48 -10.93
C VAL H 211 51.18 -65.68 -9.63
N PRO H 212 51.03 -64.36 -9.67
CA PRO H 212 51.29 -63.55 -8.47
C PRO H 212 50.19 -63.66 -7.43
N ASP H 213 48.91 -63.61 -7.86
CA ASP H 213 47.86 -63.65 -6.81
C ASP H 213 46.48 -64.07 -7.33
N ILE H 214 46.14 -65.34 -7.16
CA ILE H 214 44.80 -65.87 -7.41
C ILE H 214 44.35 -66.57 -6.14
N GLY H 215 43.11 -66.33 -5.73
CA GLY H 215 42.61 -66.83 -4.46
C GLY H 215 42.57 -68.33 -4.34
N GLY H 216 42.87 -69.06 -5.40
CA GLY H 216 42.90 -70.51 -5.34
C GLY H 216 41.91 -71.16 -6.29
N ASP H 217 41.57 -70.47 -7.37
CA ASP H 217 40.68 -71.00 -8.39
C ASP H 217 41.48 -71.36 -9.63
N GLU H 218 41.08 -72.44 -10.30
CA GLU H 218 41.74 -72.87 -11.52
C GLU H 218 41.30 -71.98 -12.67
N VAL H 219 42.23 -71.18 -13.19
CA VAL H 219 41.93 -70.18 -14.21
C VAL H 219 42.52 -70.63 -15.53
N GLU H 220 41.76 -70.40 -16.60
CA GLU H 220 42.14 -70.80 -17.94
C GLU H 220 42.73 -69.61 -18.70
N VAL H 221 43.94 -69.80 -19.25
CA VAL H 221 44.59 -68.72 -19.98
C VAL H 221 43.81 -68.38 -21.24
N THR H 222 43.90 -67.12 -21.66
CA THR H 222 43.37 -66.67 -22.94
C THR H 222 44.48 -66.37 -23.94
N GLU H 223 45.47 -65.57 -23.56
CA GLU H 223 46.60 -65.27 -24.45
C GLU H 223 47.72 -64.66 -23.60
N VAL H 224 48.86 -64.42 -24.25
CA VAL H 224 50.04 -63.85 -23.62
C VAL H 224 50.33 -62.50 -24.25
N MET H 225 51.18 -61.73 -23.58
CA MET H 225 51.46 -60.34 -23.95
C MET H 225 52.89 -60.11 -24.44
N VAL H 226 53.72 -61.15 -24.50
CA VAL H 226 55.16 -60.95 -24.68
C VAL H 226 55.66 -61.60 -25.96
N LYS H 227 56.97 -61.44 -26.20
CA LYS H 227 57.65 -62.01 -27.36
C LYS H 227 58.90 -62.73 -26.88
N VAL H 228 59.36 -63.70 -27.68
CA VAL H 228 60.62 -64.36 -27.38
C VAL H 228 61.75 -63.37 -27.65
N GLY H 229 62.41 -62.93 -26.57
CA GLY H 229 63.42 -61.90 -26.65
C GLY H 229 63.00 -60.58 -26.03
N ASP H 230 61.70 -60.30 -25.97
CA ASP H 230 61.20 -59.09 -25.35
C ASP H 230 61.56 -59.06 -23.87
N LYS H 231 61.70 -57.84 -23.32
CA LYS H 231 61.89 -57.66 -21.89
C LYS H 231 60.77 -56.77 -21.36
N VAL H 232 60.26 -57.13 -20.20
CA VAL H 232 59.02 -56.58 -19.67
C VAL H 232 59.35 -55.58 -18.56
N ALA H 233 58.45 -54.62 -18.36
CA ALA H 233 58.66 -53.52 -17.44
C ALA H 233 58.40 -53.99 -16.00
N ALA H 234 58.30 -53.03 -15.08
CA ALA H 234 58.19 -53.34 -13.66
C ALA H 234 56.93 -54.14 -13.37
N GLU H 235 55.76 -53.54 -13.67
CA GLU H 235 54.46 -54.21 -13.43
C GLU H 235 53.51 -53.94 -14.59
N GLN H 236 53.58 -54.76 -15.65
CA GLN H 236 52.71 -54.59 -16.80
C GLN H 236 52.21 -55.95 -17.25
N SER H 237 51.37 -55.96 -18.28
CA SER H 237 50.70 -57.18 -18.70
C SER H 237 51.70 -58.19 -19.29
N LEU H 238 51.53 -59.45 -18.90
CA LEU H 238 52.22 -60.58 -19.49
C LEU H 238 51.28 -61.63 -20.04
N ILE H 239 50.18 -61.89 -19.34
CA ILE H 239 49.26 -62.98 -19.67
C ILE H 239 47.87 -62.62 -19.18
N THR H 240 46.87 -62.84 -20.03
CA THR H 240 45.48 -62.67 -19.61
C THR H 240 44.87 -64.03 -19.33
N VAL H 241 44.18 -64.13 -18.20
CA VAL H 241 43.55 -65.37 -17.77
C VAL H 241 42.09 -65.10 -17.45
N GLU H 242 41.20 -65.94 -17.95
CA GLU H 242 39.77 -65.70 -17.89
C GLU H 242 39.20 -66.48 -16.71
N GLY H 243 39.13 -65.82 -15.56
CA GLY H 243 38.60 -66.41 -14.34
C GLY H 243 37.15 -66.02 -14.11
N ASP H 244 36.81 -65.83 -12.85
CA ASP H 244 35.47 -65.39 -12.50
C ASP H 244 35.38 -63.88 -12.66
CB LA2 H 245 34.68 -61.13 -11.50
C LA2 H 245 34.42 -61.40 -13.99
O LA2 H 245 33.56 -61.12 -14.85
N LA2 H 245 34.17 -63.33 -12.50
CA LA2 H 245 33.95 -61.88 -12.61
O1 LA2 H 245 29.31 -60.97 -8.03
C1 LA2 H 245 30.10 -60.05 -8.24
NZ LA2 H 245 31.20 -60.23 -8.97
CE LA2 H 245 32.42 -59.45 -8.81
CD LA2 H 245 33.34 -59.57 -10.00
CG LA2 H 245 33.90 -60.96 -10.20
C2 LA2 H 245 29.87 -58.68 -7.66
C3 LA2 H 245 28.43 -58.35 -7.47
C4 LA2 H 245 28.11 -57.70 -6.13
C5 LA2 H 245 26.72 -57.14 -5.94
C6 LA2 H 245 25.59 -58.14 -6.18
S6 LA2 H 245 25.76 -59.63 -5.15
C7 LA2 H 245 24.20 -57.53 -6.08
C8 LA2 H 245 24.00 -56.32 -6.99
S8 LA2 H 245 22.33 -56.20 -7.69
N ALA H 246 35.73 -61.30 -14.19
CA ALA H 246 36.30 -60.86 -15.47
C ALA H 246 37.73 -61.35 -15.67
N SER H 247 38.19 -61.29 -16.92
CA SER H 247 39.54 -61.71 -17.25
C SER H 247 40.57 -60.75 -16.66
N MET H 248 41.65 -61.32 -16.12
CA MET H 248 42.65 -60.57 -15.38
C MET H 248 44.01 -60.68 -16.06
N GLU H 249 44.72 -59.56 -16.12
CA GLU H 249 46.06 -59.50 -16.70
C GLU H 249 47.10 -59.58 -15.60
N VAL H 250 47.87 -60.66 -15.59
CA VAL H 250 48.92 -60.83 -14.58
C VAL H 250 49.97 -59.73 -14.77
N PRO H 251 50.36 -59.02 -13.72
CA PRO H 251 51.37 -57.98 -13.86
C PRO H 251 52.77 -58.57 -13.87
N ALA H 252 53.75 -57.67 -14.03
CA ALA H 252 55.10 -58.21 -13.96
C ALA H 252 55.64 -58.12 -12.54
N PRO H 253 56.42 -59.11 -12.10
CA PRO H 253 57.08 -58.99 -10.79
C PRO H 253 58.37 -58.17 -10.84
N PHE H 254 59.00 -58.06 -12.00
CA PHE H 254 60.30 -57.41 -12.14
C PHE H 254 60.55 -57.24 -13.64
N ALA H 255 61.74 -56.72 -13.97
CA ALA H 255 62.14 -56.51 -15.39
C ALA H 255 63.18 -57.53 -15.84
N GLY H 256 63.10 -57.96 -17.10
CA GLY H 256 64.03 -58.93 -17.65
C GLY H 256 63.53 -59.49 -18.96
N VAL H 257 64.49 -59.92 -19.78
CA VAL H 257 64.19 -60.47 -21.09
C VAL H 257 63.68 -61.90 -20.92
N VAL H 258 62.98 -62.37 -21.96
CA VAL H 258 62.25 -63.63 -21.91
C VAL H 258 63.22 -64.81 -22.04
N LYS H 259 62.98 -65.87 -21.26
CA LYS H 259 63.68 -67.14 -21.36
C LYS H 259 62.76 -68.34 -21.59
N GLU H 260 61.57 -68.32 -21.00
CA GLU H 260 60.62 -69.43 -21.06
C GLU H 260 59.28 -68.93 -21.56
N LEU H 261 58.73 -69.61 -22.56
CA LEU H 261 57.28 -69.65 -22.74
C LEU H 261 56.72 -70.89 -22.04
N LYS H 262 56.96 -70.94 -20.74
CA LYS H 262 56.45 -72.06 -19.96
C LYS H 262 54.93 -72.14 -20.01
N VAL H 263 54.26 -71.00 -20.15
CA VAL H 263 52.84 -70.94 -20.45
C VAL H 263 52.69 -70.58 -21.93
N ASN H 264 51.57 -70.97 -22.52
CA ASN H 264 51.24 -70.65 -23.91
C ASN H 264 49.81 -70.10 -23.98
N VAL H 265 49.32 -69.96 -25.21
CA VAL H 265 47.95 -69.49 -25.44
C VAL H 265 47.01 -70.70 -25.35
N GLY H 266 46.13 -70.67 -24.36
CA GLY H 266 45.17 -71.75 -24.14
C GLY H 266 45.45 -72.58 -22.91
N ASP H 267 46.57 -72.31 -22.23
CA ASP H 267 46.98 -73.08 -21.03
C ASP H 267 45.98 -72.83 -19.89
N LYS H 268 46.25 -73.43 -18.72
CA LYS H 268 45.40 -73.30 -17.54
C LYS H 268 46.25 -73.48 -16.29
N VAL H 269 46.10 -72.57 -15.34
CA VAL H 269 46.85 -72.57 -14.09
C VAL H 269 45.89 -72.45 -12.92
N LYS H 270 46.07 -73.31 -11.91
CA LYS H 270 45.28 -73.19 -10.69
C LYS H 270 45.92 -72.24 -9.68
N THR H 271 47.25 -72.33 -9.51
CA THR H 271 47.94 -71.44 -8.56
C THR H 271 49.44 -71.76 -8.47
N GLY H 272 50.27 -70.72 -8.44
CA GLY H 272 51.72 -70.83 -8.32
C GLY H 272 52.44 -71.75 -9.29
N SER H 273 52.09 -71.68 -10.57
CA SER H 273 52.77 -72.46 -11.60
C SER H 273 53.74 -71.57 -12.35
N LEU H 274 54.95 -72.07 -12.55
CA LEU H 274 56.00 -71.30 -13.21
C LEU H 274 55.63 -71.11 -14.68
N ILE H 275 55.31 -69.87 -15.06
CA ILE H 275 54.96 -69.56 -16.43
C ILE H 275 56.04 -68.77 -17.17
N MET H 276 56.90 -68.04 -16.46
CA MET H 276 57.92 -67.24 -17.12
C MET H 276 59.21 -67.27 -16.30
N ILE H 277 60.33 -67.32 -17.03
CA ILE H 277 61.67 -67.10 -16.48
C ILE H 277 62.30 -65.96 -17.28
N PHE H 278 63.03 -65.09 -16.60
CA PHE H 278 63.53 -63.87 -17.23
C PHE H 278 65.03 -63.75 -17.02
N GLU H 279 65.59 -62.67 -17.55
CA GLU H 279 67.00 -62.35 -17.40
C GLU H 279 67.15 -60.86 -17.11
N VAL H 280 68.19 -60.53 -16.35
CA VAL H 280 68.49 -59.14 -16.02
C VAL H 280 69.96 -59.00 -15.64
N PRO H 384 14.04 -79.13 1.48
CA PRO H 384 13.89 -80.58 1.28
C PRO H 384 13.45 -80.92 -0.14
N GLY H 385 12.23 -81.42 -0.28
CA GLY H 385 11.69 -81.74 -1.59
C GLY H 385 10.83 -80.64 -2.16
N MET H 386 11.38 -79.85 -3.06
CA MET H 386 10.66 -78.76 -3.70
C MET H 386 10.23 -79.14 -5.11
N LEU H 387 9.25 -78.39 -5.62
CA LEU H 387 8.80 -78.61 -6.98
C LEU H 387 9.91 -78.27 -7.98
N PRO H 388 9.97 -78.98 -9.10
CA PRO H 388 10.97 -78.65 -10.11
C PRO H 388 10.62 -77.36 -10.84
N TRP H 389 11.57 -76.88 -11.64
CA TRP H 389 11.35 -75.68 -12.43
C TRP H 389 10.18 -75.90 -13.38
N PRO H 390 9.38 -74.86 -13.65
CA PRO H 390 8.20 -75.05 -14.51
C PRO H 390 8.57 -75.46 -15.92
N LYS H 391 8.21 -76.70 -16.29
CA LYS H 391 8.46 -77.21 -17.63
C LYS H 391 7.45 -76.58 -18.58
N VAL H 392 7.92 -75.67 -19.44
CA VAL H 392 7.08 -74.94 -20.37
C VAL H 392 7.65 -75.08 -21.77
N ASP H 393 6.77 -75.29 -22.75
CA ASP H 393 7.16 -75.28 -24.16
C ASP H 393 7.07 -73.83 -24.62
N PHE H 394 8.18 -73.11 -24.49
CA PHE H 394 8.19 -71.67 -24.74
C PHE H 394 7.96 -71.32 -26.21
N SER H 395 8.00 -72.30 -27.11
CA SER H 395 7.86 -72.03 -28.54
C SER H 395 6.41 -72.11 -29.01
N LYS H 396 5.50 -72.67 -28.21
CA LYS H 396 4.11 -72.77 -28.62
C LYS H 396 3.39 -71.42 -28.54
N PHE H 397 3.99 -70.42 -27.91
CA PHE H 397 3.41 -69.08 -27.85
C PHE H 397 4.06 -68.11 -28.81
N GLY H 398 5.25 -68.42 -29.31
CA GLY H 398 5.93 -67.55 -30.25
C GLY H 398 7.26 -68.13 -30.63
N GLU H 399 8.13 -67.24 -31.14
CA GLU H 399 9.51 -67.60 -31.56
C GLU H 399 10.46 -67.33 -30.40
N ILE H 400 11.39 -68.25 -30.14
CA ILE H 400 12.35 -68.13 -29.07
C ILE H 400 13.75 -68.20 -29.64
N GLU H 401 14.75 -68.06 -28.77
CA GLU H 401 16.15 -68.17 -29.17
C GLU H 401 16.94 -68.58 -27.93
N GLU H 402 17.27 -69.87 -27.84
CA GLU H 402 17.87 -70.43 -26.63
C GLU H 402 19.38 -70.13 -26.63
N VAL H 403 19.71 -68.92 -26.20
CA VAL H 403 21.11 -68.57 -25.99
C VAL H 403 21.60 -69.23 -24.72
N GLU H 404 22.91 -69.46 -24.64
CA GLU H 404 23.52 -70.12 -23.50
C GLU H 404 24.42 -69.13 -22.76
N LEU H 405 24.32 -69.12 -21.44
CA LEU H 405 25.03 -68.15 -20.64
C LEU H 405 26.53 -68.40 -20.70
N GLY H 406 27.30 -67.31 -20.75
CA GLY H 406 28.75 -67.42 -20.68
C GLY H 406 29.21 -68.02 -19.36
N ARG H 407 30.51 -68.36 -19.32
CA ARG H 407 31.04 -69.01 -18.14
C ARG H 407 31.06 -68.07 -16.93
N ILE H 408 31.33 -66.78 -17.17
CA ILE H 408 31.29 -65.83 -16.05
C ILE H 408 29.86 -65.61 -15.61
N GLN H 409 28.91 -65.64 -16.54
CA GLN H 409 27.50 -65.52 -16.16
C GLN H 409 27.04 -66.73 -15.36
N LYS H 410 27.44 -67.93 -15.79
CA LYS H 410 27.12 -69.12 -15.02
C LYS H 410 27.72 -69.06 -13.62
N ILE H 411 28.98 -68.63 -13.52
CA ILE H 411 29.65 -68.59 -12.22
C ILE H 411 29.00 -67.55 -11.31
N SER H 412 28.67 -66.37 -11.86
CA SER H 412 28.01 -65.35 -11.06
C SER H 412 26.62 -65.80 -10.63
N GLY H 413 25.91 -66.52 -11.50
CA GLY H 413 24.62 -67.04 -11.12
C GLY H 413 24.71 -68.07 -10.01
N ALA H 414 25.71 -68.95 -10.08
CA ALA H 414 25.91 -69.91 -9.00
C ALA H 414 26.27 -69.22 -7.70
N ASN H 415 27.13 -68.20 -7.77
CA ASN H 415 27.51 -67.48 -6.56
C ASN H 415 26.32 -66.77 -5.94
N LEU H 416 25.48 -66.13 -6.77
CA LEU H 416 24.32 -65.45 -6.23
C LEU H 416 23.28 -66.43 -5.71
N SER H 417 23.12 -67.59 -6.35
CA SER H 417 22.19 -68.58 -5.86
C SER H 417 22.69 -69.26 -4.60
N ARG H 418 23.99 -69.19 -4.33
CA ARG H 418 24.47 -69.64 -3.03
C ARG H 418 24.27 -68.57 -1.97
N ASN H 419 24.58 -67.31 -2.30
CA ASN H 419 24.42 -66.23 -1.34
C ASN H 419 22.96 -66.03 -0.95
N TRP H 420 22.03 -66.27 -1.89
CA TRP H 420 20.63 -66.10 -1.57
C TRP H 420 20.16 -67.12 -0.54
N VAL H 421 20.56 -68.38 -0.72
CA VAL H 421 20.11 -69.43 0.20
C VAL H 421 20.82 -69.33 1.53
N MET H 422 22.16 -69.26 1.51
CA MET H 422 22.92 -69.40 2.74
C MET H 422 22.94 -68.16 3.61
N ILE H 423 22.50 -67.01 3.11
CA ILE H 423 22.56 -65.75 3.83
C ILE H 423 21.14 -65.28 4.09
N PRO H 424 20.72 -65.10 5.34
CA PRO H 424 19.45 -64.41 5.60
C PRO H 424 19.61 -62.91 5.45
N HIS H 425 19.11 -62.35 4.35
CA HIS H 425 19.31 -60.94 4.07
C HIS H 425 18.30 -60.09 4.82
N VAL H 426 18.76 -58.92 5.29
CA VAL H 426 17.87 -57.88 5.76
C VAL H 426 18.36 -56.56 5.20
N THR H 427 17.44 -55.77 4.66
CA THR H 427 17.79 -54.56 3.93
C THR H 427 17.19 -53.36 4.65
N HIS H 428 18.05 -52.46 5.12
CA HIS H 428 17.63 -51.22 5.75
C HIS H 428 17.83 -50.09 4.77
N PHE H 429 16.75 -49.38 4.44
CA PHE H 429 16.85 -48.25 3.54
C PHE H 429 17.04 -46.97 4.33
N ASP H 430 17.64 -45.97 3.69
CA ASP H 430 17.88 -44.70 4.36
C ASP H 430 18.12 -43.63 3.30
N LYS H 431 18.06 -42.39 3.74
CA LYS H 431 18.29 -41.23 2.88
C LYS H 431 19.25 -40.29 3.58
N THR H 432 20.25 -39.82 2.86
CA THR H 432 21.33 -39.02 3.42
C THR H 432 21.32 -37.63 2.80
N ASP H 433 21.31 -36.60 3.63
CA ASP H 433 21.33 -35.22 3.14
C ASP H 433 22.74 -34.88 2.71
N ILE H 434 22.98 -34.86 1.40
CA ILE H 434 24.33 -34.67 0.87
C ILE H 434 24.43 -33.38 0.09
N THR H 435 23.65 -32.37 0.48
CA THR H 435 23.74 -31.07 -0.19
C THR H 435 25.11 -30.45 0.02
N GLU H 436 25.56 -30.40 1.27
CA GLU H 436 26.89 -29.86 1.56
C GLU H 436 27.97 -30.70 0.91
N LEU H 437 27.81 -32.02 0.92
CA LEU H 437 28.80 -32.91 0.31
C LEU H 437 28.89 -32.68 -1.19
N GLU H 438 27.75 -32.48 -1.85
CA GLU H 438 27.77 -32.25 -3.29
C GLU H 438 28.36 -30.89 -3.63
N ALA H 439 28.01 -29.86 -2.86
CA ALA H 439 28.62 -28.56 -3.06
C ALA H 439 30.13 -28.63 -2.89
N PHE H 440 30.60 -29.32 -1.86
CA PHE H 440 32.03 -29.45 -1.61
C PHE H 440 32.71 -30.27 -2.70
N ARG H 441 32.04 -31.29 -3.21
CA ARG H 441 32.62 -32.10 -4.27
C ARG H 441 32.74 -31.30 -5.57
N LYS H 442 31.73 -30.50 -5.89
CA LYS H 442 31.83 -29.64 -7.06
C LYS H 442 32.94 -28.60 -6.89
N GLN H 443 33.04 -28.01 -5.69
CA GLN H 443 34.09 -27.03 -5.43
C GLN H 443 35.47 -27.66 -5.59
N GLN H 444 35.66 -28.88 -5.07
CA GLN H 444 36.95 -29.54 -5.19
C GLN H 444 37.22 -30.04 -6.61
N ASN H 445 36.18 -30.33 -7.39
CA ASN H 445 36.40 -30.68 -8.79
C ASN H 445 36.82 -29.46 -9.59
N GLU H 446 36.28 -28.28 -9.25
CA GLU H 446 36.77 -27.06 -9.86
C GLU H 446 38.21 -26.78 -9.44
N GLU H 447 38.47 -26.77 -8.13
CA GLU H 447 39.81 -26.45 -7.63
C GLU H 447 40.86 -27.44 -8.11
N ALA H 448 40.50 -28.71 -8.28
CA ALA H 448 41.42 -29.69 -8.81
C ALA H 448 41.55 -29.60 -10.33
N ALA H 449 40.82 -28.69 -10.97
CA ALA H 449 40.97 -28.44 -12.40
C ALA H 449 41.87 -27.23 -12.66
N LYS H 450 41.55 -26.09 -12.06
CA LYS H 450 42.39 -24.91 -12.23
C LYS H 450 43.76 -25.07 -11.60
N ARG H 451 44.03 -26.17 -10.90
CA ARG H 451 45.37 -26.48 -10.41
C ARG H 451 45.99 -27.65 -11.15
N LYS H 452 45.35 -28.14 -12.21
CA LYS H 452 45.90 -29.14 -13.10
C LYS H 452 46.34 -30.40 -12.36
N LEU H 453 45.37 -31.04 -11.71
CA LEU H 453 45.61 -32.32 -11.07
C LEU H 453 45.16 -33.51 -11.91
N ASP H 454 44.30 -33.27 -12.90
CA ASP H 454 43.76 -34.33 -13.76
C ASP H 454 43.13 -35.45 -12.92
N VAL H 455 42.24 -35.04 -12.02
CA VAL H 455 41.49 -35.96 -11.17
C VAL H 455 40.04 -35.54 -11.17
N LYS H 456 39.15 -36.53 -11.15
CA LYS H 456 37.71 -36.29 -11.10
C LYS H 456 37.16 -36.97 -9.85
N ILE H 457 36.60 -36.17 -8.96
CA ILE H 457 36.13 -36.66 -7.67
C ILE H 457 34.66 -37.01 -7.79
N THR H 458 34.37 -38.31 -7.86
CA THR H 458 33.02 -38.83 -7.95
C THR H 458 32.37 -38.88 -6.58
N PRO H 459 31.04 -38.92 -6.52
CA PRO H 459 30.37 -39.05 -5.23
C PRO H 459 30.60 -40.40 -4.55
N VAL H 460 31.32 -41.32 -5.18
CA VAL H 460 31.50 -42.64 -4.60
C VAL H 460 32.66 -42.70 -3.62
N VAL H 461 33.67 -41.84 -3.79
CA VAL H 461 34.81 -41.90 -2.88
C VAL H 461 34.42 -41.39 -1.50
N PHE H 462 33.51 -40.41 -1.45
CA PHE H 462 33.00 -39.98 -0.15
C PHE H 462 32.24 -41.11 0.54
N ILE H 463 31.53 -41.93 -0.24
CA ILE H 463 30.82 -43.06 0.35
C ILE H 463 31.80 -44.12 0.80
N MET H 464 32.89 -44.31 0.05
CA MET H 464 33.92 -45.25 0.49
C MET H 464 34.54 -44.81 1.81
N LYS H 465 34.80 -43.50 1.95
CA LYS H 465 35.35 -42.99 3.20
C LYS H 465 34.34 -43.13 4.34
N ALA H 466 33.07 -42.85 4.07
CA ALA H 466 32.05 -42.99 5.10
C ALA H 466 31.90 -44.43 5.55
N VAL H 467 31.96 -45.37 4.61
CA VAL H 467 31.83 -46.78 4.96
C VAL H 467 33.08 -47.26 5.70
N ALA H 468 34.25 -46.74 5.34
CA ALA H 468 35.45 -47.10 6.09
C ALA H 468 35.38 -46.59 7.52
N ALA H 469 34.88 -45.37 7.70
CA ALA H 469 34.66 -44.85 9.05
C ALA H 469 33.68 -45.72 9.81
N ALA H 470 32.58 -46.10 9.18
CA ALA H 470 31.58 -46.92 9.84
C ALA H 470 32.12 -48.30 10.20
N LEU H 471 33.02 -48.84 9.38
CA LEU H 471 33.65 -50.12 9.71
C LEU H 471 34.65 -49.96 10.83
N GLU H 472 35.28 -48.78 10.93
CA GLU H 472 36.13 -48.49 12.09
C GLU H 472 35.30 -48.44 13.37
N GLN H 473 34.14 -47.79 13.32
CA GLN H 473 33.33 -47.64 14.54
C GLN H 473 32.62 -48.93 14.90
N MET H 474 32.06 -49.63 13.92
CA MET H 474 31.36 -50.88 14.17
C MET H 474 32.12 -52.04 13.54
N PRO H 475 33.14 -52.58 14.21
CA PRO H 475 33.97 -53.61 13.59
C PRO H 475 33.25 -54.93 13.36
N ARG H 476 32.05 -55.11 13.90
CA ARG H 476 31.30 -56.32 13.63
C ARG H 476 30.89 -56.42 12.16
N PHE H 477 30.77 -55.29 11.46
CA PHE H 477 30.44 -55.31 10.04
C PHE H 477 31.62 -55.66 9.16
N ASN H 478 32.83 -55.56 9.69
CA ASN H 478 34.03 -55.98 8.96
C ASN H 478 34.41 -57.39 9.38
N SER H 479 33.52 -58.33 9.05
CA SER H 479 33.62 -59.70 9.52
C SER H 479 33.40 -60.64 8.34
N SER H 480 33.34 -61.93 8.64
CA SER H 480 33.06 -62.98 7.66
C SER H 480 32.81 -64.27 8.41
N LEU H 481 31.79 -65.00 7.96
CA LEU H 481 31.44 -66.27 8.58
C LEU H 481 32.14 -67.43 7.87
N SER H 482 32.10 -68.59 8.52
CA SER H 482 32.68 -69.80 7.95
C SER H 482 31.63 -70.59 7.18
N GLU H 483 32.08 -71.73 6.64
CA GLU H 483 31.20 -72.63 5.91
C GLU H 483 30.00 -73.02 6.75
N ASP H 484 30.25 -73.47 7.99
CA ASP H 484 29.17 -73.87 8.90
C ASP H 484 28.47 -72.70 9.57
N GLY H 485 29.03 -71.49 9.51
CA GLY H 485 28.41 -70.35 10.16
C GLY H 485 28.50 -70.37 11.66
N GLN H 486 29.64 -70.81 12.21
CA GLN H 486 29.83 -70.90 13.64
C GLN H 486 31.01 -70.10 14.16
N ARG H 487 31.96 -69.72 13.31
CA ARG H 487 33.13 -68.96 13.71
C ARG H 487 33.22 -67.70 12.87
N LEU H 488 33.21 -66.55 13.53
CA LEU H 488 33.39 -65.28 12.83
C LEU H 488 34.86 -65.00 12.60
N THR H 489 35.15 -64.09 11.67
CA THR H 489 36.51 -63.67 11.36
C THR H 489 36.55 -62.15 11.37
N LEU H 490 36.77 -61.57 12.55
CA LEU H 490 36.82 -60.12 12.68
C LEU H 490 38.07 -59.61 11.99
N LYS H 491 37.91 -58.99 10.83
CA LYS H 491 39.03 -58.41 10.12
C LYS H 491 39.38 -57.05 10.73
N LYS H 492 40.67 -56.73 10.70
CA LYS H 492 41.15 -55.44 11.20
C LYS H 492 41.49 -54.47 10.08
N TYR H 493 41.75 -54.97 8.89
CA TYR H 493 41.94 -54.10 7.73
C TYR H 493 40.58 -53.71 7.15
N ILE H 494 40.58 -52.68 6.32
CA ILE H 494 39.36 -52.14 5.74
C ILE H 494 39.62 -51.98 4.24
N ASN H 495 39.24 -52.99 3.47
CA ASN H 495 39.19 -52.90 2.02
C ASN H 495 37.74 -52.86 1.58
N ILE H 496 37.46 -52.13 0.51
CA ILE H 496 36.09 -51.91 0.05
C ILE H 496 36.04 -52.16 -1.44
N GLY H 497 35.20 -53.11 -1.87
CA GLY H 497 34.94 -53.27 -3.28
C GLY H 497 33.89 -52.27 -3.73
N VAL H 498 34.05 -51.80 -4.97
CA VAL H 498 33.14 -50.80 -5.53
C VAL H 498 32.67 -51.34 -6.88
N ALA H 499 31.40 -51.69 -6.97
CA ALA H 499 30.87 -52.32 -8.18
C ALA H 499 30.96 -51.36 -9.36
N VAL H 500 31.85 -51.67 -10.29
CA VAL H 500 32.01 -50.94 -11.54
C VAL H 500 31.24 -51.67 -12.63
N ASP H 501 30.68 -50.91 -13.56
CA ASP H 501 29.81 -51.45 -14.62
C ASP H 501 30.62 -51.55 -15.90
N THR H 502 31.12 -52.73 -16.20
CA THR H 502 31.76 -53.03 -17.46
C THR H 502 30.73 -53.56 -18.45
N PRO H 503 31.05 -53.54 -19.76
CA PRO H 503 30.11 -54.10 -20.74
C PRO H 503 29.73 -55.55 -20.46
N ASN H 504 30.50 -56.23 -19.62
CA ASN H 504 30.23 -57.60 -19.23
C ASN H 504 29.63 -57.68 -17.82
N GLY H 505 28.79 -56.72 -17.47
CA GLY H 505 28.14 -56.72 -16.17
C GLY H 505 28.91 -55.95 -15.12
N LEU H 506 28.54 -56.20 -13.87
CA LEU H 506 29.16 -55.53 -12.73
C LEU H 506 30.32 -56.37 -12.22
N VAL H 507 31.51 -55.78 -12.18
CA VAL H 507 32.68 -56.39 -11.56
C VAL H 507 33.02 -55.57 -10.33
N VAL H 508 33.51 -56.23 -9.29
CA VAL H 508 33.79 -55.53 -8.04
C VAL H 508 35.31 -55.46 -7.82
N PRO H 509 35.95 -54.36 -8.16
CA PRO H 509 37.34 -54.17 -7.74
C PRO H 509 37.45 -53.65 -6.33
N VAL H 510 38.49 -54.10 -5.65
CA VAL H 510 38.68 -53.87 -4.22
C VAL H 510 39.76 -52.80 -4.03
N PHE H 511 39.46 -51.80 -3.21
CA PHE H 511 40.41 -50.77 -2.85
C PHE H 511 40.86 -51.01 -1.41
N LYS H 512 42.17 -51.01 -1.20
CA LYS H 512 42.75 -51.45 0.06
C LYS H 512 43.00 -50.27 0.99
N ASP H 513 42.83 -50.52 2.29
CA ASP H 513 43.14 -49.55 3.34
C ASP H 513 42.45 -48.22 3.10
N VAL H 514 41.15 -48.29 2.79
CA VAL H 514 40.38 -47.08 2.53
C VAL H 514 40.33 -46.18 3.76
N ASN H 515 40.48 -46.75 4.95
CA ASN H 515 40.40 -45.96 6.17
C ASN H 515 41.53 -44.94 6.29
N LYS H 516 42.67 -45.19 5.62
CA LYS H 516 43.84 -44.32 5.72
C LYS H 516 43.93 -43.34 4.57
N LYS H 517 43.74 -43.82 3.34
CA LYS H 517 43.94 -42.99 2.16
C LYS H 517 42.97 -41.80 2.15
N GLY H 518 43.41 -40.72 1.50
CA GLY H 518 42.58 -39.55 1.36
C GLY H 518 41.66 -39.63 0.16
N ILE H 519 40.77 -38.64 0.05
CA ILE H 519 39.77 -38.69 -1.01
C ILE H 519 40.38 -38.46 -2.38
N ILE H 520 41.47 -37.70 -2.48
CA ILE H 520 42.08 -37.51 -3.79
C ILE H 520 42.89 -38.72 -4.23
N GLU H 521 43.62 -39.35 -3.32
CA GLU H 521 44.29 -40.61 -3.65
C GLU H 521 43.29 -41.69 -4.02
N LEU H 522 42.21 -41.82 -3.23
CA LEU H 522 41.16 -42.77 -3.55
C LEU H 522 40.49 -42.44 -4.87
N SER H 523 40.34 -41.16 -5.18
CA SER H 523 39.70 -40.77 -6.43
C SER H 523 40.58 -41.12 -7.62
N ARG H 524 41.90 -40.97 -7.47
CA ARG H 524 42.81 -41.39 -8.53
C ARG H 524 42.76 -42.90 -8.70
N GLU H 525 42.81 -43.64 -7.59
CA GLU H 525 42.68 -45.10 -7.66
C GLU H 525 41.40 -45.51 -8.37
N LEU H 526 40.28 -44.86 -8.02
CA LEU H 526 39.00 -45.23 -8.60
C LEU H 526 38.94 -44.88 -10.08
N MET H 527 39.45 -43.70 -10.46
CA MET H 527 39.45 -43.31 -11.86
C MET H 527 40.33 -44.24 -12.69
N THR H 528 41.40 -44.75 -12.09
CA THR H 528 42.25 -45.70 -12.82
C THR H 528 41.55 -47.06 -12.96
N ILE H 529 41.05 -47.60 -11.84
CA ILE H 529 40.55 -48.97 -11.86
C ILE H 529 39.19 -49.07 -12.55
N SER H 530 38.39 -48.01 -12.56
CA SER H 530 37.15 -48.04 -13.32
C SER H 530 37.42 -48.25 -14.80
N LYS H 531 38.40 -47.52 -15.35
CA LYS H 531 38.78 -47.71 -16.74
C LYS H 531 39.45 -49.06 -16.94
N LYS H 532 40.30 -49.46 -15.99
CA LYS H 532 40.94 -50.78 -16.06
C LYS H 532 39.91 -51.89 -16.15
N ALA H 533 38.76 -51.72 -15.50
CA ALA H 533 37.72 -52.74 -15.53
C ALA H 533 36.88 -52.62 -16.80
N ARG H 534 36.44 -51.41 -17.15
CA ARG H 534 35.64 -51.23 -18.34
C ARG H 534 36.38 -51.62 -19.60
N ASP H 535 37.71 -51.65 -19.56
CA ASP H 535 38.48 -52.16 -20.69
C ASP H 535 38.73 -53.66 -20.60
N GLY H 536 38.74 -54.21 -19.40
CA GLY H 536 38.96 -55.63 -19.20
C GLY H 536 40.34 -56.00 -18.67
N LYS H 537 41.24 -55.02 -18.53
CA LYS H 537 42.59 -55.25 -18.06
C LYS H 537 42.70 -55.31 -16.54
N LEU H 538 41.58 -55.51 -15.85
CA LEU H 538 41.56 -55.52 -14.40
C LEU H 538 42.39 -56.66 -13.82
N THR H 539 43.46 -56.31 -13.10
CA THR H 539 44.44 -57.29 -12.64
C THR H 539 43.95 -57.96 -11.35
N ALA H 540 44.31 -59.23 -11.20
CA ALA H 540 43.95 -59.94 -9.98
C ALA H 540 44.62 -59.30 -8.77
N GLY H 541 44.01 -59.49 -7.60
CA GLY H 541 44.43 -58.74 -6.43
C GLY H 541 43.75 -57.40 -6.37
N GLU H 542 43.36 -56.87 -7.52
CA GLU H 542 42.48 -55.72 -7.59
C GLU H 542 41.01 -56.14 -7.59
N MET H 543 40.72 -57.42 -7.33
CA MET H 543 39.34 -57.86 -7.10
C MET H 543 39.27 -58.87 -5.96
N GLN H 544 40.30 -58.91 -5.12
CA GLN H 544 40.32 -59.90 -4.00
C GLN H 544 40.55 -59.20 -2.66
N GLY H 545 40.06 -59.82 -1.58
CA GLY H 545 40.21 -59.30 -0.24
C GLY H 545 39.37 -58.09 0.07
N GLY H 546 38.08 -58.17 -0.20
CA GLY H 546 37.16 -57.09 0.10
C GLY H 546 36.41 -57.35 1.39
N CYS H 547 36.31 -56.31 2.22
CA CYS H 547 35.61 -56.40 3.50
C CYS H 547 34.19 -55.89 3.42
N PHE H 548 33.82 -55.23 2.33
CA PHE H 548 32.54 -54.56 2.18
C PHE H 548 32.36 -54.27 0.70
N THR H 549 31.14 -53.99 0.30
CA THR H 549 30.83 -53.72 -1.09
C THR H 549 29.95 -52.50 -1.19
N ILE H 550 30.20 -51.67 -2.20
CA ILE H 550 29.38 -50.50 -2.49
C ILE H 550 28.94 -50.63 -3.94
N SER H 551 27.65 -50.87 -4.14
CA SER H 551 27.06 -51.01 -5.46
C SER H 551 26.30 -49.72 -5.75
N SER H 552 26.89 -48.84 -6.56
CA SER H 552 26.31 -47.55 -6.86
C SER H 552 25.66 -47.62 -8.24
N ILE H 553 24.33 -47.59 -8.26
CA ILE H 553 23.57 -47.54 -9.49
C ILE H 553 22.77 -46.24 -9.61
N GLY H 554 23.18 -45.22 -8.88
CA GLY H 554 22.49 -43.95 -8.90
C GLY H 554 22.56 -43.24 -10.23
N GLY H 555 23.53 -43.59 -11.07
CA GLY H 555 23.59 -43.02 -12.41
C GLY H 555 22.49 -43.49 -13.32
N LEU H 556 21.70 -44.48 -12.91
CA LEU H 556 20.68 -45.06 -13.74
C LEU H 556 19.27 -44.94 -13.20
N GLY H 557 19.09 -44.82 -11.89
CA GLY H 557 17.76 -44.65 -11.33
C GLY H 557 17.56 -45.42 -10.03
N THR H 558 16.42 -46.11 -9.94
CA THR H 558 16.11 -46.96 -8.76
C THR H 558 16.27 -46.17 -7.45
N THR H 559 15.29 -45.33 -7.14
CA THR H 559 15.25 -44.54 -5.91
C THR H 559 15.58 -45.36 -4.66
N HIS H 560 15.37 -46.67 -4.69
CA HIS H 560 15.93 -47.58 -3.71
C HIS H 560 16.09 -48.94 -4.36
N PHE H 561 16.94 -49.78 -3.76
CA PHE H 561 17.03 -51.16 -4.18
C PHE H 561 17.69 -51.97 -3.09
N ALA H 562 17.37 -53.27 -3.07
CA ALA H 562 17.82 -54.20 -2.03
C ALA H 562 18.86 -55.14 -2.61
N PRO H 563 20.14 -54.83 -2.49
CA PRO H 563 21.17 -55.68 -3.10
C PRO H 563 21.31 -57.02 -2.40
N ILE H 564 22.15 -57.89 -2.95
CA ILE H 564 22.46 -59.18 -2.37
C ILE H 564 23.83 -59.12 -1.73
N VAL H 565 23.94 -59.62 -0.50
CA VAL H 565 25.22 -59.63 0.20
C VAL H 565 26.25 -60.36 -0.63
N ASN H 566 27.44 -59.78 -0.74
CA ASN H 566 28.52 -60.31 -1.56
C ASN H 566 29.39 -61.20 -0.67
N ALA H 567 29.02 -62.48 -0.59
CA ALA H 567 29.77 -63.45 0.24
C ALA H 567 31.25 -63.41 -0.20
N PRO H 568 32.22 -63.64 0.70
CA PRO H 568 31.98 -63.99 2.10
C PRO H 568 31.83 -62.80 3.04
N GLU H 569 31.51 -61.63 2.50
CA GLU H 569 31.26 -60.48 3.34
C GLU H 569 29.92 -60.63 4.05
N VAL H 570 29.60 -59.65 4.90
CA VAL H 570 28.38 -59.70 5.69
C VAL H 570 27.45 -58.54 5.39
N ALA H 571 27.85 -57.60 4.54
CA ALA H 571 27.00 -56.46 4.24
C ALA H 571 27.35 -55.91 2.87
N ILE H 572 26.44 -55.09 2.35
CA ILE H 572 26.64 -54.41 1.08
C ILE H 572 25.78 -53.15 1.08
N LEU H 573 26.36 -52.04 0.62
CA LEU H 573 25.67 -50.77 0.60
C LEU H 573 25.34 -50.44 -0.85
N GLY H 574 24.05 -50.43 -1.18
CA GLY H 574 23.62 -49.98 -2.49
C GLY H 574 23.27 -48.49 -2.43
N VAL H 575 23.66 -47.79 -3.49
CA VAL H 575 23.47 -46.35 -3.57
C VAL H 575 22.58 -46.05 -4.77
N SER H 576 21.67 -45.11 -4.59
CA SER H 576 20.65 -44.79 -5.58
C SER H 576 20.85 -43.36 -6.08
N LYS H 577 19.90 -42.90 -6.90
CA LYS H 577 20.03 -41.58 -7.52
C LYS H 577 19.69 -40.49 -6.52
N SER H 578 20.55 -39.49 -6.43
CA SER H 578 20.29 -38.34 -5.58
C SER H 578 19.13 -37.53 -6.13
N ALA H 579 18.23 -37.11 -5.26
CA ALA H 579 17.07 -36.33 -5.67
C ALA H 579 16.88 -35.18 -4.70
N MET H 580 16.40 -34.05 -5.24
CA MET H 580 16.14 -32.88 -4.41
C MET H 580 14.76 -33.04 -3.77
N GLU H 581 14.75 -33.21 -2.45
CA GLU H 581 13.54 -33.43 -1.69
C GLU H 581 13.39 -32.37 -0.60
N PRO H 582 12.16 -32.07 -0.18
CA PRO H 582 11.99 -31.16 0.95
C PRO H 582 12.32 -31.84 2.26
N VAL H 583 13.00 -31.11 3.14
CA VAL H 583 13.41 -31.62 4.43
C VAL H 583 12.95 -30.64 5.50
N TRP H 584 12.41 -31.17 6.58
CA TRP H 584 11.89 -30.35 7.68
C TRP H 584 13.06 -29.81 8.49
N ASN H 585 13.28 -28.50 8.42
CA ASN H 585 14.34 -27.88 9.21
C ASN H 585 13.88 -27.50 10.61
N GLY H 586 12.65 -27.84 10.99
CA GLY H 586 12.07 -27.46 12.25
C GLY H 586 10.92 -26.46 12.13
N LYS H 587 10.95 -25.64 11.08
CA LYS H 587 9.88 -24.67 10.86
C LYS H 587 9.40 -24.60 9.42
N GLU H 588 10.13 -25.16 8.45
CA GLU H 588 9.72 -25.10 7.06
C GLU H 588 10.43 -26.23 6.30
N PHE H 589 10.13 -26.34 5.02
CA PHE H 589 10.68 -27.40 4.17
C PHE H 589 11.77 -26.80 3.29
N VAL H 590 13.02 -27.03 3.66
CA VAL H 590 14.15 -26.56 2.86
C VAL H 590 14.45 -27.61 1.81
N PRO H 591 14.72 -27.22 0.57
CA PRO H 591 15.03 -28.23 -0.45
C PRO H 591 16.46 -28.75 -0.33
N ARG H 592 16.62 -29.96 0.17
CA ARG H 592 17.94 -30.57 0.28
C ARG H 592 18.09 -31.63 -0.80
N LEU H 593 19.30 -32.17 -0.90
CA LEU H 593 19.61 -33.18 -1.91
C LEU H 593 19.86 -34.50 -1.20
N MET H 594 18.84 -35.35 -1.17
CA MET H 594 18.92 -36.61 -0.45
C MET H 594 19.39 -37.72 -1.38
N LEU H 595 20.34 -38.51 -0.90
CA LEU H 595 20.90 -39.67 -1.59
C LEU H 595 20.36 -40.92 -0.91
N PRO H 596 19.60 -41.76 -1.60
CA PRO H 596 19.05 -42.96 -0.97
C PRO H 596 20.06 -44.09 -0.95
N ILE H 597 20.46 -44.51 0.24
CA ILE H 597 21.33 -45.66 0.42
C ILE H 597 20.50 -46.81 0.97
N SER H 598 21.07 -48.01 0.92
CA SER H 598 20.37 -49.19 1.40
C SER H 598 21.40 -50.23 1.80
N LEU H 599 21.43 -50.57 3.08
CA LEU H 599 22.37 -51.55 3.60
C LEU H 599 21.69 -52.90 3.66
N SER H 600 22.13 -53.83 2.82
CA SER H 600 21.65 -55.20 2.86
C SER H 600 22.70 -56.05 3.53
N PHE H 601 22.35 -56.70 4.63
CA PHE H 601 23.36 -57.39 5.43
C PHE H 601 22.88 -58.78 5.81
N ASP H 602 23.86 -59.61 6.14
CA ASP H 602 23.62 -60.96 6.64
C ASP H 602 23.09 -60.89 8.06
N HIS H 603 21.91 -61.49 8.27
CA HIS H 603 21.23 -61.47 9.59
C HIS H 603 21.90 -62.41 10.60
N ARG H 604 22.71 -63.37 10.12
CA ARG H 604 23.36 -64.30 11.04
C ARG H 604 24.42 -63.60 11.87
N VAL H 605 25.17 -62.70 11.25
CA VAL H 605 26.21 -61.94 11.96
C VAL H 605 25.63 -60.70 12.62
N ILE H 606 24.88 -59.91 11.86
CA ILE H 606 24.38 -58.62 12.30
C ILE H 606 22.88 -58.74 12.55
N ASP H 607 22.37 -58.00 13.52
CA ASP H 607 20.94 -57.93 13.76
C ASP H 607 20.42 -56.58 13.29
N GLY H 608 19.10 -56.41 13.37
CA GLY H 608 18.48 -55.21 12.85
C GLY H 608 19.00 -53.94 13.51
N ALA H 609 19.25 -54.00 14.82
CA ALA H 609 19.71 -52.80 15.52
C ALA H 609 21.12 -52.42 15.09
N ASP H 610 22.01 -53.41 14.93
CA ASP H 610 23.37 -53.08 14.49
C ASP H 610 23.37 -52.55 13.06
N GLY H 611 22.55 -53.12 12.19
CA GLY H 611 22.41 -52.56 10.86
C GLY H 611 21.88 -51.14 10.89
N ALA H 612 20.96 -50.86 11.82
CA ALA H 612 20.43 -49.51 11.94
C ALA H 612 21.52 -48.54 12.38
N ARG H 613 22.30 -48.92 13.39
CA ARG H 613 23.38 -48.06 13.85
C ARG H 613 24.43 -47.85 12.75
N PHE H 614 24.72 -48.90 11.99
CA PHE H 614 25.70 -48.79 10.92
C PHE H 614 25.24 -47.84 9.83
N ILE H 615 24.01 -48.03 9.35
CA ILE H 615 23.54 -47.17 8.28
C ILE H 615 23.32 -45.75 8.77
N THR H 616 23.04 -45.56 10.06
CA THR H 616 22.91 -44.20 10.55
C THR H 616 24.28 -43.55 10.76
N ILE H 617 25.31 -44.35 11.03
CA ILE H 617 26.67 -43.82 11.04
C ILE H 617 27.05 -43.35 9.65
N ILE H 618 26.76 -44.16 8.64
CA ILE H 618 27.01 -43.76 7.26
C ILE H 618 26.21 -42.50 6.91
N ASN H 619 24.95 -42.46 7.33
CA ASN H 619 24.10 -41.31 7.04
C ASN H 619 24.65 -40.05 7.69
N ASN H 620 25.10 -40.15 8.94
CA ASN H 620 25.67 -38.99 9.62
C ASN H 620 26.97 -38.55 8.98
N THR H 621 27.83 -39.50 8.62
CA THR H 621 29.12 -39.15 8.02
C THR H 621 28.92 -38.45 6.68
N LEU H 622 28.09 -39.03 5.80
CA LEU H 622 27.85 -38.39 4.51
C LEU H 622 27.01 -37.13 4.63
N SER H 623 26.23 -36.99 5.70
CA SER H 623 25.43 -35.78 5.88
C SER H 623 26.32 -34.59 6.21
N ASP H 624 27.38 -34.81 6.98
CA ASP H 624 28.36 -33.78 7.32
C ASP H 624 29.72 -34.44 7.25
N ILE H 625 30.39 -34.32 6.10
CA ILE H 625 31.62 -35.07 5.85
C ILE H 625 32.74 -34.66 6.78
N ARG H 626 32.64 -33.53 7.47
CA ARG H 626 33.65 -33.13 8.43
C ARG H 626 33.84 -34.16 9.53
N ARG H 627 32.87 -35.03 9.76
CA ARG H 627 33.01 -36.09 10.74
C ARG H 627 34.06 -37.12 10.36
N LEU H 628 34.69 -36.99 9.19
CA LEU H 628 35.77 -37.91 8.85
C LEU H 628 37.10 -37.51 9.48
N VAL H 629 37.22 -36.28 9.98
CA VAL H 629 38.44 -35.86 10.64
C VAL H 629 38.43 -36.13 12.14
N MET H 630 37.25 -36.30 12.74
CA MET H 630 37.13 -36.57 14.15
C MET H 630 37.61 -37.98 14.51
N GLU I 208 -13.56 -84.39 -32.92
CA GLU I 208 -12.55 -84.63 -31.90
C GLU I 208 -12.43 -83.39 -31.04
N VAL I 209 -12.71 -83.53 -29.75
CA VAL I 209 -12.58 -82.44 -28.77
C VAL I 209 -11.68 -82.97 -27.64
N ASN I 210 -10.38 -82.73 -27.76
CA ASN I 210 -9.46 -83.01 -26.67
C ASN I 210 -9.56 -81.88 -25.66
N VAL I 211 -8.61 -81.79 -24.75
CA VAL I 211 -8.43 -80.56 -23.99
C VAL I 211 -7.64 -79.61 -24.89
N PRO I 212 -8.06 -78.34 -25.01
CA PRO I 212 -7.41 -77.46 -25.99
C PRO I 212 -6.04 -76.98 -25.56
N ASP I 213 -5.89 -76.59 -24.28
CA ASP I 213 -4.55 -76.08 -23.90
C ASP I 213 -4.28 -76.09 -22.39
N ILE I 214 -3.57 -77.11 -21.93
CA ILE I 214 -3.04 -77.20 -20.57
C ILE I 214 -1.54 -77.45 -20.68
N GLY I 215 -0.75 -76.72 -19.89
CA GLY I 215 0.69 -76.76 -19.99
C GLY I 215 1.32 -78.12 -19.71
N GLY I 216 0.52 -79.11 -19.29
CA GLY I 216 1.04 -80.43 -19.04
C GLY I 216 0.86 -80.89 -17.60
N ASP I 217 -0.13 -80.34 -16.92
CA ASP I 217 -0.45 -80.72 -15.56
C ASP I 217 -1.71 -81.57 -15.55
N GLU I 218 -1.76 -82.56 -14.65
CA GLU I 218 -2.91 -83.41 -14.52
C GLU I 218 -4.01 -82.67 -13.76
N VAL I 219 -5.09 -82.35 -14.45
CA VAL I 219 -6.17 -81.52 -13.90
C VAL I 219 -7.39 -82.38 -13.64
N GLU I 220 -8.05 -82.13 -12.51
CA GLU I 220 -9.21 -82.89 -12.09
C GLU I 220 -10.49 -82.13 -12.45
N VAL I 221 -11.39 -82.82 -13.16
CA VAL I 221 -12.65 -82.19 -13.58
C VAL I 221 -13.50 -81.86 -12.36
N THR I 222 -14.31 -80.81 -12.48
CA THR I 222 -15.32 -80.47 -11.49
C THR I 222 -16.73 -80.76 -11.98
N GLU I 223 -17.09 -80.28 -13.18
CA GLU I 223 -18.40 -80.55 -13.76
C GLU I 223 -18.37 -80.21 -15.23
N VAL I 224 -19.47 -80.50 -15.93
CA VAL I 224 -19.61 -80.25 -17.35
C VAL I 224 -20.71 -79.22 -17.56
N MET I 225 -20.75 -78.67 -18.78
CA MET I 225 -21.65 -77.56 -19.11
C MET I 225 -22.73 -77.93 -20.11
N VAL I 226 -22.79 -79.17 -20.56
CA VAL I 226 -23.60 -79.51 -21.74
C VAL I 226 -24.68 -80.52 -21.41
N LYS I 227 -25.50 -80.87 -22.41
CA LYS I 227 -26.56 -81.84 -22.31
C LYS I 227 -26.45 -82.84 -23.45
N VAL I 228 -26.98 -84.04 -23.23
CA VAL I 228 -27.05 -85.03 -24.31
C VAL I 228 -28.07 -84.55 -25.33
N GLY I 229 -27.59 -84.15 -26.51
CA GLY I 229 -28.41 -83.56 -27.54
C GLY I 229 -28.16 -82.08 -27.76
N ASP I 230 -27.65 -81.37 -26.74
CA ASP I 230 -27.32 -79.96 -26.89
C ASP I 230 -26.23 -79.77 -27.94
N LYS I 231 -26.22 -78.60 -28.57
CA LYS I 231 -25.16 -78.21 -29.48
C LYS I 231 -24.53 -76.91 -28.98
N VAL I 232 -23.21 -76.85 -29.05
CA VAL I 232 -22.43 -75.82 -28.38
C VAL I 232 -21.95 -74.80 -29.41
N ALA I 233 -21.74 -73.57 -28.94
CA ALA I 233 -21.41 -72.45 -29.82
C ALA I 233 -19.92 -72.51 -30.20
N ALA I 234 -19.43 -71.41 -30.78
CA ALA I 234 -18.07 -71.38 -31.33
C ALA I 234 -17.02 -71.64 -30.24
N GLU I 235 -17.00 -70.75 -29.24
CA GLU I 235 -16.02 -70.89 -28.12
C GLU I 235 -16.71 -70.54 -26.79
N GLN I 236 -17.36 -71.53 -26.16
CA GLN I 236 -18.03 -71.30 -24.89
C GLN I 236 -17.75 -72.48 -23.97
N SER I 237 -18.27 -72.39 -22.75
CA SER I 237 -17.94 -73.37 -21.72
C SER I 237 -18.51 -74.75 -22.06
N LEU I 238 -17.70 -75.78 -21.85
CA LEU I 238 -18.12 -77.18 -21.92
C LEU I 238 -17.83 -77.94 -20.63
N ILE I 239 -16.70 -77.66 -19.99
CA ILE I 239 -16.23 -78.42 -18.85
C ILE I 239 -15.36 -77.52 -17.98
N THR I 240 -15.58 -77.55 -16.67
CA THR I 240 -14.71 -76.84 -15.74
C THR I 240 -13.77 -77.83 -15.09
N VAL I 241 -12.49 -77.48 -15.04
CA VAL I 241 -11.45 -78.33 -14.48
C VAL I 241 -10.66 -77.52 -13.46
N GLU I 242 -10.44 -78.10 -12.29
CA GLU I 242 -9.86 -77.37 -11.15
C GLU I 242 -8.37 -77.67 -11.11
N GLY I 243 -7.59 -76.83 -11.76
CA GLY I 243 -6.13 -76.95 -11.80
C GLY I 243 -5.46 -76.06 -10.76
N ASP I 244 -4.32 -75.52 -11.14
CA ASP I 244 -3.60 -74.60 -10.26
C ASP I 244 -4.20 -73.21 -10.44
CB LA2 I 245 -3.84 -70.21 -10.98
C LA2 I 245 -5.75 -70.85 -9.47
O LA2 I 245 -6.21 -70.47 -8.37
N LA2 I 245 -3.74 -72.27 -9.60
CA LA2 I 245 -4.24 -70.87 -9.65
O1 LA2 I 245 1.29 -67.59 -8.20
C1 LA2 I 245 0.48 -67.04 -8.95
NZ LA2 I 245 -0.55 -67.70 -9.48
CE LA2 I 245 -1.18 -67.38 -10.74
CD LA2 I 245 -2.54 -68.03 -10.91
CG LA2 I 245 -2.47 -69.54 -11.00
C2 LA2 I 245 0.60 -65.58 -9.33
C3 LA2 I 245 1.26 -64.75 -8.26
C4 LA2 I 245 2.30 -63.79 -8.80
C5 LA2 I 245 2.87 -62.77 -7.83
C6 LA2 I 245 3.47 -63.36 -6.56
S6 LA2 I 245 4.75 -64.59 -6.90
C7 LA2 I 245 3.93 -62.31 -5.56
C8 LA2 I 245 2.85 -61.31 -5.19
S8 LA2 I 245 2.92 -60.77 -3.46
N ALA I 246 -6.50 -71.25 -10.49
CA ALA I 246 -7.96 -71.27 -10.43
C ALA I 246 -8.57 -72.25 -11.43
N SER I 247 -9.83 -72.59 -11.21
CA SER I 247 -10.54 -73.50 -12.10
C SER I 247 -10.79 -72.85 -13.46
N MET I 248 -10.60 -73.63 -14.51
CA MET I 248 -10.64 -73.14 -15.89
C MET I 248 -11.75 -73.83 -16.67
N GLU I 249 -12.47 -73.05 -17.47
CA GLU I 249 -13.54 -73.55 -18.32
C GLU I 249 -13.01 -73.77 -19.73
N VAL I 250 -12.96 -75.03 -20.16
CA VAL I 250 -12.50 -75.34 -21.52
C VAL I 250 -13.46 -74.72 -22.54
N PRO I 251 -12.96 -73.99 -23.54
CA PRO I 251 -13.86 -73.39 -24.53
C PRO I 251 -14.26 -74.40 -25.59
N ALA I 252 -15.09 -73.95 -26.51
CA ALA I 252 -15.43 -74.89 -27.58
C ALA I 252 -14.47 -74.71 -28.76
N PRO I 253 -14.10 -75.81 -29.42
CA PRO I 253 -13.32 -75.67 -30.66
C PRO I 253 -14.16 -75.35 -31.88
N PHE I 254 -15.44 -75.69 -31.87
CA PHE I 254 -16.32 -75.56 -33.03
C PHE I 254 -17.75 -75.78 -32.54
N ALA I 255 -18.70 -75.77 -33.47
CA ALA I 255 -20.13 -75.97 -33.15
C ALA I 255 -20.61 -77.36 -33.59
N GLY I 256 -21.50 -77.97 -32.82
CA GLY I 256 -22.04 -79.28 -33.12
C GLY I 256 -22.76 -79.88 -31.94
N VAL I 257 -23.70 -80.76 -32.25
CA VAL I 257 -24.50 -81.42 -31.23
C VAL I 257 -23.67 -82.53 -30.59
N VAL I 258 -24.09 -82.93 -29.40
CA VAL I 258 -23.33 -83.84 -28.55
C VAL I 258 -23.47 -85.26 -29.05
N LYS I 259 -22.35 -86.01 -29.03
CA LYS I 259 -22.31 -87.45 -29.31
C LYS I 259 -21.73 -88.28 -28.18
N GLU I 260 -20.73 -87.75 -27.47
CA GLU I 260 -20.02 -88.46 -26.41
C GLU I 260 -20.05 -87.65 -25.13
N LEU I 261 -20.43 -88.29 -24.03
CA LEU I 261 -19.97 -87.87 -22.71
C LEU I 261 -18.75 -88.68 -22.34
N LYS I 262 -17.71 -88.56 -23.16
CA LYS I 262 -16.48 -89.27 -22.90
C LYS I 262 -15.86 -88.84 -21.58
N VAL I 263 -16.07 -87.58 -21.18
CA VAL I 263 -15.76 -87.11 -19.84
C VAL I 263 -17.07 -87.02 -19.06
N ASN I 264 -16.96 -87.11 -17.74
CA ASN I 264 -18.10 -86.97 -16.84
C ASN I 264 -17.76 -86.00 -15.71
N VAL I 265 -18.64 -85.94 -14.71
CA VAL I 265 -18.41 -85.09 -13.54
C VAL I 265 -17.55 -85.86 -12.54
N GLY I 266 -16.35 -85.36 -12.29
CA GLY I 266 -15.42 -85.98 -11.37
C GLY I 266 -14.21 -86.61 -12.04
N ASP I 267 -14.19 -86.60 -13.38
CA ASP I 267 -13.08 -87.22 -14.17
C ASP I 267 -11.78 -86.43 -13.94
N LYS I 268 -10.72 -86.84 -14.63
CA LYS I 268 -9.40 -86.22 -14.53
C LYS I 268 -8.64 -86.42 -15.83
N VAL I 269 -8.07 -85.34 -16.36
CA VAL I 269 -7.34 -85.37 -17.62
C VAL I 269 -5.99 -84.70 -17.41
N LYS I 270 -4.92 -85.35 -17.88
CA LYS I 270 -3.59 -84.74 -17.85
C LYS I 270 -3.32 -83.89 -19.08
N THR I 271 -3.70 -84.39 -20.27
CA THR I 271 -3.48 -83.61 -21.51
C THR I 271 -3.92 -84.40 -22.75
N GLY I 272 -4.60 -83.72 -23.68
CA GLY I 272 -5.06 -84.28 -24.94
C GLY I 272 -5.87 -85.56 -24.88
N SER I 273 -6.84 -85.62 -23.96
CA SER I 273 -7.73 -86.77 -23.86
C SER I 273 -9.07 -86.42 -24.50
N LEU I 274 -9.59 -87.34 -25.31
CA LEU I 274 -10.83 -87.10 -26.02
C LEU I 274 -11.98 -87.08 -25.03
N ILE I 275 -12.58 -85.91 -24.83
CA ILE I 275 -13.70 -85.77 -23.91
C ILE I 275 -15.03 -85.56 -24.61
N MET I 276 -15.03 -85.04 -25.84
CA MET I 276 -16.28 -84.77 -26.54
C MET I 276 -16.12 -85.08 -28.02
N ILE I 277 -17.18 -85.65 -28.60
CA ILE I 277 -17.36 -85.78 -30.04
C ILE I 277 -18.67 -85.10 -30.41
N PHE I 278 -18.69 -84.41 -31.55
CA PHE I 278 -19.83 -83.58 -31.90
C PHE I 278 -20.32 -83.95 -33.30
N GLU I 279 -21.36 -83.23 -33.73
CA GLU I 279 -21.94 -83.38 -35.06
C GLU I 279 -22.24 -82.01 -35.63
N VAL I 280 -22.14 -81.91 -36.96
CA VAL I 280 -22.44 -80.66 -37.66
C VAL I 280 -22.79 -80.95 -39.12
N PRO I 384 21.72 -77.31 3.67
CA PRO I 384 22.09 -78.63 4.19
C PRO I 384 21.19 -79.07 5.33
N GLY I 385 21.73 -79.14 6.54
CA GLY I 385 20.97 -79.52 7.71
C GLY I 385 20.48 -78.32 8.50
N MET I 386 19.22 -77.96 8.32
CA MET I 386 18.63 -76.83 9.02
C MET I 386 17.74 -77.31 10.16
N LEU I 387 17.47 -76.39 11.09
CA LEU I 387 16.59 -76.70 12.19
C LEU I 387 15.17 -76.97 11.68
N PRO I 388 14.42 -77.84 12.33
CA PRO I 388 13.03 -78.07 11.92
C PRO I 388 12.14 -76.91 12.32
N TRP I 389 10.92 -76.95 11.81
CA TRP I 389 9.94 -75.92 12.14
C TRP I 389 9.70 -75.91 13.65
N PRO I 390 9.45 -74.73 14.24
CA PRO I 390 9.28 -74.67 15.71
C PRO I 390 8.07 -75.46 16.19
N LYS I 391 8.32 -76.53 16.92
CA LYS I 391 7.25 -77.36 17.48
C LYS I 391 6.65 -76.61 18.67
N VAL I 392 5.43 -76.11 18.51
CA VAL I 392 4.76 -75.33 19.55
C VAL I 392 3.38 -75.92 19.78
N ASP I 393 2.99 -76.02 21.05
CA ASP I 393 1.63 -76.40 21.42
C ASP I 393 0.80 -75.13 21.44
N PHE I 394 0.20 -74.82 20.28
CA PHE I 394 -0.49 -73.54 20.10
C PHE I 394 -1.75 -73.43 20.96
N SER I 395 -2.21 -74.52 21.57
CA SER I 395 -3.44 -74.50 22.35
C SER I 395 -3.22 -74.17 23.82
N LYS I 396 -1.97 -74.24 24.30
CA LYS I 396 -1.71 -73.92 25.70
C LYS I 396 -1.78 -72.43 25.99
N PHE I 397 -1.83 -71.58 24.96
CA PHE I 397 -1.98 -70.14 25.15
C PHE I 397 -3.40 -69.65 24.88
N GLY I 398 -4.21 -70.45 24.20
CA GLY I 398 -5.57 -70.04 23.91
C GLY I 398 -6.26 -71.11 23.09
N GLU I 399 -7.34 -70.68 22.42
CA GLU I 399 -8.15 -71.56 21.55
C GLU I 399 -7.66 -71.40 20.10
N ILE I 400 -7.53 -72.52 19.39
CA ILE I 400 -7.05 -72.53 18.02
C ILE I 400 -8.11 -73.18 17.13
N GLU I 401 -7.83 -73.21 15.83
CA GLU I 401 -8.72 -73.86 14.87
C GLU I 401 -7.86 -74.26 13.68
N GLU I 402 -7.50 -75.55 13.61
CA GLU I 402 -6.54 -76.04 12.62
C GLU I 402 -7.27 -76.27 11.29
N VAL I 403 -7.45 -75.19 10.55
CA VAL I 403 -7.98 -75.29 9.19
C VAL I 403 -6.88 -75.82 8.28
N GLU I 404 -7.29 -76.46 7.19
CA GLU I 404 -6.36 -77.05 6.24
C GLU I 404 -6.44 -76.30 4.91
N LEU I 405 -5.28 -76.00 4.34
CA LEU I 405 -5.22 -75.19 3.13
C LEU I 405 -5.81 -75.93 1.95
N GLY I 406 -6.54 -75.20 1.10
CA GLY I 406 -7.05 -75.79 -0.13
C GLY I 406 -5.93 -76.24 -1.04
N ARG I 407 -6.33 -76.97 -2.09
CA ARG I 407 -5.32 -77.53 -2.99
C ARG I 407 -4.63 -76.43 -3.80
N ILE I 408 -5.36 -75.38 -4.18
CA ILE I 408 -4.73 -74.28 -4.89
C ILE I 408 -3.82 -73.50 -3.96
N GLN I 409 -4.20 -73.39 -2.68
CA GLN I 409 -3.34 -72.73 -1.71
C GLN I 409 -2.06 -73.53 -1.47
N LYS I 410 -2.20 -74.86 -1.35
CA LYS I 410 -1.01 -75.70 -1.22
C LYS I 410 -0.10 -75.57 -2.43
N ILE I 411 -0.69 -75.59 -3.63
CA ILE I 411 0.12 -75.52 -4.85
C ILE I 411 0.82 -74.17 -4.95
N SER I 412 0.10 -73.09 -4.65
CA SER I 412 0.72 -71.77 -4.71
C SER I 412 1.80 -71.62 -3.65
N GLY I 413 1.60 -72.22 -2.47
CA GLY I 413 2.64 -72.19 -1.45
C GLY I 413 3.88 -72.95 -1.89
N ALA I 414 3.70 -74.11 -2.52
CA ALA I 414 4.84 -74.86 -3.02
C ALA I 414 5.56 -74.08 -4.11
N ASN I 415 4.81 -73.45 -5.01
CA ASN I 415 5.43 -72.68 -6.09
C ASN I 415 6.22 -71.50 -5.53
N LEU I 416 5.66 -70.80 -4.54
CA LEU I 416 6.37 -69.67 -3.96
C LEU I 416 7.57 -70.11 -3.14
N SER I 417 7.47 -71.26 -2.46
CA SER I 417 8.61 -71.76 -1.71
C SER I 417 9.70 -72.31 -2.61
N ARG I 418 9.36 -72.64 -3.87
CA ARG I 418 10.41 -72.96 -4.84
C ARG I 418 11.04 -71.70 -5.41
N ASN I 419 10.20 -70.71 -5.76
CA ASN I 419 10.73 -69.48 -6.32
C ASN I 419 11.60 -68.72 -5.32
N TRP I 420 11.28 -68.81 -4.03
CA TRP I 420 12.07 -68.12 -3.04
C TRP I 420 13.47 -68.71 -2.94
N VAL I 421 13.58 -70.03 -2.92
CA VAL I 421 14.89 -70.67 -2.79
C VAL I 421 15.68 -70.56 -4.08
N MET I 422 15.09 -70.95 -5.20
CA MET I 422 15.86 -71.11 -6.43
C MET I 422 16.18 -69.79 -7.14
N ILE I 423 15.54 -68.68 -6.75
CA ILE I 423 15.73 -67.40 -7.42
C ILE I 423 16.38 -66.43 -6.44
N PRO I 424 17.55 -65.89 -6.75
CA PRO I 424 18.08 -64.78 -5.95
C PRO I 424 17.38 -63.48 -6.32
N HIS I 425 16.48 -63.01 -5.46
CA HIS I 425 15.69 -61.83 -5.78
C HIS I 425 16.46 -60.55 -5.48
N VAL I 426 16.29 -59.55 -6.34
CA VAL I 426 16.71 -58.20 -6.04
C VAL I 426 15.59 -57.26 -6.44
N THR I 427 15.26 -56.33 -5.55
CA THR I 427 14.10 -55.47 -5.74
C THR I 427 14.56 -54.02 -5.82
N HIS I 428 14.31 -53.39 -6.97
CA HIS I 428 14.61 -51.98 -7.19
C HIS I 428 13.31 -51.20 -7.09
N PHE I 429 13.26 -50.24 -6.18
CA PHE I 429 12.07 -49.42 -6.04
C PHE I 429 12.23 -48.15 -6.86
N ASP I 430 11.11 -47.55 -7.24
CA ASP I 430 11.15 -46.34 -8.04
C ASP I 430 9.81 -45.64 -7.94
N LYS I 431 9.79 -44.38 -8.36
CA LYS I 431 8.59 -43.57 -8.36
C LYS I 431 8.47 -42.87 -9.70
N THR I 432 7.28 -42.94 -10.29
CA THR I 432 7.05 -42.44 -11.65
C THR I 432 6.05 -41.29 -11.62
N ASP I 433 6.42 -40.17 -12.23
CA ASP I 433 5.55 -39.01 -12.29
C ASP I 433 4.48 -39.25 -13.34
N ILE I 434 3.26 -39.57 -12.88
CA ILE I 434 2.19 -39.95 -13.80
C ILE I 434 1.06 -38.94 -13.76
N THR I 435 1.38 -37.67 -13.50
CA THR I 435 0.35 -36.64 -13.51
C THR I 435 -0.25 -36.49 -14.90
N GLU I 436 0.60 -36.35 -15.91
CA GLU I 436 0.11 -36.25 -17.29
C GLU I 436 -0.61 -37.52 -17.71
N LEU I 437 -0.09 -38.68 -17.30
CA LEU I 437 -0.74 -39.94 -17.66
C LEU I 437 -2.12 -40.05 -17.03
N GLU I 438 -2.27 -39.60 -15.79
CA GLU I 438 -3.56 -39.69 -15.14
C GLU I 438 -4.55 -38.70 -15.74
N ALA I 439 -4.10 -37.48 -16.04
CA ALA I 439 -4.95 -36.52 -16.73
C ALA I 439 -5.42 -37.07 -18.07
N PHE I 440 -4.50 -37.66 -18.82
CA PHE I 440 -4.86 -38.21 -20.14
C PHE I 440 -5.79 -39.41 -20.00
N ARG I 441 -5.60 -40.22 -18.97
CA ARG I 441 -6.48 -41.37 -18.77
C ARG I 441 -7.89 -40.92 -18.39
N LYS I 442 -8.01 -39.92 -17.54
CA LYS I 442 -9.33 -39.38 -17.22
C LYS I 442 -9.98 -38.76 -18.45
N GLN I 443 -9.21 -38.03 -19.25
CA GLN I 443 -9.75 -37.43 -20.47
C GLN I 443 -10.24 -38.50 -21.43
N GLN I 444 -9.48 -39.59 -21.59
CA GLN I 444 -9.91 -40.66 -22.49
C GLN I 444 -11.05 -41.48 -21.91
N ASN I 445 -11.18 -41.55 -20.59
CA ASN I 445 -12.34 -42.21 -20.01
C ASN I 445 -13.60 -41.39 -20.21
N GLU I 446 -13.48 -40.06 -20.17
CA GLU I 446 -14.60 -39.21 -20.53
C GLU I 446 -14.94 -39.36 -22.01
N GLU I 447 -13.96 -39.19 -22.88
CA GLU I 447 -14.20 -39.24 -24.32
C GLU I 447 -14.71 -40.60 -24.76
N ALA I 448 -14.28 -41.68 -24.11
CA ALA I 448 -14.80 -43.00 -24.43
C ALA I 448 -16.16 -43.26 -23.81
N ALA I 449 -16.70 -42.30 -23.06
CA ALA I 449 -18.05 -42.39 -22.52
C ALA I 449 -19.04 -41.64 -23.40
N LYS I 450 -18.79 -40.35 -23.66
CA LYS I 450 -19.67 -39.59 -24.53
C LYS I 450 -19.66 -40.08 -25.97
N ARG I 451 -18.81 -41.05 -26.31
CA ARG I 451 -18.84 -41.69 -27.62
C ARG I 451 -19.35 -43.12 -27.55
N LYS I 452 -19.82 -43.56 -26.37
CA LYS I 452 -20.48 -44.85 -26.19
C LYS I 452 -19.61 -46.01 -26.67
N LEU I 453 -18.44 -46.14 -26.05
CA LEU I 453 -17.58 -47.29 -26.31
C LEU I 453 -17.71 -48.38 -25.26
N ASP I 454 -18.27 -48.08 -24.09
CA ASP I 454 -18.42 -49.03 -23.00
C ASP I 454 -17.07 -49.67 -22.66
N VAL I 455 -16.07 -48.83 -22.43
CA VAL I 455 -14.74 -49.27 -22.04
C VAL I 455 -14.27 -48.38 -20.90
N LYS I 456 -13.55 -48.99 -19.95
CA LYS I 456 -12.99 -48.28 -18.81
C LYS I 456 -11.48 -48.47 -18.83
N ILE I 457 -10.75 -47.37 -18.96
CA ILE I 457 -9.31 -47.42 -19.12
C ILE I 457 -8.67 -47.27 -17.73
N THR I 458 -8.19 -48.38 -17.19
CA THR I 458 -7.53 -48.43 -15.90
C THR I 458 -6.09 -47.98 -16.01
N PRO I 459 -5.46 -47.56 -14.92
CA PRO I 459 -4.04 -47.21 -14.97
C PRO I 459 -3.12 -48.38 -15.23
N VAL I 460 -3.64 -49.60 -15.33
CA VAL I 460 -2.80 -50.77 -15.50
C VAL I 460 -2.44 -51.03 -16.96
N VAL I 461 -3.28 -50.62 -17.90
CA VAL I 461 -2.97 -50.87 -19.30
C VAL I 461 -1.81 -50.00 -19.76
N PHE I 462 -1.70 -48.78 -19.23
CA PHE I 462 -0.53 -47.96 -19.52
C PHE I 462 0.73 -48.61 -19.00
N ILE I 463 0.65 -49.27 -17.83
CA ILE I 463 1.81 -49.96 -17.30
C ILE I 463 2.13 -51.19 -18.13
N MET I 464 1.11 -51.88 -18.64
CA MET I 464 1.36 -53.00 -19.54
C MET I 464 2.07 -52.54 -20.81
N LYS I 465 1.65 -51.41 -21.36
CA LYS I 465 2.31 -50.87 -22.55
C LYS I 465 3.75 -50.45 -22.24
N ALA I 466 3.95 -49.81 -21.09
CA ALA I 466 5.31 -49.39 -20.71
C ALA I 466 6.21 -50.59 -20.52
N VAL I 467 5.71 -51.65 -19.90
CA VAL I 467 6.53 -52.84 -19.68
C VAL I 467 6.80 -53.55 -21.00
N ALA I 468 5.82 -53.55 -21.92
CA ALA I 468 6.06 -54.14 -23.23
C ALA I 468 7.14 -53.36 -23.98
N ALA I 469 7.10 -52.03 -23.90
CA ALA I 469 8.16 -51.22 -24.49
C ALA I 469 9.51 -51.55 -23.87
N ALA I 470 9.55 -51.66 -22.54
CA ALA I 470 10.81 -51.94 -21.86
C ALA I 470 11.34 -53.33 -22.21
N LEU I 471 10.45 -54.29 -22.45
CA LEU I 471 10.89 -55.61 -22.88
C LEU I 471 11.36 -55.58 -24.33
N GLU I 472 10.80 -54.69 -25.15
CA GLU I 472 11.33 -54.48 -26.49
C GLU I 472 12.74 -53.91 -26.45
N GLN I 473 12.98 -52.93 -25.58
CA GLN I 473 14.28 -52.28 -25.52
C GLN I 473 15.32 -53.16 -24.84
N MET I 474 14.96 -53.81 -23.74
CA MET I 474 15.88 -54.67 -23.02
C MET I 474 15.40 -56.12 -23.11
N PRO I 475 15.73 -56.83 -24.19
CA PRO I 475 15.19 -58.19 -24.36
C PRO I 475 15.73 -59.20 -23.38
N ARG I 476 16.76 -58.86 -22.60
CA ARG I 476 17.24 -59.77 -21.58
C ARG I 476 16.20 -60.01 -20.49
N PHE I 477 15.29 -59.07 -20.27
CA PHE I 477 14.23 -59.23 -19.28
C PHE I 477 13.11 -60.14 -19.77
N ASN I 478 13.01 -60.36 -21.08
CA ASN I 478 12.03 -61.28 -21.64
C ASN I 478 12.70 -62.63 -21.88
N SER I 479 13.11 -63.26 -20.77
CA SER I 479 13.91 -64.47 -20.82
C SER I 479 13.31 -65.48 -19.85
N SER I 480 14.02 -66.60 -19.68
CA SER I 480 13.65 -67.65 -18.75
C SER I 480 14.83 -68.61 -18.64
N LEU I 481 15.11 -69.04 -17.41
CA LEU I 481 16.20 -69.97 -17.16
C LEU I 481 15.69 -71.40 -17.16
N SER I 482 16.63 -72.34 -17.21
CA SER I 482 16.31 -73.75 -17.17
C SER I 482 16.36 -74.29 -15.75
N GLU I 483 16.09 -75.58 -15.62
CA GLU I 483 16.14 -76.26 -14.33
C GLU I 483 17.50 -76.05 -13.65
N ASP I 484 18.59 -76.30 -14.39
CA ASP I 484 19.93 -76.13 -13.85
C ASP I 484 20.41 -74.69 -13.83
N GLY I 485 19.72 -73.78 -14.51
CA GLY I 485 20.15 -72.39 -14.55
C GLY I 485 21.40 -72.16 -15.38
N GLN I 486 21.53 -72.84 -16.51
CA GLN I 486 22.69 -72.70 -17.37
C GLN I 486 22.37 -72.26 -18.79
N ARG I 487 21.13 -72.39 -19.24
CA ARG I 487 20.72 -72.02 -20.59
C ARG I 487 19.56 -71.05 -20.50
N LEU I 488 19.73 -69.85 -21.05
CA LEU I 488 18.66 -68.88 -21.11
C LEU I 488 17.76 -69.18 -22.31
N THR I 489 16.55 -68.61 -22.27
CA THR I 489 15.58 -68.75 -23.35
C THR I 489 15.06 -67.36 -23.70
N LEU I 490 15.78 -66.67 -24.58
CA LEU I 490 15.39 -65.33 -24.99
C LEU I 490 14.11 -65.40 -25.81
N LYS I 491 13.00 -65.01 -25.22
CA LYS I 491 11.73 -64.98 -25.94
C LYS I 491 11.64 -63.73 -26.81
N LYS I 492 10.99 -63.88 -27.95
CA LYS I 492 10.78 -62.76 -28.87
C LYS I 492 9.37 -62.20 -28.80
N TYR I 493 8.41 -62.97 -28.32
CA TYR I 493 7.07 -62.46 -28.08
C TYR I 493 7.02 -61.75 -26.73
N ILE I 494 5.98 -60.96 -26.53
CA ILE I 494 5.81 -60.17 -25.32
C ILE I 494 4.39 -60.40 -24.82
N ASN I 495 4.22 -61.35 -23.91
CA ASN I 495 2.99 -61.54 -23.17
C ASN I 495 3.21 -61.09 -21.74
N ILE I 496 2.19 -60.53 -21.12
CA ILE I 496 2.29 -59.96 -19.79
C ILE I 496 1.13 -60.46 -18.95
N GLY I 497 1.43 -61.13 -17.84
CA GLY I 497 0.40 -61.46 -16.88
C GLY I 497 0.12 -60.28 -15.98
N VAL I 498 -1.14 -60.13 -15.60
CA VAL I 498 -1.58 -59.02 -14.75
C VAL I 498 -2.33 -59.63 -13.58
N ALA I 499 -1.77 -59.52 -12.38
CA ALA I 499 -2.35 -60.16 -11.21
C ALA I 499 -3.71 -59.54 -10.90
N VAL I 500 -4.77 -60.32 -11.13
CA VAL I 500 -6.13 -59.93 -10.79
C VAL I 500 -6.49 -60.56 -9.45
N ASP I 501 -7.30 -59.85 -8.66
CA ASP I 501 -7.64 -60.25 -7.31
C ASP I 501 -9.05 -60.86 -7.32
N THR I 502 -9.11 -62.18 -7.36
CA THR I 502 -10.34 -62.92 -7.21
C THR I 502 -10.58 -63.25 -5.75
N PRO I 503 -11.82 -63.59 -5.36
CA PRO I 503 -12.08 -63.98 -3.97
C PRO I 503 -11.21 -65.12 -3.48
N ASN I 504 -10.58 -65.85 -4.42
CA ASN I 504 -9.68 -66.95 -4.10
C ASN I 504 -8.23 -66.56 -4.27
N GLY I 505 -7.88 -65.31 -3.94
CA GLY I 505 -6.51 -64.85 -4.04
C GLY I 505 -6.21 -64.20 -5.37
N LEU I 506 -4.91 -64.06 -5.63
CA LEU I 506 -4.44 -63.43 -6.85
C LEU I 506 -4.20 -64.48 -7.92
N VAL I 507 -4.86 -64.34 -9.05
CA VAL I 507 -4.63 -65.18 -10.22
C VAL I 507 -4.00 -64.31 -11.30
N VAL I 508 -3.10 -64.87 -12.09
CA VAL I 508 -2.40 -64.08 -13.09
C VAL I 508 -2.86 -64.49 -14.48
N PRO I 509 -3.78 -63.75 -15.09
CA PRO I 509 -4.08 -63.96 -16.51
C PRO I 509 -3.10 -63.25 -17.41
N VAL I 510 -2.81 -63.89 -18.53
CA VAL I 510 -1.76 -63.45 -19.44
C VAL I 510 -2.39 -62.81 -20.66
N PHE I 511 -1.91 -61.62 -21.03
CA PHE I 511 -2.34 -60.92 -22.23
C PHE I 511 -1.24 -61.02 -23.27
N LYS I 512 -1.60 -61.43 -24.48
CA LYS I 512 -0.63 -61.77 -25.51
C LYS I 512 -0.34 -60.59 -26.41
N ASP I 513 0.91 -60.51 -26.87
CA ASP I 513 1.35 -59.52 -27.85
C ASP I 513 0.98 -58.11 -27.42
N VAL I 514 1.30 -57.79 -26.16
CA VAL I 514 1.00 -56.47 -25.62
C VAL I 514 1.75 -55.39 -26.38
N ASN I 515 2.89 -55.73 -26.98
CA ASN I 515 3.69 -54.74 -27.68
C ASN I 515 2.99 -54.17 -28.90
N LYS I 516 2.04 -54.91 -29.47
CA LYS I 516 1.34 -54.48 -30.68
C LYS I 516 0.00 -53.83 -30.40
N LYS I 517 -0.80 -54.45 -29.53
CA LYS I 517 -2.16 -53.97 -29.28
C LYS I 517 -2.16 -52.57 -28.70
N GLY I 518 -3.24 -51.84 -28.97
CA GLY I 518 -3.40 -50.50 -28.44
C GLY I 518 -4.01 -50.51 -27.06
N ILE I 519 -4.06 -49.32 -26.46
CA ILE I 519 -4.51 -49.22 -25.08
C ILE I 519 -6.01 -49.49 -24.96
N ILE I 520 -6.80 -49.17 -25.98
CA ILE I 520 -8.23 -49.46 -25.89
C ILE I 520 -8.53 -50.94 -26.09
N GLU I 521 -7.86 -51.59 -27.04
CA GLU I 521 -8.01 -53.03 -27.18
C GLU I 521 -7.54 -53.76 -25.93
N LEU I 522 -6.38 -53.36 -25.39
CA LEU I 522 -5.89 -53.94 -24.15
C LEU I 522 -6.85 -53.67 -23.00
N SER I 523 -7.47 -52.49 -22.97
CA SER I 523 -8.39 -52.17 -21.89
C SER I 523 -9.64 -53.02 -21.98
N ARG I 524 -10.12 -53.29 -23.19
CA ARG I 524 -11.25 -54.20 -23.35
C ARG I 524 -10.89 -55.61 -22.91
N GLU I 525 -9.72 -56.09 -23.35
CA GLU I 525 -9.25 -57.39 -22.91
C GLU I 525 -9.17 -57.48 -21.39
N LEU I 526 -8.62 -56.44 -20.76
CA LEU I 526 -8.46 -56.46 -19.31
C LEU I 526 -9.81 -56.40 -18.60
N MET I 527 -10.72 -55.56 -19.07
CA MET I 527 -12.04 -55.47 -18.46
C MET I 527 -12.80 -56.79 -18.60
N THR I 528 -12.58 -57.52 -19.70
CA THR I 528 -13.22 -58.81 -19.86
C THR I 528 -12.60 -59.85 -18.92
N ILE I 529 -11.28 -59.97 -18.95
CA ILE I 529 -10.62 -61.06 -18.24
C ILE I 529 -10.61 -60.83 -16.73
N SER I 530 -10.63 -59.59 -16.27
CA SER I 530 -10.75 -59.34 -14.83
C SER I 530 -12.04 -59.91 -14.28
N LYS I 531 -13.16 -59.67 -14.98
CA LYS I 531 -14.43 -60.25 -14.57
C LYS I 531 -14.43 -61.75 -14.77
N LYS I 532 -13.86 -62.23 -15.87
CA LYS I 532 -13.75 -63.67 -16.12
C LYS I 532 -13.02 -64.36 -14.97
N ALA I 533 -12.04 -63.69 -14.36
CA ALA I 533 -11.30 -64.28 -13.25
C ALA I 533 -12.06 -64.15 -11.94
N ARG I 534 -12.56 -62.95 -11.64
CA ARG I 534 -13.31 -62.74 -10.40
C ARG I 534 -14.56 -63.60 -10.33
N ASP I 535 -15.07 -64.07 -11.47
CA ASP I 535 -16.18 -65.02 -11.46
C ASP I 535 -15.71 -66.46 -11.40
N GLY I 536 -14.51 -66.75 -11.90
CA GLY I 536 -13.97 -68.09 -11.90
C GLY I 536 -13.98 -68.78 -13.24
N LYS I 537 -14.56 -68.15 -14.27
CA LYS I 537 -14.65 -68.73 -15.59
C LYS I 537 -13.39 -68.53 -16.42
N LEU I 538 -12.26 -68.21 -15.79
CA LEU I 538 -11.02 -67.93 -16.49
C LEU I 538 -10.51 -69.14 -17.24
N THR I 539 -10.46 -69.04 -18.57
CA THR I 539 -10.15 -70.18 -19.42
C THR I 539 -8.64 -70.39 -19.50
N ALA I 540 -8.23 -71.66 -19.64
CA ALA I 540 -6.82 -71.95 -19.80
C ALA I 540 -6.29 -71.34 -21.08
N GLY I 541 -4.99 -71.09 -21.11
CA GLY I 541 -4.42 -70.33 -22.21
C GLY I 541 -4.52 -68.84 -21.93
N GLU I 542 -5.51 -68.45 -21.15
CA GLU I 542 -5.58 -67.11 -20.60
C GLU I 542 -4.84 -66.99 -19.27
N MET I 543 -4.07 -68.02 -18.90
CA MET I 543 -3.16 -67.91 -17.76
C MET I 543 -1.82 -68.60 -18.05
N GLN I 544 -1.52 -68.82 -19.34
CA GLN I 544 -0.26 -69.53 -19.71
C GLN I 544 0.55 -68.70 -20.71
N GLY I 545 1.86 -68.90 -20.70
CA GLY I 545 2.77 -68.22 -21.61
C GLY I 545 2.97 -66.76 -21.30
N GLY I 546 3.32 -66.44 -20.05
CA GLY I 546 3.59 -65.08 -19.65
C GLY I 546 5.09 -64.81 -19.61
N CYS I 547 5.49 -63.67 -20.15
CA CYS I 547 6.89 -63.26 -20.17
C CYS I 547 7.25 -62.32 -19.04
N PHE I 548 6.27 -61.81 -18.32
CA PHE I 548 6.45 -60.79 -17.30
C PHE I 548 5.18 -60.75 -16.48
N THR I 549 5.26 -60.15 -15.31
CA THR I 549 4.12 -60.07 -14.42
C THR I 549 4.00 -58.66 -13.86
N ILE I 550 2.77 -58.18 -13.76
CA ILE I 550 2.48 -56.89 -13.16
C ILE I 550 1.48 -57.14 -12.04
N SER I 551 1.94 -56.96 -10.80
CA SER I 551 1.10 -57.14 -9.62
C SER I 551 0.75 -55.76 -9.10
N SER I 552 -0.47 -55.31 -9.37
CA SER I 552 -0.92 -53.97 -8.99
C SER I 552 -1.78 -54.09 -7.75
N ILE I 553 -1.26 -53.61 -6.63
CA ILE I 553 -2.00 -53.55 -5.37
C ILE I 553 -2.19 -52.11 -4.92
N GLY I 554 -2.08 -51.16 -5.84
CA GLY I 554 -2.24 -49.76 -5.50
C GLY I 554 -3.64 -49.40 -5.03
N GLY I 555 -4.63 -50.20 -5.38
CA GLY I 555 -5.97 -49.96 -4.87
C GLY I 555 -6.13 -50.20 -3.40
N LEU I 556 -5.12 -50.76 -2.74
CA LEU I 556 -5.21 -51.12 -1.33
C LEU I 556 -4.20 -50.42 -0.45
N GLY I 557 -3.06 -50.00 -0.98
CA GLY I 557 -2.09 -49.28 -0.16
C GLY I 557 -0.65 -49.67 -0.47
N THR I 558 0.14 -49.90 0.57
CA THR I 558 1.55 -50.36 0.42
C THR I 558 2.32 -49.43 -0.52
N THR I 559 2.72 -48.26 -0.01
CA THR I 559 3.51 -47.29 -0.75
C THR I 559 4.70 -47.91 -1.48
N HIS I 560 5.20 -49.05 -1.02
CA HIS I 560 6.10 -49.89 -1.80
C HIS I 560 5.94 -51.33 -1.33
N PHE I 561 6.36 -52.26 -2.18
CA PHE I 561 6.43 -53.65 -1.76
C PHE I 561 7.34 -54.42 -2.69
N ALA I 562 7.92 -55.49 -2.17
CA ALA I 562 8.92 -56.30 -2.87
C ALA I 562 8.31 -57.62 -3.27
N PRO I 563 7.77 -57.75 -4.48
CA PRO I 563 7.10 -59.00 -4.86
C PRO I 563 8.07 -60.15 -5.06
N ILE I 564 7.55 -61.34 -5.32
CA ILE I 564 8.36 -62.52 -5.59
C ILE I 564 8.29 -62.81 -7.08
N VAL I 565 9.45 -63.07 -7.69
CA VAL I 565 9.51 -63.36 -9.11
C VAL I 565 8.62 -64.56 -9.43
N ASN I 566 7.83 -64.43 -10.49
CA ASN I 566 6.87 -65.46 -10.88
C ASN I 566 7.55 -66.39 -11.87
N ALA I 567 8.20 -67.42 -11.34
CA ALA I 567 8.90 -68.41 -12.19
C ALA I 567 7.92 -68.96 -13.22
N PRO I 568 8.34 -69.33 -14.45
CA PRO I 568 9.74 -69.30 -14.87
C PRO I 568 10.20 -67.97 -15.45
N GLU I 569 9.49 -66.89 -15.15
CA GLU I 569 9.92 -65.57 -15.60
C GLU I 569 11.13 -65.13 -14.79
N VAL I 570 11.67 -63.96 -15.14
CA VAL I 570 12.86 -63.44 -14.49
C VAL I 570 12.62 -62.11 -13.79
N ALA I 571 11.42 -61.55 -13.90
CA ALA I 571 11.14 -60.27 -13.26
C ALA I 571 9.66 -60.14 -13.00
N ILE I 572 9.31 -59.19 -12.14
CA ILE I 572 7.93 -58.87 -11.82
C ILE I 572 7.89 -57.42 -11.35
N LEU I 573 6.89 -56.69 -11.83
CA LEU I 573 6.72 -55.28 -11.50
C LEU I 573 5.52 -55.15 -10.57
N GLY I 574 5.79 -54.76 -9.32
CA GLY I 574 4.72 -54.45 -8.40
C GLY I 574 4.41 -52.97 -8.44
N VAL I 575 3.13 -52.65 -8.39
CA VAL I 575 2.65 -51.27 -8.48
C VAL I 575 1.92 -50.93 -7.20
N SER I 576 2.14 -49.72 -6.71
CA SER I 576 1.62 -49.28 -5.42
C SER I 576 0.64 -48.12 -5.63
N LYS I 577 0.19 -47.53 -4.53
CA LYS I 577 -0.82 -46.49 -4.59
C LYS I 577 -0.19 -45.17 -5.02
N SER I 578 -0.82 -44.52 -6.00
CA SER I 578 -0.37 -43.21 -6.44
C SER I 578 -0.62 -42.18 -5.35
N ALA I 579 0.36 -41.32 -5.12
CA ALA I 579 0.23 -40.28 -4.10
C ALA I 579 0.75 -38.98 -4.65
N MET I 580 0.13 -37.88 -4.21
CA MET I 580 0.55 -36.55 -4.64
C MET I 580 1.72 -36.11 -3.77
N GLU I 581 2.90 -36.01 -4.37
CA GLU I 581 4.12 -35.66 -3.68
C GLU I 581 4.75 -34.43 -4.31
N PRO I 582 5.52 -33.66 -3.55
CA PRO I 582 6.25 -32.53 -4.14
C PRO I 582 7.44 -33.02 -4.94
N VAL I 583 7.66 -32.40 -6.10
CA VAL I 583 8.76 -32.76 -6.99
C VAL I 583 9.53 -31.49 -7.33
N TRP I 584 10.85 -31.59 -7.30
CA TRP I 584 11.72 -30.44 -7.58
C TRP I 584 11.75 -30.19 -9.08
N ASN I 585 11.16 -29.08 -9.50
CA ASN I 585 11.17 -28.70 -10.90
C ASN I 585 12.43 -27.93 -11.30
N GLY I 586 13.37 -27.75 -10.37
CA GLY I 586 14.56 -26.95 -10.58
C GLY I 586 14.60 -25.68 -9.77
N LYS I 587 13.42 -25.13 -9.44
CA LYS I 587 13.37 -23.93 -8.62
C LYS I 587 12.32 -23.98 -7.51
N GLU I 588 11.39 -24.92 -7.54
CA GLU I 588 10.36 -25.01 -6.50
C GLU I 588 9.80 -26.42 -6.50
N PHE I 589 8.88 -26.67 -5.59
CA PHE I 589 8.27 -28.00 -5.42
C PHE I 589 6.88 -27.98 -6.02
N VAL I 590 6.75 -28.55 -7.21
CA VAL I 590 5.44 -28.66 -7.87
C VAL I 590 4.77 -29.93 -7.37
N PRO I 591 3.49 -29.90 -7.07
CA PRO I 591 2.82 -31.13 -6.62
C PRO I 591 2.50 -32.06 -7.78
N ARG I 592 3.25 -33.14 -7.92
CA ARG I 592 3.01 -34.12 -8.95
C ARG I 592 2.38 -35.37 -8.34
N LEU I 593 1.98 -36.29 -9.19
CA LEU I 593 1.32 -37.52 -8.74
C LEU I 593 2.25 -38.68 -9.03
N MET I 594 2.98 -39.12 -8.02
CA MET I 594 3.98 -40.17 -8.18
C MET I 594 3.36 -41.52 -7.89
N LEU I 595 3.63 -42.48 -8.78
CA LEU I 595 3.20 -43.86 -8.66
C LEU I 595 4.40 -44.70 -8.30
N PRO I 596 4.42 -45.36 -7.14
CA PRO I 596 5.59 -46.16 -6.74
C PRO I 596 5.55 -47.54 -7.37
N ILE I 597 6.53 -47.83 -8.21
CA ILE I 597 6.70 -49.15 -8.80
C ILE I 597 7.89 -49.82 -8.14
N SER I 598 8.01 -51.12 -8.34
CA SER I 598 9.10 -51.89 -7.75
C SER I 598 9.35 -53.11 -8.61
N LEU I 599 10.53 -53.19 -9.20
CA LEU I 599 10.90 -54.30 -10.06
C LEU I 599 11.69 -55.31 -9.23
N SER I 600 11.11 -56.47 -8.98
CA SER I 600 11.79 -57.57 -8.32
C SER I 600 12.20 -58.58 -9.38
N PHE I 601 13.50 -58.84 -9.50
CA PHE I 601 13.97 -59.66 -10.59
C PHE I 601 14.96 -60.71 -10.10
N ASP I 602 15.10 -61.74 -10.92
CA ASP I 602 16.07 -62.81 -10.69
C ASP I 602 17.47 -62.29 -10.96
N HIS I 603 18.34 -62.40 -9.94
CA HIS I 603 19.74 -61.90 -10.03
C HIS I 603 20.62 -62.80 -10.91
N ARG I 604 20.19 -64.04 -11.16
CA ARG I 604 21.02 -64.94 -11.97
C ARG I 604 21.04 -64.49 -13.42
N VAL I 605 19.90 -64.03 -13.93
CA VAL I 605 19.82 -63.55 -15.30
C VAL I 605 20.20 -62.09 -15.40
N ILE I 606 19.61 -61.26 -14.56
CA ILE I 606 19.78 -59.81 -14.61
C ILE I 606 20.64 -59.37 -13.45
N ASP I 607 21.44 -58.33 -13.66
CA ASP I 607 22.22 -57.73 -12.59
C ASP I 607 21.59 -56.40 -12.19
N GLY I 608 22.16 -55.79 -11.15
CA GLY I 608 21.57 -54.57 -10.62
C GLY I 608 21.49 -53.45 -11.64
N ALA I 609 22.50 -53.33 -12.49
CA ALA I 609 22.52 -52.26 -13.47
C ALA I 609 21.44 -52.46 -14.53
N ASP I 610 21.25 -53.70 -15.00
CA ASP I 610 20.20 -53.94 -15.98
C ASP I 610 18.82 -53.73 -15.39
N GLY I 611 18.61 -54.15 -14.15
CA GLY I 611 17.37 -53.84 -13.48
C GLY I 611 17.15 -52.35 -13.35
N ALA I 612 18.22 -51.60 -13.08
CA ALA I 612 18.10 -50.16 -12.98
C ALA I 612 17.69 -49.55 -14.31
N ARG I 613 18.35 -49.97 -15.39
CA ARG I 613 18.00 -49.45 -16.71
C ARG I 613 16.57 -49.83 -17.09
N PHE I 614 16.15 -51.03 -16.74
CA PHE I 614 14.79 -51.47 -17.08
C PHE I 614 13.75 -50.66 -16.32
N ILE I 615 13.92 -50.49 -15.01
CA ILE I 615 12.93 -49.76 -14.26
C ILE I 615 12.97 -48.28 -14.61
N THR I 616 14.13 -47.76 -15.05
CA THR I 616 14.12 -46.36 -15.47
C THR I 616 13.53 -46.19 -16.85
N ILE I 617 13.58 -47.22 -17.70
CA ILE I 617 12.85 -47.19 -18.95
C ILE I 617 11.35 -47.16 -18.68
N ILE I 618 10.89 -48.01 -17.76
CA ILE I 618 9.48 -47.98 -17.38
C ILE I 618 9.10 -46.64 -16.79
N ASN I 619 9.97 -46.08 -15.94
CA ASN I 619 9.70 -44.79 -15.32
C ASN I 619 9.61 -43.68 -16.36
N ASN I 620 10.50 -43.69 -17.34
CA ASN I 620 10.46 -42.68 -18.39
C ASN I 620 9.23 -42.84 -19.27
N THR I 621 8.89 -44.08 -19.62
CA THR I 621 7.72 -44.31 -20.48
C THR I 621 6.44 -43.86 -19.79
N LEU I 622 6.24 -44.28 -18.53
CA LEU I 622 5.03 -43.86 -17.83
C LEU I 622 5.07 -42.39 -17.42
N SER I 623 6.25 -41.79 -17.33
CA SER I 623 6.34 -40.38 -16.99
C SER I 623 5.85 -39.51 -18.15
N ASP I 624 6.13 -39.92 -19.38
CA ASP I 624 5.67 -39.23 -20.58
C ASP I 624 5.26 -40.33 -21.57
N ILE I 625 3.96 -40.66 -21.58
CA ILE I 625 3.49 -41.81 -22.34
C ILE I 625 3.67 -41.64 -23.84
N ARG I 626 3.93 -40.42 -24.32
CA ARG I 626 4.19 -40.20 -25.73
C ARG I 626 5.38 -41.01 -26.23
N ARG I 627 6.27 -41.44 -25.34
CA ARG I 627 7.39 -42.27 -25.74
C ARG I 627 6.97 -43.65 -26.22
N LEU I 628 5.67 -43.98 -26.19
CA LEU I 628 5.23 -45.24 -26.75
C LEU I 628 5.09 -45.21 -28.27
N VAL I 629 5.05 -44.02 -28.87
CA VAL I 629 4.95 -43.91 -30.32
C VAL I 629 6.32 -43.88 -30.99
N MET I 630 7.37 -43.50 -30.25
CA MET I 630 8.71 -43.44 -30.81
C MET I 630 9.27 -44.83 -31.09
N GLU J 208 -57.80 -39.76 -58.83
CA GLU J 208 -56.56 -39.71 -59.60
C GLU J 208 -55.41 -39.37 -58.66
N VAL J 209 -54.45 -40.28 -58.55
CA VAL J 209 -53.24 -40.06 -57.74
C VAL J 209 -52.05 -40.31 -58.67
N ASN J 210 -51.56 -39.25 -59.30
CA ASN J 210 -50.31 -39.32 -60.06
C ASN J 210 -49.15 -39.26 -59.06
N VAL J 211 -47.94 -39.02 -59.55
CA VAL J 211 -46.88 -38.59 -58.66
C VAL J 211 -47.07 -37.09 -58.44
N PRO J 212 -46.99 -36.61 -57.20
CA PRO J 212 -47.33 -35.21 -56.94
C PRO J 212 -46.26 -34.23 -57.41
N ASP J 213 -44.99 -34.54 -57.15
CA ASP J 213 -43.96 -33.54 -57.56
C ASP J 213 -42.54 -34.11 -57.68
N ILE J 214 -42.14 -34.43 -58.92
CA ILE J 214 -40.77 -34.79 -59.26
C ILE J 214 -40.33 -33.88 -60.38
N GLY J 215 -39.12 -33.34 -60.27
CA GLY J 215 -38.63 -32.33 -61.21
C GLY J 215 -38.51 -32.81 -62.64
N GLY J 216 -38.74 -34.09 -62.91
CA GLY J 216 -38.69 -34.61 -64.26
C GLY J 216 -37.64 -35.68 -64.46
N ASP J 217 -37.29 -36.38 -63.38
CA ASP J 217 -36.34 -37.48 -63.44
C ASP J 217 -37.09 -38.80 -63.31
N GLU J 218 -36.60 -39.81 -64.02
CA GLU J 218 -37.20 -41.15 -63.97
C GLU J 218 -36.77 -41.82 -62.68
N VAL J 219 -37.72 -42.04 -61.77
CA VAL J 219 -37.44 -42.57 -60.44
C VAL J 219 -37.96 -44.00 -60.36
N GLU J 220 -37.18 -44.85 -59.71
CA GLU J 220 -37.49 -46.27 -59.56
C GLU J 220 -38.11 -46.53 -58.20
N VAL J 221 -39.29 -47.15 -58.20
CA VAL J 221 -39.98 -47.44 -56.94
C VAL J 221 -39.18 -48.44 -56.11
N THR J 222 -39.32 -48.33 -54.78
CA THR J 222 -38.78 -49.31 -53.85
C THR J 222 -39.85 -50.17 -53.23
N GLU J 223 -40.91 -49.57 -52.67
CA GLU J 223 -42.02 -50.32 -52.09
C GLU J 223 -43.20 -49.37 -51.90
N VAL J 224 -44.33 -49.93 -51.47
CA VAL J 224 -45.55 -49.19 -51.23
C VAL J 224 -45.90 -49.24 -49.75
N MET J 225 -46.81 -48.38 -49.34
CA MET J 225 -47.16 -48.19 -47.94
C MET J 225 -48.56 -48.64 -47.58
N VAL J 226 -49.34 -49.14 -48.55
CA VAL J 226 -50.78 -49.29 -48.35
C VAL J 226 -51.22 -50.75 -48.45
N LYS J 227 -52.51 -50.99 -48.27
CA LYS J 227 -53.13 -52.30 -48.36
C LYS J 227 -54.36 -52.21 -49.25
N VAL J 228 -54.73 -53.33 -49.85
CA VAL J 228 -55.97 -53.40 -50.62
C VAL J 228 -57.14 -53.31 -49.65
N GLY J 229 -57.85 -52.20 -49.69
CA GLY J 229 -58.92 -51.91 -48.74
C GLY J 229 -58.59 -50.81 -47.75
N ASP J 230 -57.30 -50.57 -47.48
CA ASP J 230 -56.90 -49.50 -46.59
C ASP J 230 -57.31 -48.14 -47.15
N LYS J 231 -57.53 -47.18 -46.26
CA LYS J 231 -57.79 -45.80 -46.65
C LYS J 231 -56.73 -44.92 -46.00
N VAL J 232 -56.23 -43.96 -46.78
CA VAL J 232 -55.04 -43.19 -46.43
C VAL J 232 -55.46 -41.80 -45.96
N ALA J 233 -54.63 -41.20 -45.12
CA ALA J 233 -54.94 -39.92 -44.49
C ALA J 233 -54.68 -38.77 -45.46
N ALA J 234 -54.68 -37.55 -44.93
CA ALA J 234 -54.59 -36.36 -45.78
C ALA J 234 -53.30 -36.33 -46.57
N GLU J 235 -52.16 -36.32 -45.86
CA GLU J 235 -50.83 -36.29 -46.53
C GLU J 235 -49.86 -37.20 -45.79
N GLN J 236 -49.85 -38.50 -46.13
CA GLN J 236 -48.96 -39.45 -45.49
C GLN J 236 -48.38 -40.37 -46.56
N SER J 237 -47.50 -41.27 -46.12
CA SER J 237 -46.74 -42.10 -47.06
C SER J 237 -47.66 -43.08 -47.79
N LEU J 238 -47.44 -43.21 -49.09
CA LEU J 238 -48.05 -44.23 -49.93
C LEU J 238 -47.04 -45.09 -50.65
N ILE J 239 -45.95 -44.50 -51.11
CA ILE J 239 -44.96 -45.17 -51.96
C ILE J 239 -43.61 -44.51 -51.76
N THR J 240 -42.57 -45.32 -51.61
CA THR J 240 -41.22 -44.81 -51.55
C THR J 240 -40.53 -45.04 -52.90
N VAL J 241 -39.87 -44.01 -53.40
CA VAL J 241 -39.21 -44.07 -54.69
C VAL J 241 -37.77 -43.58 -54.52
N GLU J 242 -36.82 -44.33 -55.07
CA GLU J 242 -35.40 -44.10 -54.81
C GLU J 242 -34.83 -43.29 -55.97
N GLY J 243 -34.84 -41.98 -55.81
CA GLY J 243 -34.32 -41.05 -56.81
C GLY J 243 -32.90 -40.62 -56.49
N ASP J 244 -32.60 -39.36 -56.80
CA ASP J 244 -31.31 -38.80 -56.48
C ASP J 244 -31.30 -38.35 -55.03
CB LA2 J 245 -30.79 -36.18 -52.93
C LA2 J 245 -30.43 -38.56 -52.18
O LA2 J 245 -29.56 -39.20 -51.56
N LA2 J 245 -30.13 -37.93 -54.54
CA LA2 J 245 -29.98 -37.46 -53.15
O1 LA2 J 245 -25.55 -32.65 -53.95
C1 LA2 J 245 -26.38 -32.51 -53.05
NZ LA2 J 245 -27.44 -33.32 -52.95
CE LA2 J 245 -28.71 -32.93 -52.35
CD LA2 J 245 -29.58 -34.13 -52.02
CG LA2 J 245 -30.06 -34.88 -53.26
C2 LA2 J 245 -26.25 -31.43 -51.99
C3 LA2 J 245 -24.82 -31.06 -51.72
C4 LA2 J 245 -24.60 -29.56 -51.63
C5 LA2 J 245 -23.24 -29.10 -51.15
C6 LA2 J 245 -22.06 -29.65 -51.92
S6 LA2 J 245 -22.18 -29.30 -53.71
C7 LA2 J 245 -20.71 -29.25 -51.36
C8 LA2 J 245 -20.54 -29.59 -49.89
S8 LA2 J 245 -18.86 -30.10 -49.44
N ALA J 246 -31.74 -38.78 -52.08
CA ALA J 246 -32.29 -39.80 -51.18
C ALA J 246 -33.68 -40.26 -51.60
N SER J 247 -34.09 -41.41 -51.08
CA SER J 247 -35.41 -41.95 -51.39
C SER J 247 -36.50 -41.08 -50.77
N MET J 248 -37.56 -40.86 -51.54
CA MET J 248 -38.63 -39.95 -51.18
C MET J 248 -39.97 -40.69 -51.07
N GLU J 249 -40.74 -40.34 -50.04
CA GLU J 249 -42.05 -40.93 -49.81
C GLU J 249 -43.12 -39.99 -50.35
N VAL J 250 -43.83 -40.44 -51.38
CA VAL J 250 -44.91 -39.64 -51.95
C VAL J 250 -46.01 -39.43 -50.92
N PRO J 251 -46.48 -38.21 -50.69
CA PRO J 251 -47.53 -37.98 -49.71
C PRO J 251 -48.91 -38.30 -50.29
N ALA J 252 -49.91 -38.15 -49.45
CA ALA J 252 -51.24 -38.37 -50.01
C ALA J 252 -51.83 -37.06 -50.52
N PRO J 253 -52.57 -37.08 -51.62
CA PRO J 253 -53.29 -35.87 -52.05
C PRO J 253 -54.60 -35.66 -51.32
N PHE J 254 -55.21 -36.71 -50.80
CA PHE J 254 -56.53 -36.66 -50.18
C PHE J 254 -56.75 -37.98 -49.46
N ALA J 255 -57.95 -38.15 -48.90
CA ALA J 255 -58.31 -39.38 -48.15
C ALA J 255 -59.27 -40.25 -48.96
N GLY J 256 -59.13 -41.58 -48.85
CA GLY J 256 -59.99 -42.51 -49.56
C GLY J 256 -59.42 -43.91 -49.55
N VAL J 257 -60.32 -44.88 -49.65
CA VAL J 257 -59.94 -46.28 -49.64
C VAL J 257 -59.37 -46.66 -51.00
N VAL J 258 -58.60 -47.75 -51.00
CA VAL J 258 -57.81 -48.17 -52.16
C VAL J 258 -58.71 -48.80 -53.22
N LYS J 259 -58.44 -48.48 -54.49
CA LYS J 259 -59.07 -49.11 -55.65
C LYS J 259 -58.08 -49.73 -56.62
N GLU J 260 -56.91 -49.12 -56.80
CA GLU J 260 -55.90 -49.56 -57.75
C GLU J 260 -54.57 -49.75 -57.06
N LEU J 261 -53.96 -50.90 -57.27
CA LEU J 261 -52.50 -51.02 -57.18
C LEU J 261 -51.90 -50.83 -58.57
N LYS J 262 -52.18 -49.66 -59.14
CA LYS J 262 -51.65 -49.35 -60.45
C LYS J 262 -50.11 -49.35 -60.44
N VAL J 263 -49.51 -48.99 -59.32
CA VAL J 263 -48.08 -49.18 -59.09
C VAL J 263 -47.90 -50.40 -58.18
N ASN J 264 -46.73 -51.02 -58.27
CA ASN J 264 -46.38 -52.15 -57.41
C ASN J 264 -44.99 -51.94 -56.83
N VAL J 265 -44.45 -52.99 -56.21
CA VAL J 265 -43.11 -52.94 -55.64
C VAL J 265 -42.11 -53.28 -56.74
N GLY J 266 -41.26 -52.32 -57.08
CA GLY J 266 -40.26 -52.49 -58.11
C GLY J 266 -40.52 -51.71 -59.38
N ASP J 267 -41.68 -51.03 -59.43
CA ASP J 267 -42.09 -50.24 -60.62
C ASP J 267 -41.15 -49.05 -60.81
N LYS J 268 -41.42 -48.22 -61.83
CA LYS J 268 -40.62 -47.04 -62.14
C LYS J 268 -41.50 -46.00 -62.83
N VAL J 269 -41.43 -44.76 -62.36
CA VAL J 269 -42.23 -43.66 -62.88
C VAL J 269 -41.31 -42.49 -63.18
N LYS J 270 -41.48 -41.90 -64.37
CA LYS J 270 -40.74 -40.69 -64.71
C LYS J 270 -41.46 -39.43 -64.26
N THR J 271 -42.78 -39.37 -64.46
CA THR J 271 -43.56 -38.17 -64.03
C THR J 271 -45.04 -38.31 -64.42
N GLY J 272 -45.93 -37.92 -63.51
CA GLY J 272 -47.38 -37.92 -63.71
C GLY J 272 -48.01 -39.21 -64.20
N SER J 273 -47.63 -40.34 -63.62
CA SER J 273 -48.22 -41.63 -63.96
C SER J 273 -49.22 -42.02 -62.88
N LEU J 274 -50.40 -42.47 -63.31
CA LEU J 274 -51.45 -42.83 -62.38
C LEU J 274 -51.05 -44.09 -61.61
N ILE J 275 -50.79 -43.93 -60.32
CA ILE J 275 -50.41 -45.06 -59.48
C ILE J 275 -51.49 -45.48 -58.51
N MET J 276 -52.42 -44.60 -58.15
CA MET J 276 -53.46 -44.94 -57.19
C MET J 276 -54.77 -44.28 -57.59
N ILE J 277 -55.87 -45.02 -57.40
CA ILE J 277 -57.23 -44.50 -57.44
C ILE J 277 -57.88 -44.82 -56.11
N PHE J 278 -58.69 -43.89 -55.59
CA PHE J 278 -59.23 -44.02 -54.25
C PHE J 278 -60.75 -43.86 -54.28
N GLU J 279 -61.34 -43.95 -53.10
CA GLU J 279 -62.77 -43.77 -52.91
C GLU J 279 -63.02 -42.93 -51.66
N VAL J 280 -64.10 -42.15 -51.69
CA VAL J 280 -64.48 -41.31 -50.56
C VAL J 280 -65.98 -41.00 -50.63
N PRO J 384 -9.66 -30.18 -73.81
CA PRO J 384 -9.43 -30.93 -75.05
C PRO J 384 -8.92 -32.34 -74.79
N GLY J 385 -7.66 -32.60 -75.14
CA GLY J 385 -7.07 -33.90 -74.91
C GLY J 385 -6.25 -33.95 -73.64
N MET J 386 -6.81 -34.51 -72.59
CA MET J 386 -6.13 -34.62 -71.31
C MET J 386 -5.63 -36.04 -71.10
N LEU J 387 -4.69 -36.17 -70.17
CA LEU J 387 -4.17 -37.49 -69.83
C LEU J 387 -5.26 -38.32 -69.17
N PRO J 388 -5.24 -39.64 -69.36
CA PRO J 388 -6.23 -40.49 -68.70
C PRO J 388 -5.92 -40.64 -67.22
N TRP J 389 -6.86 -41.24 -66.51
CA TRP J 389 -6.69 -41.49 -65.10
C TRP J 389 -5.47 -42.38 -64.87
N PRO J 390 -4.72 -42.18 -63.78
CA PRO J 390 -3.51 -42.98 -63.57
C PRO J 390 -3.79 -44.47 -63.42
N LYS J 391 -3.36 -45.26 -64.39
CA LYS J 391 -3.54 -46.71 -64.34
C LYS J 391 -2.54 -47.29 -63.35
N VAL J 392 -3.03 -47.75 -62.20
CA VAL J 392 -2.19 -48.27 -61.14
C VAL J 392 -2.70 -49.64 -60.73
N ASP J 393 -1.79 -50.58 -60.52
CA ASP J 393 -2.13 -51.89 -59.96
C ASP J 393 -2.10 -51.75 -58.45
N PHE J 394 -3.25 -51.41 -57.88
CA PHE J 394 -3.34 -51.09 -56.46
C PHE J 394 -3.07 -52.28 -55.56
N SER J 395 -3.03 -53.49 -56.10
CA SER J 395 -2.85 -54.69 -55.29
C SER J 395 -1.39 -55.07 -55.12
N LYS J 396 -0.48 -54.52 -55.92
CA LYS J 396 0.93 -54.85 -55.79
C LYS J 396 1.57 -54.22 -54.57
N PHE J 397 0.91 -53.27 -53.91
CA PHE J 397 1.40 -52.68 -52.68
C PHE J 397 0.73 -53.22 -51.44
N GLY J 398 -0.42 -53.86 -51.58
CA GLY J 398 -1.10 -54.41 -50.42
C GLY J 398 -2.40 -55.06 -50.86
N GLU J 399 -3.30 -55.23 -49.88
CA GLU J 399 -4.64 -55.83 -50.10
C GLU J 399 -5.64 -54.70 -50.33
N ILE J 400 -6.53 -54.88 -51.32
CA ILE J 400 -7.53 -53.89 -51.67
C ILE J 400 -8.91 -54.52 -51.55
N GLU J 401 -9.94 -53.71 -51.80
CA GLU J 401 -11.32 -54.20 -51.79
C GLU J 401 -12.12 -53.26 -52.69
N GLU J 402 -12.39 -53.70 -53.92
CA GLU J 402 -13.00 -52.83 -54.93
C GLU J 402 -14.51 -52.80 -54.71
N VAL J 403 -14.93 -51.95 -53.78
CA VAL J 403 -16.35 -51.70 -53.58
C VAL J 403 -16.85 -50.81 -54.72
N GLU J 404 -18.14 -50.90 -55.00
CA GLU J 404 -18.76 -50.13 -56.07
C GLU J 404 -19.73 -49.12 -55.48
N LEU J 405 -19.68 -47.89 -56.00
CA LEU J 405 -20.47 -46.81 -55.44
C LEU J 405 -21.95 -47.04 -55.70
N GLY J 406 -22.79 -46.71 -54.72
CA GLY J 406 -24.22 -46.76 -54.89
C GLY J 406 -24.69 -45.81 -55.97
N ARG J 407 -25.96 -45.97 -56.34
CA ARG J 407 -26.50 -45.16 -57.44
C ARG J 407 -26.61 -43.69 -57.04
N ILE J 408 -26.94 -43.41 -55.78
CA ILE J 408 -26.99 -42.02 -55.33
C ILE J 408 -25.60 -41.44 -55.25
N GLN J 409 -24.61 -42.26 -54.88
CA GLN J 409 -23.23 -41.79 -54.86
C GLN J 409 -22.73 -41.51 -56.28
N LYS J 410 -23.05 -42.39 -57.22
CA LYS J 410 -22.69 -42.14 -58.62
C LYS J 410 -23.34 -40.86 -59.13
N ILE J 411 -24.63 -40.66 -58.82
CA ILE J 411 -25.34 -39.49 -59.31
C ILE J 411 -24.78 -38.22 -58.69
N SER J 412 -24.49 -38.24 -57.39
CA SER J 412 -23.92 -37.07 -56.74
C SER J 412 -22.52 -36.78 -57.27
N GLY J 413 -21.75 -37.83 -57.55
CA GLY J 413 -20.44 -37.62 -58.14
C GLY J 413 -20.51 -36.99 -59.52
N ALA J 414 -21.46 -37.46 -60.34
CA ALA J 414 -21.64 -36.85 -61.65
C ALA J 414 -22.09 -35.40 -61.54
N ASN J 415 -23.00 -35.11 -60.61
CA ASN J 415 -23.46 -33.74 -60.43
C ASN J 415 -22.33 -32.83 -59.98
N LEU J 416 -21.50 -33.30 -59.04
CA LEU J 416 -20.38 -32.48 -58.58
C LEU J 416 -19.31 -32.33 -59.64
N SER J 417 -19.08 -33.36 -60.45
CA SER J 417 -18.10 -33.24 -61.52
C SER J 417 -18.61 -32.37 -62.66
N ARG J 418 -19.92 -32.17 -62.76
CA ARG J 418 -20.43 -31.17 -63.69
C ARG J 418 -20.32 -29.77 -63.12
N ASN J 419 -20.68 -29.60 -61.84
CA ASN J 419 -20.62 -28.29 -61.21
C ASN J 419 -19.19 -27.78 -61.12
N TRP J 420 -18.22 -28.68 -60.95
CA TRP J 420 -16.82 -28.24 -60.87
C TRP J 420 -16.34 -27.68 -62.19
N VAL J 421 -16.66 -28.35 -63.30
CA VAL J 421 -16.19 -27.90 -64.60
C VAL J 421 -16.95 -26.66 -65.05
N MET J 422 -18.28 -26.73 -65.04
CA MET J 422 -19.09 -25.70 -65.67
C MET J 422 -19.20 -24.41 -64.87
N ILE J 423 -18.81 -24.41 -63.60
CA ILE J 423 -18.96 -23.25 -62.74
C ILE J 423 -17.57 -22.75 -62.35
N PRO J 424 -17.22 -21.51 -62.66
CA PRO J 424 -15.99 -20.94 -62.09
C PRO J 424 -16.23 -20.51 -60.65
N HIS J 425 -15.71 -21.26 -59.69
CA HIS J 425 -15.98 -20.99 -58.28
C HIS J 425 -15.06 -19.90 -57.76
N VAL J 426 -15.59 -19.05 -56.90
CA VAL J 426 -14.77 -18.16 -56.09
C VAL J 426 -15.31 -18.18 -54.67
N THR J 427 -14.42 -18.33 -53.70
CA THR J 427 -14.79 -18.55 -52.31
C THR J 427 -14.29 -17.38 -51.47
N HIS J 428 -15.22 -16.65 -50.86
CA HIS J 428 -14.89 -15.56 -49.95
C HIS J 428 -15.11 -16.03 -48.53
N PHE J 429 -14.07 -15.99 -47.71
CA PHE J 429 -14.20 -16.40 -46.33
C PHE J 429 -14.49 -15.18 -45.46
N ASP J 430 -15.11 -15.41 -44.31
CA ASP J 430 -15.45 -14.32 -43.43
C ASP J 430 -15.72 -14.88 -42.03
N LYS J 431 -15.73 -13.98 -41.05
CA LYS J 431 -15.99 -14.35 -39.67
C LYS J 431 -17.01 -13.38 -39.10
N THR J 432 -18.03 -13.92 -38.43
CA THR J 432 -19.16 -13.14 -37.96
C THR J 432 -19.21 -13.18 -36.44
N ASP J 433 -19.28 -12.00 -35.81
CA ASP J 433 -19.35 -11.92 -34.36
C ASP J 433 -20.78 -12.26 -33.92
N ILE J 434 -20.97 -13.47 -33.40
CA ILE J 434 -22.30 -13.95 -33.07
C ILE J 434 -22.45 -14.17 -31.57
N THR J 435 -21.73 -13.38 -30.77
CA THR J 435 -21.88 -13.49 -29.33
C THR J 435 -23.28 -13.13 -28.88
N GLU J 436 -23.78 -11.98 -29.34
CA GLU J 436 -25.14 -11.58 -29.01
C GLU J 436 -26.16 -12.56 -29.57
N LEU J 437 -25.92 -13.06 -30.79
CA LEU J 437 -26.84 -14.01 -31.39
C LEU J 437 -26.90 -15.30 -30.60
N GLU J 438 -25.74 -15.78 -30.11
CA GLU J 438 -25.74 -17.01 -29.34
C GLU J 438 -26.38 -16.82 -27.98
N ALA J 439 -26.11 -15.69 -27.32
CA ALA J 439 -26.79 -15.40 -26.07
C ALA J 439 -28.30 -15.36 -26.25
N PHE J 440 -28.76 -14.70 -27.31
CA PHE J 440 -30.19 -14.60 -27.57
C PHE J 440 -30.79 -15.95 -27.92
N ARG J 441 -30.04 -16.79 -28.65
CA ARG J 441 -30.55 -18.11 -28.99
C ARG J 441 -30.67 -18.99 -27.76
N LYS J 442 -29.68 -18.93 -26.85
CA LYS J 442 -29.80 -19.68 -25.60
C LYS J 442 -30.96 -19.17 -24.76
N GLN J 443 -31.14 -17.85 -24.69
CA GLN J 443 -32.25 -17.28 -23.94
C GLN J 443 -33.59 -17.74 -24.50
N GLN J 444 -33.72 -17.75 -25.83
CA GLN J 444 -34.97 -18.18 -26.44
C GLN J 444 -35.16 -19.69 -26.36
N ASN J 445 -34.09 -20.47 -26.28
CA ASN J 445 -34.24 -21.90 -26.05
C ASN J 445 -34.70 -22.19 -24.63
N GLU J 446 -34.24 -21.39 -23.68
CA GLU J 446 -34.78 -21.50 -22.32
C GLU J 446 -36.24 -21.08 -22.29
N GLU J 447 -36.55 -19.89 -22.79
CA GLU J 447 -37.91 -19.37 -22.74
C GLU J 447 -38.89 -20.25 -23.50
N ALA J 448 -38.45 -20.88 -24.59
CA ALA J 448 -39.31 -21.81 -25.32
C ALA J 448 -39.39 -23.17 -24.65
N ALA J 449 -38.69 -23.36 -23.53
CA ALA J 449 -38.80 -24.59 -22.75
C ALA J 449 -39.75 -24.41 -21.57
N LYS J 450 -39.51 -23.39 -20.74
CA LYS J 450 -40.42 -23.13 -19.62
C LYS J 450 -41.80 -22.69 -20.06
N ARG J 451 -42.03 -22.50 -21.36
CA ARG J 451 -43.37 -22.23 -21.89
C ARG J 451 -43.90 -23.40 -22.69
N LYS J 452 -43.19 -24.52 -22.71
CA LYS J 452 -43.66 -25.78 -23.30
C LYS J 452 -44.06 -25.60 -24.77
N LEU J 453 -43.08 -25.20 -25.57
CA LEU J 453 -43.26 -25.12 -27.02
C LEU J 453 -42.72 -26.34 -27.75
N ASP J 454 -41.84 -27.11 -27.12
CA ASP J 454 -41.22 -28.29 -27.74
C ASP J 454 -40.56 -27.92 -29.06
N VAL J 455 -39.72 -26.88 -29.01
CA VAL J 455 -38.96 -26.43 -30.17
C VAL J 455 -37.53 -26.17 -29.73
N LYS J 456 -36.58 -26.50 -30.60
CA LYS J 456 -35.16 -26.29 -30.36
C LYS J 456 -34.63 -25.38 -31.45
N ILE J 457 -34.13 -24.21 -31.04
CA ILE J 457 -33.69 -23.19 -31.98
C ILE J 457 -32.19 -23.37 -32.21
N THR J 458 -31.84 -23.92 -33.36
CA THR J 458 -30.46 -24.15 -33.76
C THR J 458 -29.85 -22.86 -34.31
N PRO J 459 -28.52 -22.75 -34.33
CA PRO J 459 -27.88 -21.58 -34.93
C PRO J 459 -28.06 -21.49 -36.44
N VAL J 460 -28.71 -22.47 -37.07
CA VAL J 460 -28.84 -22.46 -38.52
C VAL J 460 -30.04 -21.65 -38.99
N VAL J 461 -31.09 -21.52 -38.18
CA VAL J 461 -32.25 -20.76 -38.63
C VAL J 461 -31.93 -19.28 -38.68
N PHE J 462 -31.08 -18.79 -37.77
CA PHE J 462 -30.63 -17.40 -37.86
C PHE J 462 -29.85 -17.18 -39.15
N ILE J 463 -29.05 -18.18 -39.56
CA ILE J 463 -28.31 -18.04 -40.80
C ILE J 463 -29.25 -18.10 -42.00
N MET J 464 -30.30 -18.91 -41.92
CA MET J 464 -31.29 -18.92 -43.00
C MET J 464 -31.97 -17.57 -43.12
N LYS J 465 -32.32 -16.95 -41.99
CA LYS J 465 -32.93 -15.63 -42.03
C LYS J 465 -31.96 -14.59 -42.57
N ALA J 466 -30.70 -14.65 -42.16
CA ALA J 466 -29.70 -13.71 -42.65
C ALA J 466 -29.50 -13.85 -44.15
N VAL J 467 -29.47 -15.09 -44.65
CA VAL J 467 -29.27 -15.30 -46.08
C VAL J 467 -30.51 -14.87 -46.85
N ALA J 468 -31.70 -15.07 -46.28
CA ALA J 468 -32.92 -14.59 -46.94
C ALA J 468 -32.91 -13.07 -47.03
N ALA J 469 -32.49 -12.39 -45.96
CA ALA J 469 -32.35 -10.95 -46.00
C ALA J 469 -31.35 -10.53 -47.07
N ALA J 470 -30.20 -11.21 -47.14
CA ALA J 470 -29.18 -10.86 -48.12
C ALA J 470 -29.66 -11.10 -49.54
N LEU J 471 -30.50 -12.11 -49.74
CA LEU J 471 -31.07 -12.34 -51.07
C LEU J 471 -32.12 -11.28 -51.39
N GLU J 472 -32.81 -10.77 -50.38
CA GLU J 472 -33.71 -9.64 -50.60
C GLU J 472 -32.93 -8.40 -51.03
N GLN J 473 -31.80 -8.13 -50.37
CA GLN J 473 -31.05 -6.92 -50.67
C GLN J 473 -30.28 -7.05 -51.98
N MET J 474 -29.65 -8.18 -52.21
CA MET J 474 -28.90 -8.41 -53.44
C MET J 474 -29.57 -9.48 -54.28
N PRO J 475 -30.58 -9.12 -55.08
CA PRO J 475 -31.33 -10.15 -55.82
C PRO J 475 -30.54 -10.83 -56.91
N ARG J 476 -29.35 -10.34 -57.24
CA ARG J 476 -28.52 -11.03 -58.22
C ARG J 476 -28.06 -12.39 -57.73
N PHE J 477 -27.98 -12.59 -56.42
CA PHE J 477 -27.60 -13.88 -55.86
C PHE J 477 -28.73 -14.89 -55.89
N ASN J 478 -29.96 -14.44 -56.05
CA ASN J 478 -31.11 -15.32 -56.18
C ASN J 478 -31.42 -15.52 -57.66
N SER J 479 -30.47 -16.13 -58.36
CA SER J 479 -30.53 -16.25 -59.81
C SER J 479 -30.21 -17.69 -60.20
N SER J 480 -30.09 -17.91 -61.50
CA SER J 480 -29.72 -19.20 -62.07
C SER J 480 -29.42 -19.01 -63.54
N LEU J 481 -28.36 -19.64 -64.01
CA LEU J 481 -27.96 -19.55 -65.40
C LEU J 481 -28.57 -20.70 -66.21
N SER J 482 -28.49 -20.56 -67.53
CA SER J 482 -28.99 -21.57 -68.44
C SER J 482 -27.86 -22.54 -68.83
N GLU J 483 -28.24 -23.50 -69.68
CA GLU J 483 -27.29 -24.47 -70.18
C GLU J 483 -26.09 -23.78 -70.83
N ASP J 484 -26.36 -22.83 -71.74
CA ASP J 484 -25.29 -22.10 -72.42
C ASP J 484 -24.68 -20.99 -71.59
N GLY J 485 -25.30 -20.61 -70.47
CA GLY J 485 -24.77 -19.54 -69.66
C GLY J 485 -24.90 -18.16 -70.27
N GLN J 486 -26.03 -17.89 -70.93
CA GLN J 486 -26.27 -16.61 -71.58
C GLN J 486 -27.51 -15.89 -71.09
N ARG J 487 -28.44 -16.58 -70.44
CA ARG J 487 -29.67 -15.97 -69.94
C ARG J 487 -29.80 -16.26 -68.46
N LEU J 488 -29.87 -15.20 -67.65
CA LEU J 488 -30.10 -15.35 -66.23
C LEU J 488 -31.58 -15.54 -65.93
N THR J 489 -31.88 -16.05 -64.74
CA THR J 489 -33.25 -16.25 -64.29
C THR J 489 -33.37 -15.65 -62.89
N LEU J 490 -33.65 -14.35 -62.83
CA LEU J 490 -33.79 -13.67 -61.55
C LEU J 490 -35.05 -14.16 -60.85
N LYS J 491 -34.88 -14.99 -59.83
CA LYS J 491 -36.01 -15.46 -59.05
C LYS J 491 -36.45 -14.40 -58.05
N LYS J 492 -37.76 -14.36 -57.79
CA LYS J 492 -38.32 -13.44 -56.83
C LYS J 492 -38.68 -14.09 -55.50
N TYR J 493 -38.87 -15.40 -55.50
CA TYR J 493 -39.06 -16.14 -54.26
C TYR J 493 -37.71 -16.44 -53.62
N ILE J 494 -37.74 -16.80 -52.35
CA ILE J 494 -36.52 -17.07 -51.58
C ILE J 494 -36.74 -18.40 -50.86
N ASN J 495 -36.28 -19.48 -51.47
CA ASN J 495 -36.19 -20.78 -50.82
C ASN J 495 -34.73 -21.09 -50.56
N ILE J 496 -34.45 -21.78 -49.46
CA ILE J 496 -33.08 -22.04 -49.03
C ILE J 496 -32.97 -23.51 -48.67
N GLY J 497 -32.07 -24.22 -49.34
CA GLY J 497 -31.75 -25.57 -48.93
C GLY J 497 -30.74 -25.54 -47.79
N VAL J 498 -30.88 -26.49 -46.88
CA VAL J 498 -30.01 -26.59 -45.71
C VAL J 498 -29.48 -28.01 -45.66
N ALA J 499 -28.18 -28.16 -45.89
CA ALA J 499 -27.58 -29.48 -45.99
C ALA J 499 -27.68 -30.20 -44.65
N VAL J 500 -28.52 -31.24 -44.60
CA VAL J 500 -28.67 -32.10 -43.44
C VAL J 500 -27.82 -33.35 -43.66
N ASP J 501 -27.27 -33.88 -42.57
CA ASP J 501 -26.35 -35.01 -42.62
C ASP J 501 -27.10 -36.27 -42.23
N THR J 502 -27.53 -37.03 -43.23
CA THR J 502 -28.10 -38.35 -43.03
C THR J 502 -27.02 -39.41 -43.10
N PRO J 503 -27.29 -40.61 -42.57
CA PRO J 503 -26.29 -41.69 -42.67
C PRO J 503 -25.84 -41.99 -44.09
N ASN J 504 -26.60 -41.51 -45.08
CA ASN J 504 -26.28 -41.67 -46.49
C ASN J 504 -25.71 -40.39 -47.09
N GLY J 505 -24.94 -39.63 -46.31
CA GLY J 505 -24.34 -38.41 -46.81
C GLY J 505 -25.19 -37.19 -46.53
N LEU J 506 -24.85 -36.12 -47.24
CA LEU J 506 -25.54 -34.84 -47.09
C LEU J 506 -26.67 -34.75 -48.11
N VAL J 507 -27.89 -34.56 -47.61
CA VAL J 507 -29.04 -34.27 -48.47
C VAL J 507 -29.48 -32.85 -48.20
N VAL J 508 -29.97 -32.17 -49.24
CA VAL J 508 -30.33 -30.76 -49.10
C VAL J 508 -31.84 -30.61 -49.18
N PRO J 509 -32.53 -30.53 -48.06
CA PRO J 509 -33.94 -30.16 -48.09
C PRO J 509 -34.13 -28.65 -48.17
N VAL J 510 -35.17 -28.26 -48.90
CA VAL J 510 -35.42 -26.87 -49.24
C VAL J 510 -36.55 -26.33 -48.39
N PHE J 511 -36.34 -25.17 -47.77
CA PHE J 511 -37.36 -24.48 -46.99
C PHE J 511 -37.84 -23.28 -47.80
N LYS J 512 -39.15 -23.16 -47.93
CA LYS J 512 -39.75 -22.19 -48.85
C LYS J 512 -40.10 -20.89 -48.13
N ASP J 513 -39.96 -19.79 -48.87
CA ASP J 513 -40.36 -18.46 -48.41
C ASP J 513 -39.73 -18.13 -47.05
N VAL J 514 -38.42 -18.36 -46.95
CA VAL J 514 -37.70 -18.10 -45.71
C VAL J 514 -37.75 -16.62 -45.35
N ASN J 515 -37.91 -15.76 -46.36
CA ASN J 515 -37.91 -14.32 -46.10
C ASN J 515 -39.10 -13.88 -45.27
N LYS J 516 -40.19 -14.64 -45.27
CA LYS J 516 -41.42 -14.27 -44.56
C LYS J 516 -41.53 -14.96 -43.20
N LYS J 517 -41.27 -16.26 -43.15
CA LYS J 517 -41.47 -17.03 -41.93
C LYS J 517 -40.56 -16.53 -40.81
N GLY J 518 -41.05 -16.72 -39.57
CA GLY J 518 -40.27 -16.36 -38.41
C GLY J 518 -39.31 -17.44 -37.99
N ILE J 519 -38.47 -17.11 -36.99
CA ILE J 519 -37.44 -18.05 -36.59
C ILE J 519 -38.02 -19.26 -35.87
N ILE J 520 -39.13 -19.10 -35.17
CA ILE J 520 -39.71 -20.26 -34.49
C ILE J 520 -40.43 -21.19 -35.47
N GLU J 521 -41.17 -20.64 -36.44
CA GLU J 521 -41.76 -21.46 -37.49
C GLU J 521 -40.68 -22.17 -38.30
N LEU J 522 -39.63 -21.43 -38.69
CA LEU J 522 -38.51 -22.05 -39.40
C LEU J 522 -37.82 -23.10 -38.55
N SER J 523 -37.73 -22.88 -37.24
CA SER J 523 -37.07 -23.85 -36.38
C SER J 523 -37.90 -25.12 -36.26
N ARG J 524 -39.22 -24.99 -36.23
CA ARG J 524 -40.06 -26.17 -36.24
C ARG J 524 -39.94 -26.93 -37.55
N GLU J 525 -39.97 -26.19 -38.68
CA GLU J 525 -39.77 -26.82 -39.97
C GLU J 525 -38.43 -27.56 -40.03
N LEU J 526 -37.38 -26.93 -39.54
CA LEU J 526 -36.05 -27.54 -39.60
C LEU J 526 -35.97 -28.76 -38.69
N MET J 527 -36.51 -28.67 -37.48
CA MET J 527 -36.50 -29.81 -36.58
C MET J 527 -37.30 -30.98 -37.14
N THR J 528 -38.36 -30.70 -37.88
CA THR J 528 -39.13 -31.77 -38.51
C THR J 528 -38.35 -32.39 -39.66
N ILE J 529 -37.86 -31.55 -40.59
CA ILE J 529 -37.29 -32.07 -41.82
C ILE J 529 -35.91 -32.68 -41.59
N SER J 530 -35.16 -32.23 -40.58
CA SER J 530 -33.90 -32.87 -40.26
C SER J 530 -34.11 -34.34 -39.89
N LYS J 531 -35.10 -34.61 -39.04
CA LYS J 531 -35.42 -35.98 -38.68
C LYS J 531 -36.02 -36.72 -39.87
N LYS J 532 -36.87 -36.05 -40.65
CA LYS J 532 -37.44 -36.66 -41.84
C LYS J 532 -36.35 -37.13 -42.81
N ALA J 533 -35.23 -36.40 -42.85
CA ALA J 533 -34.14 -36.77 -43.74
C ALA J 533 -33.26 -37.85 -43.11
N ARG J 534 -32.88 -37.67 -41.84
CA ARG J 534 -32.04 -38.66 -41.18
C ARG J 534 -32.73 -40.02 -41.07
N ASP J 535 -34.05 -40.06 -41.16
CA ASP J 535 -34.76 -41.33 -41.22
C ASP J 535 -34.92 -41.85 -42.64
N GLY J 536 -34.95 -40.96 -43.63
CA GLY J 536 -35.10 -41.34 -45.01
C GLY J 536 -36.48 -41.06 -45.59
N LYS J 537 -37.42 -40.60 -44.78
CA LYS J 537 -38.79 -40.34 -45.23
C LYS J 537 -38.93 -38.97 -45.89
N LEU J 538 -37.83 -38.35 -46.31
CA LEU J 538 -37.85 -37.00 -46.89
C LEU J 538 -38.65 -36.97 -48.19
N THR J 539 -39.75 -36.23 -48.18
CA THR J 539 -40.69 -36.24 -49.30
C THR J 539 -40.21 -35.29 -50.40
N ALA J 540 -40.51 -35.66 -51.65
CA ALA J 540 -40.16 -34.80 -52.77
C ALA J 540 -40.90 -33.48 -52.67
N GLY J 541 -40.32 -32.44 -53.28
CA GLY J 541 -40.83 -31.10 -53.07
C GLY J 541 -40.21 -30.47 -51.84
N GLU J 542 -39.81 -31.32 -50.89
CA GLU J 542 -38.99 -30.88 -49.78
C GLU J 542 -37.51 -30.97 -50.10
N MET J 543 -37.15 -31.22 -51.37
CA MET J 543 -35.77 -31.10 -51.81
C MET J 543 -35.68 -30.44 -53.18
N GLN J 544 -36.73 -29.73 -53.59
CA GLN J 544 -36.74 -29.11 -54.93
C GLN J 544 -37.05 -27.61 -54.83
N GLY J 545 -36.56 -26.84 -55.80
CA GLY J 545 -36.79 -25.40 -55.87
C GLY J 545 -36.03 -24.60 -54.83
N GLY J 546 -34.72 -24.82 -54.75
CA GLY J 546 -33.86 -24.07 -53.84
C GLY J 546 -33.16 -22.94 -54.56
N CYS J 547 -33.14 -21.77 -53.93
CA CYS J 547 -32.48 -20.60 -54.48
C CYS J 547 -31.08 -20.39 -53.93
N PHE J 548 -30.72 -21.12 -52.88
CA PHE J 548 -29.46 -20.92 -52.16
C PHE J 548 -29.26 -22.16 -51.32
N THR J 549 -28.03 -22.36 -50.86
CA THR J 549 -27.71 -23.52 -50.05
C THR J 549 -26.88 -23.08 -48.85
N ILE J 550 -27.15 -23.70 -47.71
CA ILE J 550 -26.39 -23.48 -46.49
C ILE J 550 -25.88 -24.84 -46.03
N SER J 551 -24.58 -25.04 -46.12
CA SER J 551 -23.94 -26.29 -45.70
C SER J 551 -23.23 -26.00 -44.38
N SER J 552 -23.85 -26.43 -43.29
CA SER J 552 -23.33 -26.19 -41.95
C SER J 552 -22.62 -27.45 -41.46
N ILE J 553 -21.30 -27.38 -41.37
CA ILE J 553 -20.50 -28.46 -40.81
C ILE J 553 -19.77 -28.01 -39.55
N GLY J 554 -20.27 -26.96 -38.90
CA GLY J 554 -19.64 -26.46 -37.69
C GLY J 554 -19.69 -27.41 -36.53
N GLY J 555 -20.63 -28.36 -36.56
CA GLY J 555 -20.67 -29.38 -35.52
C GLY J 555 -19.51 -30.34 -35.55
N LEU J 556 -18.69 -30.30 -36.59
CA LEU J 556 -17.61 -31.25 -36.76
C LEU J 556 -16.23 -30.62 -36.81
N GLY J 557 -16.10 -29.35 -37.21
CA GLY J 557 -14.80 -28.71 -37.22
C GLY J 557 -14.60 -27.81 -38.42
N THR J 558 -13.43 -27.93 -39.06
CA THR J 558 -13.11 -27.16 -40.30
C THR J 558 -13.36 -25.66 -40.08
N THR J 559 -12.43 -24.99 -39.40
CA THR J 559 -12.48 -23.55 -39.16
C THR J 559 -12.81 -22.74 -40.41
N HIS J 560 -12.52 -23.27 -41.59
CA HIS J 560 -13.07 -22.75 -42.84
C HIS J 560 -13.14 -23.89 -43.85
N PHE J 561 -13.97 -23.70 -44.87
CA PHE J 561 -13.96 -24.64 -45.98
C PHE J 561 -14.62 -23.99 -47.19
N ALA J 562 -14.22 -24.46 -48.37
CA ALA J 562 -14.65 -23.88 -49.64
C ALA J 562 -15.62 -24.85 -50.32
N PRO J 563 -16.93 -24.67 -50.13
CA PRO J 563 -17.88 -25.63 -50.71
C PRO J 563 -17.98 -25.50 -52.21
N ILE J 564 -18.76 -26.40 -52.84
CA ILE J 564 -18.99 -26.38 -54.27
C ILE J 564 -20.40 -25.84 -54.50
N VAL J 565 -20.53 -24.91 -55.46
CA VAL J 565 -21.82 -24.34 -55.78
C VAL J 565 -22.79 -25.44 -56.17
N ASN J 566 -24.00 -25.38 -55.63
CA ASN J 566 -25.02 -26.40 -55.84
C ASN J 566 -25.87 -25.98 -57.03
N ALA J 567 -25.44 -26.38 -58.23
CA ALA J 567 -26.17 -26.03 -59.47
C ALA J 567 -27.62 -26.50 -59.33
N PRO J 568 -28.61 -25.80 -59.92
CA PRO J 568 -28.39 -24.65 -60.79
C PRO J 568 -28.35 -23.31 -60.05
N GLU J 569 -28.07 -23.34 -58.75
CA GLU J 569 -27.92 -22.10 -58.01
C GLU J 569 -26.60 -21.44 -58.38
N VAL J 570 -26.36 -20.25 -57.81
CA VAL J 570 -25.16 -19.49 -58.11
C VAL J 570 -24.28 -19.26 -56.90
N ALA J 571 -24.70 -19.70 -55.72
CA ALA J 571 -23.90 -19.49 -54.52
C ALA J 571 -24.24 -20.55 -53.48
N ILE J 572 -23.37 -20.66 -52.50
CA ILE J 572 -23.56 -21.57 -51.38
C ILE J 572 -22.77 -21.03 -50.20
N LEU J 573 -23.38 -21.05 -49.02
CA LEU J 573 -22.76 -20.54 -47.80
C LEU J 573 -22.40 -21.74 -46.92
N GLY J 574 -21.11 -21.96 -46.73
CA GLY J 574 -20.65 -22.95 -45.80
C GLY J 574 -20.39 -22.32 -44.45
N VAL J 575 -20.77 -23.03 -43.39
CA VAL J 575 -20.67 -22.54 -42.03
C VAL J 575 -19.75 -23.48 -41.26
N SER J 576 -18.90 -22.90 -40.43
CA SER J 576 -17.87 -23.64 -39.71
C SER J 576 -18.13 -23.55 -38.21
N LYS J 577 -17.18 -24.07 -37.42
CA LYS J 577 -17.36 -24.13 -35.98
C LYS J 577 -17.11 -22.77 -35.34
N SER J 578 -18.03 -22.35 -34.50
CA SER J 578 -17.86 -21.10 -33.77
C SER J 578 -16.73 -21.23 -32.76
N ALA J 579 -15.88 -20.22 -32.69
CA ALA J 579 -14.77 -20.23 -31.76
C ALA J 579 -14.66 -18.88 -31.08
N MET J 580 -14.22 -18.90 -29.82
CA MET J 580 -14.05 -17.68 -29.05
C MET J 580 -12.70 -17.08 -29.40
N GLU J 581 -12.71 -15.94 -30.08
CA GLU J 581 -11.52 -15.26 -30.53
C GLU J 581 -11.46 -13.84 -29.98
N PRO J 582 -10.27 -13.27 -29.82
CA PRO J 582 -10.18 -11.86 -29.42
C PRO J 582 -10.52 -10.94 -30.57
N VAL J 583 -11.27 -9.89 -30.26
CA VAL J 583 -11.70 -8.92 -31.26
C VAL J 583 -11.33 -7.53 -30.75
N TRP J 584 -10.80 -6.70 -31.65
CA TRP J 584 -10.36 -5.36 -31.31
C TRP J 584 -11.57 -4.46 -31.18
N ASN J 585 -11.87 -4.03 -29.95
CA ASN J 585 -12.98 -3.11 -29.73
C ASN J 585 -12.60 -1.65 -29.91
N GLY J 586 -11.36 -1.38 -30.32
CA GLY J 586 -10.84 -0.03 -30.45
C GLY J 586 -9.76 0.29 -29.44
N LYS J 587 -9.79 -0.34 -28.27
CA LYS J 587 -8.77 -0.12 -27.26
C LYS J 587 -8.24 -1.39 -26.61
N GLU J 588 -8.90 -2.53 -26.77
CA GLU J 588 -8.45 -3.77 -26.16
C GLU J 588 -9.07 -4.93 -26.93
N PHE J 589 -8.73 -6.15 -26.52
CA PHE J 589 -9.20 -7.36 -27.18
C PHE J 589 -10.27 -8.00 -26.31
N VAL J 590 -11.53 -7.81 -26.72
CA VAL J 590 -12.66 -8.42 -26.02
C VAL J 590 -12.85 -9.82 -26.58
N PRO J 591 -13.11 -10.83 -25.76
CA PRO J 591 -13.33 -12.18 -26.29
C PRO J 591 -14.72 -12.34 -26.86
N ARG J 592 -14.85 -12.35 -28.19
CA ARG J 592 -16.13 -12.55 -28.84
C ARG J 592 -16.19 -13.98 -29.39
N LEU J 593 -17.36 -14.35 -29.89
CA LEU J 593 -17.58 -15.68 -30.44
C LEU J 593 -17.78 -15.56 -31.93
N MET J 594 -16.72 -15.81 -32.70
CA MET J 594 -16.76 -15.64 -34.14
C MET J 594 -17.14 -16.95 -34.81
N LEU J 595 -18.07 -16.86 -35.76
CA LEU J 595 -18.53 -17.98 -36.57
C LEU J 595 -17.96 -17.82 -37.96
N PRO J 596 -17.13 -18.75 -38.44
CA PRO J 596 -16.53 -18.59 -39.78
C PRO J 596 -17.48 -19.08 -40.86
N ILE J 597 -17.89 -18.16 -41.73
CA ILE J 597 -18.71 -18.49 -42.88
C ILE J 597 -17.83 -18.40 -44.13
N SER J 598 -18.33 -18.94 -45.23
CA SER J 598 -17.59 -18.92 -46.48
C SER J 598 -18.57 -19.01 -47.63
N LEU J 599 -18.63 -17.97 -48.44
CA LEU J 599 -19.54 -17.91 -49.59
C LEU J 599 -18.78 -18.35 -50.83
N SER J 600 -19.13 -19.51 -51.37
CA SER J 600 -18.58 -19.99 -52.62
C SER J 600 -19.62 -19.76 -53.71
N PHE J 601 -19.27 -18.97 -54.72
CA PHE J 601 -20.26 -18.56 -55.71
C PHE J 601 -19.72 -18.72 -57.12
N ASP J 602 -20.66 -18.80 -58.05
CA ASP J 602 -20.37 -18.86 -59.47
C ASP J 602 -19.89 -17.49 -59.94
N HIS J 603 -18.70 -17.47 -60.54
CA HIS J 603 -18.06 -16.21 -61.00
C HIS J 603 -18.72 -15.70 -62.29
N ARG J 604 -19.45 -16.54 -63.02
CA ARG J 604 -20.07 -16.09 -64.25
C ARG J 604 -21.21 -15.11 -63.98
N VAL J 605 -21.99 -15.37 -62.93
CA VAL J 605 -23.08 -14.49 -62.55
C VAL J 605 -22.59 -13.36 -61.65
N ILE J 606 -21.87 -13.72 -60.60
CA ILE J 606 -21.44 -12.78 -59.56
C ILE J 606 -19.96 -12.52 -59.72
N ASP J 607 -19.52 -11.31 -59.40
CA ASP J 607 -18.11 -10.98 -59.38
C ASP J 607 -17.64 -10.86 -57.93
N GLY J 608 -16.33 -10.66 -57.77
CA GLY J 608 -15.76 -10.64 -56.43
C GLY J 608 -16.37 -9.57 -55.54
N ALA J 609 -16.67 -8.40 -56.11
CA ALA J 609 -17.22 -7.31 -55.31
C ALA J 609 -18.63 -7.62 -54.84
N ASP J 610 -19.46 -8.21 -55.72
CA ASP J 610 -20.81 -8.56 -55.30
C ASP J 610 -20.79 -9.65 -54.25
N GLY J 611 -19.92 -10.64 -54.41
CA GLY J 611 -19.76 -11.65 -53.36
C GLY J 611 -19.31 -11.02 -52.05
N ALA J 612 -18.44 -10.02 -52.11
CA ALA J 612 -17.98 -9.35 -50.90
C ALA J 612 -19.14 -8.63 -50.23
N ARG J 613 -19.94 -7.89 -51.00
CA ARG J 613 -21.08 -7.19 -50.43
C ARG J 613 -22.09 -8.16 -49.85
N PHE J 614 -22.30 -9.30 -50.52
CA PHE J 614 -23.26 -10.28 -50.03
C PHE J 614 -22.80 -10.89 -48.72
N ILE J 615 -21.55 -11.34 -48.66
CA ILE J 615 -21.09 -11.97 -47.43
C ILE J 615 -20.97 -10.95 -46.31
N THR J 616 -20.74 -9.67 -46.63
CA THR J 616 -20.71 -8.68 -45.57
C THR J 616 -22.11 -8.31 -45.11
N ILE J 617 -23.11 -8.43 -45.98
CA ILE J 617 -24.50 -8.29 -45.55
C ILE J 617 -24.85 -9.41 -44.59
N ILE J 618 -24.47 -10.64 -44.92
CA ILE J 618 -24.70 -11.76 -44.02
C ILE J 618 -23.97 -11.55 -42.70
N ASN J 619 -22.72 -11.08 -42.78
CA ASN J 619 -21.93 -10.85 -41.57
C ASN J 619 -22.56 -9.79 -40.69
N ASN J 620 -23.06 -8.71 -41.29
CA ASN J 620 -23.70 -7.65 -40.51
C ASN J 620 -25.01 -8.15 -39.90
N THR J 621 -25.80 -8.89 -40.67
CA THR J 621 -27.08 -9.38 -40.17
C THR J 621 -26.88 -10.33 -38.99
N LEU J 622 -26.00 -11.31 -39.14
CA LEU J 622 -25.75 -12.24 -38.05
C LEU J 622 -24.98 -11.60 -36.90
N SER J 623 -24.24 -10.51 -37.17
CA SER J 623 -23.52 -9.83 -36.10
C SER J 623 -24.48 -9.11 -35.15
N ASP J 624 -25.56 -8.55 -35.70
CA ASP J 624 -26.59 -7.88 -34.92
C ASP J 624 -27.93 -8.27 -35.56
N ILE J 625 -28.55 -9.32 -35.01
CA ILE J 625 -29.73 -9.91 -35.64
C ILE J 625 -30.91 -8.95 -35.69
N ARG J 626 -30.87 -7.87 -34.91
CA ARG J 626 -31.95 -6.88 -34.95
C ARG J 626 -32.12 -6.29 -36.34
N ARG J 627 -31.10 -6.37 -37.19
CA ARG J 627 -31.23 -5.88 -38.56
C ARG J 627 -32.21 -6.69 -39.39
N LEU J 628 -32.80 -7.75 -38.84
CA LEU J 628 -33.82 -8.48 -39.58
C LEU J 628 -35.18 -7.81 -39.52
N VAL J 629 -35.39 -6.88 -38.59
CA VAL J 629 -36.67 -6.17 -38.51
C VAL J 629 -36.67 -4.90 -39.34
N MET J 630 -35.51 -4.35 -39.69
CA MET J 630 -35.43 -3.14 -40.48
C MET J 630 -35.84 -3.40 -41.94
N GLU K 208 19.61 -62.16 -64.30
CA GLU K 208 18.57 -61.37 -64.95
C GLU K 208 18.35 -60.10 -64.15
N VAL K 209 18.59 -58.95 -64.78
CA VAL K 209 18.35 -57.65 -64.16
C VAL K 209 17.45 -56.86 -65.11
N ASN K 210 16.15 -56.96 -64.90
CA ASN K 210 15.19 -56.12 -65.62
C ASN K 210 15.19 -54.74 -64.96
N VAL K 211 14.19 -53.92 -65.27
CA VAL K 211 13.94 -52.76 -64.43
C VAL K 211 13.13 -53.27 -63.24
N PRO K 212 13.47 -52.87 -62.02
CA PRO K 212 12.81 -53.46 -60.84
C PRO K 212 11.40 -52.96 -60.63
N ASP K 213 11.18 -51.65 -60.76
CA ASP K 213 9.79 -51.17 -60.48
C ASP K 213 9.46 -49.80 -61.09
N ILE K 214 8.79 -49.81 -62.25
CA ILE K 214 8.23 -48.63 -62.87
C ILE K 214 6.75 -48.91 -63.12
N GLY K 215 5.89 -47.95 -62.78
CA GLY K 215 4.45 -48.15 -62.83
C GLY K 215 3.89 -48.46 -64.21
N GLY K 216 4.72 -48.39 -65.25
CA GLY K 216 4.27 -48.71 -66.59
C GLY K 216 4.41 -47.56 -67.57
N ASP K 217 5.35 -46.66 -67.29
CA ASP K 217 5.63 -45.53 -68.17
C ASP K 217 6.93 -45.78 -68.90
N GLU K 218 6.99 -45.33 -70.15
CA GLU K 218 8.21 -45.47 -70.95
C GLU K 218 9.21 -44.42 -70.52
N VAL K 219 10.31 -44.86 -69.91
CA VAL K 219 11.31 -43.98 -69.33
C VAL K 219 12.57 -44.00 -70.18
N GLU K 220 13.17 -42.83 -70.36
CA GLU K 220 14.36 -42.66 -71.19
C GLU K 220 15.60 -42.62 -70.32
N VAL K 221 16.57 -43.49 -70.62
CA VAL K 221 17.80 -43.56 -69.85
C VAL K 221 18.59 -42.26 -69.99
N THR K 222 19.33 -41.92 -68.94
CA THR K 222 20.28 -40.82 -68.97
C THR K 222 21.72 -41.30 -68.99
N GLU K 223 22.11 -42.19 -68.09
CA GLU K 223 23.47 -42.75 -68.07
C GLU K 223 23.46 -43.98 -67.17
N VAL K 224 24.61 -44.66 -67.13
CA VAL K 224 24.79 -45.87 -66.33
C VAL K 224 25.84 -45.60 -65.27
N MET K 225 25.90 -46.50 -64.29
CA MET K 225 26.74 -46.33 -63.10
C MET K 225 27.89 -47.32 -63.02
N VAL K 226 28.04 -48.23 -63.98
CA VAL K 226 28.91 -49.39 -63.80
C VAL K 226 30.03 -49.41 -64.82
N LYS K 227 30.89 -50.42 -64.73
CA LYS K 227 32.02 -50.64 -65.63
C LYS K 227 32.00 -52.08 -66.11
N VAL K 228 32.60 -52.31 -67.27
CA VAL K 228 32.76 -53.68 -67.76
C VAL K 228 33.79 -54.38 -66.88
N GLY K 229 33.34 -55.34 -66.07
CA GLY K 229 34.16 -56.00 -65.09
C GLY K 229 33.84 -55.64 -63.66
N ASP K 230 33.25 -54.48 -63.42
CA ASP K 230 32.85 -54.07 -62.08
C ASP K 230 31.79 -55.04 -61.53
N LYS K 231 31.75 -55.16 -60.21
CA LYS K 231 30.70 -55.92 -59.53
C LYS K 231 29.99 -54.99 -58.56
N VAL K 232 28.66 -55.11 -58.52
CA VAL K 232 27.80 -54.13 -57.85
C VAL K 232 27.32 -54.72 -56.54
N ALA K 233 27.01 -53.83 -55.60
CA ALA K 233 26.65 -54.22 -54.24
C ALA K 233 25.19 -54.69 -54.20
N ALA K 234 24.65 -54.82 -52.98
CA ALA K 234 23.32 -55.39 -52.79
C ALA K 234 22.26 -54.55 -53.49
N GLU K 235 22.13 -53.29 -53.06
CA GLU K 235 21.12 -52.36 -53.66
C GLU K 235 21.74 -50.97 -53.83
N GLN K 236 22.41 -50.73 -54.96
CA GLN K 236 23.01 -49.43 -55.22
C GLN K 236 22.76 -49.06 -56.67
N SER K 237 23.23 -47.87 -57.06
CA SER K 237 22.91 -47.33 -58.37
C SER K 237 23.58 -48.14 -59.49
N LEU K 238 22.82 -48.40 -60.54
CA LEU K 238 23.31 -48.97 -61.78
C LEU K 238 23.02 -48.10 -62.99
N ILE K 239 21.85 -47.47 -63.02
CA ILE K 239 21.38 -46.74 -64.20
C ILE K 239 20.42 -45.65 -63.74
N THR K 240 20.60 -44.44 -64.27
CA THR K 240 19.65 -43.36 -64.00
C THR K 240 18.74 -43.20 -65.21
N VAL K 241 17.44 -43.10 -64.94
CA VAL K 241 16.43 -42.96 -65.99
C VAL K 241 15.55 -41.76 -65.66
N GLU K 242 15.31 -40.92 -66.66
CA GLU K 242 14.66 -39.63 -66.45
C GLU K 242 13.17 -39.79 -66.80
N GLY K 243 12.38 -40.11 -65.79
CA GLY K 243 10.93 -40.27 -65.95
C GLY K 243 10.18 -39.02 -65.55
N ASP K 244 9.01 -39.23 -64.96
CA ASP K 244 8.22 -38.11 -64.47
C ASP K 244 8.75 -37.69 -63.11
CB LA2 K 245 8.24 -37.05 -60.15
C LA2 K 245 10.13 -35.79 -61.26
O LA2 K 245 10.52 -34.61 -61.32
N LA2 K 245 8.20 -36.59 -62.58
CA LA2 K 245 8.62 -36.06 -61.25
O1 LA2 K 245 2.86 -33.78 -59.00
C1 LA2 K 245 3.66 -34.21 -58.17
NZ LA2 K 245 4.75 -34.90 -58.54
CE LA2 K 245 5.42 -35.89 -57.73
CD LA2 K 245 6.81 -36.22 -58.21
CG LA2 K 245 6.83 -36.89 -59.58
C2 LA2 K 245 3.48 -34.00 -56.69
C3 LA2 K 245 2.73 -32.74 -56.37
C4 LA2 K 245 1.66 -32.92 -55.31
C5 LA2 K 245 1.01 -31.67 -54.77
C6 LA2 K 245 0.39 -30.77 -55.82
S6 LA2 K 245 -0.81 -31.64 -56.87
C7 LA2 K 245 -0.18 -29.46 -55.26
C8 LA2 K 245 0.83 -28.68 -54.44
S8 LA2 K 245 0.67 -26.88 -54.63
N ALA K 246 10.93 -36.85 -61.20
CA ALA K 246 12.38 -36.72 -61.19
C ALA K 246 13.09 -37.99 -61.68
N SER K 247 14.36 -37.83 -62.03
CA SER K 247 15.16 -38.97 -62.50
C SER K 247 15.42 -39.94 -61.36
N MET K 248 15.32 -41.23 -61.67
CA MET K 248 15.39 -42.29 -60.68
C MET K 248 16.56 -43.23 -60.98
N GLU K 249 17.27 -43.62 -59.92
CA GLU K 249 18.40 -44.53 -60.03
C GLU K 249 17.94 -45.94 -59.68
N VAL K 250 17.98 -46.83 -60.67
CA VAL K 250 17.60 -48.22 -60.44
C VAL K 250 18.55 -48.87 -59.45
N PRO K 251 18.06 -49.53 -58.41
CA PRO K 251 18.95 -50.15 -57.44
C PRO K 251 19.46 -51.50 -57.95
N ALA K 252 20.30 -52.13 -57.13
CA ALA K 252 20.73 -53.45 -57.57
C ALA K 252 19.82 -54.52 -56.99
N PRO K 253 19.54 -55.59 -57.74
CA PRO K 253 18.79 -56.71 -57.17
C PRO K 253 19.66 -57.66 -56.37
N PHE K 254 20.96 -57.71 -56.64
CA PHE K 254 21.88 -58.67 -56.03
C PHE K 254 23.29 -58.22 -56.37
N ALA K 255 24.28 -59.02 -55.97
CA ALA K 255 25.71 -58.73 -56.23
C ALA K 255 26.28 -59.64 -57.32
N GLY K 256 27.18 -59.11 -58.15
CA GLY K 256 27.79 -59.87 -59.22
C GLY K 256 28.49 -58.97 -60.20
N VAL K 257 29.50 -59.54 -60.85
CA VAL K 257 30.29 -58.81 -61.83
C VAL K 257 29.51 -58.70 -63.13
N VAL K 258 29.90 -57.73 -63.95
CA VAL K 258 29.16 -57.34 -65.14
C VAL K 258 29.39 -58.35 -66.26
N LYS K 259 28.33 -58.69 -67.00
CA LYS K 259 28.38 -59.50 -68.21
C LYS K 259 27.80 -58.82 -69.44
N GLU K 260 26.74 -58.02 -69.27
CA GLU K 260 26.03 -57.36 -70.35
C GLU K 260 25.95 -55.87 -70.10
N LEU K 261 26.34 -55.09 -71.10
CA LEU K 261 25.80 -53.74 -71.25
C LEU K 261 24.60 -53.77 -72.19
N LYS K 262 23.60 -54.55 -71.78
CA LYS K 262 22.39 -54.66 -72.58
C LYS K 262 21.70 -53.31 -72.73
N VAL K 263 21.82 -52.45 -71.72
CA VAL K 263 21.44 -51.05 -71.82
C VAL K 263 22.70 -50.21 -71.99
N ASN K 264 22.55 -49.03 -72.59
CA ASN K 264 23.64 -48.09 -72.78
C ASN K 264 23.20 -46.69 -72.33
N VAL K 265 24.03 -45.71 -72.64
CA VAL K 265 23.71 -44.31 -72.33
C VAL K 265 22.86 -43.74 -73.45
N GLY K 266 21.62 -43.39 -73.12
CA GLY K 266 20.68 -42.85 -74.09
C GLY K 266 19.55 -43.77 -74.45
N ASP K 267 19.58 -44.99 -73.92
CA ASP K 267 18.54 -46.02 -74.22
C ASP K 267 17.20 -45.59 -73.64
N LYS K 268 16.18 -46.45 -73.79
CA LYS K 268 14.83 -46.18 -73.29
C LYS K 268 14.13 -47.51 -73.01
N VAL K 269 13.52 -47.60 -71.83
CA VAL K 269 12.84 -48.81 -71.39
C VAL K 269 11.45 -48.45 -70.90
N LYS K 270 10.44 -49.20 -71.35
CA LYS K 270 9.09 -49.01 -70.85
C LYS K 270 8.81 -49.83 -69.59
N THR K 271 9.27 -51.10 -69.58
CA THR K 271 9.05 -51.95 -68.38
C THR K 271 9.59 -53.37 -68.62
N GLY K 272 10.27 -53.93 -67.61
CA GLY K 272 10.81 -55.27 -67.62
C GLY K 272 11.69 -55.66 -68.79
N SER K 273 12.62 -54.79 -69.17
CA SER K 273 13.57 -55.09 -70.23
C SER K 273 14.91 -55.45 -69.62
N LEU K 274 15.51 -56.53 -70.11
CA LEU K 274 16.77 -57.03 -69.58
C LEU K 274 17.87 -56.03 -69.92
N ILE K 275 18.40 -55.36 -68.90
CA ILE K 275 19.47 -54.39 -69.08
C ILE K 275 20.82 -54.88 -68.56
N MET K 276 20.84 -55.81 -67.61
CA MET K 276 22.10 -56.28 -67.04
C MET K 276 22.01 -57.77 -66.75
N ILE K 277 23.13 -58.45 -67.01
CA ILE K 277 23.37 -59.83 -66.57
C ILE K 277 24.65 -59.82 -65.75
N PHE K 278 24.67 -60.60 -64.67
CA PHE K 278 25.79 -60.54 -63.74
C PHE K 278 26.35 -61.93 -63.50
N GLU K 279 27.37 -62.00 -62.64
CA GLU K 279 28.00 -63.25 -62.24
C GLU K 279 28.25 -63.22 -60.74
N VAL K 280 28.21 -64.40 -60.13
CA VAL K 280 28.46 -64.56 -58.71
C VAL K 280 28.89 -65.98 -58.40
N PRO K 384 -17.46 -27.83 -73.31
CA PRO K 384 -17.77 -27.88 -74.74
C PRO K 384 -16.89 -26.94 -75.56
N GLY K 385 -17.49 -25.89 -76.11
CA GLY K 385 -16.74 -24.92 -76.88
C GLY K 385 -16.36 -23.70 -76.07
N MET K 386 -15.11 -23.65 -75.62
CA MET K 386 -14.61 -22.54 -74.83
C MET K 386 -13.75 -21.62 -75.68
N LEU K 387 -13.56 -20.40 -75.20
CA LEU K 387 -12.71 -19.44 -75.88
C LEU K 387 -11.26 -19.94 -75.87
N PRO K 388 -10.49 -19.63 -76.91
CA PRO K 388 -9.08 -20.01 -76.91
C PRO K 388 -8.27 -19.15 -75.96
N TRP K 389 -7.03 -19.56 -75.76
CA TRP K 389 -6.12 -18.80 -74.90
C TRP K 389 -5.94 -17.39 -75.47
N PRO K 390 -5.78 -16.37 -74.61
CA PRO K 390 -5.68 -15.00 -75.12
C PRO K 390 -4.45 -14.78 -75.98
N LYS K 391 -4.66 -14.55 -77.28
CA LYS K 391 -3.57 -14.28 -78.21
C LYS K 391 -3.07 -12.87 -77.96
N VAL K 392 -1.86 -12.75 -77.40
CA VAL K 392 -1.29 -11.45 -77.06
C VAL K 392 0.11 -11.38 -77.64
N ASP K 393 0.46 -10.23 -78.21
CA ASP K 393 1.82 -9.96 -78.66
C ASP K 393 2.58 -9.41 -77.47
N PHE K 394 3.20 -10.30 -76.71
CA PHE K 394 3.83 -9.94 -75.45
C PHE K 394 5.05 -9.03 -75.62
N SER K 395 5.54 -8.87 -76.84
CA SER K 395 6.74 -8.07 -77.08
C SER K 395 6.43 -6.61 -77.36
N LYS K 396 5.17 -6.26 -77.66
CA LYS K 396 4.84 -4.86 -77.92
C LYS K 396 4.82 -4.02 -76.66
N PHE K 397 4.85 -4.64 -75.48
CA PHE K 397 4.92 -3.89 -74.23
C PHE K 397 6.31 -3.86 -73.62
N GLY K 398 7.19 -4.76 -74.05
CA GLY K 398 8.54 -4.79 -73.53
C GLY K 398 9.32 -5.91 -74.16
N GLU K 399 10.41 -6.29 -73.46
CA GLU K 399 11.31 -7.39 -73.90
C GLU K 399 10.87 -8.68 -73.20
N ILE K 400 10.82 -9.78 -73.97
CA ILE K 400 10.41 -11.08 -73.46
C ILE K 400 11.53 -12.08 -73.67
N GLU K 401 11.31 -13.31 -73.21
CA GLU K 401 12.27 -14.40 -73.41
C GLU K 401 11.47 -15.70 -73.34
N GLU K 402 11.19 -16.28 -74.50
CA GLU K 402 10.31 -17.43 -74.60
C GLU K 402 11.10 -18.70 -74.27
N VAL K 403 11.26 -18.96 -72.98
CA VAL K 403 11.83 -20.21 -72.52
C VAL K 403 10.81 -21.33 -72.71
N GLU K 404 11.30 -22.56 -72.85
CA GLU K 404 10.44 -23.71 -73.06
C GLU K 404 10.53 -24.63 -71.84
N LEU K 405 9.38 -25.12 -71.39
CA LEU K 405 9.32 -25.91 -70.17
C LEU K 405 10.01 -27.26 -70.38
N GLY K 406 10.73 -27.71 -69.36
CA GLY K 406 11.32 -29.03 -69.39
C GLY K 406 10.27 -30.12 -69.48
N ARG K 407 10.74 -31.34 -69.74
CA ARG K 407 9.81 -32.45 -69.94
C ARG K 407 9.09 -32.80 -68.64
N ILE K 408 9.77 -32.70 -67.50
CA ILE K 408 9.11 -32.98 -66.24
C ILE K 408 8.12 -31.86 -65.91
N GLN K 409 8.44 -30.62 -66.29
CA GLN K 409 7.50 -29.52 -66.09
C GLN K 409 6.27 -29.69 -66.97
N LYS K 410 6.47 -30.08 -68.23
CA LYS K 410 5.34 -30.36 -69.11
C LYS K 410 4.47 -31.48 -68.55
N ILE K 411 5.10 -32.56 -68.07
CA ILE K 411 4.35 -33.70 -67.57
C ILE K 411 3.58 -33.32 -66.30
N SER K 412 4.21 -32.58 -65.40
CA SER K 412 3.53 -32.15 -64.18
C SER K 412 2.39 -31.19 -64.50
N GLY K 413 2.58 -30.32 -65.50
CA GLY K 413 1.51 -29.44 -65.91
C GLY K 413 0.33 -30.20 -66.49
N ALA K 414 0.59 -31.22 -67.30
CA ALA K 414 -0.48 -32.03 -67.84
C ALA K 414 -1.20 -32.78 -66.73
N ASN K 415 -0.45 -33.33 -65.77
CA ASN K 415 -1.07 -34.05 -64.66
C ASN K 415 -1.95 -33.13 -63.82
N LEU K 416 -1.46 -31.92 -63.54
CA LEU K 416 -2.26 -30.99 -62.75
C LEU K 416 -3.46 -30.48 -63.53
N SER K 417 -3.34 -30.29 -64.84
CA SER K 417 -4.47 -29.86 -65.63
C SER K 417 -5.49 -30.97 -65.82
N ARG K 418 -5.08 -32.22 -65.62
CA ARG K 418 -6.07 -33.31 -65.58
C ARG K 418 -6.75 -33.38 -64.22
N ASN K 419 -5.95 -33.28 -63.15
CA ASN K 419 -6.52 -33.34 -61.80
C ASN K 419 -7.47 -32.19 -61.54
N TRP K 420 -7.20 -31.01 -62.11
CA TRP K 420 -8.08 -29.87 -61.88
C TRP K 420 -9.44 -30.10 -62.51
N VAL K 421 -9.48 -30.60 -63.75
CA VAL K 421 -10.74 -30.79 -64.44
C VAL K 421 -11.50 -31.99 -63.86
N MET K 422 -10.84 -33.14 -63.76
CA MET K 422 -11.54 -34.38 -63.45
C MET K 422 -11.91 -34.53 -61.98
N ILE K 423 -11.36 -33.71 -61.09
CA ILE K 423 -11.58 -33.84 -59.65
C ILE K 423 -12.33 -32.61 -59.17
N PRO K 424 -13.52 -32.75 -58.59
CA PRO K 424 -14.13 -31.62 -57.89
C PRO K 424 -13.49 -31.41 -56.53
N HIS K 425 -12.66 -30.38 -56.40
CA HIS K 425 -11.92 -30.17 -55.16
C HIS K 425 -12.77 -29.45 -54.13
N VAL K 426 -12.62 -29.85 -52.88
CA VAL K 426 -13.14 -29.06 -51.76
C VAL K 426 -12.06 -29.00 -50.69
N THR K 427 -11.81 -27.81 -50.17
CA THR K 427 -10.70 -27.58 -49.26
C THR K 427 -11.23 -27.13 -47.91
N HIS K 428 -10.97 -27.92 -46.89
CA HIS K 428 -11.34 -27.59 -45.52
C HIS K 428 -10.09 -27.12 -44.78
N PHE K 429 -10.13 -25.91 -44.26
CA PHE K 429 -8.99 -25.40 -43.50
C PHE K 429 -9.19 -25.67 -42.02
N ASP K 430 -8.10 -25.73 -41.29
CA ASP K 430 -8.18 -25.99 -39.86
C ASP K 430 -6.88 -25.55 -39.21
N LYS K 431 -6.91 -25.44 -37.89
CA LYS K 431 -5.76 -25.05 -37.09
C LYS K 431 -5.62 -26.02 -35.93
N THR K 432 -4.41 -26.52 -35.71
CA THR K 432 -4.14 -27.56 -34.72
C THR K 432 -3.23 -27.03 -33.63
N ASP K 433 -3.63 -27.18 -32.38
CA ASP K 433 -2.83 -26.72 -31.25
C ASP K 433 -1.70 -27.72 -31.04
N ILE K 434 -0.48 -27.36 -31.46
CA ILE K 434 0.64 -28.29 -31.41
C ILE K 434 1.72 -27.79 -30.46
N THR K 435 1.32 -27.08 -29.40
CA THR K 435 2.28 -26.64 -28.42
C THR K 435 2.94 -27.82 -27.72
N GLU K 436 2.11 -28.75 -27.22
CA GLU K 436 2.65 -29.94 -26.58
C GLU K 436 3.46 -30.78 -27.55
N LEU K 437 2.99 -30.89 -28.80
CA LEU K 437 3.72 -31.66 -29.80
C LEU K 437 5.08 -31.05 -30.10
N GLU K 438 5.15 -29.72 -30.16
CA GLU K 438 6.43 -29.08 -30.45
C GLU K 438 7.38 -29.19 -29.26
N ALA K 439 6.86 -29.03 -28.04
CA ALA K 439 7.70 -29.23 -26.86
C ALA K 439 8.24 -30.64 -26.83
N PHE K 440 7.39 -31.64 -27.11
CA PHE K 440 7.83 -33.03 -27.09
C PHE K 440 8.82 -33.31 -28.21
N ARG K 441 8.64 -32.69 -29.38
CA ARG K 441 9.57 -32.90 -30.48
C ARG K 441 10.93 -32.30 -30.16
N LYS K 442 10.96 -31.11 -29.56
CA LYS K 442 12.23 -30.54 -29.14
C LYS K 442 12.90 -31.39 -28.07
N GLN K 443 12.12 -31.89 -27.11
CA GLN K 443 12.69 -32.75 -26.07
C GLN K 443 13.28 -34.01 -26.67
N GLN K 444 12.59 -34.63 -27.63
CA GLN K 444 13.11 -35.84 -28.25
C GLN K 444 14.27 -35.56 -29.19
N ASN K 445 14.35 -34.36 -29.76
CA ASN K 445 15.51 -34.02 -30.56
C ASN K 445 16.73 -33.80 -29.67
N GLU K 446 16.54 -33.27 -28.48
CA GLU K 446 17.63 -33.21 -27.51
C GLU K 446 18.04 -34.61 -27.06
N GLU K 447 17.08 -35.40 -26.60
CA GLU K 447 17.37 -36.72 -26.08
C GLU K 447 17.99 -37.63 -27.14
N ALA K 448 17.59 -37.48 -28.40
CA ALA K 448 18.18 -38.25 -29.48
C ALA K 448 19.54 -37.70 -29.91
N ALA K 449 19.99 -36.61 -29.29
CA ALA K 449 21.32 -36.06 -29.54
C ALA K 449 22.31 -36.52 -28.47
N LYS K 450 21.99 -36.29 -27.20
CA LYS K 450 22.86 -36.74 -26.11
C LYS K 450 22.94 -38.26 -26.01
N ARG K 451 22.17 -38.99 -26.79
CA ARG K 451 22.29 -40.44 -26.88
C ARG K 451 22.87 -40.89 -28.21
N LYS K 452 23.31 -39.96 -29.05
CA LYS K 452 24.04 -40.25 -30.29
C LYS K 452 23.26 -41.20 -31.20
N LEU K 453 22.07 -40.74 -31.61
CA LEU K 453 21.28 -41.46 -32.58
C LEU K 453 21.43 -40.92 -34.00
N ASP K 454 21.92 -39.70 -34.15
CA ASP K 454 22.08 -39.05 -35.45
C ASP K 454 20.76 -39.07 -36.22
N VAL K 455 19.71 -38.59 -35.57
CA VAL K 455 18.40 -38.48 -36.18
C VAL K 455 17.82 -37.11 -35.83
N LYS K 456 17.10 -36.52 -36.78
CA LYS K 456 16.46 -35.22 -36.58
C LYS K 456 14.96 -35.41 -36.80
N ILE K 457 14.18 -35.14 -35.77
CA ILE K 457 12.74 -35.39 -35.81
C ILE K 457 12.05 -34.10 -36.23
N THR K 458 11.61 -34.07 -37.47
CA THR K 458 10.91 -32.93 -38.05
C THR K 458 9.44 -32.95 -37.64
N PRO K 459 8.74 -31.81 -37.71
CA PRO K 459 7.31 -31.81 -37.41
C PRO K 459 6.47 -32.55 -38.43
N VAL K 460 7.06 -33.09 -39.50
CA VAL K 460 6.29 -33.74 -40.54
C VAL K 460 6.01 -35.21 -40.22
N VAL K 461 6.87 -35.86 -39.43
CA VAL K 461 6.63 -37.27 -39.14
C VAL K 461 5.43 -37.42 -38.20
N PHE K 462 5.24 -36.48 -37.29
CA PHE K 462 4.04 -36.49 -36.46
C PHE K 462 2.79 -36.34 -37.31
N ILE K 463 2.86 -35.52 -38.37
CA ILE K 463 1.72 -35.36 -39.25
C ILE K 463 1.50 -36.62 -40.07
N MET K 464 2.59 -37.30 -40.47
CA MET K 464 2.43 -38.58 -41.16
C MET K 464 1.75 -39.60 -40.27
N LYS K 465 2.13 -39.65 -38.99
CA LYS K 465 1.48 -40.58 -38.07
C LYS K 465 0.02 -40.21 -37.85
N ALA K 466 -0.27 -38.91 -37.71
CA ALA K 466 -1.65 -38.48 -37.53
C ALA K 466 -2.51 -38.83 -38.74
N VAL K 467 -1.96 -38.64 -39.94
CA VAL K 467 -2.73 -38.95 -41.14
C VAL K 467 -2.90 -40.45 -41.30
N ALA K 468 -1.90 -41.24 -40.91
CA ALA K 468 -2.05 -42.68 -40.93
C ALA K 468 -3.14 -43.14 -39.98
N ALA K 469 -3.17 -42.55 -38.78
CA ALA K 469 -4.25 -42.85 -37.84
C ALA K 469 -5.60 -42.47 -38.43
N ALA K 470 -5.69 -41.29 -39.05
CA ALA K 470 -6.96 -40.85 -39.63
C ALA K 470 -7.40 -41.75 -40.78
N LEU K 471 -6.44 -42.28 -41.54
CA LEU K 471 -6.79 -43.22 -42.60
C LEU K 471 -7.21 -44.57 -42.03
N GLU K 472 -6.66 -44.95 -40.87
CA GLU K 472 -7.16 -46.13 -40.18
C GLU K 472 -8.59 -45.95 -39.72
N GLN K 473 -8.91 -44.79 -39.16
CA GLN K 473 -10.26 -44.56 -38.64
C GLN K 473 -11.27 -44.34 -39.74
N MET K 474 -10.92 -43.55 -40.75
CA MET K 474 -11.82 -43.28 -41.87
C MET K 474 -11.26 -43.89 -43.15
N PRO K 475 -11.49 -45.18 -43.39
CA PRO K 475 -10.88 -45.84 -44.55
C PRO K 475 -11.40 -45.36 -45.89
N ARG K 476 -12.47 -44.56 -45.91
CA ARG K 476 -12.95 -44.01 -47.17
C ARG K 476 -11.94 -43.04 -47.77
N PHE K 477 -11.09 -42.42 -46.96
CA PHE K 477 -10.07 -41.51 -47.46
C PHE K 477 -8.89 -42.25 -48.06
N ASN K 478 -8.72 -43.53 -47.75
CA ASN K 478 -7.67 -44.34 -48.34
C ASN K 478 -8.25 -45.12 -49.52
N SER K 479 -8.66 -44.37 -50.54
CA SER K 479 -9.39 -44.92 -51.67
C SER K 479 -8.79 -44.39 -52.96
N SER K 480 -9.43 -44.72 -54.07
CA SER K 480 -9.04 -44.25 -55.40
C SER K 480 -10.16 -44.58 -56.36
N LEU K 481 -10.48 -43.64 -57.24
CA LEU K 481 -11.52 -43.83 -58.24
C LEU K 481 -10.93 -44.36 -59.54
N SER K 482 -11.82 -44.82 -60.41
CA SER K 482 -11.42 -45.31 -61.71
C SER K 482 -11.49 -44.21 -62.76
N GLU K 483 -11.16 -44.58 -64.00
CA GLU K 483 -11.22 -43.66 -65.12
C GLU K 483 -12.61 -43.04 -65.24
N ASP K 484 -13.65 -43.87 -65.24
CA ASP K 484 -15.03 -43.39 -65.33
C ASP K 484 -15.59 -42.84 -64.02
N GLY K 485 -14.93 -43.08 -62.90
CA GLY K 485 -15.43 -42.60 -61.63
C GLY K 485 -16.65 -43.33 -61.13
N GLN K 486 -16.70 -44.66 -61.32
CA GLN K 486 -17.83 -45.46 -60.91
C GLN K 486 -17.48 -46.58 -59.94
N ARG K 487 -16.22 -46.96 -59.84
CA ARG K 487 -15.78 -48.04 -58.95
C ARG K 487 -14.67 -47.51 -58.05
N LEU K 488 -14.89 -47.57 -56.75
CA LEU K 488 -13.87 -47.19 -55.79
C LEU K 488 -12.90 -48.35 -55.56
N THR K 489 -11.74 -48.03 -55.01
CA THR K 489 -10.71 -49.02 -54.68
C THR K 489 -10.27 -48.76 -53.24
N LEU K 490 -10.98 -49.35 -52.30
CA LEU K 490 -10.65 -49.19 -50.89
C LEU K 490 -9.34 -49.90 -50.59
N LYS K 491 -8.27 -49.13 -50.42
CA LYS K 491 -6.98 -49.71 -50.06
C LYS K 491 -6.94 -50.03 -48.58
N LYS K 492 -6.22 -51.09 -48.23
CA LYS K 492 -6.04 -51.49 -46.85
C LYS K 492 -4.67 -51.12 -46.30
N TYR K 493 -3.68 -50.93 -47.17
CA TYR K 493 -2.38 -50.43 -46.75
C TYR K 493 -2.44 -48.91 -46.62
N ILE K 494 -1.44 -48.36 -45.93
CA ILE K 494 -1.38 -46.93 -45.67
C ILE K 494 0.04 -46.48 -46.02
N ASN K 495 0.23 -46.00 -47.24
CA ASN K 495 1.44 -45.32 -47.65
C ASN K 495 1.13 -43.84 -47.82
N ILE K 496 2.09 -42.99 -47.50
CA ILE K 496 1.90 -41.55 -47.50
C ILE K 496 3.05 -40.91 -48.24
N GLY K 497 2.74 -40.17 -49.30
CA GLY K 497 3.76 -39.35 -49.95
C GLY K 497 3.93 -38.05 -49.19
N VAL K 498 5.16 -37.56 -49.17
CA VAL K 498 5.50 -36.33 -48.47
C VAL K 498 6.25 -35.44 -49.45
N ALA K 499 5.63 -34.33 -49.83
CA ALA K 499 6.20 -33.47 -50.86
C ALA K 499 7.50 -32.87 -50.36
N VAL K 500 8.62 -33.30 -50.95
CA VAL K 500 9.94 -32.76 -50.67
C VAL K 500 10.28 -31.75 -51.76
N ASP K 501 11.01 -30.70 -51.39
CA ASP K 501 11.33 -29.59 -52.28
C ASP K 501 12.76 -29.76 -52.77
N THR K 502 12.90 -30.30 -53.97
CA THR K 502 14.17 -30.37 -54.66
C THR K 502 14.36 -29.14 -55.53
N PRO K 503 15.60 -28.85 -55.95
CA PRO K 503 15.82 -27.70 -56.85
C PRO K 503 15.00 -27.75 -58.13
N ASN K 504 14.47 -28.93 -58.45
CA ASN K 504 13.61 -29.12 -59.62
C ASN K 504 12.14 -29.20 -59.23
N GLY K 505 11.72 -28.45 -58.23
CA GLY K 505 10.33 -28.44 -57.82
C GLY K 505 10.04 -29.42 -56.71
N LEU K 506 8.75 -29.68 -56.53
CA LEU K 506 8.29 -30.59 -55.49
C LEU K 506 8.15 -32.00 -56.06
N VAL K 507 8.86 -32.95 -55.45
CA VAL K 507 8.71 -34.36 -55.78
C VAL K 507 8.08 -35.05 -54.58
N VAL K 508 7.25 -36.05 -54.82
CA VAL K 508 6.54 -36.70 -53.73
C VAL K 508 7.08 -38.12 -53.56
N PRO K 509 7.98 -38.34 -52.60
CA PRO K 509 8.36 -39.71 -52.24
C PRO K 509 7.37 -40.31 -51.27
N VAL K 510 7.17 -41.62 -51.42
CA VAL K 510 6.12 -42.35 -50.70
C VAL K 510 6.78 -43.19 -49.61
N PHE K 511 6.25 -43.09 -48.40
CA PHE K 511 6.68 -43.89 -47.26
C PHE K 511 5.62 -44.96 -46.99
N LYS K 512 6.05 -46.20 -46.88
CA LYS K 512 5.15 -47.34 -46.84
C LYS K 512 4.84 -47.73 -45.40
N ASP K 513 3.60 -48.19 -45.21
CA ASP K 513 3.15 -48.74 -43.92
C ASP K 513 3.41 -47.77 -42.78
N VAL K 514 3.03 -46.51 -42.99
CA VAL K 514 3.23 -45.49 -41.98
C VAL K 514 2.46 -45.81 -40.71
N ASN K 515 1.36 -46.56 -40.83
CA ASN K 515 0.53 -46.87 -39.68
C ASN K 515 1.25 -47.74 -38.65
N LYS K 516 2.26 -48.49 -39.07
CA LYS K 516 2.98 -49.40 -38.18
C LYS K 516 4.28 -48.81 -37.65
N LYS K 517 5.08 -48.20 -38.51
CA LYS K 517 6.40 -47.70 -38.14
C LYS K 517 6.28 -46.63 -37.07
N GLY K 518 7.34 -46.52 -36.25
CA GLY K 518 7.42 -45.52 -35.22
C GLY K 518 7.95 -44.20 -35.74
N ILE K 519 7.92 -43.19 -34.88
CA ILE K 519 8.31 -41.86 -35.32
C ILE K 519 9.81 -41.76 -35.56
N ILE K 520 10.62 -42.53 -34.83
CA ILE K 520 12.06 -42.47 -35.08
C ILE K 520 12.45 -43.22 -36.35
N GLU K 521 11.86 -44.38 -36.61
CA GLU K 521 12.09 -45.07 -37.88
C GLU K 521 11.61 -44.23 -39.05
N LEU K 522 10.41 -43.64 -38.94
CA LEU K 522 9.91 -42.75 -39.97
C LEU K 522 10.79 -41.53 -40.14
N SER K 523 11.35 -41.02 -39.04
CA SER K 523 12.21 -39.85 -39.13
C SER K 523 13.51 -40.17 -39.83
N ARG K 524 14.05 -41.37 -39.59
CA ARG K 524 15.24 -41.79 -40.32
C ARG K 524 14.93 -41.96 -41.80
N GLU K 525 13.81 -42.61 -42.12
CA GLU K 525 13.40 -42.75 -43.52
C GLU K 525 13.27 -41.39 -44.18
N LEU K 526 12.63 -40.44 -43.50
CA LEU K 526 12.41 -39.12 -44.08
C LEU K 526 13.73 -38.37 -44.26
N MET K 527 14.61 -38.42 -43.25
CA MET K 527 15.89 -37.76 -43.37
C MET K 527 16.73 -38.34 -44.50
N THR K 528 16.60 -39.65 -44.75
CA THR K 528 17.32 -40.26 -45.86
C THR K 528 16.73 -39.83 -47.20
N ILE K 529 15.41 -39.98 -47.35
CA ILE K 529 14.79 -39.79 -48.65
C ILE K 529 14.70 -38.32 -49.03
N SER K 530 14.63 -37.40 -48.06
CA SER K 530 14.68 -35.99 -48.39
C SER K 530 15.98 -35.63 -49.09
N LYS K 531 17.11 -36.10 -48.55
CA LYS K 531 18.39 -35.88 -49.20
C LYS K 531 18.49 -36.64 -50.51
N LYS K 532 17.98 -37.87 -50.54
CA LYS K 532 17.95 -38.66 -51.77
C LYS K 532 17.23 -37.92 -52.89
N ALA K 533 16.20 -37.15 -52.54
CA ALA K 533 15.44 -36.41 -53.54
C ALA K 533 16.14 -35.10 -53.90
N ARG K 534 16.57 -34.34 -52.89
CA ARG K 534 17.24 -33.07 -53.15
C ARG K 534 18.54 -33.25 -53.93
N ASP K 535 19.12 -34.46 -53.90
CA ASP K 535 20.27 -34.76 -54.73
C ASP K 535 19.89 -35.29 -56.11
N GLY K 536 18.73 -35.93 -56.22
CA GLY K 536 18.26 -36.48 -57.47
C GLY K 536 18.36 -37.98 -57.58
N LYS K 537 18.94 -38.64 -56.59
CA LYS K 537 19.13 -40.09 -56.60
C LYS K 537 17.89 -40.85 -56.14
N LEU K 538 16.72 -40.20 -56.13
CA LEU K 538 15.50 -40.81 -55.64
C LEU K 538 15.08 -42.01 -56.48
N THR K 539 15.09 -43.19 -55.88
CA THR K 539 14.88 -44.44 -56.61
C THR K 539 13.39 -44.68 -56.82
N ALA K 540 13.05 -45.31 -57.94
CA ALA K 540 11.67 -45.67 -58.21
C ALA K 540 11.16 -46.65 -57.16
N GLY K 541 9.84 -46.65 -56.97
CA GLY K 541 9.28 -47.39 -55.86
C GLY K 541 9.29 -46.56 -54.59
N GLU K 542 10.22 -45.63 -54.51
CA GLU K 542 10.18 -44.60 -53.48
C GLU K 542 9.39 -43.38 -53.92
N MET K 543 8.66 -43.47 -55.04
CA MET K 543 7.70 -42.45 -55.42
C MET K 543 6.42 -43.06 -55.98
N GLN K 544 6.18 -44.35 -55.70
CA GLN K 544 4.99 -45.03 -56.25
C GLN K 544 4.17 -45.69 -55.13
N GLY K 545 2.87 -45.83 -55.36
CA GLY K 545 1.96 -46.45 -54.41
C GLY K 545 1.66 -45.61 -53.19
N GLY K 546 1.26 -44.37 -53.40
CA GLY K 546 0.89 -43.48 -52.31
C GLY K 546 -0.63 -43.44 -52.15
N CYS K 547 -1.07 -43.51 -50.89
CA CYS K 547 -2.48 -43.45 -50.55
C CYS K 547 -2.94 -42.07 -50.14
N PHE K 548 -2.01 -41.15 -49.91
CA PHE K 548 -2.30 -39.84 -49.37
C PHE K 548 -1.07 -38.99 -49.62
N THR K 549 -1.23 -37.67 -49.54
CA THR K 549 -0.13 -36.76 -49.76
C THR K 549 -0.11 -35.71 -48.67
N ILE K 550 1.09 -35.33 -48.23
CA ILE K 550 1.28 -34.27 -47.26
C ILE K 550 2.24 -33.28 -47.90
N SER K 551 1.73 -32.10 -48.23
CA SER K 551 2.53 -31.03 -48.83
C SER K 551 2.77 -29.99 -47.74
N SER K 552 3.97 -30.01 -47.18
CA SER K 552 4.33 -29.11 -46.09
C SER K 552 5.15 -27.95 -46.65
N ILE K 553 4.56 -26.77 -46.66
CA ILE K 553 5.24 -25.56 -47.06
C ILE K 553 5.33 -24.56 -45.91
N GLY K 554 5.21 -25.06 -44.68
CA GLY K 554 5.28 -24.18 -43.52
C GLY K 554 6.63 -23.54 -43.31
N GLY K 555 7.68 -24.10 -43.89
CA GLY K 555 8.98 -23.47 -43.81
C GLY K 555 9.10 -22.19 -44.60
N LEU K 556 8.09 -21.87 -45.42
CA LEU K 556 8.15 -20.71 -46.29
C LEU K 556 7.06 -19.68 -46.02
N GLY K 557 5.92 -20.06 -45.47
CA GLY K 557 4.87 -19.10 -45.17
C GLY K 557 3.48 -19.62 -45.45
N THR K 558 2.66 -18.79 -46.10
CA THR K 558 1.29 -19.19 -46.51
C THR K 558 0.51 -19.75 -45.32
N THR K 559 0.02 -18.85 -44.46
CA THR K 559 -0.80 -19.21 -43.30
C THR K 559 -1.91 -20.19 -43.63
N HIS K 560 -2.37 -20.23 -44.88
CA HIS K 560 -3.19 -21.33 -45.39
C HIS K 560 -2.96 -21.44 -46.88
N PHE K 561 -3.29 -22.61 -47.41
CA PHE K 561 -3.30 -22.76 -48.87
C PHE K 561 -4.13 -23.98 -49.24
N ALA K 562 -4.68 -23.94 -50.46
CA ALA K 562 -5.59 -24.95 -50.95
C ALA K 562 -4.89 -25.80 -52.01
N PRO K 563 -4.30 -26.93 -51.63
CA PRO K 563 -3.55 -27.73 -52.60
C PRO K 563 -4.45 -28.41 -53.62
N ILE K 564 -3.85 -29.08 -54.59
CA ILE K 564 -4.57 -29.84 -55.60
C ILE K 564 -4.43 -31.32 -55.29
N VAL K 565 -5.55 -32.04 -55.33
CA VAL K 565 -5.55 -33.47 -55.05
C VAL K 565 -4.57 -34.16 -56.00
N ASN K 566 -3.75 -35.05 -55.44
CA ASN K 566 -2.72 -35.75 -56.20
C ASN K 566 -3.31 -37.06 -56.69
N ALA K 567 -3.91 -37.01 -57.88
CA ALA K 567 -4.53 -38.22 -58.48
C ALA K 567 -3.46 -39.33 -58.55
N PRO K 568 -3.82 -40.63 -58.42
CA PRO K 568 -5.20 -41.07 -58.29
C PRO K 568 -5.71 -41.12 -56.85
N GLU K 569 -5.07 -40.39 -55.95
CA GLU K 569 -5.57 -40.32 -54.58
C GLU K 569 -6.83 -39.47 -54.53
N VAL K 570 -7.42 -39.38 -53.34
CA VAL K 570 -8.66 -38.64 -53.15
C VAL K 570 -8.52 -37.47 -52.19
N ALA K 571 -7.36 -37.28 -51.59
CA ALA K 571 -7.17 -36.19 -50.65
C ALA K 571 -5.70 -35.81 -50.58
N ILE K 572 -5.45 -34.62 -50.01
CA ILE K 572 -4.10 -34.13 -49.81
C ILE K 572 -4.15 -33.14 -48.65
N LEU K 573 -3.18 -33.24 -47.75
CA LEU K 573 -3.11 -32.38 -46.58
C LEU K 573 -1.96 -31.40 -46.78
N GLY K 574 -2.30 -30.12 -46.92
CA GLY K 574 -1.29 -29.09 -46.96
C GLY K 574 -1.07 -28.53 -45.56
N VAL K 575 0.19 -28.28 -45.24
CA VAL K 575 0.59 -27.81 -43.93
C VAL K 575 1.26 -26.45 -44.08
N SER K 576 0.95 -25.54 -43.17
CA SER K 576 1.40 -24.16 -43.24
C SER K 576 2.32 -23.84 -42.06
N LYS K 577 2.69 -22.57 -41.93
CA LYS K 577 3.64 -22.18 -40.91
C LYS K 577 2.96 -22.10 -39.55
N SER K 578 3.59 -22.71 -38.55
CA SER K 578 3.08 -22.63 -37.19
C SER K 578 3.23 -21.22 -36.67
N ALA K 579 2.19 -20.72 -35.99
CA ALA K 579 2.23 -19.38 -35.44
C ALA K 579 1.65 -19.41 -34.03
N MET K 580 2.19 -18.55 -33.17
CA MET K 580 1.72 -18.45 -31.80
C MET K 580 0.50 -17.54 -31.77
N GLU K 581 -0.66 -18.13 -31.49
CA GLU K 581 -1.94 -17.43 -31.48
C GLU K 581 -2.61 -17.57 -30.12
N PRO K 582 -3.45 -16.62 -29.74
CA PRO K 582 -4.21 -16.78 -28.49
C PRO K 582 -5.34 -17.76 -28.68
N VAL K 583 -5.54 -18.60 -27.66
CA VAL K 583 -6.59 -19.62 -27.69
C VAL K 583 -7.41 -19.50 -26.41
N TRP K 584 -8.72 -19.58 -26.56
CA TRP K 584 -9.65 -19.45 -25.44
C TRP K 584 -9.62 -20.72 -24.62
N ASN K 585 -9.08 -20.65 -23.41
CA ASN K 585 -9.06 -21.79 -22.51
C ASN K 585 -10.34 -21.94 -21.70
N GLY K 586 -11.33 -21.07 -21.93
CA GLY K 586 -12.56 -21.03 -21.15
C GLY K 586 -12.69 -19.78 -20.30
N LYS K 587 -11.58 -19.20 -19.87
CA LYS K 587 -11.62 -17.97 -19.09
C LYS K 587 -10.61 -16.92 -19.53
N GLU K 588 -9.63 -17.25 -20.35
CA GLU K 588 -8.64 -16.28 -20.80
C GLU K 588 -8.01 -16.79 -22.09
N PHE K 589 -7.10 -15.99 -22.64
CA PHE K 589 -6.44 -16.30 -23.90
C PHE K 589 -5.02 -16.78 -23.60
N VAL K 590 -4.80 -18.09 -23.65
CA VAL K 590 -3.48 -18.65 -23.45
C VAL K 590 -2.75 -18.65 -24.79
N PRO K 591 -1.48 -18.28 -24.84
CA PRO K 591 -0.77 -18.30 -26.12
C PRO K 591 -0.34 -19.71 -26.51
N ARG K 592 -1.04 -20.30 -27.47
CA ARG K 592 -0.69 -21.62 -27.97
C ARG K 592 -0.02 -21.49 -29.33
N LEU K 593 0.47 -22.61 -29.84
CA LEU K 593 1.18 -22.65 -31.11
C LEU K 593 0.32 -23.42 -32.10
N MET K 594 -0.43 -22.70 -32.93
CA MET K 594 -1.35 -23.32 -33.87
C MET K 594 -0.68 -23.53 -35.21
N LEU K 595 -0.85 -24.74 -35.75
CA LEU K 595 -0.36 -25.13 -37.05
C LEU K 595 -1.53 -25.20 -38.01
N PRO K 596 -1.54 -24.38 -39.07
CA PRO K 596 -2.68 -24.40 -40.00
C PRO K 596 -2.54 -25.50 -41.02
N ILE K 597 -3.47 -26.45 -41.00
CA ILE K 597 -3.54 -27.51 -41.99
C ILE K 597 -4.72 -27.23 -42.91
N SER K 598 -4.75 -27.93 -44.03
CA SER K 598 -5.82 -27.74 -45.01
C SER K 598 -5.97 -29.03 -45.81
N LEU K 599 -7.13 -29.67 -45.69
CA LEU K 599 -7.40 -30.91 -46.40
C LEU K 599 -8.16 -30.59 -47.68
N SER K 600 -7.52 -30.78 -48.81
CA SER K 600 -8.17 -30.63 -50.11
C SER K 600 -8.48 -32.02 -50.64
N PHE K 601 -9.75 -32.31 -50.88
CA PHE K 601 -10.14 -33.66 -51.23
C PHE K 601 -11.09 -33.68 -52.42
N ASP K 602 -11.14 -34.83 -53.06
CA ASP K 602 -12.05 -35.10 -54.16
C ASP K 602 -13.46 -35.22 -53.62
N HIS K 603 -14.37 -34.39 -54.16
CA HIS K 603 -15.79 -34.35 -53.71
C HIS K 603 -16.57 -35.56 -54.24
N ARG K 604 -16.07 -36.25 -55.26
CA ARG K 604 -16.81 -37.38 -55.80
C ARG K 604 -16.80 -38.56 -54.83
N VAL K 605 -15.67 -38.78 -54.16
CA VAL K 605 -15.55 -39.85 -53.19
C VAL K 605 -16.02 -39.40 -51.81
N ILE K 606 -15.51 -38.26 -51.35
CA ILE K 606 -15.75 -37.77 -50.00
C ILE K 606 -16.69 -36.58 -50.09
N ASP K 607 -17.54 -36.41 -49.08
CA ASP K 607 -18.39 -35.24 -48.98
C ASP K 607 -17.86 -34.32 -47.88
N GLY K 608 -18.49 -33.16 -47.74
CA GLY K 608 -18.00 -32.16 -46.81
C GLY K 608 -17.94 -32.66 -45.38
N ALA K 609 -18.93 -33.46 -44.98
CA ALA K 609 -18.95 -33.95 -43.60
C ALA K 609 -17.83 -34.94 -43.33
N ASP K 610 -17.55 -35.84 -44.29
CA ASP K 610 -16.46 -36.78 -44.09
C ASP K 610 -15.12 -36.06 -44.08
N GLY K 611 -14.94 -35.07 -44.94
CA GLY K 611 -13.74 -34.27 -44.88
C GLY K 611 -13.60 -33.55 -43.54
N ALA K 612 -14.72 -33.08 -43.00
CA ALA K 612 -14.70 -32.42 -41.69
C ALA K 612 -14.27 -33.39 -40.60
N ARG K 613 -14.85 -34.58 -40.59
CA ARG K 613 -14.48 -35.58 -39.59
C ARG K 613 -13.02 -35.99 -39.73
N PHE K 614 -12.53 -36.10 -40.98
CA PHE K 614 -11.15 -36.50 -41.19
C PHE K 614 -10.19 -35.44 -40.70
N ILE K 615 -10.42 -34.18 -41.07
CA ILE K 615 -9.50 -33.14 -40.65
C ILE K 615 -9.61 -32.89 -39.15
N THR K 616 -10.77 -33.17 -38.55
CA THR K 616 -10.84 -33.00 -37.10
C THR K 616 -10.20 -34.18 -36.38
N ILE K 617 -10.16 -35.37 -37.00
CA ILE K 617 -9.37 -36.47 -36.45
C ILE K 617 -7.90 -36.11 -36.48
N ILE K 618 -7.43 -35.56 -37.60
CA ILE K 618 -6.04 -35.12 -37.68
C ILE K 618 -5.76 -34.03 -36.64
N ASN K 619 -6.69 -33.08 -36.50
CA ASN K 619 -6.52 -31.99 -35.55
C ASN K 619 -6.44 -32.52 -34.12
N ASN K 620 -7.30 -33.49 -33.78
CA ASN K 620 -7.27 -34.06 -32.44
C ASN K 620 -5.99 -34.85 -32.20
N THR K 621 -5.57 -35.64 -33.19
CA THR K 621 -4.36 -36.44 -33.03
C THR K 621 -3.14 -35.56 -32.83
N LEU K 622 -2.96 -34.55 -33.70
CA LEU K 622 -1.81 -33.67 -33.55
C LEU K 622 -1.94 -32.74 -32.35
N SER K 623 -3.17 -32.49 -31.88
CA SER K 623 -3.34 -31.64 -30.71
C SER K 623 -2.85 -32.34 -29.44
N ASP K 624 -3.07 -33.65 -29.36
CA ASP K 624 -2.59 -34.47 -28.24
C ASP K 624 -2.08 -35.76 -28.84
N ILE K 625 -0.77 -35.82 -29.10
CA ILE K 625 -0.20 -36.94 -29.84
C ILE K 625 -0.34 -38.27 -29.12
N ARG K 626 -0.64 -38.25 -27.81
CA ARG K 626 -0.85 -39.49 -27.08
C ARG K 626 -1.98 -40.32 -27.66
N ARG K 627 -2.87 -39.72 -28.43
CA ARG K 627 -3.93 -40.48 -29.09
C ARG K 627 -3.41 -41.43 -30.16
N LEU K 628 -2.11 -41.46 -30.42
CA LEU K 628 -1.57 -42.44 -31.35
C LEU K 628 -1.36 -43.80 -30.72
N VAL K 629 -1.36 -43.89 -29.39
CA VAL K 629 -1.22 -45.19 -28.73
C VAL K 629 -2.57 -45.87 -28.47
N MET K 630 -3.66 -45.11 -28.46
CA MET K 630 -4.98 -45.67 -28.23
C MET K 630 -5.45 -46.51 -29.43
N GLU L 208 -3.34 10.31 -90.89
CA GLU L 208 -3.78 8.93 -90.73
C GLU L 208 -4.09 8.69 -89.26
N VAL L 209 -5.34 8.36 -88.96
CA VAL L 209 -5.77 8.02 -87.60
C VAL L 209 -6.45 6.66 -87.68
N ASN L 210 -5.66 5.60 -87.46
CA ASN L 210 -6.21 4.26 -87.32
C ASN L 210 -6.78 4.12 -85.91
N VAL L 211 -7.07 2.91 -85.48
CA VAL L 211 -7.26 2.66 -84.06
C VAL L 211 -5.86 2.54 -83.45
N PRO L 212 -5.60 3.18 -82.33
CA PRO L 212 -4.22 3.21 -81.80
C PRO L 212 -3.79 1.90 -81.17
N ASP L 213 -4.67 1.29 -80.36
CA ASP L 213 -4.21 0.05 -79.70
C ASP L 213 -5.34 -0.85 -79.18
N ILE L 214 -5.69 -1.87 -79.96
CA ILE L 214 -6.60 -2.94 -79.56
C ILE L 214 -5.88 -4.26 -79.79
N GLY L 215 -5.95 -5.15 -78.81
CA GLY L 215 -5.18 -6.40 -78.83
C GLY L 215 -5.53 -7.32 -79.99
N GLY L 216 -6.54 -7.00 -80.79
CA GLY L 216 -6.88 -7.81 -81.94
C GLY L 216 -8.29 -8.37 -81.88
N ASP L 217 -9.17 -7.68 -81.16
CA ASP L 217 -10.57 -8.06 -81.07
C ASP L 217 -11.41 -7.12 -81.90
N GLU L 218 -12.46 -7.66 -82.51
CA GLU L 218 -13.37 -6.85 -83.31
C GLU L 218 -14.30 -6.08 -82.39
N VAL L 219 -14.15 -4.76 -82.35
CA VAL L 219 -14.87 -3.90 -81.42
C VAL L 219 -15.92 -3.09 -82.19
N GLU L 220 -17.10 -2.95 -81.58
CA GLU L 220 -18.22 -2.26 -82.20
C GLU L 220 -18.30 -0.84 -81.65
N VAL L 221 -18.33 0.14 -82.56
CA VAL L 221 -18.40 1.54 -82.16
C VAL L 221 -19.72 1.83 -81.46
N THR L 222 -19.70 2.79 -80.54
CA THR L 222 -20.89 3.31 -79.91
C THR L 222 -21.24 4.71 -80.39
N GLU L 223 -20.28 5.65 -80.37
CA GLU L 223 -20.51 7.00 -80.87
C GLU L 223 -19.14 7.68 -81.05
N VAL L 224 -19.17 8.90 -81.60
CA VAL L 224 -17.98 9.68 -81.86
C VAL L 224 -18.03 10.94 -81.00
N MET L 225 -16.88 11.61 -80.90
CA MET L 225 -16.70 12.75 -80.00
C MET L 225 -16.49 14.07 -80.73
N VAL L 226 -16.49 14.08 -82.05
CA VAL L 226 -15.99 15.24 -82.79
C VAL L 226 -17.07 15.86 -83.67
N LYS L 227 -16.72 16.94 -84.37
CA LYS L 227 -17.59 17.65 -85.27
C LYS L 227 -16.88 17.86 -86.61
N VAL L 228 -17.65 18.02 -87.67
CA VAL L 228 -17.07 18.35 -88.97
C VAL L 228 -16.56 19.78 -88.90
N GLY L 229 -15.24 19.95 -88.92
CA GLY L 229 -14.60 21.23 -88.74
C GLY L 229 -13.87 21.38 -87.41
N ASP L 230 -14.27 20.63 -86.39
CA ASP L 230 -13.59 20.66 -85.10
C ASP L 230 -12.15 20.19 -85.25
N LYS L 231 -11.28 20.69 -84.37
CA LYS L 231 -9.90 20.22 -84.29
C LYS L 231 -9.65 19.69 -82.87
N VAL L 232 -8.94 18.57 -82.79
CA VAL L 232 -8.85 17.79 -81.57
C VAL L 232 -7.47 18.01 -80.95
N ALA L 233 -7.40 17.85 -79.63
CA ALA L 233 -6.19 18.14 -78.87
C ALA L 233 -5.19 16.99 -79.01
N ALA L 234 -4.16 17.01 -78.16
CA ALA L 234 -3.05 16.06 -78.28
C ALA L 234 -3.54 14.62 -78.11
N GLU L 235 -4.11 14.33 -76.94
CA GLU L 235 -4.62 12.96 -76.65
C GLU L 235 -5.95 13.06 -75.88
N GLN L 236 -7.06 13.16 -76.61
CA GLN L 236 -8.37 13.25 -75.99
C GLN L 236 -9.35 12.37 -76.77
N SER L 237 -10.59 12.32 -76.29
CA SER L 237 -11.57 11.40 -76.85
C SER L 237 -11.96 11.80 -78.27
N LEU L 238 -12.04 10.79 -79.14
CA LEU L 238 -12.58 10.92 -80.49
C LEU L 238 -13.74 9.97 -80.75
N ILE L 239 -13.66 8.75 -80.24
CA ILE L 239 -14.61 7.70 -80.54
C ILE L 239 -14.66 6.73 -79.38
N THR L 240 -15.87 6.35 -78.96
CA THR L 240 -16.03 5.32 -77.95
C THR L 240 -16.42 4.01 -78.62
N VAL L 241 -15.74 2.93 -78.24
CA VAL L 241 -15.97 1.61 -78.81
C VAL L 241 -16.20 0.63 -77.67
N GLU L 242 -17.25 -0.19 -77.81
CA GLU L 242 -17.72 -1.05 -76.71
C GLU L 242 -17.13 -2.45 -76.93
N GLY L 243 -15.98 -2.69 -76.34
CA GLY L 243 -15.30 -3.97 -76.41
C GLY L 243 -15.58 -4.84 -75.21
N ASP L 244 -14.57 -5.60 -74.78
CA ASP L 244 -14.71 -6.42 -73.60
C ASP L 244 -14.44 -5.56 -72.38
CB LA2 L 245 -12.96 -5.08 -69.73
C LA2 L 245 -15.30 -4.18 -69.88
O LA2 L 245 -16.32 -4.17 -69.16
N LA2 L 245 -14.65 -6.15 -71.19
CA LA2 L 245 -14.44 -5.43 -69.91
O1 LA2 L 245 -12.10 -10.30 -66.15
C1 LA2 L 245 -11.69 -9.17 -65.92
NZ LA2 L 245 -11.93 -8.16 -66.76
CE LA2 L 245 -11.08 -6.98 -66.91
CD LA2 L 245 -11.77 -5.84 -67.62
CG LA2 L 245 -12.11 -6.16 -69.07
C2 LA2 L 245 -10.90 -8.84 -64.68
C3 LA2 L 245 -11.24 -9.73 -63.52
C4 LA2 L 245 -10.02 -10.23 -62.76
C5 LA2 L 245 -10.27 -10.94 -61.46
C6 LA2 L 245 -11.22 -12.14 -61.55
S6 LA2 L 245 -10.67 -13.35 -62.79
C7 LA2 L 245 -11.53 -12.78 -60.21
C8 LA2 L 245 -12.06 -11.80 -59.17
S8 LA2 L 245 -13.31 -12.50 -58.07
N ALA L 246 -14.91 -3.14 -70.63
CA ALA L 246 -15.67 -1.89 -70.68
C ALA L 246 -15.40 -1.10 -71.96
N SER L 247 -16.28 -0.15 -72.24
CA SER L 247 -16.13 0.69 -73.43
C SER L 247 -14.93 1.63 -73.29
N MET L 248 -14.18 1.76 -74.37
CA MET L 248 -12.92 2.49 -74.38
C MET L 248 -12.99 3.67 -75.34
N GLU L 249 -12.43 4.80 -74.91
CA GLU L 249 -12.38 6.02 -75.71
C GLU L 249 -11.01 6.13 -76.38
N VAL L 250 -10.99 6.04 -77.70
CA VAL L 250 -9.73 6.16 -78.44
C VAL L 250 -9.16 7.55 -78.25
N PRO L 251 -7.89 7.69 -77.89
CA PRO L 251 -7.31 9.01 -77.69
C PRO L 251 -6.91 9.64 -79.03
N ALA L 252 -6.40 10.87 -78.94
CA ALA L 252 -5.95 11.44 -80.20
C ALA L 252 -4.46 11.15 -80.40
N PRO L 253 -4.04 10.90 -81.65
CA PRO L 253 -2.60 10.78 -81.92
C PRO L 253 -1.89 12.11 -82.07
N PHE L 254 -2.60 13.17 -82.42
CA PHE L 254 -2.01 14.47 -82.71
C PHE L 254 -3.16 15.47 -82.80
N ALA L 255 -2.82 16.72 -83.15
CA ALA L 255 -3.83 17.80 -83.28
C ALA L 255 -4.08 18.16 -84.75
N GLY L 256 -5.33 18.49 -85.08
CA GLY L 256 -5.71 18.85 -86.44
C GLY L 256 -7.19 18.85 -86.61
N VAL L 257 -7.64 19.66 -87.58
CA VAL L 257 -9.05 19.79 -87.88
C VAL L 257 -9.51 18.58 -88.67
N VAL L 258 -10.83 18.36 -88.65
CA VAL L 258 -11.45 17.15 -89.18
C VAL L 258 -11.50 17.21 -90.71
N LYS L 259 -11.20 16.07 -91.37
CA LYS L 259 -11.37 15.89 -92.81
C LYS L 259 -12.27 14.73 -93.18
N GLU L 260 -12.24 13.64 -92.41
CA GLU L 260 -12.99 12.42 -92.69
C GLU L 260 -13.83 12.04 -91.48
N LEU L 261 -15.11 11.80 -91.72
CA LEU L 261 -15.88 10.89 -90.87
C LEU L 261 -15.85 9.49 -91.46
N LYS L 262 -14.63 8.96 -91.59
CA LYS L 262 -14.47 7.63 -92.13
C LYS L 262 -15.16 6.59 -91.24
N VAL L 263 -15.23 6.84 -89.94
CA VAL L 263 -16.07 6.08 -89.03
C VAL L 263 -17.31 6.89 -88.71
N ASN L 264 -18.39 6.22 -88.34
CA ASN L 264 -19.63 6.86 -87.93
C ASN L 264 -20.13 6.25 -86.63
N VAL L 265 -21.35 6.60 -86.26
CA VAL L 265 -21.99 6.05 -85.07
C VAL L 265 -22.63 4.72 -85.41
N GLY L 266 -22.13 3.65 -84.81
CA GLY L 266 -22.62 2.31 -85.05
C GLY L 266 -21.69 1.42 -85.83
N ASP L 267 -20.56 1.99 -86.28
CA ASP L 267 -19.55 1.24 -87.09
C ASP L 267 -18.91 0.14 -86.24
N LYS L 268 -17.95 -0.58 -86.83
CA LYS L 268 -17.23 -1.66 -86.16
C LYS L 268 -15.85 -1.82 -86.77
N VAL L 269 -14.83 -1.88 -85.92
CA VAL L 269 -13.44 -1.99 -86.35
C VAL L 269 -12.78 -3.14 -85.61
N LYS L 270 -12.08 -3.99 -86.35
CA LYS L 270 -11.30 -5.06 -85.72
C LYS L 270 -9.89 -4.61 -85.33
N THR L 271 -9.23 -3.85 -86.23
CA THR L 271 -7.86 -3.36 -85.91
C THR L 271 -7.27 -2.58 -87.10
N GLY L 272 -6.63 -1.45 -86.80
CA GLY L 272 -5.95 -0.61 -87.77
C GLY L 272 -6.75 -0.16 -88.97
N SER L 273 -7.99 0.29 -88.75
CA SER L 273 -8.83 0.81 -89.82
C SER L 273 -8.83 2.33 -89.76
N LEU L 274 -8.65 2.96 -90.92
CA LEU L 274 -8.59 4.42 -90.99
C LEU L 274 -9.95 5.00 -90.66
N ILE L 275 -10.06 5.66 -89.51
CA ILE L 275 -11.32 6.27 -89.10
C ILE L 275 -11.30 7.79 -89.19
N MET L 276 -10.13 8.43 -89.12
CA MET L 276 -10.06 9.89 -89.14
C MET L 276 -8.84 10.33 -89.94
N ILE L 277 -9.02 11.40 -90.70
CA ILE L 277 -7.93 12.16 -91.33
C ILE L 277 -8.05 13.60 -90.85
N PHE L 278 -6.92 14.24 -90.60
CA PHE L 278 -6.92 15.55 -89.99
C PHE L 278 -6.09 16.53 -90.81
N GLU L 279 -6.02 17.77 -90.33
CA GLU L 279 -5.23 18.83 -90.95
C GLU L 279 -4.49 19.60 -89.86
N VAL L 280 -3.32 20.11 -90.22
CA VAL L 280 -2.52 20.91 -89.30
C VAL L 280 -1.55 21.79 -90.09
N PRO L 384 -15.14 -35.30 -70.55
CA PRO L 384 -15.79 -36.09 -71.60
C PRO L 384 -17.29 -35.88 -71.65
N GLY L 385 -18.05 -36.91 -71.29
CA GLY L 385 -19.50 -36.80 -71.25
C GLY L 385 -20.04 -36.49 -69.87
N MET L 386 -20.39 -35.23 -69.63
CA MET L 386 -20.92 -34.79 -68.36
C MET L 386 -22.42 -34.61 -68.45
N LEU L 387 -23.06 -34.59 -67.28
CA LEU L 387 -24.49 -34.35 -67.22
C LEU L 387 -24.81 -32.93 -67.68
N PRO L 388 -25.96 -32.72 -68.31
CA PRO L 388 -26.34 -31.37 -68.72
C PRO L 388 -26.75 -30.53 -67.51
N TRP L 389 -26.93 -29.23 -67.77
CA TRP L 389 -27.37 -28.33 -66.72
C TRP L 389 -28.73 -28.76 -66.20
N PRO L 390 -29.00 -28.58 -64.91
CA PRO L 390 -30.28 -29.06 -64.35
C PRO L 390 -31.47 -28.35 -64.95
N LYS L 391 -32.29 -29.09 -65.72
CA LYS L 391 -33.50 -28.54 -66.32
C LYS L 391 -34.55 -28.39 -65.24
N VAL L 392 -34.85 -27.16 -64.86
CA VAL L 392 -35.80 -26.87 -63.80
C VAL L 392 -36.82 -25.87 -64.31
N ASP L 393 -38.09 -26.09 -63.98
CA ASP L 393 -39.15 -25.12 -64.26
C ASP L 393 -39.20 -24.15 -63.09
N PHE L 394 -38.42 -23.07 -63.20
CA PHE L 394 -38.24 -22.14 -62.10
C PHE L 394 -39.50 -21.38 -61.73
N SER L 395 -40.55 -21.45 -62.57
CA SER L 395 -41.76 -20.70 -62.33
C SER L 395 -42.79 -21.47 -61.50
N LYS L 396 -42.62 -22.79 -61.36
CA LYS L 396 -43.58 -23.56 -60.57
C LYS L 396 -43.43 -23.34 -59.08
N PHE L 397 -42.34 -22.71 -58.63
CA PHE L 397 -42.15 -22.38 -57.22
C PHE L 397 -42.47 -20.92 -56.91
N GLY L 398 -42.50 -20.05 -57.91
CA GLY L 398 -42.79 -18.66 -57.68
C GLY L 398 -42.74 -17.89 -58.97
N GLU L 399 -42.57 -16.57 -58.84
CA GLU L 399 -42.48 -15.64 -59.99
C GLU L 399 -41.01 -15.42 -60.32
N ILE L 400 -40.66 -15.44 -61.61
CA ILE L 400 -39.30 -15.27 -62.07
C ILE L 400 -39.25 -14.07 -63.02
N GLU L 401 -38.04 -13.76 -63.49
CA GLU L 401 -37.84 -12.68 -64.46
C GLU L 401 -36.56 -13.00 -65.22
N GLU L 402 -36.71 -13.53 -66.43
CA GLU L 402 -35.56 -14.03 -67.20
C GLU L 402 -34.87 -12.86 -67.90
N VAL L 403 -34.02 -12.17 -67.15
CA VAL L 403 -33.18 -11.14 -67.72
C VAL L 403 -32.05 -11.81 -68.51
N GLU L 404 -31.52 -11.10 -69.48
CA GLU L 404 -30.46 -11.61 -70.33
C GLU L 404 -29.18 -10.83 -70.08
N LEU L 405 -28.06 -11.55 -69.97
CA LEU L 405 -26.80 -10.93 -69.61
C LEU L 405 -26.30 -10.03 -70.74
N GLY L 406 -25.74 -8.89 -70.37
CA GLY L 406 -25.12 -8.01 -71.35
C GLY L 406 -23.95 -8.67 -72.05
N ARG L 407 -23.49 -8.02 -73.11
CA ARG L 407 -22.42 -8.62 -73.91
C ARG L 407 -21.10 -8.67 -73.14
N ILE L 408 -20.83 -7.65 -72.31
CA ILE L 408 -19.62 -7.71 -71.50
C ILE L 408 -19.75 -8.77 -70.41
N GLN L 409 -20.95 -8.96 -69.88
CA GLN L 409 -21.16 -10.02 -68.90
C GLN L 409 -20.99 -11.39 -69.53
N LYS L 410 -21.54 -11.57 -70.74
CA LYS L 410 -21.34 -12.83 -71.45
C LYS L 410 -19.86 -13.09 -71.72
N ILE L 411 -19.14 -12.06 -72.16
CA ILE L 411 -17.73 -12.23 -72.49
C ILE L 411 -16.92 -12.54 -71.24
N SER L 412 -17.20 -11.84 -70.14
CA SER L 412 -16.48 -12.11 -68.89
C SER L 412 -16.80 -13.49 -68.37
N GLY L 413 -18.06 -13.94 -68.52
CA GLY L 413 -18.40 -15.29 -68.11
C GLY L 413 -17.68 -16.34 -68.93
N ALA L 414 -17.58 -16.12 -70.25
CA ALA L 414 -16.83 -17.05 -71.08
C ALA L 414 -15.35 -17.08 -70.70
N ASN L 415 -14.78 -15.90 -70.45
CA ASN L 415 -13.37 -15.84 -70.07
C ASN L 415 -13.12 -16.56 -68.75
N LEU L 416 -14.00 -16.35 -67.77
CA LEU L 416 -13.82 -17.02 -66.48
C LEU L 416 -14.07 -18.52 -66.59
N SER L 417 -15.02 -18.94 -67.43
CA SER L 417 -15.25 -20.36 -67.61
C SER L 417 -14.14 -21.02 -68.40
N ARG L 418 -13.35 -20.25 -69.15
CA ARG L 418 -12.14 -20.82 -69.75
C ARG L 418 -11.00 -20.88 -68.73
N ASN L 419 -10.82 -19.81 -67.96
CA ASN L 419 -9.74 -19.79 -66.97
C ASN L 419 -9.96 -20.85 -65.89
N TRP L 420 -11.21 -21.15 -65.55
CA TRP L 420 -11.45 -22.16 -64.53
C TRP L 420 -11.04 -23.54 -65.00
N VAL L 421 -11.38 -23.88 -66.24
CA VAL L 421 -11.08 -25.21 -66.75
C VAL L 421 -9.59 -25.34 -67.06
N MET L 422 -9.04 -24.40 -67.83
CA MET L 422 -7.70 -24.57 -68.38
C MET L 422 -6.60 -24.30 -67.37
N ILE L 423 -6.89 -23.71 -66.22
CA ILE L 423 -5.88 -23.34 -65.24
C ILE L 423 -6.10 -24.15 -63.98
N PRO L 424 -5.14 -24.94 -63.53
CA PRO L 424 -5.24 -25.54 -62.20
C PRO L 424 -4.89 -24.52 -61.13
N HIS L 425 -5.89 -24.02 -60.42
CA HIS L 425 -5.66 -22.95 -59.45
C HIS L 425 -5.18 -23.52 -58.13
N VAL L 426 -4.25 -22.81 -57.49
CA VAL L 426 -3.91 -23.06 -56.10
C VAL L 426 -3.84 -21.73 -55.39
N THR L 427 -4.46 -21.63 -54.22
CA THR L 427 -4.61 -20.38 -53.51
C THR L 427 -3.90 -20.46 -52.17
N HIS L 428 -2.89 -19.62 -51.98
CA HIS L 428 -2.16 -19.52 -50.72
C HIS L 428 -2.63 -18.28 -50.00
N PHE L 429 -3.14 -18.45 -48.79
CA PHE L 429 -3.57 -17.31 -48.00
C PHE L 429 -2.44 -16.85 -47.09
N ASP L 430 -2.49 -15.59 -46.69
CA ASP L 430 -1.46 -15.05 -45.83
C ASP L 430 -1.96 -13.78 -45.18
N LYS L 431 -1.27 -13.35 -44.13
CA LYS L 431 -1.60 -12.13 -43.41
C LYS L 431 -0.33 -11.31 -43.24
N THR L 432 -0.42 -10.02 -43.54
CA THR L 432 0.74 -9.14 -43.54
C THR L 432 0.57 -8.06 -42.48
N ASP L 433 1.58 -7.91 -41.63
CA ASP L 433 1.55 -6.89 -40.58
C ASP L 433 1.85 -5.53 -41.21
N ILE L 434 0.81 -4.72 -41.39
CA ILE L 434 0.96 -3.45 -42.10
C ILE L 434 0.68 -2.28 -41.17
N THR L 435 0.98 -2.44 -39.88
CA THR L 435 0.81 -1.33 -38.95
C THR L 435 1.72 -0.16 -39.30
N GLU L 436 3.01 -0.45 -39.50
CA GLU L 436 3.95 0.59 -39.88
C GLU L 436 3.59 1.17 -41.24
N LEU L 437 3.16 0.32 -42.18
CA LEU L 437 2.79 0.80 -43.50
C LEU L 437 1.59 1.72 -43.44
N GLU L 438 0.60 1.41 -42.60
CA GLU L 438 -0.57 2.25 -42.50
C GLU L 438 -0.25 3.57 -41.80
N ALA L 439 0.57 3.52 -40.75
CA ALA L 439 1.01 4.76 -40.11
C ALA L 439 1.74 5.65 -41.10
N PHE L 440 2.64 5.06 -41.89
CA PHE L 440 3.41 5.84 -42.87
C PHE L 440 2.51 6.37 -43.97
N ARG L 441 1.50 5.61 -44.38
CA ARG L 441 0.60 6.08 -45.42
C ARG L 441 -0.25 7.23 -44.92
N LYS L 442 -0.73 7.16 -43.68
CA LYS L 442 -1.46 8.28 -43.11
C LYS L 442 -0.57 9.52 -42.97
N GLN L 443 0.67 9.32 -42.53
CA GLN L 443 1.60 10.44 -42.41
C GLN L 443 1.86 11.09 -43.76
N GLN L 444 2.03 10.28 -44.80
CA GLN L 444 2.28 10.85 -46.13
C GLN L 444 1.02 11.45 -46.74
N ASN L 445 -0.16 10.97 -46.36
CA ASN L 445 -1.39 11.61 -46.81
C ASN L 445 -1.58 12.97 -46.16
N GLU L 446 -1.17 13.10 -44.90
CA GLU L 446 -1.15 14.40 -44.25
C GLU L 446 -0.12 15.32 -44.92
N GLU L 447 1.13 14.86 -45.02
CA GLU L 447 2.19 15.68 -45.57
C GLU L 447 1.93 16.07 -47.02
N ALA L 448 1.28 15.21 -47.79
CA ALA L 448 0.91 15.54 -49.16
C ALA L 448 -0.31 16.43 -49.24
N ALA L 449 -0.92 16.76 -48.09
CA ALA L 449 -2.03 17.70 -48.04
C ALA L 449 -1.56 19.10 -47.66
N LYS L 450 -0.84 19.23 -46.55
CA LYS L 450 -0.32 20.53 -46.15
C LYS L 450 0.75 21.06 -47.10
N ARG L 451 1.16 20.28 -48.11
CA ARG L 451 2.04 20.76 -49.15
C ARG L 451 1.33 20.90 -50.49
N LYS L 452 0.00 20.71 -50.51
CA LYS L 452 -0.83 20.98 -51.68
C LYS L 452 -0.36 20.19 -52.91
N LEU L 453 -0.36 18.87 -52.78
CA LEU L 453 -0.07 17.99 -53.91
C LEU L 453 -1.32 17.46 -54.59
N ASP L 454 -2.46 17.51 -53.91
CA ASP L 454 -3.72 16.98 -54.44
C ASP L 454 -3.56 15.52 -54.89
N VAL L 455 -3.03 14.71 -53.99
CA VAL L 455 -2.85 13.28 -54.22
C VAL L 455 -3.33 12.53 -52.99
N LYS L 456 -3.95 11.38 -53.20
CA LYS L 456 -4.43 10.53 -52.12
C LYS L 456 -3.76 9.18 -52.26
N ILE L 457 -2.99 8.79 -51.25
CA ILE L 457 -2.20 7.57 -51.30
C ILE L 457 -3.00 6.45 -50.68
N THR L 458 -3.55 5.58 -51.51
CA THR L 458 -4.32 4.43 -51.09
C THR L 458 -3.42 3.29 -50.67
N PRO L 459 -3.92 2.34 -49.87
CA PRO L 459 -3.09 1.17 -49.51
C PRO L 459 -2.79 0.25 -50.68
N VAL L 460 -3.31 0.53 -51.87
CA VAL L 460 -3.10 -0.37 -53.00
C VAL L 460 -1.79 -0.09 -53.73
N VAL L 461 -1.28 1.14 -53.69
CA VAL L 461 -0.04 1.42 -54.40
C VAL L 461 1.14 0.76 -53.70
N PHE L 462 1.10 0.66 -52.38
CA PHE L 462 2.13 -0.08 -51.67
C PHE L 462 2.10 -1.55 -52.06
N ILE L 463 0.91 -2.10 -52.28
CA ILE L 463 0.81 -3.49 -52.71
C ILE L 463 1.30 -3.65 -54.14
N MET L 464 1.05 -2.66 -54.99
CA MET L 464 1.58 -2.70 -56.35
C MET L 464 3.11 -2.69 -56.33
N LYS L 465 3.70 -1.86 -55.46
CA LYS L 465 5.16 -1.82 -55.35
C LYS L 465 5.70 -3.14 -54.81
N ALA L 466 5.03 -3.70 -53.80
CA ALA L 466 5.47 -4.98 -53.23
C ALA L 466 5.39 -6.09 -54.25
N VAL L 467 4.33 -6.12 -55.06
CA VAL L 467 4.19 -7.15 -56.08
C VAL L 467 5.21 -6.95 -57.19
N ALA L 468 5.52 -5.70 -57.53
CA ALA L 468 6.56 -5.45 -58.53
C ALA L 468 7.91 -5.93 -58.03
N ALA L 469 8.20 -5.67 -56.75
CA ALA L 469 9.44 -6.20 -56.15
C ALA L 469 9.46 -7.72 -56.20
N ALA L 470 8.34 -8.36 -55.84
CA ALA L 470 8.29 -9.82 -55.84
C ALA L 470 8.43 -10.39 -57.25
N LEU L 471 7.94 -9.68 -58.25
CA LEU L 471 8.12 -10.12 -59.63
C LEU L 471 9.56 -9.92 -60.09
N GLU L 472 10.23 -8.90 -59.54
CA GLU L 472 11.66 -8.75 -59.79
C GLU L 472 12.46 -9.90 -59.20
N GLN L 473 12.12 -10.30 -57.97
CA GLN L 473 12.88 -11.35 -57.30
C GLN L 473 12.55 -12.73 -57.86
N MET L 474 11.27 -13.00 -58.10
CA MET L 474 10.86 -14.29 -58.63
C MET L 474 10.29 -14.11 -60.04
N PRO L 475 11.14 -14.06 -61.06
CA PRO L 475 10.65 -13.77 -62.42
C PRO L 475 9.79 -14.86 -63.02
N ARG L 476 9.72 -16.03 -62.40
CA ARG L 476 8.83 -17.08 -62.88
C ARG L 476 7.37 -16.69 -62.77
N PHE L 477 7.03 -15.79 -61.83
CA PHE L 477 5.66 -15.32 -61.70
C PHE L 477 5.28 -14.30 -62.74
N ASN L 478 6.26 -13.69 -63.40
CA ASN L 478 5.99 -12.75 -64.48
C ASN L 478 6.12 -13.50 -65.82
N SER L 479 5.21 -14.44 -66.01
CA SER L 479 5.27 -15.36 -67.14
C SER L 479 3.89 -15.44 -67.78
N SER L 480 3.76 -16.36 -68.75
CA SER L 480 2.51 -16.63 -69.43
C SER L 480 2.69 -17.90 -70.25
N LEU L 481 1.69 -18.77 -70.22
CA LEU L 481 1.72 -20.01 -70.98
C LEU L 481 1.07 -19.83 -72.34
N SER L 482 1.29 -20.81 -73.20
CA SER L 482 0.70 -20.81 -74.53
C SER L 482 -0.61 -21.58 -74.53
N GLU L 483 -1.22 -21.64 -75.73
CA GLU L 483 -2.47 -22.37 -75.91
C GLU L 483 -2.33 -23.81 -75.44
N ASP L 484 -1.28 -24.51 -75.89
CA ASP L 484 -1.05 -25.90 -75.51
C ASP L 484 -0.42 -26.05 -74.13
N GLY L 485 0.09 -24.97 -73.53
CA GLY L 485 0.72 -25.08 -72.22
C GLY L 485 2.06 -25.78 -72.25
N GLN L 486 2.87 -25.53 -73.28
CA GLN L 486 4.18 -26.16 -73.40
C GLN L 486 5.33 -25.18 -73.49
N ARG L 487 5.08 -23.91 -73.80
CA ARG L 487 6.13 -22.90 -73.92
C ARG L 487 5.78 -21.72 -73.03
N LEU L 488 6.67 -21.42 -72.09
CA LEU L 488 6.50 -20.26 -71.24
C LEU L 488 6.98 -18.99 -71.95
N THR L 489 6.54 -17.84 -71.44
CA THR L 489 6.93 -16.54 -71.97
C THR L 489 7.38 -15.68 -70.80
N LEU L 490 8.66 -15.79 -70.44
CA LEU L 490 9.20 -15.01 -69.32
C LEU L 490 9.27 -13.55 -69.72
N LYS L 491 8.35 -12.75 -69.19
CA LYS L 491 8.37 -11.32 -69.45
C LYS L 491 9.41 -10.63 -68.58
N LYS L 492 10.01 -9.58 -69.12
CA LYS L 492 10.99 -8.80 -68.40
C LYS L 492 10.45 -7.47 -67.89
N TYR L 493 9.37 -6.97 -68.48
CA TYR L 493 8.68 -5.81 -67.97
C TYR L 493 7.74 -6.22 -66.84
N ILE L 494 7.30 -5.23 -66.06
CA ILE L 494 6.44 -5.47 -64.91
C ILE L 494 5.29 -4.47 -65.00
N ASN L 495 4.18 -4.90 -65.59
CA ASN L 495 2.93 -4.17 -65.55
C ASN L 495 1.96 -4.90 -64.64
N ILE L 496 1.13 -4.15 -63.93
CA ILE L 496 0.23 -4.73 -62.93
C ILE L 496 -1.16 -4.15 -63.15
N GLY L 497 -2.13 -5.03 -63.39
CA GLY L 497 -3.51 -4.60 -63.41
C GLY L 497 -4.05 -4.52 -61.99
N VAL L 498 -4.92 -3.55 -61.77
CA VAL L 498 -5.53 -3.33 -60.46
C VAL L 498 -7.02 -3.27 -60.64
N ALA L 499 -7.73 -4.27 -60.11
CA ALA L 499 -9.16 -4.39 -60.34
C ALA L 499 -9.88 -3.21 -59.69
N VAL L 500 -10.43 -2.33 -60.53
CA VAL L 500 -11.23 -1.20 -60.08
C VAL L 500 -12.70 -1.58 -60.23
N ASP L 501 -13.53 -1.08 -59.32
CA ASP L 501 -14.95 -1.44 -59.25
C ASP L 501 -15.76 -0.31 -59.87
N THR L 502 -16.14 -0.49 -61.13
CA THR L 502 -17.07 0.40 -61.80
C THR L 502 -18.49 -0.09 -61.62
N PRO L 503 -19.49 0.77 -61.84
CA PRO L 503 -20.89 0.31 -61.75
C PRO L 503 -21.22 -0.88 -62.64
N ASN L 504 -20.35 -1.15 -63.61
CA ASN L 504 -20.50 -2.30 -64.51
C ASN L 504 -19.56 -3.43 -64.15
N GLY L 505 -19.32 -3.64 -62.85
CA GLY L 505 -18.45 -4.72 -62.41
C GLY L 505 -17.02 -4.29 -62.24
N LEU L 506 -16.15 -5.29 -62.16
CA LEU L 506 -14.72 -5.06 -61.98
C LEU L 506 -14.03 -5.01 -63.32
N VAL L 507 -13.35 -3.90 -63.60
CA VAL L 507 -12.50 -3.76 -64.78
C VAL L 507 -11.06 -3.68 -64.30
N VAL L 508 -10.14 -4.23 -65.08
CA VAL L 508 -8.75 -4.27 -64.65
C VAL L 508 -7.92 -3.34 -65.53
N PRO L 509 -7.64 -2.12 -65.08
CA PRO L 509 -6.67 -1.28 -65.77
C PRO L 509 -5.24 -1.63 -65.37
N VAL L 510 -4.35 -1.52 -66.35
CA VAL L 510 -2.97 -1.96 -66.23
C VAL L 510 -2.08 -0.75 -66.06
N PHE L 511 -1.20 -0.79 -65.06
CA PHE L 511 -0.20 0.24 -64.82
C PHE L 511 1.16 -0.31 -65.23
N LYS L 512 1.88 0.47 -66.03
CA LYS L 512 3.09 -0.01 -66.69
C LYS L 512 4.33 0.36 -65.88
N ASP L 513 5.32 -0.54 -65.93
CA ASP L 513 6.63 -0.31 -65.31
C ASP L 513 6.50 0.09 -63.85
N VAL L 514 5.70 -0.67 -63.12
CA VAL L 514 5.48 -0.39 -61.70
C VAL L 514 6.78 -0.53 -60.92
N ASN L 515 7.72 -1.34 -61.40
CA ASN L 515 8.97 -1.55 -60.69
C ASN L 515 9.83 -0.29 -60.60
N LYS L 516 9.64 0.66 -61.51
CA LYS L 516 10.45 1.87 -61.56
C LYS L 516 9.76 3.05 -60.90
N LYS L 517 8.47 3.28 -61.20
CA LYS L 517 7.77 4.45 -60.71
C LYS L 517 7.69 4.47 -59.19
N GLY L 518 7.61 5.67 -58.64
CA GLY L 518 7.48 5.84 -57.20
C GLY L 518 6.04 5.77 -56.76
N ILE L 519 5.85 5.78 -55.43
CA ILE L 519 4.51 5.59 -54.88
C ILE L 519 3.64 6.81 -55.15
N ILE L 520 4.21 8.02 -55.23
CA ILE L 520 3.37 9.17 -55.50
C ILE L 520 2.98 9.26 -56.97
N GLU L 521 3.89 8.95 -57.89
CA GLU L 521 3.52 8.86 -59.30
C GLU L 521 2.49 7.77 -59.53
N LEU L 522 2.70 6.60 -58.95
CA LEU L 522 1.73 5.51 -59.04
C LEU L 522 0.41 5.91 -58.43
N SER L 523 0.43 6.68 -57.33
CA SER L 523 -0.81 7.07 -56.68
C SER L 523 -1.57 8.06 -57.55
N ARG L 524 -0.87 8.95 -58.24
CA ARG L 524 -1.53 9.84 -59.18
C ARG L 524 -2.13 9.07 -60.35
N GLU L 525 -1.36 8.13 -60.90
CA GLU L 525 -1.88 7.28 -61.97
C GLU L 525 -3.13 6.55 -61.53
N LEU L 526 -3.10 5.98 -60.31
CA LEU L 526 -4.23 5.21 -59.83
C LEU L 526 -5.44 6.09 -59.58
N MET L 527 -5.23 7.26 -58.98
CA MET L 527 -6.35 8.18 -58.73
C MET L 527 -6.96 8.65 -60.04
N THR L 528 -6.16 8.81 -61.09
CA THR L 528 -6.70 9.19 -62.38
C THR L 528 -7.48 8.05 -63.02
N ILE L 529 -6.87 6.87 -63.09
CA ILE L 529 -7.47 5.78 -63.85
C ILE L 529 -8.65 5.15 -63.12
N SER L 530 -8.69 5.20 -61.79
CA SER L 530 -9.87 4.73 -61.07
C SER L 530 -11.10 5.53 -61.47
N LYS L 531 -10.98 6.86 -61.52
CA LYS L 531 -12.09 7.69 -61.96
C LYS L 531 -12.37 7.50 -63.44
N LYS L 532 -11.30 7.38 -64.24
CA LYS L 532 -11.47 7.11 -65.67
C LYS L 532 -12.27 5.84 -65.92
N ALA L 533 -12.14 4.85 -65.04
CA ALA L 533 -12.88 3.60 -65.19
C ALA L 533 -14.28 3.72 -64.64
N ARG L 534 -14.43 4.27 -63.43
CA ARG L 534 -15.75 4.42 -62.83
C ARG L 534 -16.65 5.34 -63.65
N ASP L 535 -16.08 6.19 -64.50
CA ASP L 535 -16.88 6.98 -65.43
C ASP L 535 -17.13 6.27 -66.74
N GLY L 536 -16.23 5.37 -67.15
CA GLY L 536 -16.37 4.64 -68.39
C GLY L 536 -15.44 5.11 -69.49
N LYS L 537 -14.69 6.18 -69.28
CA LYS L 537 -13.78 6.73 -70.28
C LYS L 537 -12.45 6.01 -70.34
N LEU L 538 -12.35 4.80 -69.78
CA LEU L 538 -11.09 4.06 -69.71
C LEU L 538 -10.57 3.71 -71.10
N THR L 539 -9.42 4.27 -71.46
CA THR L 539 -8.90 4.15 -72.80
C THR L 539 -8.17 2.82 -72.98
N ALA L 540 -8.22 2.27 -74.20
CA ALA L 540 -7.52 1.04 -74.50
C ALA L 540 -6.02 1.26 -74.34
N GLY L 541 -5.31 0.17 -74.08
CA GLY L 541 -3.91 0.28 -73.72
C GLY L 541 -3.74 0.53 -72.23
N GLU L 542 -4.77 1.14 -71.62
CA GLU L 542 -4.87 1.21 -70.17
C GLU L 542 -5.59 0.01 -69.59
N MET L 543 -5.84 -1.03 -70.40
CA MET L 543 -6.32 -2.30 -69.89
C MET L 543 -5.64 -3.48 -70.58
N GLN L 544 -4.49 -3.24 -71.22
CA GLN L 544 -3.80 -4.32 -71.97
C GLN L 544 -2.34 -4.43 -71.52
N GLY L 545 -1.78 -5.64 -71.65
CA GLY L 545 -0.41 -5.92 -71.30
C GLY L 545 -0.15 -5.95 -69.81
N GLY L 546 -0.93 -6.73 -69.07
CA GLY L 546 -0.75 -6.90 -67.64
C GLY L 546 0.01 -8.19 -67.34
N CYS L 547 0.97 -8.08 -66.43
CA CYS L 547 1.77 -9.22 -66.02
C CYS L 547 1.27 -9.87 -64.73
N PHE L 548 0.35 -9.21 -64.04
CA PHE L 548 -0.11 -9.62 -62.72
C PHE L 548 -1.39 -8.85 -62.45
N THR L 549 -2.16 -9.33 -61.48
CA THR L 549 -3.42 -8.68 -61.14
C THR L 549 -3.52 -8.54 -59.63
N ILE L 550 -4.06 -7.42 -59.18
CA ILE L 550 -4.33 -7.18 -57.77
C ILE L 550 -5.80 -6.84 -57.65
N SER L 551 -6.56 -7.74 -57.05
CA SER L 551 -7.99 -7.55 -56.85
C SER L 551 -8.20 -7.21 -55.37
N SER L 552 -8.41 -5.93 -55.08
CA SER L 552 -8.56 -5.44 -53.72
C SER L 552 -10.04 -5.25 -53.43
N ILE L 553 -10.58 -6.10 -52.58
CA ILE L 553 -11.96 -5.98 -52.11
C ILE L 553 -12.01 -5.74 -50.61
N GLY L 554 -10.92 -5.26 -50.04
CA GLY L 554 -10.88 -5.00 -48.61
C GLY L 554 -11.81 -3.90 -48.15
N GLY L 555 -12.23 -3.04 -49.06
CA GLY L 555 -13.21 -2.03 -48.70
C GLY L 555 -14.59 -2.57 -48.43
N LEU L 556 -14.83 -3.85 -48.69
CA LEU L 556 -16.15 -4.45 -48.56
C LEU L 556 -16.20 -5.59 -47.55
N GLY L 557 -15.10 -6.29 -47.30
CA GLY L 557 -15.11 -7.37 -46.33
C GLY L 557 -14.29 -8.56 -46.75
N THR L 558 -14.86 -9.76 -46.58
CA THR L 558 -14.20 -11.03 -47.01
C THR L 558 -12.77 -11.12 -46.44
N THR L 559 -12.67 -11.47 -45.16
CA THR L 559 -11.41 -11.66 -44.47
C THR L 559 -10.40 -12.51 -45.27
N HIS L 560 -10.89 -13.36 -46.16
CA HIS L 560 -10.06 -13.98 -47.19
C HIS L 560 -10.94 -14.31 -48.39
N PHE L 561 -10.30 -14.49 -49.54
CA PHE L 561 -11.02 -14.99 -50.70
C PHE L 561 -10.03 -15.53 -51.71
N ALA L 562 -10.50 -16.49 -52.52
CA ALA L 562 -9.68 -17.21 -53.48
C ALA L 562 -10.02 -16.75 -54.88
N PRO L 563 -9.30 -15.77 -55.43
CA PRO L 563 -9.66 -15.26 -56.75
C PRO L 563 -9.36 -16.24 -57.86
N ILE L 564 -9.74 -15.89 -59.10
CA ILE L 564 -9.47 -16.70 -60.27
C ILE L 564 -8.34 -16.06 -61.05
N VAL L 565 -7.37 -16.87 -61.47
CA VAL L 565 -6.24 -16.36 -62.23
C VAL L 565 -6.74 -15.66 -63.49
N ASN L 566 -6.19 -14.49 -63.76
CA ASN L 566 -6.61 -13.66 -64.88
C ASN L 566 -5.74 -14.00 -66.08
N ALA L 567 -6.18 -15.00 -66.86
CA ALA L 567 -5.41 -15.44 -68.05
C ALA L 567 -5.18 -14.22 -68.95
N PRO L 568 -4.06 -14.13 -69.70
CA PRO L 568 -3.05 -15.19 -69.77
C PRO L 568 -1.96 -15.08 -68.71
N GLU L 569 -2.23 -14.39 -67.61
CA GLU L 569 -1.28 -14.32 -66.52
C GLU L 569 -1.25 -15.66 -65.78
N VAL L 570 -0.37 -15.76 -64.79
CA VAL L 570 -0.20 -16.99 -64.03
C VAL L 570 -0.51 -16.82 -62.56
N ALA L 571 -0.83 -15.62 -62.10
CA ALA L 571 -1.11 -15.40 -60.70
C ALA L 571 -2.00 -14.19 -60.54
N ILE L 572 -2.60 -14.08 -59.35
CA ILE L 572 -3.44 -12.94 -58.99
C ILE L 572 -3.43 -12.83 -57.47
N LEU L 573 -3.29 -11.61 -56.98
CA LEU L 573 -3.23 -11.34 -55.55
C LEU L 573 -4.54 -10.66 -55.15
N GLY L 574 -5.34 -11.36 -54.35
CA GLY L 574 -6.52 -10.76 -53.78
C GLY L 574 -6.21 -10.20 -52.41
N VAL L 575 -6.76 -9.03 -52.13
CA VAL L 575 -6.51 -8.30 -50.89
C VAL L 575 -7.83 -8.15 -50.15
N SER L 576 -7.79 -8.32 -48.84
CA SER L 576 -8.98 -8.34 -48.00
C SER L 576 -8.94 -7.16 -47.02
N LYS L 577 -9.90 -7.15 -46.11
CA LYS L 577 -10.03 -6.03 -45.18
C LYS L 577 -8.98 -6.14 -44.06
N SER L 578 -8.28 -5.04 -43.81
CA SER L 578 -7.33 -5.01 -42.72
C SER L 578 -8.05 -5.06 -41.38
N ALA L 579 -7.54 -5.87 -40.47
CA ALA L 579 -8.15 -6.00 -39.16
C ALA L 579 -7.07 -5.97 -38.09
N MET L 580 -7.41 -5.40 -36.94
CA MET L 580 -6.47 -5.34 -35.82
C MET L 580 -6.52 -6.66 -35.07
N GLU L 581 -5.44 -7.42 -35.14
CA GLU L 581 -5.32 -8.74 -34.54
C GLU L 581 -4.14 -8.78 -33.57
N PRO L 582 -4.20 -9.65 -32.57
CA PRO L 582 -3.04 -9.81 -31.69
C PRO L 582 -1.95 -10.61 -32.38
N VAL L 583 -0.71 -10.18 -32.20
CA VAL L 583 0.44 -10.84 -32.79
C VAL L 583 1.46 -11.12 -31.70
N TRP L 584 2.04 -12.31 -31.74
CA TRP L 584 3.00 -12.75 -30.73
C TRP L 584 4.34 -12.07 -31.00
N ASN L 585 4.73 -11.16 -30.12
CA ASN L 585 6.02 -10.50 -30.26
C ASN L 585 7.16 -11.29 -29.63
N GLY L 586 6.89 -12.48 -29.10
CA GLY L 586 7.86 -13.29 -28.39
C GLY L 586 7.56 -13.43 -26.91
N LYS L 587 6.89 -12.44 -26.32
CA LYS L 587 6.53 -12.52 -24.91
C LYS L 587 5.10 -12.09 -24.62
N GLU L 588 4.41 -11.43 -25.54
CA GLU L 588 3.04 -10.98 -25.30
C GLU L 588 2.37 -10.77 -26.65
N PHE L 589 1.09 -10.39 -26.60
CA PHE L 589 0.29 -10.19 -27.81
C PHE L 589 0.14 -8.69 -28.03
N VAL L 590 0.90 -8.17 -28.98
CA VAL L 590 0.80 -6.76 -29.35
C VAL L 590 -0.29 -6.62 -30.41
N PRO L 591 -1.15 -5.61 -30.31
CA PRO L 591 -2.19 -5.45 -31.33
C PRO L 591 -1.65 -4.84 -32.61
N ARG L 592 -1.48 -5.65 -33.65
CA ARG L 592 -1.03 -5.17 -34.94
C ARG L 592 -2.19 -5.12 -35.91
N LEU L 593 -1.94 -4.56 -37.09
CA LEU L 593 -2.97 -4.41 -38.11
C LEU L 593 -2.62 -5.33 -39.27
N MET L 594 -3.25 -6.50 -39.30
CA MET L 594 -2.93 -7.50 -40.32
C MET L 594 -3.87 -7.34 -41.51
N LEU L 595 -3.28 -7.38 -42.70
CA LEU L 595 -3.97 -7.31 -43.97
C LEU L 595 -3.95 -8.69 -44.61
N PRO L 596 -5.11 -9.32 -44.83
CA PRO L 596 -5.11 -10.67 -45.39
C PRO L 596 -5.01 -10.63 -46.91
N ILE L 597 -3.92 -11.18 -47.44
CA ILE L 597 -3.73 -11.33 -48.87
C ILE L 597 -3.92 -12.80 -49.23
N SER L 598 -4.07 -13.05 -50.53
CA SER L 598 -4.27 -14.42 -51.00
C SER L 598 -3.78 -14.50 -52.44
N LEU L 599 -2.75 -15.29 -52.68
CA LEU L 599 -2.18 -15.47 -54.00
C LEU L 599 -2.79 -16.71 -54.64
N SER L 600 -3.61 -16.51 -55.68
CA SER L 600 -4.15 -17.61 -56.44
C SER L 600 -3.37 -17.71 -57.75
N PHE L 601 -2.73 -18.84 -57.99
CA PHE L 601 -1.83 -18.95 -59.12
C PHE L 601 -2.08 -20.23 -59.90
N ASP L 602 -1.62 -20.20 -61.15
CA ASP L 602 -1.67 -21.35 -62.03
C ASP L 602 -0.63 -22.37 -61.60
N HIS L 603 -1.10 -23.59 -61.33
CA HIS L 603 -0.22 -24.69 -60.83
C HIS L 603 0.66 -25.25 -61.96
N ARG L 604 0.31 -25.01 -63.22
CA ARG L 604 1.12 -25.55 -64.32
C ARG L 604 2.47 -24.86 -64.40
N VAL L 605 2.49 -23.54 -64.17
CA VAL L 605 3.73 -22.78 -64.20
C VAL L 605 4.42 -22.80 -62.84
N ILE L 606 3.68 -22.50 -61.79
CA ILE L 606 4.21 -22.33 -60.45
C ILE L 606 3.78 -23.53 -59.61
N ASP L 607 4.63 -23.94 -58.67
CA ASP L 607 4.28 -24.97 -57.72
C ASP L 607 4.03 -24.35 -56.36
N GLY L 608 3.61 -25.18 -55.40
CA GLY L 608 3.24 -24.67 -54.10
C GLY L 608 4.37 -23.94 -53.41
N ALA L 609 5.59 -24.45 -53.55
CA ALA L 609 6.73 -23.83 -52.88
C ALA L 609 7.05 -22.46 -53.47
N ASP L 610 6.99 -22.32 -54.79
CA ASP L 610 7.25 -21.02 -55.40
C ASP L 610 6.16 -20.02 -55.05
N GLY L 611 4.90 -20.46 -55.02
CA GLY L 611 3.85 -19.59 -54.53
C GLY L 611 4.06 -19.17 -53.10
N ALA L 612 4.56 -20.08 -52.27
CA ALA L 612 4.84 -19.76 -50.88
C ALA L 612 5.93 -18.70 -50.77
N ARG L 613 7.02 -18.89 -51.52
CA ARG L 613 8.11 -17.91 -51.49
C ARG L 613 7.65 -16.56 -52.03
N PHE L 614 6.79 -16.57 -53.05
CA PHE L 614 6.31 -15.31 -53.62
C PHE L 614 5.43 -14.56 -52.63
N ILE L 615 4.47 -15.26 -52.03
CA ILE L 615 3.58 -14.56 -51.11
C ILE L 615 4.32 -14.18 -49.84
N THR L 616 5.38 -14.90 -49.47
CA THR L 616 6.13 -14.46 -48.30
C THR L 616 7.05 -13.30 -48.64
N ILE L 617 7.49 -13.17 -49.89
CA ILE L 617 8.19 -11.97 -50.32
C ILE L 617 7.27 -10.76 -50.24
N ILE L 618 6.04 -10.92 -50.73
CA ILE L 618 5.06 -9.84 -50.62
C ILE L 618 4.79 -9.51 -49.17
N ASN L 619 4.64 -10.54 -48.33
CA ASN L 619 4.37 -10.33 -46.91
C ASN L 619 5.52 -9.58 -46.24
N ASN L 620 6.75 -9.95 -46.56
CA ASN L 620 7.90 -9.26 -45.96
C ASN L 620 8.00 -7.82 -46.46
N THR L 621 7.78 -7.60 -47.75
CA THR L 621 7.87 -6.26 -48.29
C THR L 621 6.83 -5.34 -47.68
N LEU L 622 5.56 -5.78 -47.64
CA LEU L 622 4.52 -4.95 -47.05
C LEU L 622 4.63 -4.88 -45.54
N SER L 623 5.28 -5.85 -44.91
CA SER L 623 5.45 -5.80 -43.45
C SER L 623 6.43 -4.70 -43.06
N ASP L 624 7.48 -4.50 -43.86
CA ASP L 624 8.47 -3.44 -43.64
C ASP L 624 8.77 -2.85 -45.01
N ILE L 625 8.08 -1.78 -45.37
CA ILE L 625 8.15 -1.24 -46.72
C ILE L 625 9.53 -0.72 -47.08
N ARG L 626 10.40 -0.50 -46.09
CA ARG L 626 11.77 -0.08 -46.37
C ARG L 626 12.51 -1.06 -47.25
N ARG L 627 12.06 -2.31 -47.31
CA ARG L 627 12.69 -3.28 -48.19
C ARG L 627 12.49 -2.97 -49.67
N LEU L 628 11.77 -1.90 -50.01
CA LEU L 628 11.66 -1.51 -51.41
C LEU L 628 12.87 -0.72 -51.90
N VAL L 629 13.69 -0.20 -50.98
CA VAL L 629 14.88 0.54 -51.39
C VAL L 629 16.10 -0.37 -51.53
N MET L 630 16.09 -1.55 -50.91
CA MET L 630 17.20 -2.48 -50.99
C MET L 630 17.31 -3.12 -52.38
N GLU M 208 67.36 -50.64 36.18
CA GLU M 208 68.06 -49.42 35.78
C GLU M 208 67.03 -48.35 35.46
N VAL M 209 67.07 -47.25 36.21
CA VAL M 209 66.20 -46.09 35.97
C VAL M 209 67.10 -44.87 35.84
N ASN M 210 67.49 -44.55 34.61
CA ASN M 210 68.20 -43.32 34.34
C ASN M 210 67.18 -42.19 34.29
N VAL M 211 67.57 -41.03 33.77
CA VAL M 211 66.57 -40.05 33.37
C VAL M 211 66.08 -40.48 32.00
N PRO M 212 64.77 -40.49 31.75
CA PRO M 212 64.25 -41.04 30.50
C PRO M 212 64.48 -40.14 29.30
N ASP M 213 64.24 -38.84 29.46
CA ASP M 213 64.41 -37.98 28.24
C ASP M 213 64.59 -36.49 28.55
N ILE M 214 65.85 -36.03 28.55
CA ILE M 214 66.20 -34.63 28.62
C ILE M 214 67.12 -34.34 27.43
N GLY M 215 66.86 -33.22 26.75
CA GLY M 215 67.56 -32.91 25.51
C GLY M 215 69.05 -32.70 25.67
N GLY M 216 69.57 -32.73 26.90
CA GLY M 216 70.99 -32.58 27.12
C GLY M 216 71.37 -31.37 27.96
N ASP M 217 70.43 -30.92 28.79
CA ASP M 217 70.67 -29.81 29.70
C ASP M 217 70.84 -30.33 31.11
N GLU M 218 71.72 -29.69 31.87
CA GLU M 218 71.94 -30.06 33.26
C GLU M 218 70.79 -29.53 34.12
N VAL M 219 69.98 -30.44 34.64
CA VAL M 219 68.77 -30.10 35.38
C VAL M 219 68.98 -30.37 36.87
N GLU M 220 68.48 -29.46 37.70
CA GLU M 220 68.63 -29.55 39.14
C GLU M 220 67.36 -30.12 39.76
N VAL M 221 67.52 -31.18 40.56
CA VAL M 221 66.38 -31.83 41.20
C VAL M 221 65.72 -30.88 42.19
N THR M 222 64.41 -31.03 42.38
CA THR M 222 63.68 -30.35 43.42
C THR M 222 63.26 -31.27 44.55
N GLU M 223 62.64 -32.41 44.24
CA GLU M 223 62.26 -33.39 45.26
C GLU M 223 61.92 -34.70 44.56
N VAL M 224 61.66 -35.73 45.37
CA VAL M 224 61.32 -37.06 44.89
C VAL M 224 59.89 -37.40 45.29
N MET M 225 59.35 -38.44 44.67
CA MET M 225 57.95 -38.82 44.83
C MET M 225 57.74 -40.14 45.55
N VAL M 226 58.80 -40.82 45.96
CA VAL M 226 58.70 -42.22 46.38
C VAL M 226 59.10 -42.41 47.83
N LYS M 227 59.00 -43.66 48.30
CA LYS M 227 59.38 -44.05 49.65
C LYS M 227 60.28 -45.28 49.58
N VAL M 228 61.10 -45.45 50.62
CA VAL M 228 61.91 -46.67 50.72
C VAL M 228 60.98 -47.84 51.01
N GLY M 229 60.82 -48.72 50.03
CA GLY M 229 59.88 -49.83 50.10
C GLY M 229 58.69 -49.68 49.19
N ASP M 230 58.32 -48.46 48.82
CA ASP M 230 57.22 -48.22 47.89
C ASP M 230 57.54 -48.85 46.53
N LYS M 231 56.47 -49.23 45.81
CA LYS M 231 56.59 -49.70 44.44
C LYS M 231 55.75 -48.80 43.54
N VAL M 232 56.31 -48.46 42.37
CA VAL M 232 55.77 -47.42 41.52
C VAL M 232 55.06 -48.05 40.34
N ALA M 233 54.09 -47.32 39.79
CA ALA M 233 53.23 -47.83 38.73
C ALA M 233 53.96 -47.77 37.39
N ALA M 234 53.20 -47.96 36.31
CA ALA M 234 53.79 -48.07 34.97
C ALA M 234 54.52 -46.78 34.58
N GLU M 235 53.79 -45.68 34.53
CA GLU M 235 54.38 -44.37 34.16
C GLU M 235 53.80 -43.26 35.05
N GLN M 236 54.38 -43.05 36.22
CA GLN M 236 53.91 -42.01 37.13
C GLN M 236 55.12 -41.28 37.72
N SER M 237 54.83 -40.27 38.54
CA SER M 237 55.89 -39.40 39.05
C SER M 237 56.83 -40.14 39.99
N LEU M 238 58.12 -39.90 39.82
CA LEU M 238 59.17 -40.33 40.74
C LEU M 238 60.00 -39.19 41.26
N ILE M 239 60.30 -38.21 40.43
CA ILE M 239 61.23 -37.12 40.76
C ILE M 239 60.86 -35.89 39.95
N THR M 240 60.82 -34.74 40.61
CA THR M 240 60.62 -33.48 39.90
C THR M 240 61.95 -32.77 39.76
N VAL M 241 62.23 -32.29 38.56
CA VAL M 241 63.49 -31.60 38.24
C VAL M 241 63.17 -30.27 37.59
N GLU M 242 63.81 -29.21 38.05
CA GLU M 242 63.47 -27.84 37.66
C GLU M 242 64.42 -27.41 36.56
N GLY M 243 64.02 -27.64 35.31
CA GLY M 243 64.80 -27.27 34.14
C GLY M 243 64.35 -25.94 33.56
N ASP M 244 64.39 -25.84 32.24
CA ASP M 244 63.93 -24.65 31.55
C ASP M 244 62.41 -24.73 31.41
CB LA2 M 245 59.92 -24.57 29.64
C LA2 M 245 59.65 -23.84 32.04
O LA2 M 245 59.12 -22.88 32.64
N LA2 M 245 61.82 -23.64 30.92
CA LA2 M 245 60.35 -23.57 30.72
O1 LA2 M 245 60.04 -19.97 25.20
C1 LA2 M 245 59.16 -20.82 25.38
NZ LA2 M 245 59.26 -21.73 26.35
CE LA2 M 245 58.64 -23.05 26.29
CD LA2 M 245 58.59 -23.73 27.65
CG LA2 M 245 59.95 -24.07 28.21
C2 LA2 M 245 57.92 -20.86 24.53
C3 LA2 M 245 57.53 -19.52 24.00
C4 LA2 M 245 57.13 -19.53 22.53
C5 LA2 M 245 56.52 -18.27 21.96
C6 LA2 M 245 57.36 -17.01 22.16
S6 LA2 M 245 59.04 -17.19 21.48
C7 LA2 M 245 56.67 -15.75 21.67
C8 LA2 M 245 55.29 -15.53 22.27
S8 LA2 M 245 54.89 -13.79 22.59
N ALA M 246 59.62 -25.10 32.47
CA ALA M 246 58.97 -25.47 33.73
C ALA M 246 59.52 -26.78 34.31
N SER M 247 59.24 -27.01 35.59
CA SER M 247 59.70 -28.22 36.26
C SER M 247 58.97 -29.44 35.72
N MET M 248 59.71 -30.51 35.52
CA MET M 248 59.22 -31.72 34.87
C MET M 248 59.30 -32.92 35.82
N GLU M 249 58.26 -33.74 35.81
CA GLU M 249 58.18 -34.94 36.63
C GLU M 249 58.57 -36.14 35.78
N VAL M 250 59.69 -36.78 36.13
CA VAL M 250 60.14 -37.97 35.40
C VAL M 250 59.13 -39.09 35.59
N PRO M 251 58.68 -39.74 34.52
CA PRO M 251 57.70 -40.82 34.66
C PRO M 251 58.39 -42.12 35.07
N ALA M 252 57.57 -43.16 35.24
CA ALA M 252 58.22 -44.42 35.55
C ALA M 252 58.47 -45.21 34.28
N PRO M 253 59.59 -45.93 34.19
CA PRO M 253 59.80 -46.83 33.05
C PRO M 253 59.09 -48.17 33.19
N PHE M 254 58.80 -48.60 34.42
CA PHE M 254 58.23 -49.92 34.70
C PHE M 254 57.79 -49.92 36.15
N ALA M 255 57.31 -51.08 36.61
CA ALA M 255 56.83 -51.24 38.01
C ALA M 255 57.83 -52.06 38.84
N GLY M 256 57.98 -51.70 40.13
CA GLY M 256 58.89 -52.39 41.02
C GLY M 256 59.12 -51.60 42.28
N VAL M 257 59.45 -52.33 43.34
CA VAL M 257 59.70 -51.73 44.64
C VAL M 257 61.08 -51.10 44.65
N VAL M 258 61.28 -50.18 45.59
CA VAL M 258 62.46 -49.32 45.64
C VAL M 258 63.65 -50.10 46.17
N LYS M 259 64.83 -49.88 45.57
CA LYS M 259 66.10 -50.40 46.06
C LYS M 259 67.15 -49.32 46.31
N GLU M 260 67.16 -48.27 45.50
CA GLU M 260 68.16 -47.19 45.57
C GLU M 260 67.45 -45.85 45.69
N LEU M 261 67.87 -45.06 46.67
CA LEU M 261 67.75 -43.61 46.57
C LEU M 261 69.05 -43.04 46.01
N LYS M 262 69.39 -43.48 44.81
CA LYS M 262 70.60 -43.01 44.17
C LYS M 262 70.54 -41.50 43.93
N VAL M 263 69.35 -40.97 43.72
CA VAL M 263 69.11 -39.53 43.72
C VAL M 263 68.45 -39.16 45.04
N ASN M 264 68.61 -37.90 45.45
CA ASN M 264 67.98 -37.37 46.66
C ASN M 264 67.32 -36.04 46.35
N VAL M 265 66.89 -35.34 47.40
CA VAL M 265 66.28 -34.02 47.27
C VAL M 265 67.39 -32.99 47.22
N GLY M 266 67.51 -32.30 46.09
CA GLY M 266 68.51 -31.28 45.89
C GLY M 266 69.62 -31.66 44.92
N ASP M 267 69.58 -32.91 44.43
CA ASP M 267 70.61 -33.44 43.49
C ASP M 267 70.53 -32.70 42.16
N LYS M 268 71.36 -33.11 41.20
CA LYS M 268 71.41 -32.51 39.87
C LYS M 268 71.92 -33.54 38.87
N VAL M 269 71.21 -33.66 37.75
CA VAL M 269 71.53 -34.63 36.70
C VAL M 269 71.57 -33.91 35.37
N LYS M 270 72.63 -34.17 34.59
CA LYS M 270 72.70 -33.63 33.24
C LYS M 270 72.04 -34.55 32.22
N THR M 271 72.27 -35.86 32.34
CA THR M 271 71.65 -36.82 31.39
C THR M 271 72.11 -38.26 31.66
N GLY M 272 71.17 -39.21 31.62
CA GLY M 272 71.42 -40.63 31.80
C GLY M 272 72.17 -41.04 33.05
N SER M 273 71.81 -40.48 34.19
CA SER M 273 72.41 -40.86 35.47
C SER M 273 71.47 -41.78 36.21
N LEU M 274 72.01 -42.88 36.75
CA LEU M 274 71.21 -43.87 37.46
C LEU M 274 70.69 -43.27 38.75
N ILE M 275 69.38 -43.04 38.82
CA ILE M 275 68.77 -42.48 40.02
C ILE M 275 67.94 -43.50 40.79
N MET M 276 67.45 -44.55 40.15
CA MET M 276 66.61 -45.52 40.83
C MET M 276 66.91 -46.93 40.33
N ILE M 277 66.90 -47.89 41.25
CA ILE M 277 66.90 -49.31 40.95
C ILE M 277 65.68 -49.92 41.63
N PHE M 278 65.03 -50.86 40.95
CA PHE M 278 63.76 -51.39 41.43
C PHE M 278 63.81 -52.91 41.51
N GLU M 279 62.68 -53.48 41.93
CA GLU M 279 62.52 -54.93 42.01
C GLU M 279 61.14 -55.30 41.48
N VAL M 280 61.05 -56.49 40.89
CA VAL M 280 59.79 -57.01 40.37
C VAL M 280 59.85 -58.53 40.28
N PRO M 384 78.46 -4.62 16.38
CA PRO M 384 79.82 -4.25 16.83
C PRO M 384 79.82 -3.53 18.17
N GLY M 385 80.18 -2.25 18.16
CA GLY M 385 80.18 -1.46 19.37
C GLY M 385 78.92 -0.64 19.53
N MET M 386 78.01 -1.11 20.37
CA MET M 386 76.75 -0.43 20.63
C MET M 386 76.80 0.30 21.96
N LEU M 387 75.89 1.26 22.13
CA LEU M 387 75.79 1.97 23.39
C LEU M 387 75.35 1.03 24.49
N PRO M 388 75.80 1.26 25.72
CA PRO M 388 75.35 0.42 26.85
C PRO M 388 73.92 0.74 27.23
N TRP M 389 73.37 -0.10 28.09
CA TRP M 389 72.02 0.11 28.59
C TRP M 389 71.94 1.45 29.31
N PRO M 390 70.80 2.15 29.22
CA PRO M 390 70.71 3.48 29.84
C PRO M 390 70.85 3.44 31.35
N LYS M 391 71.95 3.99 31.85
CA LYS M 391 72.19 4.05 33.30
C LYS M 391 71.30 5.13 33.90
N VAL M 392 70.29 4.71 34.64
CA VAL M 392 69.31 5.62 35.24
C VAL M 392 69.20 5.33 36.72
N ASP M 393 69.14 6.39 37.52
CA ASP M 393 68.87 6.26 38.96
C ASP M 393 67.36 6.27 39.12
N PHE M 394 66.76 5.07 39.08
CA PHE M 394 65.31 4.93 39.06
C PHE M 394 64.65 5.37 40.35
N SER M 395 65.42 5.62 41.41
CA SER M 395 64.86 5.99 42.70
C SER M 395 64.71 7.49 42.89
N LYS M 396 65.36 8.29 42.04
CA LYS M 396 65.24 9.74 42.18
C LYS M 396 63.89 10.27 41.70
N PHE M 397 63.10 9.45 41.02
CA PHE M 397 61.75 9.85 40.61
C PHE M 397 60.66 9.26 41.48
N GLY M 398 60.97 8.24 42.26
CA GLY M 398 59.97 7.64 43.13
C GLY M 398 60.56 6.47 43.87
N GLU M 399 59.66 5.61 44.37
CA GLU M 399 60.05 4.38 45.12
C GLU M 399 60.09 3.21 44.14
N ILE M 400 61.12 2.37 44.25
CA ILE M 400 61.31 1.22 43.39
C ILE M 400 61.37 -0.04 44.23
N GLU M 401 61.50 -1.18 43.57
CA GLU M 401 61.63 -2.47 44.25
C GLU M 401 62.36 -3.40 43.29
N GLU M 402 63.66 -3.60 43.51
CA GLU M 402 64.50 -4.33 42.57
C GLU M 402 64.33 -5.84 42.82
N VAL M 403 63.27 -6.39 42.25
CA VAL M 403 63.07 -7.83 42.27
C VAL M 403 64.04 -8.46 41.26
N GLU M 404 64.37 -9.72 41.49
CA GLU M 404 65.30 -10.45 40.64
C GLU M 404 64.56 -11.58 39.92
N LEU M 405 64.82 -11.72 38.62
CA LEU M 405 64.09 -12.68 37.81
C LEU M 405 64.44 -14.10 38.22
N GLY M 406 63.44 -14.98 38.22
CA GLY M 406 63.68 -16.38 38.47
C GLY M 406 64.57 -17.00 37.40
N ARG M 407 65.01 -18.23 37.69
CA ARG M 407 65.94 -18.88 36.77
C ARG M 407 65.26 -19.23 35.44
N ILE M 408 63.99 -19.61 35.48
CA ILE M 408 63.29 -19.88 34.23
C ILE M 408 63.04 -18.60 33.46
N GLN M 409 62.80 -17.49 34.18
CA GLN M 409 62.64 -16.20 33.51
C GLN M 409 63.95 -15.76 32.88
N LYS M 410 65.07 -15.92 33.59
CA LYS M 410 66.37 -15.61 33.01
C LYS M 410 66.64 -16.45 31.78
N ILE M 411 66.35 -17.76 31.85
CA ILE M 411 66.63 -18.64 30.72
C ILE M 411 65.75 -18.29 29.53
N SER M 412 64.47 -18.01 29.77
CA SER M 412 63.59 -17.64 28.67
C SER M 412 63.99 -16.30 28.07
N GLY M 413 64.46 -15.37 28.90
CA GLY M 413 64.94 -14.11 28.38
C GLY M 413 66.18 -14.28 27.52
N ALA M 414 67.10 -15.14 27.95
CA ALA M 414 68.27 -15.41 27.13
C ALA M 414 67.90 -16.07 25.82
N ASN M 415 66.97 -17.04 25.87
CA ASN M 415 66.53 -17.71 24.65
C ASN M 415 65.87 -16.73 23.68
N LEU M 416 65.03 -15.85 24.19
CA LEU M 416 64.36 -14.88 23.31
C LEU M 416 65.34 -13.85 22.79
N SER M 417 66.33 -13.45 23.60
CA SER M 417 67.32 -12.50 23.12
C SER M 417 68.29 -13.13 22.12
N ARG M 418 68.39 -14.46 22.11
CA ARG M 418 69.12 -15.12 21.04
C ARG M 418 68.28 -15.24 19.78
N ASN M 419 67.01 -15.63 19.94
CA ASN M 419 66.14 -15.77 18.78
C ASN M 419 65.91 -14.44 18.07
N TRP M 420 65.87 -13.35 18.83
CA TRP M 420 65.65 -12.05 18.21
C TRP M 420 66.83 -11.65 17.32
N VAL M 421 68.05 -11.86 17.80
CA VAL M 421 69.23 -11.46 17.03
C VAL M 421 69.46 -12.41 15.87
N MET M 422 69.51 -13.71 16.14
CA MET M 422 69.96 -14.67 15.14
C MET M 422 68.92 -14.98 14.07
N ILE M 423 67.67 -14.61 14.26
CA ILE M 423 66.59 -14.94 13.34
C ILE M 423 66.06 -13.66 12.71
N PRO M 424 66.11 -13.50 11.39
CA PRO M 424 65.39 -12.39 10.77
C PRO M 424 63.91 -12.70 10.66
N HIS M 425 63.10 -12.08 11.51
CA HIS M 425 61.68 -12.39 11.56
C HIS M 425 60.92 -11.64 10.48
N VAL M 426 59.93 -12.32 9.90
CA VAL M 426 58.93 -11.65 9.07
C VAL M 426 57.57 -12.19 9.46
N THR M 427 56.61 -11.29 9.65
CA THR M 427 55.31 -11.64 10.19
C THR M 427 54.23 -11.33 9.17
N HIS M 428 53.54 -12.36 8.72
CA HIS M 428 52.42 -12.21 7.79
C HIS M 428 51.12 -12.36 8.58
N PHE M 429 50.28 -11.34 8.53
CA PHE M 429 49.01 -11.42 9.22
C PHE M 429 47.93 -11.89 8.25
N ASP M 430 46.87 -12.47 8.81
CA ASP M 430 45.79 -12.99 7.98
C ASP M 430 44.56 -13.16 8.83
N LYS M 431 43.42 -13.33 8.17
CA LYS M 431 42.13 -13.53 8.83
C LYS M 431 41.43 -14.70 8.17
N THR M 432 40.92 -15.62 8.98
CA THR M 432 40.33 -16.85 8.50
C THR M 432 38.86 -16.91 8.84
N ASP M 433 38.02 -17.18 7.85
CA ASP M 433 36.57 -17.27 8.06
C ASP M 433 36.27 -18.61 8.70
N ILE M 434 35.99 -18.61 10.01
CA ILE M 434 35.82 -19.85 10.74
C ILE M 434 34.40 -19.96 11.28
N THR M 435 33.43 -19.39 10.56
CA THR M 435 32.03 -19.51 10.98
C THR M 435 31.59 -20.96 10.94
N GLU M 436 31.83 -21.64 9.81
CA GLU M 436 31.48 -23.05 9.70
C GLU M 436 32.25 -23.89 10.70
N LEU M 437 33.53 -23.58 10.90
CA LEU M 437 34.35 -24.33 11.84
C LEU M 437 33.82 -24.17 13.26
N GLU M 438 33.39 -22.97 13.63
CA GLU M 438 32.88 -22.76 14.99
C GLU M 438 31.53 -23.43 15.17
N ALA M 439 30.66 -23.35 14.17
CA ALA M 439 29.39 -24.07 14.24
C ALA M 439 29.62 -25.56 14.40
N PHE M 440 30.55 -26.12 13.63
CA PHE M 440 30.83 -27.55 13.70
C PHE M 440 31.46 -27.92 15.03
N ARG M 441 32.31 -27.04 15.58
CA ARG M 441 32.92 -27.33 16.87
C ARG M 441 31.89 -27.31 17.99
N LYS M 442 30.96 -26.36 17.95
CA LYS M 442 29.88 -26.35 18.94
C LYS M 442 29.00 -27.58 18.80
N GLN M 443 28.68 -27.97 17.56
CA GLN M 443 27.87 -29.16 17.34
C GLN M 443 28.56 -30.41 17.88
N GLN M 444 29.86 -30.53 17.65
CA GLN M 444 30.59 -31.70 18.15
C GLN M 444 30.81 -31.65 19.65
N ASN M 445 30.85 -30.46 20.25
CA ASN M 445 30.92 -30.37 21.70
C ASN M 445 29.60 -30.79 22.33
N GLU M 446 28.48 -30.47 21.68
CA GLU M 446 27.19 -30.99 22.13
C GLU M 446 27.12 -32.50 21.97
N GLU M 447 27.41 -32.99 20.76
CA GLU M 447 27.31 -34.42 20.49
C GLU M 447 28.25 -35.24 21.34
N ALA M 448 29.42 -34.71 21.67
CA ALA M 448 30.35 -35.40 22.55
C ALA M 448 29.97 -35.26 24.01
N ALA M 449 28.89 -34.54 24.32
CA ALA M 449 28.36 -34.46 25.67
C ALA M 449 27.21 -35.43 25.89
N LYS M 450 26.19 -35.36 25.02
CA LYS M 450 25.07 -36.30 25.14
C LYS M 450 25.46 -37.74 24.84
N ARG M 451 26.70 -37.98 24.42
CA ARG M 451 27.22 -39.34 24.27
C ARG M 451 28.26 -39.68 25.33
N LYS M 452 28.47 -38.80 26.31
CA LYS M 452 29.30 -39.07 27.48
C LYS M 452 30.72 -39.48 27.08
N LEU M 453 31.40 -38.58 26.38
CA LEU M 453 32.81 -38.77 26.04
C LEU M 453 33.74 -38.03 26.99
N ASP M 454 33.25 -37.05 27.73
CA ASP M 454 34.06 -36.23 28.64
C ASP M 454 35.26 -35.64 27.91
N VAL M 455 34.98 -34.97 26.80
CA VAL M 455 36.00 -34.30 26.00
C VAL M 455 35.47 -32.92 25.63
N LYS M 456 36.36 -31.94 25.62
CA LYS M 456 36.02 -30.57 25.24
C LYS M 456 36.89 -30.18 24.06
N ILE M 457 36.25 -29.88 22.93
CA ILE M 457 36.96 -29.61 21.69
C ILE M 457 37.16 -28.10 21.58
N THR M 458 38.38 -27.66 21.84
CA THR M 458 38.77 -26.26 21.75
C THR M 458 39.03 -25.86 20.31
N PRO M 459 38.98 -24.56 19.99
CA PRO M 459 39.33 -24.13 18.64
C PRO M 459 40.79 -24.32 18.28
N VAL M 460 41.63 -24.79 19.20
CA VAL M 460 43.05 -24.91 18.93
C VAL M 460 43.40 -26.23 18.23
N VAL M 461 42.61 -27.29 18.44
CA VAL M 461 42.94 -28.55 17.79
C VAL M 461 42.70 -28.48 16.30
N PHE M 462 41.68 -27.71 15.87
CA PHE M 462 41.49 -27.50 14.45
C PHE M 462 42.67 -26.75 13.85
N ILE M 463 43.24 -25.81 14.60
CA ILE M 463 44.41 -25.09 14.11
C ILE M 463 45.63 -26.00 14.07
N MET M 464 45.75 -26.92 15.04
CA MET M 464 46.84 -27.89 15.00
C MET M 464 46.72 -28.77 13.77
N LYS M 465 45.50 -29.22 13.45
CA LYS M 465 45.31 -30.04 12.25
C LYS M 465 45.60 -29.25 10.99
N ALA M 466 45.16 -27.98 10.94
CA ALA M 466 45.43 -27.16 9.77
C ALA M 466 46.91 -26.93 9.58
N VAL M 467 47.64 -26.70 10.68
CA VAL M 467 49.08 -26.46 10.56
C VAL M 467 49.80 -27.76 10.19
N ALA M 468 49.32 -28.90 10.68
CA ALA M 468 49.91 -30.17 10.27
C ALA M 468 49.71 -30.41 8.78
N ALA M 469 48.51 -30.10 8.28
CA ALA M 469 48.26 -30.20 6.85
C ALA M 469 49.20 -29.27 6.07
N ALA M 470 49.35 -28.03 6.54
CA ALA M 470 50.20 -27.08 5.85
C ALA M 470 51.67 -27.50 5.87
N LEU M 471 52.10 -28.18 6.94
CA LEU M 471 53.46 -28.69 6.99
C LEU M 471 53.61 -29.90 6.08
N GLU M 472 52.54 -30.67 5.88
CA GLU M 472 52.57 -31.73 4.89
C GLU M 472 52.71 -31.17 3.49
N GLN M 473 51.97 -30.11 3.17
CA GLN M 473 52.00 -29.55 1.82
C GLN M 473 53.28 -28.77 1.56
N MET M 474 53.72 -27.95 2.53
CA MET M 474 54.94 -27.17 2.37
C MET M 474 56.00 -27.66 3.36
N PRO M 475 56.75 -28.71 3.01
CA PRO M 475 57.69 -29.29 3.98
C PRO M 475 58.87 -28.39 4.30
N ARG M 476 59.06 -27.29 3.57
CA ARG M 476 60.12 -26.36 3.91
C ARG M 476 59.88 -25.69 5.25
N PHE M 477 58.63 -25.59 5.69
CA PHE M 477 58.33 -25.00 6.99
C PHE M 477 58.59 -25.96 8.14
N ASN M 478 58.71 -27.25 7.86
CA ASN M 478 59.04 -28.24 8.88
C ASN M 478 60.55 -28.51 8.81
N SER M 479 61.31 -27.47 9.12
CA SER M 479 62.77 -27.49 8.95
C SER M 479 63.41 -26.96 10.21
N SER M 480 64.74 -26.80 10.16
CA SER M 480 65.53 -26.23 11.24
C SER M 480 66.92 -25.95 10.71
N LEU M 481 67.47 -24.80 11.07
CA LEU M 481 68.81 -24.41 10.64
C LEU M 481 69.84 -24.82 11.68
N SER M 482 71.10 -24.76 11.27
CA SER M 482 72.20 -25.09 12.15
C SER M 482 72.74 -23.83 12.84
N GLU M 483 73.78 -24.04 13.65
CA GLU M 483 74.43 -22.94 14.36
C GLU M 483 74.89 -21.87 13.37
N ASP M 484 75.59 -22.27 12.31
CA ASP M 484 76.09 -21.35 11.30
C ASP M 484 75.03 -20.92 10.29
N GLY M 485 73.88 -21.60 10.24
CA GLY M 485 72.85 -21.24 9.28
C GLY M 485 73.19 -21.61 7.85
N GLN M 486 73.83 -22.76 7.64
CA GLN M 486 74.22 -23.20 6.32
C GLN M 486 73.64 -24.54 5.90
N ARG M 487 73.17 -25.35 6.84
CA ARG M 487 72.61 -26.66 6.55
C ARG M 487 71.22 -26.75 7.14
N LEU M 488 70.23 -26.99 6.29
CA LEU M 488 68.87 -27.19 6.76
C LEU M 488 68.67 -28.63 7.22
N THR M 489 67.62 -28.84 8.00
CA THR M 489 67.26 -30.17 8.50
C THR M 489 65.78 -30.38 8.22
N LEU M 490 65.47 -30.88 7.02
CA LEU M 490 64.09 -31.13 6.64
C LEU M 490 63.54 -32.30 7.44
N LYS M 491 62.69 -32.00 8.42
CA LYS M 491 62.06 -33.04 9.21
C LYS M 491 60.89 -33.65 8.45
N LYS M 492 60.68 -34.95 8.67
CA LYS M 492 59.58 -35.65 8.05
C LYS M 492 58.42 -35.90 9.00
N TYR M 493 58.67 -35.88 10.30
CA TYR M 493 57.61 -35.95 11.29
C TYR M 493 57.00 -34.58 11.50
N ILE M 494 55.81 -34.55 12.11
CA ILE M 494 55.08 -33.31 12.32
C ILE M 494 54.64 -33.32 13.79
N ASN M 495 55.43 -32.69 14.64
CA ASN M 495 55.04 -32.39 16.01
C ASN M 495 54.80 -30.90 16.14
N ILE M 496 53.83 -30.52 16.97
CA ILE M 496 53.42 -29.13 17.09
C ILE M 496 53.35 -28.79 18.57
N GLY M 497 54.11 -27.78 18.99
CA GLY M 497 53.96 -27.25 20.33
C GLY M 497 52.80 -26.26 20.36
N VAL M 498 52.10 -26.25 21.48
CA VAL M 498 50.95 -25.38 21.67
C VAL M 498 51.16 -24.61 22.98
N ALA M 499 51.37 -23.31 22.87
CA ALA M 499 51.69 -22.51 24.04
C ALA M 499 50.53 -22.50 25.01
N VAL M 500 50.71 -23.17 26.16
CA VAL M 500 49.75 -23.18 27.25
C VAL M 500 50.18 -22.14 28.28
N ASP M 501 49.20 -21.52 28.93
CA ASP M 501 49.43 -20.42 29.86
C ASP M 501 49.32 -20.96 31.28
N THR M 502 50.46 -21.26 31.88
CA THR M 502 50.55 -21.62 33.29
C THR M 502 50.78 -20.37 34.13
N PRO M 503 50.51 -20.45 35.44
CA PRO M 503 50.78 -19.29 36.32
C PRO M 503 52.22 -18.79 36.23
N ASN M 504 53.11 -19.62 35.70
CA ASN M 504 54.52 -19.26 35.53
C ASN M 504 54.84 -18.91 34.08
N GLY M 505 53.90 -18.28 33.38
CA GLY M 505 54.13 -17.87 32.02
C GLY M 505 53.65 -18.91 31.01
N LEU M 506 54.12 -18.75 29.78
CA LEU M 506 53.74 -19.64 28.69
C LEU M 506 54.77 -20.76 28.57
N VAL M 507 54.30 -22.00 28.67
CA VAL M 507 55.12 -23.17 28.42
C VAL M 507 54.59 -23.84 27.15
N VAL M 508 55.50 -24.42 26.37
CA VAL M 508 55.09 -25.00 25.10
C VAL M 508 55.20 -26.52 25.17
N PRO M 509 54.10 -27.23 25.41
CA PRO M 509 54.12 -28.68 25.27
C PRO M 509 53.90 -29.10 23.83
N VAL M 510 54.57 -30.19 23.47
CA VAL M 510 54.66 -30.66 22.09
C VAL M 510 53.75 -31.87 21.92
N PHE M 511 52.91 -31.84 20.89
CA PHE M 511 52.05 -32.96 20.53
C PHE M 511 52.63 -33.64 19.29
N LYS M 512 52.78 -34.95 19.35
CA LYS M 512 53.51 -35.69 18.34
C LYS M 512 52.57 -36.24 17.27
N ASP M 513 53.07 -36.27 16.03
CA ASP M 513 52.37 -36.88 14.90
C ASP M 513 50.96 -36.32 14.75
N VAL M 514 50.85 -35.00 14.79
CA VAL M 514 49.56 -34.33 14.67
C VAL M 514 48.93 -34.62 13.32
N ASN M 515 49.74 -34.91 12.30
CA ASN M 515 49.22 -35.15 10.96
C ASN M 515 48.35 -36.40 10.88
N LYS M 516 48.54 -37.35 11.80
CA LYS M 516 47.82 -38.62 11.78
C LYS M 516 46.63 -38.62 12.73
N LYS M 517 46.82 -38.16 13.96
CA LYS M 517 45.78 -38.24 14.97
C LYS M 517 44.55 -37.44 14.58
N GLY M 518 43.40 -37.88 15.08
CA GLY M 518 42.16 -37.18 14.84
C GLY M 518 41.91 -36.06 15.82
N ILE M 519 40.86 -35.30 15.56
CA ILE M 519 40.61 -34.11 16.39
C ILE M 519 40.15 -34.49 17.79
N ILE M 520 39.48 -35.62 17.96
CA ILE M 520 39.07 -36.01 19.30
C ILE M 520 40.23 -36.57 20.11
N GLU M 521 41.09 -37.38 19.51
CA GLU M 521 42.31 -37.82 20.19
C GLU M 521 43.20 -36.65 20.54
N LEU M 522 43.39 -35.72 19.59
CA LEU M 522 44.17 -34.52 19.87
C LEU M 522 43.52 -33.68 20.94
N SER M 523 42.20 -33.62 20.97
CA SER M 523 41.51 -32.82 21.97
C SER M 523 41.68 -33.43 23.37
N ARG M 524 41.67 -34.76 23.45
CA ARG M 524 41.94 -35.41 24.73
C ARG M 524 43.37 -35.15 25.18
N GLU M 525 44.33 -35.30 24.26
CA GLU M 525 45.71 -34.99 24.56
C GLU M 525 45.88 -33.56 25.06
N LEU M 526 45.23 -32.61 24.39
CA LEU M 526 45.35 -31.21 24.76
C LEU M 526 44.70 -30.94 26.11
N MET M 527 43.52 -31.49 26.34
CA MET M 527 42.84 -31.30 27.62
C MET M 527 43.66 -31.90 28.77
N THR M 528 44.37 -33.00 28.51
CA THR M 528 45.22 -33.56 29.55
C THR M 528 46.44 -32.70 29.80
N ILE M 529 47.17 -32.35 28.73
CA ILE M 529 48.46 -31.70 28.89
C ILE M 529 48.31 -30.24 29.31
N SER M 530 47.20 -29.58 28.96
CA SER M 530 46.97 -28.22 29.45
C SER M 530 46.90 -28.20 30.97
N LYS M 531 46.15 -29.13 31.55
CA LYS M 531 46.08 -29.23 33.01
C LYS M 531 47.41 -29.69 33.59
N LYS M 532 48.07 -30.65 32.92
CA LYS M 532 49.38 -31.10 33.35
C LYS M 532 50.38 -29.95 33.44
N ALA M 533 50.24 -28.96 32.56
CA ALA M 533 51.15 -27.82 32.56
C ALA M 533 50.71 -26.79 33.60
N ARG M 534 49.42 -26.44 33.62
CA ARG M 534 48.93 -25.45 34.57
C ARG M 534 49.11 -25.92 36.01
N ASP M 535 49.26 -27.22 36.25
CA ASP M 535 49.59 -27.71 37.58
C ASP M 535 51.08 -27.78 37.82
N GLY M 536 51.88 -27.95 36.76
CA GLY M 536 53.32 -28.04 36.89
C GLY M 536 53.88 -29.43 36.72
N LYS M 537 53.03 -30.44 36.59
CA LYS M 537 53.47 -31.83 36.45
C LYS M 537 53.85 -32.19 35.01
N LEU M 538 54.10 -31.20 34.17
CA LEU M 538 54.41 -31.45 32.76
C LEU M 538 55.70 -32.22 32.59
N THR M 539 55.60 -33.43 32.05
CA THR M 539 56.72 -34.35 31.98
C THR M 539 57.61 -34.03 30.78
N ALA M 540 58.91 -34.26 30.92
CA ALA M 540 59.82 -34.04 29.81
C ALA M 540 59.49 -34.99 28.66
N GLY M 541 59.87 -34.59 27.46
CA GLY M 541 59.43 -35.30 26.28
C GLY M 541 58.08 -34.80 25.82
N GLU M 542 57.29 -34.27 26.76
CA GLU M 542 56.09 -33.54 26.43
C GLU M 542 56.36 -32.06 26.23
N MET M 543 57.64 -31.67 26.15
CA MET M 543 58.01 -30.32 25.74
C MET M 543 59.22 -30.32 24.81
N GLN M 544 59.52 -31.48 24.21
CA GLN M 544 60.72 -31.58 23.33
C GLN M 544 60.34 -32.13 21.95
N GLY M 545 61.12 -31.77 20.94
CA GLY M 545 60.91 -32.22 19.58
C GLY M 545 59.72 -31.60 18.89
N GLY M 546 59.63 -30.28 18.91
CA GLY M 546 58.56 -29.56 18.24
C GLY M 546 59.02 -29.04 16.89
N CYS M 547 58.18 -29.21 15.87
CA CYS M 547 58.46 -28.74 14.53
C CYS M 547 57.83 -27.40 14.21
N PHE M 548 56.94 -26.92 15.07
CA PHE M 548 56.14 -25.73 14.83
C PHE M 548 55.55 -25.33 16.16
N THR M 549 55.09 -24.09 16.25
CA THR M 549 54.51 -23.58 17.48
C THR M 549 53.23 -22.84 17.18
N ILE M 550 52.24 -23.00 18.04
CA ILE M 550 50.97 -22.30 17.94
C ILE M 550 50.77 -21.58 19.27
N SER M 551 50.85 -20.26 19.25
CA SER M 551 50.66 -19.42 20.43
C SER M 551 49.29 -18.79 20.31
N SER M 552 48.32 -19.33 21.05
CA SER M 552 46.95 -18.86 20.98
C SER M 552 46.68 -17.97 22.19
N ILE M 553 46.53 -16.67 21.93
CA ILE M 553 46.18 -15.70 22.97
C ILE M 553 44.82 -15.07 22.66
N GLY M 554 44.00 -15.73 21.85
CA GLY M 554 42.70 -15.19 21.51
C GLY M 554 41.74 -15.10 22.67
N GLY M 555 41.99 -15.86 23.74
CA GLY M 555 41.16 -15.75 24.92
C GLY M 555 41.34 -14.45 25.68
N LEU M 556 42.33 -13.64 25.31
CA LEU M 556 42.65 -12.42 26.02
C LEU M 556 42.51 -11.15 25.18
N GLY M 557 42.66 -11.24 23.86
CA GLY M 557 42.50 -10.06 23.03
C GLY M 557 43.50 -10.00 21.88
N THR M 558 44.10 -8.82 21.68
CA THR M 558 45.15 -8.63 20.65
C THR M 558 44.65 -9.12 19.29
N THR M 559 43.83 -8.31 18.63
CA THR M 559 43.31 -8.59 17.29
C THR M 559 44.39 -9.04 16.31
N HIS M 560 45.64 -8.67 16.54
CA HIS M 560 46.78 -9.28 15.87
C HIS M 560 47.99 -9.16 16.79
N PHE M 561 48.99 -10.01 16.54
CA PHE M 561 50.26 -9.85 17.22
C PHE M 561 51.34 -10.60 16.46
N ALA M 562 52.58 -10.13 16.61
CA ALA M 562 53.73 -10.65 15.87
C ALA M 562 54.61 -11.45 16.82
N PRO M 563 54.44 -12.76 16.90
CA PRO M 563 55.22 -13.54 17.85
C PRO M 563 56.68 -13.65 17.45
N ILE M 564 57.49 -14.27 18.31
CA ILE M 564 58.90 -14.51 18.05
C ILE M 564 59.08 -15.98 17.70
N VAL M 565 59.83 -16.25 16.63
CA VAL M 565 60.09 -17.62 16.22
C VAL M 565 60.72 -18.39 17.36
N ASN M 566 60.21 -19.60 17.59
CA ASN M 566 60.67 -20.44 18.71
C ASN M 566 61.78 -21.35 18.19
N ALA M 567 63.02 -20.85 18.28
CA ALA M 567 64.19 -21.62 17.81
C ALA M 567 64.20 -22.98 18.51
N PRO M 568 64.67 -24.08 17.89
CA PRO M 568 65.29 -24.04 16.55
C PRO M 568 64.31 -24.21 15.41
N GLU M 569 63.03 -23.94 15.64
CA GLU M 569 62.05 -23.99 14.57
C GLU M 569 62.23 -22.79 13.64
N VAL M 570 61.45 -22.74 12.58
CA VAL M 570 61.55 -21.69 11.58
C VAL M 570 60.28 -20.86 11.47
N ALA M 571 59.22 -21.21 12.20
CA ALA M 571 57.97 -20.46 12.09
C ALA M 571 57.18 -20.63 13.38
N ILE M 572 56.20 -19.75 13.55
CA ILE M 572 55.29 -19.80 14.69
C ILE M 572 54.00 -19.11 14.28
N LEU M 573 52.87 -19.71 14.62
CA LEU M 573 51.56 -19.19 14.28
C LEU M 573 50.92 -18.65 15.55
N GLY M 574 50.73 -17.34 15.60
CA GLY M 574 49.99 -16.73 16.68
C GLY M 574 48.53 -16.57 16.29
N VAL M 575 47.65 -16.85 17.24
CA VAL M 575 46.22 -16.83 17.03
C VAL M 575 45.61 -15.77 17.94
N SER M 576 44.65 -15.03 17.42
CA SER M 576 44.06 -13.89 18.11
C SER M 576 42.58 -14.17 18.35
N LYS M 577 41.87 -13.15 18.86
CA LYS M 577 40.48 -13.32 19.24
C LYS M 577 39.59 -13.30 18.01
N SER M 578 38.70 -14.28 17.92
CA SER M 578 37.74 -14.31 16.83
C SER M 578 36.73 -13.18 16.98
N ALA M 579 36.44 -12.50 15.87
CA ALA M 579 35.49 -11.40 15.90
C ALA M 579 34.55 -11.52 14.71
N MET M 580 33.31 -11.09 14.92
CA MET M 580 32.32 -11.12 13.85
C MET M 580 32.49 -9.87 12.99
N GLU M 581 32.93 -10.08 11.76
CA GLU M 581 33.20 -9.00 10.82
C GLU M 581 32.38 -9.18 9.54
N PRO M 582 32.08 -8.09 8.84
CA PRO M 582 31.40 -8.23 7.56
C PRO M 582 32.37 -8.71 6.48
N VAL M 583 31.89 -9.63 5.64
CA VAL M 583 32.68 -10.20 4.57
C VAL M 583 31.91 -10.06 3.27
N TRP M 584 32.60 -9.66 2.21
CA TRP M 584 31.99 -9.45 0.90
C TRP M 584 31.73 -10.80 0.25
N ASN M 585 30.46 -11.17 0.13
CA ASN M 585 30.10 -12.41 -0.54
C ASN M 585 29.98 -12.26 -2.05
N GLY M 586 30.28 -11.08 -2.59
CA GLY M 586 30.13 -10.79 -3.99
C GLY M 586 29.04 -9.78 -4.29
N LYS M 587 28.01 -9.71 -3.43
CA LYS M 587 26.95 -8.73 -3.61
C LYS M 587 26.54 -8.02 -2.33
N GLU M 588 26.94 -8.49 -1.16
CA GLU M 588 26.57 -7.85 0.09
C GLU M 588 27.57 -8.27 1.16
N PHE M 589 27.39 -7.73 2.37
CA PHE M 589 28.29 -7.99 3.49
C PHE M 589 27.61 -8.97 4.44
N VAL M 590 28.02 -10.23 4.37
CA VAL M 590 27.49 -11.25 5.28
C VAL M 590 28.32 -11.22 6.56
N PRO M 591 27.71 -11.30 7.73
CA PRO M 591 28.50 -11.30 8.96
C PRO M 591 29.14 -12.66 9.23
N ARG M 592 30.45 -12.76 9.01
CA ARG M 592 31.17 -13.99 9.28
C ARG M 592 32.00 -13.83 10.53
N LEU M 593 32.61 -14.93 10.98
CA LEU M 593 33.40 -14.93 12.20
C LEU M 593 34.86 -15.14 11.82
N MET M 594 35.61 -14.04 11.74
CA MET M 594 36.99 -14.10 11.30
C MET M 594 37.93 -14.26 12.49
N LEU M 595 38.87 -15.19 12.36
CA LEU M 595 39.90 -15.46 13.36
C LEU M 595 41.22 -14.92 12.83
N PRO M 596 41.84 -13.95 13.51
CA PRO M 596 43.09 -13.38 13.00
C PRO M 596 44.28 -14.23 13.41
N ILE M 597 44.96 -14.79 12.42
CA ILE M 597 46.20 -15.53 12.63
C ILE M 597 47.36 -14.68 12.15
N SER M 598 48.56 -15.08 12.53
CA SER M 598 49.76 -14.34 12.16
C SER M 598 50.94 -15.30 12.16
N LEU M 599 51.54 -15.52 11.01
CA LEU M 599 52.68 -16.42 10.87
C LEU M 599 53.96 -15.61 10.93
N SER M 600 54.73 -15.76 12.00
CA SER M 600 56.03 -15.14 12.12
C SER M 600 57.09 -16.19 11.85
N PHE M 601 57.91 -15.97 10.84
CA PHE M 601 58.83 -17.00 10.41
C PHE M 601 60.22 -16.45 10.19
N ASP M 602 61.18 -17.36 10.23
CA ASP M 602 62.58 -17.06 9.96
C ASP M 602 62.76 -16.80 8.47
N HIS M 603 63.30 -15.63 8.14
CA HIS M 603 63.49 -15.20 6.74
C HIS M 603 64.68 -15.92 6.08
N ARG M 604 65.58 -16.51 6.87
CA ARG M 604 66.72 -17.19 6.29
C ARG M 604 66.30 -18.46 5.57
N VAL M 605 65.35 -19.19 6.15
CA VAL M 605 64.85 -20.42 5.54
C VAL M 605 63.72 -20.13 4.56
N ILE M 606 62.74 -19.36 4.99
CA ILE M 606 61.52 -19.10 4.23
C ILE M 606 61.58 -17.67 3.71
N ASP M 607 61.02 -17.43 2.53
CA ASP M 607 60.88 -16.09 2.00
C ASP M 607 59.42 -15.66 2.10
N GLY M 608 59.17 -14.39 1.73
CA GLY M 608 57.84 -13.84 1.88
C GLY M 608 56.78 -14.62 1.13
N ALA M 609 57.12 -15.09 -0.08
CA ALA M 609 56.14 -15.82 -0.88
C ALA M 609 55.79 -17.17 -0.28
N ASP M 610 56.79 -17.88 0.25
CA ASP M 610 56.50 -19.16 0.88
C ASP M 610 55.69 -18.97 2.16
N GLY M 611 56.00 -17.94 2.94
CA GLY M 611 55.16 -17.63 4.09
C GLY M 611 53.74 -17.30 3.69
N ALA M 612 53.58 -16.59 2.56
CA ALA M 612 52.24 -16.26 2.07
C ALA M 612 51.48 -17.53 1.70
N ARG M 613 52.13 -18.42 0.95
CA ARG M 613 51.47 -19.66 0.57
C ARG M 613 51.13 -20.51 1.79
N PHE M 614 52.01 -20.53 2.79
CA PHE M 614 51.76 -21.33 3.99
C PHE M 614 50.57 -20.78 4.77
N ILE M 615 50.56 -19.47 5.01
CA ILE M 615 49.47 -18.92 5.79
C ILE M 615 48.17 -18.96 5.00
N THR M 616 48.22 -18.94 3.67
CA THR M 616 46.98 -19.07 2.93
C THR M 616 46.52 -20.52 2.87
N ILE M 617 47.42 -21.48 2.97
CA ILE M 617 47.02 -22.87 3.13
C ILE M 617 46.31 -23.06 4.47
N ILE M 618 46.87 -22.48 5.53
CA ILE M 618 46.21 -22.54 6.83
C ILE M 618 44.85 -21.85 6.77
N ASN M 619 44.79 -20.69 6.11
CA ASN M 619 43.54 -19.95 6.00
C ASN M 619 42.49 -20.75 5.25
N ASN M 620 42.88 -21.41 4.16
CA ASN M 620 41.93 -22.22 3.41
C ASN M 620 41.48 -23.43 4.19
N THR M 621 42.41 -24.09 4.89
CA THR M 621 42.05 -25.28 5.66
C THR M 621 41.08 -24.93 6.78
N LEU M 622 41.38 -23.89 7.56
CA LEU M 622 40.49 -23.50 8.63
C LEU M 622 39.21 -22.85 8.13
N SER M 623 39.23 -22.30 6.91
CA SER M 623 38.02 -21.71 6.36
C SER M 623 37.00 -22.77 5.99
N ASP M 624 37.46 -23.92 5.50
CA ASP M 624 36.60 -25.05 5.18
C ASP M 624 37.35 -26.30 5.65
N ILE M 625 37.04 -26.75 6.87
CA ILE M 625 37.81 -27.82 7.48
C ILE M 625 37.72 -29.14 6.74
N ARG M 626 36.74 -29.28 5.84
CA ARG M 626 36.62 -30.50 5.05
C ARG M 626 37.88 -30.76 4.22
N ARG M 627 38.69 -29.73 3.97
CA ARG M 627 39.93 -29.95 3.24
C ARG M 627 40.95 -30.76 4.03
N LEU M 628 40.64 -31.18 5.24
CA LEU M 628 41.55 -32.08 5.97
C LEU M 628 41.40 -33.53 5.54
N VAL M 629 40.31 -33.88 4.86
CA VAL M 629 40.14 -35.25 4.40
C VAL M 629 40.71 -35.47 2.99
N MET M 630 40.90 -34.41 2.22
CA MET M 630 41.45 -34.51 0.88
C MET M 630 42.93 -34.87 0.90
N GLU N 208 74.67 29.36 44.41
CA GLU N 208 75.18 28.20 43.69
C GLU N 208 74.15 27.78 42.66
N VAL N 209 74.52 27.82 41.38
CA VAL N 209 73.67 27.38 40.28
C VAL N 209 74.47 26.35 39.48
N ASN N 210 74.31 25.08 39.83
CA ASN N 210 74.87 24.00 39.03
C ASN N 210 73.97 23.78 37.83
N VAL N 211 74.13 22.66 37.14
CA VAL N 211 73.08 22.22 36.22
C VAL N 211 72.05 21.51 37.09
N PRO N 212 70.75 21.78 36.89
CA PRO N 212 69.74 21.24 37.80
C PRO N 212 69.47 19.77 37.59
N ASP N 213 69.35 19.33 36.33
CA ASP N 213 69.02 17.89 36.16
C ASP N 213 69.35 17.34 34.77
N ILE N 214 70.51 16.67 34.66
CA ILE N 214 70.90 15.91 33.47
C ILE N 214 71.24 14.51 33.94
N GLY N 215 70.74 13.50 33.21
CA GLY N 215 70.87 12.11 33.63
C GLY N 215 72.30 11.60 33.73
N GLY N 216 73.28 12.41 33.32
CA GLY N 216 74.67 12.01 33.43
C GLY N 216 75.39 11.96 32.11
N ASP N 217 74.91 12.73 31.13
CA ASP N 217 75.54 12.83 29.83
C ASP N 217 76.27 14.15 29.71
N GLU N 218 77.40 14.13 29.02
CA GLU N 218 78.18 15.34 28.80
C GLU N 218 77.52 16.17 27.71
N VAL N 219 76.98 17.32 28.08
CA VAL N 219 76.20 18.17 27.18
C VAL N 219 77.01 19.41 26.82
N GLU N 220 76.93 19.81 25.56
CA GLU N 220 77.68 20.95 25.04
C GLU N 220 76.78 22.17 24.98
N VAL N 221 77.23 23.27 25.60
CA VAL N 221 76.45 24.50 25.62
C VAL N 221 76.29 25.06 24.21
N THR N 222 75.18 25.75 23.97
CA THR N 222 74.97 26.50 22.74
C THR N 222 75.04 28.00 22.98
N GLU N 223 74.32 28.54 23.95
CA GLU N 223 74.37 29.96 24.29
C GLU N 223 73.74 30.17 25.66
N VAL N 224 73.80 31.41 26.13
CA VAL N 224 73.26 31.79 27.44
C VAL N 224 72.13 32.79 27.22
N MET N 225 71.35 33.00 28.28
CA MET N 225 70.13 33.80 28.22
C MET N 225 70.21 35.10 29.00
N VAL N 226 71.33 35.38 29.66
CA VAL N 226 71.36 36.44 30.68
C VAL N 226 72.33 37.54 30.31
N LYS N 227 72.41 38.57 31.17
CA LYS N 227 73.30 39.70 31.01
C LYS N 227 74.06 39.92 32.32
N VAL N 228 75.24 40.54 32.21
CA VAL N 228 75.98 40.92 33.41
C VAL N 228 75.23 42.06 34.09
N GLY N 229 74.64 41.78 35.25
CA GLY N 229 73.80 42.70 35.96
C GLY N 229 72.33 42.33 35.95
N ASP N 230 71.87 41.56 34.97
CA ASP N 230 70.50 41.10 34.92
C ASP N 230 70.19 40.21 36.12
N LYS N 231 68.91 40.20 36.52
CA LYS N 231 68.43 39.30 37.56
C LYS N 231 67.31 38.44 36.97
N VAL N 232 67.34 37.16 37.30
CA VAL N 232 66.51 36.14 36.64
C VAL N 232 65.36 35.77 37.54
N ALA N 233 64.26 35.32 36.93
CA ALA N 233 63.02 35.03 37.63
C ALA N 233 63.12 33.68 38.33
N ALA N 234 61.97 33.18 38.79
CA ALA N 234 61.94 31.95 39.59
C ALA N 234 62.48 30.76 38.82
N GLU N 235 61.82 30.44 37.70
CA GLU N 235 62.24 29.29 36.86
C GLU N 235 62.12 29.66 35.38
N GLN N 236 63.15 30.29 34.81
CA GLN N 236 63.13 30.66 33.40
C GLN N 236 64.49 30.35 32.79
N SER N 237 64.61 30.61 31.49
CA SER N 237 65.81 30.21 30.76
C SER N 237 67.03 30.99 31.20
N LEU N 238 68.15 30.28 31.36
CA LEU N 238 69.46 30.85 31.59
C LEU N 238 70.48 30.41 30.54
N ILE N 239 70.43 29.16 30.12
CA ILE N 239 71.43 28.57 29.25
C ILE N 239 70.80 27.45 28.44
N THR N 240 71.07 27.42 27.14
CA THR N 240 70.62 26.32 26.31
C THR N 240 71.80 25.38 26.06
N VAL N 241 71.56 24.08 26.22
CA VAL N 241 72.58 23.06 26.05
C VAL N 241 72.06 22.00 25.09
N GLU N 242 72.86 21.62 24.12
CA GLU N 242 72.43 20.76 23.02
C GLU N 242 72.84 19.34 23.34
N GLY N 243 71.94 18.60 23.98
CA GLY N 243 72.17 17.21 24.34
C GLY N 243 71.55 16.26 23.33
N ASP N 244 71.04 15.14 23.84
CA ASP N 244 70.36 14.18 22.99
C ASP N 244 68.93 14.63 22.77
CB LA2 N 245 65.92 14.04 22.83
C LA2 N 245 66.70 15.69 21.09
O LA2 N 245 66.51 15.87 19.86
N LA2 N 245 68.21 13.92 21.90
CA LA2 N 245 66.80 14.24 21.59
O1 LA2 N 245 64.30 8.21 20.76
C1 LA2 N 245 63.56 9.07 21.22
NZ LA2 N 245 64.03 10.25 21.63
CE LA2 N 245 63.40 11.08 22.66
CD LA2 N 245 63.91 12.51 22.64
CG LA2 N 245 65.37 12.63 23.02
C2 LA2 N 245 62.06 8.86 21.35
C3 LA2 N 245 61.52 7.92 20.31
C4 LA2 N 245 60.55 6.90 20.88
C5 LA2 N 245 59.79 6.04 19.89
C6 LA2 N 245 60.66 5.28 18.89
S6 LA2 N 245 61.89 4.23 19.73
C7 LA2 N 245 59.86 4.52 17.84
C8 LA2 N 245 58.88 5.38 17.08
S8 LA2 N 245 58.70 4.93 15.34
N ALA N 246 66.83 16.66 21.99
CA ALA N 246 66.77 18.07 21.63
C ALA N 246 67.47 18.98 22.63
N SER N 247 67.74 20.20 22.22
CA SER N 247 68.41 21.16 23.09
C SER N 247 67.48 21.60 24.22
N MET N 248 68.04 21.70 25.42
CA MET N 248 67.28 21.95 26.64
C MET N 248 67.73 23.25 27.28
N GLU N 249 66.75 24.02 27.76
CA GLU N 249 67.00 25.29 28.44
C GLU N 249 66.96 25.06 29.95
N VAL N 250 68.11 25.26 30.60
CA VAL N 250 68.17 25.10 32.06
C VAL N 250 67.30 26.16 32.73
N PRO N 251 66.42 25.78 33.65
CA PRO N 251 65.57 26.77 34.31
C PRO N 251 66.33 27.49 35.42
N ALA N 252 65.62 28.42 36.06
CA ALA N 252 66.31 29.06 37.17
C ALA N 252 65.98 28.34 38.48
N PRO N 253 66.93 28.24 39.40
CA PRO N 253 66.61 27.68 40.73
C PRO N 253 66.00 28.70 41.66
N PHE N 254 66.23 29.99 41.45
CA PHE N 254 65.81 31.06 42.35
C PHE N 254 66.01 32.38 41.61
N ALA N 255 65.74 33.49 42.32
CA ALA N 255 65.90 34.84 41.74
C ALA N 255 67.13 35.56 42.32
N GLY N 256 67.81 36.35 41.49
CA GLY N 256 68.99 37.07 41.91
C GLY N 256 69.76 37.62 40.72
N VAL N 257 70.48 38.70 40.98
CA VAL N 257 71.27 39.35 39.95
C VAL N 257 72.54 38.56 39.71
N VAL N 258 73.14 38.78 38.55
CA VAL N 258 74.25 37.98 38.05
C VAL N 258 75.55 38.37 38.76
N LYS N 259 76.36 37.37 39.11
CA LYS N 259 77.71 37.55 39.65
C LYS N 259 78.79 36.85 38.84
N GLU N 260 78.49 35.69 38.27
CA GLU N 260 79.45 34.87 37.52
C GLU N 260 78.91 34.56 36.15
N LEU N 261 79.72 34.80 35.12
CA LEU N 261 79.61 34.05 33.88
C LEU N 261 80.58 32.87 33.92
N LYS N 262 80.36 32.01 34.91
CA LYS N 262 81.20 30.84 35.05
C LYS N 262 81.09 29.93 33.83
N VAL N 263 79.93 29.92 33.19
CA VAL N 263 79.76 29.30 31.87
C VAL N 263 79.72 30.41 30.82
N ASN N 264 80.09 30.07 29.59
CA ASN N 264 80.04 30.99 28.46
C ASN N 264 79.34 30.32 27.27
N VAL N 265 79.42 30.98 26.12
CA VAL N 265 78.85 30.44 24.89
C VAL N 265 79.86 29.49 24.26
N GLY N 266 79.52 28.22 24.18
CA GLY N 266 80.37 27.20 23.61
C GLY N 266 80.94 26.24 24.61
N ASP N 267 80.67 26.47 25.90
CA ASP N 267 81.19 25.62 27.00
C ASP N 267 80.58 24.22 26.92
N LYS N 268 80.92 23.36 27.88
CA LYS N 268 80.43 21.98 27.94
C LYS N 268 80.44 21.51 29.38
N VAL N 269 79.32 20.93 29.82
CA VAL N 269 79.14 20.46 31.19
C VAL N 269 78.63 19.02 31.16
N LYS N 270 79.24 18.16 31.95
CA LYS N 270 78.76 16.79 32.09
C LYS N 270 77.70 16.66 33.18
N THR N 271 77.93 17.32 34.33
CA THR N 271 76.93 17.25 35.43
C THR N 271 77.43 18.01 36.68
N GLY N 272 76.53 18.77 37.30
CA GLY N 272 76.80 19.53 38.51
C GLY N 272 77.99 20.46 38.51
N SER N 273 78.16 21.23 37.44
CA SER N 273 79.24 22.21 37.36
C SER N 273 78.68 23.60 37.63
N LEU N 274 79.35 24.36 38.48
CA LEU N 274 78.90 25.70 38.85
C LEU N 274 78.99 26.62 37.64
N ILE N 275 77.84 27.02 37.11
CA ILE N 275 77.80 27.92 35.96
C ILE N 275 77.35 29.33 36.32
N MET N 276 76.61 29.51 37.41
CA MET N 276 76.10 30.83 37.78
C MET N 276 76.12 31.00 39.29
N ILE N 277 76.47 32.20 39.73
CA ILE N 277 76.31 32.67 41.09
C ILE N 277 75.47 33.93 41.05
N PHE N 278 74.57 34.09 42.01
CA PHE N 278 73.60 35.18 41.97
C PHE N 278 73.64 35.97 43.27
N GLU N 279 72.78 36.99 43.34
CA GLU N 279 72.62 37.82 44.53
C GLU N 279 71.15 38.07 44.76
N VAL N 280 70.78 38.23 46.03
CA VAL N 280 69.41 38.49 46.43
C VAL N 280 69.38 39.15 47.80
N PRO N 384 77.72 -12.87 15.42
CA PRO N 384 79.14 -13.18 15.23
C PRO N 384 79.73 -12.47 14.01
N GLY N 385 80.08 -13.23 12.98
CA GLY N 385 80.62 -12.66 11.77
C GLY N 385 79.56 -12.48 10.70
N MET N 386 79.08 -11.26 10.53
CA MET N 386 78.07 -10.94 9.54
C MET N 386 78.71 -10.25 8.34
N LEU N 387 77.98 -10.26 7.23
CA LEU N 387 78.43 -9.57 6.03
C LEU N 387 78.47 -8.07 6.28
N PRO N 388 79.40 -7.36 5.65
CA PRO N 388 79.45 -5.91 5.79
C PRO N 388 78.31 -5.24 5.01
N TRP N 389 78.16 -3.95 5.25
CA TRP N 389 77.15 -3.18 4.54
C TRP N 389 77.42 -3.23 3.03
N PRO N 390 76.37 -3.25 2.21
CA PRO N 390 76.59 -3.36 0.76
C PRO N 390 77.36 -2.19 0.18
N LYS N 391 78.59 -2.45 -0.28
CA LYS N 391 79.41 -1.42 -0.90
C LYS N 391 78.88 -1.16 -2.30
N VAL N 392 78.27 0.01 -2.49
CA VAL N 392 77.66 0.38 -3.77
C VAL N 392 78.18 1.75 -4.18
N ASP N 393 78.49 1.90 -5.47
CA ASP N 393 78.84 3.19 -6.04
C ASP N 393 77.54 3.85 -6.46
N PHE N 394 76.95 4.62 -5.53
CA PHE N 394 75.63 5.19 -5.74
C PHE N 394 75.58 6.23 -6.84
N SER N 395 76.73 6.69 -7.33
CA SER N 395 76.78 7.73 -8.34
C SER N 395 76.77 7.20 -9.76
N LYS N 396 77.02 5.90 -9.95
CA LYS N 396 77.01 5.34 -11.30
C LYS N 396 75.61 5.18 -11.86
N PHE N 397 74.57 5.32 -11.03
CA PHE N 397 73.19 5.27 -11.51
C PHE N 397 72.56 6.65 -11.63
N GLY N 398 73.13 7.66 -11.00
CA GLY N 398 72.58 8.99 -11.09
C GLY N 398 73.40 9.95 -10.25
N GLU N 399 72.77 11.08 -9.91
CA GLU N 399 73.39 12.15 -9.09
C GLU N 399 72.99 11.93 -7.62
N ILE N 400 73.94 12.06 -6.71
CA ILE N 400 73.71 11.86 -5.30
C ILE N 400 74.09 13.14 -4.55
N GLU N 401 73.89 13.12 -3.24
CA GLU N 401 74.27 14.25 -2.38
C GLU N 401 74.49 13.68 -0.98
N GLU N 402 75.76 13.49 -0.61
CA GLU N 402 76.11 12.80 0.63
C GLU N 402 76.02 13.80 1.79
N VAL N 403 74.79 13.99 2.28
CA VAL N 403 74.59 14.78 3.49
C VAL N 403 75.01 13.95 4.70
N GLU N 404 75.38 14.63 5.77
CA GLU N 404 75.84 13.97 6.98
C GLU N 404 74.84 14.22 8.10
N LEU N 405 74.52 13.17 8.85
CA LEU N 405 73.49 13.24 9.88
C LEU N 405 73.94 14.13 11.02
N GLY N 406 73.01 14.92 11.55
CA GLY N 406 73.29 15.73 12.72
C GLY N 406 73.63 14.87 13.93
N ARG N 407 74.10 15.53 14.98
CA ARG N 407 74.54 14.79 16.16
C ARG N 407 73.37 14.15 16.88
N ILE N 408 72.22 14.81 16.91
CA ILE N 408 71.05 14.21 17.52
C ILE N 408 70.54 13.05 16.67
N GLN N 409 70.65 13.17 15.35
CA GLN N 409 70.26 12.05 14.48
C GLN N 409 71.20 10.87 14.67
N LYS N 410 72.50 11.12 14.76
CA LYS N 410 73.45 10.04 15.03
C LYS N 410 73.15 9.37 16.36
N ILE N 411 72.87 10.17 17.40
CA ILE N 411 72.63 9.61 18.72
C ILE N 411 71.34 8.80 18.74
N SER N 412 70.29 9.31 18.10
CA SER N 412 69.04 8.57 18.05
C SER N 412 69.19 7.30 17.23
N GLY N 413 69.98 7.33 16.16
CA GLY N 413 70.25 6.12 15.40
C GLY N 413 70.99 5.09 16.21
N ALA N 414 71.99 5.52 16.98
CA ALA N 414 72.70 4.58 17.84
C ALA N 414 71.79 4.00 18.90
N ASN N 415 70.94 4.84 19.50
CA ASN N 415 70.01 4.34 20.52
C ASN N 415 69.04 3.33 19.94
N LEU N 416 68.51 3.61 18.75
CA LEU N 416 67.56 2.67 18.14
C LEU N 416 68.26 1.41 17.68
N SER N 417 69.51 1.49 17.22
CA SER N 417 70.22 0.30 16.83
C SER N 417 70.67 -0.52 18.03
N ARG N 418 70.71 0.08 19.21
CA ARG N 418 70.91 -0.71 20.42
C ARG N 418 69.61 -1.36 20.88
N ASN N 419 68.52 -0.60 20.87
CA ASN N 419 67.23 -1.13 21.29
C ASN N 419 66.76 -2.26 20.38
N TRP N 420 67.08 -2.19 19.08
CA TRP N 420 66.66 -3.24 18.17
C TRP N 420 67.37 -4.56 18.49
N VAL N 421 68.67 -4.51 18.73
CA VAL N 421 69.42 -5.73 18.99
C VAL N 421 69.11 -6.27 20.37
N MET N 422 69.23 -5.44 21.40
CA MET N 422 69.19 -5.92 22.77
C MET N 422 67.79 -6.26 23.28
N ILE N 423 66.74 -5.84 22.58
CA ILE N 423 65.37 -6.04 23.03
C ILE N 423 64.68 -6.97 22.05
N PRO N 424 64.17 -8.12 22.50
CA PRO N 424 63.28 -8.90 21.64
C PRO N 424 61.88 -8.31 21.62
N HIS N 425 61.52 -7.66 20.52
CA HIS N 425 60.25 -6.95 20.44
C HIS N 425 59.12 -7.91 20.10
N VAL N 426 57.96 -7.69 20.70
CA VAL N 426 56.73 -8.32 20.26
C VAL N 426 55.64 -7.26 20.23
N THR N 427 54.89 -7.21 19.15
CA THR N 427 53.92 -6.15 18.92
C THR N 427 52.52 -6.75 18.85
N HIS N 428 51.66 -6.35 19.79
CA HIS N 428 50.27 -6.76 19.80
C HIS N 428 49.42 -5.61 19.30
N PHE N 429 48.67 -5.84 18.23
CA PHE N 429 47.80 -4.80 17.71
C PHE N 429 46.40 -4.95 18.30
N ASP N 430 45.66 -3.84 18.32
CA ASP N 430 44.32 -3.88 18.89
C ASP N 430 43.55 -2.67 18.38
N LYS N 431 42.24 -2.72 18.55
CA LYS N 431 41.35 -1.64 18.14
C LYS N 431 40.40 -1.34 19.29
N THR N 432 40.25 -0.06 19.62
CA THR N 432 39.48 0.37 20.78
C THR N 432 38.29 1.20 20.34
N ASP N 433 37.10 0.83 20.81
CA ASP N 433 35.88 1.56 20.46
C ASP N 433 35.84 2.83 21.29
N ILE N 434 36.14 3.97 20.66
CA ILE N 434 36.25 5.23 21.38
C ILE N 434 35.18 6.21 20.92
N THR N 435 34.02 5.70 20.51
CA THR N 435 32.94 6.59 20.12
C THR N 435 32.47 7.43 21.30
N GLU N 436 32.19 6.78 22.43
CA GLU N 436 31.79 7.50 23.63
C GLU N 436 32.88 8.44 24.10
N LEU N 437 34.14 7.98 24.03
CA LEU N 437 35.25 8.83 24.46
C LEU N 437 35.38 10.06 23.60
N GLU N 438 35.18 9.91 22.28
CA GLU N 438 35.29 11.07 21.40
C GLU N 438 34.12 12.03 21.59
N ALA N 439 32.92 11.50 21.76
CA ALA N 439 31.77 12.36 22.07
C ALA N 439 32.01 13.15 23.36
N PHE N 440 32.51 12.46 24.40
CA PHE N 440 32.75 13.12 25.66
C PHE N 440 33.88 14.14 25.56
N ARG N 441 34.90 13.85 24.75
CA ARG N 441 36.00 14.80 24.58
C ARG N 441 35.53 16.05 23.84
N LYS N 442 34.70 15.89 22.81
CA LYS N 442 34.14 17.05 22.13
C LYS N 442 33.24 17.85 23.07
N GLN N 443 32.42 17.17 23.87
CA GLN N 443 31.55 17.86 24.82
C GLN N 443 32.38 18.65 25.83
N GLN N 444 33.46 18.07 26.34
CA GLN N 444 34.29 18.78 27.30
C GLN N 444 35.12 19.87 26.65
N ASN N 445 35.44 19.75 25.36
CA ASN N 445 36.12 20.85 24.68
C ASN N 445 35.18 22.02 24.47
N GLU N 446 33.90 21.74 24.21
CA GLU N 446 32.91 22.81 24.17
C GLU N 446 32.74 23.45 25.55
N GLU N 447 32.48 22.63 26.56
CA GLU N 447 32.22 23.14 27.91
C GLU N 447 33.42 23.89 28.46
N ALA N 448 34.64 23.47 28.13
CA ALA N 448 35.83 24.17 28.56
C ALA N 448 36.10 25.42 27.73
N ALA N 449 35.27 25.68 26.72
CA ALA N 449 35.36 26.91 25.93
C ALA N 449 34.38 27.97 26.43
N LYS N 450 33.09 27.62 26.52
CA LYS N 450 32.10 28.56 27.02
C LYS N 450 32.29 28.89 28.49
N ARG N 451 33.24 28.24 29.18
CA ARG N 451 33.60 28.59 30.54
C ARG N 451 34.98 29.24 30.62
N LYS N 452 35.60 29.51 29.47
CA LYS N 452 36.85 30.28 29.39
C LYS N 452 37.96 29.66 30.24
N LEU N 453 38.29 28.41 29.92
CA LEU N 453 39.42 27.75 30.55
C LEU N 453 40.70 27.80 29.71
N ASP N 454 40.58 28.08 28.41
CA ASP N 454 41.73 28.13 27.51
C ASP N 454 42.53 26.83 27.57
N VAL N 455 41.82 25.71 27.42
CA VAL N 455 42.43 24.39 27.40
C VAL N 455 41.83 23.61 26.24
N LYS N 456 42.66 22.80 25.60
CA LYS N 456 42.24 21.95 24.49
C LYS N 456 42.53 20.50 24.86
N ILE N 457 41.49 19.69 24.94
CA ILE N 457 41.62 18.31 25.40
C ILE N 457 41.79 17.42 24.19
N THR N 458 43.02 16.98 23.97
CA THR N 458 43.37 16.09 22.87
C THR N 458 43.03 14.64 23.21
N PRO N 459 42.88 13.77 22.21
CA PRO N 459 42.63 12.36 22.50
C PRO N 459 43.81 11.65 23.14
N VAL N 460 44.93 12.33 23.36
CA VAL N 460 46.11 11.66 23.90
C VAL N 460 46.09 11.62 25.42
N VAL N 461 45.44 12.59 26.08
CA VAL N 461 45.43 12.58 27.54
C VAL N 461 44.58 11.42 28.07
N PHE N 462 43.51 11.08 27.36
CA PHE N 462 42.73 9.91 27.74
C PHE N 462 43.57 8.65 27.62
N ILE N 463 44.43 8.58 26.61
CA ILE N 463 45.31 7.42 26.46
C ILE N 463 46.36 7.42 27.55
N MET N 464 46.86 8.58 27.95
CA MET N 464 47.80 8.64 29.07
C MET N 464 47.15 8.14 30.34
N LYS N 465 45.89 8.53 30.59
CA LYS N 465 45.20 8.05 31.77
C LYS N 465 44.95 6.55 31.70
N ALA N 466 44.56 6.05 30.53
CA ALA N 466 44.34 4.61 30.37
C ALA N 466 45.61 3.82 30.59
N VAL N 467 46.74 4.32 30.08
CA VAL N 467 48.00 3.62 30.27
C VAL N 467 48.46 3.69 31.71
N ALA N 468 48.20 4.81 32.38
CA ALA N 468 48.53 4.90 33.80
C ALA N 468 47.71 3.90 34.61
N ALA N 469 46.42 3.77 34.29
CA ALA N 469 45.59 2.77 34.94
C ALA N 469 46.14 1.37 34.68
N ALA N 470 46.51 1.08 33.43
CA ALA N 470 47.02 -0.25 33.10
C ALA N 470 48.34 -0.53 33.80
N LEU N 471 49.17 0.49 34.01
CA LEU N 471 50.40 0.30 34.75
C LEU N 471 50.12 0.11 36.24
N GLU N 472 49.05 0.71 36.74
CA GLU N 472 48.62 0.43 38.10
C GLU N 472 48.17 -1.02 38.26
N GLN N 473 47.40 -1.53 37.30
CA GLN N 473 46.88 -2.88 37.41
C GLN N 473 47.95 -3.93 37.13
N MET N 474 48.78 -3.70 36.10
CA MET N 474 49.84 -4.64 35.76
C MET N 474 51.19 -4.00 36.01
N PRO N 475 51.70 -4.02 37.25
CA PRO N 475 52.95 -3.31 37.55
C PRO N 475 54.18 -3.91 36.89
N ARG N 476 54.07 -5.10 36.30
CA ARG N 476 55.21 -5.66 35.58
C ARG N 476 55.58 -4.84 34.36
N PHE N 477 54.63 -4.09 33.79
CA PHE N 477 54.92 -3.24 32.65
C PHE N 477 55.62 -1.95 33.05
N ASN N 478 55.56 -1.58 34.32
CA ASN N 478 56.27 -0.40 34.82
C ASN N 478 57.60 -0.85 35.42
N SER N 479 58.46 -1.40 34.56
CA SER N 479 59.69 -2.03 34.99
C SER N 479 60.84 -1.52 34.12
N SER N 480 62.01 -2.11 34.31
CA SER N 480 63.20 -1.82 33.52
C SER N 480 64.26 -2.86 33.84
N LEU N 481 64.93 -3.33 32.80
CA LEU N 481 65.97 -4.33 32.95
C LEU N 481 67.33 -3.67 33.10
N SER N 482 68.31 -4.47 33.52
CA SER N 482 69.67 -4.00 33.67
C SER N 482 70.48 -4.27 32.41
N GLU N 483 71.75 -3.88 32.45
CA GLU N 483 72.68 -4.10 31.35
C GLU N 483 72.71 -5.58 30.94
N ASP N 484 72.90 -6.47 31.93
CA ASP N 484 72.94 -7.89 31.66
C ASP N 484 71.56 -8.53 31.48
N GLY N 485 70.48 -7.84 31.84
CA GLY N 485 69.16 -8.40 31.71
C GLY N 485 68.85 -9.49 32.72
N GLN N 486 69.31 -9.32 33.96
CA GLN N 486 69.09 -10.31 35.01
C GLN N 486 68.36 -9.77 36.23
N ARG N 487 68.30 -8.46 36.42
CA ARG N 487 67.64 -7.85 37.56
C ARG N 487 66.62 -6.84 37.06
N LEU N 488 65.35 -7.04 37.42
CA LEU N 488 64.31 -6.10 37.07
C LEU N 488 64.29 -4.95 38.07
N THR N 489 63.65 -3.85 37.68
CA THR N 489 63.50 -2.67 38.55
C THR N 489 62.03 -2.27 38.53
N LEU N 490 61.24 -2.87 39.39
CA LEU N 490 59.82 -2.56 39.47
C LEU N 490 59.63 -1.16 40.00
N LYS N 491 59.28 -0.23 39.13
CA LYS N 491 59.01 1.14 39.55
C LYS N 491 57.62 1.25 40.14
N LYS N 492 57.47 2.13 41.13
CA LYS N 492 56.18 2.37 41.76
C LYS N 492 55.54 3.67 41.30
N TYR N 493 56.31 4.61 40.78
CA TYR N 493 55.77 5.81 40.17
C TYR N 493 55.35 5.51 38.74
N ILE N 494 54.53 6.41 38.18
CA ILE N 494 53.98 6.24 36.83
C ILE N 494 54.19 7.56 36.10
N ASN N 495 55.30 7.65 35.36
CA ASN N 495 55.53 8.74 34.44
C ASN N 495 55.40 8.19 33.02
N ILE N 496 54.89 9.01 32.11
CA ILE N 496 54.61 8.57 30.74
C ILE N 496 55.19 9.61 29.79
N GLY N 497 56.08 9.18 28.90
CA GLY N 497 56.52 10.04 27.83
C GLY N 497 55.52 10.00 26.69
N VAL N 498 55.36 11.14 26.03
CA VAL N 498 54.41 11.27 24.92
C VAL N 498 55.17 11.85 23.75
N ALA N 499 55.35 11.06 22.70
CA ALA N 499 56.18 11.48 21.57
C ALA N 499 55.53 12.68 20.88
N VAL N 500 56.15 13.84 21.00
CA VAL N 500 55.73 15.06 20.32
C VAL N 500 56.59 15.21 19.07
N ASP N 501 56.00 15.77 18.02
CA ASP N 501 56.63 15.90 16.71
C ASP N 501 57.11 17.33 16.54
N THR N 502 58.40 17.56 16.80
CA THR N 502 59.05 18.82 16.53
C THR N 502 59.65 18.80 15.13
N PRO N 503 59.96 19.97 14.56
CA PRO N 503 60.60 20.01 13.24
C PRO N 503 61.89 19.20 13.17
N ASN N 504 62.46 18.85 14.32
CA ASN N 504 63.67 18.04 14.40
C ASN N 504 63.35 16.60 14.80
N GLY N 505 62.23 16.07 14.34
CA GLY N 505 61.86 14.70 14.64
C GLY N 505 60.98 14.58 15.87
N LEU N 506 60.89 13.35 16.36
CA LEU N 506 60.07 13.05 17.52
C LEU N 506 60.91 13.15 18.79
N VAL N 507 60.49 14.00 19.72
CA VAL N 507 61.09 14.08 21.04
C VAL N 507 60.07 13.58 22.04
N VAL N 508 60.54 12.92 23.10
CA VAL N 508 59.62 12.34 24.06
C VAL N 508 59.71 13.10 25.38
N PRO N 509 58.79 14.03 25.64
CA PRO N 509 58.70 14.62 26.97
C PRO N 509 57.89 13.76 27.91
N VAL N 510 58.31 13.76 29.17
CA VAL N 510 57.79 12.87 30.19
C VAL N 510 56.86 13.65 31.11
N PHE N 511 55.68 13.11 31.35
CA PHE N 511 54.71 13.68 32.29
C PHE N 511 54.69 12.81 33.53
N LYS N 512 54.81 13.45 34.70
CA LYS N 512 55.03 12.74 35.95
C LYS N 512 53.72 12.50 36.68
N ASP N 513 53.64 11.35 37.36
CA ASP N 513 52.52 11.00 38.22
C ASP N 513 51.19 11.12 37.47
N VAL N 514 51.15 10.53 36.27
CA VAL N 514 49.95 10.56 35.45
C VAL N 514 48.80 9.85 36.15
N ASN N 515 49.09 8.89 37.02
CA ASN N 515 48.05 8.13 37.69
C ASN N 515 47.20 8.99 38.61
N LYS N 516 47.72 10.11 39.09
CA LYS N 516 47.02 10.98 40.03
C LYS N 516 46.34 12.16 39.36
N LYS N 517 47.05 12.84 38.46
CA LYS N 517 46.54 14.06 37.86
C LYS N 517 45.27 13.78 37.05
N GLY N 518 44.43 14.81 36.95
CA GLY N 518 43.21 14.72 36.17
C GLY N 518 43.45 15.04 34.71
N ILE N 519 42.40 14.83 33.91
CA ILE N 519 42.56 15.01 32.46
C ILE N 519 42.73 16.46 32.08
N ILE N 520 42.14 17.39 32.84
CA ILE N 520 42.34 18.80 32.51
C ILE N 520 43.71 19.31 32.90
N GLU N 521 44.22 18.92 34.07
CA GLU N 521 45.59 19.25 34.43
C GLU N 521 46.59 18.64 33.47
N LEU N 522 46.39 17.35 33.12
CA LEU N 522 47.25 16.71 32.13
C LEU N 522 47.13 17.39 30.78
N SER N 523 45.95 17.85 30.41
CA SER N 523 45.78 18.51 29.12
C SER N 523 46.49 19.84 29.09
N ARG N 524 46.48 20.57 30.21
CA ARG N 524 47.25 21.80 30.28
C ARG N 524 48.74 21.53 30.20
N GLU N 525 49.21 20.53 30.94
CA GLU N 525 50.62 20.14 30.86
C GLU N 525 51.00 19.78 29.43
N LEU N 526 50.16 19.01 28.75
CA LEU N 526 50.47 18.57 27.40
C LEU N 526 50.46 19.73 26.42
N MET N 527 49.46 20.62 26.53
CA MET N 527 49.41 21.78 25.66
C MET N 527 50.61 22.70 25.87
N THR N 528 51.11 22.78 27.09
CA THR N 528 52.30 23.59 27.34
C THR N 528 53.54 22.92 26.76
N ILE N 529 53.76 21.65 27.08
CA ILE N 529 55.02 21.00 26.73
C ILE N 529 55.10 20.67 25.25
N SER N 530 53.97 20.46 24.58
CA SER N 530 54.00 20.27 23.13
C SER N 530 54.58 21.48 22.44
N LYS N 531 54.12 22.68 22.82
CA LYS N 531 54.67 23.91 22.27
C LYS N 531 56.10 24.12 22.72
N LYS N 532 56.39 23.82 24.00
CA LYS N 532 57.75 23.92 24.49
C LYS N 532 58.72 23.08 23.68
N ALA N 533 58.26 21.94 23.18
CA ALA N 533 59.11 21.06 22.37
C ALA N 533 59.18 21.54 20.93
N ARG N 534 58.03 21.84 20.33
CA ARG N 534 58.02 22.30 18.94
C ARG N 534 58.78 23.61 18.76
N ASP N 535 58.96 24.37 19.83
CA ASP N 535 59.81 25.56 19.76
C ASP N 535 61.27 25.26 20.06
N GLY N 536 61.55 24.22 20.85
CA GLY N 536 62.90 23.85 21.20
C GLY N 536 63.30 24.19 22.61
N LYS N 537 62.44 24.88 23.36
CA LYS N 537 62.74 25.30 24.73
C LYS N 537 62.48 24.20 25.76
N LEU N 538 62.37 22.94 25.31
CA LEU N 538 62.04 21.84 26.20
C LEU N 538 63.12 21.62 27.25
N THR N 539 62.77 21.82 28.52
CA THR N 539 63.73 21.81 29.60
C THR N 539 64.03 20.38 30.05
N ALA N 540 65.27 20.16 30.48
CA ALA N 540 65.64 18.84 30.99
C ALA N 540 64.83 18.51 32.23
N GLY N 541 64.67 17.21 32.49
CA GLY N 541 63.75 16.78 33.52
C GLY N 541 62.35 16.66 32.97
N GLU N 542 62.05 17.42 31.93
CA GLU N 542 60.84 17.23 31.15
C GLU N 542 61.05 16.24 30.01
N MET N 543 62.18 15.54 29.99
CA MET N 543 62.37 14.42 29.08
C MET N 543 63.09 13.25 29.77
N GLN N 544 63.07 13.22 31.11
CA GLN N 544 63.79 12.15 31.85
C GLN N 544 62.84 11.47 32.83
N GLY N 545 63.14 10.20 33.14
CA GLY N 545 62.36 9.41 34.08
C GLY N 545 61.01 8.99 33.56
N GLY N 546 60.98 8.38 32.38
CA GLY N 546 59.74 7.87 31.81
C GLY N 546 59.61 6.38 32.04
N CYS N 547 58.41 5.96 32.43
CA CYS N 547 58.11 4.56 32.68
C CYS N 547 57.45 3.88 31.50
N PHE N 548 57.01 4.64 30.51
CA PHE N 548 56.23 4.14 29.39
C PHE N 548 56.27 5.22 28.32
N THR N 549 55.92 4.85 27.10
CA THR N 549 55.93 5.79 25.99
C THR N 549 54.66 5.63 25.18
N ILE N 550 54.12 6.76 24.73
CA ILE N 550 52.95 6.77 23.86
C ILE N 550 53.34 7.56 22.61
N SER N 551 53.45 6.86 21.49
CA SER N 551 53.80 7.47 20.21
C SER N 551 52.52 7.55 19.39
N SER N 552 51.94 8.73 19.32
CA SER N 552 50.68 8.95 18.63
C SER N 552 50.97 9.56 17.27
N ILE N 553 50.77 8.79 16.21
CA ILE N 553 50.91 9.25 14.84
C ILE N 553 49.57 9.19 14.10
N GLY N 554 48.46 9.15 14.85
CA GLY N 554 47.16 9.08 14.23
C GLY N 554 46.78 10.30 13.43
N GLY N 555 47.43 11.44 13.69
CA GLY N 555 47.19 12.62 12.88
C GLY N 555 47.70 12.52 11.47
N LEU N 556 48.46 11.47 11.15
CA LEU N 556 49.09 11.33 9.85
C LEU N 556 48.65 10.10 9.08
N GLY N 557 48.22 9.03 9.75
CA GLY N 557 47.76 7.85 9.05
C GLY N 557 48.18 6.56 9.73
N THR N 558 48.69 5.60 8.92
CA THR N 558 49.20 4.32 9.44
C THR N 558 48.17 3.64 10.34
N THR N 559 47.16 3.02 9.73
CA THR N 559 46.12 2.27 10.45
C THR N 559 46.67 1.33 11.51
N HIS N 560 47.92 0.89 11.37
CA HIS N 560 48.65 0.25 12.46
C HIS N 560 50.14 0.49 12.24
N PHE N 561 50.91 0.35 13.30
CA PHE N 561 52.36 0.36 13.16
C PHE N 561 52.99 -0.26 14.39
N ALA N 562 54.19 -0.80 14.20
CA ALA N 562 54.91 -1.55 15.23
C ALA N 562 56.08 -0.72 15.72
N PRO N 563 55.92 0.04 16.79
CA PRO N 563 57.02 0.91 17.24
C PRO N 563 58.17 0.13 17.85
N ILE N 564 59.25 0.83 18.20
CA ILE N 564 60.40 0.24 18.85
C ILE N 564 60.38 0.62 20.31
N VAL N 565 60.60 -0.37 21.19
CA VAL N 565 60.61 -0.12 22.62
C VAL N 565 61.65 0.95 22.94
N ASN N 566 61.26 1.91 23.79
CA ASN N 566 62.11 3.04 24.14
C ASN N 566 62.88 2.68 25.40
N ALA N 567 64.05 2.06 25.22
CA ALA N 567 64.88 1.65 26.36
C ALA N 567 65.15 2.87 27.24
N PRO N 568 65.29 2.73 28.58
CA PRO N 568 65.28 1.45 29.26
C PRO N 568 63.91 0.96 29.68
N GLU N 569 62.86 1.47 29.05
CA GLU N 569 61.52 0.99 29.35
C GLU N 569 61.33 -0.40 28.74
N VAL N 570 60.16 -0.99 28.97
CA VAL N 570 59.87 -2.34 28.51
C VAL N 570 58.70 -2.39 27.55
N ALA N 571 58.03 -1.27 27.30
CA ALA N 571 56.89 -1.26 26.40
C ALA N 571 56.70 0.12 25.80
N ILE N 572 55.91 0.18 24.74
CA ILE N 572 55.56 1.43 24.08
C ILE N 572 54.24 1.22 23.36
N LEU N 573 53.35 2.20 23.48
CA LEU N 573 52.03 2.14 22.88
C LEU N 573 52.00 3.11 21.71
N GLY N 574 51.88 2.57 20.50
CA GLY N 574 51.68 3.40 19.33
C GLY N 574 50.20 3.53 19.04
N VAL N 575 49.81 4.73 18.65
CA VAL N 575 48.41 5.06 18.40
C VAL N 575 48.27 5.48 16.95
N SER N 576 47.21 5.04 16.31
CA SER N 576 47.00 5.25 14.88
C SER N 576 45.75 6.10 14.67
N LYS N 577 45.36 6.27 13.41
CA LYS N 577 44.25 7.15 13.07
C LYS N 577 42.92 6.47 13.38
N SER N 578 42.04 7.19 14.07
CA SER N 578 40.71 6.68 14.36
C SER N 578 39.91 6.60 13.07
N ALA N 579 39.18 5.50 12.90
CA ALA N 579 38.37 5.31 11.71
C ALA N 579 37.01 4.76 12.10
N MET N 580 35.98 5.16 11.36
CA MET N 580 34.63 4.68 11.62
C MET N 580 34.46 3.32 10.95
N GLU N 581 34.34 2.28 11.77
CA GLU N 581 34.22 0.91 11.29
C GLU N 581 32.93 0.28 11.81
N PRO N 582 32.40 -0.71 11.11
CA PRO N 582 31.23 -1.43 11.62
C PRO N 582 31.64 -2.39 12.73
N VAL N 583 30.83 -2.44 13.78
CA VAL N 583 31.08 -3.30 14.92
C VAL N 583 29.83 -4.13 15.19
N TRP N 584 30.03 -5.41 15.46
CA TRP N 584 28.93 -6.33 15.70
C TRP N 584 28.38 -6.11 17.10
N ASN N 585 27.16 -5.58 17.18
CA ASN N 585 26.52 -5.37 18.47
C ASN N 585 25.78 -6.60 18.97
N GLY N 586 25.86 -7.72 18.24
CA GLY N 586 25.13 -8.93 18.56
C GLY N 586 24.06 -9.27 17.56
N LYS N 587 23.49 -8.26 16.90
CA LYS N 587 22.48 -8.50 15.87
C LYS N 587 22.67 -7.69 14.61
N GLU N 588 23.51 -6.66 14.60
CA GLU N 588 23.73 -5.85 13.41
C GLU N 588 25.07 -5.14 13.54
N PHE N 589 25.43 -4.38 12.51
CA PHE N 589 26.70 -3.68 12.46
C PHE N 589 26.46 -2.20 12.74
N VAL N 590 26.76 -1.79 13.97
CA VAL N 590 26.64 -0.37 14.33
C VAL N 590 27.94 0.32 13.95
N PRO N 591 27.87 1.52 13.38
CA PRO N 591 29.11 2.23 13.03
C PRO N 591 29.76 2.87 14.24
N ARG N 592 30.84 2.28 14.73
CA ARG N 592 31.59 2.84 15.85
C ARG N 592 32.88 3.47 15.35
N LEU N 593 33.58 4.14 16.24
CA LEU N 593 34.82 4.84 15.90
C LEU N 593 35.97 4.12 16.59
N MET N 594 36.65 3.26 15.85
CA MET N 594 37.72 2.44 16.40
C MET N 594 39.05 3.14 16.23
N LEU N 595 39.84 3.15 17.31
CA LEU N 595 41.17 3.71 17.35
C LEU N 595 42.16 2.56 17.41
N PRO N 596 43.04 2.41 16.42
CA PRO N 596 43.98 1.28 16.42
C PRO N 596 45.21 1.59 17.27
N ILE N 597 45.39 0.83 18.34
CA ILE N 597 46.57 0.94 19.17
C ILE N 597 47.45 -0.28 18.91
N SER N 598 48.70 -0.20 19.36
CA SER N 598 49.65 -1.30 19.16
C SER N 598 50.70 -1.23 20.26
N LEU N 599 50.73 -2.26 21.09
CA LEU N 599 51.68 -2.34 22.19
C LEU N 599 52.89 -3.15 21.74
N SER N 600 54.03 -2.49 21.60
CA SER N 600 55.28 -3.16 21.30
C SER N 600 56.09 -3.23 22.58
N PHE N 601 56.42 -4.45 23.02
CA PHE N 601 57.04 -4.61 24.32
C PHE N 601 58.24 -5.54 24.24
N ASP N 602 59.09 -5.41 25.24
CA ASP N 602 60.26 -6.27 25.41
C ASP N 602 59.80 -7.64 25.88
N HIS N 603 60.18 -8.67 25.11
CA HIS N 603 59.77 -10.07 25.40
C HIS N 603 60.55 -10.66 26.59
N ARG N 604 61.69 -10.06 26.96
CA ARG N 604 62.45 -10.60 28.07
C ARG N 604 61.73 -10.39 29.39
N VAL N 605 61.10 -9.24 29.56
CA VAL N 605 60.34 -8.94 30.78
C VAL N 605 58.93 -9.48 30.70
N ILE N 606 58.24 -9.16 29.61
CA ILE N 606 56.83 -9.46 29.43
C ILE N 606 56.70 -10.59 28.42
N ASP N 607 55.69 -11.44 28.60
CA ASP N 607 55.39 -12.48 27.63
C ASP N 607 54.12 -12.09 26.87
N GLY N 608 53.77 -12.92 25.87
CA GLY N 608 52.64 -12.59 25.03
C GLY N 608 51.34 -12.44 25.79
N ALA N 609 51.14 -13.28 26.80
CA ALA N 609 49.89 -13.23 27.55
C ALA N 609 49.78 -11.95 28.38
N ASP N 610 50.88 -11.54 29.01
CA ASP N 610 50.85 -10.31 29.79
C ASP N 610 50.66 -9.09 28.89
N GLY N 611 51.30 -9.08 27.72
CA GLY N 611 51.04 -8.03 26.76
C GLY N 611 49.59 -8.01 26.32
N ALA N 612 48.99 -9.19 26.16
CA ALA N 612 47.59 -9.26 25.77
C ALA N 612 46.70 -8.68 26.85
N ARG N 613 46.95 -9.05 28.12
CA ARG N 613 46.15 -8.52 29.21
C ARG N 613 46.34 -7.02 29.35
N PHE N 614 47.55 -6.52 29.13
CA PHE N 614 47.81 -5.10 29.25
C PHE N 614 47.08 -4.32 28.16
N ILE N 615 47.21 -4.76 26.91
CA ILE N 615 46.56 -4.02 25.84
C ILE N 615 45.05 -4.16 25.92
N THR N 616 44.54 -5.26 26.49
CA THR N 616 43.09 -5.35 26.65
C THR N 616 42.60 -4.51 27.83
N ILE N 617 43.44 -4.29 28.83
CA ILE N 617 43.11 -3.32 29.88
C ILE N 617 43.02 -1.93 29.29
N ILE N 618 43.99 -1.56 28.46
CA ILE N 618 43.94 -0.26 27.79
C ILE N 618 42.71 -0.17 26.91
N ASN N 619 42.40 -1.24 26.18
CA ASN N 619 41.24 -1.24 25.29
C ASN N 619 39.95 -1.08 26.07
N ASN N 620 39.83 -1.76 27.21
CA ASN N 620 38.63 -1.64 28.02
C ASN N 620 38.53 -0.25 28.63
N THR N 621 39.63 0.30 29.12
CA THR N 621 39.60 1.62 29.74
C THR N 621 39.20 2.69 28.73
N LEU N 622 39.83 2.70 27.56
CA LEU N 622 39.49 3.68 26.55
C LEU N 622 38.13 3.41 25.91
N SER N 623 37.66 2.16 25.95
CA SER N 623 36.35 1.85 25.40
C SER N 623 35.23 2.45 26.25
N ASP N 624 35.42 2.46 27.57
CA ASP N 624 34.46 3.07 28.51
C ASP N 624 35.30 3.78 29.57
N ILE N 625 35.52 5.08 29.36
CA ILE N 625 36.45 5.82 30.19
C ILE N 625 36.02 5.91 31.65
N ARG N 626 34.75 5.62 31.94
CA ARG N 626 34.28 5.61 33.31
C ARG N 626 35.05 4.64 34.19
N ARG N 627 35.71 3.65 33.59
CA ARG N 627 36.53 2.74 34.37
C ARG N 627 37.75 3.40 34.98
N LEU N 628 37.98 4.68 34.74
CA LEU N 628 39.08 5.37 35.42
C LEU N 628 38.72 5.80 36.83
N VAL N 629 37.43 5.81 37.19
CA VAL N 629 37.04 6.17 38.55
C VAL N 629 36.97 4.96 39.47
N MET N 630 36.84 3.76 38.92
CA MET N 630 36.77 2.54 39.72
C MET N 630 38.11 2.22 40.37
N GLU O 208 87.22 -5.11 -27.18
CA GLU O 208 87.34 -5.32 -25.73
C GLU O 208 85.95 -5.59 -25.17
N VAL O 209 85.77 -6.76 -24.58
CA VAL O 209 84.51 -7.13 -23.92
C VAL O 209 84.87 -7.58 -22.51
N ASN O 210 84.84 -6.63 -21.57
CA ASN O 210 84.97 -6.97 -20.15
C ASN O 210 83.63 -7.50 -19.66
N VAL O 211 83.46 -7.59 -18.34
CA VAL O 211 82.12 -7.74 -17.80
C VAL O 211 81.51 -6.33 -17.78
N PRO O 212 80.27 -6.17 -18.24
CA PRO O 212 79.71 -4.82 -18.37
C PRO O 212 79.33 -4.18 -17.05
N ASP O 213 78.69 -4.95 -16.16
CA ASP O 213 78.27 -4.29 -14.89
C ASP O 213 77.97 -5.27 -13.75
N ILE O 214 78.95 -5.44 -12.85
CA ILE O 214 78.78 -6.18 -11.60
C ILE O 214 79.24 -5.25 -10.48
N GLY O 215 78.45 -5.18 -9.41
CA GLY O 215 78.70 -4.23 -8.34
C GLY O 215 80.02 -4.41 -7.61
N GLY O 216 80.77 -5.47 -7.93
CA GLY O 216 82.06 -5.68 -7.31
C GLY O 216 82.15 -6.99 -6.54
N ASP O 217 81.34 -7.97 -6.92
CA ASP O 217 81.36 -9.28 -6.32
C ASP O 217 82.01 -10.27 -7.27
N GLU O 218 82.76 -11.22 -6.70
CA GLU O 218 83.41 -12.25 -7.50
C GLU O 218 82.38 -13.28 -7.91
N VAL O 219 82.08 -13.35 -9.21
CA VAL O 219 81.02 -14.19 -9.75
C VAL O 219 81.65 -15.36 -10.51
N GLU O 220 81.06 -16.54 -10.35
CA GLU O 220 81.55 -17.76 -10.96
C GLU O 220 80.76 -18.07 -12.22
N VAL O 221 81.45 -18.25 -13.33
CA VAL O 221 80.79 -18.53 -14.60
C VAL O 221 80.08 -19.89 -14.54
N THR O 222 79.00 -20.02 -15.29
CA THR O 222 78.31 -21.28 -15.49
C THR O 222 78.52 -21.85 -16.89
N GLU O 223 78.29 -21.06 -17.93
CA GLU O 223 78.52 -21.48 -19.31
C GLU O 223 78.53 -20.25 -20.20
N VAL O 224 78.83 -20.48 -21.49
CA VAL O 224 78.89 -19.43 -22.49
C VAL O 224 77.80 -19.67 -23.53
N MET O 225 77.55 -18.64 -24.33
CA MET O 225 76.45 -18.65 -25.29
C MET O 225 76.89 -18.65 -26.75
N VAL O 226 78.19 -18.66 -27.02
CA VAL O 226 78.68 -18.36 -28.36
C VAL O 226 79.45 -19.53 -28.97
N LYS O 227 79.91 -19.34 -30.20
CA LYS O 227 80.69 -20.33 -30.93
C LYS O 227 81.92 -19.65 -31.51
N VAL O 228 82.96 -20.45 -31.75
CA VAL O 228 84.17 -19.94 -32.42
C VAL O 228 83.80 -19.66 -33.87
N GLY O 229 83.75 -18.38 -34.24
CA GLY O 229 83.30 -17.95 -35.55
C GLY O 229 81.96 -17.25 -35.54
N ASP O 230 81.11 -17.52 -34.56
CA ASP O 230 79.83 -16.85 -34.44
C ASP O 230 80.02 -15.35 -34.24
N LYS O 231 79.03 -14.57 -34.68
CA LYS O 231 79.00 -13.14 -34.43
C LYS O 231 77.71 -12.80 -33.68
N VAL O 232 77.83 -11.93 -32.69
CA VAL O 232 76.78 -11.70 -31.70
C VAL O 232 76.09 -10.38 -32.02
N ALA O 233 74.83 -10.27 -31.61
CA ALA O 233 73.99 -9.13 -31.93
C ALA O 233 74.33 -7.95 -31.01
N ALA O 234 73.46 -6.94 -31.03
CA ALA O 234 73.73 -5.70 -30.30
C ALA O 234 73.85 -5.95 -28.80
N GLU O 235 72.77 -6.46 -28.20
CA GLU O 235 72.77 -6.74 -26.74
C GLU O 235 72.05 -8.07 -26.47
N GLN O 236 72.77 -9.18 -26.54
CA GLN O 236 72.17 -10.49 -26.29
C GLN O 236 73.14 -11.32 -25.45
N SER O 237 72.72 -12.53 -25.10
CA SER O 237 73.47 -13.35 -24.18
C SER O 237 74.80 -13.80 -24.77
N LEU O 238 75.85 -13.74 -23.97
CA LEU O 238 77.16 -14.30 -24.27
C LEU O 238 77.63 -15.28 -23.22
N ILE O 239 77.37 -15.01 -21.95
CA ILE O 239 77.90 -15.79 -20.84
C ILE O 239 76.94 -15.67 -19.65
N THR O 240 76.65 -16.80 -19.03
CA THR O 240 75.86 -16.80 -17.81
C THR O 240 76.79 -16.97 -16.61
N VAL O 241 76.60 -16.13 -15.60
CA VAL O 241 77.43 -16.15 -14.39
C VAL O 241 76.50 -16.22 -13.18
N GLU O 242 76.82 -17.11 -12.25
CA GLU O 242 75.93 -17.44 -11.13
C GLU O 242 76.40 -16.64 -9.91
N GLY O 243 75.83 -15.46 -9.74
CA GLY O 243 76.14 -14.59 -8.61
C GLY O 243 75.13 -14.72 -7.50
N ASP O 244 74.85 -13.61 -6.84
CA ASP O 244 73.84 -13.60 -5.79
C ASP O 244 72.46 -13.48 -6.43
CB LA2 O 245 69.74 -12.07 -6.60
C LA2 O 245 69.78 -14.54 -7.14
O LA2 O 245 69.10 -15.55 -6.84
N LA2 O 245 71.42 -13.58 -5.59
CA LA2 O 245 70.02 -13.47 -6.07
O1 LA2 O 245 67.22 -10.38 -0.97
C1 LA2 O 245 66.76 -10.16 -2.10
NZ LA2 O 245 67.40 -10.56 -3.21
CE LA2 O 245 67.29 -9.90 -4.50
CD LA2 O 245 67.78 -10.78 -5.64
CG LA2 O 245 69.26 -11.06 -5.57
C2 LA2 O 245 65.45 -9.43 -2.30
C3 LA2 O 245 64.50 -9.62 -1.16
C4 LA2 O 245 63.83 -8.33 -0.72
C5 LA2 O 245 62.69 -8.46 0.28
C6 LA2 O 245 63.03 -9.20 1.56
S6 LA2 O 245 64.47 -8.48 2.41
C7 LA2 O 245 61.85 -9.40 2.49
C8 LA2 O 245 60.67 -10.08 1.83
S8 LA2 O 245 59.76 -11.20 2.92
N ALA O 246 70.30 -14.32 -8.35
CA ALA O 246 70.12 -15.26 -9.45
C ALA O 246 71.23 -15.13 -10.51
N SER O 247 71.34 -16.15 -11.36
CA SER O 247 72.33 -16.14 -12.42
C SER O 247 71.98 -15.11 -13.48
N MET O 248 72.99 -14.39 -13.95
CA MET O 248 72.82 -13.26 -14.85
C MET O 248 73.54 -13.52 -16.17
N GLU O 249 72.88 -13.14 -17.27
CA GLU O 249 73.42 -13.30 -18.61
C GLU O 249 74.01 -11.97 -19.06
N VAL O 250 75.34 -11.94 -19.24
CA VAL O 250 76.01 -10.72 -19.70
C VAL O 250 75.52 -10.37 -21.10
N PRO O 251 75.10 -9.14 -21.36
CA PRO O 251 74.64 -8.77 -22.70
C PRO O 251 75.82 -8.48 -23.63
N ALA O 252 75.47 -8.17 -24.88
CA ALA O 252 76.59 -7.82 -25.75
C ALA O 252 76.81 -6.31 -25.74
N PRO O 253 78.06 -5.86 -25.82
CA PRO O 253 78.31 -4.42 -25.97
C PRO O 253 78.18 -3.92 -27.40
N PHE O 254 78.34 -4.80 -28.39
CA PHE O 254 78.36 -4.43 -29.80
C PHE O 254 78.28 -5.73 -30.60
N ALA O 255 78.37 -5.59 -31.94
CA ALA O 255 78.31 -6.75 -32.85
C ALA O 255 79.69 -7.06 -33.44
N GLY O 256 79.99 -8.35 -33.63
CA GLY O 256 81.26 -8.78 -34.18
C GLY O 256 81.47 -10.26 -33.99
N VAL O 257 82.27 -10.83 -34.89
CA VAL O 257 82.59 -12.25 -34.85
C VAL O 257 83.61 -12.51 -33.77
N VAL O 258 83.66 -13.77 -33.34
CA VAL O 258 84.44 -14.19 -32.18
C VAL O 258 85.92 -14.25 -32.53
N LYS O 259 86.78 -13.79 -31.61
CA LYS O 259 88.24 -13.92 -31.69
C LYS O 259 88.86 -14.63 -30.49
N GLU O 260 88.32 -14.43 -29.29
CA GLU O 260 88.84 -14.98 -28.05
C GLU O 260 87.76 -15.75 -27.31
N LEU O 261 88.08 -16.96 -26.91
CA LEU O 261 87.44 -17.57 -25.76
C LEU O 261 88.28 -17.32 -24.52
N LYS O 262 88.48 -16.04 -24.24
CA LYS O 262 89.26 -15.67 -23.07
C LYS O 262 88.62 -16.18 -21.79
N VAL O 263 87.29 -16.28 -21.76
CA VAL O 263 86.57 -16.99 -20.71
C VAL O 263 86.14 -18.34 -21.25
N ASN O 264 85.93 -19.30 -20.34
CA ASN O 264 85.45 -20.62 -20.69
C ASN O 264 84.30 -21.02 -19.77
N VAL O 265 83.91 -22.29 -19.84
CA VAL O 265 82.86 -22.82 -18.98
C VAL O 265 83.48 -23.24 -17.66
N GLY O 266 83.08 -22.57 -16.58
CA GLY O 266 83.59 -22.85 -15.25
C GLY O 266 84.51 -21.79 -14.69
N ASP O 267 84.81 -20.77 -15.50
CA ASP O 267 85.72 -19.66 -15.09
C ASP O 267 85.07 -18.84 -13.97
N LYS O 268 85.76 -17.78 -13.54
CA LYS O 268 85.30 -16.90 -12.47
C LYS O 268 85.90 -15.51 -12.66
N VAL O 269 85.04 -14.49 -12.59
CA VAL O 269 85.45 -13.11 -12.79
C VAL O 269 84.92 -12.26 -11.63
N LYS O 270 85.79 -11.43 -11.06
CA LYS O 270 85.36 -10.50 -10.03
C LYS O 270 84.86 -9.18 -10.62
N THR O 271 85.56 -8.65 -11.62
CA THR O 271 85.12 -7.38 -12.26
C THR O 271 86.12 -6.91 -13.33
N GLY O 272 85.58 -6.46 -14.46
CA GLY O 272 86.36 -5.93 -15.58
C GLY O 272 87.47 -6.80 -16.13
N SER O 273 87.21 -8.08 -16.31
CA SER O 273 88.18 -9.00 -16.90
C SER O 273 87.81 -9.25 -18.36
N LEU O 274 88.82 -9.17 -19.23
CA LEU O 274 88.60 -9.35 -20.66
C LEU O 274 88.21 -10.79 -20.95
N ILE O 275 86.96 -11.00 -21.35
CA ILE O 275 86.47 -12.34 -21.65
C ILE O 275 86.26 -12.56 -23.15
N MET O 276 86.05 -11.50 -23.93
CA MET O 276 85.78 -11.66 -25.35
C MET O 276 86.44 -10.53 -26.14
N ILE O 277 86.98 -10.89 -27.30
CA ILE O 277 87.43 -9.94 -28.32
C ILE O 277 86.68 -10.28 -29.60
N PHE O 278 86.27 -9.26 -30.36
CA PHE O 278 85.41 -9.48 -31.51
C PHE O 278 86.02 -8.82 -32.74
N GLU O 279 85.30 -8.93 -33.85
CA GLU O 279 85.68 -8.32 -35.12
C GLU O 279 84.44 -7.72 -35.78
N VAL O 280 84.66 -6.64 -36.52
CA VAL O 280 83.58 -5.97 -37.24
C VAL O 280 84.15 -5.17 -38.40
N PRO O 384 76.48 -9.43 22.82
CA PRO O 384 77.68 -9.93 23.49
C PRO O 384 77.72 -11.46 23.51
N GLY O 385 77.59 -12.05 24.69
CA GLY O 385 77.59 -13.49 24.82
C GLY O 385 76.19 -14.06 24.88
N MET O 386 75.72 -14.61 23.76
CA MET O 386 74.40 -15.19 23.67
C MET O 386 74.49 -16.72 23.71
N LEU O 387 73.36 -17.34 24.03
CA LEU O 387 73.29 -18.79 24.03
C LEU O 387 73.47 -19.33 22.61
N PRO O 388 74.09 -20.50 22.47
CA PRO O 388 74.23 -21.09 21.13
C PRO O 388 72.90 -21.64 20.62
N TRP O 389 72.90 -22.01 19.34
CA TRP O 389 71.71 -22.58 18.75
C TRP O 389 71.32 -23.86 19.49
N PRO O 390 70.02 -24.15 19.61
CA PRO O 390 69.61 -25.34 20.38
C PRO O 390 70.10 -26.64 19.76
N LYS O 391 71.01 -27.32 20.45
CA LYS O 391 71.53 -28.60 19.99
C LYS O 391 70.47 -29.66 20.23
N VAL O 392 69.87 -30.15 19.15
CA VAL O 392 68.80 -31.14 19.23
C VAL O 392 69.13 -32.31 18.31
N ASP O 393 68.89 -33.52 18.80
CA ASP O 393 69.00 -34.73 17.98
C ASP O 393 67.67 -34.92 17.28
N PHE O 394 67.55 -34.33 16.08
CA PHE O 394 66.28 -34.29 15.38
C PHE O 394 65.81 -35.66 14.91
N SER O 395 66.67 -36.68 14.97
CA SER O 395 66.31 -38.00 14.48
C SER O 395 65.69 -38.88 15.56
N LYS O 396 65.79 -38.51 16.83
CA LYS O 396 65.22 -39.32 17.89
C LYS O 396 63.69 -39.21 17.95
N PHE O 397 63.11 -38.24 17.24
CA PHE O 397 61.66 -38.11 17.18
C PHE O 397 61.07 -38.64 15.88
N GLY O 398 61.89 -38.81 14.86
CA GLY O 398 61.40 -39.32 13.59
C GLY O 398 62.52 -39.40 12.58
N GLU O 399 62.13 -39.44 11.30
CA GLU O 399 63.07 -39.51 10.16
C GLU O 399 63.30 -38.08 9.64
N ILE O 400 64.57 -37.75 9.36
CA ILE O 400 64.94 -36.43 8.89
C ILE O 400 65.64 -36.58 7.54
N GLU O 401 66.01 -35.44 6.95
CA GLU O 401 66.74 -35.42 5.69
C GLU O 401 67.52 -34.10 5.65
N GLU O 402 68.81 -34.17 5.94
CA GLU O 402 69.62 -32.96 6.10
C GLU O 402 70.07 -32.47 4.72
N VAL O 403 69.17 -31.73 4.07
CA VAL O 403 69.51 -31.06 2.83
C VAL O 403 70.37 -29.85 3.14
N GLU O 404 71.19 -29.44 2.18
CA GLU O 404 72.09 -28.32 2.35
C GLU O 404 71.66 -27.18 1.43
N LEU O 405 71.65 -25.95 1.98
CA LEU O 405 71.15 -24.80 1.25
C LEU O 405 72.06 -24.47 0.08
N GLY O 406 71.47 -24.09 -1.04
CA GLY O 406 72.24 -23.63 -2.19
C GLY O 406 73.02 -22.37 -1.86
N ARG O 407 73.92 -22.01 -2.78
CA ARG O 407 74.79 -20.87 -2.52
C ARG O 407 74.01 -19.56 -2.52
N ILE O 408 72.99 -19.44 -3.37
CA ILE O 408 72.16 -18.24 -3.36
C ILE O 408 71.32 -18.20 -2.10
N GLN O 409 70.86 -19.36 -1.62
CA GLN O 409 70.11 -19.39 -0.37
C GLN O 409 71.00 -19.00 0.80
N LYS O 410 72.23 -19.52 0.83
CA LYS O 410 73.18 -19.12 1.88
C LYS O 410 73.44 -17.62 1.84
N ILE O 411 73.65 -17.07 0.64
CA ILE O 411 73.96 -15.66 0.52
C ILE O 411 72.78 -14.80 0.94
N SER O 412 71.57 -15.18 0.53
CA SER O 412 70.38 -14.43 0.91
C SER O 412 70.14 -14.52 2.42
N GLY O 413 70.42 -15.69 3.00
CA GLY O 413 70.29 -15.81 4.45
C GLY O 413 71.28 -14.93 5.19
N ALA O 414 72.52 -14.88 4.71
CA ALA O 414 73.50 -14.00 5.33
C ALA O 414 73.10 -12.53 5.19
N ASN O 415 72.60 -12.15 4.02
CA ASN O 415 72.17 -10.77 3.80
C ASN O 415 71.01 -10.41 4.72
N LEU O 416 70.04 -11.31 4.85
CA LEU O 416 68.90 -11.03 5.72
C LEU O 416 69.30 -11.02 7.19
N SER O 417 70.24 -11.89 7.58
CA SER O 417 70.69 -11.89 8.97
C SER O 417 71.57 -10.70 9.28
N ARG O 418 72.13 -10.04 8.25
CA ARG O 418 72.78 -8.77 8.49
C ARG O 418 71.78 -7.63 8.58
N ASN O 419 70.81 -7.61 7.67
CA ASN O 419 69.80 -6.55 7.67
C ASN O 419 68.97 -6.59 8.94
N TRP O 420 68.71 -7.77 9.49
CA TRP O 420 67.91 -7.86 10.70
C TRP O 420 68.63 -7.23 11.89
N VAL O 421 69.93 -7.52 12.03
CA VAL O 421 70.68 -6.99 13.17
C VAL O 421 70.96 -5.52 13.00
N MET O 422 71.52 -5.13 11.86
CA MET O 422 72.05 -3.78 11.70
C MET O 422 70.99 -2.72 11.46
N ILE O 423 69.75 -3.10 11.16
CA ILE O 423 68.69 -2.16 10.83
C ILE O 423 67.62 -2.25 11.90
N PRO O 424 67.31 -1.17 12.61
CA PRO O 424 66.11 -1.17 13.46
C PRO O 424 64.86 -0.98 12.64
N HIS O 425 64.09 -2.05 12.44
CA HIS O 425 62.93 -1.99 11.57
C HIS O 425 61.73 -1.42 12.31
N VAL O 426 60.94 -0.62 11.59
CA VAL O 426 59.61 -0.24 12.06
C VAL O 426 58.65 -0.37 10.89
N THR O 427 57.51 -1.00 11.13
CA THR O 427 56.57 -1.34 10.08
C THR O 427 55.26 -0.62 10.32
N HIS O 428 54.88 0.24 9.38
CA HIS O 428 53.61 0.95 9.43
C HIS O 428 52.66 0.30 8.43
N PHE O 429 51.53 -0.18 8.91
CA PHE O 429 50.55 -0.79 8.02
C PHE O 429 49.53 0.25 7.59
N ASP O 430 48.91 0.01 6.44
CA ASP O 430 47.92 0.95 5.94
C ASP O 430 47.05 0.24 4.91
N LYS O 431 45.93 0.87 4.60
CA LYS O 431 44.99 0.35 3.61
C LYS O 431 44.61 1.47 2.66
N THR O 432 44.66 1.18 1.35
CA THR O 432 44.46 2.18 0.31
C THR O 432 43.22 1.85 -0.49
N ASP O 433 42.32 2.82 -0.63
CA ASP O 433 41.09 2.64 -1.40
C ASP O 433 41.45 2.71 -2.88
N ILE O 434 41.49 1.56 -3.55
CA ILE O 434 41.94 1.50 -4.93
C ILE O 434 40.81 1.04 -5.84
N THR O 435 39.56 1.36 -5.48
CA THR O 435 38.44 1.02 -6.35
C THR O 435 38.54 1.73 -7.68
N GLU O 436 38.74 3.05 -7.65
CA GLU O 436 38.90 3.81 -8.88
C GLU O 436 40.12 3.36 -9.66
N LEU O 437 41.22 3.07 -8.95
CA LEU O 437 42.44 2.63 -9.62
C LEU O 437 42.23 1.29 -10.31
N GLU O 438 41.49 0.38 -9.68
CA GLU O 438 41.26 -0.93 -10.30
C GLU O 438 40.32 -0.82 -11.48
N ALA O 439 39.27 0.01 -11.36
CA ALA O 439 38.39 0.25 -12.50
C ALA O 439 39.17 0.83 -13.67
N PHE O 440 40.03 1.81 -13.40
CA PHE O 440 40.82 2.43 -14.46
C PHE O 440 41.82 1.45 -15.06
N ARG O 441 42.40 0.58 -14.23
CA ARG O 441 43.35 -0.39 -14.76
C ARG O 441 42.66 -1.41 -15.64
N LYS O 442 41.47 -1.87 -15.25
CA LYS O 442 40.72 -2.76 -16.12
C LYS O 442 40.31 -2.08 -17.42
N GLN O 443 39.88 -0.82 -17.34
CA GLN O 443 39.52 -0.08 -18.54
C GLN O 443 40.72 0.06 -19.48
N GLN O 444 41.89 0.36 -18.93
CA GLN O 444 43.07 0.51 -19.77
C GLN O 444 43.59 -0.82 -20.28
N ASN O 445 43.34 -1.92 -19.56
CA ASN O 445 43.70 -3.24 -20.08
C ASN O 445 42.79 -3.63 -21.23
N GLU O 446 41.52 -3.25 -21.17
CA GLU O 446 40.64 -3.44 -22.32
C GLU O 446 41.08 -2.57 -23.48
N GLU O 447 41.24 -1.27 -23.25
CA GLU O 447 41.59 -0.35 -24.32
C GLU O 447 42.93 -0.68 -24.95
N ALA O 448 43.88 -1.18 -24.16
CA ALA O 448 45.18 -1.60 -24.70
C ALA O 448 45.11 -2.96 -25.38
N ALA O 449 43.94 -3.59 -25.39
CA ALA O 449 43.73 -4.85 -26.11
C ALA O 449 43.08 -4.60 -27.46
N LYS O 450 41.94 -3.91 -27.48
CA LYS O 450 41.28 -3.59 -28.74
C LYS O 450 42.08 -2.63 -29.60
N ARG O 451 43.21 -2.12 -29.11
CA ARG O 451 44.12 -1.31 -29.92
C ARG O 451 45.42 -2.05 -30.20
N LYS O 452 45.51 -3.32 -29.83
CA LYS O 452 46.63 -4.20 -30.18
C LYS O 452 47.97 -3.61 -29.74
N LEU O 453 48.10 -3.39 -28.43
CA LEU O 453 49.38 -2.97 -27.85
C LEU O 453 50.18 -4.12 -27.28
N ASP O 454 49.54 -5.27 -27.00
CA ASP O 454 50.19 -6.42 -26.40
C ASP O 454 50.91 -6.03 -25.11
N VAL O 455 50.18 -5.38 -24.22
CA VAL O 455 50.67 -4.98 -22.91
C VAL O 455 49.62 -5.32 -21.87
N LYS O 456 50.07 -5.75 -20.70
CA LYS O 456 49.20 -6.09 -19.58
C LYS O 456 49.58 -5.20 -18.41
N ILE O 457 48.64 -4.39 -17.96
CA ILE O 457 48.91 -3.40 -16.92
C ILE O 457 48.53 -4.02 -15.58
N THR O 458 49.54 -4.42 -14.82
CA THR O 458 49.37 -5.01 -13.50
C THR O 458 49.14 -3.92 -12.46
N PRO O 459 48.57 -4.27 -11.30
CA PRO O 459 48.42 -3.27 -10.24
C PRO O 459 49.73 -2.82 -9.61
N VAL O 460 50.86 -3.38 -10.04
CA VAL O 460 52.14 -3.04 -9.43
C VAL O 460 52.77 -1.79 -10.04
N VAL O 461 52.48 -1.49 -11.31
CA VAL O 461 53.08 -0.31 -11.91
C VAL O 461 52.49 0.97 -11.32
N PHE O 462 51.20 0.94 -10.96
CA PHE O 462 50.63 2.08 -10.26
C PHE O 462 51.30 2.30 -8.91
N ILE O 463 51.66 1.20 -8.24
CA ILE O 463 52.35 1.32 -6.96
C ILE O 463 53.77 1.83 -7.17
N MET O 464 54.42 1.42 -8.26
CA MET O 464 55.74 1.95 -8.57
C MET O 464 55.68 3.45 -8.81
N LYS O 465 54.66 3.91 -9.53
CA LYS O 465 54.50 5.34 -9.77
C LYS O 465 54.19 6.08 -8.48
N ALA O 466 53.34 5.52 -7.62
CA ALA O 466 53.03 6.15 -6.36
C ALA O 466 54.25 6.25 -5.46
N VAL O 467 55.07 5.21 -5.43
CA VAL O 467 56.27 5.23 -4.61
C VAL O 467 57.30 6.20 -5.18
N ALA O 468 57.38 6.31 -6.51
CA ALA O 468 58.28 7.29 -7.10
C ALA O 468 57.83 8.71 -6.76
N ALA O 469 56.53 8.96 -6.80
CA ALA O 469 56.02 10.26 -6.37
C ALA O 469 56.36 10.52 -4.90
N ALA O 470 56.16 9.52 -4.04
CA ALA O 470 56.44 9.70 -2.63
C ALA O 470 57.93 9.93 -2.37
N LEU O 471 58.80 9.32 -3.18
CA LEU O 471 60.23 9.57 -3.04
C LEU O 471 60.59 10.96 -3.56
N GLU O 472 59.84 11.46 -4.55
CA GLU O 472 60.02 12.85 -4.97
C GLU O 472 59.64 13.81 -3.86
N GLN O 473 58.52 13.55 -3.18
CA GLN O 473 58.05 14.46 -2.15
C GLN O 473 58.88 14.36 -0.87
N MET O 474 59.20 13.15 -0.45
CA MET O 474 59.99 12.94 0.75
C MET O 474 61.34 12.35 0.39
N PRO O 475 62.31 13.17 0.00
CA PRO O 475 63.60 12.63 -0.47
C PRO O 475 64.42 11.96 0.61
N ARG O 476 64.03 12.08 1.88
CA ARG O 476 64.75 11.37 2.93
C ARG O 476 64.60 9.86 2.80
N PHE O 477 63.53 9.39 2.18
CA PHE O 477 63.33 7.96 1.97
C PHE O 477 64.17 7.41 0.82
N ASN O 478 64.67 8.28 -0.05
CA ASN O 478 65.56 7.87 -1.12
C ASN O 478 67.00 8.11 -0.69
N SER O 479 67.40 7.36 0.34
CA SER O 479 68.69 7.57 0.99
C SER O 479 69.37 6.21 1.17
N SER O 480 70.50 6.23 1.88
CA SER O 480 71.26 5.04 2.21
C SER O 480 72.31 5.42 3.25
N LEU O 481 72.47 4.56 4.25
CA LEU O 481 73.45 4.79 5.29
C LEU O 481 74.77 4.11 4.95
N SER O 482 75.80 4.48 5.70
CA SER O 482 77.12 3.90 5.54
C SER O 482 77.31 2.72 6.48
N GLU O 483 78.51 2.12 6.41
CA GLU O 483 78.87 1.01 7.27
C GLU O 483 78.68 1.38 8.75
N ASP O 484 79.23 2.53 9.16
CA ASP O 484 79.12 2.98 10.53
C ASP O 484 77.77 3.63 10.86
N GLY O 485 76.97 3.96 9.86
CA GLY O 485 75.69 4.60 10.11
C GLY O 485 75.81 6.04 10.57
N GLN O 486 76.74 6.80 10.00
CA GLN O 486 76.96 8.18 10.38
C GLN O 486 76.82 9.17 9.23
N ARG O 487 76.88 8.72 7.99
CA ARG O 487 76.78 9.59 6.83
C ARG O 487 75.68 9.07 5.91
N LEU O 488 74.68 9.89 5.67
CA LEU O 488 73.62 9.54 4.73
C LEU O 488 74.06 9.81 3.30
N THR O 489 73.35 9.20 2.36
CA THR O 489 73.61 9.37 0.93
C THR O 489 72.28 9.69 0.25
N LEU O 490 71.91 10.97 0.24
CA LEU O 490 70.65 11.38 -0.38
C LEU O 490 70.75 11.21 -1.89
N LYS O 491 70.10 10.19 -2.41
CA LYS O 491 70.07 9.97 -3.85
C LYS O 491 69.07 10.89 -4.51
N LYS O 492 69.38 11.32 -5.73
CA LYS O 492 68.48 12.17 -6.50
C LYS O 492 67.74 11.41 -7.60
N TYR O 493 68.26 10.27 -8.02
CA TYR O 493 67.54 9.40 -8.95
C TYR O 493 66.55 8.55 -8.19
N ILE O 494 65.60 7.96 -8.91
CA ILE O 494 64.54 7.15 -8.33
C ILE O 494 64.47 5.85 -9.13
N ASN O 495 65.16 4.83 -8.65
CA ASN O 495 65.02 3.47 -9.17
C ASN O 495 64.29 2.64 -8.12
N ILE O 496 63.47 1.70 -8.57
CA ILE O 496 62.63 0.91 -7.67
C ILE O 496 62.78 -0.55 -8.05
N GLY O 497 63.21 -1.38 -7.11
CA GLY O 497 63.18 -2.80 -7.31
C GLY O 497 61.79 -3.34 -7.02
N VAL O 498 61.40 -4.37 -7.78
CA VAL O 498 60.09 -4.98 -7.65
C VAL O 498 60.31 -6.48 -7.50
N ALA O 499 60.01 -7.01 -6.31
CA ALA O 499 60.29 -8.41 -6.02
C ALA O 499 59.44 -9.30 -6.92
N VAL O 500 60.10 -9.98 -7.86
CA VAL O 500 59.48 -10.96 -8.74
C VAL O 500 59.73 -12.34 -8.16
N ASP O 501 58.78 -13.24 -8.34
CA ASP O 501 58.81 -14.59 -7.76
C ASP O 501 59.22 -15.58 -8.85
N THR O 502 60.49 -15.93 -8.86
CA THR O 502 61.02 -16.97 -9.70
C THR O 502 60.97 -18.31 -8.96
N PRO O 503 61.05 -19.43 -9.69
CA PRO O 503 61.08 -20.74 -9.02
C PRO O 503 62.19 -20.87 -7.98
N ASN O 504 63.18 -19.98 -8.04
CA ASN O 504 64.29 -19.96 -7.09
C ASN O 504 64.12 -18.83 -6.06
N GLY O 505 62.89 -18.56 -5.65
CA GLY O 505 62.65 -17.54 -4.65
C GLY O 505 62.36 -16.18 -5.26
N LEU O 506 62.44 -15.16 -4.41
CA LEU O 506 62.18 -13.79 -4.83
C LEU O 506 63.47 -13.12 -5.24
N VAL O 507 63.51 -12.63 -6.48
CA VAL O 507 64.61 -11.82 -6.98
C VAL O 507 64.09 -10.41 -7.19
N VAL O 508 64.93 -9.42 -6.95
CA VAL O 508 64.48 -8.03 -7.05
C VAL O 508 65.14 -7.37 -8.25
N PRO O 509 64.45 -7.28 -9.38
CA PRO O 509 64.95 -6.46 -10.49
C PRO O 509 64.59 -4.99 -10.30
N VAL O 510 65.49 -4.14 -10.74
CA VAL O 510 65.42 -2.70 -10.50
C VAL O 510 64.98 -2.01 -11.78
N PHE O 511 63.99 -1.13 -11.68
CA PHE O 511 63.53 -0.32 -12.78
C PHE O 511 64.00 1.11 -12.56
N LYS O 512 64.62 1.70 -13.58
CA LYS O 512 65.31 2.97 -13.43
C LYS O 512 64.42 4.14 -13.81
N ASP O 513 64.61 5.26 -13.12
CA ASP O 513 63.94 6.51 -13.42
C ASP O 513 62.42 6.33 -13.50
N VAL O 514 61.87 5.66 -12.50
CA VAL O 514 60.44 5.41 -12.45
C VAL O 514 59.66 6.71 -12.38
N ASN O 515 60.27 7.77 -11.83
CA ASN O 515 59.58 9.04 -11.68
C ASN O 515 59.22 9.68 -13.02
N LYS O 516 59.93 9.35 -14.09
CA LYS O 516 59.72 9.94 -15.40
C LYS O 516 58.85 9.08 -16.32
N LYS O 517 59.14 7.78 -16.38
CA LYS O 517 58.47 6.90 -17.31
C LYS O 517 56.97 6.82 -17.01
N GLY O 518 56.19 6.55 -18.06
CA GLY O 518 54.76 6.40 -17.92
C GLY O 518 54.37 5.00 -17.54
N ILE O 519 53.08 4.81 -17.25
CA ILE O 519 52.61 3.52 -16.76
C ILE O 519 52.66 2.46 -17.85
N ILE O 520 52.49 2.83 -19.11
CA ILE O 520 52.55 1.82 -20.17
C ILE O 520 53.99 1.42 -20.47
N GLU O 521 54.93 2.36 -20.50
CA GLU O 521 56.34 2.01 -20.65
C GLU O 521 56.81 1.16 -19.47
N LEU O 522 56.45 1.57 -18.25
CA LEU O 522 56.79 0.77 -17.07
C LEU O 522 56.14 -0.60 -17.12
N SER O 523 54.92 -0.69 -17.64
CA SER O 523 54.24 -1.97 -17.71
C SER O 523 54.92 -2.89 -18.71
N ARG O 524 55.40 -2.34 -19.82
CA ARG O 524 56.17 -3.14 -20.77
C ARG O 524 57.48 -3.60 -20.15
N GLU O 525 58.19 -2.70 -19.47
CA GLU O 525 59.41 -3.08 -18.78
C GLU O 525 59.16 -4.19 -17.78
N LEU O 526 58.09 -4.07 -17.01
CA LEU O 526 57.79 -5.06 -15.98
C LEU O 526 57.40 -6.41 -16.60
N MET O 527 56.58 -6.38 -17.65
CA MET O 527 56.19 -7.62 -18.32
C MET O 527 57.39 -8.31 -18.94
N THR O 528 58.37 -7.54 -19.41
CA THR O 528 59.58 -8.14 -19.96
C THR O 528 60.44 -8.74 -18.85
N ILE O 529 60.73 -7.94 -17.82
CA ILE O 529 61.71 -8.37 -16.82
C ILE O 529 61.15 -9.43 -15.89
N SER O 530 59.83 -9.48 -15.67
CA SER O 530 59.25 -10.56 -14.88
C SER O 530 59.52 -11.90 -15.54
N LYS O 531 59.31 -11.99 -16.85
CA LYS O 531 59.60 -13.23 -17.57
C LYS O 531 61.10 -13.47 -17.63
N LYS O 532 61.89 -12.40 -17.84
CA LYS O 532 63.35 -12.53 -17.84
C LYS O 532 63.85 -13.13 -16.53
N ALA O 533 63.19 -12.83 -15.42
CA ALA O 533 63.59 -13.36 -14.12
C ALA O 533 63.07 -14.77 -13.91
N ARG O 534 61.78 -14.99 -14.18
CA ARG O 534 61.20 -16.33 -14.01
C ARG O 534 61.85 -17.36 -14.91
N ASP O 535 62.51 -16.94 -15.99
CA ASP O 535 63.28 -17.86 -16.82
C ASP O 535 64.71 -17.99 -16.35
N GLY O 536 65.26 -16.97 -15.71
CA GLY O 536 66.62 -16.98 -15.22
C GLY O 536 67.59 -16.15 -16.02
N LYS O 537 67.14 -15.57 -17.14
CA LYS O 537 68.01 -14.78 -18.01
C LYS O 537 68.16 -13.33 -17.54
N LEU O 538 67.84 -13.05 -16.28
CA LEU O 538 67.88 -11.70 -15.75
C LEU O 538 69.30 -11.13 -15.77
N THR O 539 69.51 -10.08 -16.55
CA THR O 539 70.85 -9.55 -16.78
C THR O 539 71.26 -8.61 -15.65
N ALA O 540 72.56 -8.60 -15.34
CA ALA O 540 73.06 -7.70 -14.31
C ALA O 540 72.84 -6.25 -14.73
N GLY O 541 72.76 -5.37 -13.74
CA GLY O 541 72.35 -4.01 -14.00
C GLY O 541 70.84 -3.89 -13.98
N GLU O 542 70.15 -4.99 -14.27
CA GLU O 542 68.72 -5.09 -14.05
C GLU O 542 68.40 -5.61 -12.66
N MET O 543 69.40 -5.69 -11.78
CA MET O 543 69.17 -5.97 -10.37
C MET O 543 70.05 -5.11 -9.47
N GLN O 544 70.61 -4.02 -10.02
CA GLN O 544 71.53 -3.17 -9.22
C GLN O 544 71.07 -1.70 -9.24
N GLY O 545 71.42 -0.96 -8.19
CA GLY O 545 71.08 0.44 -8.07
C GLY O 545 69.62 0.71 -7.79
N GLY O 546 69.08 0.06 -6.76
CA GLY O 546 67.70 0.28 -6.35
C GLY O 546 67.63 1.23 -5.16
N CYS O 547 66.70 2.17 -5.23
CA CYS O 547 66.49 3.14 -4.17
C CYS O 547 65.37 2.75 -3.22
N PHE O 548 64.57 1.74 -3.58
CA PHE O 548 63.38 1.36 -2.84
C PHE O 548 63.01 -0.03 -3.34
N THR O 549 62.17 -0.71 -2.57
CA THR O 549 61.74 -2.06 -2.93
C THR O 549 60.24 -2.18 -2.75
N ILE O 550 59.59 -2.89 -3.66
CA ILE O 550 58.17 -3.18 -3.57
C ILE O 550 58.03 -4.68 -3.65
N SER O 551 57.63 -5.30 -2.54
CA SER O 551 57.44 -6.74 -2.46
C SER O 551 55.94 -6.98 -2.47
N SER O 552 55.41 -7.40 -3.61
CA SER O 552 53.99 -7.61 -3.80
C SER O 552 53.70 -9.11 -3.69
N ILE O 553 53.05 -9.52 -2.62
CA ILE O 553 52.61 -10.89 -2.42
C ILE O 553 51.10 -10.97 -2.35
N GLY O 554 50.40 -9.97 -2.88
CA GLY O 554 48.96 -9.97 -2.86
C GLY O 554 48.32 -11.06 -3.68
N GLY O 555 49.05 -11.62 -4.63
CA GLY O 555 48.54 -12.74 -5.39
C GLY O 555 48.40 -14.02 -4.59
N LEU O 556 48.93 -14.05 -3.37
CA LEU O 556 48.94 -15.25 -2.55
C LEU O 556 48.19 -15.12 -1.24
N GLY O 557 48.04 -13.92 -0.70
CA GLY O 557 47.30 -13.76 0.55
C GLY O 557 47.91 -12.74 1.49
N THR O 558 48.00 -13.13 2.77
CA THR O 558 48.65 -12.28 3.80
C THR O 558 48.07 -10.86 3.78
N THR O 559 46.88 -10.69 4.36
CA THR O 559 46.21 -9.40 4.49
C THR O 559 47.12 -8.29 5.00
N HIS O 560 48.18 -8.64 5.72
CA HIS O 560 49.28 -7.73 5.98
C HIS O 560 50.54 -8.54 6.20
N PHE O 561 51.70 -7.89 6.05
CA PHE O 561 52.94 -8.52 6.42
C PHE O 561 54.01 -7.46 6.60
N ALA O 562 55.01 -7.78 7.43
CA ALA O 562 56.06 -6.85 7.81
C ALA O 562 57.37 -7.27 7.14
N PRO O 563 57.69 -6.72 5.97
CA PRO O 563 58.91 -7.16 5.27
C PRO O 563 60.18 -6.70 5.96
N ILE O 564 61.32 -7.14 5.44
CA ILE O 564 62.62 -6.75 5.95
C ILE O 564 63.23 -5.74 5.00
N VAL O 565 63.77 -4.65 5.55
CA VAL O 565 64.39 -3.62 4.72
C VAL O 565 65.49 -4.23 3.89
N ASN O 566 65.53 -3.88 2.61
CA ASN O 566 66.48 -4.42 1.65
C ASN O 566 67.69 -3.52 1.62
N ALA O 567 68.66 -3.78 2.50
CA ALA O 567 69.89 -2.98 2.57
C ALA O 567 70.53 -2.93 1.18
N PRO O 568 71.22 -1.85 0.77
CA PRO O 568 71.47 -0.68 1.61
C PRO O 568 70.38 0.38 1.55
N GLU O 569 69.17 0.00 1.14
CA GLU O 569 68.06 0.95 1.14
C GLU O 569 67.60 1.18 2.57
N VAL O 570 66.62 2.07 2.72
CA VAL O 570 66.12 2.44 4.04
C VAL O 570 64.64 2.11 4.22
N ALA O 571 63.97 1.60 3.19
CA ALA O 571 62.56 1.29 3.31
C ALA O 571 62.19 0.22 2.30
N ILE O 572 61.02 -0.38 2.52
CA ILE O 572 60.47 -1.38 1.62
C ILE O 572 58.97 -1.39 1.80
N LEU O 573 58.24 -1.45 0.70
CA LEU O 573 56.78 -1.43 0.71
C LEU O 573 56.29 -2.82 0.34
N GLY O 574 55.66 -3.51 1.30
CA GLY O 574 55.02 -4.77 1.02
C GLY O 574 53.56 -4.54 0.69
N VAL O 575 53.08 -5.28 -0.30
CA VAL O 575 51.71 -5.14 -0.79
C VAL O 575 50.99 -6.46 -0.59
N SER O 576 49.74 -6.39 -0.16
CA SER O 576 48.96 -7.56 0.20
C SER O 576 47.77 -7.69 -0.75
N LYS O 577 46.88 -8.65 -0.44
CA LYS O 577 45.76 -8.94 -1.32
C LYS O 577 44.66 -7.89 -1.16
N SER O 578 44.19 -7.38 -2.28
CA SER O 578 43.08 -6.43 -2.25
C SER O 578 41.80 -7.14 -1.83
N ALA O 579 41.05 -6.50 -0.94
CA ALA O 579 39.81 -7.08 -0.46
C ALA O 579 38.72 -6.02 -0.45
N MET O 580 37.49 -6.44 -0.71
CA MET O 580 36.36 -5.51 -0.71
C MET O 580 35.87 -5.36 0.73
N GLU O 581 36.08 -4.15 1.27
CA GLU O 581 35.73 -3.84 2.65
C GLU O 581 34.76 -2.66 2.70
N PRO O 582 33.94 -2.57 3.74
CA PRO O 582 33.08 -1.40 3.90
C PRO O 582 33.88 -0.20 4.36
N VAL O 583 33.58 0.95 3.79
CA VAL O 583 34.27 2.20 4.12
C VAL O 583 33.22 3.25 4.45
N TRP O 584 33.47 4.01 5.51
CA TRP O 584 32.55 5.04 5.98
C TRP O 584 32.64 6.25 5.05
N ASN O 585 31.58 6.49 4.29
CA ASN O 585 31.55 7.66 3.42
C ASN O 585 31.06 8.91 4.12
N GLY O 586 30.78 8.83 5.43
CA GLY O 586 30.22 9.92 6.19
C GLY O 586 28.81 9.66 6.67
N LYS O 587 28.05 8.84 5.93
CA LYS O 587 26.69 8.49 6.35
C LYS O 587 26.36 7.02 6.21
N GLU O 588 27.15 6.23 5.50
CA GLU O 588 26.87 4.81 5.33
C GLU O 588 28.17 4.10 4.97
N PHE O 589 28.10 2.79 4.81
CA PHE O 589 29.25 1.95 4.50
C PHE O 589 29.19 1.57 3.03
N VAL O 590 30.00 2.24 2.21
CA VAL O 590 30.09 1.90 0.79
C VAL O 590 31.12 0.81 0.63
N PRO O 591 30.86 -0.20 -0.20
CA PRO O 591 31.87 -1.26 -0.39
C PRO O 591 32.98 -0.82 -1.32
N ARG O 592 34.16 -0.53 -0.76
CA ARG O 592 35.31 -0.16 -1.55
C ARG O 592 36.28 -1.33 -1.61
N LEU O 593 37.32 -1.17 -2.42
CA LEU O 593 38.33 -2.22 -2.61
C LEU O 593 39.63 -1.72 -2.00
N MET O 594 39.91 -2.16 -0.78
CA MET O 594 41.08 -1.70 -0.05
C MET O 594 42.26 -2.64 -0.29
N LEU O 595 43.41 -2.07 -0.59
CA LEU O 595 44.67 -2.76 -0.80
C LEU O 595 45.55 -2.53 0.41
N PRO O 596 45.93 -3.56 1.17
CA PRO O 596 46.75 -3.35 2.36
C PRO O 596 48.22 -3.27 2.00
N ILE O 597 48.81 -2.11 2.27
CA ILE O 597 50.24 -1.91 2.09
C ILE O 597 50.88 -1.85 3.47
N SER O 598 52.21 -1.96 3.49
CA SER O 598 52.95 -1.94 4.75
C SER O 598 54.35 -1.46 4.46
N LEU O 599 54.72 -0.32 5.04
CA LEU O 599 56.04 0.27 4.85
C LEU O 599 56.92 -0.14 6.02
N SER O 600 57.91 -0.97 5.75
CA SER O 600 58.90 -1.34 6.76
C SER O 600 60.17 -0.56 6.47
N PHE O 601 60.62 0.25 7.42
CA PHE O 601 61.72 1.15 7.15
C PHE O 601 62.74 1.11 8.28
N ASP O 602 63.95 1.55 7.93
CA ASP O 602 65.04 1.68 8.88
C ASP O 602 64.78 2.87 9.79
N HIS O 603 64.77 2.61 11.10
CA HIS O 603 64.48 3.65 12.12
C HIS O 603 65.66 4.61 12.32
N ARG O 604 66.87 4.22 11.88
CA ARG O 604 68.01 5.10 12.06
C ARG O 604 67.92 6.32 11.16
N VAL O 605 67.45 6.14 9.93
CA VAL O 605 67.29 7.24 8.99
C VAL O 605 65.94 7.92 9.18
N ILE O 606 64.87 7.15 9.20
CA ILE O 606 63.51 7.66 9.23
C ILE O 606 62.93 7.42 10.61
N ASP O 607 62.07 8.33 11.06
CA ASP O 607 61.35 8.15 12.31
C ASP O 607 59.90 7.81 12.00
N GLY O 608 59.14 7.52 13.07
CA GLY O 608 57.76 7.08 12.88
C GLY O 608 56.92 8.09 12.14
N ALA O 609 57.12 9.38 12.41
CA ALA O 609 56.30 10.41 11.76
C ALA O 609 56.61 10.50 10.27
N ASP O 610 57.89 10.41 9.89
CA ASP O 610 58.22 10.46 8.47
C ASP O 610 57.70 9.23 7.74
N GLY O 611 57.79 8.06 8.37
CA GLY O 611 57.19 6.88 7.79
C GLY O 611 55.69 7.03 7.63
N ALA O 612 55.04 7.67 8.60
CA ALA O 612 53.61 7.90 8.51
C ALA O 612 53.27 8.80 7.34
N ARG O 613 54.01 9.91 7.20
CA ARG O 613 53.77 10.82 6.09
C ARG O 613 54.04 10.15 4.75
N PHE O 614 55.07 9.31 4.69
CA PHE O 614 55.40 8.63 3.44
C PHE O 614 54.30 7.65 3.04
N ILE O 615 53.87 6.80 3.99
CA ILE O 615 52.86 5.83 3.64
C ILE O 615 51.53 6.49 3.39
N THR O 616 51.26 7.66 4.00
CA THR O 616 50.02 8.33 3.69
C THR O 616 50.10 9.06 2.35
N ILE O 617 51.29 9.46 1.91
CA ILE O 617 51.45 9.97 0.55
C ILE O 617 51.17 8.86 -0.45
N ILE O 618 51.71 7.68 -0.20
CA ILE O 618 51.43 6.54 -1.07
C ILE O 618 49.94 6.21 -1.06
N ASN O 619 49.32 6.24 0.11
CA ASN O 619 47.90 5.94 0.24
C ASN O 619 47.06 6.95 -0.53
N ASN O 620 47.40 8.24 -0.43
CA ASN O 620 46.67 9.26 -1.16
C ASN O 620 46.86 9.13 -2.66
N THR O 621 48.09 8.87 -3.10
CA THR O 621 48.37 8.74 -4.52
C THR O 621 47.61 7.57 -5.13
N LEU O 622 47.70 6.40 -4.50
CA LEU O 622 46.99 5.24 -5.02
C LEU O 622 45.49 5.34 -4.81
N SER O 623 45.04 6.14 -3.84
CA SER O 623 43.60 6.31 -3.64
C SER O 623 42.97 7.10 -4.77
N ASP O 624 43.68 8.09 -5.29
CA ASP O 624 43.24 8.89 -6.43
C ASP O 624 44.46 9.11 -7.31
N ILE O 625 44.62 8.25 -8.32
CA ILE O 625 45.83 8.23 -9.12
C ILE O 625 46.05 9.51 -9.90
N ARG O 626 45.01 10.34 -10.05
CA ARG O 626 45.16 11.61 -10.73
C ARG O 626 46.21 12.50 -10.07
N ARG O 627 46.52 12.26 -8.80
CA ARG O 627 47.56 13.03 -8.14
C ARG O 627 48.95 12.78 -8.70
N LEU O 628 49.10 11.89 -9.68
CA LEU O 628 50.39 11.72 -10.33
C LEU O 628 50.68 12.78 -11.37
N VAL O 629 49.66 13.51 -11.83
CA VAL O 629 49.89 14.58 -12.80
C VAL O 629 50.17 15.93 -12.14
N MET O 630 49.79 16.09 -10.88
CA MET O 630 50.02 17.35 -10.17
C MET O 630 51.50 17.54 -9.85
N GLU P 208 77.46 43.85 -21.72
CA GLU P 208 76.71 43.92 -22.97
C GLU P 208 75.27 43.52 -22.70
N VAL P 209 74.34 44.43 -22.95
CA VAL P 209 72.90 44.18 -22.80
C VAL P 209 72.25 44.56 -24.13
N ASN P 210 72.11 43.58 -25.02
CA ASN P 210 71.35 43.76 -26.23
C ASN P 210 69.87 43.63 -25.89
N VAL P 211 69.02 43.48 -26.89
CA VAL P 211 67.67 43.00 -26.64
C VAL P 211 67.78 41.48 -26.51
N PRO P 212 67.15 40.88 -25.50
CA PRO P 212 67.36 39.44 -25.26
C PRO P 212 66.64 38.56 -26.26
N ASP P 213 65.38 38.87 -26.57
CA ASP P 213 64.68 37.95 -27.49
C ASP P 213 63.45 38.57 -28.19
N ILE P 214 63.64 39.03 -29.43
CA ILE P 214 62.57 39.47 -30.31
C ILE P 214 62.70 38.68 -31.60
N GLY P 215 61.58 38.16 -32.11
CA GLY P 215 61.59 37.27 -33.26
C GLY P 215 62.12 37.90 -34.54
N GLY P 216 62.42 39.20 -34.54
CA GLY P 216 62.98 39.84 -35.71
C GLY P 216 62.11 40.97 -36.24
N ASP P 217 61.30 41.56 -35.37
CA ASP P 217 60.46 42.70 -35.74
C ASP P 217 61.04 43.97 -35.16
N GLU P 218 60.92 45.06 -35.91
CA GLU P 218 61.40 46.36 -35.45
C GLU P 218 60.41 46.93 -34.43
N VAL P 219 60.86 47.01 -33.18
CA VAL P 219 60.00 47.41 -32.06
C VAL P 219 60.38 48.81 -31.60
N GLU P 220 59.38 49.62 -31.29
CA GLU P 220 59.57 51.00 -30.88
C GLU P 220 59.49 51.11 -29.36
N VAL P 221 60.54 51.70 -28.77
CA VAL P 221 60.58 51.84 -27.31
C VAL P 221 59.47 52.77 -26.84
N THR P 222 59.00 52.53 -25.61
CA THR P 222 58.07 53.41 -24.93
C THR P 222 58.73 54.17 -23.80
N GLU P 223 59.42 53.49 -22.89
CA GLU P 223 60.14 54.15 -21.80
C GLU P 223 61.13 53.15 -21.19
N VAL P 224 61.93 53.64 -20.25
CA VAL P 224 62.94 52.83 -19.56
C VAL P 224 62.56 52.74 -18.09
N MET P 225 63.21 51.80 -17.40
CA MET P 225 62.89 51.46 -16.01
C MET P 225 63.98 51.83 -15.02
N VAL P 226 65.09 52.40 -15.47
CA VAL P 226 66.28 52.49 -14.63
C VAL P 226 66.69 53.93 -14.38
N LYS P 227 67.76 54.11 -13.60
CA LYS P 227 68.32 55.41 -13.27
C LYS P 227 69.83 55.38 -13.52
N VAL P 228 70.41 56.54 -13.76
CA VAL P 228 71.85 56.65 -13.88
C VAL P 228 72.46 56.43 -12.49
N GLY P 229 73.14 55.30 -12.32
CA GLY P 229 73.66 54.89 -11.04
C GLY P 229 72.95 53.70 -10.43
N ASP P 230 71.69 53.48 -10.78
CA ASP P 230 70.94 52.34 -10.28
C ASP P 230 71.59 51.03 -10.74
N LYS P 231 71.40 49.98 -9.94
CA LYS P 231 71.83 48.64 -10.31
C LYS P 231 70.61 47.72 -10.32
N VAL P 232 70.53 46.85 -11.33
CA VAL P 232 69.33 46.10 -11.63
C VAL P 232 69.52 44.66 -11.17
N ALA P 233 68.41 44.00 -10.86
CA ALA P 233 68.42 42.66 -10.30
C ALA P 233 68.66 41.62 -11.39
N ALA P 234 68.44 40.35 -11.06
CA ALA P 234 68.77 39.25 -11.96
C ALA P 234 67.97 39.35 -13.26
N GLU P 235 66.64 39.29 -13.15
CA GLU P 235 65.76 39.37 -14.34
C GLU P 235 64.54 40.24 -14.02
N GLN P 236 64.66 41.56 -14.20
CA GLN P 236 63.55 42.47 -13.94
C GLN P 236 63.49 43.50 -15.06
N SER P 237 62.50 44.38 -14.97
CA SER P 237 62.24 45.33 -16.04
C SER P 237 63.37 46.35 -16.18
N LEU P 238 63.75 46.61 -17.42
CA LEU P 238 64.67 47.70 -17.79
C LEU P 238 64.07 48.65 -18.80
N ILE P 239 63.32 48.14 -19.76
CA ILE P 239 62.81 48.92 -20.88
C ILE P 239 61.53 48.30 -21.39
N THR P 240 60.51 49.11 -21.63
CA THR P 240 59.28 48.63 -22.25
C THR P 240 59.29 49.03 -23.73
N VAL P 241 58.96 48.06 -24.58
CA VAL P 241 58.93 48.27 -26.03
C VAL P 241 57.58 47.81 -26.55
N GLU P 242 56.97 48.64 -27.40
CA GLU P 242 55.59 48.43 -27.84
C GLU P 242 55.62 47.75 -29.21
N GLY P 243 55.59 46.43 -29.19
CA GLY P 243 55.59 45.63 -30.42
C GLY P 243 54.19 45.21 -30.81
N ASP P 244 54.09 44.01 -31.36
CA ASP P 244 52.79 43.45 -31.71
C ASP P 244 52.15 42.86 -30.47
CB LA2 P 245 50.78 40.50 -29.07
C LA2 P 245 50.08 42.81 -28.33
O LA2 P 245 49.00 43.41 -28.11
N LA2 P 245 50.89 42.43 -30.62
CA LA2 P 245 50.14 41.82 -29.50
O1 LA2 P 245 46.64 37.25 -32.71
C1 LA2 P 245 46.98 37.00 -31.55
NZ LA2 P 245 47.86 37.76 -30.90
CE LA2 P 245 48.73 37.28 -29.83
CD LA2 P 245 49.34 38.41 -29.03
CG LA2 P 245 50.31 39.27 -29.83
C2 LA2 P 245 46.40 35.83 -30.78
C3 LA2 P 245 45.01 35.48 -31.23
C4 LA2 P 245 44.80 33.98 -31.40
C5 LA2 P 245 43.38 33.51 -31.64
C6 LA2 P 245 42.67 34.16 -32.80
S6 LA2 P 245 43.60 33.99 -34.36
C7 LA2 P 245 41.21 33.75 -32.95
C8 LA2 P 245 40.39 33.96 -31.68
S8 LA2 P 245 38.69 34.47 -31.99
N ALA P 246 51.20 42.97 -27.61
CA ALA P 246 51.25 43.88 -26.48
C ALA P 246 52.68 44.34 -26.17
N SER P 247 52.80 45.42 -25.40
CA SER P 247 54.09 45.95 -25.02
C SER P 247 54.81 44.99 -24.08
N MET P 248 56.10 44.82 -24.30
CA MET P 248 56.91 43.84 -23.58
C MET P 248 58.03 44.52 -22.81
N GLU P 249 58.27 44.05 -21.59
CA GLU P 249 59.32 44.57 -20.73
C GLU P 249 60.54 43.67 -20.82
N VAL P 250 61.63 44.21 -21.36
CA VAL P 250 62.87 43.42 -21.48
C VAL P 250 63.38 43.09 -20.08
N PRO P 251 63.71 41.83 -19.79
CA PRO P 251 64.22 41.48 -18.47
C PRO P 251 65.70 41.82 -18.33
N ALA P 252 66.22 41.54 -17.14
CA ALA P 252 67.66 41.79 -17.03
C ALA P 252 68.44 40.51 -17.34
N PRO P 253 69.59 40.62 -17.98
CA PRO P 253 70.45 39.44 -18.16
C PRO P 253 71.29 39.11 -16.95
N PHE P 254 71.59 40.09 -16.09
CA PHE P 254 72.49 39.93 -14.96
C PHE P 254 72.32 41.18 -14.08
N ALA P 255 73.14 41.25 -13.03
CA ALA P 255 73.10 42.39 -12.09
C ALA P 255 74.31 43.31 -12.27
N GLY P 256 74.11 44.61 -12.10
CA GLY P 256 75.17 45.60 -12.25
C GLY P 256 74.62 46.99 -12.35
N VAL P 257 75.47 47.95 -11.93
CA VAL P 257 75.09 49.35 -11.94
C VAL P 257 75.18 49.88 -13.37
N VAL P 258 74.49 50.98 -13.61
CA VAL P 258 74.29 51.53 -14.94
C VAL P 258 75.56 52.25 -15.41
N LYS P 259 75.91 52.07 -16.70
CA LYS P 259 76.98 52.79 -17.37
C LYS P 259 76.53 53.54 -18.61
N GLU P 260 75.58 52.98 -19.36
CA GLU P 260 75.10 53.55 -20.63
C GLU P 260 73.60 53.71 -20.59
N LEU P 261 73.12 54.90 -20.93
CA LEU P 261 71.78 55.04 -21.50
C LEU P 261 71.87 55.01 -23.02
N LYS P 262 72.40 53.89 -23.52
CA LYS P 262 72.52 53.74 -24.96
C LYS P 262 71.16 53.78 -25.64
N VAL P 263 70.12 53.33 -24.96
CA VAL P 263 68.74 53.55 -25.38
C VAL P 263 68.14 54.66 -24.53
N ASN P 264 67.12 55.33 -25.07
CA ASN P 264 66.41 56.37 -24.36
C ASN P 264 64.90 56.15 -24.49
N VAL P 265 64.13 57.14 -24.06
CA VAL P 265 62.68 57.09 -24.18
C VAL P 265 62.27 57.56 -25.57
N GLY P 266 61.69 56.66 -26.35
CA GLY P 266 61.26 56.96 -27.71
C GLY P 266 62.08 56.30 -28.78
N ASP P 267 63.15 55.60 -28.38
CA ASP P 267 64.07 54.92 -29.33
C ASP P 267 63.34 53.79 -30.05
N LYS P 268 64.06 53.06 -30.91
CA LYS P 268 63.50 51.94 -31.67
C LYS P 268 64.63 50.95 -32.00
N VAL P 269 64.37 49.67 -31.73
CA VAL P 269 65.34 48.61 -31.95
C VAL P 269 64.69 47.49 -32.75
N LYS P 270 65.38 47.02 -33.78
CA LYS P 270 64.90 45.88 -34.55
C LYS P 270 65.36 44.55 -33.96
N THR P 271 66.63 44.48 -33.54
CA THR P 271 67.16 43.23 -32.93
C THR P 271 68.65 43.34 -32.60
N GLY P 272 69.04 42.85 -31.43
CA GLY P 272 70.41 42.83 -30.96
C GLY P 272 71.17 44.14 -30.97
N SER P 273 70.56 45.22 -30.51
CA SER P 273 71.21 46.51 -30.41
C SER P 273 71.60 46.76 -28.96
N LEU P 274 72.84 47.22 -28.77
CA LEU P 274 73.35 47.45 -27.42
C LEU P 274 72.62 48.64 -26.80
N ILE P 275 71.81 48.36 -25.79
CA ILE P 275 71.06 49.41 -25.10
C ILE P 275 71.59 49.71 -23.71
N MET P 276 72.27 48.75 -23.06
CA MET P 276 72.76 48.96 -21.71
C MET P 276 74.12 48.30 -21.52
N ILE P 277 74.99 48.99 -20.79
CA ILE P 277 76.24 48.44 -20.27
C ILE P 277 76.22 48.60 -18.76
N PHE P 278 76.72 47.61 -18.04
CA PHE P 278 76.59 47.58 -16.58
C PHE P 278 77.96 47.39 -15.94
N GLU P 279 77.95 47.34 -14.62
CA GLU P 279 79.15 47.10 -13.83
C GLU P 279 78.82 46.13 -12.70
N VAL P 280 79.81 45.33 -12.31
CA VAL P 280 79.65 44.37 -11.22
C VAL P 280 81.02 44.02 -10.65
N PRO P 384 41.50 37.27 -57.74
CA PRO P 384 41.84 38.14 -58.87
C PRO P 384 41.25 39.54 -58.71
N GLY P 385 40.28 39.87 -59.57
CA GLY P 385 39.62 41.16 -59.50
C GLY P 385 38.31 41.09 -58.75
N MET P 386 38.32 41.54 -57.49
CA MET P 386 37.14 41.54 -56.66
C MET P 386 36.56 42.94 -56.55
N LEU P 387 35.30 43.02 -56.15
CA LEU P 387 34.66 44.30 -55.94
C LEU P 387 35.32 45.03 -54.78
N PRO P 388 35.38 46.36 -54.82
CA PRO P 388 35.94 47.12 -53.70
C PRO P 388 34.99 47.12 -52.51
N TRP P 389 35.50 47.61 -51.39
CA TRP P 389 34.69 47.72 -50.19
C TRP P 389 33.49 48.63 -50.45
N PRO P 390 32.33 48.35 -49.85
CA PRO P 390 31.14 49.15 -50.13
C PRO P 390 31.30 50.61 -49.71
N LYS P 391 31.34 51.51 -50.68
CA LYS P 391 31.45 52.94 -50.42
C LYS P 391 30.10 53.44 -49.92
N VAL P 392 30.01 53.77 -48.64
CA VAL P 392 28.77 54.22 -48.03
C VAL P 392 29.02 55.51 -47.29
N ASP P 393 28.08 56.46 -47.42
CA ASP P 393 28.11 57.69 -46.64
C ASP P 393 27.40 57.40 -45.32
N PHE P 394 28.18 56.97 -44.33
CA PHE P 394 27.62 56.49 -43.07
C PHE P 394 26.95 57.60 -42.26
N SER P 395 27.14 58.87 -42.63
CA SER P 395 26.59 59.99 -41.88
C SER P 395 25.20 60.40 -42.36
N LYS P 396 24.76 59.95 -43.53
CA LYS P 396 23.44 60.31 -44.01
C LYS P 396 22.32 59.58 -43.28
N PHE P 397 22.64 58.55 -42.50
CA PHE P 397 21.65 57.84 -41.70
C PHE P 397 21.68 58.24 -40.23
N GLY P 398 22.75 58.86 -39.77
CA GLY P 398 22.84 59.27 -38.38
C GLY P 398 24.18 59.93 -38.12
N GLU P 399 24.53 59.96 -36.83
CA GLU P 399 25.80 60.54 -36.35
C GLU P 399 26.84 59.41 -36.21
N ILE P 400 28.06 59.66 -36.68
CA ILE P 400 29.13 58.68 -36.63
C ILE P 400 30.30 59.26 -35.84
N GLU P 401 31.34 58.45 -35.68
CA GLU P 401 32.56 58.89 -35.01
C GLU P 401 33.70 58.02 -35.54
N GLU P 402 34.49 58.57 -36.46
CA GLU P 402 35.51 57.79 -37.16
C GLU P 402 36.75 57.70 -36.29
N VAL P 403 36.73 56.75 -35.37
CA VAL P 403 37.92 56.43 -34.58
C VAL P 403 38.89 55.65 -35.44
N GLU P 404 40.17 55.73 -35.11
CA GLU P 404 41.21 55.05 -35.85
C GLU P 404 41.83 53.96 -35.00
N LEU P 405 42.04 52.79 -35.61
CA LEU P 405 42.52 51.63 -34.87
C LEU P 405 43.96 51.84 -34.40
N GLY P 406 44.25 51.40 -33.19
CA GLY P 406 45.61 51.43 -32.69
C GLY P 406 46.54 50.57 -33.53
N ARG P 407 47.84 50.73 -33.27
CA ARG P 407 48.82 50.01 -34.08
C ARG P 407 48.77 48.52 -33.83
N ILE P 408 48.51 48.10 -32.58
CA ILE P 408 48.38 46.67 -32.31
C ILE P 408 47.10 46.13 -32.94
N GLN P 409 46.04 46.94 -32.97
CA GLN P 409 44.81 46.50 -33.62
C GLN P 409 45.01 46.38 -35.12
N LYS P 410 45.70 47.34 -35.74
CA LYS P 410 46.02 47.24 -37.16
C LYS P 410 46.86 46.00 -37.44
N ILE P 411 47.87 45.74 -36.62
CA ILE P 411 48.74 44.60 -36.85
C ILE P 411 47.99 43.29 -36.68
N SER P 412 47.14 43.19 -35.65
CA SER P 412 46.36 41.98 -35.46
C SER P 412 45.36 41.79 -36.59
N GLY P 413 44.78 42.88 -37.09
CA GLY P 413 43.88 42.76 -38.22
C GLY P 413 44.59 42.28 -39.47
N ALA P 414 45.79 42.80 -39.73
CA ALA P 414 46.56 42.33 -40.87
C ALA P 414 46.93 40.85 -40.71
N ASN P 415 47.33 40.45 -39.52
CA ASN P 415 47.69 39.05 -39.28
C ASN P 415 46.49 38.13 -39.50
N LEU P 416 45.32 38.53 -38.99
CA LEU P 416 44.12 37.70 -39.16
C LEU P 416 43.66 37.69 -40.60
N SER P 417 43.80 38.81 -41.31
CA SER P 417 43.42 38.82 -42.72
C SER P 417 44.40 38.06 -43.59
N ARG P 418 45.61 37.82 -43.11
CA ARG P 418 46.51 36.92 -43.81
C ARG P 418 46.17 35.46 -43.49
N ASN P 419 45.93 35.16 -42.21
CA ASN P 419 45.61 33.79 -41.82
C ASN P 419 44.30 33.33 -42.44
N TRP P 420 43.34 34.23 -42.63
CA TRP P 420 42.08 33.83 -43.23
C TRP P 420 42.26 33.42 -44.68
N VAL P 421 43.02 34.19 -45.44
CA VAL P 421 43.20 33.88 -46.87
C VAL P 421 44.11 32.68 -47.05
N MET P 422 45.28 32.70 -46.43
CA MET P 422 46.32 31.72 -46.73
C MET P 422 46.08 30.35 -46.11
N ILE P 423 45.15 30.24 -45.16
CA ILE P 423 44.91 28.98 -44.44
C ILE P 423 43.51 28.49 -44.78
N PRO P 424 43.36 27.30 -45.34
CA PRO P 424 42.02 26.71 -45.44
C PRO P 424 41.59 26.13 -44.11
N HIS P 425 40.68 26.80 -43.41
CA HIS P 425 40.29 26.37 -42.07
C HIS P 425 39.25 25.28 -42.14
N VAL P 426 39.35 24.32 -41.21
CA VAL P 426 38.27 23.37 -40.97
C VAL P 426 38.11 23.25 -39.47
N THR P 427 36.88 23.32 -39.00
CA THR P 427 36.58 23.38 -37.57
C THR P 427 35.77 22.15 -37.17
N HIS P 428 36.33 21.34 -36.29
CA HIS P 428 35.65 20.17 -35.75
C HIS P 428 35.20 20.50 -34.34
N PHE P 429 33.90 20.41 -34.10
CA PHE P 429 33.38 20.67 -32.76
C PHE P 429 33.27 19.36 -31.99
N ASP P 430 33.30 19.46 -30.67
CA ASP P 430 33.22 18.27 -29.83
C ASP P 430 32.81 18.69 -28.43
N LYS P 431 32.40 17.69 -27.65
CA LYS P 431 32.00 17.91 -26.26
C LYS P 431 32.68 16.85 -25.40
N THR P 432 33.27 17.30 -24.29
CA THR P 432 34.08 16.43 -23.43
C THR P 432 33.43 16.32 -22.07
N ASP P 433 33.24 15.09 -21.59
CA ASP P 433 32.65 14.85 -20.28
C ASP P 433 33.71 15.11 -19.22
N ILE P 434 33.62 16.25 -18.55
CA ILE P 434 34.66 16.65 -17.60
C ILE P 434 34.10 16.72 -16.19
N THR P 435 33.12 15.88 -15.88
CA THR P 435 32.58 15.83 -14.53
C THR P 435 33.65 15.39 -13.53
N GLU P 436 34.32 14.27 -13.83
CA GLU P 436 35.39 13.80 -12.96
C GLU P 436 36.53 14.81 -12.90
N LEU P 437 36.86 15.43 -14.04
CA LEU P 437 37.95 16.41 -14.06
C LEU P 437 37.60 17.62 -13.20
N GLU P 438 36.35 18.07 -13.24
CA GLU P 438 35.97 19.22 -12.44
C GLU P 438 35.93 18.88 -10.95
N ALA P 439 35.42 17.69 -10.61
CA ALA P 439 35.46 17.26 -9.21
C ALA P 439 36.89 17.19 -8.70
N PHE P 440 37.79 16.63 -9.51
CA PHE P 440 39.18 16.51 -9.10
C PHE P 440 39.85 17.88 -9.01
N ARG P 441 39.50 18.80 -9.89
CA ARG P 441 40.08 20.13 -9.83
C ARG P 441 39.61 20.88 -8.60
N LYS P 442 38.33 20.76 -8.25
CA LYS P 442 37.85 21.37 -7.01
C LYS P 442 38.52 20.75 -5.79
N GLN P 443 38.67 19.43 -5.78
CA GLN P 443 39.33 18.76 -4.67
C GLN P 443 40.77 19.23 -4.52
N GLN P 444 41.48 19.37 -5.64
CA GLN P 444 42.87 19.83 -5.57
C GLN P 444 42.98 21.30 -5.25
N ASN P 445 41.96 22.10 -5.59
CA ASN P 445 41.97 23.50 -5.18
C ASN P 445 41.74 23.63 -3.68
N GLU P 446 40.90 22.75 -3.12
CA GLU P 446 40.77 22.71 -1.67
C GLU P 446 42.06 22.25 -1.01
N GLU P 447 42.59 21.10 -1.46
CA GLU P 447 43.79 20.54 -0.84
C GLU P 447 45.00 21.47 -0.98
N ALA P 448 45.09 22.21 -2.08
CA ALA P 448 46.16 23.18 -2.25
C ALA P 448 45.90 24.47 -1.47
N ALA P 449 44.77 24.57 -0.79
CA ALA P 449 44.48 25.70 0.09
C ALA P 449 44.81 25.38 1.55
N LYS P 450 44.24 24.29 2.07
CA LYS P 450 44.54 23.89 3.44
C LYS P 450 45.99 23.45 3.63
N ARG P 451 46.79 23.38 2.57
CA ARG P 451 48.21 23.13 2.67
C ARG P 451 49.04 24.37 2.32
N LYS P 452 48.39 25.50 2.11
CA LYS P 452 49.05 26.79 1.93
C LYS P 452 50.07 26.75 0.79
N LEU P 453 49.57 26.47 -0.42
CA LEU P 453 50.39 26.53 -1.62
C LEU P 453 50.22 27.83 -2.39
N ASP P 454 49.13 28.56 -2.15
CA ASP P 454 48.83 29.81 -2.86
C ASP P 454 48.85 29.59 -4.36
N VAL P 455 48.10 28.58 -4.80
CA VAL P 455 47.96 28.27 -6.22
C VAL P 455 46.48 28.02 -6.51
N LYS P 456 46.03 28.46 -7.68
CA LYS P 456 44.66 28.27 -8.12
C LYS P 456 44.69 27.49 -9.42
N ILE P 457 44.09 26.31 -9.40
CA ILE P 457 44.14 25.39 -10.54
C ILE P 457 42.91 25.64 -11.40
N THR P 458 43.09 26.32 -12.52
CA THR P 458 42.04 26.62 -13.47
C THR P 458 41.78 25.42 -14.37
N PRO P 459 40.60 25.36 -15.00
CA PRO P 459 40.33 24.26 -15.94
C PRO P 459 41.17 24.32 -17.20
N VAL P 460 42.01 25.33 -17.38
CA VAL P 460 42.78 25.48 -18.59
C VAL P 460 44.09 24.68 -18.56
N VAL P 461 44.66 24.44 -17.38
CA VAL P 461 45.91 23.70 -17.33
C VAL P 461 45.68 22.23 -17.68
N PHE P 462 44.52 21.68 -17.31
CA PHE P 462 44.19 20.32 -17.74
C PHE P 462 44.07 20.25 -19.24
N ILE P 463 43.54 21.30 -19.87
CA ILE P 463 43.43 21.32 -21.32
C ILE P 463 44.81 21.47 -21.95
N MET P 464 45.70 22.24 -21.33
CA MET P 464 47.07 22.33 -21.82
C MET P 464 47.76 20.98 -21.76
N LYS P 465 47.56 20.23 -20.67
CA LYS P 465 48.15 18.91 -20.57
C LYS P 465 47.55 17.95 -21.59
N ALA P 466 46.23 18.01 -21.80
CA ALA P 466 45.59 17.16 -22.77
C ALA P 466 46.08 17.45 -24.19
N VAL P 467 46.26 18.74 -24.51
CA VAL P 467 46.73 19.10 -25.84
C VAL P 467 48.19 18.71 -26.01
N ALA P 468 48.99 18.81 -24.95
CA ALA P 468 50.37 18.36 -25.03
C ALA P 468 50.45 16.86 -25.27
N ALA P 469 49.59 16.09 -24.58
CA ALA P 469 49.51 14.66 -24.84
C ALA P 469 49.12 14.39 -26.28
N ALA P 470 48.11 15.11 -26.77
CA ALA P 470 47.65 14.89 -28.14
C ALA P 470 48.71 15.25 -29.16
N LEU P 471 49.54 16.25 -28.86
CA LEU P 471 50.64 16.59 -29.76
C LEU P 471 51.75 15.56 -29.68
N GLU P 472 51.91 14.92 -28.52
CA GLU P 472 52.84 13.79 -28.43
C GLU P 472 52.37 12.62 -29.28
N GLN P 473 51.06 12.31 -29.23
CA GLN P 473 50.55 11.17 -29.97
C GLN P 473 50.45 11.44 -31.47
N MET P 474 49.98 12.63 -31.84
CA MET P 474 49.85 12.99 -33.24
C MET P 474 50.81 14.13 -33.57
N PRO P 475 52.08 13.82 -33.86
CA PRO P 475 53.07 14.89 -34.07
C PRO P 475 52.84 15.71 -35.32
N ARG P 476 51.93 15.29 -36.21
CA ARG P 476 51.62 16.09 -37.39
C ARG P 476 50.97 17.41 -37.01
N PHE P 477 50.30 17.48 -35.86
CA PHE P 477 49.68 18.71 -35.42
C PHE P 477 50.69 19.68 -34.82
N ASN P 478 51.87 19.22 -34.46
CA ASN P 478 52.94 20.08 -33.96
C ASN P 478 53.88 20.41 -35.11
N SER P 479 53.33 21.12 -36.10
CA SER P 479 54.04 21.38 -37.34
C SER P 479 53.91 22.85 -37.68
N SER P 480 54.39 23.21 -38.87
CA SER P 480 54.29 24.56 -39.40
C SER P 480 54.69 24.53 -40.87
N LEU P 481 53.94 25.25 -41.70
CA LEU P 481 54.21 25.32 -43.12
C LEU P 481 55.10 26.50 -43.44
N SER P 482 55.63 26.50 -44.66
CA SER P 482 56.47 27.59 -45.14
C SER P 482 55.63 28.62 -45.89
N GLU P 483 56.33 29.65 -46.37
CA GLU P 483 55.69 30.70 -47.16
C GLU P 483 54.93 30.12 -48.35
N ASP P 484 55.59 29.26 -49.12
CA ASP P 484 54.97 28.63 -50.28
C ASP P 484 54.05 27.46 -49.93
N GLY P 485 54.12 26.95 -48.70
CA GLY P 485 53.29 25.81 -48.33
C GLY P 485 53.73 24.50 -48.96
N GLN P 486 55.04 24.27 -49.06
CA GLN P 486 55.56 23.06 -49.65
C GLN P 486 56.46 22.25 -48.74
N ARG P 487 56.97 22.84 -47.67
CA ARG P 487 57.86 22.15 -46.73
C ARG P 487 57.31 22.28 -45.33
N LEU P 488 57.02 21.15 -44.70
CA LEU P 488 56.58 21.15 -43.32
C LEU P 488 57.77 21.26 -42.37
N THR P 489 57.48 21.64 -41.13
CA THR P 489 58.50 21.76 -40.09
C THR P 489 57.99 21.02 -38.86
N LEU P 490 58.23 19.71 -38.81
CA LEU P 490 57.78 18.90 -37.68
C LEU P 490 58.58 19.28 -36.44
N LYS P 491 57.95 20.00 -35.52
CA LYS P 491 58.60 20.37 -34.28
C LYS P 491 58.56 19.19 -33.30
N LYS P 492 59.61 19.09 -32.49
CA LYS P 492 59.70 18.05 -31.47
C LYS P 492 59.40 18.57 -30.08
N TYR P 493 59.54 19.86 -29.84
CA TYR P 493 59.14 20.46 -28.59
C TYR P 493 57.65 20.74 -28.60
N ILE P 494 57.08 20.96 -27.42
CA ILE P 494 55.64 21.20 -27.26
C ILE P 494 55.48 22.44 -26.39
N ASN P 495 55.33 23.59 -27.02
CA ASN P 495 54.94 24.81 -26.35
C ASN P 495 53.50 25.15 -26.75
N ILE P 496 52.74 25.72 -25.83
CA ILE P 496 51.33 25.97 -26.05
C ILE P 496 51.03 27.41 -25.63
N GLY P 497 50.53 28.21 -26.54
CA GLY P 497 50.03 29.52 -26.18
C GLY P 497 48.62 29.41 -25.63
N VAL P 498 48.31 30.26 -24.67
CA VAL P 498 47.01 30.27 -24.01
C VAL P 498 46.48 31.69 -24.07
N ALA P 499 45.41 31.90 -24.85
CA ALA P 499 44.90 33.25 -25.06
C ALA P 499 44.38 33.83 -23.76
N VAL P 500 45.08 34.82 -23.23
CA VAL P 500 44.68 35.55 -22.04
C VAL P 500 44.00 36.85 -22.49
N ASP P 501 43.01 37.29 -21.73
CA ASP P 501 42.19 38.44 -22.07
C ASP P 501 42.65 39.64 -21.25
N THR P 502 43.47 40.48 -21.86
CA THR P 502 43.87 41.74 -21.29
C THR P 502 42.92 42.84 -21.73
N PRO P 503 42.89 43.98 -21.02
CA PRO P 503 42.03 45.09 -21.45
C PRO P 503 42.26 45.53 -22.88
N ASN P 504 43.39 45.15 -23.46
CA ASN P 504 43.73 45.46 -24.85
C ASN P 504 43.53 44.25 -25.76
N GLY P 505 42.50 43.45 -25.50
CA GLY P 505 42.22 42.30 -26.33
C GLY P 505 42.88 41.03 -25.84
N LEU P 506 42.91 40.04 -26.72
CA LEU P 506 43.49 38.74 -26.41
C LEU P 506 44.95 38.72 -26.81
N VAL P 507 45.83 38.45 -25.84
CA VAL P 507 47.24 38.22 -26.10
C VAL P 507 47.53 36.76 -25.82
N VAL P 508 48.45 36.17 -26.59
CA VAL P 508 48.74 34.75 -26.45
C VAL P 508 50.12 34.57 -25.86
N PRO P 509 50.23 34.34 -24.55
CA PRO P 509 51.53 33.93 -23.98
C PRO P 509 51.75 32.44 -24.13
N VAL P 510 53.01 32.09 -24.34
CA VAL P 510 53.42 30.73 -24.68
C VAL P 510 54.05 30.08 -23.45
N PHE P 511 53.61 28.88 -23.13
CA PHE P 511 54.17 28.07 -22.06
C PHE P 511 55.00 26.95 -22.67
N LYS P 512 56.23 26.80 -22.21
CA LYS P 512 57.19 25.92 -22.85
C LYS P 512 57.20 24.55 -22.20
N ASP P 513 57.43 23.53 -23.03
CA ASP P 513 57.60 22.14 -22.57
C ASP P 513 56.43 21.70 -21.68
N VAL P 514 55.22 21.96 -22.16
CA VAL P 514 54.03 21.59 -21.42
C VAL P 514 53.94 20.09 -21.23
N ASN P 515 54.54 19.32 -22.14
CA ASN P 515 54.46 17.86 -22.06
C ASN P 515 55.15 17.30 -20.83
N LYS P 516 56.11 18.03 -20.26
CA LYS P 516 56.88 17.56 -19.11
C LYS P 516 56.36 18.10 -17.79
N LYS P 517 56.08 19.40 -17.73
CA LYS P 517 55.69 20.03 -16.48
C LYS P 517 54.39 19.45 -15.93
N GLY P 518 54.25 19.50 -14.62
CA GLY P 518 53.04 19.04 -13.97
C GLY P 518 51.98 20.11 -13.91
N ILE P 519 50.79 19.71 -13.45
CA ILE P 519 49.66 20.63 -13.46
C ILE P 519 49.83 21.75 -12.43
N ILE P 520 50.51 21.49 -11.32
CA ILE P 520 50.70 22.56 -10.36
C ILE P 520 51.77 23.55 -10.80
N GLU P 521 52.87 23.08 -11.38
CA GLU P 521 53.85 23.99 -11.96
C GLU P 521 53.24 24.81 -13.09
N LEU P 522 52.50 24.15 -13.98
CA LEU P 522 51.82 24.86 -15.05
C LEU P 522 50.80 25.84 -14.50
N SER P 523 50.13 25.49 -13.41
CA SER P 523 49.12 26.39 -12.84
C SER P 523 49.79 27.62 -12.23
N ARG P 524 50.95 27.44 -11.62
CA ARG P 524 51.70 28.59 -11.12
C ARG P 524 52.16 29.48 -12.27
N GLU P 525 52.71 28.86 -13.32
CA GLU P 525 53.10 29.63 -14.51
C GLU P 525 51.93 30.41 -15.08
N LEU P 526 50.77 29.76 -15.18
CA LEU P 526 49.60 30.42 -15.77
C LEU P 526 49.10 31.54 -14.89
N MET P 527 49.04 31.31 -13.57
CA MET P 527 48.60 32.36 -12.66
C MET P 527 49.54 33.55 -12.68
N THR P 528 50.83 33.31 -12.88
CA THR P 528 51.77 34.42 -12.98
C THR P 528 51.60 35.18 -14.29
N ILE P 529 51.59 34.45 -15.41
CA ILE P 529 51.64 35.11 -16.72
C ILE P 529 50.29 35.74 -17.08
N SER P 530 49.17 35.20 -16.56
CA SER P 530 47.88 35.85 -16.79
C SER P 530 47.88 37.26 -16.21
N LYS P 531 48.37 37.40 -14.98
CA LYS P 531 48.47 38.73 -14.37
C LYS P 531 49.53 39.58 -15.08
N LYS P 532 50.65 38.96 -15.44
CA LYS P 532 51.69 39.67 -16.20
C LYS P 532 51.14 40.25 -17.49
N ALA P 533 50.18 39.57 -18.12
CA ALA P 533 49.59 40.06 -19.35
C ALA P 533 48.51 41.11 -19.09
N ARG P 534 47.60 40.81 -18.16
CA ARG P 534 46.53 41.75 -17.83
C ARG P 534 47.06 43.07 -17.29
N ASP P 535 48.29 43.09 -16.77
CA ASP P 535 48.93 44.33 -16.37
C ASP P 535 49.70 44.98 -17.50
N GLY P 536 50.19 44.20 -18.46
CA GLY P 536 50.95 44.71 -19.58
C GLY P 536 52.44 44.46 -19.51
N LYS P 537 52.92 43.89 -18.40
CA LYS P 537 54.35 43.63 -18.21
C LYS P 537 54.80 42.33 -18.87
N LEU P 538 54.02 41.79 -19.80
CA LEU P 538 54.33 40.51 -20.44
C LEU P 538 55.62 40.58 -21.23
N THR P 539 56.62 39.81 -20.81
CA THR P 539 57.96 39.91 -21.38
C THR P 539 58.05 39.09 -22.67
N ALA P 540 58.88 39.57 -23.61
CA ALA P 540 59.09 38.84 -24.84
C ALA P 540 59.73 37.48 -24.56
N GLY P 541 59.51 36.54 -25.46
CA GLY P 541 59.88 35.17 -25.19
C GLY P 541 58.80 34.44 -24.44
N GLU P 542 58.00 35.19 -23.69
CA GLU P 542 56.76 34.68 -23.12
C GLU P 542 55.58 34.84 -24.06
N MET P 543 55.84 35.22 -25.32
CA MET P 543 54.81 35.20 -26.35
C MET P 543 55.36 34.68 -27.68
N GLN P 544 56.50 33.99 -27.64
CA GLN P 544 57.13 33.49 -28.90
C GLN P 544 57.39 31.99 -28.82
N GLY P 545 57.41 31.33 -29.98
CA GLY P 545 57.66 29.90 -30.08
C GLY P 545 56.53 29.03 -29.59
N GLY P 546 55.33 29.27 -30.09
CA GLY P 546 54.17 28.46 -29.74
C GLY P 546 53.89 27.44 -30.81
N CYS P 547 53.61 26.21 -30.39
CA CYS P 547 53.28 25.11 -31.29
C CYS P 547 51.79 24.89 -31.45
N PHE P 548 50.98 25.53 -30.62
CA PHE P 548 49.54 25.29 -30.57
C PHE P 548 48.95 26.45 -29.78
N THR P 549 47.65 26.63 -29.91
CA THR P 549 46.96 27.72 -29.22
C THR P 549 45.69 27.19 -28.57
N ILE P 550 45.41 27.68 -27.38
CA ILE P 550 44.18 27.36 -26.66
C ILE P 550 43.50 28.67 -26.35
N SER P 551 42.37 28.93 -27.00
CA SER P 551 41.59 30.14 -26.79
C SER P 551 40.38 29.75 -25.96
N SER P 552 40.41 30.05 -24.68
CA SER P 552 39.35 29.69 -23.75
C SER P 552 38.47 30.91 -23.50
N ILE P 553 37.25 30.87 -24.02
CA ILE P 553 36.27 31.91 -23.78
C ILE P 553 35.05 31.37 -23.04
N GLY P 554 35.23 30.23 -22.35
CA GLY P 554 34.13 29.63 -21.62
C GLY P 554 33.64 30.46 -20.46
N GLY P 555 34.46 31.39 -19.96
CA GLY P 555 34.01 32.28 -18.92
C GLY P 555 32.97 33.29 -19.37
N LEU P 556 32.71 33.38 -20.67
CA LEU P 556 31.81 34.37 -21.22
C LEU P 556 30.61 33.79 -21.94
N GLY P 557 30.70 32.58 -22.48
CA GLY P 557 29.56 31.97 -23.15
C GLY P 557 29.95 31.20 -24.40
N THR P 558 29.19 31.42 -25.48
CA THR P 558 29.48 30.79 -26.80
C THR P 558 29.63 29.27 -26.65
N THR P 559 28.50 28.57 -26.53
CA THR P 559 28.47 27.11 -26.44
C THR P 559 29.34 26.42 -27.48
N HIS P 560 29.61 27.08 -28.61
CA HIS P 560 30.67 26.66 -29.52
C HIS P 560 31.16 27.90 -30.27
N PHE P 561 32.37 27.79 -30.82
CA PHE P 561 32.85 28.83 -31.71
C PHE P 561 34.00 28.29 -32.55
N ALA P 562 34.17 28.89 -33.73
CA ALA P 562 35.13 28.43 -34.72
C ALA P 562 36.30 29.42 -34.78
N PRO P 563 37.38 29.19 -34.04
CA PRO P 563 38.47 30.18 -34.02
C PRO P 563 39.24 30.21 -35.33
N ILE P 564 40.19 31.12 -35.43
CA ILE P 564 41.06 31.25 -36.59
C ILE P 564 42.42 30.69 -36.23
N VAL P 565 42.99 29.87 -37.11
CA VAL P 565 44.31 29.28 -36.87
C VAL P 565 45.32 30.40 -36.66
N ASN P 566 46.16 30.24 -35.64
CA ASN P 566 47.14 31.25 -35.27
C ASN P 566 48.45 30.92 -35.99
N ALA P 567 48.59 31.46 -37.20
CA ALA P 567 49.81 31.21 -38.01
C ALA P 567 51.03 31.62 -37.17
N PRO P 568 52.20 30.95 -37.32
CA PRO P 568 52.42 29.90 -38.31
C PRO P 568 52.07 28.50 -37.82
N GLU P 569 51.24 28.40 -36.79
CA GLU P 569 50.78 27.10 -36.33
C GLU P 569 49.79 26.52 -37.31
N VAL P 570 49.34 25.30 -37.04
CA VAL P 570 48.42 24.59 -37.93
C VAL P 570 47.09 24.28 -37.28
N ALA P 571 46.92 24.58 -35.99
CA ALA P 571 45.68 24.27 -35.32
C ALA P 571 45.49 25.20 -34.13
N ILE P 572 44.26 25.25 -33.64
CA ILE P 572 43.91 26.04 -32.47
C ILE P 572 42.68 25.41 -31.84
N LEU P 573 42.69 25.30 -30.52
CA LEU P 573 41.60 24.68 -29.76
C LEU P 573 40.87 25.79 -29.03
N GLY P 574 39.62 26.03 -29.43
CA GLY P 574 38.77 26.94 -28.70
C GLY P 574 37.94 26.18 -27.68
N VAL P 575 37.80 26.77 -26.51
CA VAL P 575 37.09 26.15 -25.39
C VAL P 575 35.91 27.02 -25.03
N SER P 576 34.77 26.40 -24.73
CA SER P 576 33.53 27.09 -24.49
C SER P 576 33.07 26.84 -23.05
N LYS P 577 31.86 27.30 -22.73
CA LYS P 577 31.37 27.22 -21.37
C LYS P 577 30.89 25.81 -21.06
N SER P 578 31.33 25.28 -19.93
CA SER P 578 30.87 23.96 -19.49
C SER P 578 29.40 24.03 -19.09
N ALA P 579 28.64 23.04 -19.52
CA ALA P 579 27.22 22.99 -19.21
C ALA P 579 26.84 21.58 -18.78
N MET P 580 25.89 21.50 -17.85
CA MET P 580 25.41 20.20 -17.39
C MET P 580 24.37 19.68 -18.37
N GLU P 581 24.71 18.61 -19.07
CA GLU P 581 23.86 18.02 -20.09
C GLU P 581 23.59 16.55 -19.77
N PRO P 582 22.47 16.01 -20.24
CA PRO P 582 22.23 14.58 -20.06
C PRO P 582 23.08 13.77 -21.03
N VAL P 583 23.63 12.66 -20.53
CA VAL P 583 24.47 11.78 -21.31
C VAL P 583 23.95 10.37 -21.17
N TRP P 584 23.89 9.65 -22.29
CA TRP P 584 23.37 8.29 -22.32
C TRP P 584 24.42 7.34 -21.75
N ASN P 585 24.13 6.78 -20.57
CA ASN P 585 25.04 5.82 -19.97
C ASN P 585 24.81 4.39 -20.47
N GLY P 586 23.89 4.20 -21.41
CA GLY P 586 23.51 2.90 -21.90
C GLY P 586 22.10 2.49 -21.52
N LYS P 587 21.59 3.01 -20.41
CA LYS P 587 20.22 2.72 -20.00
C LYS P 587 19.43 3.93 -19.53
N GLU P 588 20.08 5.06 -19.25
CA GLU P 588 19.37 6.25 -18.79
C GLU P 588 20.26 7.46 -19.07
N PHE P 589 19.73 8.64 -18.74
CA PHE P 589 20.42 9.90 -18.98
C PHE P 589 20.99 10.41 -17.66
N VAL P 590 22.29 10.23 -17.48
CA VAL P 590 22.97 10.73 -16.29
C VAL P 590 23.38 12.18 -16.55
N PRO P 591 23.21 13.09 -15.60
CA PRO P 591 23.62 14.47 -15.83
C PRO P 591 25.12 14.65 -15.69
N ARG P 592 25.82 14.80 -16.80
CA ARG P 592 27.26 15.03 -16.79
C ARG P 592 27.54 16.49 -17.11
N LEU P 593 28.80 16.88 -16.99
CA LEU P 593 29.22 18.25 -17.22
C LEU P 593 30.08 18.27 -18.47
N MET P 594 29.48 18.63 -19.59
CA MET P 594 30.17 18.60 -20.89
C MET P 594 30.78 19.97 -21.17
N LEU P 595 32.03 19.94 -21.60
CA LEU P 595 32.79 21.12 -21.99
C LEU P 595 32.92 21.12 -23.50
N PRO P 596 32.38 22.11 -24.21
CA PRO P 596 32.45 22.12 -25.67
C PRO P 596 33.78 22.69 -26.16
N ILE P 597 34.56 21.85 -26.83
CA ILE P 597 35.79 22.27 -27.45
C ILE P 597 35.58 22.32 -28.97
N SER P 598 36.52 22.96 -29.65
CA SER P 598 36.42 23.09 -31.10
C SER P 598 37.82 23.26 -31.67
N LEU P 599 38.25 22.31 -32.47
CA LEU P 599 39.58 22.34 -33.08
C LEU P 599 39.47 22.92 -34.48
N SER P 600 40.01 24.12 -34.68
CA SER P 600 40.07 24.73 -35.98
C SER P 600 41.48 24.58 -36.50
N PHE P 601 41.65 23.92 -37.64
CA PHE P 601 42.98 23.59 -38.11
C PHE P 601 43.14 23.90 -39.59
N ASP P 602 44.40 24.04 -39.98
CA ASP P 602 44.78 24.25 -41.36
C ASP P 602 44.60 22.95 -42.14
N HIS P 603 43.79 23.03 -43.20
CA HIS P 603 43.46 21.84 -44.04
C HIS P 603 44.65 21.44 -44.94
N ARG P 604 45.61 22.33 -45.15
CA ARG P 604 46.74 21.99 -46.02
C ARG P 604 47.64 20.95 -45.36
N VAL P 605 47.85 21.08 -44.07
CA VAL P 605 48.67 20.13 -43.31
C VAL P 605 47.85 18.93 -42.86
N ILE P 606 46.72 19.20 -42.21
CA ILE P 606 45.90 18.18 -41.58
C ILE P 606 44.64 17.98 -42.42
N ASP P 607 44.14 16.76 -42.47
CA ASP P 607 42.87 16.48 -43.12
C ASP P 607 41.80 16.23 -42.06
N GLY P 608 40.56 16.04 -42.52
CA GLY P 608 39.45 15.90 -41.59
C GLY P 608 39.62 14.73 -40.65
N ALA P 609 40.16 13.62 -41.14
CA ALA P 609 40.31 12.44 -40.29
C ALA P 609 41.35 12.66 -39.20
N ASP P 610 42.47 13.31 -39.54
CA ASP P 610 43.48 13.57 -38.53
C ASP P 610 42.98 14.55 -37.49
N GLY P 611 42.23 15.58 -37.92
CA GLY P 611 41.61 16.47 -36.97
C GLY P 611 40.63 15.74 -36.06
N ALA P 612 39.90 14.79 -36.63
CA ALA P 612 38.96 14.00 -35.83
C ALA P 612 39.70 13.18 -34.78
N ARG P 613 40.77 12.49 -35.18
CA ARG P 613 41.54 11.71 -34.23
C ARG P 613 42.17 12.60 -33.16
N PHE P 614 42.64 13.79 -33.55
CA PHE P 614 43.25 14.68 -32.59
C PHE P 614 42.24 15.18 -31.56
N ILE P 615 41.08 15.64 -32.03
CA ILE P 615 40.11 16.16 -31.07
C ILE P 615 39.51 15.04 -30.26
N THR P 616 39.48 13.80 -30.77
CA THR P 616 38.98 12.72 -29.94
C THR P 616 40.04 12.26 -28.94
N ILE P 617 41.32 12.44 -29.25
CA ILE P 617 42.36 12.21 -28.26
C ILE P 617 42.22 13.21 -27.12
N ILE P 618 42.02 14.49 -27.47
CA ILE P 618 41.80 15.51 -26.45
C ILE P 618 40.54 15.19 -25.63
N ASN P 619 39.48 14.77 -26.31
CA ASN P 619 38.22 14.44 -25.63
C ASN P 619 38.41 13.28 -24.67
N ASN P 620 39.14 12.24 -25.09
CA ASN P 620 39.40 11.10 -24.21
C ASN P 620 40.27 11.49 -23.03
N THR P 621 41.31 12.28 -23.28
CA THR P 621 42.21 12.68 -22.20
C THR P 621 41.48 13.51 -21.16
N LEU P 622 40.74 14.53 -21.59
CA LEU P 622 40.01 15.34 -20.64
C LEU P 622 38.82 14.61 -20.04
N SER P 623 38.30 13.59 -20.71
CA SER P 623 37.19 12.83 -20.15
C SER P 623 37.63 11.99 -18.97
N ASP P 624 38.85 11.45 -19.03
CA ASP P 624 39.43 10.68 -17.93
C ASP P 624 40.90 11.09 -17.85
N ILE P 625 41.20 12.06 -16.98
CA ILE P 625 42.51 12.67 -16.95
C ILE P 625 43.61 11.69 -16.54
N ARG P 626 43.24 10.54 -15.99
CA ARG P 626 44.24 9.53 -15.64
C ARG P 626 45.03 9.07 -16.85
N ARG P 627 44.50 9.26 -18.06
CA ARG P 627 45.25 8.91 -19.26
C ARG P 627 46.48 9.78 -19.49
N LEU P 628 46.74 10.75 -18.62
CA LEU P 628 47.98 11.52 -18.74
C LEU P 628 49.18 10.81 -18.14
N VAL P 629 48.95 9.78 -17.31
CA VAL P 629 50.06 9.03 -16.73
C VAL P 629 50.48 7.84 -17.60
N MET P 630 49.61 7.38 -18.49
CA MET P 630 49.92 6.26 -19.36
C MET P 630 50.94 6.64 -20.43
N GLU Q 208 10.57 68.95 -59.40
CA GLU Q 208 11.81 68.20 -59.58
C GLU Q 208 11.66 66.85 -58.90
N VAL Q 209 11.76 65.77 -59.67
CA VAL Q 209 11.71 64.41 -59.16
C VAL Q 209 12.96 63.70 -59.67
N ASN Q 210 14.03 63.73 -58.88
CA ASN Q 210 15.21 62.94 -59.16
C ASN Q 210 14.94 61.50 -58.72
N VAL Q 211 15.98 60.69 -58.63
CA VAL Q 211 15.86 59.44 -57.88
C VAL Q 211 16.02 59.80 -56.41
N PRO Q 212 15.17 59.29 -55.53
CA PRO Q 212 15.20 59.75 -54.13
C PRO Q 212 16.37 59.18 -53.34
N ASP Q 213 16.66 57.89 -53.50
CA ASP Q 213 17.76 57.35 -52.67
C ASP Q 213 18.37 56.05 -53.19
N ILE Q 214 19.49 56.16 -53.91
CA ILE Q 214 20.30 55.02 -54.32
C ILE Q 214 21.72 55.28 -53.83
N GLY Q 215 22.35 54.26 -53.24
CA GLY Q 215 23.65 54.42 -52.61
C GLY Q 215 24.76 54.84 -53.55
N GLY Q 216 24.51 54.91 -54.85
CA GLY Q 216 25.52 55.35 -55.80
C GLY Q 216 25.85 54.30 -56.84
N ASP Q 217 24.91 53.40 -57.11
CA ASP Q 217 25.08 52.38 -58.13
C ASP Q 217 24.25 52.73 -59.35
N GLU Q 218 24.78 52.42 -60.53
CA GLU Q 218 24.07 52.68 -61.77
C GLU Q 218 22.99 51.61 -61.96
N VAL Q 219 21.73 52.03 -61.88
CA VAL Q 219 20.59 51.12 -61.90
C VAL Q 219 19.87 51.26 -63.23
N GLU Q 220 19.44 50.13 -63.79
CA GLU Q 220 18.76 50.08 -65.07
C GLU Q 220 17.25 49.99 -64.87
N VAL Q 221 16.52 50.92 -65.50
CA VAL Q 221 15.06 50.94 -65.36
C VAL Q 221 14.46 49.69 -65.97
N THR Q 222 13.32 49.27 -65.43
CA THR Q 222 12.51 48.20 -66.00
C THR Q 222 11.22 48.72 -66.63
N GLU Q 223 10.45 49.53 -65.90
CA GLU Q 223 9.23 50.12 -66.45
C GLU Q 223 8.79 51.26 -65.53
N VAL Q 224 7.74 51.97 -65.95
CA VAL Q 224 7.19 53.10 -65.21
C VAL Q 224 5.78 52.76 -64.77
N MET Q 225 5.26 53.56 -63.84
CA MET Q 225 3.98 53.29 -63.20
C MET Q 225 2.89 54.31 -63.53
N VAL Q 226 3.20 55.31 -64.37
CA VAL Q 226 2.32 56.47 -64.49
C VAL Q 226 1.78 56.63 -65.91
N LYS Q 227 0.95 57.65 -66.11
CA LYS Q 227 0.36 57.98 -67.39
C LYS Q 227 0.56 59.47 -67.67
N VAL Q 228 0.56 59.83 -68.94
CA VAL Q 228 0.61 61.24 -69.32
C VAL Q 228 -0.72 61.88 -68.93
N GLY Q 229 -0.71 62.74 -67.91
CA GLY Q 229 -1.90 63.34 -67.36
C GLY Q 229 -2.26 62.83 -65.98
N ASP Q 230 -1.83 61.62 -65.62
CA ASP Q 230 -2.07 61.08 -64.29
C ASP Q 230 -1.39 61.95 -63.23
N LYS Q 231 -1.97 61.94 -62.03
CA LYS Q 231 -1.35 62.59 -60.87
C LYS Q 231 -1.14 61.55 -59.78
N VAL Q 232 0.02 61.63 -59.13
CA VAL Q 232 0.50 60.57 -58.25
C VAL Q 232 0.31 61.00 -56.80
N ALA Q 233 0.17 60.02 -55.92
CA ALA Q 233 -0.13 60.26 -54.52
C ALA Q 233 1.14 60.68 -53.77
N ALA Q 234 1.06 60.67 -52.43
CA ALA Q 234 2.15 61.18 -51.60
C ALA Q 234 3.42 60.38 -51.81
N GLU Q 235 3.36 59.08 -51.51
CA GLU Q 235 4.55 58.20 -51.67
C GLU Q 235 4.11 56.85 -52.25
N GLN Q 236 4.03 56.74 -53.58
CA GLN Q 236 3.64 55.48 -54.21
C GLN Q 236 4.54 55.26 -55.42
N SER Q 237 4.32 54.12 -56.09
CA SER Q 237 5.21 53.71 -57.16
C SER Q 237 5.11 54.65 -58.37
N LEU Q 238 6.27 54.98 -58.93
CA LEU Q 238 6.37 55.69 -60.20
C LEU Q 238 7.21 54.94 -61.22
N ILE Q 239 8.28 54.27 -60.78
CA ILE Q 239 9.23 53.65 -61.68
C ILE Q 239 9.91 52.49 -60.94
N THR Q 240 10.01 51.35 -61.61
CA THR Q 240 10.75 50.22 -61.07
C THR Q 240 12.12 50.16 -61.73
N VAL Q 241 13.15 49.99 -60.91
CA VAL Q 241 14.53 49.93 -61.39
C VAL Q 241 15.18 48.67 -60.83
N GLU Q 242 15.87 47.93 -61.67
CA GLU Q 242 16.40 46.60 -61.33
C GLU Q 242 17.86 46.76 -60.94
N GLY Q 243 18.10 46.95 -59.66
CA GLY Q 243 19.45 47.08 -59.12
C GLY Q 243 19.97 45.78 -58.56
N ASP Q 244 20.73 45.89 -57.47
CA ASP Q 244 21.23 44.71 -56.80
C ASP Q 244 20.15 44.17 -55.87
CB LA2 Q 245 19.27 43.23 -53.08
C LA2 Q 245 18.12 42.14 -55.06
O LA2 Q 245 17.83 40.98 -55.41
N LA2 Q 245 20.42 43.01 -55.27
CA LA2 Q 245 19.46 42.36 -54.34
O1 LA2 Q 245 23.59 39.70 -49.96
C1 LA2 Q 245 22.49 40.07 -49.55
NZ LA2 Q 245 21.68 40.82 -50.30
CE LA2 Q 245 20.70 41.76 -49.77
CD LA2 Q 245 19.66 42.17 -50.82
CG LA2 Q 245 20.26 42.96 -51.96
C2 LA2 Q 245 21.98 39.71 -48.17
C3 LA2 Q 245 22.53 38.40 -47.68
C4 LA2 Q 245 22.99 38.45 -46.23
C5 LA2 Q 245 23.36 37.13 -45.58
C6 LA2 Q 245 24.40 36.32 -46.32
S6 LA2 Q 245 25.93 37.26 -46.61
C7 LA2 Q 245 24.67 34.96 -45.70
C8 LA2 Q 245 23.41 34.11 -45.52
S8 LA2 Q 245 23.67 32.34 -45.79
N ALA Q 246 17.35 43.21 -55.26
CA ALA Q 246 16.06 43.12 -55.94
C ALA Q 246 15.63 44.45 -56.57
N SER Q 247 14.66 44.37 -57.48
CA SER Q 247 14.15 45.57 -58.13
C SER Q 247 13.37 46.43 -57.15
N MET Q 248 13.58 47.74 -57.24
CA MET Q 248 13.06 48.71 -56.29
C MET Q 248 12.13 49.69 -56.99
N GLU Q 249 11.02 50.01 -56.34
CA GLU Q 249 10.02 50.95 -56.85
C GLU Q 249 10.26 52.31 -56.20
N VAL Q 250 10.66 53.29 -57.00
CA VAL Q 250 10.87 54.64 -56.48
C VAL Q 250 9.55 55.22 -55.98
N PRO Q 251 9.50 55.76 -54.77
CA PRO Q 251 8.25 56.31 -54.24
C PRO Q 251 8.01 57.71 -54.80
N ALA Q 252 6.87 58.28 -54.39
CA ALA Q 252 6.67 59.65 -54.84
C ALA Q 252 7.19 60.64 -53.80
N PRO Q 253 7.76 61.76 -54.23
CA PRO Q 253 8.14 62.81 -53.27
C PRO Q 253 6.99 63.70 -52.86
N PHE Q 254 5.95 63.81 -53.68
CA PHE Q 254 4.84 64.73 -53.47
C PHE Q 254 3.75 64.35 -54.47
N ALA Q 255 2.67 65.14 -54.48
CA ALA Q 255 1.52 64.91 -55.39
C ALA Q 255 1.49 65.96 -56.52
N GLY Q 256 1.09 65.53 -57.72
CA GLY Q 256 1.01 66.40 -58.86
C GLY Q 256 0.86 65.63 -60.15
N VAL Q 257 0.25 66.30 -61.13
CA VAL Q 257 0.01 65.69 -62.43
C VAL Q 257 1.29 65.68 -63.23
N VAL Q 258 1.34 64.81 -64.23
CA VAL Q 258 2.55 64.52 -64.99
C VAL Q 258 2.84 65.64 -65.98
N LYS Q 259 4.12 66.02 -66.11
CA LYS Q 259 4.60 66.95 -67.12
C LYS Q 259 5.69 66.37 -68.01
N GLU Q 260 6.57 65.53 -67.46
CA GLU Q 260 7.71 64.95 -68.17
C GLU Q 260 7.69 63.45 -68.06
N LEU Q 261 7.83 62.78 -69.20
CA LEU Q 261 8.40 61.44 -69.22
C LEU Q 261 9.88 61.53 -69.50
N LYS Q 262 10.58 62.23 -68.61
CA LYS Q 262 12.01 62.38 -68.75
C LYS Q 262 12.72 61.03 -68.70
N VAL Q 263 12.16 60.09 -67.96
CA VAL Q 263 12.58 58.69 -68.00
C VAL Q 263 11.56 57.91 -68.82
N ASN Q 264 11.99 56.80 -69.40
CA ASN Q 264 11.11 55.90 -70.16
C ASN Q 264 11.34 54.46 -69.70
N VAL Q 265 10.75 53.53 -70.46
CA VAL Q 265 10.92 52.11 -70.18
C VAL Q 265 12.21 51.63 -70.84
N GLY Q 266 13.16 51.21 -70.02
CA GLY Q 266 14.45 50.73 -70.50
C GLY Q 266 15.61 51.66 -70.21
N ASP Q 267 15.32 52.82 -69.64
CA ASP Q 267 16.35 53.84 -69.32
C ASP Q 267 17.29 53.32 -68.24
N LYS Q 268 18.26 54.15 -67.81
CA LYS Q 268 19.23 53.80 -66.80
C LYS Q 268 19.70 55.07 -66.09
N VAL Q 269 19.69 55.04 -64.76
CA VAL Q 269 20.08 56.18 -63.93
C VAL Q 269 21.10 55.72 -62.90
N LYS Q 270 22.19 56.49 -62.77
CA LYS Q 270 23.17 56.21 -61.73
C LYS Q 270 22.83 56.89 -60.41
N THR Q 271 22.39 58.16 -60.48
CA THR Q 271 22.02 58.89 -59.24
C THR Q 271 21.62 60.34 -59.54
N GLY Q 272 20.54 60.81 -58.89
CA GLY Q 272 20.05 62.16 -59.02
C GLY Q 272 19.79 62.70 -60.42
N SER Q 273 19.15 61.89 -61.26
CA SER Q 273 18.78 62.32 -62.61
C SER Q 273 17.30 62.67 -62.64
N LEU Q 274 16.98 63.81 -63.24
CA LEU Q 274 15.60 64.28 -63.30
C LEU Q 274 14.79 63.36 -64.19
N ILE Q 275 13.87 62.60 -63.60
CA ILE Q 275 13.03 61.69 -64.35
C ILE Q 275 11.58 62.16 -64.45
N MET Q 276 11.11 62.99 -63.53
CA MET Q 276 9.73 63.44 -63.55
C MET Q 276 9.64 64.89 -63.11
N ILE Q 277 8.75 65.64 -63.78
CA ILE Q 277 8.31 66.96 -63.35
C ILE Q 277 6.79 66.91 -63.21
N PHE Q 278 6.26 67.57 -62.19
CA PHE Q 278 4.85 67.45 -61.88
C PHE Q 278 4.21 68.84 -61.79
N GLU Q 279 2.92 68.85 -61.48
CA GLU Q 279 2.15 70.06 -61.30
C GLU Q 279 1.24 69.91 -60.08
N VAL Q 280 0.98 71.02 -59.41
CA VAL Q 280 0.10 71.03 -58.24
C VAL Q 280 -0.45 72.44 -58.02
N PRO Q 384 48.30 34.60 -53.95
CA PRO Q 384 49.24 34.78 -55.07
C PRO Q 384 48.84 33.95 -56.29
N GLY Q 385 49.65 32.95 -56.61
CA GLY Q 385 49.35 32.08 -57.74
C GLY Q 385 48.67 30.79 -57.31
N MET Q 386 47.36 30.74 -57.49
CA MET Q 386 46.56 29.57 -57.13
C MET Q 386 46.21 28.76 -58.38
N LEU Q 387 45.84 27.51 -58.14
CA LEU Q 387 45.42 26.66 -59.24
C LEU Q 387 44.11 27.18 -59.84
N PRO Q 388 43.90 27.00 -61.13
CA PRO Q 388 42.65 27.43 -61.75
C PRO Q 388 41.50 26.50 -61.36
N TRP Q 389 40.29 26.93 -61.71
CA TRP Q 389 39.12 26.11 -61.44
C TRP Q 389 39.25 24.77 -62.16
N PRO Q 390 38.73 23.68 -61.58
CA PRO Q 390 38.89 22.37 -62.22
C PRO Q 390 38.20 22.28 -63.57
N LYS Q 391 38.98 22.15 -64.63
CA LYS Q 391 38.44 22.02 -65.98
C LYS Q 391 37.91 20.59 -66.15
N VAL Q 392 36.59 20.46 -66.20
CA VAL Q 392 35.94 19.15 -66.30
C VAL Q 392 34.97 19.19 -67.46
N ASP Q 393 34.94 18.11 -68.24
CA ASP Q 393 33.94 17.92 -69.28
C ASP Q 393 32.72 17.27 -68.63
N PHE Q 394 31.81 18.12 -68.15
CA PHE Q 394 30.68 17.64 -67.36
C PHE Q 394 29.70 16.79 -68.15
N SER Q 395 29.82 16.77 -69.48
CA SER Q 395 28.88 16.03 -70.32
C SER Q 395 29.31 14.59 -70.58
N LYS Q 396 30.56 14.24 -70.30
CA LYS Q 396 31.01 12.87 -70.52
C LYS Q 396 30.46 11.90 -69.48
N PHE Q 397 29.89 12.40 -68.39
CA PHE Q 397 29.27 11.54 -67.38
C PHE Q 397 27.75 11.50 -67.49
N GLY Q 398 27.15 12.45 -68.18
CA GLY Q 398 25.71 12.47 -68.33
C GLY Q 398 25.27 13.67 -69.13
N GLU Q 399 23.99 14.01 -68.97
CA GLU Q 399 23.37 15.17 -69.66
C GLU Q 399 23.43 16.38 -68.71
N ILE Q 400 23.79 17.55 -69.25
CA ILE Q 400 23.90 18.77 -68.48
C ILE Q 400 22.98 19.83 -69.09
N GLU Q 401 22.94 21.00 -68.44
CA GLU Q 401 22.15 22.12 -68.94
C GLU Q 401 22.81 23.39 -68.40
N GLU Q 402 23.58 24.07 -69.24
CA GLU Q 402 24.39 25.20 -68.80
C GLU Q 402 23.52 26.46 -68.74
N VAL Q 403 22.79 26.59 -67.64
CA VAL Q 403 22.03 27.81 -67.38
C VAL Q 403 23.01 28.91 -66.96
N GLU Q 404 22.62 30.15 -67.18
CA GLU Q 404 23.44 31.29 -66.85
C GLU Q 404 22.80 32.09 -65.74
N LEU Q 405 23.61 32.50 -64.77
CA LEU Q 405 23.09 33.17 -63.58
C LEU Q 405 22.55 34.55 -63.94
N GLY Q 406 21.43 34.92 -63.31
CA GLY Q 406 20.89 36.25 -63.48
C GLY Q 406 21.85 37.31 -62.97
N ARG Q 407 21.53 38.57 -63.29
CA ARG Q 407 22.42 39.66 -62.93
C ARG Q 407 22.47 39.87 -61.42
N ILE Q 408 21.33 39.68 -60.73
CA ILE Q 408 21.35 39.80 -59.28
C ILE Q 408 22.10 38.63 -58.66
N GLN Q 409 22.01 37.45 -59.27
CA GLN Q 409 22.77 36.31 -58.77
C GLN Q 409 24.27 36.53 -58.97
N LYS Q 410 24.66 37.04 -60.13
CA LYS Q 410 26.06 37.38 -60.37
C LYS Q 410 26.56 38.41 -59.37
N ILE Q 411 25.76 39.44 -59.12
CA ILE Q 411 26.18 40.51 -58.22
C ILE Q 411 26.29 39.99 -56.78
N SER Q 412 25.33 39.17 -56.35
CA SER Q 412 25.40 38.61 -55.00
C SER Q 412 26.57 37.66 -54.87
N GLY Q 413 26.87 36.90 -55.92
CA GLY Q 413 28.03 36.03 -55.88
C GLY Q 413 29.32 36.80 -55.78
N ALA Q 414 29.44 37.90 -56.53
CA ALA Q 414 30.63 38.74 -56.43
C ALA Q 414 30.75 39.36 -55.03
N ASN Q 415 29.63 39.82 -54.47
CA ASN Q 415 29.66 40.41 -53.14
C ASN Q 415 30.08 39.39 -52.10
N LEU Q 416 29.54 38.17 -52.19
CA LEU Q 416 29.91 37.14 -51.22
C LEU Q 416 31.34 36.67 -51.40
N SER Q 417 31.83 36.62 -52.65
CA SER Q 417 33.21 36.24 -52.87
C SER Q 417 34.19 37.34 -52.47
N ARG Q 418 33.71 38.58 -52.34
CA ARG Q 418 34.55 39.61 -51.75
C ARG Q 418 34.52 39.54 -50.24
N ASN Q 419 33.33 39.35 -49.65
CA ASN Q 419 33.22 39.26 -48.20
C ASN Q 419 33.97 38.06 -47.65
N TRP Q 420 34.01 36.96 -48.40
CA TRP Q 420 34.72 35.77 -47.92
C TRP Q 420 36.20 36.02 -47.83
N VAL Q 421 36.79 36.64 -48.85
CA VAL Q 421 38.22 36.87 -48.86
C VAL Q 421 38.61 37.97 -47.88
N MET Q 422 37.97 39.13 -47.98
CA MET Q 422 38.42 40.31 -47.26
C MET Q 422 38.07 40.31 -45.79
N ILE Q 423 37.19 39.42 -45.33
CA ILE Q 423 36.74 39.40 -43.94
C ILE Q 423 37.20 38.10 -43.30
N PRO Q 424 37.99 38.16 -42.23
CA PRO Q 424 38.24 36.94 -41.45
C PRO Q 424 37.06 36.61 -40.56
N HIS Q 425 36.27 35.61 -40.92
CA HIS Q 425 35.06 35.30 -40.19
C HIS Q 425 35.36 34.46 -38.96
N VAL Q 426 34.64 34.72 -37.88
CA VAL Q 426 34.61 33.82 -36.73
C VAL Q 426 33.16 33.69 -36.29
N THR Q 427 32.72 32.46 -36.06
CA THR Q 427 31.32 32.17 -35.79
C THR Q 427 31.19 31.57 -34.40
N HIS Q 428 30.47 32.27 -33.54
CA HIS Q 428 30.18 31.80 -32.18
C HIS Q 428 28.75 31.30 -32.15
N PHE Q 429 28.56 30.04 -31.80
CA PHE Q 429 27.22 29.49 -31.70
C PHE Q 429 26.72 29.60 -30.27
N ASP Q 430 25.40 29.62 -30.11
CA ASP Q 430 24.82 29.74 -28.79
C ASP Q 430 23.37 29.28 -28.85
N LYS Q 431 22.81 29.04 -27.67
CA LYS Q 431 21.42 28.60 -27.53
C LYS Q 431 20.76 29.46 -26.47
N THR Q 432 19.57 29.96 -26.78
CA THR Q 432 18.86 30.91 -25.92
C THR Q 432 17.56 30.30 -25.43
N ASP Q 433 17.34 30.32 -24.13
CA ASP Q 433 16.12 29.78 -23.55
C ASP Q 433 15.00 30.78 -23.77
N ILE Q 434 14.12 30.50 -24.73
CA ILE Q 434 13.08 31.45 -25.10
C ILE Q 434 11.69 30.89 -24.80
N THR Q 435 11.59 30.07 -23.75
CA THR Q 435 10.28 29.55 -23.36
C THR Q 435 9.36 30.68 -22.93
N GLU Q 436 9.85 31.53 -22.02
CA GLU Q 436 9.05 32.67 -21.58
C GLU Q 436 8.76 33.62 -22.73
N LEU Q 437 9.75 33.84 -23.60
CA LEU Q 437 9.54 34.74 -24.73
C LEU Q 437 8.48 34.19 -25.68
N GLU Q 438 8.47 32.88 -25.91
CA GLU Q 438 7.48 32.31 -26.81
C GLU Q 438 6.09 32.33 -26.19
N ALA Q 439 5.99 32.04 -24.89
CA ALA Q 439 4.71 32.14 -24.19
C ALA Q 439 4.18 33.57 -24.28
N PHE Q 440 5.05 34.56 -24.05
CA PHE Q 440 4.62 35.94 -24.08
C PHE Q 440 4.24 36.37 -25.49
N ARG Q 441 4.95 35.86 -26.51
CA ARG Q 441 4.62 36.20 -27.88
C ARG Q 441 3.27 35.62 -28.29
N LYS Q 442 3.00 34.38 -27.88
CA LYS Q 442 1.69 33.80 -28.15
C LYS Q 442 0.59 34.57 -27.43
N GLN Q 443 0.83 34.94 -26.17
CA GLN Q 443 -0.16 35.71 -25.42
C GLN Q 443 -0.44 37.05 -26.08
N GLN Q 444 0.61 37.73 -26.56
CA GLN Q 444 0.41 39.01 -27.22
C GLN Q 444 -0.19 38.87 -28.61
N ASN Q 445 0.02 37.73 -29.27
CA ASN Q 445 -0.65 37.50 -30.54
C ASN Q 445 -2.14 37.24 -30.35
N GLU Q 446 -2.50 36.58 -29.25
CA GLU Q 446 -3.90 36.46 -28.90
C GLU Q 446 -4.51 37.82 -28.54
N GLU Q 447 -3.86 38.53 -27.61
CA GLU Q 447 -4.40 39.81 -27.16
C GLU Q 447 -4.48 40.83 -28.28
N ALA Q 448 -3.55 40.80 -29.23
CA ALA Q 448 -3.60 41.68 -30.38
C ALA Q 448 -4.59 41.22 -31.43
N ALA Q 449 -5.26 40.08 -31.21
CA ALA Q 449 -6.32 39.61 -32.08
C ALA Q 449 -7.70 39.99 -31.54
N LYS Q 450 -7.99 39.62 -30.30
CA LYS Q 450 -9.27 39.99 -29.69
C LYS Q 450 -9.41 41.48 -29.48
N ARG Q 451 -8.38 42.27 -29.74
CA ARG Q 451 -8.48 43.72 -29.73
C ARG Q 451 -8.40 44.32 -31.12
N LYS Q 452 -8.39 43.49 -32.16
CA LYS Q 452 -8.48 43.93 -33.55
C LYS Q 452 -7.38 44.93 -33.91
N LEU Q 453 -6.13 44.49 -33.78
CA LEU Q 453 -4.99 45.28 -34.21
C LEU Q 453 -4.47 44.89 -35.59
N ASP Q 454 -4.82 43.70 -36.07
CA ASP Q 454 -4.36 43.18 -37.35
C ASP Q 454 -2.82 43.24 -37.44
N VAL Q 455 -2.18 42.67 -36.42
CA VAL Q 455 -0.73 42.58 -36.37
C VAL Q 455 -0.36 41.16 -35.94
N LYS Q 456 0.73 40.65 -36.51
CA LYS Q 456 1.24 39.33 -36.19
C LYS Q 456 2.66 39.48 -35.68
N ILE Q 457 2.89 39.10 -34.43
CA ILE Q 457 4.19 39.31 -33.78
C ILE Q 457 5.02 38.04 -33.98
N THR Q 458 5.98 38.12 -34.88
CA THR Q 458 6.89 37.03 -35.18
C THR Q 458 8.01 36.96 -34.15
N PRO Q 459 8.68 35.81 -34.01
CA PRO Q 459 9.82 35.74 -33.09
C PRO Q 459 11.02 36.55 -33.54
N VAL Q 460 10.96 37.21 -34.69
CA VAL Q 460 12.11 37.95 -35.20
C VAL Q 460 12.19 39.37 -34.64
N VAL Q 461 11.06 39.96 -34.27
CA VAL Q 461 11.11 41.33 -33.74
C VAL Q 461 11.74 41.35 -32.36
N PHE Q 462 11.53 40.30 -31.56
CA PHE Q 462 12.20 40.21 -30.29
C PHE Q 462 13.71 40.10 -30.49
N ILE Q 463 14.13 39.39 -31.54
CA ILE Q 463 15.56 39.29 -31.81
C ILE Q 463 16.11 40.62 -32.31
N MET Q 464 15.32 41.36 -33.09
CA MET Q 464 15.73 42.69 -33.50
C MET Q 464 15.93 43.61 -32.29
N LYS Q 465 15.00 43.55 -31.33
CA LYS Q 465 15.13 44.36 -30.14
C LYS Q 465 16.34 43.93 -29.30
N ALA Q 466 16.56 42.62 -29.18
CA ALA Q 466 17.71 42.13 -28.43
C ALA Q 466 19.02 42.57 -29.08
N VAL Q 467 19.10 42.51 -30.41
CA VAL Q 467 20.31 42.91 -31.09
C VAL Q 467 20.50 44.42 -31.00
N ALA Q 468 19.42 45.19 -31.03
CA ALA Q 468 19.54 46.63 -30.84
C ALA Q 468 20.06 46.96 -29.45
N ALA Q 469 19.56 46.25 -28.44
CA ALA Q 469 20.08 46.42 -27.08
C ALA Q 469 21.57 46.06 -27.03
N ALA Q 470 21.96 44.95 -27.65
CA ALA Q 470 23.35 44.54 -27.63
C ALA Q 470 24.25 45.53 -28.36
N LEU Q 471 23.74 46.16 -29.41
CA LEU Q 471 24.51 47.19 -30.10
C LEU Q 471 24.60 48.46 -29.26
N GLU Q 472 23.58 48.74 -28.44
CA GLU Q 472 23.67 49.84 -27.50
C GLU Q 472 24.75 49.56 -26.45
N GLN Q 473 24.80 48.34 -25.93
CA GLN Q 473 25.76 48.03 -24.87
C GLN Q 473 27.17 47.88 -25.42
N MET Q 474 27.33 47.21 -26.55
CA MET Q 474 28.65 47.02 -27.16
C MET Q 474 28.72 47.77 -28.47
N PRO Q 475 29.02 49.08 -28.45
CA PRO Q 475 28.99 49.87 -29.69
C PRO Q 475 30.07 49.50 -30.68
N ARG Q 476 31.05 48.69 -30.30
CA ARG Q 476 32.06 48.23 -31.25
C ARG Q 476 31.46 47.36 -32.34
N PHE Q 477 30.34 46.69 -32.07
CA PHE Q 477 29.68 45.87 -33.07
C PHE Q 477 28.89 46.69 -34.07
N ASN Q 478 28.57 47.94 -33.74
CA ASN Q 478 27.89 48.85 -34.66
C ASN Q 478 28.94 49.72 -35.36
N SER Q 479 29.77 49.06 -36.15
CA SER Q 479 30.93 49.70 -36.75
C SER Q 479 30.99 49.32 -38.23
N SER Q 480 32.07 49.73 -38.89
CA SER Q 480 32.34 49.40 -40.28
C SER Q 480 33.76 49.80 -40.60
N LEU Q 481 34.47 48.94 -41.32
CA LEU Q 481 35.84 49.19 -41.71
C LEU Q 481 35.91 49.87 -43.07
N SER Q 482 37.08 50.38 -43.39
CA SER Q 482 37.32 51.02 -44.68
C SER Q 482 37.87 50.02 -45.68
N GLU Q 483 38.14 50.53 -46.89
CA GLU Q 483 38.72 49.71 -47.96
C GLU Q 483 40.02 49.07 -47.48
N ASP Q 484 40.93 49.86 -46.92
CA ASP Q 484 42.21 49.35 -46.43
C ASP Q 484 42.12 48.66 -45.07
N GLY Q 485 41.02 48.81 -44.35
CA GLY Q 485 40.89 48.19 -43.04
C GLY Q 485 41.74 48.84 -41.98
N GLN Q 486 41.84 50.17 -41.99
CA GLN Q 486 42.65 50.89 -41.02
C GLN Q 486 41.87 51.92 -40.21
N ARG Q 487 40.69 52.34 -40.66
CA ARG Q 487 39.88 53.33 -39.97
C ARG Q 487 38.50 52.75 -39.73
N LEU Q 488 38.10 52.68 -38.47
CA LEU Q 488 36.76 52.23 -38.13
C LEU Q 488 35.77 53.39 -38.25
N THR Q 489 34.48 53.04 -38.33
CA THR Q 489 33.40 54.02 -38.41
C THR Q 489 32.36 53.65 -37.37
N LEU Q 490 32.54 54.12 -36.14
CA LEU Q 490 31.61 53.82 -35.06
C LEU Q 490 30.30 54.54 -35.32
N LYS Q 491 29.28 53.80 -35.74
CA LYS Q 491 27.97 54.38 -35.96
C LYS Q 491 27.24 54.54 -34.62
N LYS Q 492 26.43 55.59 -34.55
CA LYS Q 492 25.63 55.85 -33.36
C LYS Q 492 24.17 55.48 -33.53
N TYR Q 493 23.69 55.39 -34.77
CA TYR Q 493 22.35 54.90 -35.05
C TYR Q 493 22.37 53.38 -35.06
N ILE Q 494 21.18 52.78 -34.96
CA ILE Q 494 21.02 51.34 -34.90
C ILE Q 494 19.94 50.97 -35.90
N ASN Q 495 20.34 50.62 -37.12
CA ASN Q 495 19.46 50.02 -38.11
C ASN Q 495 19.84 48.56 -38.26
N ILE Q 496 18.84 47.70 -38.51
CA ILE Q 496 19.05 46.26 -38.56
C ILE Q 496 18.38 45.73 -39.81
N GLY Q 497 19.14 45.09 -40.68
CA GLY Q 497 18.56 44.38 -41.79
C GLY Q 497 18.08 43.00 -41.34
N VAL Q 498 16.98 42.56 -41.92
CA VAL Q 498 16.38 41.27 -41.58
C VAL Q 498 16.18 40.51 -42.88
N ALA Q 499 16.94 39.43 -43.06
CA ALA Q 499 16.91 38.69 -44.31
C ALA Q 499 15.53 38.08 -44.53
N VAL Q 500 14.80 38.60 -45.51
CA VAL Q 500 13.50 38.08 -45.92
C VAL Q 500 13.73 37.19 -47.14
N ASP Q 501 12.92 36.13 -47.25
CA ASP Q 501 13.07 35.12 -48.29
C ASP Q 501 12.02 35.38 -49.37
N THR Q 502 12.43 36.05 -50.44
CA THR Q 502 11.61 36.22 -51.62
C THR Q 502 11.87 35.08 -52.60
N PRO Q 503 10.96 34.87 -53.56
CA PRO Q 503 11.19 33.83 -54.57
C PRO Q 503 12.50 33.99 -55.32
N ASN Q 504 13.11 35.17 -55.25
CA ASN Q 504 14.40 35.45 -55.87
C ASN Q 504 15.53 35.45 -54.86
N GLY Q 505 15.46 34.58 -53.85
CA GLY Q 505 16.51 34.49 -52.86
C GLY Q 505 16.25 35.35 -51.64
N LEU Q 506 17.30 35.56 -50.86
CA LEU Q 506 17.22 36.34 -49.65
C LEU Q 506 17.57 37.80 -49.95
N VAL Q 507 16.65 38.71 -49.64
CA VAL Q 507 16.90 40.14 -49.72
C VAL Q 507 16.90 40.68 -48.30
N VAL Q 508 17.74 41.68 -48.03
CA VAL Q 508 17.86 42.20 -46.68
C VAL Q 508 17.26 43.60 -46.61
N PRO Q 509 16.02 43.76 -46.16
CA PRO Q 509 15.50 45.09 -45.88
C PRO Q 509 15.92 45.57 -44.51
N VAL Q 510 16.16 46.87 -44.42
CA VAL Q 510 16.73 47.51 -43.24
C VAL Q 510 15.64 48.24 -42.48
N PHE Q 511 15.56 48.02 -41.18
CA PHE Q 511 14.65 48.71 -40.30
C PHE Q 511 15.44 49.71 -39.46
N LYS Q 512 14.98 50.96 -39.44
CA LYS Q 512 15.74 52.05 -38.88
C LYS Q 512 15.37 52.30 -37.42
N ASP Q 513 16.36 52.70 -36.63
CA ASP Q 513 16.18 53.11 -35.24
C ASP Q 513 15.44 52.03 -34.44
N VAL Q 514 15.89 50.79 -34.58
CA VAL Q 514 15.26 49.67 -33.88
C VAL Q 514 15.38 49.85 -32.37
N ASN Q 515 16.39 50.58 -31.91
CA ASN Q 515 16.60 50.74 -30.48
C ASN Q 515 15.47 51.52 -29.81
N LYS Q 516 14.75 52.35 -30.56
CA LYS Q 516 13.69 53.19 -30.02
C LYS Q 516 12.30 52.59 -30.20
N LYS Q 517 11.99 52.09 -31.39
CA LYS Q 517 10.66 51.60 -31.70
C LYS Q 517 10.29 50.41 -30.81
N GLY Q 518 8.98 50.27 -30.59
CA GLY Q 518 8.47 49.16 -29.81
C GLY Q 518 8.25 47.93 -30.65
N ILE Q 519 7.91 46.82 -29.97
CA ILE Q 519 7.78 45.56 -30.68
C ILE Q 519 6.55 45.53 -31.58
N ILE Q 520 5.50 46.25 -31.23
CA ILE Q 520 4.33 46.26 -32.11
C ILE Q 520 4.54 47.13 -33.34
N GLU Q 521 5.17 48.30 -33.18
CA GLU Q 521 5.53 49.11 -34.33
C GLU Q 521 6.50 48.37 -35.25
N LEU Q 522 7.53 47.75 -34.66
CA LEU Q 522 8.47 46.95 -35.43
C LEU Q 522 7.77 45.78 -36.10
N SER Q 523 6.78 45.18 -35.44
CA SER Q 523 6.09 44.05 -36.03
C SER Q 523 5.24 44.49 -37.21
N ARG Q 524 4.63 45.67 -37.12
CA ARG Q 524 3.90 46.20 -38.27
C ARG Q 524 4.85 46.50 -39.43
N GLU Q 525 5.98 47.15 -39.12
CA GLU Q 525 6.98 47.41 -40.15
C GLU Q 525 7.42 46.12 -40.83
N LEU Q 526 7.69 45.09 -40.02
CA LEU Q 526 8.18 43.82 -40.57
C LEU Q 526 7.11 43.13 -41.41
N MET Q 527 5.87 43.11 -40.92
CA MET Q 527 4.79 42.49 -41.68
C MET Q 527 4.54 43.22 -42.99
N THR Q 528 4.75 44.53 -43.02
CA THR Q 528 4.61 45.28 -44.26
C THR Q 528 5.76 44.97 -45.22
N ILE Q 529 6.99 45.09 -44.74
CA ILE Q 529 8.15 45.01 -45.63
C ILE Q 529 8.42 43.58 -46.08
N SER Q 530 8.06 42.57 -45.28
CA SER Q 530 8.19 41.19 -45.73
C SER Q 530 7.36 40.95 -46.98
N LYS Q 531 6.11 41.40 -46.97
CA LYS Q 531 5.26 41.28 -48.15
C LYS Q 531 5.76 42.17 -49.28
N LYS Q 532 6.20 43.38 -48.94
CA LYS Q 532 6.77 44.28 -49.95
C LYS Q 532 7.94 43.65 -50.67
N ALA Q 533 8.72 42.81 -49.98
CA ALA Q 533 9.86 42.15 -50.59
C ALA Q 533 9.43 40.91 -51.36
N ARG Q 534 8.60 40.05 -50.74
CA ARG Q 534 8.14 38.85 -51.41
C ARG Q 534 7.33 39.15 -52.66
N ASP Q 535 6.78 40.36 -52.78
CA ASP Q 535 6.13 40.76 -54.02
C ASP Q 535 7.09 41.42 -55.00
N GLY Q 536 8.16 42.03 -54.51
CA GLY Q 536 9.14 42.69 -55.35
C GLY Q 536 9.07 44.20 -55.34
N LYS Q 537 8.09 44.78 -54.66
CA LYS Q 537 7.90 46.22 -54.61
C LYS Q 537 8.78 46.90 -53.55
N LEU Q 538 9.82 46.22 -53.08
CA LEU Q 538 10.69 46.73 -52.02
C LEU Q 538 11.41 48.00 -52.46
N THR Q 539 11.12 49.12 -51.81
CA THR Q 539 11.60 50.42 -52.24
C THR Q 539 13.03 50.65 -51.72
N ALA Q 540 13.82 51.37 -52.50
CA ALA Q 540 15.17 51.70 -52.07
C ALA Q 540 15.13 52.56 -50.81
N GLY Q 541 16.21 52.51 -50.04
CA GLY Q 541 16.19 53.12 -48.72
C GLY Q 541 15.62 52.18 -47.69
N GLU Q 542 14.77 51.26 -48.13
CA GLU Q 542 14.34 50.13 -47.32
C GLU Q 542 15.28 48.94 -47.46
N MET Q 543 16.43 49.12 -48.11
CA MET Q 543 17.48 48.11 -48.12
C MET Q 543 18.87 48.74 -47.97
N GLN Q 544 18.93 49.99 -47.48
CA GLN Q 544 20.23 50.69 -47.35
C GLN Q 544 20.43 51.20 -45.92
N GLY Q 545 21.70 51.33 -45.51
CA GLY Q 545 22.06 51.83 -44.21
C GLY Q 545 21.78 50.86 -43.07
N GLY Q 546 22.26 49.62 -43.20
CA GLY Q 546 22.11 48.62 -42.16
C GLY Q 546 23.37 48.52 -41.32
N CYS Q 547 23.20 48.46 -40.00
CA CYS Q 547 24.30 48.33 -39.07
C CYS Q 547 24.55 46.89 -38.64
N PHE Q 548 23.65 45.99 -38.95
CA PHE Q 548 23.68 44.62 -38.48
C PHE Q 548 22.71 43.84 -39.35
N THR Q 549 22.84 42.52 -39.33
CA THR Q 549 21.97 41.67 -40.12
C THR Q 549 21.48 40.51 -39.28
N ILE Q 550 20.22 40.14 -39.47
CA ILE Q 550 19.63 38.98 -38.81
C ILE Q 550 19.09 38.08 -39.91
N SER Q 551 19.71 36.94 -40.09
CA SER Q 551 19.30 35.95 -41.08
C SER Q 551 18.60 34.82 -40.34
N SER Q 552 17.28 34.81 -40.39
CA SER Q 552 16.47 33.83 -39.68
C SER Q 552 16.02 32.76 -40.66
N ILE Q 553 16.58 31.56 -40.53
CA ILE Q 553 16.18 30.41 -41.32
C ILE Q 553 15.59 29.31 -40.44
N GLY Q 554 15.12 29.68 -39.24
CA GLY Q 554 14.56 28.71 -38.33
C GLY Q 554 13.27 28.09 -38.83
N GLY Q 555 12.58 28.73 -39.77
CA GLY Q 555 11.41 28.13 -40.36
C GLY Q 555 11.69 26.94 -41.24
N LEU Q 556 12.95 26.66 -41.54
CA LEU Q 556 13.33 25.60 -42.45
C LEU Q 556 14.19 24.51 -41.83
N GLY Q 557 14.95 24.81 -40.77
CA GLY Q 557 15.76 23.80 -40.13
C GLY Q 557 17.11 24.30 -39.69
N THR Q 558 18.17 23.52 -39.98
CA THR Q 558 19.56 23.91 -39.68
C THR Q 558 19.71 24.32 -38.20
N THR Q 559 19.76 23.34 -37.31
CA THR Q 559 19.95 23.55 -35.88
C THR Q 559 21.08 24.53 -35.56
N HIS Q 560 22.05 24.67 -36.46
CA HIS Q 560 22.99 25.79 -36.42
C HIS Q 560 23.48 26.06 -37.83
N PHE Q 561 23.99 27.27 -38.04
CA PHE Q 561 24.65 27.56 -39.30
C PHE Q 561 25.54 28.78 -39.13
N ALA Q 562 26.58 28.85 -39.96
CA ALA Q 562 27.61 29.88 -39.88
C ALA Q 562 27.44 30.85 -41.04
N PRO Q 563 26.73 31.95 -40.86
CA PRO Q 563 26.49 32.86 -41.99
C PRO Q 563 27.74 33.62 -42.40
N ILE Q 564 27.64 34.40 -43.47
CA ILE Q 564 28.73 35.23 -43.97
C ILE Q 564 28.43 36.67 -43.59
N VAL Q 565 29.43 37.36 -43.05
CA VAL Q 565 29.27 38.76 -42.66
C VAL Q 565 28.82 39.57 -43.87
N ASN Q 566 27.82 40.42 -43.66
CA ASN Q 566 27.23 41.22 -44.73
C ASN Q 566 27.95 42.56 -44.77
N ALA Q 567 29.04 42.61 -45.55
CA ALA Q 567 29.84 43.85 -45.68
C ALA Q 567 28.91 44.99 -46.12
N PRO Q 568 29.14 46.25 -45.71
CA PRO Q 568 30.30 46.65 -44.91
C PRO Q 568 30.10 46.55 -43.40
N GLU Q 569 29.13 45.75 -42.97
CA GLU Q 569 28.94 45.52 -41.54
C GLU Q 569 30.06 44.64 -41.00
N VAL Q 570 30.04 44.41 -39.69
CA VAL Q 570 31.07 43.62 -39.03
C VAL Q 570 30.53 42.37 -38.37
N ALA Q 571 29.22 42.16 -38.39
CA ALA Q 571 28.66 40.98 -37.75
C ALA Q 571 27.33 40.63 -38.40
N ILE Q 572 26.87 39.42 -38.14
CA ILE Q 572 25.58 38.94 -38.61
C ILE Q 572 25.12 37.84 -37.67
N LEU Q 573 23.85 37.87 -37.31
CA LEU Q 573 23.27 36.90 -36.39
C LEU Q 573 22.35 35.99 -37.19
N GLY Q 574 22.73 34.71 -37.29
CA GLY Q 574 21.87 33.72 -37.89
C GLY Q 574 21.05 33.04 -36.81
N VAL Q 575 19.78 32.79 -37.13
CA VAL Q 575 18.84 32.20 -36.20
C VAL Q 575 18.34 30.89 -36.78
N SER Q 576 18.21 29.89 -35.92
CA SER Q 576 17.88 28.54 -36.34
C SER Q 576 16.54 28.14 -35.74
N LYS Q 577 16.16 26.87 -35.92
CA LYS Q 577 14.86 26.39 -35.49
C LYS Q 577 14.84 26.16 -33.99
N SER Q 578 13.82 26.69 -33.33
CA SER Q 578 13.65 26.46 -31.90
C SER Q 578 13.31 25.01 -31.64
N ALA Q 579 13.93 24.43 -30.63
CA ALA Q 579 13.67 23.03 -30.29
C ALA Q 579 13.54 22.90 -28.78
N MET Q 580 12.68 21.98 -28.35
CA MET Q 580 12.49 21.73 -26.94
C MET Q 580 13.58 20.79 -26.44
N GLU Q 581 14.47 21.31 -25.60
CA GLU Q 581 15.61 20.58 -25.08
C GLU Q 581 15.59 20.56 -23.56
N PRO Q 582 16.18 19.55 -22.94
CA PRO Q 582 16.28 19.56 -21.48
C PRO Q 582 17.36 20.53 -21.02
N VAL Q 583 17.05 21.27 -19.95
CA VAL Q 583 17.97 22.26 -19.40
C VAL Q 583 18.13 21.97 -17.91
N TRP Q 584 19.37 22.04 -17.43
CA TRP Q 584 19.67 21.76 -16.03
C TRP Q 584 19.26 22.95 -15.18
N ASN Q 585 18.21 22.77 -14.37
CA ASN Q 585 17.77 23.83 -13.46
C ASN Q 585 18.54 23.85 -12.15
N GLY Q 586 19.54 22.98 -11.98
CA GLY Q 586 20.28 22.83 -10.75
C GLY Q 586 20.03 21.50 -10.06
N LYS Q 587 18.85 20.91 -10.26
CA LYS Q 587 18.56 19.61 -9.67
C LYS Q 587 17.88 18.63 -10.62
N GLU Q 588 17.37 19.07 -11.76
CA GLU Q 588 16.72 18.18 -12.70
C GLU Q 588 16.74 18.84 -14.08
N PHE Q 589 16.19 18.12 -15.06
CA PHE Q 589 16.17 18.58 -16.44
C PHE Q 589 14.77 19.05 -16.78
N VAL Q 590 14.57 20.37 -16.79
CA VAL Q 590 13.29 20.95 -17.16
C VAL Q 590 13.26 21.10 -18.67
N PRO Q 591 12.16 20.79 -19.34
CA PRO Q 591 12.11 20.95 -20.80
C PRO Q 591 11.89 22.41 -21.19
N ARG Q 592 12.93 23.06 -21.66
CA ARG Q 592 12.82 24.44 -22.13
C ARG Q 592 12.85 24.47 -23.65
N LEU Q 593 12.62 25.64 -24.21
CA LEU Q 593 12.57 25.82 -25.66
C LEU Q 593 13.77 26.67 -26.06
N MET Q 594 14.83 26.01 -26.52
CA MET Q 594 16.06 26.68 -26.87
C MET Q 594 16.07 27.06 -28.34
N LEU Q 595 16.46 28.30 -28.62
CA LEU Q 595 16.60 28.84 -29.96
C LEU Q 595 18.07 28.97 -30.27
N PRO Q 596 18.59 28.26 -31.28
CA PRO Q 596 20.03 28.33 -31.57
C PRO Q 596 20.35 29.54 -32.44
N ILE Q 597 21.15 30.45 -31.89
CA ILE Q 597 21.64 31.60 -32.63
C ILE Q 597 23.11 31.37 -32.93
N SER Q 598 23.65 32.18 -33.84
CA SER Q 598 25.04 32.06 -34.24
C SER Q 598 25.51 33.41 -34.75
N LEU Q 599 26.47 34.01 -34.05
CA LEU Q 599 27.02 35.30 -34.42
C LEU Q 599 28.28 35.09 -35.24
N SER Q 600 28.24 35.41 -36.52
CA SER Q 600 29.40 35.37 -37.38
C SER Q 600 29.90 36.79 -37.58
N PHE Q 601 31.13 37.07 -37.18
CA PHE Q 601 31.61 38.44 -37.17
C PHE Q 601 32.99 38.53 -37.79
N ASP Q 602 33.31 39.75 -38.21
CA ASP Q 602 34.62 40.09 -38.75
C ASP Q 602 35.63 40.12 -37.62
N HIS Q 603 36.69 39.32 -37.76
CA HIS Q 603 37.75 39.20 -36.72
C HIS Q 603 38.67 40.42 -36.70
N ARG Q 604 38.68 41.23 -37.77
CA ARG Q 604 39.56 42.39 -37.80
C ARG Q 604 39.09 43.45 -36.82
N VAL Q 605 37.77 43.65 -36.73
CA VAL Q 605 37.20 44.62 -35.81
C VAL Q 605 37.00 44.02 -34.42
N ILE Q 606 36.36 42.86 -34.36
CA ILE Q 606 35.96 42.23 -33.12
C ILE Q 606 36.87 41.02 -32.88
N ASP Q 607 37.16 40.74 -31.61
CA ASP Q 607 37.89 39.54 -31.25
C ASP Q 607 36.94 38.52 -30.63
N GLY Q 608 37.46 37.34 -30.33
CA GLY Q 608 36.61 36.27 -29.82
C GLY Q 608 35.90 36.64 -28.54
N ALA Q 609 36.58 37.35 -27.65
CA ALA Q 609 35.97 37.70 -26.37
C ALA Q 609 34.82 38.70 -26.55
N ASP Q 610 35.00 39.69 -27.43
CA ASP Q 610 33.92 40.64 -27.66
C ASP Q 610 32.73 39.97 -28.33
N GLY Q 611 32.99 39.07 -29.28
CA GLY Q 611 31.90 38.30 -29.85
C GLY Q 611 31.18 37.46 -28.81
N ALA Q 612 31.95 36.90 -27.86
CA ALA Q 612 31.33 36.13 -26.79
C ALA Q 612 30.44 36.98 -25.92
N ARG Q 613 30.92 38.16 -25.52
CA ARG Q 613 30.12 39.06 -24.71
C ARG Q 613 28.88 39.52 -25.46
N PHE Q 614 29.02 39.78 -26.77
CA PHE Q 614 27.88 40.23 -27.55
C PHE Q 614 26.81 39.15 -27.65
N ILE Q 615 27.22 37.93 -28.00
CA ILE Q 615 26.22 36.88 -28.15
C ILE Q 615 25.65 36.49 -26.81
N THR Q 616 26.40 36.67 -25.71
CA THR Q 616 25.80 36.36 -24.42
C THR Q 616 24.88 37.48 -23.96
N ILE Q 617 25.10 38.72 -24.40
CA ILE Q 617 24.13 39.79 -24.17
C ILE Q 617 22.84 39.48 -24.90
N ILE Q 618 22.94 39.06 -26.16
CA ILE Q 618 21.75 38.66 -26.91
C ILE Q 618 21.06 37.49 -26.23
N ASN Q 619 21.83 36.51 -25.78
CA ASN Q 619 21.26 35.34 -25.12
C ASN Q 619 20.54 35.72 -23.84
N ASN Q 620 21.12 36.62 -23.05
CA ASN Q 620 20.48 37.05 -21.82
C ASN Q 620 19.22 37.85 -22.11
N THR Q 621 19.28 38.75 -23.10
CA THR Q 621 18.12 39.57 -23.42
C THR Q 621 16.95 38.71 -23.90
N LEU Q 622 17.21 37.81 -24.84
CA LEU Q 622 16.14 36.94 -25.33
C LEU Q 622 15.72 35.89 -24.31
N SER Q 623 16.60 35.56 -23.36
CA SER Q 623 16.24 34.60 -22.32
C SER Q 623 15.22 35.18 -21.37
N ASP Q 624 15.34 36.47 -21.05
CA ASP Q 624 14.39 37.18 -20.20
C ASP Q 624 14.19 38.55 -20.83
N ILE Q 625 13.14 38.68 -21.65
CA ILE Q 625 12.94 39.87 -22.46
C ILE Q 625 12.72 41.12 -21.61
N ARG Q 626 12.39 40.96 -20.33
CA ARG Q 626 12.21 42.12 -19.45
C ARG Q 626 13.46 42.97 -19.37
N ARG Q 627 14.63 42.42 -19.72
CA ARG Q 627 15.85 43.21 -19.73
C ARG Q 627 15.86 44.28 -20.81
N LEU Q 628 14.82 44.36 -21.64
CA LEU Q 628 14.75 45.45 -22.61
C LEU Q 628 14.26 46.75 -22.01
N VAL Q 629 13.65 46.72 -20.82
CA VAL Q 629 13.19 47.94 -20.17
C VAL Q 629 14.26 48.55 -19.26
N MET Q 630 15.24 47.76 -18.84
CA MET Q 630 16.31 48.26 -17.98
C MET Q 630 17.25 49.20 -18.73
N GLU R 208 44.62 -1.06 -79.93
CA GLU R 208 44.91 0.29 -79.44
C GLU R 208 44.51 0.37 -77.98
N VAL R 209 45.47 0.63 -77.11
CA VAL R 209 45.23 0.81 -75.68
C VAL R 209 45.84 2.17 -75.29
N ASN R 210 45.02 3.21 -75.35
CA ASN R 210 45.42 4.51 -74.83
C ASN R 210 45.27 4.49 -73.31
N VAL R 211 45.31 5.65 -72.68
CA VAL R 211 44.83 5.73 -71.31
C VAL R 211 43.31 5.85 -71.39
N PRO R 212 42.57 5.09 -70.59
CA PRO R 212 41.10 5.05 -70.76
C PRO R 212 40.41 6.30 -70.25
N ASP R 213 40.81 6.79 -69.07
CA ASP R 213 40.06 7.98 -68.57
C ASP R 213 40.82 8.78 -67.50
N ILE R 214 41.46 9.88 -67.93
CA ILE R 214 42.06 10.86 -67.05
C ILE R 214 41.49 12.22 -67.44
N GLY R 215 41.09 13.01 -66.44
CA GLY R 215 40.40 14.26 -66.69
C GLY R 215 41.20 15.30 -67.45
N GLY R 216 42.48 15.03 -67.74
CA GLY R 216 43.29 15.95 -68.51
C GLY R 216 44.50 16.45 -67.76
N ASP R 217 44.98 15.67 -66.79
CA ASP R 217 46.17 16.00 -66.04
C ASP R 217 47.32 15.12 -66.48
N GLU R 218 48.52 15.70 -66.50
CA GLU R 218 49.72 14.94 -66.87
C GLU R 218 50.13 14.06 -65.71
N VAL R 219 50.01 12.75 -65.89
CA VAL R 219 50.25 11.77 -64.83
C VAL R 219 51.55 11.03 -65.10
N GLU R 220 52.32 10.79 -64.05
CA GLU R 220 53.62 10.12 -64.15
C GLU R 220 53.48 8.66 -63.78
N VAL R 221 53.93 7.78 -64.68
CA VAL R 221 53.85 6.34 -64.44
C VAL R 221 54.70 5.94 -63.25
N THR R 222 54.28 4.90 -62.55
CA THR R 222 55.08 4.28 -61.50
C THR R 222 55.64 2.92 -61.91
N GLU R 223 54.79 2.02 -62.42
CA GLU R 223 55.24 0.72 -62.92
C GLU R 223 54.13 0.10 -63.76
N VAL R 224 54.44 -1.05 -64.36
CA VAL R 224 53.51 -1.78 -65.21
C VAL R 224 53.18 -3.12 -64.56
N MET R 225 52.13 -3.75 -65.06
CA MET R 225 51.59 -4.97 -64.47
C MET R 225 51.77 -6.21 -65.35
N VAL R 226 52.37 -6.08 -66.53
CA VAL R 226 52.29 -7.15 -67.52
C VAL R 226 53.67 -7.70 -67.87
N LYS R 227 53.69 -8.69 -68.76
CA LYS R 227 54.90 -9.33 -69.25
C LYS R 227 54.87 -9.38 -70.76
N VAL R 228 56.05 -9.45 -71.38
CA VAL R 228 56.14 -9.63 -72.82
C VAL R 228 55.68 -11.06 -73.14
N GLY R 229 54.52 -11.17 -73.77
CA GLY R 229 53.89 -12.45 -74.04
C GLY R 229 52.64 -12.72 -73.23
N ASP R 230 52.52 -12.08 -72.06
CA ASP R 230 51.33 -12.23 -71.23
C ASP R 230 50.09 -11.70 -71.97
N LYS R 231 48.93 -12.26 -71.64
CA LYS R 231 47.66 -11.77 -72.14
C LYS R 231 46.78 -11.39 -70.95
N VAL R 232 46.10 -10.26 -71.09
CA VAL R 232 45.43 -9.60 -69.97
C VAL R 232 43.93 -9.85 -70.07
N ALA R 233 43.26 -9.82 -68.92
CA ALA R 233 41.85 -10.15 -68.83
C ALA R 233 40.99 -8.97 -69.29
N ALA R 234 39.69 -9.05 -69.01
CA ALA R 234 38.75 -8.06 -69.51
C ALA R 234 39.07 -6.66 -69.00
N GLU R 235 39.03 -6.51 -67.66
CA GLU R 235 39.32 -5.19 -67.03
C GLU R 235 40.15 -5.40 -65.77
N GLN R 236 41.49 -5.47 -65.92
CA GLN R 236 42.37 -5.65 -64.78
C GLN R 236 43.57 -4.73 -64.93
N SER R 237 44.45 -4.76 -63.93
CA SER R 237 45.56 -3.82 -63.89
C SER R 237 46.56 -4.07 -65.01
N LEU R 238 47.01 -3.00 -65.63
CA LEU R 238 48.12 -2.99 -66.60
C LEU R 238 49.24 -2.06 -66.19
N ILE R 239 48.91 -0.90 -65.65
CA ILE R 239 49.88 0.16 -65.37
C ILE R 239 49.36 1.01 -64.22
N THR R 240 50.24 1.30 -63.27
CA THR R 240 49.90 2.22 -62.19
C THR R 240 50.52 3.58 -62.48
N VAL R 241 49.72 4.64 -62.32
CA VAL R 241 50.16 5.99 -62.59
C VAL R 241 49.83 6.85 -61.37
N GLU R 242 50.79 7.65 -60.93
CA GLU R 242 50.70 8.38 -59.67
C GLU R 242 50.24 9.80 -59.97
N GLY R 243 48.94 10.02 -59.95
CA GLY R 243 48.34 11.32 -60.20
C GLY R 243 48.02 12.05 -58.90
N ASP R 244 46.92 12.79 -58.92
CA ASP R 244 46.48 13.49 -57.73
C ASP R 244 45.71 12.51 -56.84
CB LA2 R 245 43.19 11.80 -55.24
C LA2 R 245 45.37 10.84 -54.39
O LA2 R 245 45.95 10.75 -53.29
N LA2 R 245 45.34 12.97 -55.64
CA LA2 R 245 44.57 12.12 -54.68
O1 LA2 R 245 40.68 16.65 -51.92
C1 LA2 R 245 40.23 15.51 -52.02
NZ LA2 R 245 40.86 14.58 -52.76
CE LA2 R 245 40.19 13.46 -53.40
CD LA2 R 245 41.15 12.37 -53.83
CG LA2 R 245 42.10 12.82 -54.93
C2 LA2 R 245 38.97 15.07 -51.31
C3 LA2 R 245 38.72 15.83 -50.04
C4 LA2 R 245 37.29 16.28 -49.87
C5 LA2 R 245 36.89 16.85 -48.54
C6 LA2 R 245 37.75 18.03 -48.06
S6 LA2 R 245 37.81 19.38 -49.28
C7 LA2 R 245 37.40 18.52 -46.66
C8 LA2 R 245 37.43 17.42 -45.62
S8 LA2 R 245 38.02 17.96 -43.99
N ALA R 246 45.38 9.90 -55.34
CA ALA R 246 46.10 8.65 -55.18
C ALA R 246 46.47 8.00 -56.51
N SER R 247 47.40 7.06 -56.46
CA SER R 247 47.83 6.35 -57.67
C SER R 247 46.72 5.45 -58.18
N MET R 248 46.55 5.43 -59.50
CA MET R 248 45.44 4.75 -60.15
C MET R 248 45.97 3.67 -61.10
N GLU R 249 45.30 2.53 -61.09
CA GLU R 249 45.64 1.40 -61.95
C GLU R 249 44.73 1.40 -63.17
N VAL R 250 45.32 1.63 -64.34
CA VAL R 250 44.54 1.62 -65.58
C VAL R 250 43.97 0.23 -65.82
N PRO R 251 42.68 0.09 -66.09
CA PRO R 251 42.11 -1.24 -66.32
C PRO R 251 42.37 -1.71 -67.75
N ALA R 252 41.90 -2.92 -68.03
CA ALA R 252 42.09 -3.35 -69.41
C ALA R 252 40.85 -2.99 -70.24
N PRO R 253 41.04 -2.62 -71.51
CA PRO R 253 39.88 -2.42 -72.39
C PRO R 253 39.34 -3.71 -72.99
N PHE R 254 40.16 -4.74 -73.09
CA PHE R 254 39.80 -5.99 -73.75
C PHE R 254 40.89 -7.01 -73.40
N ALA R 255 40.77 -8.21 -74.00
CA ALA R 255 41.74 -9.30 -73.76
C ALA R 255 42.65 -9.51 -74.99
N GLY R 256 43.92 -9.84 -74.75
CA GLY R 256 44.88 -10.06 -75.81
C GLY R 256 46.29 -10.09 -75.28
N VAL R 257 47.13 -10.81 -76.02
CA VAL R 257 48.54 -10.95 -75.65
C VAL R 257 49.29 -9.67 -76.02
N VAL R 258 50.44 -9.49 -75.38
CA VAL R 258 51.20 -8.25 -75.45
C VAL R 258 51.94 -8.16 -76.78
N LYS R 259 51.96 -6.96 -77.37
CA LYS R 259 52.76 -6.64 -78.55
C LYS R 259 53.70 -5.46 -78.35
N GLU R 260 53.30 -4.46 -77.57
CA GLU R 260 54.08 -3.24 -77.35
C GLU R 260 54.26 -3.01 -75.86
N LEU R 261 55.51 -2.77 -75.46
CA LEU R 261 55.78 -1.99 -74.25
C LEU R 261 55.98 -0.53 -74.64
N LYS R 262 54.96 0.04 -75.26
CA LYS R 262 55.03 1.43 -75.67
C LYS R 262 55.22 2.35 -74.48
N VAL R 263 54.68 1.96 -73.31
CA VAL R 263 55.00 2.61 -72.05
C VAL R 263 55.98 1.72 -71.28
N ASN R 264 56.75 2.33 -70.40
CA ASN R 264 57.69 1.61 -69.54
C ASN R 264 57.53 2.07 -68.09
N VAL R 265 58.45 1.65 -67.24
CA VAL R 265 58.46 2.05 -65.84
C VAL R 265 59.16 3.39 -65.72
N GLY R 266 58.42 4.42 -65.30
CA GLY R 266 58.94 5.76 -65.15
C GLY R 266 58.44 6.75 -66.17
N ASP R 267 57.66 6.26 -67.14
CA ASP R 267 57.11 7.12 -68.24
C ASP R 267 56.13 8.13 -67.66
N LYS R 268 55.52 8.95 -68.54
CA LYS R 268 54.57 9.97 -68.17
C LYS R 268 53.60 10.23 -69.33
N VAL R 269 52.31 10.23 -69.03
CA VAL R 269 51.27 10.42 -70.03
C VAL R 269 50.32 11.51 -69.56
N LYS R 270 50.00 12.46 -70.44
CA LYS R 270 49.01 13.47 -70.13
C LYS R 270 47.59 13.02 -70.47
N THR R 271 47.43 12.38 -71.64
CA THR R 271 46.08 11.90 -72.04
C THR R 271 46.10 11.26 -73.44
N GLY R 272 45.42 10.13 -73.59
CA GLY R 272 45.28 9.42 -74.85
C GLY R 272 46.55 9.06 -75.59
N SER R 273 47.56 8.57 -74.88
CA SER R 273 48.81 8.13 -75.49
C SER R 273 48.82 6.61 -75.60
N LEU R 274 49.20 6.11 -76.77
CA LEU R 274 49.20 4.66 -77.01
C LEU R 274 50.28 4.02 -76.16
N ILE R 275 49.87 3.23 -75.17
CA ILE R 275 50.81 2.55 -74.29
C ILE R 275 50.86 1.05 -74.53
N MET R 276 49.81 0.45 -75.08
CA MET R 276 49.79 -0.99 -75.29
C MET R 276 49.08 -1.32 -76.59
N ILE R 277 49.61 -2.32 -77.30
CA ILE R 277 48.95 -2.97 -78.42
C ILE R 277 48.87 -4.45 -78.10
N PHE R 278 47.75 -5.10 -78.46
CA PHE R 278 47.51 -6.47 -78.04
C PHE R 278 47.16 -7.32 -79.27
N GLU R 279 46.90 -8.60 -79.00
CA GLU R 279 46.51 -9.55 -80.02
C GLU R 279 45.39 -10.42 -79.48
N VAL R 280 44.51 -10.86 -80.37
CA VAL R 280 43.39 -11.73 -80.01
C VAL R 280 42.91 -12.50 -81.24
N PRO R 384 44.85 41.86 -51.81
CA PRO R 384 45.88 42.74 -52.35
C PRO R 384 47.25 42.49 -51.74
N GLY R 385 47.73 43.45 -50.96
CA GLY R 385 49.01 43.30 -50.29
C GLY R 385 48.87 42.84 -48.85
N MET R 386 49.09 41.56 -48.62
CA MET R 386 48.99 40.97 -47.28
C MET R 386 50.39 40.76 -46.70
N LEU R 387 50.42 40.60 -45.38
CA LEU R 387 51.67 40.31 -44.70
C LEU R 387 52.19 38.94 -45.12
N PRO R 388 53.51 38.76 -45.16
CA PRO R 388 54.06 37.45 -45.49
C PRO R 388 53.90 36.48 -44.33
N TRP R 389 54.19 35.22 -44.61
CA TRP R 389 54.12 34.19 -43.58
C TRP R 389 55.09 34.53 -42.45
N PRO R 390 54.74 34.22 -41.20
CA PRO R 390 55.62 34.59 -40.08
C PRO R 390 56.98 33.92 -40.14
N LYS R 391 58.03 34.71 -40.37
CA LYS R 391 59.39 34.20 -40.41
C LYS R 391 59.84 33.91 -38.98
N VAL R 392 59.97 32.62 -38.64
CA VAL R 392 60.33 32.19 -37.30
C VAL R 392 61.50 31.22 -37.40
N ASP R 393 62.47 31.38 -36.50
CA ASP R 393 63.57 30.41 -36.37
C ASP R 393 63.09 29.33 -35.41
N PHE R 394 62.48 28.29 -35.99
CA PHE R 394 61.82 27.26 -35.19
C PHE R 394 62.80 26.43 -34.37
N SER R 395 64.11 26.55 -34.62
CA SER R 395 65.10 25.74 -33.92
C SER R 395 65.63 26.40 -32.65
N LYS R 396 65.37 27.71 -32.46
CA LYS R 396 65.85 28.37 -31.25
C LYS R 396 65.04 27.99 -30.03
N PHE R 397 63.89 27.34 -30.19
CA PHE R 397 63.09 26.88 -29.06
C PHE R 397 63.24 25.39 -28.79
N GLY R 398 63.75 24.63 -29.76
CA GLY R 398 63.94 23.21 -29.56
C GLY R 398 64.49 22.58 -30.82
N GLU R 399 64.32 21.25 -30.91
CA GLU R 399 64.78 20.45 -32.06
C GLU R 399 63.62 20.31 -33.06
N ILE R 400 63.91 20.48 -34.35
CA ILE R 400 62.91 20.39 -35.40
C ILE R 400 63.32 19.29 -36.38
N GLU R 401 62.47 19.06 -37.38
CA GLU R 401 62.76 18.10 -38.44
C GLU R 401 61.96 18.54 -39.66
N GLU R 402 62.63 19.18 -40.61
CA GLU R 402 61.95 19.79 -41.76
C GLU R 402 61.68 18.73 -42.81
N VAL R 403 60.60 17.98 -42.60
CA VAL R 403 60.13 17.05 -43.61
C VAL R 403 59.47 17.82 -44.74
N GLU R 404 59.46 17.23 -45.93
CA GLU R 404 58.89 17.86 -47.11
C GLU R 404 57.66 17.09 -47.56
N LEU R 405 56.60 17.83 -47.88
CA LEU R 405 55.32 17.21 -48.21
C LEU R 405 55.41 16.44 -49.53
N GLY R 406 54.77 15.29 -49.58
CA GLY R 406 54.68 14.53 -50.82
C GLY R 406 53.95 15.30 -51.90
N ARG R 407 54.03 14.77 -53.13
CA ARG R 407 53.44 15.47 -54.25
C ARG R 407 51.92 15.49 -54.16
N ILE R 408 51.32 14.41 -53.66
CA ILE R 408 49.86 14.40 -53.49
C ILE R 408 49.47 15.34 -52.36
N GLN R 409 50.29 15.45 -51.32
CA GLN R 409 50.00 16.39 -50.25
C GLN R 409 50.12 17.82 -50.74
N LYS R 410 51.14 18.12 -51.54
CA LYS R 410 51.27 19.45 -52.13
C LYS R 410 50.06 19.77 -53.01
N ILE R 411 49.64 18.81 -53.84
CA ILE R 411 48.54 19.05 -54.76
C ILE R 411 47.23 19.26 -53.99
N SER R 412 47.00 18.44 -52.96
CA SER R 412 45.78 18.60 -52.16
C SER R 412 45.81 19.92 -51.40
N GLY R 413 46.98 20.34 -50.92
CA GLY R 413 47.07 21.63 -50.26
C GLY R 413 46.78 22.78 -51.20
N ALA R 414 47.29 22.70 -52.43
CA ALA R 414 46.99 23.74 -53.42
C ALA R 414 45.50 23.76 -53.76
N ASN R 415 44.90 22.58 -53.91
CA ASN R 415 43.48 22.51 -54.23
C ASN R 415 42.64 23.10 -53.09
N LEU R 416 42.98 22.78 -51.85
CA LEU R 416 42.22 23.31 -50.72
C LEU R 416 42.46 24.80 -50.54
N SER R 417 43.67 25.29 -50.82
CA SER R 417 43.92 26.71 -50.72
C SER R 417 43.28 27.48 -51.86
N ARG R 418 42.94 26.82 -52.95
CA ARG R 418 42.13 27.47 -53.97
C ARG R 418 40.65 27.46 -53.60
N ASN R 419 40.16 26.32 -53.11
CA ASN R 419 38.75 26.23 -52.72
C ASN R 419 38.43 27.16 -51.57
N TRP R 420 39.37 27.39 -50.65
CA TRP R 420 39.11 28.28 -49.53
C TRP R 420 38.93 29.71 -50.00
N VAL R 421 39.79 30.18 -50.90
CA VAL R 421 39.72 31.56 -51.35
C VAL R 421 38.53 31.76 -52.29
N MET R 422 38.42 30.93 -53.32
CA MET R 422 37.47 31.18 -54.40
C MET R 422 36.03 30.84 -54.04
N ILE R 423 35.79 30.12 -52.95
CA ILE R 423 34.45 29.68 -52.59
C ILE R 423 34.05 30.36 -51.28
N PRO R 424 32.97 31.13 -51.24
CA PRO R 424 32.44 31.58 -49.95
C PRO R 424 31.65 30.47 -49.27
N HIS R 425 32.24 29.87 -48.25
CA HIS R 425 31.61 28.72 -47.60
C HIS R 425 30.56 29.16 -46.59
N VAL R 426 29.48 28.41 -46.52
CA VAL R 426 28.53 28.53 -45.42
C VAL R 426 28.17 27.12 -44.97
N THR R 427 28.20 26.90 -43.67
CA THR R 427 28.03 25.57 -43.10
C THR R 427 26.78 25.54 -42.23
N HIS R 428 25.82 24.72 -42.61
CA HIS R 428 24.60 24.51 -41.84
C HIS R 428 24.71 23.19 -41.11
N PHE R 429 24.62 23.21 -39.80
CA PHE R 429 24.66 21.99 -39.03
C PHE R 429 23.26 21.47 -38.77
N ASP R 430 23.14 20.17 -38.55
CA ASP R 430 21.83 19.57 -38.30
C ASP R 430 22.02 18.23 -37.64
N LYS R 431 20.94 17.71 -37.08
CA LYS R 431 20.93 16.42 -36.41
C LYS R 431 19.74 15.62 -36.92
N THR R 432 19.98 14.37 -37.28
CA THR R 432 18.97 13.52 -37.90
C THR R 432 18.65 12.33 -37.00
N ASP R 433 17.37 12.12 -36.73
CA ASP R 433 16.95 11.01 -35.89
C ASP R 433 17.00 9.73 -36.73
N ILE R 434 18.02 8.91 -36.50
CA ILE R 434 18.24 7.73 -37.32
C ILE R 434 18.09 6.46 -36.49
N THR R 435 17.23 6.49 -35.48
CA THR R 435 16.99 5.29 -34.68
C THR R 435 16.37 4.19 -35.54
N GLU R 436 15.30 4.53 -36.26
CA GLU R 436 14.66 3.57 -37.15
C GLU R 436 15.61 3.12 -38.25
N LEU R 437 16.40 4.05 -38.79
CA LEU R 437 17.35 3.69 -39.85
C LEU R 437 18.40 2.73 -39.34
N GLU R 438 18.89 2.94 -38.11
CA GLU R 438 19.91 2.06 -37.57
C GLU R 438 19.33 0.68 -37.25
N ALA R 439 18.13 0.64 -36.68
CA ALA R 439 17.46 -0.64 -36.45
C ALA R 439 17.29 -1.40 -37.76
N PHE R 440 16.84 -0.70 -38.80
CA PHE R 440 16.61 -1.36 -40.09
C PHE R 440 17.93 -1.80 -40.71
N ARG R 441 18.99 -1.02 -40.54
CA ARG R 441 20.29 -1.41 -41.09
C ARG R 441 20.84 -2.64 -40.39
N LYS R 442 20.70 -2.71 -39.05
CA LYS R 442 21.12 -3.90 -38.35
C LYS R 442 20.28 -5.11 -38.75
N GLN R 443 18.96 -4.93 -38.91
CA GLN R 443 18.11 -6.04 -39.34
C GLN R 443 18.52 -6.54 -40.72
N GLN R 444 18.81 -5.62 -41.65
CA GLN R 444 19.22 -6.03 -42.99
C GLN R 444 20.63 -6.60 -43.02
N ASN R 445 21.50 -6.21 -42.09
CA ASN R 445 22.81 -6.83 -42.01
C ASN R 445 22.70 -8.25 -41.48
N GLU R 446 21.77 -8.50 -40.56
CA GLU R 446 21.50 -9.87 -40.14
C GLU R 446 20.90 -10.67 -41.29
N GLU R 447 19.83 -10.17 -41.90
CA GLU R 447 19.15 -10.90 -42.96
C GLU R 447 20.05 -11.15 -44.15
N ALA R 448 20.97 -10.23 -44.45
CA ALA R 448 21.91 -10.43 -45.53
C ALA R 448 23.07 -11.34 -45.13
N ALA R 449 23.09 -11.80 -43.88
CA ALA R 449 24.07 -12.78 -43.42
C ALA R 449 23.51 -14.19 -43.45
N LYS R 450 22.37 -14.42 -42.80
CA LYS R 450 21.74 -15.74 -42.83
C LYS R 450 21.24 -16.13 -44.21
N ARG R 451 21.33 -15.24 -45.20
CA ARG R 451 21.02 -15.58 -46.58
C ARG R 451 22.27 -15.60 -47.46
N LYS R 452 23.45 -15.46 -46.85
CA LYS R 452 24.73 -15.62 -47.53
C LYS R 452 24.86 -14.71 -48.76
N LEU R 453 24.78 -13.41 -48.50
CA LEU R 453 25.01 -12.41 -49.54
C LEU R 453 26.42 -11.84 -49.51
N ASP R 454 27.13 -11.99 -48.40
CA ASP R 454 28.49 -11.44 -48.24
C ASP R 454 28.51 -9.95 -48.56
N VAL R 455 27.61 -9.21 -47.91
CA VAL R 455 27.53 -7.77 -48.05
C VAL R 455 27.37 -7.16 -46.67
N LYS R 456 28.00 -6.01 -46.45
CA LYS R 456 27.92 -5.29 -45.19
C LYS R 456 27.35 -3.91 -45.48
N ILE R 457 26.19 -3.61 -44.90
CA ILE R 457 25.48 -2.37 -45.18
C ILE R 457 25.89 -1.34 -44.13
N THR R 458 26.74 -0.40 -44.53
CA THR R 458 27.22 0.67 -43.69
C THR R 458 26.18 1.79 -43.60
N PRO R 459 26.25 2.63 -42.58
CA PRO R 459 25.33 3.78 -42.51
C PRO R 459 25.58 4.82 -43.59
N VAL R 460 26.58 4.65 -44.44
CA VAL R 460 26.89 5.67 -45.44
C VAL R 460 26.07 5.51 -46.71
N VAL R 461 25.63 4.30 -47.03
CA VAL R 461 24.84 4.12 -48.26
C VAL R 461 23.47 4.74 -48.11
N PHE R 462 22.90 4.70 -46.90
CA PHE R 462 21.64 5.40 -46.67
C PHE R 462 21.81 6.90 -46.85
N ILE R 463 22.96 7.43 -46.44
CA ILE R 463 23.22 8.86 -46.63
C ILE R 463 23.42 9.17 -48.10
N MET R 464 24.06 8.27 -48.85
CA MET R 464 24.19 8.46 -50.28
C MET R 464 22.83 8.50 -50.96
N LYS R 465 21.94 7.59 -50.55
CA LYS R 465 20.59 7.60 -51.13
C LYS R 465 19.83 8.85 -50.74
N ALA R 466 19.96 9.30 -49.48
CA ALA R 466 19.28 10.52 -49.06
C ALA R 466 19.79 11.73 -49.82
N VAL R 467 21.10 11.81 -50.04
CA VAL R 467 21.66 12.94 -50.76
C VAL R 467 21.27 12.88 -52.24
N ALA R 468 21.18 11.68 -52.80
CA ALA R 468 20.72 11.57 -54.18
C ALA R 468 19.26 12.02 -54.31
N ALA R 469 18.43 11.66 -53.34
CA ALA R 469 17.05 12.14 -53.33
C ALA R 469 17.02 13.67 -53.22
N ALA R 470 17.83 14.23 -52.32
CA ALA R 470 17.85 15.67 -52.15
C ALA R 470 18.35 16.40 -53.39
N LEU R 471 19.27 15.78 -54.14
CA LEU R 471 19.71 16.38 -55.39
C LEU R 471 18.65 16.25 -56.47
N GLU R 472 17.83 15.20 -56.40
CA GLU R 472 16.68 15.12 -57.29
C GLU R 472 15.68 16.22 -57.01
N GLN R 473 15.40 16.49 -55.73
CA GLN R 473 14.40 17.48 -55.37
C GLN R 473 14.92 18.90 -55.57
N MET R 474 16.16 19.17 -55.17
CA MET R 474 16.74 20.50 -55.32
C MET R 474 17.89 20.43 -56.32
N PRO R 475 17.60 20.52 -57.62
CA PRO R 475 18.67 20.35 -58.63
C PRO R 475 19.68 21.47 -58.64
N ARG R 476 19.44 22.57 -57.93
CA ARG R 476 20.42 23.64 -57.86
C ARG R 476 21.68 23.19 -57.13
N PHE R 477 21.57 22.20 -56.25
CA PHE R 477 22.74 21.68 -55.54
C PHE R 477 23.58 20.76 -56.41
N ASN R 478 23.03 20.25 -57.50
CA ASN R 478 23.77 19.42 -58.44
C ASN R 478 24.26 20.30 -59.59
N SER R 479 25.13 21.24 -59.25
CA SER R 479 25.56 22.28 -60.17
C SER R 479 27.08 22.39 -60.11
N SER R 480 27.62 23.39 -60.81
CA SER R 480 29.04 23.70 -60.82
C SER R 480 29.22 25.05 -61.49
N LEU R 481 30.08 25.87 -60.91
CA LEU R 481 30.37 27.19 -61.47
C LEU R 481 31.58 27.13 -62.39
N SER R 482 31.75 28.20 -63.15
CA SER R 482 32.88 28.33 -64.06
C SER R 482 34.05 29.05 -63.38
N GLU R 483 35.12 29.22 -64.14
CA GLU R 483 36.30 29.92 -63.67
C GLU R 483 35.92 31.32 -63.17
N ASP R 484 35.19 32.08 -63.97
CA ASP R 484 34.77 33.42 -63.59
C ASP R 484 33.58 33.46 -62.64
N GLY R 485 32.88 32.34 -62.46
CA GLY R 485 31.72 32.33 -61.59
C GLY R 485 30.52 33.06 -62.14
N GLN R 486 30.27 32.94 -63.44
CA GLN R 486 29.16 33.61 -64.08
C GLN R 486 28.19 32.68 -64.80
N ARG R 487 28.59 31.45 -65.08
CA ARG R 487 27.73 30.48 -65.78
C ARG R 487 27.66 29.22 -64.95
N LEU R 488 26.44 28.84 -64.55
CA LEU R 488 26.24 27.60 -63.84
C LEU R 488 26.16 26.43 -64.83
N THR R 489 26.35 25.22 -64.30
CA THR R 489 26.27 23.99 -65.08
C THR R 489 25.34 23.02 -64.35
N LEU R 490 24.05 23.13 -64.59
CA LEU R 490 23.07 22.27 -63.93
C LEU R 490 23.23 20.85 -64.47
N LYS R 491 23.81 19.97 -63.66
CA LYS R 491 23.96 18.58 -64.05
C LYS R 491 22.64 17.83 -63.84
N LYS R 492 22.38 16.86 -64.71
CA LYS R 492 21.19 16.04 -64.59
C LYS R 492 21.48 14.65 -64.02
N TYR R 493 22.72 14.19 -64.11
CA TYR R 493 23.12 12.95 -63.46
C TYR R 493 23.44 13.22 -61.99
N ILE R 494 23.49 12.15 -61.21
CA ILE R 494 23.73 12.24 -59.77
C ILE R 494 24.82 11.22 -59.44
N ASN R 495 26.06 11.68 -59.40
CA ASN R 495 27.17 10.90 -58.88
C ASN R 495 27.59 11.52 -57.55
N ILE R 496 28.04 10.68 -56.63
CA ILE R 496 28.36 11.13 -55.28
C ILE R 496 29.71 10.54 -54.90
N GLY R 497 30.67 11.40 -54.57
CA GLY R 497 31.91 10.94 -54.00
C GLY R 497 31.75 10.70 -52.52
N VAL R 498 32.44 9.69 -52.02
CA VAL R 498 32.38 9.31 -50.61
C VAL R 498 33.81 9.24 -50.09
N ALA R 499 34.17 10.16 -49.20
CA ALA R 499 35.55 10.25 -48.74
C ALA R 499 35.91 9.00 -47.96
N VAL R 500 36.80 8.18 -48.54
CA VAL R 500 37.34 7.00 -47.90
C VAL R 500 38.70 7.35 -47.32
N ASP R 501 39.04 6.73 -46.19
CA ASP R 501 40.26 7.04 -45.45
C ASP R 501 41.30 5.96 -45.74
N THR R 502 42.20 6.25 -46.66
CA THR R 502 43.35 5.42 -46.94
C THR R 502 44.52 5.85 -46.07
N PRO R 503 45.53 4.99 -45.90
CA PRO R 503 46.73 5.39 -45.13
C PRO R 503 47.39 6.66 -45.64
N ASN R 504 47.06 7.06 -46.87
CA ASN R 504 47.58 8.28 -47.48
C ASN R 504 46.55 9.40 -47.46
N GLY R 505 45.74 9.48 -46.41
CA GLY R 505 44.76 10.53 -46.30
C GLY R 505 43.40 10.13 -46.85
N LEU R 506 42.57 11.14 -47.07
CA LEU R 506 41.22 10.94 -47.58
C LEU R 506 41.22 11.03 -49.09
N VAL R 507 40.78 9.98 -49.76
CA VAL R 507 40.56 9.99 -51.20
C VAL R 507 39.06 9.90 -51.45
N VAL R 508 38.58 10.56 -52.50
CA VAL R 508 37.14 10.60 -52.76
C VAL R 508 36.83 9.78 -54.00
N PRO R 509 36.40 8.53 -53.86
CA PRO R 509 35.87 7.80 -55.01
C PRO R 509 34.42 8.14 -55.27
N VAL R 510 34.07 8.15 -56.55
CA VAL R 510 32.78 8.62 -57.02
C VAL R 510 31.92 7.42 -57.41
N PHE R 511 30.69 7.39 -56.91
CA PHE R 511 29.72 6.37 -57.26
C PHE R 511 28.68 6.99 -58.19
N LYS R 512 28.43 6.33 -59.32
CA LYS R 512 27.63 6.90 -60.39
C LYS R 512 26.18 6.50 -60.28
N ASP R 513 25.29 7.41 -60.68
CA ASP R 513 23.85 7.16 -60.76
C ASP R 513 23.31 6.61 -59.45
N VAL R 514 23.68 7.27 -58.35
CA VAL R 514 23.22 6.84 -57.03
C VAL R 514 21.70 6.92 -56.92
N ASN R 515 21.07 7.81 -57.70
CA ASN R 515 19.63 7.98 -57.61
C ASN R 515 18.86 6.75 -58.05
N LYS R 516 19.46 5.88 -58.87
CA LYS R 516 18.79 4.71 -59.41
C LYS R 516 19.13 3.44 -58.64
N LYS R 517 20.41 3.22 -58.33
CA LYS R 517 20.84 1.99 -57.71
C LYS R 517 20.22 1.81 -56.33
N GLY R 518 20.06 0.55 -55.93
CA GLY R 518 19.54 0.23 -54.62
C GLY R 518 20.61 0.22 -53.56
N ILE R 519 20.17 0.07 -52.31
CA ILE R 519 21.11 0.15 -51.19
C ILE R 519 22.04 -1.05 -51.15
N ILE R 520 21.58 -2.23 -51.60
CA ILE R 520 22.49 -3.38 -51.59
C ILE R 520 23.51 -3.31 -52.72
N GLU R 521 23.11 -2.89 -53.92
CA GLU R 521 24.07 -2.67 -54.99
C GLU R 521 25.07 -1.59 -54.61
N LEU R 522 24.59 -0.48 -54.06
CA LEU R 522 25.48 0.57 -53.59
C LEU R 522 26.39 0.08 -52.48
N SER R 523 25.88 -0.78 -51.60
CA SER R 523 26.70 -1.28 -50.51
C SER R 523 27.80 -2.19 -51.03
N ARG R 524 27.50 -2.99 -52.05
CA ARG R 524 28.54 -3.80 -52.67
C ARG R 524 29.59 -2.92 -53.35
N GLU R 525 29.13 -1.92 -54.10
CA GLU R 525 30.07 -0.97 -54.72
C GLU R 525 30.96 -0.32 -53.69
N LEU R 526 30.36 0.11 -52.57
CA LEU R 526 31.14 0.81 -51.54
C LEU R 526 32.12 -0.14 -50.86
N MET R 527 31.68 -1.36 -50.54
CA MET R 527 32.58 -2.32 -49.92
C MET R 527 33.74 -2.69 -50.84
N THR R 528 33.50 -2.70 -52.15
CA THR R 528 34.58 -2.97 -53.09
C THR R 528 35.54 -1.79 -53.16
N ILE R 529 35.01 -0.59 -53.39
CA ILE R 529 35.86 0.56 -53.68
C ILE R 529 36.58 1.07 -52.42
N SER R 530 36.00 0.88 -51.23
CA SER R 530 36.71 1.24 -50.02
C SER R 530 38.00 0.45 -49.89
N LYS R 531 37.94 -0.86 -50.12
CA LYS R 531 39.15 -1.68 -50.10
C LYS R 531 40.07 -1.33 -51.26
N LYS R 532 39.49 -1.11 -52.45
CA LYS R 532 40.28 -0.69 -53.60
C LYS R 532 41.08 0.56 -53.32
N ALA R 533 40.54 1.47 -52.51
CA ALA R 533 41.24 2.71 -52.18
C ALA R 533 42.24 2.48 -51.06
N ARG R 534 41.83 1.81 -49.97
CA ARG R 534 42.73 1.55 -48.86
C ARG R 534 43.93 0.71 -49.26
N ASP R 535 43.83 -0.03 -50.37
CA ASP R 535 44.98 -0.74 -50.90
C ASP R 535 45.79 0.08 -51.89
N GLY R 536 45.15 1.05 -52.56
CA GLY R 536 45.81 1.90 -53.52
C GLY R 536 45.51 1.58 -54.96
N LYS R 537 44.77 0.51 -55.23
CA LYS R 537 44.44 0.09 -56.58
C LYS R 537 43.25 0.85 -57.17
N LEU R 538 42.88 2.00 -56.59
CA LEU R 538 41.72 2.76 -57.03
C LEU R 538 41.88 3.26 -58.45
N THR R 539 41.03 2.79 -59.35
CA THR R 539 41.18 3.05 -60.77
C THR R 539 40.58 4.42 -61.12
N ALA R 540 41.18 5.08 -62.11
CA ALA R 540 40.66 6.36 -62.57
C ALA R 540 39.26 6.17 -63.14
N GLY R 541 38.48 7.25 -63.11
CA GLY R 541 37.07 7.13 -63.45
C GLY R 541 36.26 6.74 -62.23
N GLU R 542 36.90 6.04 -61.29
CA GLU R 542 36.33 5.81 -59.97
C GLU R 542 36.68 6.93 -59.00
N MET R 543 37.25 8.04 -59.50
CA MET R 543 37.41 9.24 -58.69
C MET R 543 37.10 10.51 -59.49
N GLN R 544 36.38 10.36 -60.60
CA GLN R 544 36.08 11.52 -61.47
C GLN R 544 34.57 11.64 -61.72
N GLY R 545 34.11 12.87 -61.97
CA GLY R 545 32.71 13.15 -62.26
C GLY R 545 31.81 13.04 -61.06
N GLY R 546 32.16 13.72 -59.96
CA GLY R 546 31.33 13.74 -58.77
C GLY R 546 30.50 15.01 -58.71
N CYS R 547 29.22 14.84 -58.36
CA CYS R 547 28.30 15.96 -58.23
C CYS R 547 28.15 16.44 -56.80
N PHE R 548 28.66 15.70 -55.84
CA PHE R 548 28.46 15.96 -54.42
C PHE R 548 29.49 15.12 -53.68
N THR R 549 29.73 15.48 -52.42
CA THR R 549 30.70 14.77 -51.61
C THR R 549 30.11 14.48 -50.24
N ILE R 550 30.41 13.29 -49.72
CA ILE R 550 30.01 12.90 -48.38
C ILE R 550 31.27 12.51 -47.63
N SER R 551 31.65 13.32 -46.66
CA SER R 551 32.84 13.07 -45.84
C SER R 551 32.35 12.57 -44.49
N SER R 552 32.45 11.27 -44.27
CA SER R 552 31.96 10.64 -43.06
C SER R 552 33.15 10.37 -42.14
N ILE R 553 33.23 11.12 -41.04
CA ILE R 553 34.25 10.91 -40.03
C ILE R 553 33.62 10.51 -38.69
N GLY R 554 32.39 10.00 -38.74
CA GLY R 554 31.71 9.60 -37.52
C GLY R 554 32.35 8.44 -36.80
N GLY R 555 33.17 7.65 -37.50
CA GLY R 555 33.89 6.58 -36.85
C GLY R 555 34.98 7.06 -35.91
N LEU R 556 35.28 8.35 -35.91
CA LEU R 556 36.39 8.89 -35.13
C LEU R 556 35.95 9.93 -34.10
N GLY R 557 34.84 10.63 -34.31
CA GLY R 557 34.38 11.60 -33.33
C GLY R 557 33.81 12.85 -33.95
N THR R 558 34.22 14.01 -33.42
CA THR R 558 33.80 15.33 -33.97
C THR R 558 32.27 15.41 -34.10
N THR R 559 31.59 15.63 -32.98
CA THR R 559 30.14 15.78 -32.93
C THR R 559 29.59 16.74 -34.00
N HIS R 560 30.43 17.66 -34.47
CA HIS R 560 30.14 18.40 -35.70
C HIS R 560 31.46 18.83 -36.32
N PHE R 561 31.41 19.14 -37.61
CA PHE R 561 32.57 19.74 -38.25
C PHE R 561 32.14 20.42 -39.54
N ALA R 562 32.90 21.43 -39.95
CA ALA R 562 32.60 22.27 -41.10
C ALA R 562 33.55 21.95 -42.23
N PRO R 563 33.18 21.06 -43.15
CA PRO R 563 34.12 20.67 -44.21
C PRO R 563 34.34 21.77 -45.23
N ILE R 564 35.24 21.54 -46.17
CA ILE R 564 35.52 22.48 -47.25
C ILE R 564 34.88 21.95 -48.52
N VAL R 565 34.19 22.83 -49.25
CA VAL R 565 33.54 22.43 -50.50
C VAL R 565 34.58 21.85 -51.43
N ASN R 566 34.24 20.73 -52.06
CA ASN R 566 35.15 20.01 -52.96
C ASN R 566 34.91 20.50 -54.37
N ALA R 567 35.63 21.56 -54.75
CA ALA R 567 35.48 22.14 -56.10
C ALA R 567 35.71 21.04 -57.14
N PRO R 568 35.06 21.05 -58.32
CA PRO R 568 34.16 22.13 -58.73
C PRO R 568 32.72 21.95 -58.31
N GLU R 569 32.48 21.14 -57.29
CA GLU R 569 31.13 20.99 -56.76
C GLU R 569 30.74 22.24 -55.97
N VAL R 570 29.50 22.26 -55.49
CA VAL R 570 28.98 23.41 -54.77
C VAL R 570 28.60 23.10 -53.34
N ALA R 571 28.69 21.84 -52.92
CA ALA R 571 28.31 21.47 -51.57
C ALA R 571 29.05 20.21 -51.14
N ILE R 572 29.05 19.97 -49.84
CA ILE R 572 29.65 18.77 -49.26
C ILE R 572 28.95 18.51 -47.94
N LEU R 573 28.63 17.25 -47.69
CA LEU R 573 27.93 16.84 -46.47
C LEU R 573 28.92 16.09 -45.60
N GLY R 574 29.26 16.67 -44.46
CA GLY R 574 30.07 15.99 -43.48
C GLY R 574 29.17 15.29 -42.47
N VAL R 575 29.57 14.08 -42.09
CA VAL R 575 28.79 13.25 -41.18
C VAL R 575 29.64 12.98 -39.95
N SER R 576 29.00 13.02 -38.78
CA SER R 576 29.67 12.92 -37.50
C SER R 576 29.21 11.65 -36.77
N LYS R 577 29.65 11.50 -35.53
CA LYS R 577 29.36 10.30 -34.77
C LYS R 577 27.92 10.32 -34.26
N SER R 578 27.21 9.23 -34.46
CA SER R 578 25.86 9.10 -33.94
C SER R 578 25.90 9.00 -32.42
N ALA R 579 25.01 9.72 -31.76
CA ALA R 579 24.95 9.70 -30.31
C ALA R 579 23.50 9.59 -29.86
N MET R 580 23.29 8.90 -28.74
CA MET R 580 21.94 8.75 -28.19
C MET R 580 21.62 9.98 -27.36
N GLU R 581 20.67 10.77 -27.85
CA GLU R 581 20.27 12.02 -27.22
C GLU R 581 18.78 12.00 -26.90
N PRO R 582 18.35 12.76 -25.90
CA PRO R 582 16.91 12.87 -25.63
C PRO R 582 16.23 13.76 -26.66
N VAL R 583 15.06 13.35 -27.11
CA VAL R 583 14.30 14.09 -28.09
C VAL R 583 12.89 14.29 -27.56
N TRP R 584 12.36 15.50 -27.73
CA TRP R 584 11.04 15.86 -27.23
C TRP R 584 9.98 15.25 -28.15
N ASN R 585 9.25 14.27 -27.65
CA ASN R 585 8.17 13.66 -28.42
C ASN R 585 6.85 14.41 -28.30
N GLY R 586 6.84 15.53 -27.60
CA GLY R 586 5.64 16.29 -27.32
C GLY R 586 5.23 16.27 -25.86
N LYS R 587 5.57 15.20 -25.14
CA LYS R 587 5.25 15.13 -23.72
C LYS R 587 6.39 14.63 -22.86
N GLU R 588 7.45 14.05 -23.42
CA GLU R 588 8.56 13.55 -22.63
C GLU R 588 9.78 13.45 -23.54
N PHE R 589 10.90 13.04 -22.97
CA PHE R 589 12.17 12.93 -23.68
C PHE R 589 12.44 11.47 -23.97
N VAL R 590 12.20 11.07 -25.21
CA VAL R 590 12.49 9.70 -25.64
C VAL R 590 13.96 9.63 -26.08
N PRO R 591 14.69 8.60 -25.72
CA PRO R 591 16.09 8.52 -26.17
C PRO R 591 16.21 8.06 -27.61
N ARG R 592 16.51 8.97 -28.52
CA ARG R 592 16.70 8.64 -29.91
C ARG R 592 18.19 8.66 -30.25
N LEU R 593 18.51 8.23 -31.45
CA LEU R 593 19.89 8.16 -31.91
C LEU R 593 20.09 9.20 -32.99
N MET R 594 20.65 10.35 -32.63
CA MET R 594 20.81 11.46 -33.55
C MET R 594 22.18 11.40 -34.20
N LEU R 595 22.20 11.57 -35.51
CA LEU R 595 23.40 11.61 -36.33
C LEU R 595 23.64 13.05 -36.75
N PRO R 596 24.75 13.67 -36.36
CA PRO R 596 24.99 15.08 -36.71
C PRO R 596 25.58 15.19 -38.11
N ILE R 597 24.85 15.82 -39.01
CA ILE R 597 25.33 16.12 -40.34
C ILE R 597 25.62 17.61 -40.43
N SER R 598 26.34 18.00 -41.48
CA SER R 598 26.71 19.39 -41.67
C SER R 598 26.93 19.64 -43.15
N LEU R 599 26.11 20.49 -43.75
CA LEU R 599 26.20 20.81 -45.16
C LEU R 599 27.01 22.09 -45.32
N SER R 600 28.20 21.98 -45.88
CA SER R 600 29.02 23.14 -46.19
C SER R 600 28.92 23.39 -47.69
N PHE R 601 28.44 24.57 -48.08
CA PHE R 601 28.15 24.81 -49.48
C PHE R 601 28.70 26.15 -49.92
N ASP R 602 28.86 26.26 -51.23
CA ASP R 602 29.29 27.50 -51.88
C ASP R 602 28.14 28.49 -51.86
N HIS R 603 28.40 29.67 -51.28
CA HIS R 603 27.37 30.74 -51.13
C HIS R 603 27.09 31.45 -52.46
N ARG R 604 27.98 31.32 -53.45
CA ARG R 604 27.75 31.99 -54.72
C ARG R 604 26.61 31.35 -55.48
N VAL R 605 26.51 30.03 -55.44
CA VAL R 605 25.43 29.30 -56.10
C VAL R 605 24.20 29.21 -55.21
N ILE R 606 24.39 28.76 -53.98
CA ILE R 606 23.30 28.48 -53.05
C ILE R 606 23.28 29.58 -51.98
N ASP R 607 22.09 29.91 -51.51
CA ASP R 607 21.94 30.83 -50.40
C ASP R 607 21.56 30.07 -49.14
N GLY R 608 21.48 30.78 -48.02
CA GLY R 608 21.22 30.12 -46.76
C GLY R 608 19.92 29.36 -46.73
N ALA R 609 18.88 29.92 -47.36
CA ALA R 609 17.58 29.26 -47.36
C ALA R 609 17.60 27.96 -48.16
N ASP R 610 18.26 27.97 -49.32
CA ASP R 610 18.33 26.75 -50.11
C ASP R 610 19.15 25.68 -49.40
N GLY R 611 20.25 26.08 -48.75
CA GLY R 611 20.98 25.13 -47.94
C GLY R 611 20.15 24.57 -46.81
N ALA R 612 19.31 25.41 -46.21
CA ALA R 612 18.43 24.95 -45.15
C ALA R 612 17.44 23.92 -45.67
N ARG R 613 16.81 24.22 -46.80
CA ARG R 613 15.85 23.27 -47.38
C ARG R 613 16.54 21.97 -47.77
N PHE R 614 17.76 22.06 -48.30
CA PHE R 614 18.47 20.85 -48.71
C PHE R 614 18.82 19.99 -47.51
N ILE R 615 19.39 20.59 -46.47
CA ILE R 615 19.78 19.78 -45.32
C ILE R 615 18.55 19.28 -44.58
N THR R 616 17.42 19.99 -44.66
CA THR R 616 16.22 19.46 -44.01
C THR R 616 15.59 18.36 -44.85
N ILE R 617 15.78 18.38 -46.17
CA ILE R 617 15.37 17.25 -47.00
C ILE R 617 16.18 16.02 -46.63
N ILE R 618 17.50 16.18 -46.49
CA ILE R 618 18.34 15.07 -46.07
C ILE R 618 17.93 14.58 -44.69
N ASN R 619 17.65 15.52 -43.77
CA ASN R 619 17.25 15.16 -42.41
C ASN R 619 15.94 14.38 -42.42
N ASN R 620 14.97 14.81 -43.23
CA ASN R 620 13.70 14.10 -43.29
C ASN R 620 13.87 12.73 -43.92
N THR R 621 14.66 12.63 -44.99
CA THR R 621 14.85 11.35 -45.66
C THR R 621 15.53 10.35 -44.74
N LEU R 622 16.62 10.74 -44.08
CA LEU R 622 17.30 9.83 -43.17
C LEU R 622 16.52 9.60 -41.89
N SER R 623 15.63 10.52 -41.53
CA SER R 623 14.81 10.33 -40.33
C SER R 623 13.78 9.22 -40.54
N ASP R 624 13.22 9.13 -41.74
CA ASP R 624 12.27 8.08 -42.10
C ASP R 624 12.64 7.66 -43.52
N ILE R 625 13.44 6.60 -43.63
CA ILE R 625 14.00 6.20 -44.92
C ILE R 625 12.94 5.77 -45.92
N ARG R 626 11.73 5.48 -45.46
CA ARG R 626 10.64 5.12 -46.37
C ARG R 626 10.37 6.21 -47.39
N ARG R 627 10.77 7.46 -47.11
CA ARG R 627 10.58 8.52 -48.08
C ARG R 627 11.44 8.36 -49.32
N LEU R 628 12.27 7.31 -49.41
CA LEU R 628 13.01 7.06 -50.63
C LEU R 628 12.18 6.36 -51.69
N VAL R 629 11.05 5.77 -51.32
CA VAL R 629 10.18 5.12 -52.31
C VAL R 629 9.14 6.08 -52.89
N MET R 630 8.84 7.17 -52.20
CA MET R 630 7.87 8.14 -52.69
C MET R 630 8.39 8.91 -53.89
N GLU S 208 48.90 0.50 77.48
CA GLU S 208 47.91 1.55 77.74
C GLU S 208 46.82 1.45 76.69
N VAL S 209 45.59 1.20 77.12
CA VAL S 209 44.43 1.16 76.24
C VAL S 209 43.40 2.12 76.81
N ASN S 210 43.43 3.37 76.35
CA ASN S 210 42.39 4.33 76.68
C ASN S 210 41.18 4.04 75.80
N VAL S 211 40.23 4.97 75.73
CA VAL S 211 39.25 4.94 74.66
C VAL S 211 39.93 5.55 73.45
N PRO S 212 39.81 4.94 72.26
CA PRO S 212 40.59 5.42 71.11
C PRO S 212 40.03 6.69 70.51
N ASP S 213 38.70 6.79 70.35
CA ASP S 213 38.19 8.03 69.71
C ASP S 213 36.70 8.30 69.96
N ILE S 214 36.43 9.17 70.93
CA ILE S 214 35.09 9.71 71.20
C ILE S 214 35.21 11.22 71.17
N GLY S 215 34.26 11.87 70.49
CA GLY S 215 34.34 13.31 70.28
C GLY S 215 34.29 14.15 71.53
N GLY S 216 34.09 13.54 72.69
CA GLY S 216 34.09 14.27 73.94
C GLY S 216 32.78 14.18 74.69
N ASP S 217 32.03 13.11 74.46
CA ASP S 217 30.78 12.86 75.15
C ASP S 217 30.97 11.76 76.17
N GLU S 218 30.28 11.89 77.30
CA GLU S 218 30.35 10.89 78.36
C GLU S 218 29.48 9.69 77.96
N VAL S 219 30.14 8.56 77.70
CA VAL S 219 29.47 7.37 77.18
C VAL S 219 29.42 6.31 78.26
N GLU S 220 28.28 5.61 78.35
CA GLU S 220 28.05 4.59 79.36
C GLU S 220 28.29 3.21 78.77
N VAL S 221 29.15 2.44 79.44
CA VAL S 221 29.48 1.09 78.96
C VAL S 221 28.24 0.20 79.03
N THR S 222 28.19 -0.77 78.11
CA THR S 222 27.17 -1.82 78.14
C THR S 222 27.76 -3.16 78.55
N GLU S 223 28.85 -3.61 77.92
CA GLU S 223 29.50 -4.86 78.29
C GLU S 223 30.89 -4.89 77.67
N VAL S 224 31.66 -5.92 78.00
CA VAL S 224 33.01 -6.12 77.49
C VAL S 224 33.05 -7.37 76.63
N MET S 225 34.14 -7.51 75.88
CA MET S 225 34.27 -8.57 74.89
C MET S 225 35.37 -9.59 75.23
N VAL S 226 36.06 -9.44 76.35
CA VAL S 226 37.29 -10.18 76.58
C VAL S 226 37.19 -11.08 77.81
N LYS S 227 38.26 -11.82 78.08
CA LYS S 227 38.38 -12.71 79.22
C LYS S 227 39.69 -12.43 79.94
N VAL S 228 39.72 -12.77 81.24
CA VAL S 228 40.97 -12.67 81.99
C VAL S 228 41.91 -13.76 81.49
N GLY S 229 42.98 -13.35 80.80
CA GLY S 229 43.89 -14.26 80.16
C GLY S 229 43.82 -14.26 78.64
N ASP S 230 42.68 -13.88 78.08
CA ASP S 230 42.54 -13.79 76.63
C ASP S 230 43.49 -12.74 76.07
N LYS S 231 43.89 -12.94 74.81
CA LYS S 231 44.69 -11.96 74.08
C LYS S 231 43.91 -11.56 72.82
N VAL S 232 43.94 -10.26 72.52
CA VAL S 232 43.06 -9.66 71.53
C VAL S 232 43.86 -9.37 70.27
N ALA S 233 43.16 -9.37 69.13
CA ALA S 233 43.79 -9.22 67.83
C ALA S 233 44.14 -7.75 67.56
N ALA S 234 44.48 -7.45 66.31
CA ALA S 234 44.96 -6.12 65.96
C ALA S 234 43.92 -5.04 66.24
N GLU S 235 42.76 -5.16 65.58
CA GLU S 235 41.66 -4.18 65.76
C GLU S 235 40.31 -4.91 65.80
N GLN S 236 39.91 -5.38 66.97
CA GLN S 236 38.63 -6.07 67.11
C GLN S 236 37.95 -5.59 68.39
N SER S 237 36.75 -6.11 68.63
CA SER S 237 35.93 -5.63 69.72
C SER S 237 36.54 -5.97 71.08
N LEU S 238 36.51 -4.99 71.99
CA LEU S 238 36.85 -5.16 73.39
C LEU S 238 35.74 -4.75 74.33
N ILE S 239 35.02 -3.69 73.99
CA ILE S 239 34.02 -3.09 74.88
C ILE S 239 32.98 -2.37 74.04
N THR S 240 31.70 -2.58 74.36
CA THR S 240 30.63 -1.85 73.71
C THR S 240 30.15 -0.74 74.64
N VAL S 241 30.01 0.46 74.09
CA VAL S 241 29.58 1.62 74.86
C VAL S 241 28.41 2.27 74.14
N GLU S 242 27.36 2.60 74.89
CA GLU S 242 26.09 3.04 74.32
C GLU S 242 26.05 4.56 74.37
N GLY S 243 26.51 5.19 73.29
CA GLY S 243 26.52 6.64 73.16
C GLY S 243 25.33 7.16 72.39
N ASP S 244 25.56 8.20 71.62
CA ASP S 244 24.50 8.75 70.78
C ASP S 244 24.42 7.93 69.50
CB LA2 S 245 24.36 7.78 66.43
C LA2 S 245 23.05 6.01 67.66
O LA2 S 245 21.92 5.49 67.59
N LA2 S 245 23.40 8.22 68.68
CA LA2 S 245 23.20 7.51 67.39
O1 LA2 S 245 20.98 12.41 63.59
C1 LA2 S 245 21.64 11.52 63.05
NZ LA2 S 245 22.31 10.61 63.76
CE LA2 S 245 23.51 9.93 63.30
CD LA2 S 245 23.84 8.70 64.12
CG LA2 S 245 24.20 9.02 65.56
C2 LA2 S 245 21.71 11.39 61.54
C3 LA2 S 245 20.50 11.90 60.85
C4 LA2 S 245 20.81 12.77 59.63
C5 LA2 S 245 19.65 13.16 58.75
C6 LA2 S 245 18.50 13.85 59.47
S6 LA2 S 245 19.04 15.32 60.38
C7 LA2 S 245 17.29 14.13 58.56
C8 LA2 S 245 16.78 12.90 57.85
S8 LA2 S 245 14.98 12.88 57.65
N ALA S 246 24.17 5.33 67.97
CA ALA S 246 24.15 3.89 68.25
C ALA S 246 25.34 3.45 69.10
N SER S 247 25.23 2.26 69.68
CA SER S 247 26.29 1.72 70.50
C SER S 247 27.51 1.36 69.65
N MET S 248 28.69 1.68 70.16
CA MET S 248 29.94 1.54 69.42
C MET S 248 30.87 0.57 70.13
N GLU S 249 31.54 -0.27 69.34
CA GLU S 249 32.49 -1.25 69.84
C GLU S 249 33.90 -0.70 69.68
N VAL S 250 34.57 -0.44 70.80
CA VAL S 250 35.95 0.06 70.77
C VAL S 250 36.85 -0.98 70.13
N PRO S 251 37.67 -0.63 69.14
CA PRO S 251 38.56 -1.60 68.52
C PRO S 251 39.81 -1.84 69.37
N ALA S 252 40.65 -2.74 68.87
CA ALA S 252 41.88 -2.91 69.64
C ALA S 252 42.98 -2.01 69.08
N PRO S 253 43.83 -1.46 69.95
CA PRO S 253 44.99 -0.71 69.44
C PRO S 253 46.16 -1.60 69.03
N PHE S 254 46.25 -2.80 69.57
CA PHE S 254 47.39 -3.70 69.36
C PHE S 254 46.98 -5.07 69.91
N ALA S 255 47.94 -6.01 69.88
CA ALA S 255 47.70 -7.39 70.37
C ALA S 255 48.42 -7.63 71.71
N GLY S 256 47.79 -8.41 72.59
CA GLY S 256 48.37 -8.72 73.89
C GLY S 256 47.34 -9.31 74.82
N VAL S 257 47.84 -10.11 75.76
CA VAL S 257 47.00 -10.78 76.74
C VAL S 257 46.56 -9.78 77.79
N VAL S 258 45.47 -10.12 78.48
CA VAL S 258 44.79 -9.21 79.40
C VAL S 258 45.57 -9.11 80.71
N LYS S 259 45.65 -7.88 81.25
CA LYS S 259 46.20 -7.61 82.58
C LYS S 259 45.24 -6.89 83.50
N GLU S 260 44.41 -6.00 82.96
CA GLU S 260 43.48 -5.17 83.75
C GLU S 260 42.08 -5.33 83.21
N LEU S 261 41.14 -5.60 84.10
CA LEU S 261 39.75 -5.21 83.88
C LEU S 261 39.49 -3.85 84.54
N LYS S 262 40.26 -2.87 84.08
CA LYS S 262 40.10 -1.53 84.62
C LYS S 262 38.70 -1.00 84.36
N VAL S 263 38.07 -1.41 83.26
CA VAL S 263 36.66 -1.18 83.01
C VAL S 263 35.91 -2.47 83.29
N ASN S 264 34.63 -2.35 83.61
CA ASN S 264 33.75 -3.50 83.85
C ASN S 264 32.45 -3.31 83.07
N VAL S 265 31.48 -4.18 83.36
CA VAL S 265 30.17 -4.10 82.73
C VAL S 265 29.32 -3.13 83.52
N GLY S 266 28.93 -2.02 82.88
CA GLY S 266 28.13 -0.99 83.51
C GLY S 266 28.87 0.30 83.79
N ASP S 267 30.17 0.31 83.52
CA ASP S 267 31.03 1.50 83.77
C ASP S 267 30.62 2.65 82.85
N LYS S 268 31.34 3.77 82.94
CA LYS S 268 31.08 4.95 82.13
C LYS S 268 32.37 5.74 81.97
N VAL S 269 32.67 6.12 80.72
CA VAL S 269 33.89 6.85 80.37
C VAL S 269 33.52 8.07 79.54
N LYS S 270 34.08 9.22 79.91
CA LYS S 270 33.89 10.43 79.10
C LYS S 270 34.93 10.55 77.99
N THR S 271 36.20 10.26 78.30
CA THR S 271 37.27 10.34 77.28
C THR S 271 38.64 10.04 77.88
N GLY S 272 39.44 9.25 77.15
CA GLY S 272 40.80 8.89 77.52
C GLY S 272 41.00 8.30 78.90
N SER S 273 40.15 7.36 79.30
CA SER S 273 40.30 6.67 80.58
C SER S 273 40.90 5.29 80.34
N LEU S 274 41.89 4.94 81.14
CA LEU S 274 42.58 3.66 80.99
C LEU S 274 41.63 2.52 81.36
N ILE S 275 41.22 1.74 80.37
CA ILE S 275 40.33 0.62 80.59
C ILE S 275 41.02 -0.73 80.47
N MET S 276 42.12 -0.82 79.73
CA MET S 276 42.80 -2.10 79.53
C MET S 276 44.30 -1.90 79.52
N ILE S 277 45.01 -2.85 80.13
CA ILE S 277 46.46 -3.00 80.01
C ILE S 277 46.72 -4.41 79.49
N PHE S 278 47.71 -4.55 78.60
CA PHE S 278 47.93 -5.82 77.93
C PHE S 278 49.39 -6.24 78.08
N GLU S 279 49.70 -7.39 77.48
CA GLU S 279 51.05 -7.93 77.47
C GLU S 279 51.37 -8.47 76.08
N VAL S 280 52.63 -8.39 75.70
CA VAL S 280 53.10 -8.89 74.41
C VAL S 280 54.59 -9.19 74.47
N PRO S 384 10.60 34.21 71.94
CA PRO S 384 10.33 34.80 73.26
C PRO S 384 9.32 33.98 74.06
N GLY S 385 8.13 34.55 74.27
CA GLY S 385 7.09 33.84 74.98
C GLY S 385 6.10 33.18 74.06
N MET S 386 6.24 31.87 73.88
CA MET S 386 5.35 31.09 73.02
C MET S 386 4.35 30.31 73.85
N LEU S 387 3.28 29.89 73.19
CA LEU S 387 2.28 29.08 73.85
C LEU S 387 2.87 27.72 74.24
N PRO S 388 2.42 27.13 75.33
CA PRO S 388 2.91 25.80 75.72
C PRO S 388 2.32 24.73 74.81
N TRP S 389 2.86 23.52 74.95
CA TRP S 389 2.37 22.39 74.18
C TRP S 389 0.90 22.15 74.50
N PRO S 390 0.10 21.72 73.52
CA PRO S 390 -1.34 21.54 73.78
C PRO S 390 -1.63 20.48 74.82
N LYS S 391 -2.14 20.92 75.98
CA LYS S 391 -2.51 20.00 77.05
C LYS S 391 -3.80 19.28 76.67
N VAL S 392 -3.70 17.99 76.35
CA VAL S 392 -4.85 17.21 75.91
C VAL S 392 -4.93 15.95 76.75
N ASP S 393 -6.15 15.58 77.15
CA ASP S 393 -6.39 14.31 77.83
C ASP S 393 -6.63 13.27 76.73
N PHE S 394 -5.54 12.63 76.30
CA PHE S 394 -5.58 11.73 75.16
C PHE S 394 -6.41 10.48 75.41
N SER S 395 -6.78 10.20 76.66
CA SER S 395 -7.52 9.00 77.00
C SER S 395 -9.03 9.17 76.93
N LYS S 396 -9.52 10.41 76.88
CA LYS S 396 -10.96 10.61 76.80
C LYS S 396 -11.53 10.29 75.43
N PHE S 397 -10.69 10.11 74.41
CA PHE S 397 -11.15 9.72 73.10
C PHE S 397 -10.93 8.24 72.80
N GLY S 398 -10.08 7.57 73.56
CA GLY S 398 -9.84 6.16 73.34
C GLY S 398 -8.81 5.65 74.32
N GLU S 399 -8.20 4.51 73.96
CA GLU S 399 -7.15 3.85 74.78
C GLU S 399 -5.79 4.31 74.26
N ILE S 400 -4.87 4.63 75.18
CA ILE S 400 -3.54 5.09 74.84
C ILE S 400 -2.51 4.14 75.48
N GLU S 401 -1.24 4.42 75.21
CA GLU S 401 -0.14 3.65 75.80
C GLU S 401 1.08 4.57 75.81
N GLU S 402 1.37 5.14 76.98
CA GLU S 402 2.42 6.15 77.10
C GLU S 402 3.78 5.48 77.19
N VAL S 403 4.32 5.11 76.02
CA VAL S 403 5.67 4.61 75.95
C VAL S 403 6.65 5.78 76.11
N GLU S 404 7.85 5.47 76.58
CA GLU S 404 8.86 6.49 76.81
C GLU S 404 10.02 6.28 75.84
N LEU S 405 10.49 7.37 75.24
CA LEU S 405 11.52 7.30 74.21
C LEU S 405 12.84 6.83 74.81
N GLY S 406 13.55 5.99 74.06
CA GLY S 406 14.88 5.58 74.47
C GLY S 406 15.83 6.75 74.53
N ARG S 407 17.02 6.48 75.10
CA ARG S 407 17.97 7.56 75.30
C ARG S 407 18.54 8.06 73.97
N ILE S 408 18.74 7.16 73.01
CA ILE S 408 19.20 7.60 71.70
C ILE S 408 18.10 8.37 70.98
N GLN S 409 16.84 7.98 71.18
CA GLN S 409 15.74 8.73 70.59
C GLN S 409 15.62 10.11 71.20
N LYS S 410 15.76 10.20 72.53
CA LYS S 410 15.76 11.51 73.18
C LYS S 410 16.90 12.39 72.67
N ILE S 411 18.09 11.81 72.55
CA ILE S 411 19.25 12.59 72.11
C ILE S 411 19.08 13.05 70.67
N SER S 412 18.59 12.16 69.79
CA SER S 412 18.37 12.55 68.41
C SER S 412 17.28 13.60 68.29
N GLY S 413 16.24 13.51 69.13
CA GLY S 413 15.21 14.53 69.13
C GLY S 413 15.74 15.88 69.57
N ALA S 414 16.59 15.88 70.61
CA ALA S 414 17.19 17.13 71.04
C ALA S 414 18.09 17.72 69.96
N ASN S 415 18.88 16.87 69.30
CA ASN S 415 19.76 17.34 68.24
C ASN S 415 18.96 17.93 67.08
N LEU S 416 17.88 17.26 66.68
CA LEU S 416 17.08 17.77 65.59
C LEU S 416 16.32 19.04 65.99
N SER S 417 15.87 19.13 67.24
CA SER S 417 15.20 20.34 67.68
C SER S 417 16.17 21.51 67.86
N ARG S 418 17.47 21.22 67.99
CA ARG S 418 18.44 22.30 67.94
C ARG S 418 18.75 22.72 66.50
N ASN S 419 18.92 21.72 65.62
CA ASN S 419 19.22 22.03 64.22
C ASN S 419 18.07 22.76 63.55
N TRP S 420 16.84 22.47 63.94
CA TRP S 420 15.69 23.15 63.33
C TRP S 420 15.68 24.62 63.69
N VAL S 421 15.91 24.95 64.96
CA VAL S 421 15.86 26.34 65.39
C VAL S 421 17.08 27.11 64.90
N MET S 422 18.28 26.58 65.15
CA MET S 422 19.49 27.36 64.94
C MET S 422 19.92 27.45 63.47
N ILE S 423 19.34 26.65 62.59
CA ILE S 423 19.75 26.61 61.19
C ILE S 423 18.59 27.10 60.34
N PRO S 424 18.75 28.16 59.56
CA PRO S 424 17.73 28.49 58.55
C PRO S 424 17.87 27.59 57.34
N HIS S 425 16.97 26.63 57.20
CA HIS S 425 17.08 25.65 56.12
C HIS S 425 16.51 26.20 54.82
N VAL S 426 17.16 25.85 53.72
CA VAL S 426 16.59 26.05 52.39
C VAL S 426 16.85 24.79 51.59
N THR S 427 15.80 24.30 50.92
CA THR S 427 15.85 23.01 50.23
C THR S 427 15.65 23.23 48.75
N HIS S 428 16.66 22.87 47.96
CA HIS S 428 16.59 22.92 46.51
C HIS S 428 16.39 21.52 45.98
N PHE S 429 15.31 21.31 45.25
CA PHE S 429 15.05 20.00 44.67
C PHE S 429 15.60 19.94 43.25
N ASP S 430 15.90 18.73 42.79
CA ASP S 430 16.45 18.57 41.45
C ASP S 430 16.26 17.13 41.01
N LYS S 431 16.42 16.90 39.71
CA LYS S 431 16.30 15.58 39.13
C LYS S 431 17.49 15.34 38.23
N THR S 432 18.13 14.18 38.36
CA THR S 432 19.35 13.86 37.66
C THR S 432 19.13 12.69 36.71
N ASP S 433 19.51 12.87 35.45
CA ASP S 433 19.36 11.81 34.45
C ASP S 433 20.47 10.79 34.67
N ILE S 434 20.13 9.65 35.26
CA ILE S 434 21.13 8.65 35.63
C ILE S 434 20.93 7.36 34.85
N THR S 435 20.42 7.47 33.62
CA THR S 435 20.27 6.28 32.78
C THR S 435 21.62 5.66 32.47
N GLU S 436 22.56 6.47 31.99
CA GLU S 436 23.90 5.97 31.72
C GLU S 436 24.58 5.47 32.98
N LEU S 437 24.38 6.17 34.10
CA LEU S 437 25.00 5.75 35.35
C LEU S 437 24.45 4.41 35.81
N GLU S 438 23.14 4.19 35.64
CA GLU S 438 22.56 2.93 36.06
C GLU S 438 23.00 1.79 35.15
N ALA S 439 23.04 2.04 33.84
CA ALA S 439 23.55 1.03 32.92
C ALA S 439 24.99 0.66 33.27
N PHE S 440 25.82 1.66 33.54
CA PHE S 440 27.22 1.39 33.88
C PHE S 440 27.34 0.67 35.21
N ARG S 441 26.48 0.99 36.17
CA ARG S 441 26.54 0.33 37.46
C ARG S 441 26.12 -1.13 37.34
N LYS S 442 25.09 -1.41 36.55
CA LYS S 442 24.72 -2.81 36.31
C LYS S 442 25.83 -3.56 35.58
N GLN S 443 26.44 -2.93 34.58
CA GLN S 443 27.54 -3.56 33.87
C GLN S 443 28.71 -3.88 34.80
N GLN S 444 29.05 -2.95 35.69
CA GLN S 444 30.14 -3.19 36.62
C GLN S 444 29.77 -4.18 37.71
N ASN S 445 28.49 -4.28 38.05
CA ASN S 445 28.08 -5.32 39.00
C ASN S 445 28.16 -6.70 38.37
N GLU S 446 27.86 -6.80 37.08
CA GLU S 446 28.09 -8.06 36.37
C GLU S 446 29.57 -8.37 36.29
N GLU S 447 30.37 -7.42 35.79
CA GLU S 447 31.80 -7.65 35.60
C GLU S 447 32.51 -7.94 36.91
N ALA S 448 32.07 -7.33 38.01
CA ALA S 448 32.65 -7.61 39.31
C ALA S 448 32.13 -8.92 39.91
N ALA S 449 31.23 -9.61 39.21
CA ALA S 449 30.76 -10.92 39.63
C ALA S 449 31.50 -12.03 38.89
N LYS S 450 31.50 -12.00 37.56
CA LYS S 450 32.23 -13.00 36.79
C LYS S 450 33.74 -12.90 36.98
N ARG S 451 34.24 -11.91 37.71
CA ARG S 451 35.64 -11.84 38.09
C ARG S 451 35.86 -12.10 39.57
N LYS S 452 34.81 -12.48 40.30
CA LYS S 452 34.90 -12.92 41.69
C LYS S 452 35.57 -11.87 42.58
N LEU S 453 34.94 -10.70 42.63
CA LEU S 453 35.39 -9.64 43.54
C LEU S 453 34.58 -9.59 44.83
N ASP S 454 33.39 -10.19 44.85
CA ASP S 454 32.50 -10.17 46.01
C ASP S 454 32.25 -8.75 46.48
N VAL S 455 31.84 -7.90 45.55
CA VAL S 455 31.51 -6.51 45.83
C VAL S 455 30.20 -6.18 45.12
N LYS S 456 29.37 -5.37 45.77
CA LYS S 456 28.09 -4.94 45.21
C LYS S 456 28.11 -3.42 45.14
N ILE S 457 27.99 -2.89 43.93
CA ILE S 457 28.12 -1.44 43.71
C ILE S 457 26.72 -0.85 43.73
N THR S 458 26.39 -0.18 44.83
CA THR S 458 25.11 0.47 45.02
C THR S 458 25.09 1.83 44.33
N PRO S 459 23.91 2.38 44.03
CA PRO S 459 23.87 3.72 43.44
C PRO S 459 24.31 4.83 44.39
N VAL S 460 24.66 4.51 45.63
CA VAL S 460 25.02 5.54 46.59
C VAL S 460 26.50 5.93 46.49
N VAL S 461 27.37 5.02 46.05
CA VAL S 461 28.78 5.38 45.97
C VAL S 461 29.03 6.37 44.84
N PHE S 462 28.27 6.28 43.75
CA PHE S 462 28.37 7.28 42.71
C PHE S 462 27.94 8.65 43.24
N ILE S 463 26.93 8.68 44.11
CA ILE S 463 26.50 9.94 44.69
C ILE S 463 27.54 10.46 45.66
N MET S 464 28.21 9.56 46.40
CA MET S 464 29.30 10.00 47.27
C MET S 464 30.42 10.62 46.46
N LYS S 465 30.77 10.02 45.33
CA LYS S 465 31.82 10.58 44.48
C LYS S 465 31.38 11.91 43.88
N ALA S 466 30.13 12.02 43.46
CA ALA S 466 29.63 13.27 42.90
C ALA S 466 29.65 14.38 43.95
N VAL S 467 29.27 14.06 45.18
CA VAL S 467 29.25 15.06 46.23
C VAL S 467 30.68 15.44 46.63
N ALA S 468 31.60 14.48 46.60
CA ALA S 468 32.99 14.82 46.88
C ALA S 468 33.55 15.75 45.80
N ALA S 469 33.22 15.47 44.54
CA ALA S 469 33.61 16.39 43.47
C ALA S 469 33.02 17.77 43.69
N ALA S 470 31.74 17.84 44.03
CA ALA S 470 31.09 19.13 44.24
C ALA S 470 31.68 19.89 45.42
N LEU S 471 32.13 19.16 46.45
CA LEU S 471 32.80 19.82 47.57
C LEU S 471 34.20 20.28 47.19
N GLU S 472 34.84 19.57 46.26
CA GLU S 472 36.10 20.06 45.71
C GLU S 472 35.91 21.35 44.94
N GLN S 473 34.86 21.42 44.12
CA GLN S 473 34.65 22.60 43.28
C GLN S 473 34.11 23.77 44.10
N MET S 474 33.17 23.52 44.99
CA MET S 474 32.60 24.58 45.82
C MET S 474 32.98 24.35 47.28
N PRO S 475 34.17 24.78 47.70
CA PRO S 475 34.62 24.48 49.07
C PRO S 475 33.83 25.19 50.15
N ARG S 476 32.97 26.14 49.80
CA ARG S 476 32.13 26.78 50.80
C ARG S 476 31.14 25.80 51.42
N PHE S 477 30.78 24.74 50.69
CA PHE S 477 29.86 23.73 51.23
C PHE S 477 30.55 22.78 52.19
N ASN S 478 31.88 22.72 52.16
CA ASN S 478 32.64 21.90 53.11
C ASN S 478 33.10 22.79 54.26
N SER S 479 32.13 23.29 55.01
CA SER S 479 32.38 24.29 56.04
C SER S 479 31.65 23.87 57.31
N SER S 480 31.68 24.76 58.31
CA SER S 480 30.97 24.58 59.56
C SER S 480 31.01 25.89 60.33
N LEU S 481 29.89 26.25 60.92
CA LEU S 481 29.79 27.48 61.70
C LEU S 481 30.08 27.22 63.17
N SER S 482 30.28 28.30 63.90
CA SER S 482 30.53 28.23 65.33
C SER S 482 29.23 28.36 66.11
N GLU S 483 29.36 28.32 67.44
CA GLU S 483 28.23 28.48 68.33
C GLU S 483 27.49 29.78 68.04
N ASP S 484 28.21 30.90 67.96
CA ASP S 484 27.61 32.20 67.68
C ASP S 484 27.31 32.42 66.21
N GLY S 485 27.82 31.59 65.31
CA GLY S 485 27.58 31.78 63.90
C GLY S 485 28.30 32.97 63.30
N GLN S 486 29.54 33.21 63.72
CA GLN S 486 30.32 34.33 63.23
C GLN S 486 31.64 33.94 62.58
N ARG S 487 32.14 32.74 62.82
CA ARG S 487 33.41 32.27 62.26
C ARG S 487 33.17 30.96 61.53
N LEU S 488 33.48 30.93 60.25
CA LEU S 488 33.39 29.70 59.47
C LEU S 488 34.63 28.87 59.67
N THR S 489 34.52 27.57 59.33
CA THR S 489 35.64 26.64 59.42
C THR S 489 35.73 25.90 58.08
N LEU S 490 36.44 26.48 57.13
CA LEU S 490 36.60 25.87 55.82
C LEU S 490 37.46 24.62 55.93
N LYS S 491 36.84 23.46 55.86
CA LYS S 491 37.57 22.20 55.90
C LYS S 491 38.19 21.91 54.54
N LYS S 492 39.36 21.28 54.56
CA LYS S 492 40.05 20.89 53.34
C LYS S 492 39.91 19.41 53.04
N TYR S 493 39.62 18.58 54.03
CA TYR S 493 39.33 17.18 53.81
C TYR S 493 37.87 17.03 53.40
N ILE S 494 37.55 15.86 52.84
CA ILE S 494 36.20 15.57 52.34
C ILE S 494 35.81 14.20 52.90
N ASN S 495 35.11 14.21 54.02
CA ASN S 495 34.46 13.01 54.54
C ASN S 495 32.95 13.17 54.36
N ILE S 496 32.27 12.06 54.11
CA ILE S 496 30.85 12.08 53.79
C ILE S 496 30.17 11.03 54.63
N GLY S 497 29.19 11.43 55.44
CA GLY S 497 28.35 10.48 56.12
C GLY S 497 27.24 10.01 55.20
N VAL S 498 26.88 8.74 55.34
CA VAL S 498 25.84 8.13 54.51
C VAL S 498 24.84 7.48 55.44
N ALA S 499 23.63 8.02 55.48
CA ALA S 499 22.62 7.57 56.43
C ALA S 499 22.24 6.13 56.11
N VAL S 500 22.63 5.20 56.98
CA VAL S 500 22.27 3.80 56.91
C VAL S 500 21.08 3.55 57.83
N ASP S 501 20.21 2.65 57.43
CA ASP S 501 18.96 2.36 58.14
C ASP S 501 19.13 1.09 58.96
N THR S 502 19.42 1.25 60.24
CA THR S 502 19.46 0.15 61.18
C THR S 502 18.09 -0.01 61.83
N PRO S 503 17.81 -1.18 62.44
CA PRO S 503 16.53 -1.37 63.13
C PRO S 503 16.25 -0.31 64.19
N ASN S 504 17.29 0.41 64.61
CA ASN S 504 17.17 1.49 65.58
C ASN S 504 17.21 2.87 64.92
N GLY S 505 16.64 2.99 63.73
CA GLY S 505 16.60 4.26 63.04
C GLY S 505 17.78 4.46 62.09
N LEU S 506 17.97 5.71 61.70
CA LEU S 506 19.03 6.07 60.78
C LEU S 506 20.27 6.48 61.55
N VAL S 507 21.38 5.79 61.29
CA VAL S 507 22.68 6.16 61.84
C VAL S 507 23.55 6.63 60.68
N VAL S 508 24.40 7.60 60.93
CA VAL S 508 25.21 8.17 59.85
C VAL S 508 26.67 7.77 60.06
N PRO S 509 27.15 6.74 59.37
CA PRO S 509 28.59 6.47 59.36
C PRO S 509 29.30 7.33 58.33
N VAL S 510 30.53 7.72 58.68
CA VAL S 510 31.31 8.67 57.91
C VAL S 510 32.39 7.93 57.15
N PHE S 511 32.52 8.21 55.85
CA PHE S 511 33.56 7.66 55.01
C PHE S 511 34.57 8.77 54.72
N LYS S 512 35.85 8.46 54.94
CA LYS S 512 36.89 9.49 54.92
C LYS S 512 37.55 9.57 53.56
N ASP S 513 37.95 10.79 53.19
CA ASP S 513 38.70 11.05 51.96
C ASP S 513 38.02 10.46 50.73
N VAL S 514 36.72 10.71 50.62
CA VAL S 514 35.93 10.20 49.50
C VAL S 514 36.45 10.76 48.18
N ASN S 515 37.07 11.94 48.20
CA ASN S 515 37.54 12.56 46.98
C ASN S 515 38.65 11.77 46.31
N LYS S 516 39.39 10.96 47.07
CA LYS S 516 40.51 10.19 46.54
C LYS S 516 40.15 8.76 46.19
N LYS S 517 39.44 8.07 47.08
CA LYS S 517 39.14 6.66 46.90
C LYS S 517 38.30 6.43 45.64
N GLY S 518 38.46 5.24 45.07
CA GLY S 518 37.69 4.85 43.91
C GLY S 518 36.35 4.26 44.28
N ILE S 519 35.54 4.01 43.25
CA ILE S 519 34.17 3.56 43.51
C ILE S 519 34.15 2.13 44.03
N ILE S 520 35.11 1.29 43.66
CA ILE S 520 35.11 -0.06 44.18
C ILE S 520 35.62 -0.12 45.62
N GLU S 521 36.65 0.65 45.96
CA GLU S 521 37.07 0.74 47.36
C GLU S 521 35.97 1.33 48.23
N LEU S 522 35.33 2.41 47.75
CA LEU S 522 34.21 2.99 48.49
C LEU S 522 33.06 2.00 48.60
N SER S 523 32.83 1.20 47.56
CA SER S 523 31.73 0.24 47.61
C SER S 523 32.02 -0.86 48.62
N ARG S 524 33.27 -1.29 48.73
CA ARG S 524 33.63 -2.25 49.76
C ARG S 524 33.47 -1.65 51.14
N GLU S 525 33.94 -0.42 51.34
CA GLU S 525 33.77 0.27 52.62
C GLU S 525 32.29 0.36 52.97
N LEU S 526 31.45 0.73 52.01
CA LEU S 526 30.03 0.90 52.27
C LEU S 526 29.36 -0.44 52.58
N MET S 527 29.69 -1.48 51.82
CA MET S 527 29.12 -2.80 52.08
C MET S 527 29.52 -3.32 53.44
N THR S 528 30.74 -2.99 53.89
CA THR S 528 31.16 -3.40 55.23
C THR S 528 30.42 -2.63 56.31
N ILE S 529 30.43 -1.29 56.20
CA ILE S 529 29.93 -0.46 57.29
C ILE S 529 28.40 -0.48 57.36
N SER S 530 27.71 -0.71 56.24
CA SER S 530 26.25 -0.86 56.30
C SER S 530 25.87 -2.05 57.19
N LYS S 531 26.54 -3.19 56.99
CA LYS S 531 26.29 -4.35 57.84
C LYS S 531 26.77 -4.10 59.26
N LYS S 532 27.92 -3.45 59.42
CA LYS S 532 28.43 -3.10 60.74
C LYS S 532 27.42 -2.25 61.52
N ALA S 533 26.66 -1.41 60.82
CA ALA S 533 25.67 -0.57 61.49
C ALA S 533 24.38 -1.34 61.74
N ARG S 534 23.88 -2.05 60.72
CA ARG S 534 22.64 -2.80 60.87
C ARG S 534 22.77 -3.90 61.93
N ASP S 535 23.99 -4.32 62.24
CA ASP S 535 24.20 -5.26 63.35
C ASP S 535 24.40 -4.55 64.68
N GLY S 536 24.91 -3.33 64.66
CA GLY S 536 25.16 -2.57 65.87
C GLY S 536 26.60 -2.46 66.27
N LYS S 537 27.51 -3.14 65.57
CA LYS S 537 28.93 -3.14 65.89
C LYS S 537 29.66 -1.93 65.32
N LEU S 538 28.94 -0.88 64.95
CA LEU S 538 29.54 0.30 64.32
C LEU S 538 30.50 1.00 65.28
N THR S 539 31.78 1.03 64.92
CA THR S 539 32.82 1.52 65.81
C THR S 539 32.91 3.05 65.74
N ALA S 540 33.26 3.66 66.86
CA ALA S 540 33.43 5.10 66.89
C ALA S 540 34.58 5.52 65.97
N GLY S 541 34.51 6.76 65.50
CA GLY S 541 35.42 7.19 64.46
C GLY S 541 34.87 6.85 63.09
N GLU S 542 34.04 5.81 63.03
CA GLU S 542 33.25 5.51 61.85
C GLU S 542 31.91 6.23 61.87
N MET S 543 31.71 7.15 62.82
CA MET S 543 30.56 8.05 62.78
C MET S 543 30.94 9.48 63.16
N GLN S 544 32.23 9.80 63.08
CA GLN S 544 32.69 11.16 63.49
C GLN S 544 33.49 11.83 62.36
N GLY S 545 33.48 13.15 62.33
CA GLY S 545 34.21 13.93 61.35
C GLY S 545 33.62 13.89 59.95
N GLY S 546 32.33 14.18 59.85
CA GLY S 546 31.66 14.22 58.56
C GLY S 546 31.53 15.65 58.07
N CYS S 547 31.82 15.85 56.78
CA CYS S 547 31.73 17.17 56.15
C CYS S 547 30.42 17.36 55.40
N PHE S 548 29.65 16.31 55.21
CA PHE S 548 28.45 16.33 54.39
C PHE S 548 27.68 15.07 54.73
N THR S 549 26.40 15.06 54.36
CA THR S 549 25.55 13.91 54.64
C THR S 549 24.74 13.57 53.41
N ILE S 550 24.58 12.27 53.17
CA ILE S 550 23.75 11.77 52.09
C ILE S 550 22.72 10.84 52.71
N SER S 551 21.47 11.25 52.70
CA SER S 551 20.37 10.47 53.24
C SER S 551 19.60 9.89 52.06
N SER S 552 19.83 8.62 51.78
CA SER S 552 19.20 7.94 50.64
C SER S 552 18.03 7.12 51.13
N ILE S 553 16.82 7.56 50.80
CA ILE S 553 15.60 6.82 51.11
C ILE S 553 14.89 6.40 49.84
N GLY S 554 15.61 6.34 48.73
CA GLY S 554 15.01 5.95 47.46
C GLY S 554 14.53 4.52 47.43
N GLY S 555 15.05 3.66 48.31
CA GLY S 555 14.55 2.31 48.38
C GLY S 555 13.14 2.20 48.93
N LEU S 556 12.58 3.28 49.44
CA LEU S 556 11.27 3.26 50.08
C LEU S 556 10.23 4.15 49.41
N GLY S 557 10.63 5.20 48.70
CA GLY S 557 9.68 6.04 48.02
C GLY S 557 10.01 7.52 48.09
N THR S 558 9.01 8.34 48.39
CA THR S 558 9.21 9.80 48.57
C THR S 558 9.92 10.40 47.36
N THR S 559 9.19 10.61 46.26
CA THR S 559 9.71 11.23 45.05
C THR S 559 10.51 12.50 45.31
N HIS S 560 10.26 13.18 46.42
CA HIS S 560 11.16 14.21 46.93
C HIS S 560 10.98 14.29 48.44
N PHE S 561 11.98 14.86 49.10
CA PHE S 561 11.83 15.15 50.52
C PHE S 561 12.87 16.18 50.93
N ALA S 562 12.54 16.93 51.98
CA ALA S 562 13.36 18.05 52.45
C ALA S 562 14.02 17.67 53.77
N PRO S 563 15.25 17.16 53.74
CA PRO S 563 15.88 16.71 54.98
C PRO S 563 16.27 17.85 55.89
N ILE S 564 16.77 17.54 57.08
CA ILE S 564 17.24 18.53 58.04
C ILE S 564 18.76 18.51 58.03
N VAL S 565 19.36 19.69 57.97
CA VAL S 565 20.82 19.80 57.98
C VAL S 565 21.38 19.12 59.22
N ASN S 566 22.42 18.32 59.01
CA ASN S 566 23.03 17.55 60.09
C ASN S 566 24.16 18.37 60.69
N ALA S 567 23.82 19.18 61.69
CA ALA S 567 24.82 20.04 62.36
C ALA S 567 25.98 19.15 62.86
N PRO S 568 27.23 19.62 62.89
CA PRO S 568 27.60 21.00 62.56
C PRO S 568 27.90 21.23 61.09
N GLU S 569 27.42 20.35 60.22
CA GLU S 569 27.60 20.56 58.79
C GLU S 569 26.68 21.68 58.31
N VAL S 570 26.78 22.01 57.03
CA VAL S 570 26.01 23.10 56.45
C VAL S 570 25.08 22.63 55.35
N ALA S 571 25.11 21.36 54.97
CA ALA S 571 24.25 20.88 53.90
C ALA S 571 24.00 19.39 54.08
N ILE S 572 22.99 18.89 53.38
CA ILE S 572 22.66 17.48 53.36
C ILE S 572 21.93 17.20 52.06
N LEU S 573 22.28 16.08 51.42
CA LEU S 573 21.69 15.70 50.15
C LEU S 573 20.79 14.50 50.40
N GLY S 574 19.49 14.69 50.23
CA GLY S 574 18.55 13.59 50.28
C GLY S 574 18.31 13.04 48.89
N VAL S 575 18.24 11.72 48.80
CA VAL S 575 18.08 11.01 47.54
C VAL S 575 16.78 10.24 47.58
N SER S 576 16.05 10.25 46.46
CA SER S 576 14.72 9.67 46.38
C SER S 576 14.74 8.51 45.37
N LYS S 577 13.55 7.97 45.10
CA LYS S 577 13.44 6.80 44.24
C LYS S 577 13.60 7.20 42.77
N SER S 578 14.45 6.47 42.06
CA SER S 578 14.62 6.70 40.63
C SER S 578 13.36 6.28 39.90
N ALA S 579 12.93 7.11 38.95
CA ALA S 579 11.74 6.81 38.16
C ALA S 579 12.01 7.10 36.71
N MET S 580 11.39 6.31 35.84
CA MET S 580 11.53 6.50 34.40
C MET S 580 10.57 7.58 33.95
N GLU S 581 11.10 8.72 33.54
CA GLU S 581 10.32 9.87 33.13
C GLU S 581 10.69 10.28 31.71
N PRO S 582 9.77 10.92 30.99
CA PRO S 582 10.11 11.44 29.66
C PRO S 582 10.95 12.70 29.78
N VAL S 583 11.97 12.80 28.93
CA VAL S 583 12.87 13.95 28.92
C VAL S 583 12.94 14.48 27.50
N TRP S 584 12.90 15.80 27.37
CA TRP S 584 12.91 16.47 26.08
C TRP S 584 14.33 16.45 25.53
N ASN S 585 14.56 15.68 24.48
CA ASN S 585 15.87 15.64 23.84
C ASN S 585 16.06 16.74 22.81
N GLY S 586 15.09 17.64 22.66
CA GLY S 586 15.12 18.68 21.65
C GLY S 586 14.07 18.51 20.57
N LYS S 587 13.67 17.26 20.29
CA LYS S 587 12.63 17.01 19.30
C LYS S 587 11.59 15.99 19.74
N GLU S 588 11.83 15.23 20.80
CA GLU S 588 10.87 14.23 21.25
C GLU S 588 11.15 13.92 22.72
N PHE S 589 10.33 13.04 23.29
CA PHE S 589 10.43 12.68 24.70
C PHE S 589 11.07 11.29 24.79
N VAL S 590 12.35 11.25 25.13
CA VAL S 590 13.05 9.99 25.33
C VAL S 590 12.83 9.54 26.76
N PRO S 591 12.55 8.27 27.01
CA PRO S 591 12.37 7.81 28.40
C PRO S 591 13.69 7.65 29.12
N ARG S 592 14.02 8.59 30.01
CA ARG S 592 15.23 8.50 30.81
C ARG S 592 14.89 8.09 32.23
N LEU S 593 15.91 7.83 33.03
CA LEU S 593 15.73 7.40 34.40
C LEU S 593 16.22 8.51 35.33
N MET S 594 15.27 9.31 35.82
CA MET S 594 15.61 10.46 36.63
C MET S 594 15.60 10.08 38.11
N LEU S 595 16.65 10.51 38.82
CA LEU S 595 16.82 10.31 40.25
C LEU S 595 16.58 11.65 40.93
N PRO S 596 15.57 11.77 41.79
CA PRO S 596 15.30 13.06 42.44
C PRO S 596 16.18 13.25 43.67
N ILE S 597 17.03 14.26 43.62
CA ILE S 597 17.86 14.65 44.75
C ILE S 597 17.31 15.94 45.33
N SER S 598 17.76 16.27 46.54
CA SER S 598 17.29 17.48 47.22
C SER S 598 18.35 17.92 48.18
N LEU S 599 18.92 19.11 47.96
CA LEU S 599 19.96 19.66 48.80
C LEU S 599 19.32 20.60 49.81
N SER S 600 19.33 20.22 51.08
CA SER S 600 18.86 21.08 52.15
C SER S 600 20.08 21.65 52.86
N PHE S 601 20.21 22.97 52.87
CA PHE S 601 21.43 23.57 53.37
C PHE S 601 21.11 24.73 54.32
N ASP S 602 22.11 25.04 55.14
CA ASP S 602 22.06 26.17 56.05
C ASP S 602 22.19 27.46 55.27
N HIS S 603 21.19 28.34 55.43
CA HIS S 603 21.14 29.63 54.69
C HIS S 603 22.15 30.65 55.25
N ARG S 604 22.64 30.44 56.48
CA ARG S 604 23.58 31.39 57.05
C ARG S 604 24.93 31.34 56.34
N VAL S 605 25.37 30.14 55.97
CA VAL S 605 26.63 29.97 55.26
C VAL S 605 26.43 30.11 53.76
N ILE S 606 25.46 29.39 53.21
CA ILE S 606 25.23 29.30 51.78
C ILE S 606 23.98 30.09 51.44
N ASP S 607 23.96 30.70 50.25
CA ASP S 607 22.77 31.37 49.77
C ASP S 607 22.14 30.53 48.66
N GLY S 608 20.99 30.99 48.17
CA GLY S 608 20.24 30.21 47.19
C GLY S 608 21.03 29.94 45.93
N ALA S 609 21.81 30.92 45.48
CA ALA S 609 22.58 30.75 44.25
C ALA S 609 23.69 29.72 44.42
N ASP S 610 24.38 29.74 45.55
CA ASP S 610 25.44 28.75 45.77
C ASP S 610 24.85 27.35 45.90
N GLY S 611 23.71 27.23 46.59
CA GLY S 611 23.03 25.94 46.63
C GLY S 611 22.62 25.47 45.25
N ALA S 612 22.19 26.40 44.40
CA ALA S 612 21.81 26.05 43.03
C ALA S 612 23.02 25.54 42.26
N ARG S 613 24.14 26.25 42.35
CA ARG S 613 25.35 25.82 41.64
C ARG S 613 25.84 24.47 42.17
N PHE S 614 25.72 24.25 43.48
CA PHE S 614 26.18 23.00 44.05
C PHE S 614 25.32 21.83 43.58
N ILE S 615 24.00 21.97 43.66
CA ILE S 615 23.15 20.87 43.25
C ILE S 615 23.20 20.67 41.76
N THR S 616 23.51 21.72 40.97
CA THR S 616 23.65 21.49 39.54
C THR S 616 25.00 20.86 39.21
N ILE S 617 26.02 21.09 40.03
CA ILE S 617 27.26 20.35 39.88
C ILE S 617 27.03 18.87 40.14
N ILE S 618 26.30 18.57 41.22
CA ILE S 618 25.97 17.17 41.50
C ILE S 618 25.14 16.58 40.37
N ASN S 619 24.17 17.34 39.86
CA ASN S 619 23.32 16.86 38.77
C ASN S 619 24.14 16.58 37.52
N ASN S 620 25.08 17.46 37.19
CA ASN S 620 25.91 17.26 36.01
C ASN S 620 26.83 16.06 36.20
N THR S 621 27.43 15.93 37.39
CA THR S 621 28.35 14.82 37.64
C THR S 621 27.62 13.48 37.54
N LEU S 622 26.49 13.35 38.22
CA LEU S 622 25.75 12.09 38.16
C LEU S 622 25.07 11.88 36.81
N SER S 623 24.83 12.96 36.06
CA SER S 623 24.23 12.80 34.74
C SER S 623 25.21 12.17 33.75
N ASP S 624 26.49 12.52 33.87
CA ASP S 624 27.55 11.94 33.05
C ASP S 624 28.73 11.72 33.98
N ILE S 625 28.85 10.50 34.51
CA ILE S 625 29.82 10.21 35.54
C ILE S 625 31.26 10.37 35.06
N ARG S 626 31.49 10.41 33.76
CA ARG S 626 32.83 10.62 33.23
C ARG S 626 33.43 11.93 33.71
N ARG S 627 32.61 12.88 34.16
CA ARG S 627 33.14 14.12 34.69
C ARG S 627 33.88 13.93 36.01
N LEU S 628 33.96 12.72 36.54
CA LEU S 628 34.76 12.49 37.73
C LEU S 628 36.24 12.34 37.42
N VAL S 629 36.61 12.10 36.15
CA VAL S 629 38.02 11.98 35.80
C VAL S 629 38.62 13.33 35.40
N MET S 630 37.80 14.30 35.02
CA MET S 630 38.30 15.62 34.62
C MET S 630 38.82 16.40 35.82
N GLU T 208 -29.40 19.56 84.51
CA GLU T 208 -28.06 20.13 84.53
C GLU T 208 -27.54 20.16 83.09
N VAL T 209 -27.23 21.36 82.60
CA VAL T 209 -26.65 21.56 81.27
C VAL T 209 -25.39 22.38 81.46
N ASN T 210 -24.25 21.70 81.62
CA ASN T 210 -22.95 22.37 81.62
C ASN T 210 -22.58 22.65 80.18
N VAL T 211 -21.31 22.99 79.94
CA VAL T 211 -20.80 22.93 78.58
C VAL T 211 -20.44 21.46 78.32
N PRO T 212 -20.82 20.90 77.19
CA PRO T 212 -20.64 19.45 76.98
C PRO T 212 -19.19 19.06 76.71
N ASP T 213 -18.49 19.83 75.86
CA ASP T 213 -17.09 19.40 75.57
C ASP T 213 -16.20 20.50 75.00
N ILE T 214 -15.39 21.11 75.87
CA ILE T 214 -14.34 22.04 75.49
C ILE T 214 -13.04 21.54 76.11
N GLY T 215 -11.97 21.52 75.32
CA GLY T 215 -10.71 20.93 75.75
C GLY T 215 -10.08 21.59 76.96
N GLY T 216 -10.63 22.69 77.44
CA GLY T 216 -10.11 23.36 78.62
C GLY T 216 -9.66 24.79 78.36
N ASP T 217 -10.25 25.42 77.35
CA ASP T 217 -9.95 26.80 77.03
C ASP T 217 -11.12 27.68 77.46
N GLU T 218 -10.80 28.89 77.93
CA GLU T 218 -11.82 29.83 78.34
C GLU T 218 -12.44 30.47 77.10
N VAL T 219 -13.71 30.16 76.85
CA VAL T 219 -14.41 30.57 75.64
C VAL T 219 -15.43 31.65 75.99
N GLU T 220 -15.53 32.66 75.13
CA GLU T 220 -16.42 33.79 75.33
C GLU T 220 -17.70 33.60 74.53
N VAL T 221 -18.84 33.68 75.21
CA VAL T 221 -20.13 33.51 74.54
C VAL T 221 -20.36 34.63 73.52
N THR T 222 -21.10 34.31 72.46
CA THR T 222 -21.57 35.29 71.51
C THR T 222 -23.06 35.55 71.63
N GLU T 223 -23.89 34.51 71.63
CA GLU T 223 -25.33 34.66 71.81
C GLU T 223 -25.93 33.30 72.15
N VAL T 224 -27.24 33.29 72.44
CA VAL T 224 -27.97 32.09 72.80
C VAL T 224 -29.01 31.82 71.72
N MET T 225 -29.56 30.61 71.75
CA MET T 225 -30.47 30.12 70.71
C MET T 225 -31.90 29.90 71.20
N VAL T 226 -32.19 30.17 72.47
CA VAL T 226 -33.43 29.70 73.07
C VAL T 226 -34.31 30.85 73.55
N LYS T 227 -35.47 30.52 74.09
CA LYS T 227 -36.43 31.46 74.63
C LYS T 227 -36.86 31.01 76.02
N VAL T 228 -37.29 31.95 76.85
CA VAL T 228 -37.85 31.61 78.15
C VAL T 228 -39.19 30.93 77.92
N GLY T 229 -39.26 29.64 78.20
CA GLY T 229 -40.42 28.82 77.92
C GLY T 229 -40.23 27.83 76.78
N ASP T 230 -39.32 28.10 75.86
CA ASP T 230 -39.03 27.18 74.77
C ASP T 230 -38.49 25.86 75.31
N LYS T 231 -38.73 24.78 74.56
CA LYS T 231 -38.15 23.48 74.87
C LYS T 231 -37.32 23.03 73.68
N VAL T 232 -36.16 22.45 73.97
CA VAL T 232 -35.13 22.20 72.97
C VAL T 232 -35.11 20.72 72.63
N ALA T 233 -34.67 20.41 71.41
CA ALA T 233 -34.71 19.04 70.89
C ALA T 233 -33.54 18.23 71.47
N ALA T 234 -33.31 17.06 70.88
CA ALA T 234 -32.32 16.12 71.41
C ALA T 234 -30.93 16.72 71.41
N GLU T 235 -30.43 17.08 70.23
CA GLU T 235 -29.08 17.67 70.09
C GLU T 235 -29.10 18.80 69.06
N GLN T 236 -29.45 20.02 69.50
CA GLN T 236 -29.49 21.17 68.59
C GLN T 236 -28.88 22.37 69.29
N SER T 237 -28.82 23.49 68.58
CA SER T 237 -28.12 24.67 69.07
C SER T 237 -28.83 25.27 70.27
N LEU T 238 -28.04 25.64 71.28
CA LEU T 238 -28.49 26.43 72.43
C LEU T 238 -27.70 27.71 72.60
N ILE T 239 -26.40 27.68 72.36
CA ILE T 239 -25.51 28.79 72.64
C ILE T 239 -24.31 28.72 71.71
N THR T 240 -23.95 29.86 71.12
CA THR T 240 -22.75 29.93 70.31
C THR T 240 -21.64 30.58 71.12
N VAL T 241 -20.46 29.99 71.10
CA VAL T 241 -19.30 30.48 71.85
C VAL T 241 -18.13 30.60 70.89
N GLU T 242 -17.44 31.73 70.95
CA GLU T 242 -16.40 32.07 69.97
C GLU T 242 -15.05 31.71 70.57
N GLY T 243 -14.59 30.49 70.29
CA GLY T 243 -13.30 30.01 70.76
C GLY T 243 -12.23 30.14 69.72
N ASP T 244 -11.33 29.17 69.68
CA ASP T 244 -10.29 29.15 68.67
C ASP T 244 -10.84 28.56 67.39
CB LA2 T 245 -10.66 26.53 65.10
C LA2 T 245 -11.74 28.74 64.55
O LA2 T 245 -11.66 29.59 63.64
N LA2 T 245 -10.04 28.59 66.33
CA LA2 T 245 -10.45 28.04 65.00
O1 LA2 T 245 -4.74 25.59 62.84
C1 LA2 T 245 -5.77 25.01 62.50
NZ LA2 T 245 -6.95 25.30 63.06
CE LA2 T 245 -8.06 24.35 63.17
CD LA2 T 245 -9.37 25.05 63.48
CG LA2 T 245 -9.40 25.69 64.85
C2 LA2 T 245 -5.78 23.96 61.42
C3 LA2 T 245 -4.69 24.17 60.40
C4 LA2 T 245 -3.95 22.89 60.04
C5 LA2 T 245 -2.99 22.95 58.88
C6 LA2 T 245 -1.92 24.03 58.98
S6 LA2 T 245 -0.95 23.89 60.52
C7 LA2 T 245 -1.03 24.14 57.76
C8 LA2 T 245 -1.80 24.34 56.46
S8 LA2 T 245 -0.99 25.42 55.27
N ALA T 246 -12.88 28.38 65.16
CA ALA T 246 -14.16 28.98 64.80
C ALA T 246 -15.18 28.88 65.93
N SER T 247 -16.24 29.68 65.83
CA SER T 247 -17.29 29.67 66.84
C SER T 247 -18.08 28.38 66.79
N MET T 248 -18.39 27.84 67.96
CA MET T 248 -19.00 26.53 68.12
C MET T 248 -20.37 26.65 68.79
N GLU T 249 -21.33 25.89 68.29
CA GLU T 249 -22.69 25.86 68.83
C GLU T 249 -22.82 24.65 69.75
N VAL T 250 -23.03 24.90 71.03
CA VAL T 250 -23.20 23.81 71.99
C VAL T 250 -24.48 23.05 71.67
N PRO T 251 -24.44 21.72 71.57
CA PRO T 251 -25.66 20.96 71.26
C PRO T 251 -26.51 20.77 72.50
N ALA T 252 -27.65 20.11 72.30
CA ALA T 252 -28.44 19.85 73.50
C ALA T 252 -28.09 18.48 74.07
N PRO T 253 -28.08 18.34 75.40
CA PRO T 253 -27.90 17.01 76.00
C PRO T 253 -29.19 16.20 76.04
N PHE T 254 -30.34 16.83 76.03
CA PHE T 254 -31.64 16.17 76.20
C PHE T 254 -32.71 17.19 75.83
N ALA T 255 -33.98 16.78 76.00
CA ALA T 255 -35.13 17.65 75.69
C ALA T 255 -35.81 18.15 76.98
N GLY T 256 -36.30 19.39 76.97
CA GLY T 256 -36.95 19.99 78.12
C GLY T 256 -37.10 21.47 77.96
N VAL T 257 -38.13 22.00 78.63
CA VAL T 257 -38.43 23.42 78.58
C VAL T 257 -37.45 24.17 79.47
N VAL T 258 -37.32 25.47 79.21
CA VAL T 258 -36.29 26.32 79.81
C VAL T 258 -36.69 26.67 81.24
N LYS T 259 -35.70 26.64 82.16
CA LYS T 259 -35.83 27.11 83.54
C LYS T 259 -34.85 28.20 83.91
N GLU T 260 -33.63 28.14 83.39
CA GLU T 260 -32.55 29.07 83.72
C GLU T 260 -31.99 29.69 82.46
N LEU T 261 -31.89 31.02 82.46
CA LEU T 261 -30.89 31.70 81.64
C LEU T 261 -29.64 31.95 82.48
N LYS T 262 -29.07 30.85 82.97
CA LYS T 262 -27.87 30.96 83.78
C LYS T 262 -26.73 31.58 82.98
N VAL T 263 -26.70 31.35 81.67
CA VAL T 263 -25.82 32.07 80.76
C VAL T 263 -26.65 33.13 80.03
N ASN T 264 -25.99 34.19 79.57
CA ASN T 264 -26.62 35.24 78.78
C ASN T 264 -25.79 35.54 77.55
N VAL T 265 -26.15 36.62 76.85
CA VAL T 265 -25.41 37.06 75.67
C VAL T 265 -24.23 37.90 76.12
N GLY T 266 -23.02 37.42 75.86
CA GLY T 266 -21.80 38.12 76.24
C GLY T 266 -21.03 37.46 77.36
N ASP T 267 -21.59 36.39 77.93
CA ASP T 267 -20.96 35.65 79.06
C ASP T 267 -19.66 34.99 78.60
N LYS T 268 -19.01 34.25 79.51
CA LYS T 268 -17.76 33.55 79.23
C LYS T 268 -17.64 32.35 80.15
N VAL T 269 -17.32 31.19 79.57
CA VAL T 269 -17.20 29.93 80.31
C VAL T 269 -15.88 29.28 79.96
N LYS T 270 -15.15 28.84 80.98
CA LYS T 270 -13.92 28.08 80.76
C LYS T 270 -14.18 26.59 80.61
N THR T 271 -15.05 26.03 81.45
CA THR T 271 -15.36 24.59 81.36
C THR T 271 -16.32 24.15 82.48
N GLY T 272 -17.31 23.32 82.12
CA GLY T 272 -18.29 22.77 83.04
C GLY T 272 -19.04 23.73 83.93
N SER T 273 -19.52 24.84 83.37
CA SER T 273 -20.32 25.81 84.11
C SER T 273 -21.79 25.62 83.75
N LEU T 274 -22.63 25.60 84.78
CA LEU T 274 -24.06 25.38 84.58
C LEU T 274 -24.67 26.59 83.86
N ILE T 275 -25.08 26.38 82.61
CA ILE T 275 -25.68 27.46 81.83
C ILE T 275 -27.17 27.27 81.62
N MET T 276 -27.69 26.05 81.69
CA MET T 276 -29.11 25.81 81.46
C MET T 276 -29.62 24.73 82.41
N ILE T 277 -30.85 24.93 82.88
CA ILE T 277 -31.63 23.91 83.58
C ILE T 277 -32.94 23.77 82.83
N PHE T 278 -33.43 22.54 82.71
CA PHE T 278 -34.59 22.26 81.86
C PHE T 278 -35.64 21.50 82.66
N GLU T 279 -36.75 21.19 81.98
CA GLU T 279 -37.84 20.42 82.54
C GLU T 279 -38.32 19.40 81.51
N VAL T 280 -38.80 18.27 82.01
CA VAL T 280 -39.34 17.21 81.16
C VAL T 280 -40.29 16.32 81.95
N PRO T 384 18.46 32.35 71.15
CA PRO T 384 18.97 33.28 72.16
C PRO T 384 18.64 34.73 71.84
N GLY T 385 19.66 35.52 71.52
CA GLY T 385 19.46 36.91 71.16
C GLY T 385 19.41 37.12 69.67
N MET T 386 18.20 37.26 69.13
CA MET T 386 18.01 37.48 67.70
C MET T 386 17.70 38.94 67.42
N LEU T 387 17.88 39.33 66.16
CA LEU T 387 17.55 40.68 65.75
C LEU T 387 16.04 40.91 65.85
N PRO T 388 15.62 42.14 66.15
CA PRO T 388 14.19 42.42 66.20
C PRO T 388 13.59 42.49 64.80
N TRP T 389 12.27 42.56 64.76
CA TRP T 389 11.57 42.67 63.49
C TRP T 389 12.01 43.94 62.77
N PRO T 390 12.08 43.93 61.45
CA PRO T 390 12.57 45.12 60.72
C PRO T 390 11.66 46.33 60.91
N LYS T 391 12.16 47.34 61.60
CA LYS T 391 11.42 48.58 61.81
C LYS T 391 11.42 49.38 60.52
N VAL T 392 10.26 49.45 59.85
CA VAL T 392 10.14 50.13 58.57
C VAL T 392 8.97 51.10 58.65
N ASP T 393 9.16 52.31 58.10
CA ASP T 393 8.09 53.27 57.95
C ASP T 393 7.39 52.97 56.64
N PHE T 394 6.37 52.12 56.71
CA PHE T 394 5.71 51.60 55.52
C PHE T 394 4.95 52.68 54.75
N SER T 395 4.76 53.87 55.33
CA SER T 395 4.00 54.92 54.68
C SER T 395 4.85 55.83 53.82
N LYS T 396 6.17 55.80 53.98
CA LYS T 396 7.02 56.66 53.16
C LYS T 396 7.13 56.19 51.72
N PHE T 397 6.68 54.98 51.41
CA PHE T 397 6.68 54.48 50.03
C PHE T 397 5.31 54.55 49.39
N GLY T 398 4.24 54.68 50.18
CA GLY T 398 2.91 54.75 49.62
C GLY T 398 1.89 54.88 50.73
N GLU T 399 0.65 54.53 50.39
CA GLU T 399 -0.50 54.55 51.33
C GLU T 399 -0.68 53.15 51.93
N ILE T 400 -0.90 53.08 53.24
CA ILE T 400 -1.07 51.82 53.94
C ILE T 400 -2.43 51.83 54.63
N GLU T 401 -2.75 50.72 55.29
CA GLU T 401 -3.98 50.59 56.06
C GLU T 401 -3.73 49.53 57.13
N GLU T 402 -3.48 49.97 58.36
CA GLU T 402 -3.07 49.07 59.44
C GLU T 402 -4.31 48.40 60.03
N VAL T 403 -4.75 47.35 59.36
CA VAL T 403 -5.82 46.51 59.91
C VAL T 403 -5.24 45.66 61.02
N GLU T 404 -6.11 45.24 61.95
CA GLU T 404 -5.71 44.44 63.09
C GLU T 404 -6.32 43.05 62.98
N LEU T 405 -5.51 42.03 63.25
CA LEU T 405 -5.95 40.65 63.07
C LEU T 405 -7.03 40.29 64.09
N GLY T 406 -8.03 39.53 63.64
CA GLY T 406 -9.04 39.03 64.54
C GLY T 406 -8.45 38.11 65.59
N ARG T 407 -9.28 37.78 66.59
CA ARG T 407 -8.79 36.98 67.70
C ARG T 407 -8.48 35.55 67.26
N ILE T 408 -9.26 35.00 66.34
CA ILE T 408 -8.95 33.66 65.83
C ILE T 408 -7.71 33.70 64.97
N GLN T 409 -7.50 34.79 64.22
CA GLN T 409 -6.27 34.92 63.44
C GLN T 409 -5.05 35.05 64.35
N LYS T 410 -5.17 35.84 65.42
CA LYS T 410 -4.07 35.93 66.38
C LYS T 410 -3.77 34.57 67.02
N ILE T 411 -4.82 33.84 67.39
CA ILE T 411 -4.62 32.55 68.05
C ILE T 411 -4.00 31.55 67.09
N SER T 412 -4.46 31.52 65.84
CA SER T 412 -3.89 30.61 64.86
C SER T 412 -2.44 30.98 64.55
N GLY T 413 -2.13 32.28 64.51
CA GLY T 413 -0.77 32.70 64.31
C GLY T 413 0.15 32.28 65.44
N ALA T 414 -0.33 32.42 66.68
CA ALA T 414 0.46 31.97 67.83
C ALA T 414 0.66 30.46 67.79
N ASN T 415 -0.39 29.71 67.45
CA ASN T 415 -0.27 28.26 67.38
C ASN T 415 0.72 27.83 66.30
N LEU T 416 0.67 28.47 65.13
CA LEU T 416 1.60 28.13 64.07
C LEU T 416 3.02 28.56 64.40
N SER T 417 3.19 29.69 65.08
CA SER T 417 4.53 30.12 65.47
C SER T 417 5.09 29.28 66.60
N ARG T 418 4.24 28.57 67.33
CA ARG T 418 4.74 27.58 68.28
C ARG T 418 5.10 26.28 67.58
N ASN T 419 4.24 25.82 66.67
CA ASN T 419 4.51 24.58 65.95
C ASN T 419 5.75 24.69 65.09
N TRP T 420 6.02 25.87 64.53
CA TRP T 420 7.19 26.03 63.69
C TRP T 420 8.48 25.89 64.49
N VAL T 421 8.53 26.50 65.67
CA VAL T 421 9.74 26.46 66.48
C VAL T 421 9.91 25.09 67.13
N MET T 422 8.88 24.60 67.81
CA MET T 422 9.02 23.43 68.65
C MET T 422 9.05 22.11 67.88
N ILE T 423 8.69 22.11 66.61
CA ILE T 423 8.61 20.88 65.81
C ILE T 423 9.66 20.95 64.71
N PRO T 424 10.60 20.01 64.65
CA PRO T 424 11.45 19.91 63.46
C PRO T 424 10.71 19.24 62.32
N HIS T 425 10.29 20.01 61.33
CA HIS T 425 9.48 19.48 60.24
C HIS T 425 10.35 18.81 59.19
N VAL T 426 9.86 17.71 58.64
CA VAL T 426 10.42 17.12 57.44
C VAL T 426 9.27 16.75 56.52
N THR T 427 9.38 17.12 55.25
CA THR T 427 8.29 16.98 54.30
C THR T 427 8.72 16.03 53.19
N HIS T 428 8.02 14.90 53.07
CA HIS T 428 8.24 13.94 52.01
C HIS T 428 7.15 14.10 50.97
N PHE T 429 7.52 14.38 49.74
CA PHE T 429 6.54 14.51 48.68
C PHE T 429 6.38 13.18 47.96
N ASP T 430 5.22 13.00 47.33
CA ASP T 430 4.96 11.75 46.63
C ASP T 430 3.81 11.98 45.65
N LYS T 431 3.66 11.04 44.73
CA LYS T 431 2.61 11.07 43.72
C LYS T 431 1.94 9.71 43.68
N THR T 432 0.61 9.70 43.70
CA THR T 432 -0.17 8.48 43.79
C THR T 432 -1.00 8.30 42.52
N ASP T 433 -0.90 7.13 41.90
CA ASP T 433 -1.67 6.83 40.70
C ASP T 433 -3.10 6.51 41.12
N ILE T 434 -4.01 7.46 40.90
CA ILE T 434 -5.38 7.31 41.37
C ILE T 434 -6.35 7.26 40.20
N THR T 435 -5.90 6.73 39.06
CA THR T 435 -6.80 6.59 37.92
C THR T 435 -7.95 5.63 38.24
N GLU T 436 -7.60 4.44 38.76
CA GLU T 436 -8.63 3.49 39.14
C GLU T 436 -9.52 4.03 40.25
N LEU T 437 -8.91 4.73 41.21
CA LEU T 437 -9.69 5.30 42.30
C LEU T 437 -10.66 6.35 41.80
N GLU T 438 -10.24 7.18 40.85
CA GLU T 438 -11.14 8.21 40.34
C GLU T 438 -12.25 7.60 39.49
N ALA T 439 -11.93 6.61 38.67
CA ALA T 439 -12.96 5.90 37.92
C ALA T 439 -13.99 5.28 38.87
N PHE T 440 -13.51 4.63 39.92
CA PHE T 440 -14.41 3.99 40.87
C PHE T 440 -15.24 5.02 41.64
N ARG T 441 -14.65 6.17 41.95
CA ARG T 441 -15.39 7.21 42.66
C ARG T 441 -16.48 7.80 41.77
N LYS T 442 -16.19 8.02 40.50
CA LYS T 442 -17.22 8.49 39.58
C LYS T 442 -18.32 7.45 39.40
N GLN T 443 -17.94 6.18 39.30
CA GLN T 443 -18.94 5.12 39.16
C GLN T 443 -19.84 5.06 40.39
N GLN T 444 -19.26 5.19 41.59
CA GLN T 444 -20.07 5.15 42.80
C GLN T 444 -20.88 6.42 43.00
N ASN T 445 -20.43 7.55 42.46
CA ASN T 445 -21.24 8.76 42.51
C ASN T 445 -22.43 8.65 41.58
N GLU T 446 -22.26 8.00 40.43
CA GLU T 446 -23.40 7.70 39.58
C GLU T 446 -24.36 6.73 40.26
N GLU T 447 -23.83 5.59 40.72
CA GLU T 447 -24.67 4.56 41.32
C GLU T 447 -25.37 5.06 42.57
N ALA T 448 -24.74 5.94 43.34
CA ALA T 448 -25.39 6.52 44.51
C ALA T 448 -26.36 7.64 44.14
N ALA T 449 -26.48 7.96 42.85
CA ALA T 449 -27.47 8.92 42.37
C ALA T 449 -28.72 8.22 41.86
N LYS T 450 -28.56 7.29 40.91
CA LYS T 450 -29.71 6.54 40.41
C LYS T 450 -30.34 5.64 41.44
N ARG T 451 -29.76 5.53 42.64
CA ARG T 451 -30.38 4.82 43.76
C ARG T 451 -30.85 5.77 44.85
N LYS T 452 -30.78 7.08 44.61
CA LYS T 452 -31.34 8.10 45.50
C LYS T 452 -30.81 7.96 46.93
N LEU T 453 -29.49 8.10 47.06
CA LEU T 453 -28.86 8.14 48.37
C LEU T 453 -28.56 9.55 48.85
N ASP T 454 -28.56 10.53 47.95
CA ASP T 454 -28.24 11.92 48.28
C ASP T 454 -26.91 12.02 49.02
N VAL T 455 -25.88 11.42 48.42
CA VAL T 455 -24.53 11.47 48.97
C VAL T 455 -23.57 11.77 47.81
N LYS T 456 -22.54 12.55 48.11
CA LYS T 456 -21.52 12.91 47.14
C LYS T 456 -20.18 12.44 47.67
N ILE T 457 -19.53 11.53 46.94
CA ILE T 457 -18.30 10.91 47.39
C ILE T 457 -17.13 11.71 46.83
N THR T 458 -16.50 12.50 47.68
CA THR T 458 -15.35 13.32 47.33
C THR T 458 -14.08 12.47 47.33
N PRO T 459 -13.03 12.92 46.65
CA PRO T 459 -11.76 12.18 46.71
C PRO T 459 -11.08 12.22 48.06
N VAL T 460 -11.64 12.93 49.04
CA VAL T 460 -10.99 13.05 50.34
C VAL T 460 -11.31 11.89 51.27
N VAL T 461 -12.47 11.26 51.11
CA VAL T 461 -12.80 10.14 52.00
C VAL T 461 -11.92 8.94 51.72
N PHE T 462 -11.55 8.73 50.45
CA PHE T 462 -10.59 7.67 50.15
C PHE T 462 -9.25 7.95 50.79
N ILE T 463 -8.85 9.22 50.85
CA ILE T 463 -7.60 9.57 51.50
C ILE T 463 -7.70 9.39 53.01
N MET T 464 -8.87 9.68 53.58
CA MET T 464 -9.08 9.44 55.00
C MET T 464 -8.96 7.95 55.31
N LYS T 465 -9.55 7.10 54.46
CA LYS T 465 -9.45 5.66 54.67
C LYS T 465 -8.01 5.18 54.51
N ALA T 466 -7.30 5.71 53.51
CA ALA T 466 -5.91 5.31 53.30
C ALA T 466 -5.04 5.72 54.48
N VAL T 467 -5.27 6.91 55.02
CA VAL T 467 -4.48 7.37 56.16
C VAL T 467 -4.84 6.58 57.41
N ALA T 468 -6.11 6.20 57.57
CA ALA T 468 -6.48 5.36 58.70
C ALA T 468 -5.80 3.99 58.61
N ALA T 469 -5.76 3.42 57.40
CA ALA T 469 -5.04 2.17 57.21
C ALA T 469 -3.56 2.34 57.54
N ALA T 470 -2.95 3.42 57.08
CA ALA T 470 -1.53 3.65 57.34
C ALA T 470 -1.26 3.85 58.82
N LEU T 471 -2.21 4.46 59.55
CA LEU T 471 -2.04 4.60 60.99
C LEU T 471 -2.23 3.26 61.70
N GLU T 472 -3.06 2.39 61.14
CA GLU T 472 -3.16 1.03 61.66
C GLU T 472 -1.84 0.28 61.48
N GLN T 473 -1.23 0.40 60.31
CA GLN T 473 -0.01 -0.35 60.03
C GLN T 473 1.19 0.25 60.75
N MET T 474 1.32 1.57 60.75
CA MET T 474 2.43 2.23 61.42
C MET T 474 1.91 3.04 62.61
N PRO T 475 1.71 2.41 63.76
CA PRO T 475 1.11 3.12 64.90
C PRO T 475 1.99 4.21 65.49
N ARG T 476 3.26 4.29 65.10
CA ARG T 476 4.11 5.37 65.58
C ARG T 476 3.64 6.73 65.08
N PHE T 477 2.93 6.76 63.94
CA PHE T 477 2.42 8.02 63.41
C PHE T 477 1.15 8.47 64.15
N ASN T 478 0.50 7.58 64.87
CA ASN T 478 -0.66 7.94 65.67
C ASN T 478 -0.21 8.18 67.11
N SER T 479 0.61 9.21 67.28
CA SER T 479 1.27 9.48 68.54
C SER T 479 1.12 10.96 68.88
N SER T 480 1.79 11.37 69.95
CA SER T 480 1.83 12.76 70.38
C SER T 480 2.89 12.90 71.46
N LEU T 481 3.67 13.97 71.37
CA LEU T 481 4.73 14.24 72.33
C LEU T 481 4.21 15.12 73.47
N SER T 482 5.01 15.19 74.52
CA SER T 482 4.70 16.02 75.66
C SER T 482 5.33 17.40 75.53
N GLU T 483 5.10 18.24 76.54
CA GLU T 483 5.68 19.57 76.59
C GLU T 483 7.20 19.51 76.44
N ASP T 484 7.85 18.67 77.23
CA ASP T 484 9.31 18.53 77.18
C ASP T 484 9.79 17.66 76.03
N GLY T 485 8.91 16.91 75.36
CA GLY T 485 9.33 16.06 74.27
C GLY T 485 10.11 14.83 74.72
N GLN T 486 9.71 14.22 75.83
CA GLN T 486 10.39 13.06 76.36
C GLN T 486 9.50 11.83 76.51
N ARG T 487 8.18 11.99 76.51
CA ARG T 487 7.25 10.87 76.67
C ARG T 487 6.27 10.90 75.51
N LEU T 488 6.23 9.80 74.74
CA LEU T 488 5.27 9.67 73.67
C LEU T 488 3.93 9.20 74.21
N THR T 489 2.88 9.39 73.41
CA THR T 489 1.53 8.96 73.76
C THR T 489 0.96 8.19 72.58
N LEU T 490 1.25 6.89 72.53
CA LEU T 490 0.77 6.06 71.43
C LEU T 490 -0.74 5.89 71.55
N LYS T 491 -1.48 6.58 70.68
CA LYS T 491 -2.93 6.45 70.66
C LYS T 491 -3.34 5.19 69.93
N LYS T 492 -4.43 4.58 70.39
CA LYS T 492 -4.98 3.40 69.75
C LYS T 492 -6.20 3.67 68.89
N TYR T 493 -6.88 4.78 69.13
CA TYR T 493 -7.97 5.21 68.27
C TYR T 493 -7.40 5.95 67.07
N ILE T 494 -8.23 6.10 66.04
CA ILE T 494 -7.82 6.73 64.79
C ILE T 494 -8.90 7.76 64.43
N ASN T 495 -8.68 9.00 64.83
CA ASN T 495 -9.49 10.13 64.38
C ASN T 495 -8.64 10.97 63.44
N ILE T 496 -9.28 11.56 62.44
CA ILE T 496 -8.58 12.30 61.41
C ILE T 496 -9.29 13.63 61.20
N GLY T 497 -8.56 14.72 61.38
CA GLY T 497 -9.09 16.02 61.02
C GLY T 497 -8.90 16.26 59.52
N VAL T 498 -9.87 16.95 58.94
CA VAL T 498 -9.86 17.24 57.51
C VAL T 498 -10.06 18.74 57.35
N ALA T 499 -9.03 19.43 56.88
CA ALA T 499 -9.06 20.89 56.80
C ALA T 499 -10.13 21.32 55.80
N VAL T 500 -11.21 21.91 56.30
CA VAL T 500 -12.28 22.48 55.50
C VAL T 500 -12.04 23.98 55.39
N ASP T 501 -12.40 24.55 54.24
CA ASP T 501 -12.14 25.95 53.94
C ASP T 501 -13.43 26.74 54.13
N THR T 502 -13.55 27.38 55.28
CA THR T 502 -14.63 28.31 55.57
C THR T 502 -14.21 29.71 55.18
N PRO T 503 -15.17 30.63 55.01
CA PRO T 503 -14.82 32.03 54.70
C PRO T 503 -13.86 32.66 55.70
N ASN T 504 -13.74 32.04 56.87
CA ASN T 504 -12.83 32.51 57.92
C ASN T 504 -11.57 31.65 57.99
N GLY T 505 -11.08 31.19 56.85
CA GLY T 505 -9.87 30.38 56.82
C GLY T 505 -10.15 28.89 56.88
N LEU T 506 -9.09 28.15 57.19
CA LEU T 506 -9.16 26.70 57.28
C LEU T 506 -9.45 26.29 58.72
N VAL T 507 -10.54 25.56 58.92
CA VAL T 507 -10.86 24.95 60.20
C VAL T 507 -10.73 23.45 60.04
N VAL T 508 -10.29 22.77 61.10
CA VAL T 508 -10.05 21.33 61.00
C VAL T 508 -11.09 20.58 61.84
N PRO T 509 -12.16 20.09 61.24
CA PRO T 509 -13.04 19.18 61.96
C PRO T 509 -12.53 17.76 61.96
N VAL T 510 -12.78 17.07 63.07
CA VAL T 510 -12.21 15.75 63.33
C VAL T 510 -13.29 14.70 63.13
N PHE T 511 -12.97 13.65 62.38
CA PHE T 511 -13.85 12.52 62.17
C PHE T 511 -13.31 11.34 62.96
N LYS T 512 -14.18 10.71 63.74
CA LYS T 512 -13.76 9.71 64.72
C LYS T 512 -13.85 8.30 64.15
N ASP T 513 -12.92 7.46 64.58
CA ASP T 513 -12.91 6.04 64.24
C ASP T 513 -13.00 5.81 62.73
N VAL T 514 -12.17 6.55 62.00
CA VAL T 514 -12.16 6.44 60.54
C VAL T 514 -11.77 5.03 60.10
N ASN T 515 -11.01 4.32 60.92
CA ASN T 515 -10.56 2.98 60.56
C ASN T 515 -11.71 1.99 60.41
N LYS T 516 -12.83 2.24 61.08
CA LYS T 516 -13.97 1.32 61.06
C LYS T 516 -15.03 1.72 60.05
N LYS T 517 -15.40 3.00 60.01
CA LYS T 517 -16.50 3.46 59.17
C LYS T 517 -16.20 3.22 57.69
N GLY T 518 -17.27 3.05 56.91
CA GLY T 518 -17.14 2.87 55.49
C GLY T 518 -17.08 4.19 54.76
N ILE T 519 -16.82 4.11 53.44
CA ILE T 519 -16.63 5.33 52.67
C ILE T 519 -17.94 6.10 52.49
N ILE T 520 -19.08 5.41 52.46
CA ILE T 520 -20.33 6.15 52.32
C ILE T 520 -20.76 6.81 53.63
N GLU T 521 -20.58 6.14 54.77
CA GLU T 521 -20.83 6.79 56.05
C GLU T 521 -19.89 7.97 56.26
N LEU T 522 -18.60 7.78 55.97
CA LEU T 522 -17.64 8.87 56.05
C LEU T 522 -17.99 9.99 55.10
N SER T 523 -18.50 9.67 53.91
CA SER T 523 -18.85 10.70 52.95
C SER T 523 -20.04 11.50 53.42
N ARG T 524 -21.01 10.84 54.06
CA ARG T 524 -22.13 11.57 54.64
C ARG T 524 -21.66 12.48 55.78
N GLU T 525 -20.81 11.94 56.67
CA GLU T 525 -20.24 12.76 57.74
C GLU T 525 -19.52 13.97 57.18
N LEU T 526 -18.71 13.77 56.13
CA LEU T 526 -17.94 14.87 55.56
C LEU T 526 -18.84 15.89 54.90
N MET T 527 -19.84 15.43 54.13
CA MET T 527 -20.76 16.35 53.49
C MET T 527 -21.55 17.16 54.51
N THR T 528 -21.86 16.57 55.67
CA THR T 528 -22.56 17.31 56.71
C THR T 528 -21.62 18.33 57.36
N ILE T 529 -20.44 17.89 57.79
CA ILE T 529 -19.59 18.75 58.60
C ILE T 529 -18.91 19.83 57.76
N SER T 530 -18.69 19.59 56.47
CA SER T 530 -18.17 20.65 55.62
C SER T 530 -19.12 21.84 55.57
N LYS T 531 -20.41 21.57 55.39
CA LYS T 531 -21.40 22.64 55.41
C LYS T 531 -21.55 23.23 56.81
N LYS T 532 -21.51 22.37 57.83
CA LYS T 532 -21.56 22.85 59.21
C LYS T 532 -20.45 23.83 59.51
N ALA T 533 -19.28 23.63 58.89
CA ALA T 533 -18.15 24.53 59.11
C ALA T 533 -18.25 25.78 58.25
N ARG T 534 -18.55 25.61 56.96
CA ARG T 534 -18.67 26.76 56.06
C ARG T 534 -19.80 27.69 56.48
N ASP T 535 -20.77 27.21 57.26
CA ASP T 535 -21.78 28.08 57.81
C ASP T 535 -21.40 28.66 59.16
N GLY T 536 -20.54 27.97 59.91
CA GLY T 536 -20.10 28.43 61.21
C GLY T 536 -20.71 27.70 62.38
N LYS T 537 -21.65 26.80 62.14
CA LYS T 537 -22.34 26.06 63.20
C LYS T 537 -21.55 24.85 63.68
N LEU T 538 -20.25 24.79 63.38
CA LEU T 538 -19.43 23.64 63.73
C LEU T 538 -19.34 23.45 65.24
N THR T 539 -19.86 22.33 65.73
CA THR T 539 -19.99 22.11 67.17
C THR T 539 -18.68 21.59 67.75
N ALA T 540 -18.41 21.95 69.00
CA ALA T 540 -17.22 21.46 69.67
C ALA T 540 -17.28 19.94 69.82
N GLY T 541 -16.11 19.33 69.92
CA GLY T 541 -16.04 17.88 69.86
C GLY T 541 -15.97 17.40 68.42
N GLU T 542 -16.50 18.21 67.51
CA GLU T 542 -16.27 18.00 66.09
C GLU T 542 -15.03 18.74 65.60
N MET T 543 -14.22 19.26 66.52
CA MET T 543 -12.90 19.77 66.17
C MET T 543 -11.84 19.39 67.21
N GLN T 544 -12.14 18.37 68.02
CA GLN T 544 -11.19 17.97 69.09
C GLN T 544 -10.87 16.47 69.00
N GLY T 545 -9.68 16.10 69.48
CA GLY T 545 -9.23 14.72 69.49
C GLY T 545 -8.87 14.17 68.13
N GLY T 546 -8.00 14.89 67.40
CA GLY T 546 -7.53 14.44 66.10
C GLY T 546 -6.16 13.80 66.23
N CYS T 547 -5.99 12.67 65.55
CA CYS T 547 -4.73 11.94 65.54
C CYS T 547 -3.88 12.26 64.33
N PHE T 548 -4.44 12.93 63.33
CA PHE T 548 -3.79 13.16 62.05
C PHE T 548 -4.58 14.26 61.36
N THR T 549 -3.98 14.88 60.37
CA THR T 549 -4.62 15.95 59.63
C THR T 549 -4.44 15.74 58.14
N ILE T 550 -5.48 16.04 57.38
CA ILE T 550 -5.44 16.00 55.93
C ILE T 550 -5.85 17.37 55.43
N SER T 551 -4.91 18.09 54.85
CA SER T 551 -5.16 19.43 54.31
C SER T 551 -5.19 19.29 52.80
N SER T 552 -6.40 19.29 52.23
CA SER T 552 -6.60 19.10 50.80
C SER T 552 -6.83 20.46 50.15
N ILE T 553 -5.86 20.94 49.39
CA ILE T 553 -5.98 22.17 48.62
C ILE T 553 -5.91 21.89 47.13
N GLY T 554 -6.18 20.65 46.72
CA GLY T 554 -6.12 20.31 45.31
C GLY T 554 -7.16 20.99 44.46
N GLY T 555 -8.24 21.48 45.07
CA GLY T 555 -9.22 22.24 44.32
C GLY T 555 -8.74 23.59 43.86
N LEU T 556 -7.56 24.02 44.32
CA LEU T 556 -7.05 25.35 44.01
C LEU T 556 -5.72 25.34 43.26
N GLY T 557 -4.90 24.30 43.38
CA GLY T 557 -3.65 24.24 42.66
C GLY T 557 -2.51 23.66 43.46
N THR T 558 -1.36 24.32 43.41
CA THR T 558 -0.17 23.91 44.20
C THR T 558 0.16 22.44 43.98
N THR T 559 0.78 22.12 42.85
CA THR T 559 1.20 20.76 42.51
C THR T 559 1.93 20.05 43.65
N HIS T 560 2.54 20.81 44.56
CA HIS T 560 2.99 20.27 45.84
C HIS T 560 3.00 21.40 46.86
N PHE T 561 2.97 21.03 48.14
CA PHE T 561 3.17 22.02 49.18
C PHE T 561 3.55 21.33 50.47
N ALA T 562 4.27 22.06 51.33
CA ALA T 562 4.84 21.53 52.56
C ALA T 562 4.06 22.09 53.74
N PRO T 563 3.05 21.39 54.24
CA PRO T 563 2.24 21.93 55.33
C PRO T 563 2.99 21.97 56.65
N ILE T 564 2.37 22.55 57.67
CA ILE T 564 2.93 22.62 59.02
C ILE T 564 2.22 21.59 59.88
N VAL T 565 2.99 20.82 60.64
CA VAL T 565 2.42 19.82 61.53
C VAL T 565 1.44 20.47 62.48
N ASN T 566 0.28 19.86 62.65
CA ASN T 566 -0.79 20.40 63.47
C ASN T 566 -0.64 19.82 64.88
N ALA T 567 0.13 20.52 65.71
CA ALA T 567 0.36 20.06 67.10
C ALA T 567 -1.00 19.88 67.78
N PRO T 568 -1.16 18.92 68.73
CA PRO T 568 -0.07 18.08 69.22
C PRO T 568 0.13 16.80 68.42
N GLU T 569 -0.34 16.76 67.18
CA GLU T 569 -0.10 15.61 66.33
C GLU T 569 1.36 15.59 65.89
N VAL T 570 1.73 14.55 65.15
CA VAL T 570 3.10 14.37 64.70
C VAL T 570 3.23 14.36 63.18
N ALA T 571 2.13 14.44 62.45
CA ALA T 571 2.20 14.42 61.00
C ALA T 571 0.98 15.11 60.42
N ILE T 572 1.08 15.44 59.14
CA ILE T 572 -0.02 16.05 58.39
C ILE T 572 0.19 15.72 56.92
N LEU T 573 -0.89 15.34 56.24
CA LEU T 573 -0.84 14.98 54.83
C LEU T 573 -1.51 16.09 54.04
N GLY T 574 -0.73 16.80 53.23
CA GLY T 574 -1.27 17.77 52.31
C GLY T 574 -1.52 17.11 50.95
N VAL T 575 -2.64 17.47 50.35
CA VAL T 575 -3.06 16.89 49.08
C VAL T 575 -3.16 18.01 48.06
N SER T 576 -2.70 17.73 46.85
CA SER T 576 -2.60 18.73 45.78
C SER T 576 -3.53 18.35 44.63
N LYS T 577 -3.43 19.10 43.53
CA LYS T 577 -4.34 18.91 42.41
C LYS T 577 -3.92 17.69 41.60
N SER T 578 -4.88 16.82 41.30
CA SER T 578 -4.61 15.67 40.45
C SER T 578 -4.34 16.12 39.03
N ALA T 579 -3.31 15.53 38.42
CA ALA T 579 -2.96 15.88 37.05
C ALA T 579 -2.68 14.62 36.27
N MET T 580 -3.01 14.65 34.97
CA MET T 580 -2.77 13.51 34.11
C MET T 580 -1.33 13.56 33.62
N GLU T 581 -0.52 12.61 34.08
CA GLU T 581 0.89 12.54 33.77
C GLU T 581 1.22 11.20 33.11
N PRO T 582 2.28 11.16 32.30
CA PRO T 582 2.71 9.87 31.74
C PRO T 582 3.43 9.04 32.80
N VAL T 583 3.14 7.75 32.82
CA VAL T 583 3.73 6.82 33.77
C VAL T 583 4.31 5.65 32.99
N TRP T 584 5.52 5.24 33.37
CA TRP T 584 6.22 4.15 32.71
C TRP T 584 5.61 2.82 33.13
N ASN T 585 4.93 2.16 32.20
CA ASN T 585 4.35 0.85 32.48
C ASN T 585 5.34 -0.29 32.28
N GLY T 586 6.60 0.01 31.95
CA GLY T 586 7.60 -0.98 31.63
C GLY T 586 8.03 -0.97 30.18
N LYS T 587 7.15 -0.55 29.28
CA LYS T 587 7.48 -0.46 27.87
C LYS T 587 7.03 0.82 27.19
N GLU T 588 6.14 1.59 27.80
CA GLU T 588 5.65 2.83 27.18
C GLU T 588 5.10 3.73 28.29
N PHE T 589 4.65 4.91 27.89
CA PHE T 589 4.14 5.91 28.83
C PHE T 589 2.63 5.93 28.73
N VAL T 590 1.97 5.31 29.71
CA VAL T 590 0.52 5.32 29.77
C VAL T 590 0.07 6.58 30.51
N PRO T 591 -0.95 7.27 30.04
CA PRO T 591 -1.40 8.47 30.76
C PRO T 591 -2.22 8.12 31.99
N ARG T 592 -1.64 8.26 33.17
CA ARG T 592 -2.35 8.01 34.42
C ARG T 592 -2.69 9.34 35.09
N LEU T 593 -3.46 9.26 36.16
CA LEU T 593 -3.90 10.44 36.88
C LEU T 593 -3.22 10.44 38.24
N MET T 594 -2.14 11.20 38.37
CA MET T 594 -1.36 11.22 39.59
C MET T 594 -1.83 12.34 40.49
N LEU T 595 -2.00 12.00 41.78
CA LEU T 595 -2.38 12.93 42.83
C LEU T 595 -1.17 13.19 43.69
N PRO T 596 -0.68 14.43 43.78
CA PRO T 596 0.51 14.71 44.58
C PRO T 596 0.16 14.91 46.05
N ILE T 597 0.67 14.02 46.89
CA ILE T 597 0.52 14.14 48.33
C ILE T 597 1.85 14.56 48.92
N SER T 598 1.83 14.99 50.17
CA SER T 598 3.04 15.44 50.85
C SER T 598 2.85 15.27 52.34
N LEU T 599 3.66 14.41 52.94
CA LEU T 599 3.58 14.14 54.38
C LEU T 599 4.62 15.00 55.08
N SER T 600 4.15 15.97 55.85
CA SER T 600 5.02 16.79 56.69
C SER T 600 4.89 16.29 58.12
N PHE T 601 6.00 15.87 58.70
CA PHE T 601 5.93 15.22 60.01
C PHE T 601 6.99 15.76 60.94
N ASP T 602 6.73 15.57 62.22
CA ASP T 602 7.66 15.91 63.29
C ASP T 602 8.82 14.94 63.29
N HIS T 603 10.04 15.48 63.17
CA HIS T 603 11.28 14.67 63.09
C HIS T 603 11.66 14.09 64.47
N ARG T 604 11.13 14.66 65.56
CA ARG T 604 11.48 14.15 66.88
C ARG T 604 10.89 12.77 67.12
N VAL T 605 9.67 12.56 66.66
CA VAL T 605 9.00 11.26 66.81
C VAL T 605 9.37 10.32 65.67
N ILE T 606 9.23 10.80 64.44
CA ILE T 606 9.40 9.99 63.24
C ILE T 606 10.71 10.39 62.57
N ASP T 607 11.37 9.43 61.94
CA ASP T 607 12.55 9.71 61.15
C ASP T 607 12.21 9.59 59.67
N GLY T 608 13.19 9.91 58.83
CA GLY T 608 12.94 9.96 57.39
C GLY T 608 12.46 8.63 56.84
N ALA T 609 13.01 7.52 57.34
CA ALA T 609 12.64 6.21 56.83
C ALA T 609 11.20 5.86 57.20
N ASP T 610 10.79 6.17 58.44
CA ASP T 610 9.41 5.88 58.82
C ASP T 610 8.43 6.76 58.05
N GLY T 611 8.76 8.02 57.83
CA GLY T 611 7.93 8.85 56.98
C GLY T 611 7.84 8.31 55.57
N ALA T 612 8.95 7.77 55.06
CA ALA T 612 8.95 7.17 53.73
C ALA T 612 8.01 5.98 53.67
N ARG T 613 8.12 5.09 54.66
CA ARG T 613 7.26 3.91 54.68
C ARG T 613 5.80 4.31 54.83
N PHE T 614 5.52 5.34 55.63
CA PHE T 614 4.15 5.78 55.83
C PHE T 614 3.56 6.35 54.55
N ILE T 615 4.29 7.25 53.89
CA ILE T 615 3.74 7.85 52.68
C ILE T 615 3.69 6.83 51.56
N THR T 616 4.54 5.81 51.57
CA THR T 616 4.42 4.80 50.54
C THR T 616 3.28 3.83 50.83
N ILE T 617 2.93 3.64 52.11
CA ILE T 617 1.73 2.90 52.44
C ILE T 617 0.49 3.64 51.94
N ILE T 618 0.46 4.95 52.17
CA ILE T 618 -0.65 5.75 51.65
C ILE T 618 -0.68 5.70 50.12
N ASN T 619 0.48 5.79 49.49
CA ASN T 619 0.56 5.74 48.04
C ASN T 619 0.05 4.41 47.49
N ASN T 620 0.44 3.31 48.14
CA ASN T 620 -0.01 2.00 47.70
C ASN T 620 -1.51 1.83 47.91
N THR T 621 -2.02 2.29 49.06
CA THR T 621 -3.44 2.14 49.35
C THR T 621 -4.28 2.93 48.36
N LEU T 622 -3.94 4.20 48.13
CA LEU T 622 -4.71 4.99 47.18
C LEU T 622 -4.45 4.58 45.73
N SER T 623 -3.32 3.94 45.46
CA SER T 623 -3.05 3.47 44.10
C SER T 623 -3.95 2.32 43.72
N ASP T 624 -4.25 1.43 44.68
CA ASP T 624 -5.17 0.31 44.49
C ASP T 624 -6.00 0.21 45.76
N ILE T 625 -7.18 0.83 45.74
CA ILE T 625 -7.99 0.97 46.95
C ILE T 625 -8.46 -0.37 47.49
N ARG T 626 -8.39 -1.44 46.70
CA ARG T 626 -8.76 -2.76 47.17
C ARG T 626 -7.94 -3.19 48.37
N ARG T 627 -6.77 -2.59 48.58
CA ARG T 627 -5.96 -2.92 49.75
C ARG T 627 -6.59 -2.47 51.05
N LEU T 628 -7.76 -1.82 51.01
CA LEU T 628 -8.45 -1.49 52.25
C LEU T 628 -9.23 -2.65 52.83
N VAL T 629 -9.48 -3.70 52.04
CA VAL T 629 -10.19 -4.87 52.55
C VAL T 629 -9.25 -5.91 53.13
N MET T 630 -7.97 -5.89 52.75
CA MET T 630 -7.00 -6.85 53.26
C MET T 630 -6.67 -6.60 54.72
N GLU U 208 22.02 72.09 51.91
CA GLU U 208 21.90 71.03 52.91
C GLU U 208 21.85 69.70 52.18
N VAL U 209 22.83 68.84 52.45
CA VAL U 209 22.88 67.48 51.89
C VAL U 209 23.03 66.53 53.07
N ASN U 210 21.90 66.04 53.58
CA ASN U 210 21.90 64.98 54.57
C ASN U 210 22.15 63.66 53.85
N VAL U 211 21.89 62.54 54.53
CA VAL U 211 21.75 61.28 53.82
C VAL U 211 20.32 61.24 53.28
N PRO U 212 20.11 60.88 52.02
CA PRO U 212 18.77 61.00 51.43
C PRO U 212 17.81 59.93 51.92
N ASP U 213 18.26 58.68 52.00
CA ASP U 213 17.28 57.64 52.41
C ASP U 213 17.92 56.34 52.93
N ILE U 214 18.01 56.22 54.26
CA ILE U 214 18.40 54.99 54.95
C ILE U 214 17.30 54.67 55.95
N GLY U 215 16.89 53.40 55.98
CA GLY U 215 15.76 52.99 56.80
C GLY U 215 15.93 53.19 58.29
N GLY U 216 17.10 53.61 58.73
CA GLY U 216 17.33 53.89 60.14
C GLY U 216 18.42 53.02 60.75
N ASP U 217 19.35 52.57 59.93
CA ASP U 217 20.48 51.78 60.39
C ASP U 217 21.73 52.64 60.36
N GLU U 218 22.61 52.42 61.35
CA GLU U 218 23.87 53.15 61.41
C GLU U 218 24.85 52.56 60.39
N VAL U 219 25.17 53.34 59.37
CA VAL U 219 25.98 52.89 58.24
C VAL U 219 27.36 53.54 58.32
N GLU U 220 28.38 52.76 58.02
CA GLU U 220 29.77 53.20 58.09
C GLU U 220 30.26 53.59 56.70
N VAL U 221 30.79 54.81 56.57
CA VAL U 221 31.27 55.28 55.28
C VAL U 221 32.48 54.45 54.83
N THR U 222 32.64 54.33 53.52
CA THR U 222 33.82 53.73 52.92
C THR U 222 34.72 54.76 52.25
N GLU U 223 34.17 55.62 51.39
CA GLU U 223 34.93 56.68 50.74
C GLU U 223 33.95 57.69 50.13
N VAL U 224 34.50 58.77 49.59
CA VAL U 224 33.73 59.83 48.97
C VAL U 224 34.07 59.90 47.48
N MET U 225 33.23 60.61 46.73
CA MET U 225 33.32 60.66 45.28
C MET U 225 33.72 62.02 44.72
N VAL U 226 33.95 63.02 45.58
CA VAL U 226 34.03 64.40 45.12
C VAL U 226 35.39 65.01 45.41
N LYS U 227 35.56 66.27 45.00
CA LYS U 227 36.77 67.05 45.21
C LYS U 227 36.41 68.40 45.80
N VAL U 228 37.36 69.01 46.51
CA VAL U 228 37.16 70.36 47.01
C VAL U 228 37.19 71.31 45.81
N GLY U 229 36.03 71.89 45.48
CA GLY U 229 35.87 72.71 44.31
C GLY U 229 35.03 72.08 43.22
N ASP U 230 34.96 70.75 43.17
CA ASP U 230 34.14 70.05 42.20
C ASP U 230 32.65 70.40 42.40
N LYS U 231 31.89 70.34 41.32
CA LYS U 231 30.44 70.50 41.37
C LYS U 231 29.80 69.24 40.81
N VAL U 232 28.73 68.78 41.47
CA VAL U 232 28.15 67.48 41.24
C VAL U 232 26.86 67.63 40.44
N ALA U 233 26.52 66.59 39.69
CA ALA U 233 25.39 66.62 38.79
C ALA U 233 24.07 66.42 39.56
N ALA U 234 22.99 66.17 38.82
CA ALA U 234 21.66 66.11 39.42
C ALA U 234 21.57 64.99 40.45
N GLU U 235 21.79 63.75 40.00
CA GLU U 235 21.72 62.58 40.92
C GLU U 235 22.86 61.59 40.57
N GLN U 236 24.04 61.81 41.16
CA GLN U 236 25.16 60.91 40.91
C GLN U 236 25.89 60.66 42.22
N SER U 237 26.93 59.83 42.17
CA SER U 237 27.60 59.38 43.38
C SER U 237 28.33 60.52 44.07
N LEU U 238 28.20 60.57 45.38
CA LEU U 238 28.98 61.44 46.26
C LEU U 238 29.75 60.69 47.32
N ILE U 239 29.15 59.64 47.88
CA ILE U 239 29.72 58.93 49.03
C ILE U 239 29.21 57.49 49.00
N THR U 240 30.11 56.54 49.21
CA THR U 240 29.73 55.15 49.34
C THR U 240 29.73 54.76 50.82
N VAL U 241 28.66 54.10 51.26
CA VAL U 241 28.51 53.69 52.64
C VAL U 241 28.18 52.20 52.68
N GLU U 242 28.87 51.47 53.55
CA GLU U 242 28.82 50.01 53.55
C GLU U 242 27.82 49.57 54.63
N GLY U 243 26.57 49.41 54.24
CA GLY U 243 25.50 48.97 55.12
C GLY U 243 25.26 47.49 55.02
N ASP U 244 23.99 47.11 55.15
CA ASP U 244 23.61 45.71 55.01
C ASP U 244 23.47 45.38 53.54
CB LA2 U 245 21.83 44.23 51.21
C LA2 U 245 24.35 44.02 51.03
O LA2 U 245 25.16 43.12 50.74
N LA2 U 245 23.26 44.09 53.23
CA LA2 U 245 23.10 43.63 51.84
O1 LA2 U 245 18.58 38.90 52.62
C1 LA2 U 245 18.57 39.52 51.56
NZ LA2 U 245 19.30 40.63 51.40
CE LA2 U 245 18.95 41.72 50.48
CD LA2 U 245 20.12 42.64 50.21
CG LA2 U 245 20.55 43.42 51.44
C2 LA2 U 245 17.76 39.06 50.38
C3 LA2 U 245 17.56 37.58 50.34
C4 LA2 U 245 16.14 37.16 50.02
C5 LA2 U 245 15.89 35.70 49.75
C6 LA2 U 245 16.35 34.75 50.85
S6 LA2 U 245 15.63 35.18 52.46
C7 LA2 U 245 16.19 33.28 50.51
C8 LA2 U 245 16.84 32.88 49.19
S8 LA2 U 245 17.56 31.23 49.21
N ALA U 246 24.47 45.30 50.69
CA ALA U 246 25.62 45.78 49.92
C ALA U 246 25.87 47.28 50.11
N SER U 247 27.07 47.71 49.74
CA SER U 247 27.42 49.12 49.87
C SER U 247 26.63 49.98 48.88
N MET U 248 26.18 51.13 49.35
CA MET U 248 25.26 51.99 48.60
C MET U 248 25.91 53.36 48.37
N GLU U 249 25.73 53.88 47.16
CA GLU U 249 26.24 55.17 46.77
C GLU U 249 25.14 56.21 46.89
N VAL U 250 25.31 57.16 47.82
CA VAL U 250 24.32 58.22 47.99
C VAL U 250 24.26 59.08 46.73
N PRO U 251 23.07 59.34 46.18
CA PRO U 251 22.98 60.15 44.97
C PRO U 251 23.06 61.64 45.31
N ALA U 252 23.00 62.45 44.26
CA ALA U 252 23.00 63.87 44.57
C ALA U 252 21.57 64.40 44.68
N PRO U 253 21.30 65.32 45.59
CA PRO U 253 19.98 65.96 45.63
C PRO U 253 19.82 67.08 44.61
N PHE U 254 20.91 67.69 44.17
CA PHE U 254 20.89 68.87 43.30
C PHE U 254 22.31 69.09 42.82
N ALA U 255 22.50 70.17 42.05
CA ALA U 255 23.83 70.53 41.50
C ALA U 255 24.43 71.74 42.23
N GLY U 256 25.76 71.73 42.41
CA GLY U 256 26.45 72.80 43.09
C GLY U 256 27.86 72.40 43.45
N VAL U 257 28.72 73.42 43.56
CA VAL U 257 30.12 73.22 43.88
C VAL U 257 30.25 72.95 45.38
N VAL U 258 31.37 72.35 45.75
CA VAL U 258 31.59 71.83 47.09
C VAL U 258 31.92 72.98 48.04
N LYS U 259 31.36 72.93 49.27
CA LYS U 259 31.69 73.84 50.36
C LYS U 259 32.17 73.13 51.62
N GLU U 260 31.63 71.95 51.92
CA GLU U 260 31.94 71.19 53.14
C GLU U 260 32.37 69.79 52.78
N LEU U 261 33.49 69.37 53.33
CA LEU U 261 33.74 67.95 53.57
C LEU U 261 33.31 67.60 54.99
N LYS U 262 32.03 67.84 55.26
CA LYS U 262 31.50 67.53 56.58
C LYS U 262 31.62 66.04 56.89
N VAL U 263 31.55 65.19 55.87
CA VAL U 263 31.89 63.78 55.98
C VAL U 263 33.27 63.58 55.37
N ASN U 264 33.96 62.53 55.81
CA ASN U 264 35.27 62.15 55.29
C ASN U 264 35.29 60.65 54.98
N VAL U 265 36.48 60.14 54.68
CA VAL U 265 36.66 58.73 54.42
C VAL U 265 36.84 58.01 55.74
N GLY U 266 35.90 57.12 56.06
CA GLY U 266 35.92 56.36 57.29
C GLY U 266 34.88 56.76 58.30
N ASP U 267 34.12 57.82 57.98
CA ASP U 267 33.07 58.35 58.90
C ASP U 267 31.93 57.32 59.05
N LYS U 268 30.90 57.69 59.80
CA LYS U 268 29.74 56.83 60.05
C LYS U 268 28.52 57.69 60.34
N VAL U 269 27.42 57.39 59.66
CA VAL U 269 26.17 58.14 59.78
C VAL U 269 25.03 57.17 60.05
N LYS U 270 24.21 57.48 61.04
CA LYS U 270 23.00 56.69 61.30
C LYS U 270 21.81 57.16 60.47
N THR U 271 21.62 58.49 60.38
CA THR U 271 20.48 59.02 59.58
C THR U 271 20.41 60.55 59.68
N GLY U 272 20.16 61.20 58.54
CA GLY U 272 20.01 62.64 58.44
C GLY U 272 21.11 63.50 59.01
N SER U 273 22.37 63.16 58.75
CA SER U 273 23.50 63.95 59.20
C SER U 273 24.03 64.76 58.03
N LEU U 274 24.29 66.04 58.27
CA LEU U 274 24.76 66.94 57.23
C LEU U 274 26.17 66.55 56.81
N ILE U 275 26.31 66.04 55.60
CA ILE U 275 27.62 65.63 55.09
C ILE U 275 28.14 66.56 54.01
N MET U 276 27.29 67.29 53.31
CA MET U 276 27.74 68.17 52.23
C MET U 276 26.90 69.45 52.21
N ILE U 277 27.58 70.56 51.94
CA ILE U 277 26.96 71.84 51.60
C ILE U 277 27.50 72.26 50.25
N PHE U 278 26.64 72.84 49.41
CA PHE U 278 27.01 73.13 48.04
C PHE U 278 26.72 74.60 47.71
N GLU U 279 27.02 74.96 46.47
CA GLU U 279 26.77 76.30 45.96
C GLU U 279 26.19 76.20 44.55
N VAL U 280 25.35 77.17 44.21
CA VAL U 280 24.74 77.23 42.88
C VAL U 280 24.29 78.66 42.57
N PRO U 384 13.27 26.87 74.53
CA PRO U 384 13.75 26.96 75.91
C PRO U 384 15.23 26.59 76.03
N GLY U 385 15.50 25.46 76.68
CA GLY U 385 16.86 24.98 76.83
C GLY U 385 17.23 23.95 75.80
N MET U 386 17.96 24.36 74.77
CA MET U 386 18.39 23.48 73.70
C MET U 386 19.86 23.11 73.88
N LEU U 387 20.25 22.03 73.21
CA LEU U 387 21.65 21.62 73.23
C LEU U 387 22.52 22.65 72.53
N PRO U 388 23.75 22.82 72.97
CA PRO U 388 24.65 23.76 72.30
C PRO U 388 25.13 23.20 70.96
N TRP U 389 25.78 24.07 70.20
CA TRP U 389 26.33 23.65 68.92
C TRP U 389 27.35 22.53 69.12
N PRO U 390 27.44 21.57 68.20
CA PRO U 390 28.36 20.44 68.40
C PRO U 390 29.82 20.87 68.47
N LYS U 391 30.42 20.73 69.65
CA LYS U 391 31.82 21.06 69.84
C LYS U 391 32.68 19.96 69.21
N VAL U 392 33.32 20.28 68.10
CA VAL U 392 34.12 19.32 67.35
C VAL U 392 35.51 19.91 67.11
N ASP U 393 36.54 19.08 67.27
CA ASP U 393 37.90 19.46 66.92
C ASP U 393 38.09 19.14 65.44
N PHE U 394 37.78 20.10 64.58
CA PHE U 394 37.76 19.88 63.15
C PHE U 394 39.13 19.59 62.55
N SER U 395 40.20 19.80 63.32
CA SER U 395 41.55 19.61 62.81
C SER U 395 42.08 18.20 63.02
N LYS U 396 41.44 17.41 63.88
CA LYS U 396 41.91 16.05 64.10
C LYS U 396 41.59 15.11 62.94
N PHE U 397 40.75 15.53 62.00
CA PHE U 397 40.46 14.74 60.82
C PHE U 397 41.20 15.22 59.58
N GLY U 398 41.71 16.44 59.59
CA GLY U 398 42.44 16.96 58.45
C GLY U 398 42.87 18.38 58.72
N GLU U 399 43.16 19.09 57.63
CA GLU U 399 43.61 20.51 57.66
C GLU U 399 42.39 21.41 57.46
N ILE U 400 42.28 22.47 58.26
CA ILE U 400 41.16 23.40 58.20
C ILE U 400 41.70 24.80 57.92
N GLU U 401 40.78 25.75 57.79
CA GLU U 401 41.15 27.16 57.59
C GLU U 401 39.97 27.99 58.11
N GLU U 402 40.13 28.54 59.32
CA GLU U 402 39.03 29.22 59.99
C GLU U 402 38.93 30.65 59.47
N VAL U 403 38.26 30.79 58.31
CA VAL U 403 37.95 32.10 57.79
C VAL U 403 36.80 32.71 58.60
N GLU U 404 36.73 34.03 58.62
CA GLU U 404 35.71 34.74 59.38
C GLU U 404 34.77 35.46 58.43
N LEU U 405 33.47 35.36 58.69
CA LEU U 405 32.47 35.89 57.79
C LEU U 405 32.52 37.41 57.77
N GLY U 406 32.35 38.00 56.58
CA GLY U 406 32.26 39.44 56.47
C GLY U 406 31.06 40.00 57.23
N ARG U 407 31.04 41.33 57.34
CA ARG U 407 29.98 41.96 58.14
C ARG U 407 28.63 41.82 57.46
N ILE U 408 28.60 41.87 56.12
CA ILE U 408 27.33 41.68 55.42
C ILE U 408 26.89 40.22 55.53
N GLN U 409 27.85 39.29 55.53
CA GLN U 409 27.49 37.88 55.72
C GLN U 409 26.96 37.63 57.11
N LYS U 410 27.59 38.22 58.13
CA LYS U 410 27.08 38.11 59.49
C LYS U 410 25.68 38.69 59.60
N ILE U 411 25.45 39.86 59.01
CA ILE U 411 24.15 40.51 59.11
C ILE U 411 23.08 39.69 58.39
N SER U 412 23.40 39.18 57.20
CA SER U 412 22.44 38.35 56.48
C SER U 412 22.16 37.05 57.21
N GLY U 413 23.18 36.47 57.86
CA GLY U 413 22.94 35.29 58.65
C GLY U 413 22.05 35.55 59.84
N ALA U 414 22.25 36.68 60.52
CA ALA U 414 21.38 37.04 61.63
C ALA U 414 19.95 37.27 61.16
N ASN U 415 19.80 37.96 60.01
CA ASN U 415 18.45 38.21 59.48
C ASN U 415 17.76 36.92 59.11
N LEU U 416 18.47 35.99 58.49
CA LEU U 416 17.86 34.72 58.11
C LEU U 416 17.57 33.86 59.32
N SER U 417 18.43 33.90 60.34
CA SER U 417 18.16 33.14 61.56
C SER U 417 17.04 33.75 62.39
N ARG U 418 16.71 35.02 62.16
CA ARG U 418 15.50 35.57 62.76
C ARG U 418 14.26 35.19 61.97
N ASN U 419 14.34 35.29 60.64
CA ASN U 419 13.20 34.95 59.80
C ASN U 419 12.84 33.48 59.92
N TRP U 420 13.82 32.60 60.12
CA TRP U 420 13.53 31.18 60.25
C TRP U 420 12.73 30.90 61.52
N VAL U 421 13.14 31.49 62.63
CA VAL U 421 12.46 31.22 63.90
C VAL U 421 11.10 31.92 63.95
N MET U 422 11.06 33.20 63.66
CA MET U 422 9.86 34.00 63.91
C MET U 422 8.77 33.80 62.87
N ILE U 423 9.06 33.18 61.74
CA ILE U 423 8.10 33.02 60.66
C ILE U 423 7.80 31.54 60.48
N PRO U 424 6.56 31.10 60.62
CA PRO U 424 6.21 29.74 60.21
C PRO U 424 6.07 29.64 58.70
N HIS U 425 7.05 29.05 58.03
CA HIS U 425 7.05 29.01 56.57
C HIS U 425 6.17 27.89 56.06
N VAL U 426 5.49 28.14 54.96
CA VAL U 426 4.84 27.08 54.19
C VAL U 426 5.13 27.35 52.73
N THR U 427 5.54 26.32 52.00
CA THR U 427 6.01 26.45 50.63
C THR U 427 5.09 25.67 49.71
N HIS U 428 4.43 26.35 48.80
CA HIS U 428 3.59 25.74 47.79
C HIS U 428 4.33 25.74 46.46
N PHE U 429 4.54 24.57 45.90
CA PHE U 429 5.21 24.48 44.61
C PHE U 429 4.18 24.46 43.49
N ASP U 430 4.61 24.88 42.30
CA ASP U 430 3.70 24.91 41.16
C ASP U 430 4.51 24.97 39.89
N LYS U 431 3.85 24.69 38.77
CA LYS U 431 4.47 24.72 37.46
C LYS U 431 3.57 25.50 36.52
N THR U 432 4.14 26.43 35.77
CA THR U 432 3.40 27.35 34.93
C THR U 432 3.75 27.12 33.46
N ASP U 433 2.73 26.94 32.63
CA ASP U 433 2.95 26.71 31.20
C ASP U 433 3.26 28.06 30.56
N ILE U 434 4.53 28.29 30.23
CA ILE U 434 4.97 29.59 29.73
C ILE U 434 5.48 29.47 28.31
N THR U 435 4.93 28.53 27.54
CA THR U 435 5.33 28.41 26.14
C THR U 435 4.96 29.67 25.36
N GLU U 436 3.71 30.09 25.47
CA GLU U 436 3.27 31.31 24.80
C GLU U 436 4.04 32.52 25.31
N LEU U 437 4.29 32.58 26.62
CA LEU U 437 5.02 33.71 27.19
C LEU U 437 6.44 33.76 26.66
N GLU U 438 7.09 32.60 26.52
CA GLU U 438 8.47 32.59 26.01
C GLU U 438 8.52 32.94 24.54
N ALA U 439 7.57 32.42 23.75
CA ALA U 439 7.49 32.81 22.34
C ALA U 439 7.30 34.31 22.20
N PHE U 440 6.39 34.88 23.01
CA PHE U 440 6.14 36.31 22.93
C PHE U 440 7.34 37.12 23.40
N ARG U 441 8.06 36.63 24.41
CA ARG U 441 9.24 37.35 24.88
C ARG U 441 10.35 37.33 23.84
N LYS U 442 10.55 36.20 23.17
CA LYS U 442 11.53 36.16 22.09
C LYS U 442 11.11 37.07 20.94
N GLN U 443 9.83 37.08 20.59
CA GLN U 443 9.35 37.95 19.52
C GLN U 443 9.57 39.42 19.87
N GLN U 444 9.30 39.80 21.12
CA GLN U 444 9.50 41.18 21.53
C GLN U 444 10.97 41.54 21.69
N ASN U 445 11.83 40.56 21.98
CA ASN U 445 13.25 40.84 22.01
C ASN U 445 13.79 41.05 20.61
N GLU U 446 13.26 40.32 19.63
CA GLU U 446 13.61 40.61 18.24
C GLU U 446 13.09 41.98 17.82
N GLU U 447 11.80 42.24 18.02
CA GLU U 447 11.20 43.49 17.59
C GLU U 447 11.83 44.69 18.28
N ALA U 448 12.24 44.54 19.54
CA ALA U 448 12.93 45.63 20.23
C ALA U 448 14.39 45.74 19.83
N ALA U 449 14.87 44.87 18.94
CA ALA U 449 16.22 44.97 18.40
C ALA U 449 16.21 45.66 17.04
N LYS U 450 15.41 45.15 16.09
CA LYS U 450 15.32 45.79 14.78
C LYS U 450 14.69 47.17 14.83
N ARG U 451 14.21 47.61 15.99
CA ARG U 451 13.74 48.98 16.17
C ARG U 451 14.67 49.80 17.05
N LYS U 452 15.82 49.24 17.42
CA LYS U 452 16.88 49.96 18.13
C LYS U 452 16.38 50.60 19.43
N LEU U 453 15.89 49.75 20.33
CA LEU U 453 15.49 50.20 21.66
C LEU U 453 16.57 49.95 22.71
N ASP U 454 17.53 49.06 22.43
CA ASP U 454 18.59 48.71 23.38
C ASP U 454 18.00 48.28 24.71
N VAL U 455 17.07 47.33 24.65
CA VAL U 455 16.45 46.75 25.83
C VAL U 455 16.41 45.24 25.66
N LYS U 456 16.61 44.52 26.76
CA LYS U 456 16.57 43.06 26.78
C LYS U 456 15.49 42.64 27.76
N ILE U 457 14.48 41.95 27.26
CA ILE U 457 13.32 41.57 28.06
C ILE U 457 13.56 40.18 28.62
N THR U 458 13.89 40.11 29.90
CA THR U 458 14.13 38.87 30.61
C THR U 458 12.81 38.23 31.03
N PRO U 459 12.81 36.92 31.31
CA PRO U 459 11.58 36.28 31.79
C PRO U 459 11.17 36.73 33.19
N VAL U 460 11.94 37.60 33.84
CA VAL U 460 11.63 37.99 35.21
C VAL U 460 10.64 39.16 35.26
N VAL U 461 10.61 40.01 34.23
CA VAL U 461 9.67 41.14 34.27
C VAL U 461 8.24 40.66 34.11
N PHE U 462 8.02 39.60 33.34
CA PHE U 462 6.69 39.02 33.25
C PHE U 462 6.26 38.47 34.61
N ILE U 463 7.21 37.90 35.35
CA ILE U 463 6.88 37.39 36.67
C ILE U 463 6.61 38.53 37.64
N MET U 464 7.33 39.64 37.50
CA MET U 464 7.05 40.82 38.32
C MET U 464 5.64 41.34 38.04
N LYS U 465 5.26 41.39 36.77
CA LYS U 465 3.91 41.84 36.43
C LYS U 465 2.85 40.87 36.96
N ALA U 466 3.10 39.57 36.83
CA ALA U 466 2.16 38.58 37.34
C ALA U 466 2.00 38.68 38.85
N VAL U 467 3.10 38.89 39.56
CA VAL U 467 3.03 39.01 41.01
C VAL U 467 2.35 40.30 41.41
N ALA U 468 2.58 41.38 40.66
CA ALA U 468 1.87 42.62 40.94
C ALA U 468 0.37 42.46 40.75
N ALA U 469 -0.03 41.77 39.68
CA ALA U 469 -1.44 41.47 39.48
C ALA U 469 -2.00 40.64 40.63
N ALA U 470 -1.26 39.61 41.06
CA ALA U 470 -1.72 38.77 42.15
C ALA U 470 -1.82 39.54 43.47
N LEU U 471 -0.95 40.52 43.68
CA LEU U 471 -1.04 41.34 44.88
C LEU U 471 -2.21 42.31 44.77
N GLU U 472 -2.57 42.72 43.55
CA GLU U 472 -3.78 43.51 43.36
C GLU U 472 -5.02 42.69 43.70
N GLN U 473 -5.06 41.43 43.25
CA GLN U 473 -6.24 40.62 43.47
C GLN U 473 -6.33 40.12 44.91
N MET U 474 -5.22 39.68 45.48
CA MET U 474 -5.20 39.21 46.86
C MET U 474 -4.37 40.15 47.73
N PRO U 475 -4.97 41.24 48.22
CA PRO U 475 -4.18 42.24 48.96
C PRO U 475 -3.68 41.75 50.31
N ARG U 476 -4.14 40.60 50.78
CA ARG U 476 -3.61 40.05 52.03
C ARG U 476 -2.14 39.67 51.90
N PHE U 477 -1.67 39.37 50.69
CA PHE U 477 -0.27 39.04 50.49
C PHE U 477 0.62 40.28 50.47
N ASN U 478 0.05 41.46 50.27
CA ASN U 478 0.81 42.70 50.33
C ASN U 478 0.65 43.31 51.73
N SER U 479 1.19 42.59 52.70
CA SER U 479 0.99 42.92 54.11
C SER U 479 2.32 42.86 54.82
N SER U 480 2.29 43.01 56.15
CA SER U 480 3.46 42.92 57.01
C SER U 480 2.98 42.88 58.44
N LEU U 481 3.59 42.01 59.23
CA LEU U 481 3.25 41.86 60.64
C LEU U 481 4.14 42.74 61.50
N SER U 482 3.74 42.90 62.76
CA SER U 482 4.50 43.68 63.72
C SER U 482 5.44 42.78 64.51
N GLU U 483 6.17 43.41 65.43
CA GLU U 483 7.09 42.69 66.31
C GLU U 483 6.38 41.57 67.05
N ASP U 484 5.25 41.89 67.67
CA ASP U 484 4.47 40.89 68.41
C ASP U 484 3.61 40.00 67.52
N GLY U 485 3.42 40.36 66.26
CA GLY U 485 2.59 39.56 65.38
C GLY U 485 1.10 39.64 65.68
N GLN U 486 0.62 40.84 66.03
CA GLN U 486 -0.78 41.03 66.36
C GLN U 486 -1.48 42.08 65.50
N ARG U 487 -0.74 42.94 64.81
CA ARG U 487 -1.33 43.97 63.96
C ARG U 487 -0.75 43.85 62.56
N LEU U 488 -1.62 43.64 61.58
CA LEU U 488 -1.19 43.61 60.19
C LEU U 488 -1.06 45.02 59.64
N THR U 489 -0.33 45.15 58.53
CA THR U 489 -0.15 46.42 57.85
C THR U 489 -0.45 46.21 56.37
N LEU U 490 -1.73 46.32 56.00
CA LEU U 490 -2.14 46.13 54.61
C LEU U 490 -1.61 47.29 53.77
N LYS U 491 -0.57 47.02 52.98
CA LYS U 491 -0.04 48.04 52.09
C LYS U 491 -0.90 48.15 50.84
N LYS U 492 -0.99 49.37 50.32
CA LYS U 492 -1.74 49.62 49.09
C LYS U 492 -0.84 49.81 47.88
N TYR U 493 0.43 50.14 48.07
CA TYR U 493 1.39 50.19 46.98
C TYR U 493 1.91 48.78 46.72
N ILE U 494 2.53 48.61 45.56
CA ILE U 494 3.04 47.31 45.12
C ILE U 494 4.48 47.54 44.63
N ASN U 495 5.44 47.33 45.52
CA ASN U 495 6.85 47.28 45.15
C ASN U 495 7.32 45.84 45.28
N ILE U 496 8.23 45.45 44.40
CA ILE U 496 8.68 44.07 44.33
C ILE U 496 10.20 44.06 44.28
N GLY U 497 10.82 43.39 45.25
CA GLY U 497 12.25 43.16 45.18
C GLY U 497 12.54 41.96 44.29
N VAL U 498 13.64 42.04 43.56
CA VAL U 498 14.05 40.98 42.65
C VAL U 498 15.49 40.61 42.98
N ALA U 499 15.69 39.40 43.50
CA ALA U 499 17.00 38.99 43.97
C ALA U 499 17.98 38.94 42.80
N VAL U 500 18.93 39.86 42.76
CA VAL U 500 20.01 39.89 41.78
C VAL U 500 21.24 39.26 42.41
N ASP U 501 22.03 38.58 41.59
CA ASP U 501 23.19 37.82 42.04
C ASP U 501 24.45 38.63 41.74
N THR U 502 24.95 39.32 42.76
CA THR U 502 26.22 40.00 42.69
C THR U 502 27.33 39.08 43.17
N PRO U 503 28.60 39.38 42.85
CA PRO U 503 29.71 38.56 43.36
C PRO U 503 29.72 38.42 44.87
N ASN U 504 29.00 39.30 45.56
CA ASN U 504 28.89 39.25 47.02
C ASN U 504 27.54 38.67 47.47
N GLY U 505 27.04 37.69 46.74
CA GLY U 505 25.79 37.05 47.11
C GLY U 505 24.58 37.68 46.45
N LEU U 506 23.41 37.35 46.99
CA LEU U 506 22.16 37.85 46.45
C LEU U 506 21.76 39.13 47.18
N VAL U 507 21.59 40.20 46.42
CA VAL U 507 21.05 41.46 46.95
C VAL U 507 19.68 41.67 46.33
N VAL U 508 18.76 42.25 47.10
CA VAL U 508 17.40 42.41 46.62
C VAL U 508 17.12 43.89 46.35
N PRO U 509 17.21 44.34 45.11
CA PRO U 509 16.73 45.68 44.78
C PRO U 509 15.23 45.70 44.53
N VAL U 510 14.62 46.80 44.93
CA VAL U 510 13.16 46.94 44.95
C VAL U 510 12.74 47.83 43.79
N PHE U 511 11.76 47.37 43.03
CA PHE U 511 11.16 48.14 41.94
C PHE U 511 9.79 48.62 42.38
N LYS U 512 9.54 49.91 42.22
CA LYS U 512 8.36 50.55 42.79
C LYS U 512 7.22 50.60 41.79
N ASP U 513 6.00 50.47 42.32
CA ASP U 513 4.76 50.61 41.54
C ASP U 513 4.78 49.72 40.30
N VAL U 514 5.13 48.45 40.52
CA VAL U 514 5.19 47.47 39.44
C VAL U 514 3.81 47.29 38.80
N ASN U 515 2.74 47.51 39.57
CA ASN U 515 1.40 47.31 39.05
C ASN U 515 1.04 48.26 37.91
N LYS U 516 1.71 49.42 37.84
CA LYS U 516 1.40 50.42 36.83
C LYS U 516 2.34 50.36 35.63
N LYS U 517 3.64 50.26 35.88
CA LYS U 517 4.64 50.31 34.82
C LYS U 517 4.45 49.16 33.84
N GLY U 518 4.87 49.41 32.59
CA GLY U 518 4.80 48.40 31.56
C GLY U 518 6.02 47.51 31.56
N ILE U 519 5.98 46.47 30.72
CA ILE U 519 7.06 45.49 30.73
C ILE U 519 8.35 46.06 30.14
N ILE U 520 8.25 47.00 29.20
CA ILE U 520 9.48 47.57 28.66
C ILE U 520 10.12 48.57 29.63
N GLU U 521 9.32 49.40 30.30
CA GLU U 521 9.86 50.27 31.34
C GLU U 521 10.47 49.46 32.47
N LEU U 522 9.75 48.43 32.92
CA LEU U 522 10.29 47.54 33.95
C LEU U 522 11.54 46.83 33.48
N SER U 523 11.61 46.46 32.21
CA SER U 523 12.77 45.77 31.70
C SER U 523 13.99 46.71 31.65
N ARG U 524 13.76 47.98 31.32
CA ARG U 524 14.85 48.94 31.37
C ARG U 524 15.31 49.16 32.82
N GLU U 525 14.36 49.31 33.74
CA GLU U 525 14.71 49.44 35.15
C GLU U 525 15.53 48.24 35.62
N LEU U 526 15.10 47.04 35.24
CA LEU U 526 15.79 45.83 35.69
C LEU U 526 17.18 45.71 35.08
N MET U 527 17.30 46.01 33.78
CA MET U 527 18.60 45.96 33.12
C MET U 527 19.56 46.98 33.73
N THR U 528 19.04 48.13 34.16
CA THR U 528 19.91 49.11 34.81
C THR U 528 20.32 48.65 36.19
N ILE U 529 19.36 48.25 37.02
CA ILE U 529 19.65 47.99 38.42
C ILE U 529 20.39 46.67 38.61
N SER U 530 20.23 45.71 37.71
CA SER U 530 21.02 44.48 37.79
C SER U 530 22.50 44.79 37.66
N LYS U 531 22.86 45.62 36.69
CA LYS U 531 24.26 46.03 36.54
C LYS U 531 24.69 46.92 37.70
N LYS U 532 23.81 47.83 38.13
CA LYS U 532 24.10 48.67 39.28
C LYS U 532 24.44 47.85 40.52
N ALA U 533 23.81 46.69 40.66
CA ALA U 533 24.07 45.82 41.82
C ALA U 533 25.33 44.99 41.59
N ARG U 534 25.44 44.35 40.43
CA ARG U 534 26.61 43.52 40.15
C ARG U 534 27.91 44.32 40.15
N ASP U 535 27.82 45.65 39.98
CA ASP U 535 29.00 46.50 40.12
C ASP U 535 29.19 46.99 41.55
N GLY U 536 28.11 47.09 42.33
CA GLY U 536 28.18 47.55 43.69
C GLY U 536 27.69 48.96 43.92
N LYS U 537 27.34 49.68 42.85
CA LYS U 537 26.88 51.06 42.95
C LYS U 537 25.39 51.16 43.29
N LEU U 538 24.79 50.10 43.81
CA LEU U 538 23.37 50.07 44.10
C LEU U 538 22.99 51.09 45.18
N THR U 539 22.18 52.08 44.80
CA THR U 539 21.89 53.20 45.68
C THR U 539 20.78 52.84 46.66
N ALA U 540 20.85 53.40 47.86
CA ALA U 540 19.80 53.17 48.85
C ALA U 540 18.47 53.72 48.35
N GLY U 541 17.39 53.15 48.86
CA GLY U 541 16.08 53.44 48.30
C GLY U 541 15.78 52.53 47.13
N GLU U 542 16.82 52.07 46.46
CA GLU U 542 16.69 51.00 45.48
C GLU U 542 16.84 49.62 46.11
N MET U 543 16.84 49.56 47.44
CA MET U 543 16.73 48.28 48.14
C MET U 543 15.81 48.37 49.36
N GLN U 544 14.96 49.38 49.40
CA GLN U 544 14.06 49.57 50.57
C GLN U 544 12.60 49.68 50.12
N GLY U 545 11.68 49.30 51.00
CA GLY U 545 10.25 49.36 50.75
C GLY U 545 9.75 48.33 49.77
N GLY U 546 10.07 47.07 50.00
CA GLY U 546 9.60 45.97 49.17
C GLY U 546 8.41 45.29 49.80
N CYS U 547 7.40 45.01 48.98
CA CYS U 547 6.19 44.33 49.41
C CYS U 547 6.21 42.84 49.14
N PHE U 548 7.17 42.38 48.35
CA PHE U 548 7.23 41.00 47.88
C PHE U 548 8.63 40.78 47.34
N THR U 549 9.01 39.52 47.20
CA THR U 549 10.33 39.19 46.71
C THR U 549 10.23 38.11 45.65
N ILE U 550 11.05 38.22 44.60
CA ILE U 550 11.14 37.22 43.56
C ILE U 550 12.60 36.80 43.47
N SER U 551 12.88 35.57 43.88
CA SER U 551 14.23 35.01 43.85
C SER U 551 14.28 34.05 42.68
N SER U 552 14.89 34.49 41.57
CA SER U 552 14.96 33.70 40.35
C SER U 552 16.34 33.07 40.26
N ILE U 553 16.40 31.75 40.44
CA ILE U 553 17.63 31.00 40.28
C ILE U 553 17.52 29.99 39.13
N GLY U 554 16.58 30.24 38.21
CA GLY U 554 16.40 29.34 37.09
C GLY U 554 17.57 29.29 36.14
N GLY U 555 18.42 30.31 36.15
CA GLY U 555 19.61 30.27 35.34
C GLY U 555 20.65 29.26 35.79
N LEU U 556 20.45 28.65 36.96
CA LEU U 556 21.43 27.75 37.53
C LEU U 556 20.91 26.33 37.73
N GLY U 557 19.61 26.14 37.90
CA GLY U 557 19.06 24.80 38.07
C GLY U 557 17.95 24.72 39.09
N THR U 558 18.02 23.71 39.97
CA THR U 558 17.05 23.55 41.08
C THR U 558 15.61 23.58 40.55
N THR U 559 15.17 22.45 39.96
CA THR U 559 13.82 22.30 39.43
C THR U 559 12.74 22.75 40.41
N HIS U 560 13.03 22.76 41.71
CA HIS U 560 12.23 23.47 42.69
C HIS U 560 13.12 23.85 43.86
N PHE U 561 12.66 24.83 44.63
CA PHE U 561 13.33 25.15 45.89
C PHE U 561 12.40 25.94 46.77
N ALA U 562 12.64 25.83 48.09
CA ALA U 562 11.79 26.43 49.11
C ALA U 562 12.51 27.61 49.74
N PRO U 563 12.28 28.83 49.25
CA PRO U 563 13.01 29.99 49.78
C PRO U 563 12.57 30.35 51.19
N ILE U 564 13.25 31.33 51.79
CA ILE U 564 12.92 31.83 53.11
C ILE U 564 12.24 33.19 52.94
N VAL U 565 11.12 33.38 53.66
CA VAL U 565 10.40 34.63 53.59
C VAL U 565 11.31 35.78 53.97
N ASN U 566 11.27 36.85 53.18
CA ASN U 566 12.14 37.99 53.37
C ASN U 566 11.42 39.00 54.26
N ALA U 567 11.59 38.86 55.58
CA ALA U 567 10.93 39.76 56.54
C ALA U 567 11.31 41.21 56.19
N PRO U 568 10.43 42.20 56.42
CA PRO U 568 9.14 42.02 57.08
C PRO U 568 8.00 41.68 56.13
N GLU U 569 8.31 41.17 54.95
CA GLU U 569 7.27 40.73 54.03
C GLU U 569 6.65 39.43 54.54
N VAL U 570 5.64 38.95 53.82
CA VAL U 570 4.92 37.75 54.22
C VAL U 570 5.02 36.64 53.19
N ALA U 571 5.66 36.88 52.06
CA ALA U 571 5.76 35.85 51.03
C ALA U 571 6.98 36.11 50.16
N ILE U 572 7.38 35.08 49.42
CA ILE U 572 8.48 35.17 48.48
C ILE U 572 8.27 34.11 47.41
N LEU U 573 8.49 34.49 46.16
CA LEU U 573 8.29 33.60 45.03
C LEU U 573 9.65 33.22 44.48
N GLY U 574 10.01 31.95 44.61
CA GLY U 574 11.22 31.44 44.00
C GLY U 574 10.90 30.87 42.63
N VAL U 575 11.78 31.13 41.67
CA VAL U 575 11.60 30.70 40.30
C VAL U 575 12.74 29.77 39.92
N SER U 576 12.42 28.71 39.20
CA SER U 576 13.37 27.66 38.86
C SER U 576 13.57 27.61 37.35
N LYS U 577 14.31 26.61 36.89
CA LYS U 577 14.66 26.51 35.48
C LYS U 577 13.49 26.00 34.67
N SER U 578 13.18 26.68 33.58
CA SER U 578 12.13 26.23 32.68
C SER U 578 12.56 24.96 31.97
N ALA U 579 11.65 23.99 31.89
CA ALA U 579 11.94 22.73 31.23
C ALA U 579 10.78 22.34 30.35
N MET U 580 11.10 21.68 29.23
CA MET U 580 10.07 21.22 28.30
C MET U 580 9.52 19.90 28.80
N GLU U 581 8.26 19.91 29.24
CA GLU U 581 7.60 18.75 29.79
C GLU U 581 6.34 18.42 29.00
N PRO U 582 5.91 17.16 29.01
CA PRO U 582 4.63 16.84 28.37
C PRO U 582 3.47 17.27 29.23
N VAL U 583 2.45 17.82 28.58
CA VAL U 583 1.25 18.32 29.26
C VAL U 583 0.03 17.69 28.59
N TRP U 584 -0.91 17.25 29.40
CA TRP U 584 -2.12 16.59 28.91
C TRP U 584 -3.07 17.65 28.36
N ASN U 585 -3.26 17.66 27.04
CA ASN U 585 -4.18 18.59 26.42
C ASN U 585 -5.62 18.09 26.42
N GLY U 586 -5.88 16.92 27.00
CA GLY U 586 -7.18 16.28 26.98
C GLY U 586 -7.20 15.00 26.18
N LYS U 587 -6.34 14.88 25.17
CA LYS U 587 -6.26 13.66 24.37
C LYS U 587 -4.84 13.18 24.10
N GLU U 588 -3.82 14.00 24.33
CA GLU U 588 -2.44 13.59 24.08
C GLU U 588 -1.52 14.47 24.90
N PHE U 589 -0.23 14.20 24.80
CA PHE U 589 0.79 14.91 25.57
C PHE U 589 1.50 15.89 24.63
N VAL U 590 1.14 17.17 24.72
CA VAL U 590 1.80 18.20 23.94
C VAL U 590 3.03 18.67 24.71
N PRO U 591 4.16 18.87 24.04
CA PRO U 591 5.34 19.36 24.76
C PRO U 591 5.28 20.84 25.05
N ARG U 592 5.01 21.21 26.29
CA ARG U 592 4.97 22.61 26.69
C ARG U 592 6.23 22.94 27.49
N LEU U 593 6.40 24.21 27.80
CA LEU U 593 7.57 24.70 28.52
C LEU U 593 7.12 25.16 29.89
N MET U 594 7.28 24.30 30.89
CA MET U 594 6.82 24.58 32.23
C MET U 594 7.93 25.23 33.05
N LEU U 595 7.57 26.31 33.75
CA LEU U 595 8.45 27.04 34.64
C LEU U 595 8.05 26.73 36.07
N PRO U 596 8.92 26.12 36.88
CA PRO U 596 8.54 25.77 38.25
C PRO U 596 8.71 26.96 39.18
N ILE U 597 7.61 27.41 39.76
CA ILE U 597 7.63 28.47 40.76
C ILE U 597 7.34 27.83 42.12
N SER U 598 7.60 28.60 43.17
CA SER U 598 7.38 28.11 44.52
C SER U 598 7.15 29.30 45.44
N LEU U 599 5.96 29.39 46.01
CA LEU U 599 5.60 30.47 46.90
C LEU U 599 5.83 30.02 48.34
N SER U 600 6.81 30.62 49.00
CA SER U 600 7.06 30.36 50.42
C SER U 600 6.52 31.55 51.20
N PHE U 601 5.57 31.31 52.09
CA PHE U 601 4.90 32.41 52.75
C PHE U 601 4.80 32.17 54.25
N ASP U 602 4.61 33.28 54.96
CA ASP U 602 4.40 33.27 56.40
C ASP U 602 3.00 32.73 56.69
N HIS U 603 2.95 31.67 57.51
CA HIS U 603 1.68 30.99 57.85
C HIS U 603 0.85 31.82 58.86
N ARG U 604 1.47 32.78 59.55
CA ARG U 604 0.72 33.55 60.53
C ARG U 604 -0.26 34.49 59.85
N VAL U 605 0.14 35.08 58.72
CA VAL U 605 -0.72 35.98 57.96
C VAL U 605 -1.59 35.21 56.99
N ILE U 606 -0.97 34.33 56.20
CA ILE U 606 -1.64 33.61 55.12
C ILE U 606 -1.81 32.16 55.53
N ASP U 607 -2.89 31.54 55.08
CA ASP U 607 -3.09 30.12 55.30
C ASP U 607 -2.88 29.38 53.98
N GLY U 608 -2.94 28.04 54.06
CA GLY U 608 -2.63 27.23 52.88
C GLY U 608 -3.54 27.53 51.71
N ALA U 609 -4.82 27.79 51.98
CA ALA U 609 -5.75 28.05 50.88
C ALA U 609 -5.47 29.37 50.20
N ASP U 610 -5.13 30.41 50.97
CA ASP U 610 -4.81 31.70 50.36
C ASP U 610 -3.53 31.61 49.56
N GLY U 611 -2.52 30.90 50.08
CA GLY U 611 -1.32 30.67 49.30
C GLY U 611 -1.61 29.91 48.02
N ALA U 612 -2.53 28.95 48.08
CA ALA U 612 -2.92 28.21 46.88
C ALA U 612 -3.56 29.12 45.85
N ARG U 613 -4.50 29.96 46.29
CA ARG U 613 -5.15 30.88 45.37
C ARG U 613 -4.16 31.87 44.79
N PHE U 614 -3.21 32.33 45.60
CA PHE U 614 -2.23 33.30 45.12
C PHE U 614 -1.32 32.67 44.07
N ILE U 615 -0.78 31.49 44.35
CA ILE U 615 0.13 30.89 43.39
C ILE U 615 -0.62 30.43 42.15
N THR U 616 -1.91 30.12 42.27
CA THR U 616 -2.65 29.77 41.07
C THR U 616 -3.03 31.01 40.27
N ILE U 617 -3.18 32.16 40.91
CA ILE U 617 -3.33 33.41 40.18
C ILE U 617 -2.06 33.71 39.39
N ILE U 618 -0.91 33.55 40.03
CA ILE U 618 0.36 33.74 39.32
C ILE U 618 0.48 32.75 38.18
N ASN U 619 0.11 31.49 38.42
CA ASN U 619 0.20 30.46 37.39
C ASN U 619 -0.70 30.79 36.21
N ASN U 620 -1.92 31.26 36.48
CA ASN U 620 -2.83 31.62 35.40
C ASN U 620 -2.33 32.83 34.63
N THR U 621 -1.82 33.84 35.35
CA THR U 621 -1.35 35.05 34.68
C THR U 621 -0.16 34.74 33.77
N LEU U 622 0.84 34.02 34.30
CA LEU U 622 1.99 33.68 33.47
C LEU U 622 1.66 32.65 32.41
N SER U 623 0.61 31.84 32.62
CA SER U 623 0.22 30.86 31.61
C SER U 623 -0.35 31.54 30.37
N ASP U 624 -1.11 32.62 30.57
CA ASP U 624 -1.67 33.40 29.47
C ASP U 624 -1.52 34.87 29.88
N ILE U 625 -0.44 35.50 29.43
CA ILE U 625 -0.09 36.84 29.89
C ILE U 625 -1.12 37.89 29.51
N ARG U 626 -2.01 37.58 28.56
CA ARG U 626 -3.06 38.51 28.20
C ARG U 626 -3.94 38.87 29.37
N ARG U 627 -3.97 38.05 30.43
CA ARG U 627 -4.75 38.38 31.61
C ARG U 627 -4.19 39.58 32.37
N LEU U 628 -3.10 40.19 31.91
CA LEU U 628 -2.62 41.41 32.55
C LEU U 628 -3.37 42.64 32.08
N VAL U 629 -4.10 42.56 30.96
CA VAL U 629 -4.87 43.70 30.48
C VAL U 629 -6.28 43.72 31.05
N MET U 630 -6.79 42.58 31.51
CA MET U 630 -8.14 42.52 32.07
C MET U 630 -8.22 43.21 33.42
N GLU V 208 -27.92 74.58 45.27
CA GLU V 208 -27.79 75.09 43.91
C GLU V 208 -27.63 73.91 42.96
N VAL V 209 -28.57 73.76 42.03
CA VAL V 209 -28.52 72.72 41.01
C VAL V 209 -28.65 73.41 39.66
N ASN V 210 -27.52 73.76 39.05
CA ASN V 210 -27.51 74.25 37.69
C ASN V 210 -27.64 73.07 36.74
N VAL V 211 -27.37 73.27 35.47
CA VAL V 211 -27.12 72.12 34.59
C VAL V 211 -25.67 71.71 34.83
N PRO V 212 -25.40 70.41 34.99
CA PRO V 212 -24.04 70.00 35.37
C PRO V 212 -23.04 70.08 34.24
N ASP V 213 -23.43 69.64 33.04
CA ASP V 213 -22.41 69.67 31.96
C ASP V 213 -22.99 69.61 30.54
N ILE V 214 -23.12 70.77 29.91
CA ILE V 214 -23.46 70.90 28.49
C ILE V 214 -22.39 71.76 27.84
N GLY V 215 -21.92 71.33 26.67
CA GLY V 215 -20.78 71.97 26.02
C GLY V 215 -21.03 73.41 25.62
N GLY V 216 -22.24 73.93 25.79
CA GLY V 216 -22.53 75.31 25.47
C GLY V 216 -23.59 75.48 24.40
N ASP V 217 -24.46 74.49 24.27
CA ASP V 217 -25.56 74.54 23.33
C ASP V 217 -26.87 74.77 24.08
N GLU V 218 -27.76 75.54 23.46
CA GLU V 218 -29.06 75.82 24.05
C GLU V 218 -29.96 74.60 23.89
N VAL V 219 -30.29 73.95 25.00
CA VAL V 219 -31.03 72.69 24.98
C VAL V 219 -32.44 72.94 25.51
N GLU V 220 -33.42 72.30 24.86
CA GLU V 220 -34.83 72.46 25.19
C GLU V 220 -35.29 71.30 26.07
N VAL V 221 -35.87 71.63 27.23
CA VAL V 221 -36.34 70.60 28.14
C VAL V 221 -37.48 69.80 27.52
N THR V 222 -37.59 68.53 27.92
CA THR V 222 -38.71 67.69 27.56
C THR V 222 -39.63 67.42 28.73
N GLU V 223 -39.10 66.99 29.88
CA GLU V 223 -39.90 66.77 31.09
C GLU V 223 -38.95 66.65 32.28
N VAL V 224 -39.55 66.55 33.47
CA VAL V 224 -38.81 66.43 34.72
C VAL V 224 -39.10 65.08 35.34
N MET V 225 -38.28 64.72 36.32
CA MET V 225 -38.32 63.39 36.94
C MET V 225 -38.77 63.40 38.39
N VAL V 226 -39.09 64.56 38.96
CA VAL V 226 -39.22 64.67 40.41
C VAL V 226 -40.63 65.09 40.81
N LYS V 227 -40.85 65.20 42.12
CA LYS V 227 -42.11 65.63 42.71
C LYS V 227 -41.85 66.71 43.73
N VAL V 228 -42.85 67.55 43.97
CA VAL V 228 -42.76 68.54 45.04
C VAL V 228 -42.79 67.81 46.38
N GLY V 229 -41.66 67.80 47.08
CA GLY V 229 -41.50 67.04 48.30
C GLY V 229 -40.58 65.85 48.18
N ASP V 230 -40.44 65.29 46.98
CA ASP V 230 -39.53 64.18 46.75
C ASP V 230 -38.09 64.58 47.04
N LYS V 231 -37.27 63.59 47.44
CA LYS V 231 -35.84 63.80 47.62
C LYS V 231 -35.11 62.82 46.71
N VAL V 232 -34.05 63.32 46.08
CA VAL V 232 -33.38 62.63 44.97
C VAL V 232 -32.08 62.03 45.48
N ALA V 233 -31.65 60.95 44.83
CA ALA V 233 -30.48 60.19 45.25
C ALA V 233 -29.20 60.90 44.82
N ALA V 234 -28.07 60.18 44.92
CA ALA V 234 -26.77 60.78 44.67
C ALA V 234 -26.65 61.30 43.25
N GLU V 235 -26.79 60.39 42.28
CA GLU V 235 -26.69 60.78 40.84
C GLU V 235 -27.74 60.02 40.03
N GLN V 236 -28.97 60.57 39.95
CA GLN V 236 -30.03 59.93 39.19
C GLN V 236 -30.79 61.00 38.41
N SER V 237 -31.77 60.57 37.63
CA SER V 237 -32.45 61.46 36.72
C SER V 237 -33.28 62.50 37.47
N LEU V 238 -33.20 63.74 36.99
CA LEU V 238 -34.06 64.84 37.43
C LEU V 238 -34.82 65.48 36.29
N ILE V 239 -34.19 65.62 35.13
CA ILE V 239 -34.75 66.37 34.01
C ILE V 239 -34.17 65.80 32.72
N THR V 240 -35.03 65.58 31.74
CA THR V 240 -34.57 65.18 30.41
C THR V 240 -34.60 66.39 29.48
N VAL V 241 -33.52 66.59 28.73
CA VAL V 241 -33.39 67.72 27.83
C VAL V 241 -32.99 67.18 26.46
N GLU V 242 -33.67 67.66 25.42
CA GLU V 242 -33.53 67.10 24.07
C GLU V 242 -32.54 67.97 23.29
N GLY V 243 -31.27 67.61 23.34
CA GLY V 243 -30.22 68.32 22.62
C GLY V 243 -29.89 67.67 21.31
N ASP V 244 -28.61 67.70 20.96
CA ASP V 244 -28.14 67.06 19.74
C ASP V 244 -27.94 65.57 20.02
CB LA2 V 245 -26.15 63.09 19.93
C LA2 V 245 -28.63 62.69 19.72
O LA2 V 245 -29.38 62.03 18.98
N LA2 V 245 -27.64 64.82 18.97
CA LA2 V 245 -27.40 63.35 19.10
O1 LA2 V 245 -22.66 62.48 14.60
C1 LA2 V 245 -22.65 61.75 15.59
NZ LA2 V 245 -23.43 61.99 16.66
CE LA2 V 245 -23.10 61.59 18.01
CD LA2 V 245 -24.31 61.64 18.94
CG LA2 V 245 -24.84 63.05 19.15
C2 LA2 V 245 -21.76 60.53 15.67
C3 LA2 V 245 -21.48 59.93 14.33
C4 LA2 V 245 -20.03 59.55 14.12
C5 LA2 V 245 -19.68 58.75 12.89
C6 LA2 V 245 -20.13 59.36 11.58
S6 LA2 V 245 -19.49 61.05 11.35
C7 LA2 V 245 -19.87 58.48 10.36
C8 LA2 V 245 -20.46 57.09 10.49
S8 LA2 V 245 -21.08 56.42 8.92
N ALA V 246 -28.82 62.88 21.03
CA ALA V 246 -29.96 62.29 21.73
C ALA V 246 -30.30 63.03 23.02
N SER V 247 -31.51 62.80 23.52
CA SER V 247 -31.95 63.44 24.75
C SER V 247 -31.17 62.91 25.96
N MET V 248 -30.79 63.82 26.85
CA MET V 248 -29.91 63.53 27.96
C MET V 248 -30.62 63.80 29.29
N GLU V 249 -30.43 62.90 30.25
CA GLU V 249 -31.00 63.02 31.58
C GLU V 249 -29.96 63.59 32.53
N VAL V 250 -30.22 64.80 33.03
CA VAL V 250 -29.30 65.44 33.97
C VAL V 250 -29.23 64.62 35.25
N PRO V 251 -28.04 64.28 35.75
CA PRO V 251 -27.95 63.49 36.98
C PRO V 251 -28.13 64.37 38.21
N ALA V 252 -28.08 63.73 39.37
CA ALA V 252 -28.17 64.57 40.56
C ALA V 252 -26.77 64.95 41.04
N PRO V 253 -26.60 66.18 41.55
CA PRO V 253 -25.31 66.52 42.17
C PRO V 253 -25.18 66.03 43.60
N PHE V 254 -26.28 65.82 44.30
CA PHE V 254 -26.29 65.47 45.72
C PHE V 254 -27.71 65.03 46.07
N ALA V 255 -27.93 64.74 47.35
CA ALA V 255 -29.26 64.30 47.85
C ALA V 255 -29.95 65.40 48.64
N GLY V 256 -31.29 65.49 48.52
CA GLY V 256 -32.06 66.50 49.21
C GLY V 256 -33.46 66.60 48.66
N VAL V 257 -34.38 67.04 49.52
CA VAL V 257 -35.77 67.19 49.15
C VAL V 257 -35.94 68.45 48.32
N VAL V 258 -37.04 68.49 47.57
CA VAL V 258 -37.28 69.52 46.56
C VAL V 258 -37.71 70.82 47.23
N LYS V 259 -37.20 71.95 46.73
CA LYS V 259 -37.62 73.29 47.12
C LYS V 259 -38.10 74.14 45.95
N GLU V 260 -37.50 73.99 44.77
CA GLU V 260 -37.82 74.80 43.59
C GLU V 260 -38.15 73.90 42.42
N LEU V 261 -39.28 74.17 41.78
CA LEU V 261 -39.45 73.83 40.38
C LEU V 261 -39.05 75.02 39.51
N LYS V 262 -37.79 75.43 39.67
CA LYS V 262 -37.29 76.56 38.89
C LYS V 262 -37.34 76.25 37.40
N VAL V 263 -37.19 74.99 37.03
CA VAL V 263 -37.46 74.52 35.66
C VAL V 263 -38.81 73.81 35.67
N ASN V 264 -39.45 73.77 34.50
CA ASN V 264 -40.71 73.07 34.31
C ASN V 264 -40.64 72.19 33.07
N VAL V 265 -41.79 71.66 32.67
CA VAL V 265 -41.87 70.84 31.46
C VAL V 265 -42.06 71.77 30.26
N GLY V 266 -41.09 71.77 29.37
CA GLY V 266 -41.11 72.61 28.17
C GLY V 266 -40.14 73.76 28.20
N ASP V 267 -39.43 73.92 29.32
CA ASP V 267 -38.43 75.02 29.49
C ASP V 267 -37.25 74.83 28.53
N LYS V 268 -36.27 75.72 28.61
CA LYS V 268 -35.08 75.68 27.76
C LYS V 268 -33.92 76.35 28.49
N VAL V 269 -32.77 75.67 28.52
CA VAL V 269 -31.58 76.15 29.20
C VAL V 269 -30.40 76.07 28.25
N LYS V 270 -29.62 77.16 28.17
CA LYS V 270 -28.40 77.15 27.39
C LYS V 270 -27.20 76.64 28.19
N THR V 271 -27.08 77.08 29.44
CA THR V 271 -25.94 76.62 30.30
C THR V 271 -25.95 77.31 31.66
N GLY V 272 -25.70 76.52 32.72
CA GLY V 272 -25.63 77.00 34.09
C GLY V 272 -26.80 77.81 34.62
N SER V 273 -28.03 77.36 34.35
CA SER V 273 -29.22 78.02 34.87
C SER V 273 -29.75 77.23 36.06
N LEU V 274 -30.09 77.94 37.13
CA LEU V 274 -30.56 77.31 38.34
C LEU V 274 -31.94 76.69 38.09
N ILE V 275 -32.00 75.37 38.09
CA ILE V 275 -33.26 74.66 37.87
C ILE V 275 -33.80 74.01 39.13
N MET V 276 -32.96 73.69 40.12
CA MET V 276 -33.42 73.02 41.32
C MET V 276 -32.67 73.54 42.53
N ILE V 277 -33.39 73.69 43.64
CA ILE V 277 -32.83 73.92 44.97
C ILE V 277 -33.34 72.81 45.87
N PHE V 278 -32.48 72.31 46.76
CA PHE V 278 -32.82 71.14 47.56
C PHE V 278 -32.61 71.43 49.04
N GLU V 279 -32.87 70.42 49.86
CA GLU V 279 -32.68 70.49 51.30
C GLU V 279 -32.04 69.19 51.77
N VAL V 280 -31.24 69.29 52.83
CA VAL V 280 -30.59 68.13 53.43
C VAL V 280 -30.21 68.44 54.89
N PRO V 384 -17.49 78.23 -4.84
CA PRO V 384 -18.04 79.51 -5.33
C PRO V 384 -19.48 79.39 -5.77
N GLY V 385 -19.72 79.54 -7.07
CA GLY V 385 -21.06 79.41 -7.61
C GLY V 385 -21.33 78.04 -8.18
N MET V 386 -22.04 77.21 -7.42
CA MET V 386 -22.38 75.86 -7.83
C MET V 386 -23.83 75.79 -8.29
N LEU V 387 -24.14 74.74 -9.03
CA LEU V 387 -25.50 74.52 -9.48
C LEU V 387 -26.40 74.23 -8.28
N PRO V 388 -27.67 74.64 -8.34
CA PRO V 388 -28.59 74.33 -7.25
C PRO V 388 -28.99 72.86 -7.26
N TRP V 389 -29.66 72.45 -6.19
CA TRP V 389 -30.14 71.08 -6.09
C TRP V 389 -31.10 70.78 -7.25
N PRO V 390 -31.10 69.55 -7.76
CA PRO V 390 -31.96 69.25 -8.91
C PRO V 390 -33.44 69.40 -8.61
N LYS V 391 -34.08 70.39 -9.22
CA LYS V 391 -35.51 70.61 -9.05
C LYS V 391 -36.27 69.56 -9.83
N VAL V 392 -36.90 68.62 -9.12
CA VAL V 392 -37.62 67.51 -9.74
C VAL V 392 -39.01 67.45 -9.16
N ASP V 393 -40.00 67.22 -10.02
CA ASP V 393 -41.37 66.96 -9.58
C ASP V 393 -41.48 65.47 -9.32
N PHE V 394 -41.20 65.08 -8.08
CA PHE V 394 -41.11 63.67 -7.72
C PHE V 394 -42.44 62.94 -7.79
N SER V 395 -43.55 63.66 -7.95
CA SER V 395 -44.87 63.04 -7.98
C SER V 395 -45.33 62.66 -9.38
N LYS V 396 -44.67 63.17 -10.41
CA LYS V 396 -45.07 62.82 -11.77
C LYS V 396 -44.66 61.41 -12.16
N PHE V 397 -43.80 60.75 -11.38
CA PHE V 397 -43.43 59.37 -11.64
C PHE V 397 -44.15 58.38 -10.73
N GLY V 398 -44.73 58.84 -9.63
CA GLY V 398 -45.44 57.96 -8.73
C GLY V 398 -45.97 58.73 -7.55
N GLU V 399 -46.26 57.98 -6.48
CA GLU V 399 -46.78 58.55 -5.21
C GLU V 399 -45.59 58.77 -4.26
N ILE V 400 -45.59 59.94 -3.59
CA ILE V 400 -44.53 60.30 -2.67
C ILE V 400 -45.13 60.56 -1.29
N GLU V 401 -44.26 60.86 -0.33
CA GLU V 401 -44.69 61.21 1.02
C GLU V 401 -43.60 62.08 1.63
N GLU V 402 -43.82 63.39 1.66
CA GLU V 402 -42.79 64.34 2.06
C GLU V 402 -42.75 64.42 3.59
N VAL V 403 -42.05 63.45 4.18
CA VAL V 403 -41.79 63.50 5.61
C VAL V 403 -40.71 64.54 5.89
N GLU V 404 -40.71 65.09 7.10
CA GLU V 404 -39.77 66.11 7.49
C GLU V 404 -38.83 65.57 8.57
N LEU V 405 -37.55 65.85 8.41
CA LEU V 405 -36.54 65.29 9.30
C LEU V 405 -36.67 65.86 10.71
N GLY V 406 -36.49 65.01 11.70
CA GLY V 406 -36.47 65.47 13.09
C GLY V 406 -35.34 66.45 13.34
N ARG V 407 -35.40 67.07 14.52
CA ARG V 407 -34.41 68.11 14.83
C ARG V 407 -33.02 67.50 15.02
N ILE V 408 -32.95 66.30 15.59
CA ILE V 408 -31.64 65.65 15.73
C ILE V 408 -31.13 65.20 14.38
N GLN V 409 -32.03 64.79 13.48
CA GLN V 409 -31.60 64.43 12.13
C GLN V 409 -31.11 65.65 11.37
N LYS V 410 -31.82 66.78 11.49
CA LYS V 410 -31.35 68.01 10.87
C LYS V 410 -29.99 68.42 11.41
N ILE V 411 -29.80 68.33 12.73
CA ILE V 411 -28.54 68.77 13.34
C ILE V 411 -27.41 67.84 12.91
N SER V 412 -27.66 66.53 12.88
CA SER V 412 -26.62 65.59 12.45
C SER V 412 -26.29 65.79 10.98
N GLY V 413 -27.30 66.09 10.16
CA GLY V 413 -27.04 66.38 8.76
C GLY V 413 -26.20 67.61 8.57
N ALA V 414 -26.49 68.67 9.34
CA ALA V 414 -25.67 69.88 9.26
C ALA V 414 -24.24 69.61 9.72
N ASN V 415 -24.08 68.85 10.79
CA ASN V 415 -22.75 68.53 11.29
C ASN V 415 -21.96 67.73 10.26
N LEU V 416 -22.60 66.74 9.63
CA LEU V 416 -21.90 65.94 8.64
C LEU V 416 -21.61 66.74 7.37
N SER V 417 -22.51 67.65 6.99
CA SER V 417 -22.24 68.48 5.83
C SER V 417 -21.19 69.53 6.10
N ARG V 418 -20.93 69.84 7.36
CA ARG V 418 -19.78 70.68 7.68
C ARG V 418 -18.49 69.87 7.69
N ASN V 419 -18.53 68.68 8.30
CA ASN V 419 -17.33 67.85 8.35
C ASN V 419 -16.90 67.41 6.97
N TRP V 420 -17.83 67.20 6.05
CA TRP V 420 -17.46 66.78 4.71
C TRP V 420 -16.70 67.87 3.98
N VAL V 421 -17.17 69.11 4.07
CA VAL V 421 -16.54 70.21 3.35
C VAL V 421 -15.22 70.59 4.01
N MET V 422 -15.25 70.84 5.33
CA MET V 422 -14.10 71.44 5.99
C MET V 422 -12.96 70.48 6.25
N ILE V 423 -13.17 69.18 6.12
CA ILE V 423 -12.17 68.17 6.44
C ILE V 423 -11.78 67.45 5.16
N PRO V 424 -10.52 67.47 4.75
CA PRO V 424 -10.08 66.59 3.67
C PRO V 424 -9.88 65.17 4.18
N HIS V 425 -10.80 64.27 3.85
CA HIS V 425 -10.75 62.92 4.40
C HIS V 425 -9.79 62.06 3.59
N VAL V 426 -9.07 61.18 4.28
CA VAL V 426 -8.35 60.10 3.64
C VAL V 426 -8.59 58.83 4.45
N THR V 427 -8.91 57.74 3.76
CA THR V 427 -9.34 56.51 4.41
C THR V 427 -8.35 55.41 4.08
N HIS V 428 -7.69 54.88 5.10
CA HIS V 428 -6.78 53.76 4.95
C HIS V 428 -7.47 52.50 5.45
N PHE V 429 -7.59 51.50 4.59
CA PHE V 429 -8.21 50.25 4.99
C PHE V 429 -7.14 49.27 5.45
N ASP V 430 -7.54 48.32 6.28
CA ASP V 430 -6.59 47.34 6.79
C ASP V 430 -7.36 46.14 7.31
N LYS V 431 -6.64 45.05 7.52
CA LYS V 431 -7.22 43.82 8.04
C LYS V 431 -6.32 43.31 9.16
N THR V 432 -6.93 42.95 10.28
CA THR V 432 -6.20 42.58 11.49
C THR V 432 -6.49 41.12 11.84
N ASP V 433 -5.43 40.34 12.03
CA ASP V 433 -5.58 38.92 12.39
C ASP V 433 -5.94 38.85 13.86
N ILE V 434 -7.21 38.57 14.15
CA ILE V 434 -7.69 38.59 15.52
C ILE V 434 -8.15 37.20 15.96
N THR V 435 -7.52 36.16 15.42
CA THR V 435 -7.86 34.80 15.83
C THR V 435 -7.54 34.59 17.31
N GLU V 436 -6.32 34.94 17.71
CA GLU V 436 -5.93 34.82 19.11
C GLU V 436 -6.78 35.71 19.99
N LEU V 437 -7.07 36.93 19.52
CA LEU V 437 -7.89 37.84 20.31
C LEU V 437 -9.29 37.30 20.51
N GLU V 438 -9.87 36.68 19.48
CA GLU V 438 -11.22 36.14 19.61
C GLU V 438 -11.23 34.91 20.52
N ALA V 439 -10.23 34.04 20.38
CA ALA V 439 -10.13 32.91 21.29
C ALA V 439 -10.02 33.38 22.73
N PHE V 440 -9.17 34.38 22.97
CA PHE V 440 -8.99 34.89 24.33
C PHE V 440 -10.26 35.57 24.85
N ARG V 441 -10.98 36.27 23.97
CA ARG V 441 -12.21 36.91 24.40
C ARG V 441 -13.28 35.89 24.76
N LYS V 442 -13.39 34.82 23.96
CA LYS V 442 -14.33 33.75 24.32
C LYS V 442 -13.93 33.07 25.62
N GLN V 443 -12.63 32.82 25.82
CA GLN V 443 -12.17 32.21 27.05
C GLN V 443 -12.49 33.09 28.26
N GLN V 444 -12.28 34.41 28.13
CA GLN V 444 -12.56 35.31 29.23
C GLN V 444 -14.06 35.51 29.44
N ASN V 445 -14.87 35.35 28.39
CA ASN V 445 -16.31 35.41 28.58
C ASN V 445 -16.82 34.17 29.31
N GLU V 446 -16.20 33.02 29.05
CA GLU V 446 -16.50 31.82 29.84
C GLU V 446 -16.06 32.01 31.28
N GLU V 447 -14.79 32.37 31.48
CA GLU V 447 -14.24 32.49 32.83
C GLU V 447 -14.96 33.56 33.65
N ALA V 448 -15.42 34.63 33.01
CA ALA V 448 -16.19 35.66 33.69
C ALA V 448 -17.64 35.24 33.91
N ALA V 449 -18.04 34.07 33.44
CA ALA V 449 -19.36 33.53 33.69
C ALA V 449 -19.35 32.54 34.86
N LYS V 450 -18.48 31.53 34.79
CA LYS V 450 -18.38 30.57 35.89
C LYS V 450 -17.83 31.20 37.16
N ARG V 451 -17.43 32.47 37.14
CA ARG V 451 -17.04 33.19 38.34
C ARG V 451 -18.04 34.27 38.71
N LYS V 452 -19.18 34.32 38.01
CA LYS V 452 -20.30 35.19 38.36
C LYS V 452 -19.88 36.65 38.46
N LEU V 453 -19.39 37.18 37.34
CA LEU V 453 -19.07 38.60 37.24
C LEU V 453 -20.16 39.42 36.56
N ASP V 454 -21.06 38.76 35.83
CA ASP V 454 -22.13 39.43 35.09
C ASP V 454 -21.57 40.52 34.18
N VAL V 455 -20.58 40.14 33.37
CA VAL V 455 -19.97 41.05 32.41
C VAL V 455 -19.84 40.30 31.09
N LYS V 456 -20.04 41.02 29.99
CA LYS V 456 -19.92 40.47 28.64
C LYS V 456 -18.86 41.26 27.90
N ILE V 457 -17.79 40.58 27.50
CA ILE V 457 -16.65 41.25 26.88
C ILE V 457 -16.83 41.21 25.38
N THR V 458 -17.20 42.34 24.80
CA THR V 458 -17.40 42.50 23.37
C THR V 458 -16.07 42.70 22.66
N PRO V 459 -16.00 42.44 21.36
CA PRO V 459 -14.75 42.72 20.63
C PRO V 459 -14.41 44.19 20.51
N VAL V 460 -15.25 45.09 21.02
CA VAL V 460 -15.02 46.51 20.87
C VAL V 460 -14.10 47.07 21.94
N VAL V 461 -14.08 46.47 23.13
CA VAL V 461 -13.22 47.00 24.18
C VAL V 461 -11.76 46.75 23.86
N PHE V 462 -11.45 45.62 23.21
CA PHE V 462 -10.08 45.40 22.75
C PHE V 462 -9.67 46.45 21.73
N ILE V 463 -10.60 46.86 20.88
CA ILE V 463 -10.30 47.90 19.90
C ILE V 463 -10.13 49.25 20.59
N MET V 464 -10.92 49.51 21.63
CA MET V 464 -10.72 50.74 22.40
C MET V 464 -9.35 50.76 23.04
N LYS V 465 -8.91 49.64 23.60
CA LYS V 465 -7.58 49.58 24.20
C LYS V 465 -6.49 49.75 23.14
N ALA V 466 -6.66 49.11 21.98
CA ALA V 466 -5.68 49.24 20.92
C ALA V 466 -5.59 50.68 20.42
N VAL V 467 -6.73 51.35 20.29
CA VAL V 467 -6.71 52.73 19.83
C VAL V 467 -6.13 53.65 20.89
N ALA V 468 -6.38 53.36 22.16
CA ALA V 468 -5.76 54.15 23.22
C ALA V 468 -4.24 53.99 23.21
N ALA V 469 -3.76 52.76 23.01
CA ALA V 469 -2.33 52.54 22.86
C ALA V 469 -1.78 53.31 21.67
N ALA V 470 -2.48 53.26 20.54
CA ALA V 470 -2.01 53.96 19.34
C ALA V 470 -2.00 55.47 19.54
N LEU V 471 -2.93 56.00 20.32
CA LEU V 471 -2.92 57.42 20.61
C LEU V 471 -1.81 57.76 21.59
N GLU V 472 -1.44 56.83 22.46
CA GLU V 472 -0.27 57.03 23.30
C GLU V 472 1.00 57.09 22.46
N GLN V 473 1.13 56.19 21.48
CA GLN V 473 2.36 56.14 20.69
C GLN V 473 2.42 57.28 19.68
N MET V 474 1.31 57.57 19.01
CA MET V 474 1.27 58.65 18.04
C MET V 474 0.36 59.76 18.53
N PRO V 475 0.88 60.67 19.36
CA PRO V 475 0.01 61.70 19.96
C PRO V 475 -0.52 62.72 18.97
N ARG V 476 -0.02 62.74 17.73
CA ARG V 476 -0.56 63.64 16.72
C ARG V 476 -2.00 63.30 16.37
N PHE V 477 -2.40 62.04 16.55
CA PHE V 477 -3.78 61.64 16.28
C PHE V 477 -4.74 62.05 17.38
N ASN V 478 -4.22 62.37 18.56
CA ASN V 478 -5.05 62.86 19.66
C ASN V 478 -4.98 64.40 19.67
N SER V 479 -5.51 64.97 18.60
CA SER V 479 -5.39 66.41 18.37
C SER V 479 -6.74 66.97 17.99
N SER V 480 -6.76 68.24 17.61
CA SER V 480 -7.95 68.93 17.14
C SER V 480 -7.53 70.27 16.55
N LEU V 481 -8.12 70.62 15.42
CA LEU V 481 -7.82 71.87 14.76
C LEU V 481 -8.79 72.96 15.19
N SER V 482 -8.45 74.19 14.85
CA SER V 482 -9.29 75.34 15.16
C SER V 482 -10.21 75.67 14.00
N GLU V 483 -11.00 76.71 14.19
CA GLU V 483 -11.92 77.19 13.15
C GLU V 483 -11.16 77.47 11.85
N ASP V 484 -10.08 78.24 11.95
CA ASP V 484 -9.28 78.57 10.77
C ASP V 484 -8.33 77.46 10.33
N GLY V 485 -8.12 76.44 11.16
CA GLY V 485 -7.21 75.36 10.79
C GLY V 485 -5.74 75.77 10.81
N GLN V 486 -5.34 76.58 11.79
CA GLN V 486 -3.97 77.04 11.90
C GLN V 486 -3.30 76.68 13.22
N ARG V 487 -4.05 76.35 14.26
CA ARG V 487 -3.50 76.00 15.55
C ARG V 487 -4.02 74.64 15.97
N LEU V 488 -3.11 73.70 16.21
CA LEU V 488 -3.48 72.39 16.70
C LEU V 488 -3.66 72.43 18.21
N THR V 489 -4.36 71.41 18.74
CA THR V 489 -4.58 71.27 20.17
C THR V 489 -4.21 69.85 20.56
N LEU V 490 -2.93 69.63 20.85
CA LEU V 490 -2.47 68.30 21.24
C LEU V 490 -3.03 67.95 22.61
N LYS V 491 -4.00 67.06 22.64
CA LYS V 491 -4.57 66.60 23.90
C LYS V 491 -3.67 65.55 24.53
N LYS V 492 -3.64 65.54 25.86
CA LYS V 492 -2.86 64.57 26.60
C LYS V 492 -3.71 63.47 27.20
N TYR V 493 -5.00 63.71 27.40
CA TYR V 493 -5.93 62.67 27.82
C TYR V 493 -6.36 61.85 26.63
N ILE V 494 -6.92 60.68 26.89
CA ILE V 494 -7.35 59.75 25.85
C ILE V 494 -8.77 59.30 26.20
N ASN V 495 -9.75 59.98 25.63
CA ASN V 495 -11.14 59.55 25.67
C ASN V 495 -11.54 59.07 24.28
N ILE V 496 -12.40 58.06 24.23
CA ILE V 496 -12.76 57.44 22.97
C ILE V 496 -14.28 57.30 22.92
N GLY V 497 -14.90 57.89 21.91
CA GLY V 497 -16.31 57.66 21.68
C GLY V 497 -16.49 56.35 20.91
N VAL V 498 -17.57 55.66 21.23
CA VAL V 498 -17.89 54.38 20.60
C VAL V 498 -19.31 54.46 20.07
N ALA V 499 -19.46 54.46 18.76
CA ALA V 499 -20.77 54.66 18.14
C ALA V 499 -21.69 53.50 18.51
N VAL V 500 -22.69 53.79 19.34
CA VAL V 500 -23.73 52.83 19.71
C VAL V 500 -24.95 53.09 18.84
N ASP V 501 -25.67 52.01 18.50
CA ASP V 501 -26.80 52.07 17.58
C ASP V 501 -28.09 52.04 18.40
N THR V 502 -28.66 53.21 18.62
CA THR V 502 -29.97 53.36 19.23
C THR V 502 -31.03 53.38 18.15
N PRO V 503 -32.31 53.13 18.50
CA PRO V 503 -33.39 53.21 17.51
C PRO V 503 -33.46 54.55 16.79
N ASN V 504 -32.81 55.56 17.35
CA ASN V 504 -32.75 56.89 16.74
C ASN V 504 -31.40 57.15 16.08
N GLY V 505 -30.80 56.14 15.48
CA GLY V 505 -29.54 56.29 14.80
C GLY V 505 -28.34 55.99 15.68
N LEU V 506 -27.18 56.43 15.21
CA LEU V 506 -25.94 56.21 15.93
C LEU V 506 -25.64 57.39 16.83
N VAL V 507 -25.49 57.13 18.12
CA VAL V 507 -25.06 58.13 19.09
C VAL V 507 -23.67 57.73 19.57
N VAL V 508 -22.82 58.70 19.85
CA VAL V 508 -21.45 58.41 20.24
C VAL V 508 -21.24 58.76 21.70
N PRO V 509 -21.31 57.78 22.60
CA PRO V 509 -20.90 58.03 23.98
C PRO V 509 -19.39 57.89 24.15
N VAL V 510 -18.86 58.72 25.03
CA VAL V 510 -17.42 58.88 25.21
C VAL V 510 -17.01 58.18 26.49
N PHE V 511 -15.96 57.36 26.41
CA PHE V 511 -15.37 56.69 27.55
C PHE V 511 -14.04 57.36 27.87
N LYS V 512 -13.86 57.72 29.14
CA LYS V 512 -12.74 58.57 29.54
C LYS V 512 -11.57 57.73 30.03
N ASP V 513 -10.37 58.23 29.75
CA ASP V 513 -9.12 57.64 30.23
C ASP V 513 -9.03 56.15 29.88
N VAL V 514 -9.33 55.85 28.62
CA VAL V 514 -9.28 54.47 28.16
C VAL V 514 -7.87 53.89 28.29
N ASN V 515 -6.85 54.74 28.24
CA ASN V 515 -5.48 54.26 28.29
C ASN V 515 -5.14 53.60 29.62
N LYS V 516 -5.86 53.95 30.69
CA LYS V 516 -5.58 53.43 32.02
C LYS V 516 -6.47 52.26 32.41
N LYS V 517 -7.77 52.37 32.16
CA LYS V 517 -8.72 51.36 32.59
C LYS V 517 -8.44 50.02 31.93
N GLY V 518 -8.81 48.94 32.63
CA GLY V 518 -8.66 47.61 32.10
C GLY V 518 -9.84 47.19 31.24
N ILE V 519 -9.69 46.02 30.62
CA ILE V 519 -10.71 45.59 29.68
C ILE V 519 -12.01 45.19 30.38
N ILE V 520 -11.94 44.70 31.61
CA ILE V 520 -13.17 44.36 32.31
C ILE V 520 -13.90 45.59 32.83
N GLU V 521 -13.18 46.58 33.36
CA GLU V 521 -13.81 47.84 33.73
C GLU V 521 -14.41 48.54 32.51
N LEU V 522 -13.65 48.59 31.42
CA LEU V 522 -14.17 49.16 30.18
C LEU V 522 -15.37 48.38 29.66
N SER V 523 -15.36 47.06 29.83
CA SER V 523 -16.48 46.26 29.34
C SER V 523 -17.73 46.52 30.17
N ARG V 524 -17.56 46.72 31.48
CA ARG V 524 -18.71 47.08 32.30
C ARG V 524 -19.24 48.46 31.92
N GLU V 525 -18.33 49.43 31.74
CA GLU V 525 -18.74 50.76 31.28
C GLU V 525 -19.51 50.68 29.97
N LEU V 526 -19.00 49.87 29.02
CA LEU V 526 -19.64 49.78 27.71
C LEU V 526 -20.98 49.10 27.81
N MET V 527 -21.07 48.01 28.57
CA MET V 527 -22.34 47.32 28.74
C MET V 527 -23.38 48.21 29.41
N THR V 528 -22.95 49.09 30.31
CA THR V 528 -23.89 50.02 30.93
C THR V 528 -24.33 51.09 29.95
N ILE V 529 -23.38 51.75 29.30
CA ILE V 529 -23.70 52.92 28.49
C ILE V 529 -24.39 52.53 27.18
N SER V 530 -24.13 51.34 26.64
CA SER V 530 -24.85 50.89 25.46
C SER V 530 -26.34 50.81 25.74
N LYS V 531 -26.72 50.22 26.87
CA LYS V 531 -28.12 50.17 27.25
C LYS V 531 -28.65 51.56 27.61
N LYS V 532 -27.83 52.35 28.30
CA LYS V 532 -28.22 53.73 28.61
C LYS V 532 -28.55 54.52 27.36
N ALA V 533 -27.87 54.24 26.25
CA ALA V 533 -28.13 54.94 25.00
C ALA V 533 -29.32 54.35 24.27
N ARG V 534 -29.36 53.01 24.13
CA ARG V 534 -30.47 52.37 23.44
C ARG V 534 -31.80 52.62 24.13
N ASP V 535 -31.78 52.97 25.42
CA ASP V 535 -33.01 53.37 26.10
C ASP V 535 -33.29 54.86 25.98
N GLY V 536 -32.25 55.67 25.82
CA GLY V 536 -32.40 57.11 25.70
C GLY V 536 -31.98 57.90 26.93
N LYS V 537 -31.64 57.22 28.02
CA LYS V 537 -31.26 57.87 29.26
C LYS V 537 -29.79 58.31 29.29
N LEU V 538 -29.16 58.40 28.12
CA LEU V 538 -27.73 58.74 28.03
C LEU V 538 -27.46 60.14 28.56
N THR V 539 -26.71 60.24 29.65
CA THR V 539 -26.50 61.49 30.35
C THR V 539 -25.41 62.32 29.67
N ALA V 540 -25.55 63.64 29.72
CA ALA V 540 -24.54 64.51 29.15
C ALA V 540 -23.22 64.34 29.90
N GLY V 541 -22.12 64.65 29.23
CA GLY V 541 -20.82 64.33 29.76
C GLY V 541 -20.42 62.91 29.40
N GLU V 542 -21.41 62.05 29.19
CA GLU V 542 -21.19 60.75 28.61
C GLU V 542 -21.27 60.79 27.08
N MET V 543 -21.32 61.99 26.49
CA MET V 543 -21.17 62.13 25.04
C MET V 543 -20.30 63.33 24.69
N GLN V 544 -19.51 63.81 25.65
CA GLN V 544 -18.67 65.01 25.39
C GLN V 544 -17.20 64.73 25.72
N GLY V 545 -16.30 65.45 25.05
CA GLY V 545 -14.87 65.31 25.27
C GLY V 545 -14.27 64.04 24.73
N GLY V 546 -14.53 63.74 23.45
CA GLY V 546 -13.97 62.57 22.80
C GLY V 546 -12.76 62.95 21.96
N CYS V 547 -11.71 62.14 22.08
CA CYS V 547 -10.49 62.35 21.32
C CYS V 547 -10.40 61.51 20.06
N PHE V 548 -11.31 60.55 19.89
CA PHE V 548 -11.27 59.58 18.82
C PHE V 548 -12.64 58.93 18.77
N THR V 549 -12.94 58.28 17.66
CA THR V 549 -14.22 57.62 17.49
C THR V 549 -14.02 56.24 16.92
N ILE V 550 -14.80 55.28 17.40
CA ILE V 550 -14.80 53.92 16.89
C ILE V 550 -16.23 53.60 16.48
N SER V 551 -16.45 53.47 15.18
CA SER V 551 -17.76 53.15 14.64
C SER V 551 -17.73 51.69 14.20
N SER V 552 -18.31 50.82 15.02
CA SER V 552 -18.30 49.39 14.77
C SER V 552 -19.64 48.98 14.18
N ILE V 553 -19.63 48.63 12.89
CA ILE V 553 -20.81 48.12 12.21
C ILE V 553 -20.59 46.68 11.75
N GLY V 554 -19.64 45.98 12.36
CA GLY V 554 -19.37 44.60 11.99
C GLY V 554 -20.49 43.64 12.27
N GLY V 555 -21.40 44.01 13.17
CA GLY V 555 -22.56 43.18 13.42
C GLY V 555 -23.55 43.14 12.27
N LEU V 556 -23.37 43.99 11.26
CA LEU V 556 -24.31 44.10 10.17
C LEU V 556 -23.71 43.77 8.80
N GLY V 557 -22.41 43.93 8.61
CA GLY V 557 -21.81 43.59 7.33
C GLY V 557 -20.73 44.56 6.90
N THR V 558 -20.79 44.97 5.62
CA THR V 558 -19.83 45.98 5.07
C THR V 558 -18.38 45.57 5.36
N THR V 559 -17.86 44.62 4.59
CA THR V 559 -16.48 44.16 4.69
C THR V 559 -15.47 45.30 4.77
N HIS V 560 -15.81 46.48 4.25
CA HIS V 560 -15.07 47.71 4.55
C HIS V 560 -16.03 48.88 4.41
N PHE V 561 -15.66 50.00 5.02
CA PHE V 561 -16.40 51.23 4.80
C PHE V 561 -15.55 52.41 5.21
N ALA V 562 -15.83 53.56 4.60
CA ALA V 562 -15.04 54.78 4.77
C ALA V 562 -15.84 55.78 5.59
N PRO V 563 -15.68 55.81 6.90
CA PRO V 563 -16.49 56.71 7.72
C PRO V 563 -16.13 58.18 7.53
N ILE V 564 -16.88 59.07 8.16
CA ILE V 564 -16.63 60.51 8.13
C ILE V 564 -16.01 60.91 9.46
N VAL V 565 -14.95 61.70 9.40
CA VAL V 565 -14.28 62.17 10.60
C VAL V 565 -15.28 62.92 11.48
N ASN V 566 -15.26 62.62 12.77
CA ASN V 566 -16.21 63.19 13.72
C ASN V 566 -15.57 64.43 14.33
N ALA V 567 -15.80 65.58 13.66
CA ALA V 567 -15.23 66.85 14.14
C ALA V 567 -15.66 67.07 15.59
N PRO V 568 -14.85 67.73 16.46
CA PRO V 568 -13.57 68.33 16.08
C PRO V 568 -12.38 67.39 16.18
N GLU V 569 -12.63 66.09 16.16
CA GLU V 569 -11.53 65.13 16.15
C GLU V 569 -10.85 65.14 14.79
N VAL V 570 -9.79 64.34 14.66
CA VAL V 570 -9.02 64.27 13.43
C VAL V 570 -9.02 62.89 12.81
N ALA V 571 -9.63 61.90 13.45
CA ALA V 571 -9.64 60.55 12.90
C ALA V 571 -10.84 59.79 13.43
N ILE V 572 -11.14 58.68 12.77
CA ILE V 572 -12.22 57.79 13.17
C ILE V 572 -11.89 56.41 12.63
N LEU V 573 -12.09 55.39 13.46
CA LEU V 573 -11.81 54.01 13.10
C LEU V 573 -13.13 53.29 12.90
N GLY V 574 -13.42 52.90 11.68
CA GLY V 574 -14.58 52.06 11.40
C GLY V 574 -14.17 50.60 11.42
N VAL V 575 -15.03 49.77 12.00
CA VAL V 575 -14.77 48.35 12.16
C VAL V 575 -15.85 47.58 11.41
N SER V 576 -15.44 46.52 10.73
CA SER V 576 -16.31 45.75 9.87
C SER V 576 -16.46 44.33 10.40
N LYS V 577 -17.12 43.47 9.63
CA LYS V 577 -17.42 42.12 10.09
C LYS V 577 -16.18 41.24 9.97
N SER V 578 -15.88 40.52 11.05
CA SER V 578 -14.77 39.58 11.02
C SER V 578 -15.10 38.41 10.10
N ALA V 579 -14.13 38.02 9.29
CA ALA V 579 -14.33 36.90 8.38
C ALA V 579 -13.11 36.00 8.40
N MET V 580 -13.36 34.70 8.22
CA MET V 580 -12.27 33.72 8.20
C MET V 580 -11.66 33.70 6.81
N GLU V 581 -10.43 34.17 6.70
CA GLU V 581 -9.72 34.27 5.44
C GLU V 581 -8.41 33.49 5.49
N PRO V 582 -7.91 33.02 4.36
CA PRO V 582 -6.59 32.37 4.35
C PRO V 582 -5.49 33.41 4.46
N VAL V 583 -4.48 33.08 5.26
CA VAL V 583 -3.35 33.96 5.49
C VAL V 583 -2.06 33.18 5.23
N TRP V 584 -1.13 33.81 4.53
CA TRP V 584 0.13 33.17 4.17
C TRP V 584 1.04 33.12 5.40
N ASN V 585 1.27 31.93 5.92
CA ASN V 585 2.18 31.77 7.06
C ASN V 585 3.63 31.64 6.64
N GLY V 586 3.93 31.75 5.35
CA GLY V 586 5.26 31.55 4.83
C GLY V 586 5.39 30.32 3.96
N LYS V 587 4.57 29.30 4.22
CA LYS V 587 4.60 28.08 3.40
C LYS V 587 3.22 27.56 3.02
N GLU V 588 2.15 28.04 3.64
CA GLU V 588 0.81 27.56 3.31
C GLU V 588 -0.20 28.61 3.77
N PHE V 589 -1.47 28.34 3.50
CA PHE V 589 -2.55 29.27 3.82
C PHE V 589 -3.28 28.75 5.06
N VAL V 590 -2.99 29.36 6.21
CA VAL V 590 -3.68 29.00 7.45
C VAL V 590 -4.97 29.81 7.53
N PRO V 591 -6.07 29.22 7.94
CA PRO V 591 -7.31 30.00 8.06
C PRO V 591 -7.34 30.85 9.31
N ARG V 592 -7.14 32.16 9.16
CA ARG V 592 -7.20 33.06 10.30
C ARG V 592 -8.50 33.85 10.24
N LEU V 593 -8.75 34.62 11.30
CA LEU V 593 -9.97 35.41 11.41
C LEU V 593 -9.60 36.88 11.31
N MET V 594 -9.76 37.45 10.13
CA MET V 594 -9.36 38.83 9.88
C MET V 594 -10.53 39.77 10.11
N LEU V 595 -10.26 40.85 10.84
CA LEU V 595 -11.21 41.91 11.13
C LEU V 595 -10.85 43.12 10.30
N PRO V 596 -11.71 43.58 9.39
CA PRO V 596 -11.37 44.73 8.54
C PRO V 596 -11.64 46.03 9.27
N ILE V 597 -10.59 46.80 9.50
CA ILE V 597 -10.70 48.13 10.07
C ILE V 597 -10.42 49.15 8.97
N SER V 598 -10.77 50.40 9.25
CA SER V 598 -10.58 51.47 8.27
C SER V 598 -10.44 52.78 9.02
N LEU V 599 -9.28 53.41 8.92
CA LEU V 599 -9.02 54.68 9.59
C LEU V 599 -9.27 55.81 8.60
N SER V 600 -10.31 56.60 8.84
CA SER V 600 -10.59 57.78 8.05
C SER V 600 -10.16 58.98 8.86
N PHE V 601 -9.24 59.77 8.32
CA PHE V 601 -8.65 60.85 9.10
C PHE V 601 -8.59 62.14 8.30
N ASP V 602 -8.49 63.23 9.04
CA ASP V 602 -8.32 64.57 8.48
C ASP V 602 -6.91 64.70 7.91
N HIS V 603 -6.83 65.04 6.63
CA HIS V 603 -5.54 65.16 5.91
C HIS V 603 -4.80 66.45 6.31
N ARG V 604 -5.49 67.43 6.88
CA ARG V 604 -4.83 68.67 7.26
C ARG V 604 -3.87 68.46 8.42
N VAL V 605 -4.28 67.64 9.38
CA VAL V 605 -3.43 67.34 10.54
C VAL V 605 -2.48 66.19 10.24
N ILE V 606 -3.02 65.09 9.73
CA ILE V 606 -2.27 63.86 9.52
C ILE V 606 -2.04 63.68 8.03
N ASP V 607 -0.92 63.09 7.66
CA ASP V 607 -0.64 62.74 6.28
C ASP V 607 -0.76 61.23 6.11
N GLY V 608 -0.63 60.79 4.86
CA GLY V 608 -0.85 59.37 4.57
C GLY V 608 0.08 58.46 5.34
N ALA V 609 1.34 58.88 5.51
CA ALA V 609 2.30 58.03 6.22
C ALA V 609 1.96 57.90 7.69
N ASP V 610 1.55 59.00 8.33
CA ASP V 610 1.18 58.91 9.74
C ASP V 610 -0.08 58.08 9.93
N GLY V 611 -1.05 58.22 9.04
CA GLY V 611 -2.21 57.34 9.08
C GLY V 611 -1.83 55.88 8.90
N ALA V 612 -0.86 55.62 8.03
CA ALA V 612 -0.39 54.25 7.82
C ALA V 612 0.23 53.70 9.10
N ARG V 613 1.11 54.47 9.72
CA ARG V 613 1.74 54.03 10.96
C ARG V 613 0.72 53.83 12.06
N PHE V 614 -0.28 54.70 12.14
CA PHE V 614 -1.31 54.58 13.16
C PHE V 614 -2.14 53.32 12.97
N ILE V 615 -2.62 53.08 11.76
CA ILE V 615 -3.45 51.92 11.55
C ILE V 615 -2.63 50.64 11.64
N THR V 616 -1.33 50.71 11.35
CA THR V 616 -0.52 49.50 11.53
C THR V 616 -0.19 49.26 13.00
N ILE V 617 -0.14 50.32 13.81
CA ILE V 617 -0.03 50.15 15.25
C ILE V 617 -1.28 49.46 15.79
N ILE V 618 -2.44 49.93 15.35
CA ILE V 618 -3.69 49.28 15.75
C ILE V 618 -3.72 47.83 15.29
N ASN V 619 -3.29 47.58 14.05
CA ASN V 619 -3.28 46.23 13.51
C ASN V 619 -2.35 45.32 14.30
N ASN V 620 -1.17 45.83 14.67
CA ASN V 620 -0.24 45.02 15.46
C ASN V 620 -0.79 44.77 16.85
N THR V 621 -1.37 45.78 17.49
CA THR V 621 -1.89 45.62 18.84
C THR V 621 -3.02 44.60 18.87
N LEU V 622 -4.00 44.74 17.97
CA LEU V 622 -5.10 43.78 17.94
C LEU V 622 -4.67 42.42 17.40
N SER V 623 -3.59 42.35 16.63
CA SER V 623 -3.11 41.07 16.13
C SER V 623 -2.52 40.23 17.27
N ASP V 624 -1.84 40.87 18.21
CA ASP V 624 -1.28 40.21 19.39
C ASP V 624 -1.53 41.14 20.56
N ILE V 625 -2.63 40.91 21.28
CA ILE V 625 -3.08 41.84 22.31
C ILE V 625 -2.09 41.95 23.47
N ARG V 626 -1.15 41.01 23.59
CA ARG V 626 -0.13 41.10 24.63
C ARG V 626 0.68 42.38 24.53
N ARG V 627 0.72 43.02 23.37
CA ARG V 627 1.43 44.28 23.23
C ARG V 627 0.79 45.42 24.02
N LEU V 628 -0.34 45.17 24.71
CA LEU V 628 -0.90 46.21 25.56
C LEU V 628 -0.20 46.29 26.92
N VAL V 629 0.57 45.28 27.31
CA VAL V 629 1.29 45.33 28.56
C VAL V 629 2.68 45.93 28.42
N MET V 630 3.24 45.94 27.21
CA MET V 630 4.56 46.51 26.97
C MET V 630 4.56 48.03 27.10
N GLU W 208 -51.58 68.71 -31.72
CA GLU W 208 -50.67 69.41 -30.83
C GLU W 208 -49.54 68.46 -30.46
N VAL W 209 -48.31 68.83 -30.81
CA VAL W 209 -47.11 68.06 -30.45
C VAL W 209 -46.16 69.02 -29.76
N ASN W 210 -46.24 69.09 -28.43
CA ASN W 210 -45.27 69.83 -27.64
C ASN W 210 -44.01 68.97 -27.51
N VAL W 211 -43.12 69.32 -26.59
CA VAL W 211 -42.11 68.37 -26.17
C VAL W 211 -42.78 67.45 -25.15
N PRO W 212 -42.59 66.14 -25.24
CA PRO W 212 -43.33 65.22 -24.38
C PRO W 212 -42.84 65.20 -22.95
N ASP W 213 -41.51 65.17 -22.76
CA ASP W 213 -41.05 65.08 -21.35
C ASP W 213 -39.58 65.50 -21.14
N ILE W 214 -39.39 66.75 -20.71
CA ILE W 214 -38.10 67.27 -20.27
C ILE W 214 -38.30 67.83 -18.87
N GLY W 215 -37.37 67.51 -17.97
CA GLY W 215 -37.52 67.87 -16.56
C GLY W 215 -37.57 69.36 -16.29
N GLY W 216 -37.37 70.20 -17.30
CA GLY W 216 -37.45 71.64 -17.12
C GLY W 216 -36.17 72.36 -17.44
N ASP W 217 -35.35 71.76 -18.31
CA ASP W 217 -34.11 72.38 -18.76
C ASP W 217 -34.27 72.88 -20.18
N GLU W 218 -33.63 74.00 -20.48
CA GLU W 218 -33.68 74.57 -21.82
C GLU W 218 -32.75 73.78 -22.74
N VAL W 219 -33.31 73.07 -23.69
CA VAL W 219 -32.57 72.16 -24.56
C VAL W 219 -32.49 72.74 -25.96
N GLU W 220 -31.33 72.61 -26.58
CA GLU W 220 -31.07 73.16 -27.91
C GLU W 220 -31.21 72.06 -28.96
N VAL W 221 -32.05 72.32 -29.96
CA VAL W 221 -32.28 71.35 -31.02
C VAL W 221 -31.01 71.11 -31.82
N THR W 222 -30.87 69.90 -32.35
CA THR W 222 -29.80 69.57 -33.29
C THR W 222 -30.31 69.40 -34.71
N GLU W 223 -31.35 68.58 -34.91
CA GLU W 223 -31.95 68.40 -36.23
C GLU W 223 -33.31 67.74 -36.05
N VAL W 224 -34.03 67.60 -37.17
CA VAL W 224 -35.36 67.00 -37.20
C VAL W 224 -35.30 65.71 -38.02
N MET W 225 -36.35 64.90 -37.89
CA MET W 225 -36.40 63.56 -38.48
C MET W 225 -37.43 63.42 -39.59
N VAL W 226 -38.18 64.48 -39.92
CA VAL W 226 -39.37 64.33 -40.74
C VAL W 226 -39.26 65.11 -42.05
N LYS W 227 -40.30 65.02 -42.87
CA LYS W 227 -40.41 65.71 -44.15
C LYS W 227 -41.75 66.41 -44.22
N VAL W 228 -41.82 67.47 -45.04
CA VAL W 228 -43.09 68.13 -45.29
C VAL W 228 -43.95 67.19 -46.14
N GLY W 229 -45.01 66.66 -45.53
CA GLY W 229 -45.87 65.66 -46.15
C GLY W 229 -45.73 64.28 -45.55
N ASP W 230 -44.59 63.97 -44.93
CA ASP W 230 -44.41 62.68 -44.28
C ASP W 230 -45.40 62.52 -43.12
N LYS W 231 -45.75 61.27 -42.83
CA LYS W 231 -46.56 60.93 -41.66
C LYS W 231 -45.78 59.98 -40.78
N VAL W 232 -45.86 60.21 -39.47
CA VAL W 232 -44.98 59.58 -38.50
C VAL W 232 -45.75 58.49 -37.77
N ALA W 233 -45.02 57.49 -37.29
CA ALA W 233 -45.61 56.32 -36.66
C ALA W 233 -46.02 56.63 -35.23
N ALA W 234 -46.34 55.58 -34.46
CA ALA W 234 -46.88 55.74 -33.12
C ALA W 234 -45.92 56.47 -32.20
N GLU W 235 -44.73 55.88 -32.01
CA GLU W 235 -43.70 56.50 -31.13
C GLU W 235 -42.32 56.32 -31.77
N GLN W 236 -41.92 57.24 -32.65
CA GLN W 236 -40.62 57.17 -33.30
C GLN W 236 -40.00 58.57 -33.33
N SER W 237 -38.78 58.64 -33.86
CA SER W 237 -38.03 59.89 -33.81
C SER W 237 -38.67 60.97 -34.68
N LEU W 238 -38.72 62.18 -34.13
CA LEU W 238 -39.10 63.39 -34.86
C LEU W 238 -38.04 64.46 -34.81
N ILE W 239 -37.37 64.62 -33.67
CA ILE W 239 -36.45 65.71 -33.43
C ILE W 239 -35.42 65.27 -32.41
N THR W 240 -34.14 65.56 -32.69
CA THR W 240 -33.10 65.30 -31.70
C THR W 240 -32.71 66.62 -31.04
N VAL W 241 -32.61 66.60 -29.72
CA VAL W 241 -32.27 67.78 -28.93
C VAL W 241 -31.11 67.43 -28.01
N GLU W 242 -30.12 68.30 -27.97
CA GLU W 242 -28.85 68.02 -27.28
C GLU W 242 -28.91 68.66 -25.90
N GLY W 243 -29.36 67.89 -24.92
CA GLY W 243 -29.45 68.34 -23.54
C GLY W 243 -28.25 67.90 -22.72
N ASP W 244 -28.51 67.57 -21.45
CA ASP W 244 -27.46 67.08 -20.59
C ASP W 244 -27.29 65.59 -20.84
CB LA2 W 245 -27.12 62.71 -19.77
C LA2 W 245 -25.76 63.23 -21.83
O LA2 W 245 -24.59 63.02 -22.22
N LA2 W 245 -26.26 65.00 -20.20
CA LA2 W 245 -25.98 63.55 -20.35
O1 LA2 W 245 -23.91 62.10 -14.27
C1 LA2 W 245 -24.49 61.22 -14.89
NZ LA2 W 245 -25.14 61.48 -16.03
CE LA2 W 245 -26.29 60.73 -16.53
CD LA2 W 245 -26.56 60.98 -17.99
CG LA2 W 245 -27.01 62.40 -18.28
C2 LA2 W 245 -24.52 59.78 -14.42
C3 LA2 W 245 -23.31 59.41 -13.63
C4 LA2 W 245 -23.62 58.62 -12.37
C5 LA2 W 245 -22.45 58.02 -11.63
C6 LA2 W 245 -21.37 59.00 -11.22
S6 LA2 W 245 -22.02 60.39 -10.25
C7 LA2 W 245 -20.15 58.35 -10.56
C8 LA2 W 245 -19.54 57.24 -11.40
S8 LA2 W 245 -17.74 57.14 -11.27
N ALA W 246 -26.85 63.18 -22.61
CA ALA W 246 -26.76 62.89 -24.04
C ALA W 246 -27.95 63.42 -24.82
N SER W 247 -27.79 63.50 -26.14
CA SER W 247 -28.85 63.98 -27.01
C SER W 247 -30.02 63.00 -27.05
N MET W 248 -31.22 63.52 -27.00
CA MET W 248 -32.44 62.73 -26.88
C MET W 248 -33.34 62.94 -28.08
N GLU W 249 -33.93 61.86 -28.57
CA GLU W 249 -34.85 61.88 -29.70
C GLU W 249 -36.28 61.88 -29.19
N VAL W 250 -37.00 62.97 -29.42
CA VAL W 250 -38.40 63.06 -28.99
C VAL W 250 -39.22 62.02 -29.74
N PRO W 251 -40.03 61.21 -29.06
CA PRO W 251 -40.84 60.21 -29.74
C PRO W 251 -42.10 60.82 -30.34
N ALA W 252 -42.87 59.98 -31.00
CA ALA W 252 -44.12 60.54 -31.51
C ALA W 252 -45.25 60.33 -30.50
N PRO W 253 -46.16 61.29 -30.36
CA PRO W 253 -47.34 61.06 -29.53
C PRO W 253 -48.44 60.27 -30.23
N PHE W 254 -48.49 60.30 -31.55
CA PHE W 254 -49.56 59.69 -32.34
C PHE W 254 -49.10 59.68 -33.79
N ALA W 255 -50.00 59.23 -34.68
CA ALA W 255 -49.71 59.16 -36.13
C ALA W 255 -50.45 60.25 -36.90
N GLY W 256 -49.82 60.80 -37.94
CA GLY W 256 -50.41 61.84 -38.76
C GLY W 256 -49.39 62.51 -39.63
N VAL W 257 -49.88 63.04 -40.75
CA VAL W 257 -49.02 63.72 -41.72
C VAL W 257 -48.69 65.11 -41.20
N VAL W 258 -47.60 65.66 -41.75
CA VAL W 258 -47.01 66.90 -41.24
C VAL W 258 -47.83 68.10 -41.69
N LYS W 259 -48.00 69.07 -40.79
CA LYS W 259 -48.61 70.36 -41.08
C LYS W 259 -47.72 71.55 -40.74
N GLU W 260 -46.93 71.46 -39.68
CA GLU W 260 -46.07 72.54 -39.18
C GLU W 260 -44.64 72.06 -39.07
N LEU W 261 -43.73 72.82 -39.64
CA LEU W 261 -42.35 72.85 -39.14
C LEU W 261 -42.19 74.00 -38.14
N LYS W 262 -43.00 73.92 -37.08
CA LYS W 262 -42.94 74.94 -36.06
C LYS W 262 -41.56 74.99 -35.41
N VAL W 263 -40.87 73.85 -35.33
CA VAL W 263 -39.46 73.80 -34.97
C VAL W 263 -38.65 73.59 -36.25
N ASN W 264 -37.39 74.00 -36.22
CA ASN W 264 -36.46 73.81 -37.33
C ASN W 264 -35.15 73.23 -36.80
N VAL W 265 -34.15 73.20 -37.67
CA VAL W 265 -32.81 72.73 -37.30
C VAL W 265 -32.04 73.90 -36.68
N GLY W 266 -31.70 73.75 -35.40
CA GLY W 266 -30.98 74.78 -34.67
C GLY W 266 -31.80 75.50 -33.64
N ASP W 267 -33.09 75.19 -33.57
CA ASP W 267 -34.03 75.84 -32.60
C ASP W 267 -33.65 75.46 -31.16
N LYS W 268 -34.44 75.94 -30.20
CA LYS W 268 -34.21 75.68 -28.78
C LYS W 268 -35.55 75.76 -28.04
N VAL W 269 -35.81 74.76 -27.22
CA VAL W 269 -37.06 74.65 -26.46
C VAL W 269 -36.73 74.39 -25.00
N LYS W 270 -37.36 75.14 -24.10
CA LYS W 270 -37.21 74.88 -22.67
C LYS W 270 -38.22 73.85 -22.16
N THR W 271 -39.47 73.97 -22.60
CA THR W 271 -40.51 72.99 -22.16
C THR W 271 -41.90 73.35 -22.73
N GLY W 272 -42.62 72.33 -23.20
CA GLY W 272 -43.96 72.47 -23.73
C GLY W 272 -44.19 73.48 -24.81
N SER W 273 -43.30 73.53 -25.80
CA SER W 273 -43.45 74.43 -26.94
C SER W 273 -43.96 73.64 -28.14
N LEU W 274 -44.96 74.19 -28.82
CA LEU W 274 -45.57 73.51 -29.96
C LEU W 274 -44.57 73.45 -31.11
N ILE W 275 -44.10 72.26 -31.42
CA ILE W 275 -43.14 72.08 -32.51
C ILE W 275 -43.75 71.39 -33.72
N MET W 276 -44.82 70.62 -33.56
CA MET W 276 -45.42 69.91 -34.68
C MET W 276 -46.93 69.89 -34.56
N ILE W 277 -47.60 70.04 -35.70
CA ILE W 277 -49.03 69.80 -35.84
C ILE W 277 -49.20 68.76 -36.94
N PHE W 278 -50.14 67.83 -36.76
CA PHE W 278 -50.27 66.71 -37.67
C PHE W 278 -51.71 66.61 -38.17
N GLU W 279 -51.94 65.59 -39.00
CA GLU W 279 -53.26 65.28 -39.55
C GLU W 279 -53.49 63.78 -39.50
N VAL W 280 -54.75 63.39 -39.33
CA VAL W 280 -55.14 62.00 -39.30
C VAL W 280 -56.61 61.85 -39.66
N PRO W 384 -15.06 78.84 2.87
CA PRO W 384 -14.87 80.31 2.91
C PRO W 384 -13.84 80.77 1.88
N GLY W 385 -12.70 81.25 2.36
CA GLY W 385 -11.64 81.69 1.48
C GLY W 385 -10.58 80.63 1.27
N MET W 386 -10.64 79.95 0.13
CA MET W 386 -9.69 78.90 -0.21
C MET W 386 -8.67 79.41 -1.22
N LEU W 387 -7.55 78.70 -1.31
CA LEU W 387 -6.53 79.04 -2.28
C LEU W 387 -7.07 78.84 -3.70
N PRO W 388 -6.62 79.64 -4.65
CA PRO W 388 -7.04 79.44 -6.04
C PRO W 388 -6.37 78.22 -6.65
N TRP W 389 -6.85 77.85 -7.84
CA TRP W 389 -6.26 76.73 -8.56
C TRP W 389 -4.79 77.01 -8.83
N PRO W 390 -3.93 75.98 -8.83
CA PRO W 390 -2.49 76.23 -9.03
C PRO W 390 -2.19 76.79 -10.41
N LYS W 391 -1.74 78.04 -10.44
CA LYS W 391 -1.36 78.69 -11.69
C LYS W 391 -0.02 78.13 -12.15
N VAL W 392 -0.03 77.33 -13.21
CA VAL W 392 1.17 76.68 -13.72
C VAL W 392 1.29 76.96 -15.20
N ASP W 393 2.52 77.25 -15.66
CA ASP W 393 2.81 77.38 -17.08
C ASP W 393 3.13 75.99 -17.59
N PHE W 394 2.10 75.29 -18.06
CA PHE W 394 2.24 73.88 -18.43
C PHE W 394 3.11 73.67 -19.65
N SER W 395 3.47 74.74 -20.37
CA SER W 395 4.25 74.61 -21.59
C SER W 395 5.75 74.69 -21.35
N LYS W 396 6.18 75.16 -20.17
CA LYS W 396 7.60 75.25 -19.90
C LYS W 396 8.25 73.89 -19.64
N PHE W 397 7.44 72.84 -19.44
CA PHE W 397 7.97 71.49 -19.26
C PHE W 397 7.85 70.63 -20.51
N GLY W 398 7.01 71.04 -21.46
CA GLY W 398 6.86 70.27 -22.68
C GLY W 398 5.82 70.92 -23.57
N GLU W 399 5.30 70.10 -24.50
CA GLU W 399 4.25 70.54 -25.46
C GLU W 399 2.88 70.17 -24.90
N ILE W 400 1.92 71.08 -24.99
CA ILE W 400 0.58 70.89 -24.49
C ILE W 400 -0.41 71.04 -25.64
N GLU W 401 -1.69 70.83 -25.33
CA GLU W 401 -2.76 71.03 -26.30
C GLU W 401 -4.03 71.33 -25.52
N GLU W 402 -4.40 72.61 -25.46
CA GLU W 402 -5.50 73.06 -24.61
C GLU W 402 -6.83 72.80 -25.33
N VAL W 403 -7.30 71.56 -25.22
CA VAL W 403 -8.62 71.23 -25.70
C VAL W 403 -9.66 71.78 -24.73
N GLU W 404 -10.86 72.03 -25.24
CA GLU W 404 -11.94 72.58 -24.44
C GLU W 404 -13.06 71.55 -24.30
N LEU W 405 -13.56 71.40 -23.07
CA LEU W 405 -14.54 70.37 -22.78
C LEU W 405 -15.86 70.65 -23.49
N GLY W 406 -16.50 69.61 -24.00
CA GLY W 406 -17.82 69.74 -24.59
C GLY W 406 -18.84 70.21 -23.57
N ARG W 407 -20.01 70.57 -24.08
CA ARG W 407 -21.04 71.13 -23.21
C ARG W 407 -21.59 70.07 -22.25
N ILE W 408 -21.69 68.82 -22.70
CA ILE W 408 -22.14 67.76 -21.80
C ILE W 408 -21.07 67.46 -20.77
N GLN W 409 -19.80 67.56 -21.16
CA GLN W 409 -18.72 67.36 -20.20
C GLN W 409 -18.69 68.48 -19.17
N LYS W 410 -18.88 69.72 -19.61
CA LYS W 410 -18.98 70.83 -18.66
C LYS W 410 -20.15 70.65 -17.71
N ILE W 411 -21.31 70.24 -18.22
CA ILE W 411 -22.48 70.09 -17.39
C ILE W 411 -22.29 68.95 -16.39
N SER W 412 -21.73 67.83 -16.84
CA SER W 412 -21.48 66.72 -15.93
C SER W 412 -20.44 67.08 -14.87
N GLY W 413 -19.43 67.86 -15.26
CA GLY W 413 -18.46 68.32 -14.28
C GLY W 413 -19.08 69.24 -13.23
N ALA W 414 -19.96 70.14 -13.67
CA ALA W 414 -20.65 71.00 -12.70
C ALA W 414 -21.54 70.19 -11.78
N ASN W 415 -22.26 69.21 -12.34
CA ASN W 415 -23.13 68.37 -11.51
C ASN W 415 -22.32 67.58 -10.50
N LEU W 416 -21.20 67.01 -10.91
CA LEU W 416 -20.37 66.25 -9.98
C LEU W 416 -19.71 67.14 -8.95
N SER W 417 -19.32 68.35 -9.32
CA SER W 417 -18.73 69.27 -8.36
C SER W 417 -19.76 69.84 -7.41
N ARG W 418 -21.04 69.77 -7.76
CA ARG W 418 -22.08 70.10 -6.78
C ARG W 418 -22.36 68.92 -5.86
N ASN W 419 -22.45 67.71 -6.42
CA ASN W 419 -22.72 66.53 -5.61
C ASN W 419 -21.59 66.26 -4.63
N TRP W 420 -20.35 66.57 -5.00
CA TRP W 420 -19.23 66.34 -4.10
C TRP W 420 -19.30 67.25 -2.88
N VAL W 421 -19.60 68.52 -3.09
CA VAL W 421 -19.64 69.46 -1.98
C VAL W 421 -20.88 69.25 -1.12
N MET W 422 -22.06 69.21 -1.75
CA MET W 422 -23.31 69.25 -1.00
C MET W 422 -23.68 67.93 -0.36
N ILE W 423 -23.04 66.83 -0.73
CA ILE W 423 -23.39 65.51 -0.23
C ILE W 423 -22.23 64.98 0.60
N PRO W 424 -22.43 64.67 1.88
CA PRO W 424 -21.40 63.93 2.62
C PRO W 424 -21.44 62.45 2.25
N HIS W 425 -20.47 61.99 1.46
CA HIS W 425 -20.49 60.62 0.98
C HIS W 425 -19.92 59.67 2.02
N VAL W 426 -20.51 58.49 2.11
CA VAL W 426 -19.90 57.38 2.84
C VAL W 426 -20.06 56.13 1.99
N THR W 427 -18.97 55.38 1.84
CA THR W 427 -18.92 54.24 0.92
C THR W 427 -18.69 52.97 1.70
N HIS W 428 -19.65 52.06 1.65
CA HIS W 428 -19.53 50.75 2.28
C HIS W 428 -19.23 49.73 1.20
N PHE W 429 -18.12 49.02 1.33
CA PHE W 429 -17.76 48.00 0.37
C PHE W 429 -18.26 46.64 0.85
N ASP W 430 -18.47 45.73 -0.08
CA ASP W 430 -18.96 44.40 0.27
C ASP W 430 -18.68 43.45 -0.88
N LYS W 431 -18.79 42.16 -0.58
CA LYS W 431 -18.57 41.10 -1.56
C LYS W 431 -19.72 40.12 -1.46
N THR W 432 -20.29 39.76 -2.61
CA THR W 432 -21.47 38.93 -2.68
C THR W 432 -21.15 37.61 -3.36
N ASP W 433 -21.50 36.50 -2.73
CA ASP W 433 -21.26 35.18 -3.30
C ASP W 433 -22.31 34.92 -4.36
N ILE W 434 -21.93 35.03 -5.63
CA ILE W 434 -22.89 34.93 -6.73
C ILE W 434 -22.59 33.71 -7.60
N THR W 435 -22.04 32.66 -7.00
CA THR W 435 -21.79 31.43 -7.76
C THR W 435 -23.10 30.83 -8.26
N GLU W 436 -24.07 30.66 -7.36
CA GLU W 436 -25.37 30.13 -7.76
C GLU W 436 -26.05 31.07 -8.74
N LEU W 437 -25.95 32.38 -8.52
CA LEU W 437 -26.58 33.33 -9.43
C LEU W 437 -25.97 33.26 -10.82
N GLU W 438 -24.65 33.08 -10.90
CA GLU W 438 -24.01 33.01 -12.22
C GLU W 438 -24.34 31.70 -12.92
N ALA W 439 -24.36 30.60 -12.18
CA ALA W 439 -24.79 29.33 -12.77
C ALA W 439 -26.21 29.42 -13.30
N PHE W 440 -27.11 30.03 -12.52
CA PHE W 440 -28.49 30.16 -12.95
C PHE W 440 -28.62 31.09 -14.13
N ARG W 441 -27.81 32.15 -14.18
CA ARG W 441 -27.88 33.07 -15.30
C ARG W 441 -27.38 32.41 -16.58
N LYS W 442 -26.31 31.62 -16.49
CA LYS W 442 -25.85 30.88 -17.66
C LYS W 442 -26.89 29.86 -18.11
N GLN W 443 -27.51 29.16 -17.16
CA GLN W 443 -28.54 28.18 -17.50
C GLN W 443 -29.72 28.86 -18.20
N GLN W 444 -30.14 30.02 -17.71
CA GLN W 444 -31.26 30.72 -18.34
C GLN W 444 -30.87 31.37 -19.66
N ASN W 445 -29.59 31.71 -19.85
CA ASN W 445 -29.15 32.20 -21.15
C ASN W 445 -29.14 31.07 -22.18
N GLU W 446 -28.79 29.86 -21.75
CA GLU W 446 -28.92 28.71 -22.64
C GLU W 446 -30.38 28.43 -22.95
N GLU W 447 -31.21 28.29 -21.90
CA GLU W 447 -32.62 27.95 -22.10
C GLU W 447 -33.36 29.01 -22.91
N ALA W 448 -32.99 30.28 -22.77
CA ALA W 448 -33.60 31.34 -23.56
C ALA W 448 -33.03 31.40 -24.97
N ALA W 449 -32.06 30.55 -25.30
CA ALA W 449 -31.54 30.44 -26.65
C ALA W 449 -32.19 29.29 -27.41
N LYS W 450 -32.15 28.08 -26.85
CA LYS W 450 -32.80 26.93 -27.50
C LYS W 450 -34.32 27.07 -27.55
N ARG W 451 -34.89 28.11 -26.94
CA ARG W 451 -36.31 28.40 -27.08
C ARG W 451 -36.55 29.65 -27.90
N LYS W 452 -35.52 30.22 -28.50
CA LYS W 452 -35.62 31.32 -29.45
C LYS W 452 -36.38 32.52 -28.87
N LEU W 453 -35.84 33.07 -27.78
CA LEU W 453 -36.37 34.28 -27.19
C LEU W 453 -35.60 35.53 -27.62
N ASP W 454 -34.39 35.38 -28.13
CA ASP W 454 -33.55 36.50 -28.54
C ASP W 454 -33.39 37.50 -27.40
N VAL W 455 -33.00 37.00 -26.24
CA VAL W 455 -32.75 37.82 -25.06
C VAL W 455 -31.43 37.36 -24.43
N LYS W 456 -30.67 38.32 -23.91
CA LYS W 456 -29.40 38.04 -23.25
C LYS W 456 -29.50 38.57 -21.83
N ILE W 457 -29.38 37.67 -20.85
CA ILE W 457 -29.58 38.03 -19.45
C ILE W 457 -28.22 38.36 -18.86
N THR W 458 -27.96 39.65 -18.67
CA THR W 458 -26.73 40.14 -18.09
C THR W 458 -26.77 40.04 -16.57
N PRO W 459 -25.60 40.05 -15.90
CA PRO W 459 -25.61 40.03 -14.44
C PRO W 459 -26.14 41.31 -13.81
N VAL W 460 -26.52 42.30 -14.60
CA VAL W 460 -26.98 43.57 -14.05
C VAL W 460 -28.46 43.56 -13.71
N VAL W 461 -29.27 42.75 -14.39
CA VAL W 461 -30.69 42.73 -14.09
C VAL W 461 -30.95 42.08 -12.75
N PHE W 462 -30.15 41.08 -12.37
CA PHE W 462 -30.27 40.52 -11.04
C PHE W 462 -29.94 41.55 -9.98
N ILE W 463 -28.97 42.42 -10.27
CA ILE W 463 -28.63 43.47 -9.32
C ILE W 463 -29.73 44.51 -9.26
N MET W 464 -30.37 44.80 -10.39
CA MET W 464 -31.52 45.71 -10.38
C MET W 464 -32.65 45.16 -9.53
N LYS W 465 -32.91 43.85 -9.66
CA LYS W 465 -33.96 43.24 -8.84
C LYS W 465 -33.59 43.24 -7.37
N ALA W 466 -32.32 42.95 -7.06
CA ALA W 466 -31.88 42.97 -5.67
C ALA W 466 -31.99 44.36 -5.07
N VAL W 467 -31.63 45.38 -5.83
CA VAL W 467 -31.72 46.75 -5.31
C VAL W 467 -33.17 47.17 -5.18
N ALA W 468 -34.04 46.73 -6.09
CA ALA W 468 -35.46 47.04 -5.94
C ALA W 468 -36.03 46.39 -4.68
N ALA W 469 -35.64 45.14 -4.41
CA ALA W 469 -36.05 44.48 -3.18
C ALA W 469 -35.54 45.26 -1.96
N ALA W 470 -34.27 45.68 -2.00
CA ALA W 470 -33.71 46.40 -0.87
C ALA W 470 -34.39 47.75 -0.66
N LEU W 471 -34.82 48.39 -1.74
CA LEU W 471 -35.56 49.64 -1.61
C LEU W 471 -36.97 49.39 -1.09
N GLU W 472 -37.55 48.22 -1.39
CA GLU W 472 -38.81 47.85 -0.79
C GLU W 472 -38.66 47.65 0.72
N GLN W 473 -37.59 46.98 1.14
CA GLN W 473 -37.41 46.69 2.56
C GLN W 473 -36.97 47.92 3.34
N MET W 474 -36.06 48.70 2.80
CA MET W 474 -35.57 49.91 3.46
C MET W 474 -35.99 51.13 2.67
N PRO W 475 -37.22 51.63 2.86
CA PRO W 475 -37.70 52.75 2.02
C PRO W 475 -36.98 54.05 2.28
N ARG W 476 -36.16 54.15 3.32
CA ARG W 476 -35.39 55.37 3.54
C ARG W 476 -34.38 55.61 2.44
N PHE W 477 -33.93 54.55 1.76
CA PHE W 477 -32.98 54.69 0.67
C PHE W 477 -33.65 55.16 -0.61
N ASN W 478 -34.97 55.05 -0.72
CA ASN W 478 -35.71 55.55 -1.87
C ASN W 478 -36.27 56.93 -1.53
N SER W 479 -35.34 57.87 -1.31
CA SER W 479 -35.68 59.20 -0.82
C SER W 479 -34.98 60.24 -1.67
N SER W 480 -35.08 61.49 -1.25
CA SER W 480 -34.42 62.62 -1.88
C SER W 480 -34.56 63.83 -0.98
N LEU W 481 -33.48 64.59 -0.84
CA LEU W 481 -33.47 65.77 -0.01
C LEU W 481 -33.80 67.00 -0.84
N SER W 482 -34.08 68.10 -0.14
CA SER W 482 -34.38 69.37 -0.78
C SER W 482 -33.12 70.21 -0.91
N GLU W 483 -33.29 71.41 -1.48
CA GLU W 483 -32.20 72.35 -1.64
C GLU W 483 -31.52 72.63 -0.30
N ASP W 484 -32.31 72.96 0.73
CA ASP W 484 -31.78 73.24 2.06
C ASP W 484 -31.42 71.99 2.86
N GLY W 485 -31.86 70.82 2.43
CA GLY W 485 -31.58 69.59 3.17
C GLY W 485 -32.36 69.47 4.47
N GLN W 486 -33.62 69.89 4.47
CA GLN W 486 -34.44 69.83 5.67
C GLN W 486 -35.72 69.01 5.51
N ARG W 487 -36.15 68.74 4.29
CA ARG W 487 -37.37 67.98 4.04
C ARG W 487 -37.04 66.81 3.12
N LEU W 488 -37.30 65.59 3.60
CA LEU W 488 -37.11 64.41 2.78
C LEU W 488 -38.33 64.20 1.88
N THR W 489 -38.12 63.39 0.83
CA THR W 489 -39.19 63.04 -0.11
C THR W 489 -39.19 61.52 -0.26
N LEU W 490 -39.90 60.83 0.62
CA LEU W 490 -39.98 59.38 0.57
C LEU W 490 -40.78 58.96 -0.66
N LYS W 491 -40.08 58.46 -1.67
CA LYS W 491 -40.75 57.97 -2.87
C LYS W 491 -41.30 56.58 -2.63
N LYS W 492 -42.43 56.28 -3.26
CA LYS W 492 -43.05 54.97 -3.17
C LYS W 492 -42.83 54.13 -4.40
N TYR W 493 -42.53 54.73 -5.54
CA TYR W 493 -42.14 54.00 -6.73
C TYR W 493 -40.67 53.64 -6.66
N ILE W 494 -40.27 52.68 -7.49
CA ILE W 494 -38.90 52.18 -7.52
C ILE W 494 -38.44 52.17 -8.97
N ASN W 495 -37.78 53.24 -9.38
CA ASN W 495 -37.08 53.30 -10.66
C ASN W 495 -35.58 53.28 -10.39
N ILE W 496 -34.83 52.64 -11.28
CA ILE W 496 -33.40 52.44 -11.08
C ILE W 496 -32.69 52.84 -12.36
N GLY W 497 -31.77 53.80 -12.27
CA GLY W 497 -30.90 54.09 -13.38
C GLY W 497 -29.73 53.11 -13.41
N VAL W 498 -29.31 52.76 -14.62
CA VAL W 498 -28.21 51.82 -14.81
C VAL W 498 -27.20 52.48 -15.74
N ALA W 499 -26.03 52.79 -15.21
CA ALA W 499 -25.03 53.53 -15.97
C ALA W 499 -24.56 52.70 -17.14
N VAL W 500 -24.93 53.12 -18.35
CA VAL W 500 -24.48 52.52 -19.60
C VAL W 500 -23.32 53.34 -20.14
N ASP W 501 -22.37 52.66 -20.78
CA ASP W 501 -21.14 53.28 -21.27
C ASP W 501 -21.27 53.51 -22.77
N THR W 502 -21.62 54.73 -23.14
CA THR W 502 -21.62 55.18 -24.52
C THR W 502 -20.27 55.77 -24.87
N PRO W 503 -19.95 55.89 -26.17
CA PRO W 503 -18.69 56.53 -26.57
C PRO W 503 -18.50 57.93 -26.00
N ASN W 504 -19.59 58.54 -25.54
CA ASN W 504 -19.56 59.86 -24.93
C ASN W 504 -19.66 59.80 -23.41
N GLY W 505 -19.06 58.77 -22.81
CA GLY W 505 -19.07 58.63 -21.37
C GLY W 505 -20.21 57.79 -20.86
N LEU W 506 -20.46 57.90 -19.56
CA LEU W 506 -21.51 57.13 -18.91
C LEU W 506 -22.80 57.95 -18.89
N VAL W 507 -23.86 57.38 -19.46
CA VAL W 507 -25.20 57.96 -19.38
C VAL W 507 -26.05 57.03 -18.53
N VAL W 508 -26.96 57.59 -17.76
CA VAL W 508 -27.77 56.78 -16.86
C VAL W 508 -29.21 56.73 -17.35
N PRO W 509 -29.61 55.68 -18.05
CA PRO W 509 -31.02 55.48 -18.34
C PRO W 509 -31.76 54.83 -17.18
N VAL W 510 -33.01 55.24 -17.01
CA VAL W 510 -33.81 54.86 -15.85
C VAL W 510 -34.84 53.82 -16.28
N PHE W 511 -34.91 52.73 -15.52
CA PHE W 511 -35.91 51.69 -15.72
C PHE W 511 -36.97 51.80 -14.64
N LYS W 512 -38.23 51.81 -15.05
CA LYS W 512 -39.32 52.13 -14.14
C LYS W 512 -39.94 50.87 -13.56
N ASP W 513 -40.39 50.99 -12.31
CA ASP W 513 -41.12 49.93 -11.61
C ASP W 513 -40.35 48.61 -11.65
N VAL W 514 -39.06 48.68 -11.32
CA VAL W 514 -38.22 47.49 -11.32
C VAL W 514 -38.72 46.46 -10.31
N ASN W 515 -39.41 46.92 -9.25
CA ASN W 515 -39.87 46.01 -8.22
C ASN W 515 -40.92 45.03 -8.73
N LYS W 516 -41.63 45.35 -9.80
CA LYS W 516 -42.69 44.51 -10.34
C LYS W 516 -42.23 43.66 -11.50
N LYS W 517 -41.52 44.24 -12.45
CA LYS W 517 -41.14 43.54 -13.67
C LYS W 517 -40.24 42.33 -13.36
N GLY W 518 -40.31 41.34 -14.24
CA GLY W 518 -39.48 40.16 -14.10
C GLY W 518 -38.12 40.35 -14.74
N ILE W 519 -37.26 39.35 -14.53
CA ILE W 519 -35.88 39.48 -15.01
C ILE W 519 -35.81 39.41 -16.52
N ILE W 520 -36.71 38.68 -17.17
CA ILE W 520 -36.66 38.64 -18.64
C ILE W 520 -37.20 39.91 -19.27
N GLU W 521 -38.29 40.46 -18.74
CA GLU W 521 -38.76 41.76 -19.21
C GLU W 521 -37.71 42.85 -18.97
N LEU W 522 -37.13 42.86 -17.77
CA LEU W 522 -36.06 43.82 -17.48
C LEU W 522 -34.86 43.61 -18.38
N SER W 523 -34.55 42.36 -18.72
CA SER W 523 -33.41 42.09 -19.57
C SER W 523 -33.66 42.57 -20.99
N ARG W 524 -34.90 42.43 -21.46
CA ARG W 524 -35.24 42.98 -22.78
C ARG W 524 -35.16 44.50 -22.76
N GLU W 525 -35.71 45.13 -21.73
CA GLU W 525 -35.61 46.58 -21.59
C GLU W 525 -34.15 47.03 -21.58
N LEU W 526 -33.31 46.33 -20.84
CA LEU W 526 -31.91 46.71 -20.73
C LEU W 526 -31.18 46.51 -22.05
N MET W 527 -31.42 45.38 -22.73
CA MET W 527 -30.79 45.14 -24.02
C MET W 527 -31.20 46.16 -25.05
N THR W 528 -32.45 46.65 -24.97
CA THR W 528 -32.90 47.69 -25.89
C THR W 528 -32.24 49.02 -25.57
N ILE W 529 -32.32 49.44 -24.31
CA ILE W 529 -31.91 50.80 -23.95
C ILE W 529 -30.38 50.93 -23.94
N SER W 530 -29.64 49.86 -23.68
CA SER W 530 -28.18 49.93 -23.79
C SER W 530 -27.76 50.30 -25.21
N LYS W 531 -28.36 49.64 -26.21
CA LYS W 531 -28.07 49.99 -27.59
C LYS W 531 -28.61 51.36 -27.94
N LYS W 532 -29.81 51.69 -27.45
CA LYS W 532 -30.38 53.01 -27.67
C LYS W 532 -29.45 54.11 -27.16
N ALA W 533 -28.71 53.85 -26.09
CA ALA W 533 -27.79 54.84 -25.54
C ALA W 533 -26.47 54.83 -26.29
N ARG W 534 -25.89 53.65 -26.52
CA ARG W 534 -24.63 53.57 -27.23
C ARG W 534 -24.73 54.09 -28.66
N ASP W 535 -25.93 54.16 -29.22
CA ASP W 535 -26.12 54.79 -30.52
C ASP W 535 -26.42 56.28 -30.41
N GLY W 536 -26.99 56.72 -29.29
CA GLY W 536 -27.31 58.12 -29.07
C GLY W 536 -28.78 58.45 -29.19
N LYS W 537 -29.62 57.49 -29.58
CA LYS W 537 -31.05 57.70 -29.75
C LYS W 537 -31.83 57.62 -28.45
N LEU W 538 -31.16 57.73 -27.31
CA LEU W 538 -31.80 57.58 -26.00
C LEU W 538 -32.83 58.68 -25.77
N THR W 539 -34.09 58.29 -25.64
CA THR W 539 -35.20 59.24 -25.58
C THR W 539 -35.36 59.77 -24.16
N ALA W 540 -35.79 61.03 -24.06
CA ALA W 540 -36.04 61.61 -22.75
C ALA W 540 -37.17 60.86 -22.04
N GLY W 541 -37.16 60.92 -20.72
CA GLY W 541 -38.05 60.07 -19.95
C GLY W 541 -37.44 58.72 -19.70
N GLU W 542 -36.56 58.30 -20.61
CA GLU W 542 -35.71 57.14 -20.37
C GLU W 542 -34.41 57.52 -19.68
N MET W 543 -34.29 58.75 -19.19
CA MET W 543 -33.20 59.14 -18.31
C MET W 543 -33.66 60.02 -17.17
N GLN W 544 -34.97 60.01 -16.88
CA GLN W 544 -35.51 60.89 -15.81
C GLN W 544 -36.32 60.06 -14.79
N GLY W 545 -36.38 60.57 -13.55
CA GLY W 545 -37.12 59.93 -12.49
C GLY W 545 -36.47 58.66 -11.96
N GLY W 546 -35.20 58.74 -11.60
CA GLY W 546 -34.49 57.60 -11.02
C GLY W 546 -34.43 57.72 -9.51
N CYS W 547 -34.68 56.61 -8.83
CA CYS W 547 -34.64 56.54 -7.38
C CYS W 547 -33.33 56.01 -6.85
N PHE W 548 -32.48 55.46 -7.71
CA PHE W 548 -31.26 54.77 -7.33
C PHE W 548 -30.43 54.63 -8.59
N THR W 549 -29.14 54.37 -8.41
CA THR W 549 -28.24 54.23 -9.54
C THR W 549 -27.38 53.00 -9.35
N ILE W 550 -27.13 52.28 -10.43
CA ILE W 550 -26.24 51.13 -10.44
C ILE W 550 -25.19 51.39 -11.50
N SER W 551 -23.95 51.62 -11.06
CA SER W 551 -22.83 51.86 -11.96
C SER W 551 -21.99 50.60 -12.00
N SER W 552 -22.14 49.83 -13.06
CA SER W 552 -21.45 48.55 -13.21
C SER W 552 -20.24 48.74 -14.12
N ILE W 553 -19.05 48.68 -13.54
CA ILE W 553 -17.81 48.73 -14.29
C ILE W 553 -17.02 47.44 -14.15
N GLY W 554 -17.70 46.35 -13.79
CA GLY W 554 -17.03 45.07 -13.64
C GLY W 554 -16.48 44.50 -14.92
N GLY W 555 -16.97 44.96 -16.07
CA GLY W 555 -16.40 44.53 -17.32
C GLY W 555 -15.02 45.05 -17.59
N LEU W 556 -14.53 45.98 -16.77
CA LEU W 556 -13.24 46.63 -16.99
C LEU W 556 -12.23 46.41 -15.87
N GLY W 557 -12.67 46.16 -14.64
CA GLY W 557 -11.74 45.89 -13.56
C GLY W 557 -12.16 46.53 -12.25
N THR W 558 -11.21 47.18 -11.57
CA THR W 558 -11.49 47.91 -10.30
C THR W 558 -12.21 46.99 -9.30
N THR W 559 -11.44 46.11 -8.66
CA THR W 559 -11.96 45.19 -7.64
C THR W 559 -12.84 45.89 -6.60
N HIS W 560 -12.66 47.20 -6.40
CA HIS W 560 -13.64 48.02 -5.70
C HIS W 560 -13.51 49.45 -6.21
N PHE W 561 -14.57 50.22 -5.98
CA PHE W 561 -14.48 51.65 -6.26
C PHE W 561 -15.59 52.37 -5.51
N ALA W 562 -15.34 53.65 -5.22
CA ALA W 562 -16.23 54.48 -4.42
C ALA W 562 -16.92 55.49 -5.31
N PRO W 563 -18.11 55.21 -5.81
CA PRO W 563 -18.77 56.14 -6.73
C PRO W 563 -19.25 57.41 -6.05
N ILE W 564 -19.77 58.34 -6.84
CA ILE W 564 -20.32 59.59 -6.32
C ILE W 564 -21.85 59.49 -6.39
N VAL W 565 -22.51 59.88 -5.30
CA VAL W 565 -23.97 59.84 -5.26
C VAL W 565 -24.53 60.68 -6.39
N ASN W 566 -25.52 60.13 -7.08
CA ASN W 566 -26.13 60.78 -8.25
C ASN W 566 -27.32 61.59 -7.77
N ALA W 567 -27.06 62.85 -7.40
CA ALA W 567 -28.14 63.74 -6.92
C ALA W 567 -29.24 63.79 -7.97
N PRO W 568 -30.53 63.94 -7.59
CA PRO W 568 -30.95 64.15 -6.21
C PRO W 568 -31.22 62.88 -5.44
N GLU W 569 -30.66 61.75 -5.88
CA GLU W 569 -30.80 60.51 -5.14
C GLU W 569 -29.93 60.56 -3.89
N VAL W 570 -30.01 59.51 -3.08
CA VAL W 570 -29.28 59.44 -1.82
C VAL W 570 -28.29 58.30 -1.78
N ALA W 571 -28.23 57.46 -2.81
CA ALA W 571 -27.31 56.33 -2.80
C ALA W 571 -26.99 55.93 -4.23
N ILE W 572 -25.92 55.15 -4.37
CA ILE W 572 -25.51 54.59 -5.65
C ILE W 572 -24.72 53.32 -5.37
N LEU W 573 -24.99 52.28 -6.15
CA LEU W 573 -24.34 51.00 -5.99
C LEU W 573 -23.38 50.81 -7.16
N GLY W 574 -22.08 50.79 -6.86
CA GLY W 574 -21.09 50.47 -7.86
C GLY W 574 -20.78 48.98 -7.81
N VAL W 575 -20.62 48.39 -8.99
CA VAL W 575 -20.39 46.96 -9.12
C VAL W 575 -19.04 46.76 -9.81
N SER W 576 -18.29 45.78 -9.33
CA SER W 576 -16.92 45.54 -9.77
C SER W 576 -16.83 44.17 -10.44
N LYS W 577 -15.61 43.77 -10.78
CA LYS W 577 -15.41 42.53 -11.51
C LYS W 577 -15.54 41.33 -10.59
N SER W 578 -16.33 40.35 -11.01
CA SER W 578 -16.45 39.12 -10.25
C SER W 578 -15.15 38.34 -10.29
N ALA W 579 -14.73 37.81 -9.14
CA ALA W 579 -13.50 37.04 -9.07
C ALA W 579 -13.73 35.80 -8.23
N MET W 580 -13.05 34.72 -8.60
CA MET W 580 -13.15 33.47 -7.87
C MET W 580 -12.23 33.52 -6.66
N GLU W 581 -12.82 33.57 -5.47
CA GLU W 581 -12.09 33.68 -4.22
C GLU W 581 -12.43 32.52 -3.30
N PRO W 582 -11.52 32.16 -2.40
CA PRO W 582 -11.85 31.13 -1.40
C PRO W 582 -12.76 31.68 -0.33
N VAL W 583 -13.74 30.89 0.06
CA VAL W 583 -14.71 31.28 1.08
C VAL W 583 -14.76 30.18 2.13
N TRP W 584 -14.79 30.58 3.39
CA TRP W 584 -14.80 29.65 4.51
C TRP W 584 -16.19 29.07 4.66
N ASN W 585 -16.33 27.77 4.36
CA ASN W 585 -17.62 27.10 4.51
C ASN W 585 -17.84 26.59 5.93
N GLY W 586 -16.92 26.84 6.86
CA GLY W 586 -16.96 26.33 8.20
C GLY W 586 -15.86 25.33 8.51
N LYS W 587 -15.40 24.60 7.49
CA LYS W 587 -14.31 23.65 7.69
C LYS W 587 -13.24 23.71 6.62
N GLU W 588 -13.46 24.37 5.49
CA GLU W 588 -12.46 24.45 4.43
C GLU W 588 -12.78 25.66 3.56
N PHE W 589 -11.93 25.88 2.56
CA PHE W 589 -12.05 27.03 1.67
C PHE W 589 -12.61 26.54 0.33
N VAL W 590 -13.91 26.77 0.12
CA VAL W 590 -14.54 26.42 -1.14
C VAL W 590 -14.35 27.58 -2.11
N PRO W 591 -14.01 27.31 -3.37
CA PRO W 591 -13.86 28.43 -4.32
C PRO W 591 -15.18 28.96 -4.81
N ARG W 592 -15.60 30.12 -4.31
CA ARG W 592 -16.83 30.75 -4.75
C ARG W 592 -16.50 31.92 -5.67
N LEU W 593 -17.54 32.50 -6.26
CA LEU W 593 -17.39 33.60 -7.20
C LEU W 593 -17.96 34.84 -6.55
N MET W 594 -17.09 35.67 -5.98
CA MET W 594 -17.52 36.86 -5.25
C MET W 594 -17.54 38.06 -6.18
N LEU W 595 -18.63 38.82 -6.10
CA LEU W 595 -18.83 40.05 -6.85
C LEU W 595 -18.70 41.22 -5.89
N PRO W 596 -17.73 42.11 -6.08
CA PRO W 596 -17.55 43.22 -5.14
C PRO W 596 -18.48 44.37 -5.48
N ILE W 597 -19.39 44.68 -4.56
CA ILE W 597 -20.27 45.83 -4.68
C ILE W 597 -19.81 46.90 -3.70
N SER W 598 -20.31 48.11 -3.89
CA SER W 598 -19.94 49.23 -3.03
C SER W 598 -21.07 50.24 -3.04
N LEU W 599 -21.69 50.45 -1.89
CA LEU W 599 -22.79 51.40 -1.76
C LEU W 599 -22.24 52.72 -1.25
N SER W 600 -22.27 53.74 -2.11
CA SER W 600 -21.88 55.09 -1.72
C SER W 600 -23.15 55.89 -1.52
N PHE W 601 -23.35 56.41 -0.32
CA PHE W 601 -24.62 57.05 0.00
C PHE W 601 -24.41 58.38 0.69
N ASP W 602 -25.45 59.21 0.62
CA ASP W 602 -25.50 60.49 1.30
C ASP W 602 -25.67 60.26 2.79
N HIS W 603 -24.74 60.82 3.57
CA HIS W 603 -24.72 60.64 5.05
C HIS W 603 -25.80 61.50 5.72
N ARG W 604 -26.33 62.53 5.03
CA ARG W 604 -27.34 63.37 5.66
C ARG W 604 -28.65 62.62 5.84
N VAL W 605 -29.02 61.80 4.85
CA VAL W 605 -30.24 61.01 4.93
C VAL W 605 -30.00 59.69 5.66
N ILE W 606 -28.97 58.96 5.24
CA ILE W 606 -28.68 57.62 5.73
C ILE W 606 -27.47 57.69 6.64
N ASP W 607 -27.45 56.84 7.67
CA ASP W 607 -26.28 56.71 8.52
C ASP W 607 -25.56 55.40 8.22
N GLY W 608 -24.42 55.19 8.87
CA GLY W 608 -23.60 54.02 8.56
C GLY W 608 -24.34 52.72 8.78
N ALA W 609 -25.15 52.65 9.83
CA ALA W 609 -25.86 51.40 10.13
C ALA W 609 -26.92 51.10 9.08
N ASP W 610 -27.65 52.12 8.62
CA ASP W 610 -28.65 51.88 7.59
C ASP W 610 -28.00 51.49 6.27
N GLY W 611 -26.88 52.13 5.93
CA GLY W 611 -26.13 51.68 4.76
C GLY W 611 -25.65 50.26 4.88
N ALA W 612 -25.23 49.87 6.09
CA ALA W 612 -24.80 48.50 6.31
C ALA W 612 -25.94 47.52 6.11
N ARG W 613 -27.10 47.81 6.68
CA ARG W 613 -28.25 46.94 6.51
C ARG W 613 -28.69 46.87 5.05
N PHE W 614 -28.62 47.99 4.34
CA PHE W 614 -29.01 48.01 2.94
C PHE W 614 -28.08 47.16 2.10
N ILE W 615 -26.77 47.36 2.25
CA ILE W 615 -25.84 46.61 1.42
C ILE W 615 -25.83 45.14 1.83
N THR W 616 -26.17 44.82 3.09
CA THR W 616 -26.24 43.41 3.43
C THR W 616 -27.54 42.78 2.94
N ILE W 617 -28.61 43.57 2.78
CA ILE W 617 -29.81 43.07 2.12
C ILE W 617 -29.50 42.76 0.66
N ILE W 618 -28.80 43.66 -0.02
CA ILE W 618 -28.40 43.40 -1.40
C ILE W 618 -27.50 42.16 -1.46
N ASN W 619 -26.56 42.05 -0.52
CA ASN W 619 -25.65 40.91 -0.51
C ASN W 619 -26.39 39.60 -0.30
N ASN W 620 -27.37 39.60 0.60
CA ASN W 620 -28.16 38.39 0.84
C ASN W 620 -29.01 38.05 -0.37
N THR W 621 -29.65 39.05 -0.98
CA THR W 621 -30.50 38.79 -2.14
C THR W 621 -29.71 38.22 -3.29
N LEU W 622 -28.58 38.86 -3.64
CA LEU W 622 -27.77 38.35 -4.74
C LEU W 622 -27.05 37.07 -4.38
N SER W 623 -26.83 36.80 -3.09
CA SER W 623 -26.18 35.56 -2.68
C SER W 623 -27.09 34.36 -2.92
N ASP W 624 -28.38 34.53 -2.69
CA ASP W 624 -29.38 33.50 -2.94
C ASP W 624 -30.59 34.20 -3.56
N ILE W 625 -30.65 34.20 -4.89
CA ILE W 625 -31.65 35.00 -5.59
C ILE W 625 -33.07 34.53 -5.32
N ARG W 626 -33.25 33.34 -4.77
CA ARG W 626 -34.58 32.86 -4.42
C ARG W 626 -35.28 33.79 -3.43
N ARG W 627 -34.53 34.62 -2.70
CA ARG W 627 -35.15 35.56 -1.79
C ARG W 627 -35.92 36.66 -2.50
N LEU W 628 -35.95 36.66 -3.84
CA LEU W 628 -36.79 37.63 -4.54
C LEU W 628 -38.24 37.20 -4.62
N VAL W 629 -38.55 35.93 -4.36
CA VAL W 629 -39.92 35.48 -4.37
C VAL W 629 -40.59 35.60 -3.01
N MET W 630 -39.82 35.68 -1.94
CA MET W 630 -40.36 35.81 -0.59
C MET W 630 -40.98 37.18 -0.36
N GLU X 208 24.99 86.88 -14.33
CA GLU X 208 23.61 87.04 -13.87
C GLU X 208 23.14 85.72 -13.28
N VAL X 209 22.80 85.74 -12.00
CA VAL X 209 22.26 84.55 -11.31
C VAL X 209 20.95 84.99 -10.67
N ASN X 210 19.84 84.79 -11.39
CA ASN X 210 18.52 84.98 -10.83
C ASN X 210 18.17 83.75 -10.00
N VAL X 211 16.91 83.60 -9.64
CA VAL X 211 16.45 82.28 -9.18
C VAL X 211 16.18 81.46 -10.43
N PRO X 212 16.64 80.21 -10.47
CA PRO X 212 16.54 79.44 -11.71
C PRO X 212 15.13 78.95 -12.01
N ASP X 213 14.42 78.44 -11.00
CA ASP X 213 13.07 77.91 -11.33
C ASP X 213 12.14 77.78 -10.12
N ILE X 214 11.26 78.78 -9.94
CA ILE X 214 10.17 78.73 -8.97
C ILE X 214 8.89 79.03 -9.73
N GLY X 215 7.84 78.24 -9.46
CA GLY X 215 6.61 78.32 -10.21
C GLY X 215 5.89 79.66 -10.11
N GLY X 216 6.36 80.57 -9.28
CA GLY X 216 5.75 81.88 -9.16
C GLY X 216 5.24 82.19 -7.77
N ASP X 217 5.83 81.55 -6.77
CA ASP X 217 5.47 81.80 -5.38
C ASP X 217 6.57 82.60 -4.71
N GLU X 218 6.17 83.49 -3.80
CA GLU X 218 7.12 84.31 -3.06
C GLU X 218 7.75 83.46 -1.96
N VAL X 219 9.05 83.18 -2.11
CA VAL X 219 9.77 82.29 -1.21
C VAL X 219 10.71 83.09 -0.34
N GLU X 220 10.79 82.71 0.93
CA GLU X 220 11.61 83.40 1.92
C GLU X 220 12.93 82.66 2.12
N VAL X 221 14.04 83.39 1.96
CA VAL X 221 15.36 82.78 2.11
C VAL X 221 15.57 82.30 3.55
N THR X 222 16.37 81.26 3.70
CA THR X 222 16.82 80.80 5.01
C THR X 222 18.29 81.10 5.25
N GLU X 223 19.17 80.74 4.32
CA GLU X 223 20.61 81.04 4.44
C GLU X 223 21.25 80.84 3.07
N VAL X 224 22.54 81.18 3.00
CA VAL X 224 23.33 81.06 1.79
C VAL X 224 24.43 80.04 2.01
N MET X 225 25.04 79.62 0.90
CA MET X 225 26.01 78.52 0.89
C MET X 225 27.43 78.97 0.56
N VAL X 226 27.66 80.25 0.30
CA VAL X 226 28.91 80.68 -0.33
C VAL X 226 29.69 81.63 0.56
N LYS X 227 30.85 82.07 0.08
CA LYS X 227 31.73 83.00 0.77
C LYS X 227 32.13 84.10 -0.20
N VAL X 228 32.48 85.26 0.35
CA VAL X 228 33.00 86.35 -0.46
C VAL X 228 34.39 85.95 -0.95
N GLY X 229 34.52 85.68 -2.25
CA GLY X 229 35.73 85.18 -2.84
C GLY X 229 35.64 83.74 -3.30
N ASP X 230 34.76 82.95 -2.71
CA ASP X 230 34.55 81.57 -3.12
C ASP X 230 34.07 81.51 -4.57
N LYS X 231 34.39 80.40 -5.25
CA LYS X 231 33.88 80.13 -6.58
C LYS X 231 33.12 78.80 -6.55
N VAL X 232 31.98 78.78 -7.24
CA VAL X 232 31.01 77.71 -7.10
C VAL X 232 31.09 76.81 -8.32
N ALA X 233 30.72 75.54 -8.14
CA ALA X 233 30.84 74.53 -9.17
C ALA X 233 29.71 74.65 -10.19
N ALA X 234 29.55 73.63 -11.03
CA ALA X 234 28.60 73.69 -12.14
C ALA X 234 27.17 73.85 -11.64
N GLU X 235 26.71 72.88 -10.85
CA GLU X 235 25.34 72.92 -10.30
C GLU X 235 25.34 72.43 -8.84
N GLN X 236 25.60 73.32 -7.89
CA GLN X 236 25.62 72.95 -6.48
C GLN X 236 24.91 74.04 -5.68
N SER X 237 24.81 73.83 -4.38
CA SER X 237 24.03 74.71 -3.52
C SER X 237 24.67 76.09 -3.42
N LEU X 238 23.81 77.12 -3.51
CA LEU X 238 24.17 78.50 -3.24
C LEU X 238 23.32 79.13 -2.16
N ILE X 239 22.02 78.82 -2.15
CA ILE X 239 21.06 79.48 -1.27
C ILE X 239 19.91 78.51 -0.99
N THR X 240 19.51 78.41 0.27
CA THR X 240 18.34 77.63 0.62
C THR X 240 17.17 78.57 0.86
N VAL X 241 16.02 78.24 0.27
CA VAL X 241 14.81 79.06 0.39
C VAL X 241 13.67 78.17 0.84
N GLU X 242 12.91 78.63 1.83
CA GLU X 242 11.90 77.81 2.50
C GLU X 242 10.54 78.13 1.88
N GLY X 243 10.17 77.37 0.86
CA GLY X 243 8.89 77.53 0.18
C GLY X 243 7.85 76.55 0.69
N ASP X 244 7.01 76.09 -0.22
CA ASP X 244 6.01 75.09 0.13
C ASP X 244 6.65 73.72 0.12
CB LA2 X 245 6.66 70.79 -0.82
C LA2 X 245 7.65 71.24 1.45
O LA2 X 245 7.56 70.74 2.59
N LA2 X 245 5.89 72.71 0.55
CA LA2 X 245 6.38 71.30 0.59
O1 LA2 X 245 0.90 68.02 -0.98
C1 LA2 X 245 1.98 67.54 -1.33
NZ LA2 X 245 3.12 68.24 -1.27
CE LA2 X 245 4.26 68.02 -2.12
CD LA2 X 245 5.53 68.65 -1.58
CG LA2 X 245 5.47 70.16 -1.54
C2 LA2 X 245 2.07 66.12 -1.87
C3 LA2 X 245 1.03 65.22 -1.31
C4 LA2 X 245 0.38 64.33 -2.36
C5 LA2 X 245 -0.54 63.23 -1.87
C6 LA2 X 245 -1.67 63.70 -0.96
S6 LA2 X 245 -2.69 65.00 -1.74
C7 LA2 X 245 -2.52 62.57 -0.40
C8 LA2 X 245 -1.71 61.51 0.33
S8 LA2 X 245 -2.53 60.80 1.77
N ALA X 246 8.77 71.72 0.93
CA ALA X 246 10.04 71.71 1.66
C ALA X 246 11.02 72.77 1.15
N SER X 247 12.04 73.06 1.96
CA SER X 247 13.05 74.04 1.59
C SER X 247 13.90 73.52 0.44
N MET X 248 14.19 74.40 -0.51
CA MET X 248 14.87 74.04 -1.74
C MET X 248 16.20 74.80 -1.86
N GLU X 249 17.22 74.09 -2.32
CA GLU X 249 18.56 74.65 -2.52
C GLU X 249 18.73 75.01 -3.99
N VAL X 250 18.85 76.30 -4.27
CA VAL X 250 19.05 76.76 -5.65
C VAL X 250 20.39 76.23 -6.17
N PRO X 251 20.43 75.61 -7.34
CA PRO X 251 21.69 75.10 -7.88
C PRO X 251 22.51 76.20 -8.52
N ALA X 252 23.69 75.82 -9.01
CA ALA X 252 24.44 76.86 -9.70
C ALA X 252 24.15 76.82 -11.19
N PRO X 253 24.09 77.99 -11.85
CA PRO X 253 23.96 77.99 -13.31
C PRO X 253 25.29 77.78 -14.03
N PHE X 254 26.41 78.08 -13.40
CA PHE X 254 27.73 78.04 -14.03
C PHE X 254 28.76 78.18 -12.91
N ALA X 255 30.03 78.25 -13.32
CA ALA X 255 31.15 78.39 -12.35
C ALA X 255 31.75 79.80 -12.38
N GLY X 256 32.17 80.31 -11.23
CA GLY X 256 32.75 81.64 -11.12
C GLY X 256 32.82 82.09 -9.69
N VAL X 257 33.79 82.98 -9.44
CA VAL X 257 34.01 83.51 -8.11
C VAL X 257 32.95 84.57 -7.82
N VAL X 258 32.78 84.84 -6.52
CA VAL X 258 31.68 85.67 -6.03
C VAL X 258 32.00 87.15 -6.28
N LYS X 259 30.97 87.92 -6.69
CA LYS X 259 31.03 89.37 -6.81
C LYS X 259 29.97 90.10 -6.01
N GLU X 260 28.76 89.53 -5.89
CA GLU X 260 27.64 90.14 -5.20
C GLU X 260 27.09 89.21 -4.15
N LEU X 261 26.92 89.72 -2.94
CA LEU X 261 25.91 89.18 -2.02
C LEU X 261 24.62 89.98 -2.17
N LYS X 262 24.09 89.96 -3.39
CA LYS X 262 22.86 90.67 -3.66
C LYS X 262 21.71 90.11 -2.81
N VAL X 263 21.75 88.83 -2.50
CA VAL X 263 20.87 88.23 -1.49
C VAL X 263 21.67 88.03 -0.21
N ASN X 264 20.97 87.99 0.91
CA ASN X 264 21.58 87.73 2.22
C ASN X 264 20.78 86.66 2.95
N VAL X 265 21.10 86.49 4.24
CA VAL X 265 20.39 85.53 5.08
C VAL X 265 19.14 86.22 5.64
N GLY X 266 17.97 85.71 5.27
CA GLY X 266 16.71 86.26 5.70
C GLY X 266 15.93 86.99 4.63
N ASP X 267 16.53 87.12 3.44
CA ASP X 267 15.89 87.82 2.30
C ASP X 267 14.66 87.05 1.82
N LYS X 268 14.00 87.56 0.76
CA LYS X 268 12.81 86.95 0.19
C LYS X 268 12.71 87.31 -1.29
N VAL X 269 12.49 86.30 -2.13
CA VAL X 269 12.41 86.45 -3.57
C VAL X 269 11.13 85.80 -4.08
N LYS X 270 10.39 86.53 -4.92
CA LYS X 270 9.22 85.95 -5.56
C LYS X 270 9.56 85.23 -6.86
N THR X 271 10.42 85.84 -7.68
CA THR X 271 10.82 85.19 -8.97
C THR X 271 11.76 86.09 -9.77
N GLY X 272 12.82 85.49 -10.35
CA GLY X 272 13.77 86.17 -11.19
C GLY X 272 14.44 87.41 -10.64
N SER X 273 14.88 87.36 -9.38
CA SER X 273 15.59 88.47 -8.77
C SER X 273 17.08 88.16 -8.75
N LEU X 274 17.90 89.14 -9.15
CA LEU X 274 19.34 88.96 -9.22
C LEU X 274 19.90 88.81 -7.81
N ILE X 275 20.37 87.61 -7.48
CA ILE X 275 20.94 87.36 -6.17
C ILE X 275 22.45 87.18 -6.20
N MET X 276 23.03 86.79 -7.33
CA MET X 276 24.47 86.57 -7.41
C MET X 276 25.01 87.02 -8.75
N ILE X 277 26.19 87.62 -8.72
CA ILE X 277 27.00 87.89 -9.90
C ILE X 277 28.35 87.23 -9.69
N PHE X 278 28.91 86.65 -10.76
CA PHE X 278 30.12 85.84 -10.63
C PHE X 278 31.18 86.32 -11.60
N GLU X 279 32.32 85.64 -11.58
CA GLU X 279 33.43 85.91 -12.47
C GLU X 279 34.01 84.60 -12.98
N VAL X 280 34.53 84.62 -14.20
CA VAL X 280 35.16 83.45 -14.80
C VAL X 280 36.12 83.88 -15.90
N PRO X 384 -22.95 76.97 1.07
CA PRO X 384 -23.55 78.23 1.51
C PRO X 384 -23.28 78.54 2.97
N GLY X 385 -24.33 78.50 3.79
CA GLY X 385 -24.19 78.74 5.21
C GLY X 385 -24.09 77.45 6.00
N MET X 386 -22.88 77.08 6.39
CA MET X 386 -22.64 75.88 7.17
C MET X 386 -22.40 76.22 8.63
N LEU X 387 -22.55 75.21 9.49
CA LEU X 387 -22.28 75.40 10.90
C LEU X 387 -20.80 75.67 11.12
N PRO X 388 -20.45 76.46 12.13
CA PRO X 388 -19.04 76.70 12.43
C PRO X 388 -18.40 75.48 13.07
N TRP X 389 -17.07 75.55 13.20
CA TRP X 389 -16.34 74.47 13.83
C TRP X 389 -16.81 74.30 15.27
N PRO X 390 -16.84 73.07 15.79
CA PRO X 390 -17.34 72.85 17.15
C PRO X 390 -16.52 73.55 18.21
N LYS X 391 -17.10 74.57 18.85
CA LYS X 391 -16.44 75.30 19.92
C LYS X 391 -16.43 74.43 21.17
N VAL X 392 -15.26 73.91 21.54
CA VAL X 392 -15.12 73.02 22.68
C VAL X 392 -14.01 73.56 23.59
N ASP X 393 -14.25 73.51 24.89
CA ASP X 393 -13.23 73.83 25.89
C ASP X 393 -12.45 72.55 26.15
N PHE X 394 -11.40 72.33 25.38
CA PHE X 394 -10.66 71.07 25.41
C PHE X 394 -9.93 70.84 26.73
N SER X 395 -9.83 71.85 27.58
CA SER X 395 -9.10 71.73 28.84
C SER X 395 -9.97 71.26 29.99
N LYS X 396 -11.30 71.30 29.85
CA LYS X 396 -12.15 70.85 30.94
C LYS X 396 -12.18 69.34 31.09
N PHE X 397 -11.66 68.60 30.12
CA PHE X 397 -11.57 67.15 30.21
C PHE X 397 -10.18 66.66 30.57
N GLY X 398 -9.16 67.50 30.41
CA GLY X 398 -7.80 67.09 30.75
C GLY X 398 -6.84 68.22 30.45
N GLU X 399 -5.56 67.84 30.31
CA GLU X 399 -4.46 68.78 30.00
C GLU X 399 -4.24 68.78 28.49
N ILE X 400 -4.06 69.97 27.91
CA ILE X 400 -3.84 70.12 26.47
C ILE X 400 -2.52 70.83 26.25
N GLU X 401 -2.17 71.00 24.97
CA GLU X 401 -0.96 71.73 24.59
C GLU X 401 -1.19 72.27 23.19
N GLU X 402 -1.51 73.56 23.09
CA GLU X 402 -1.91 74.17 21.82
C GLU X 402 -0.67 74.51 21.02
N VAL X 403 -0.13 73.50 20.33
CA VAL X 403 0.95 73.74 19.39
C VAL X 403 0.38 74.38 18.13
N GLU X 404 1.22 75.12 17.41
CA GLU X 404 0.82 75.82 16.20
C GLU X 404 1.52 75.20 15.00
N LEU X 405 0.76 74.99 13.93
CA LEU X 405 1.28 74.30 12.76
C LEU X 405 2.33 75.15 12.06
N GLY X 406 3.39 74.50 11.57
CA GLY X 406 4.39 75.19 10.79
C GLY X 406 3.81 75.75 9.51
N ARG X 407 4.62 76.57 8.84
CA ARG X 407 4.13 77.24 7.63
C ARG X 407 3.91 76.25 6.49
N ILE X 408 4.76 75.23 6.39
CA ILE X 408 4.55 74.21 5.36
C ILE X 408 3.33 73.37 5.69
N GLN X 409 3.09 73.12 6.99
CA GLN X 409 1.89 72.38 7.37
C GLN X 409 0.64 73.19 7.08
N LYS X 410 0.66 74.49 7.39
CA LYS X 410 -0.47 75.35 7.04
C LYS X 410 -0.72 75.36 5.54
N ILE X 411 0.35 75.48 4.75
CA ILE X 411 0.20 75.55 3.30
C ILE X 411 -0.33 74.24 2.74
N SER X 412 0.18 73.11 3.23
CA SER X 412 -0.30 71.82 2.78
C SER X 412 -1.75 71.59 3.19
N GLY X 413 -2.13 72.06 4.39
CA GLY X 413 -3.51 71.96 4.80
C GLY X 413 -4.44 72.78 3.93
N ALA X 414 -4.02 74.00 3.57
CA ALA X 414 -4.82 74.82 2.68
C ALA X 414 -4.94 74.17 1.31
N ASN X 415 -3.85 73.62 0.79
CA ASN X 415 -3.88 72.97 -0.52
C ASN X 415 -4.81 71.77 -0.50
N LEU X 416 -4.75 70.95 0.55
CA LEU X 416 -5.61 69.78 0.63
C LEU X 416 -7.06 70.17 0.85
N SER X 417 -7.32 71.24 1.60
CA SER X 417 -8.69 71.69 1.79
C SER X 417 -9.25 72.35 0.55
N ARG X 418 -8.39 72.80 -0.38
CA ARG X 418 -8.89 73.24 -1.67
C ARG X 418 -9.15 72.05 -2.59
N ASN X 419 -8.22 71.09 -2.62
CA ASN X 419 -8.39 69.92 -3.47
C ASN X 419 -9.60 69.10 -3.07
N TRP X 420 -9.91 69.05 -1.78
CA TRP X 420 -11.06 68.28 -1.33
C TRP X 420 -12.36 68.89 -1.83
N VAL X 421 -12.50 70.20 -1.73
CA VAL X 421 -13.74 70.85 -2.14
C VAL X 421 -13.86 70.89 -3.67
N MET X 422 -12.83 71.38 -4.35
CA MET X 422 -12.94 71.68 -5.77
C MET X 422 -12.87 70.44 -6.66
N ILE X 423 -12.45 69.30 -6.15
CA ILE X 423 -12.27 68.09 -6.94
C ILE X 423 -13.28 67.05 -6.48
N PRO X 424 -14.16 66.56 -7.35
CA PRO X 424 -14.96 65.38 -6.99
C PRO X 424 -14.14 64.10 -7.12
N HIS X 425 -13.72 63.53 -6.00
CA HIS X 425 -12.85 62.38 -6.03
C HIS X 425 -13.64 61.10 -6.26
N VAL X 426 -13.06 60.19 -7.03
CA VAL X 426 -13.55 58.82 -7.09
C VAL X 426 -12.34 57.90 -7.03
N THR X 427 -12.43 56.87 -6.18
CA THR X 427 -11.29 56.01 -5.89
C THR X 427 -11.61 54.59 -6.34
N HIS X 428 -10.85 54.08 -7.29
CA HIS X 428 -10.98 52.71 -7.76
C HIS X 428 -9.85 51.88 -7.16
N PHE X 429 -10.20 50.84 -6.42
CA PHE X 429 -9.18 49.98 -5.84
C PHE X 429 -8.92 48.80 -6.76
N ASP X 430 -7.72 48.22 -6.64
CA ASP X 430 -7.37 47.10 -7.49
C ASP X 430 -6.21 46.36 -6.86
N LYS X 431 -5.97 45.15 -7.34
CA LYS X 431 -4.88 44.31 -6.87
C LYS X 431 -4.14 43.76 -8.06
N THR X 432 -2.81 43.85 -8.04
CA THR X 432 -1.97 43.49 -9.17
C THR X 432 -1.07 42.31 -8.80
N ASP X 433 -1.09 41.28 -9.63
CA ASP X 433 -0.26 40.09 -9.39
C ASP X 433 1.16 40.43 -9.80
N ILE X 434 2.03 40.66 -8.82
CA ILE X 434 3.39 41.12 -9.10
C ILE X 434 4.41 40.07 -8.64
N THR X 435 4.04 38.80 -8.68
CA THR X 435 4.98 37.75 -8.32
C THR X 435 6.16 37.73 -9.28
N GLU X 436 5.88 37.71 -10.59
CA GLU X 436 6.94 37.73 -11.58
C GLU X 436 7.74 39.02 -11.50
N LEU X 437 7.06 40.15 -11.26
CA LEU X 437 7.77 41.43 -11.15
C LEU X 437 8.70 41.44 -9.96
N GLU X 438 8.28 40.87 -8.84
CA GLU X 438 9.14 40.86 -7.66
C GLU X 438 10.31 39.91 -7.84
N ALA X 439 10.07 38.74 -8.43
CA ALA X 439 11.17 37.83 -8.74
C ALA X 439 12.19 38.51 -9.65
N PHE X 440 11.71 39.20 -10.69
CA PHE X 440 12.61 39.87 -11.62
C PHE X 440 13.34 41.01 -10.96
N ARG X 441 12.68 41.73 -10.04
CA ARG X 441 13.34 42.84 -9.36
C ARG X 441 14.42 42.32 -8.42
N LYS X 442 14.17 41.23 -7.71
CA LYS X 442 15.21 40.63 -6.89
C LYS X 442 16.37 40.13 -7.73
N GLN X 443 16.07 39.49 -8.86
CA GLN X 443 17.13 39.02 -9.75
C GLN X 443 17.98 40.17 -10.26
N GLN X 444 17.35 41.27 -10.64
CA GLN X 444 18.11 42.42 -11.13
C GLN X 444 18.84 43.15 -10.02
N ASN X 445 18.35 43.09 -8.79
CA ASN X 445 19.09 43.66 -7.67
C ASN X 445 20.33 42.83 -7.36
N GLU X 446 20.23 41.52 -7.50
CA GLU X 446 21.43 40.68 -7.40
C GLU X 446 22.39 40.97 -8.53
N GLU X 447 21.92 40.91 -9.77
CA GLU X 447 22.79 41.10 -10.93
C GLU X 447 23.42 42.48 -10.94
N ALA X 448 22.71 43.50 -10.46
CA ALA X 448 23.28 44.84 -10.38
C ALA X 448 24.20 45.00 -9.17
N ALA X 449 24.35 43.96 -8.36
CA ALA X 449 25.31 43.97 -7.26
C ALA X 449 26.61 43.28 -7.65
N LYS X 450 26.54 42.04 -8.13
CA LYS X 450 27.75 41.34 -8.57
C LYS X 450 28.38 41.98 -9.80
N ARG X 451 27.76 43.00 -10.39
CA ARG X 451 28.37 43.76 -11.46
C ARG X 451 28.75 45.17 -11.02
N LYS X 452 28.62 45.47 -9.73
CA LYS X 452 29.09 46.72 -9.14
C LYS X 452 28.51 47.95 -9.84
N LEU X 453 27.17 48.04 -9.82
CA LEU X 453 26.49 49.23 -10.33
C LEU X 453 26.11 50.21 -9.23
N ASP X 454 26.07 49.77 -7.97
CA ASP X 454 25.68 50.61 -6.85
C ASP X 454 24.31 51.24 -7.10
N VAL X 455 23.34 50.41 -7.44
CA VAL X 455 21.97 50.83 -7.67
C VAL X 455 21.05 49.85 -6.96
N LYS X 456 19.96 50.37 -6.40
CA LYS X 456 18.96 49.56 -5.72
C LYS X 456 17.63 49.79 -6.41
N ILE X 457 17.07 48.73 -6.97
CA ILE X 457 15.85 48.82 -7.76
C ILE X 457 14.66 48.55 -6.86
N THR X 458 13.95 49.61 -6.48
CA THR X 458 12.77 49.54 -5.64
C THR X 458 11.55 49.14 -6.45
N PRO X 459 10.51 48.62 -5.81
CA PRO X 459 9.27 48.32 -6.55
C PRO X 459 8.54 49.53 -7.08
N VAL X 460 9.02 50.74 -6.81
CA VAL X 460 8.31 51.94 -7.22
C VAL X 460 8.66 52.35 -8.65
N VAL X 461 9.86 52.01 -9.14
CA VAL X 461 10.22 52.41 -10.50
C VAL X 461 9.42 51.62 -11.52
N PHE X 462 9.11 50.36 -11.21
CA PHE X 462 8.23 49.60 -12.10
C PHE X 462 6.84 50.23 -12.15
N ILE X 463 6.37 50.76 -11.03
CA ILE X 463 5.08 51.42 -11.01
C ILE X 463 5.14 52.73 -11.77
N MET X 464 6.26 53.44 -11.69
CA MET X 464 6.42 54.66 -12.48
C MET X 464 6.38 54.34 -13.97
N LYS X 465 7.05 53.25 -14.38
CA LYS X 465 7.02 52.87 -15.79
C LYS X 465 5.62 52.45 -16.21
N ALA X 466 4.92 51.69 -15.36
CA ALA X 466 3.56 51.27 -15.69
C ALA X 466 2.62 52.46 -15.81
N VAL X 467 2.76 53.45 -14.93
CA VAL X 467 1.91 54.63 -14.99
C VAL X 467 2.26 55.47 -16.21
N ALA X 468 3.54 55.54 -16.57
CA ALA X 468 3.91 56.26 -17.79
C ALA X 468 3.31 55.59 -19.02
N ALA X 469 3.36 54.27 -19.07
CA ALA X 469 2.70 53.54 -20.15
C ALA X 469 1.21 53.83 -20.19
N ALA X 470 0.56 53.80 -19.03
CA ALA X 470 -0.87 54.05 -18.98
C ALA X 470 -1.22 55.47 -19.39
N LEU X 471 -0.35 56.43 -19.10
CA LEU X 471 -0.57 57.80 -19.55
C LEU X 471 -0.33 57.93 -21.05
N GLU X 472 0.57 57.11 -21.60
CA GLU X 472 0.72 57.05 -23.05
C GLU X 472 -0.54 56.52 -23.72
N GLN X 473 -1.12 55.45 -23.15
CA GLN X 473 -2.29 54.83 -23.76
C GLN X 473 -3.55 55.66 -23.55
N MET X 474 -3.74 56.19 -22.35
CA MET X 474 -4.91 57.00 -22.05
C MET X 474 -4.49 58.43 -21.77
N PRO X 475 -4.30 59.25 -22.80
CA PRO X 475 -3.78 60.61 -22.58
C PRO X 475 -4.74 61.54 -21.85
N ARG X 476 -5.99 61.14 -21.66
CA ARG X 476 -6.92 61.96 -20.90
C ARG X 476 -6.51 62.06 -19.44
N PHE X 477 -5.76 61.07 -18.92
CA PHE X 477 -5.29 61.12 -17.55
C PHE X 477 -4.09 62.04 -17.38
N ASN X 478 -3.42 62.39 -18.46
CA ASN X 478 -2.31 63.34 -18.41
C ASN X 478 -2.83 64.73 -18.79
N SER X 479 -3.71 65.24 -17.94
CA SER X 479 -4.43 66.47 -18.23
C SER X 479 -4.38 67.38 -17.01
N SER X 480 -5.12 68.48 -17.07
CA SER X 480 -5.24 69.43 -15.97
C SER X 480 -6.36 70.40 -16.32
N LEU X 481 -7.19 70.70 -15.32
CA LEU X 481 -8.29 71.63 -15.51
C LEU X 481 -7.88 73.04 -15.13
N SER X 482 -8.71 73.99 -15.51
CA SER X 482 -8.48 75.39 -15.20
C SER X 482 -9.20 75.78 -13.90
N GLU X 483 -9.05 77.05 -13.54
CA GLU X 483 -9.71 77.60 -12.36
C GLU X 483 -11.21 77.36 -12.40
N ASP X 484 -11.85 77.70 -13.52
CA ASP X 484 -13.29 77.51 -13.69
C ASP X 484 -13.68 76.08 -14.03
N GLY X 485 -12.73 75.23 -14.42
CA GLY X 485 -13.06 73.87 -14.78
C GLY X 485 -13.79 73.74 -16.10
N GLN X 486 -13.40 74.54 -17.09
CA GLN X 486 -14.04 74.51 -18.40
C GLN X 486 -13.08 74.21 -19.56
N ARG X 487 -11.78 74.36 -19.36
CA ARG X 487 -10.80 74.10 -20.41
C ARG X 487 -9.77 73.12 -19.89
N LEU X 488 -9.65 71.98 -20.58
CA LEU X 488 -8.63 71.00 -20.24
C LEU X 488 -7.29 71.39 -20.85
N THR X 489 -6.22 70.80 -20.31
CA THR X 489 -4.87 71.03 -20.80
C THR X 489 -4.22 69.66 -21.01
N LEU X 490 -4.42 69.08 -22.19
CA LEU X 490 -3.85 67.77 -22.50
C LEU X 490 -2.35 67.91 -22.64
N LYS X 491 -1.62 67.42 -21.65
CA LYS X 491 -0.16 67.44 -21.70
C LYS X 491 0.34 66.30 -22.55
N LYS X 492 1.45 66.53 -23.25
CA LYS X 492 2.08 65.51 -24.07
C LYS X 492 3.32 64.90 -23.42
N TYR X 493 3.93 65.61 -22.48
CA TYR X 493 5.02 65.05 -21.70
C TYR X 493 4.47 64.21 -20.56
N ILE X 494 5.32 63.38 -19.98
CA ILE X 494 4.93 62.47 -18.92
C ILE X 494 5.96 62.61 -17.80
N ASN X 495 5.67 63.46 -16.82
CA ASN X 495 6.43 63.54 -15.59
C ASN X 495 5.58 62.97 -14.47
N ILE X 496 6.23 62.33 -13.51
CA ILE X 496 5.53 61.62 -12.44
C ILE X 496 6.16 62.01 -11.12
N GLY X 497 5.37 62.57 -10.21
CA GLY X 497 5.84 62.78 -8.86
C GLY X 497 5.70 61.51 -8.06
N VAL X 498 6.65 61.30 -7.15
CA VAL X 498 6.67 60.10 -6.31
C VAL X 498 6.79 60.56 -4.87
N ALA X 499 5.75 60.35 -4.08
CA ALA X 499 5.71 60.86 -2.72
C ALA X 499 6.79 60.19 -1.88
N VAL X 500 7.82 60.94 -1.51
CA VAL X 500 8.88 60.50 -0.62
C VAL X 500 8.56 60.98 0.78
N ASP X 501 8.94 60.18 1.78
CA ASP X 501 8.62 60.43 3.18
C ASP X 501 9.85 61.01 3.86
N THR X 502 9.89 62.32 3.99
CA THR X 502 10.90 63.02 4.76
C THR X 502 10.43 63.19 6.19
N PRO X 503 11.35 63.46 7.14
CA PRO X 503 10.93 63.71 8.53
C PRO X 503 9.90 64.83 8.66
N ASN X 504 9.76 65.65 7.63
CA ASN X 504 8.78 66.74 7.60
C ASN X 504 7.57 66.39 6.74
N GLY X 505 7.16 65.13 6.76
CA GLY X 505 5.99 64.71 5.99
C GLY X 505 6.34 64.20 4.62
N LEU X 506 5.33 64.12 3.77
CA LEU X 506 5.48 63.62 2.42
C LEU X 506 5.73 64.79 1.47
N VAL X 507 6.85 64.74 0.76
CA VAL X 507 7.14 65.70 -0.30
C VAL X 507 7.11 64.94 -1.62
N VAL X 508 6.66 65.61 -2.68
CA VAL X 508 6.51 64.94 -3.97
C VAL X 508 7.55 65.48 -4.94
N PRO X 509 8.67 64.78 -5.13
CA PRO X 509 9.59 65.14 -6.21
C PRO X 509 9.14 64.54 -7.53
N VAL X 510 9.38 65.29 -8.60
CA VAL X 510 8.88 64.97 -9.93
C VAL X 510 10.03 64.44 -10.78
N PHE X 511 9.79 63.31 -11.43
CA PHE X 511 10.73 62.72 -12.37
C PHE X 511 10.23 62.94 -13.79
N LYS X 512 11.10 63.46 -14.64
CA LYS X 512 10.69 63.93 -15.95
C LYS X 512 10.89 62.86 -17.01
N ASP X 513 9.99 62.85 -18.00
CA ASP X 513 10.07 61.97 -19.16
C ASP X 513 10.24 60.52 -18.76
N VAL X 514 9.40 60.09 -17.82
CA VAL X 514 9.44 58.71 -17.33
C VAL X 514 9.15 57.72 -18.46
N ASN X 515 8.40 58.15 -19.48
CA ASN X 515 8.04 57.25 -20.56
C ASN X 515 9.24 56.80 -21.38
N LYS X 516 10.34 57.55 -21.38
CA LYS X 516 11.51 57.25 -22.16
C LYS X 516 12.60 56.54 -21.36
N LYS X 517 12.89 57.04 -20.17
CA LYS X 517 13.99 56.52 -19.37
C LYS X 517 13.77 55.06 -19.00
N GLY X 518 14.87 54.33 -18.81
CA GLY X 518 14.81 52.95 -18.40
C GLY X 518 14.71 52.81 -16.90
N ILE X 519 14.51 51.57 -16.46
CA ILE X 519 14.28 51.32 -15.05
C ILE X 519 15.55 51.54 -14.22
N ILE X 520 16.73 51.31 -14.80
CA ILE X 520 17.94 51.55 -14.04
C ILE X 520 18.27 53.04 -13.93
N GLU X 521 18.09 53.80 -15.01
CA GLU X 521 18.25 55.25 -14.92
C GLU X 521 17.24 55.85 -13.96
N LEU X 522 15.97 55.43 -14.06
CA LEU X 522 14.96 55.90 -13.13
C LEU X 522 15.29 55.48 -11.70
N SER X 523 15.86 54.30 -11.51
CA SER X 523 16.18 53.84 -10.17
C SER X 523 17.32 54.68 -9.58
N ARG X 524 18.29 55.05 -10.41
CA ARG X 524 19.35 55.94 -9.93
C ARG X 524 18.78 57.31 -9.58
N GLU X 525 17.93 57.86 -10.45
CA GLU X 525 17.28 59.13 -10.15
C GLU X 525 16.51 59.07 -8.84
N LEU X 526 15.77 57.98 -8.64
CA LEU X 526 14.95 57.85 -7.43
C LEU X 526 15.82 57.70 -6.19
N MET X 527 16.87 56.88 -6.27
CA MET X 527 17.77 56.71 -5.14
C MET X 527 18.46 58.01 -4.78
N THR X 528 18.77 58.84 -5.78
CA THR X 528 19.37 60.14 -5.49
C THR X 528 18.37 61.09 -4.85
N ILE X 529 17.19 61.25 -5.47
CA ILE X 529 16.25 62.27 -5.04
C ILE X 529 15.56 61.90 -3.73
N SER X 530 15.40 60.60 -3.44
CA SER X 530 14.85 60.21 -2.14
C SER X 530 15.74 60.71 -1.01
N LYS X 531 17.05 60.50 -1.13
CA LYS X 531 17.98 61.01 -0.13
C LYS X 531 18.03 62.53 -0.15
N LYS X 532 18.01 63.13 -1.34
CA LYS X 532 17.98 64.58 -1.46
C LYS X 532 16.80 65.19 -0.72
N ALA X 533 15.67 64.47 -0.69
CA ALA X 533 14.49 64.96 0.01
C ALA X 533 14.56 64.68 1.50
N ARG X 534 14.91 63.44 1.86
CA ARG X 534 15.00 63.10 3.28
C ARG X 534 16.06 63.91 4.01
N ASP X 535 17.02 64.48 3.29
CA ASP X 535 17.98 65.40 3.90
C ASP X 535 17.50 66.85 3.88
N GLY X 536 16.65 67.20 2.92
CA GLY X 536 16.13 68.55 2.80
C GLY X 536 16.74 69.37 1.69
N LYS X 537 17.74 68.84 0.98
CA LYS X 537 18.42 69.55 -0.08
C LYS X 537 17.69 69.46 -1.42
N LEU X 538 16.40 69.10 -1.40
CA LEU X 538 15.62 68.91 -2.62
C LEU X 538 15.49 70.21 -3.40
N THR X 539 16.06 70.25 -4.60
CA THR X 539 16.14 71.48 -5.38
C THR X 539 14.84 71.72 -6.13
N ALA X 540 14.50 73.01 -6.31
CA ALA X 540 13.31 73.35 -7.07
C ALA X 540 13.45 72.89 -8.51
N GLY X 541 12.32 72.67 -9.16
CA GLY X 541 12.33 72.03 -10.46
C GLY X 541 12.33 70.52 -10.33
N GLU X 542 12.86 70.03 -9.21
CA GLU X 542 12.70 68.63 -8.83
C GLU X 542 11.44 68.41 -8.01
N MET X 543 10.56 69.41 -7.92
CA MET X 543 9.23 69.22 -7.36
C MET X 543 8.16 69.95 -8.16
N GLN X 544 8.48 70.31 -9.41
CA GLN X 544 7.51 71.08 -10.24
C GLN X 544 7.28 70.38 -11.58
N GLY X 545 6.09 70.60 -12.16
CA GLY X 545 5.72 70.03 -13.44
C GLY X 545 5.44 68.55 -13.41
N GLY X 546 4.57 68.11 -12.50
CA GLY X 546 4.17 66.73 -12.40
C GLY X 546 2.83 66.50 -13.09
N CYS X 547 2.76 65.42 -13.85
CA CYS X 547 1.54 65.05 -14.56
C CYS X 547 0.71 64.01 -13.82
N PHE X 548 1.28 63.40 -12.78
CA PHE X 548 0.67 62.29 -12.07
C PHE X 548 1.42 62.14 -10.76
N THR X 549 0.83 61.43 -9.82
CA THR X 549 1.44 61.24 -8.52
C THR X 549 1.33 59.78 -8.12
N ILE X 550 2.39 59.26 -7.51
CA ILE X 550 2.40 57.90 -6.97
C ILE X 550 2.76 58.02 -5.50
N SER X 551 1.80 57.73 -4.64
CA SER X 551 1.99 57.78 -3.19
C SER X 551 2.11 56.33 -2.71
N SER X 552 3.33 55.89 -2.44
CA SER X 552 3.58 54.52 -2.03
C SER X 552 3.77 54.48 -0.52
N ILE X 553 2.81 53.91 0.18
CA ILE X 553 2.89 53.71 1.62
C ILE X 553 2.89 52.23 1.97
N GLY X 554 3.25 51.37 1.01
CA GLY X 554 3.26 49.94 1.25
C GLY X 554 4.30 49.50 2.26
N GLY X 555 5.33 50.32 2.50
CA GLY X 555 6.28 50.00 3.53
C GLY X 555 5.74 50.08 4.93
N LEU X 556 4.54 50.60 5.10
CA LEU X 556 3.96 50.81 6.42
C LEU X 556 2.67 50.05 6.67
N GLY X 557 1.90 49.70 5.64
CA GLY X 557 0.68 48.93 5.84
C GLY X 557 -0.44 49.38 4.94
N THR X 558 -1.64 49.53 5.53
CA THR X 558 -2.83 50.02 4.80
C THR X 558 -3.06 49.22 3.52
N THR X 559 -3.62 48.02 3.67
CA THR X 559 -3.96 47.14 2.54
C THR X 559 -4.70 47.86 1.42
N HIS X 560 -5.38 48.96 1.72
CA HIS X 560 -5.85 49.89 0.70
C HIS X 560 -5.95 51.26 1.32
N PHE X 561 -5.96 52.29 0.47
CA PHE X 561 -6.25 53.63 0.95
C PHE X 561 -6.65 54.50 -0.21
N ALA X 562 -7.44 55.54 0.09
CA ALA X 562 -8.03 56.43 -0.91
C ALA X 562 -7.33 57.78 -0.85
N PRO X 563 -6.30 58.01 -1.66
CA PRO X 563 -5.57 59.28 -1.57
C PRO X 563 -6.37 60.46 -2.07
N ILE X 564 -5.82 61.66 -1.94
CA ILE X 564 -6.44 62.88 -2.43
C ILE X 564 -5.70 63.32 -3.70
N VAL X 565 -6.47 63.67 -4.73
CA VAL X 565 -5.88 64.10 -5.98
C VAL X 565 -4.97 65.29 -5.74
N ASN X 566 -3.78 65.26 -6.33
CA ASN X 566 -2.77 66.30 -6.13
C ASN X 566 -2.95 67.34 -7.22
N ALA X 567 -3.79 68.34 -6.95
CA ALA X 567 -4.05 69.42 -7.93
C ALA X 567 -2.71 70.05 -8.33
N PRO X 568 -2.53 70.54 -9.58
CA PRO X 568 -3.60 70.59 -10.58
C PRO X 568 -3.69 69.33 -11.44
N GLU X 569 -3.17 68.21 -10.96
CA GLU X 569 -3.32 66.96 -11.69
C GLU X 569 -4.75 66.46 -11.57
N VAL X 570 -5.04 65.35 -12.24
CA VAL X 570 -6.38 64.79 -12.27
C VAL X 570 -6.45 63.40 -11.66
N ALA X 571 -5.33 62.82 -11.27
CA ALA X 571 -5.33 61.47 -10.71
C ALA X 571 -4.13 61.29 -9.80
N ILE X 572 -4.19 60.24 -8.98
CA ILE X 572 -3.11 59.86 -8.10
C ILE X 572 -3.24 58.37 -7.81
N LEU X 573 -2.12 57.67 -7.85
CA LEU X 573 -2.08 56.23 -7.62
C LEU X 573 -1.45 55.99 -6.27
N GLY X 574 -2.24 55.49 -5.32
CA GLY X 574 -1.71 55.06 -4.04
C GLY X 574 -1.37 53.58 -4.09
N VAL X 575 -0.26 53.23 -3.48
CA VAL X 575 0.25 51.86 -3.49
C VAL X 575 0.32 51.37 -2.05
N SER X 576 -0.07 50.12 -1.84
CA SER X 576 -0.18 49.54 -0.50
C SER X 576 0.81 48.39 -0.35
N LYS X 577 0.72 47.68 0.77
CA LYS X 577 1.67 46.63 1.07
C LYS X 577 1.35 45.38 0.27
N SER X 578 2.38 44.82 -0.37
CA SER X 578 2.21 43.57 -1.10
C SER X 578 1.96 42.43 -0.12
N ALA X 579 0.99 41.57 -0.45
CA ALA X 579 0.68 40.43 0.40
C ALA X 579 0.50 39.19 -0.45
N MET X 580 0.88 38.05 0.11
CA MET X 580 0.74 36.78 -0.59
C MET X 580 -0.69 36.28 -0.40
N GLU X 581 -1.46 36.28 -1.49
CA GLU X 581 -2.85 35.88 -1.47
C GLU X 581 -3.08 34.72 -2.44
N PRO X 582 -4.10 33.91 -2.20
CA PRO X 582 -4.44 32.85 -3.17
C PRO X 582 -5.15 33.45 -4.37
N VAL X 583 -4.80 32.96 -5.56
CA VAL X 583 -5.37 33.43 -6.81
C VAL X 583 -5.87 32.22 -7.59
N TRP X 584 -7.05 32.34 -8.16
CA TRP X 584 -7.67 31.25 -8.92
C TRP X 584 -7.00 31.15 -10.28
N ASN X 585 -6.25 30.07 -10.49
CA ASN X 585 -5.61 29.84 -11.78
C ASN X 585 -6.53 29.14 -12.78
N GLY X 586 -7.79 28.89 -12.41
CA GLY X 586 -8.72 28.14 -13.23
C GLY X 586 -9.10 26.79 -12.65
N LYS X 587 -8.19 26.18 -11.87
CA LYS X 587 -8.50 24.91 -11.24
C LYS X 587 -8.07 24.82 -9.78
N GLU X 588 -7.24 25.74 -9.28
CA GLU X 588 -6.81 25.70 -7.89
C GLU X 588 -6.36 27.10 -7.49
N PHE X 589 -5.96 27.24 -6.23
CA PHE X 589 -5.54 28.52 -5.67
C PHE X 589 -4.02 28.53 -5.57
N VAL X 590 -3.37 29.21 -6.50
CA VAL X 590 -1.92 29.36 -6.47
C VAL X 590 -1.58 30.56 -5.61
N PRO X 591 -0.58 30.47 -4.74
CA PRO X 591 -0.22 31.64 -3.92
C PRO X 591 0.57 32.67 -4.70
N ARG X 592 -0.07 33.77 -5.07
CA ARG X 592 0.61 34.85 -5.77
C ARG X 592 0.84 36.01 -4.81
N LEU X 593 1.57 37.01 -5.28
CA LEU X 593 1.91 38.17 -4.47
C LEU X 593 1.20 39.37 -5.04
N MET X 594 0.07 39.73 -4.43
CA MET X 594 -0.77 40.81 -4.94
C MET X 594 -0.39 42.12 -4.26
N LEU X 595 -0.26 43.16 -5.06
CA LEU X 595 0.04 44.51 -4.63
C LEU X 595 -1.22 45.34 -4.78
N PRO X 596 -1.78 45.88 -3.70
CA PRO X 596 -3.02 46.65 -3.81
C PRO X 596 -2.74 48.10 -4.20
N ILE X 597 -3.23 48.49 -5.37
CA ILE X 597 -3.15 49.86 -5.83
C ILE X 597 -4.53 50.49 -5.72
N SER X 598 -4.56 51.81 -5.84
CA SER X 598 -5.82 52.54 -5.73
C SER X 598 -5.69 53.84 -6.49
N LEU X 599 -6.47 54.01 -7.54
CA LEU X 599 -6.44 55.22 -8.37
C LEU X 599 -7.54 56.15 -7.90
N SER X 600 -7.16 57.27 -7.29
CA SER X 600 -8.11 58.31 -6.91
C SER X 600 -8.01 59.42 -7.93
N PHE X 601 -9.12 59.73 -8.61
CA PHE X 601 -9.06 60.66 -9.71
C PHE X 601 -10.19 61.68 -9.63
N ASP X 602 -9.97 62.79 -10.31
CA ASP X 602 -10.95 63.85 -10.44
C ASP X 602 -12.06 63.39 -11.38
N HIS X 603 -13.30 63.43 -10.87
CA HIS X 603 -14.49 62.97 -11.64
C HIS X 603 -14.89 63.97 -12.72
N ARG X 604 -14.44 65.22 -12.63
CA ARG X 604 -14.82 66.21 -13.63
C ARG X 604 -14.16 65.91 -14.97
N VAL X 605 -12.91 65.48 -14.95
CA VAL X 605 -12.18 65.14 -16.17
C VAL X 605 -12.45 63.70 -16.58
N ILE X 606 -12.29 62.78 -15.65
CA ILE X 606 -12.36 61.35 -15.91
C ILE X 606 -13.66 60.81 -15.32
N ASP X 607 -14.24 59.81 -15.98
CA ASP X 607 -15.41 59.14 -15.45
C ASP X 607 -15.01 57.75 -14.94
N GLY X 608 -15.97 57.06 -14.34
CA GLY X 608 -15.65 55.77 -13.72
C GLY X 608 -15.09 54.77 -14.70
N ALA X 609 -15.60 54.75 -15.93
CA ALA X 609 -15.13 53.78 -16.91
C ALA X 609 -13.69 54.06 -17.34
N ASP X 610 -13.34 55.34 -17.53
CA ASP X 610 -11.97 55.66 -17.91
C ASP X 610 -11.01 55.36 -16.76
N GLY X 611 -11.41 55.65 -15.53
CA GLY X 611 -10.60 55.25 -14.39
C GLY X 611 -10.43 53.74 -14.32
N ALA X 612 -11.47 52.99 -14.65
CA ALA X 612 -11.39 51.54 -14.66
C ALA X 612 -10.39 51.06 -15.71
N ARG X 613 -10.48 51.60 -16.92
CA ARG X 613 -9.56 51.22 -17.98
C ARG X 613 -8.12 51.59 -17.62
N PHE X 614 -7.93 52.75 -16.99
CA PHE X 614 -6.60 53.19 -16.62
C PHE X 614 -5.99 52.27 -15.56
N ILE X 615 -6.75 51.99 -14.51
CA ILE X 615 -6.19 51.15 -13.45
C ILE X 615 -6.03 49.72 -13.92
N THR X 616 -6.83 49.28 -14.89
CA THR X 616 -6.61 47.93 -15.40
C THR X 616 -5.44 47.89 -16.37
N ILE X 617 -5.13 49.00 -17.05
CA ILE X 617 -3.89 49.08 -17.81
C ILE X 617 -2.69 48.98 -16.89
N ILE X 618 -2.73 49.71 -15.78
CA ILE X 618 -1.65 49.64 -14.80
C ILE X 618 -1.55 48.21 -14.25
N ASN X 619 -2.70 47.60 -13.94
CA ASN X 619 -2.71 46.24 -13.39
C ASN X 619 -2.12 45.25 -14.39
N ASN X 620 -2.46 45.38 -15.66
CA ASN X 620 -1.92 44.48 -16.67
C ASN X 620 -0.43 44.70 -16.86
N THR X 621 0.02 45.96 -16.90
CA THR X 621 1.43 46.24 -17.09
C THR X 621 2.27 45.70 -15.94
N LEU X 622 1.86 45.98 -14.70
CA LEU X 622 2.61 45.47 -13.56
C LEU X 622 2.44 43.97 -13.38
N SER X 623 1.36 43.39 -13.89
CA SER X 623 1.17 41.95 -13.78
C SER X 623 2.15 41.20 -14.65
N ASP X 624 2.46 41.74 -15.83
CA ASP X 624 3.44 41.16 -16.76
C ASP X 624 4.22 42.34 -17.33
N ILE X 625 5.37 42.63 -16.71
CA ILE X 625 6.11 43.84 -17.04
C ILE X 625 6.64 43.84 -18.47
N ARG X 626 6.66 42.68 -19.13
CA ARG X 626 7.09 42.61 -20.52
C ARG X 626 6.25 43.49 -21.42
N ARG X 627 5.03 43.84 -21.00
CA ARG X 627 4.20 44.74 -21.80
C ARG X 627 4.76 46.14 -21.88
N LEU X 628 5.89 46.44 -21.24
CA LEU X 628 6.50 47.75 -21.40
C LEU X 628 7.32 47.86 -22.67
N VAL X 629 7.67 46.74 -23.30
CA VAL X 629 8.42 46.78 -24.55
C VAL X 629 7.51 46.83 -25.77
N MET X 630 6.26 46.42 -25.64
CA MET X 630 5.32 46.44 -26.76
C MET X 630 4.91 47.87 -27.13
#